data_7JOQ
#
_entry.id   7JOQ
#
_cell.length_a   119.242
_cell.length_b   119.135
_cell.length_c   382.903
_cell.angle_alpha   89.840
_cell.angle_beta   90.000
_cell.angle_gamma   119.960
#
_symmetry.space_group_name_H-M   'P 1'
#
_entity_poly.entity_id   1
_entity_poly.type   'polypeptide(L)'
_entity_poly.pdbx_seq_one_letter_code
;MTDQTTVVDITSAPLTPKEKLDLYCEALCDGFNKTQAYIKAGFSAPHAQRNVAPYHRKNAEYIQAYISERIGSDAPAARK
VVLEIMNDPNEKGGIRLKAAQDILDRAGFGAKQKIELTTKDVADLTTEDIKNELAKLFNDEPELAKVVAFPINHSKS
;
_entity_poly.pdbx_strand_id   I,A,B,C,D,E,F,G,H,J,K,L,M,N,O,P,Q,R,S,T,U,V,W,X,Y,Z,a,b,c,d,e,f,g,h,i,j,k,l,m,n,o,p,q,r,s,t,u,v,w,x,y,z,0,1,2,3,4,5,6,7,8,9,AA,AB,AC,AD,AE,AF,AG,AH,AI,AJ,ee,ff,gg,hh,ii,jj,kk,ll,mm
#
# COMPACT_ATOMS: atom_id res chain seq x y z
N PRO A 14 -29.46 -67.71 -59.75
CA PRO A 14 -30.17 -66.83 -60.68
C PRO A 14 -31.64 -66.65 -60.31
N LEU A 15 -32.09 -67.39 -59.31
CA LEU A 15 -33.48 -67.37 -58.88
C LEU A 15 -33.50 -67.58 -57.36
N THR A 16 -34.65 -68.00 -56.82
CA THR A 16 -34.86 -68.18 -55.38
C THR A 16 -34.61 -66.85 -54.67
N PRO A 17 -35.55 -65.89 -54.77
CA PRO A 17 -35.28 -64.53 -54.28
C PRO A 17 -34.86 -64.43 -52.82
N LYS A 18 -35.00 -65.50 -52.02
CA LYS A 18 -34.45 -65.45 -50.66
C LYS A 18 -32.93 -65.57 -50.69
N GLU A 19 -32.38 -66.22 -51.71
CA GLU A 19 -30.93 -66.29 -51.84
C GLU A 19 -30.41 -64.97 -52.38
N LYS A 20 -31.20 -64.34 -53.26
CA LYS A 20 -30.87 -63.02 -53.74
C LYS A 20 -30.95 -62.01 -52.60
N LEU A 21 -31.90 -62.20 -51.68
CA LEU A 21 -31.99 -61.31 -50.53
C LEU A 21 -30.80 -61.50 -49.60
N ASP A 22 -30.33 -62.73 -49.41
CA ASP A 22 -29.13 -62.93 -48.60
C ASP A 22 -27.92 -62.28 -49.25
N LEU A 23 -27.79 -62.42 -50.58
CA LEU A 23 -26.71 -61.74 -51.29
C LEU A 23 -26.85 -60.23 -51.19
N TYR A 24 -28.08 -59.71 -51.25
CA TYR A 24 -28.33 -58.29 -51.10
C TYR A 24 -27.89 -57.80 -49.72
N CYS A 25 -28.20 -58.57 -48.68
CA CYS A 25 -27.77 -58.19 -47.34
C CYS A 25 -26.25 -58.17 -47.25
N GLU A 26 -25.59 -59.17 -47.82
CA GLU A 26 -24.12 -59.20 -47.78
C GLU A 26 -23.52 -58.03 -48.55
N ALA A 27 -24.10 -57.70 -49.71
CA ALA A 27 -23.60 -56.58 -50.49
C ALA A 27 -23.81 -55.25 -49.77
N LEU A 28 -24.96 -55.08 -49.12
CA LEU A 28 -25.19 -53.87 -48.32
C LEU A 28 -24.22 -53.80 -47.15
N CYS A 29 -23.89 -54.95 -46.55
CA CYS A 29 -22.95 -54.97 -45.44
C CYS A 29 -21.53 -54.61 -45.90
N ASP A 30 -21.19 -54.94 -47.15
CA ASP A 30 -19.81 -54.75 -47.60
C ASP A 30 -19.59 -53.42 -48.32
N GLY A 31 -20.53 -52.97 -49.14
CA GLY A 31 -20.34 -51.77 -49.95
C GLY A 31 -21.07 -50.56 -49.39
N PHE A 32 -20.44 -49.40 -49.54
CA PHE A 32 -21.03 -48.14 -49.09
C PHE A 32 -21.84 -47.45 -50.19
N ASN A 33 -22.71 -48.22 -50.85
CA ASN A 33 -23.62 -47.66 -51.84
C ASN A 33 -24.85 -48.54 -51.92
N LYS A 34 -26.03 -47.91 -51.85
CA LYS A 34 -27.27 -48.65 -52.00
C LYS A 34 -27.52 -48.99 -53.46
N THR A 35 -27.17 -48.09 -54.37
CA THR A 35 -27.41 -48.33 -55.79
C THR A 35 -26.55 -49.49 -56.29
N GLN A 36 -25.29 -49.55 -55.85
CA GLN A 36 -24.43 -50.66 -56.24
C GLN A 36 -24.97 -51.98 -55.71
N ALA A 37 -25.47 -51.99 -54.46
CA ALA A 37 -26.07 -53.21 -53.93
C ALA A 37 -27.30 -53.61 -54.72
N TYR A 38 -28.11 -52.63 -55.13
CA TYR A 38 -29.31 -52.94 -55.91
C TYR A 38 -28.94 -53.51 -57.27
N ILE A 39 -27.92 -52.95 -57.92
CA ILE A 39 -27.47 -53.49 -59.19
C ILE A 39 -26.81 -54.86 -59.02
N LYS A 40 -26.16 -55.10 -57.88
CA LYS A 40 -25.57 -56.39 -57.60
C LYS A 40 -26.58 -57.44 -57.20
N ALA A 41 -27.80 -57.05 -56.81
CA ALA A 41 -28.79 -58.05 -56.46
C ALA A 41 -29.23 -58.85 -57.67
N GLY A 42 -29.40 -58.19 -58.82
CA GLY A 42 -29.78 -58.89 -60.03
C GLY A 42 -31.01 -58.28 -60.68
N PHE A 43 -31.27 -57.01 -60.40
CA PHE A 43 -32.47 -56.33 -60.83
C PHE A 43 -32.11 -55.26 -61.85
N SER A 44 -33.11 -54.52 -62.30
CA SER A 44 -32.86 -53.52 -63.34
C SER A 44 -32.13 -52.33 -62.73
N ALA A 45 -31.01 -51.98 -63.34
CA ALA A 45 -30.17 -50.87 -62.89
C ALA A 45 -30.81 -49.54 -63.28
N PRO A 46 -31.41 -49.46 -64.46
CA PRO A 46 -31.87 -48.16 -64.97
C PRO A 46 -32.93 -47.54 -64.09
N HIS A 47 -32.97 -46.20 -64.11
CA HIS A 47 -33.92 -45.42 -63.31
C HIS A 47 -33.76 -45.76 -61.82
N ALA A 48 -32.61 -45.35 -61.28
CA ALA A 48 -32.25 -45.68 -59.90
C ALA A 48 -32.55 -44.50 -58.98
N GLN A 49 -33.83 -44.17 -58.90
CA GLN A 49 -34.30 -43.08 -58.06
C GLN A 49 -35.52 -43.57 -57.29
N ARG A 50 -36.23 -44.54 -57.86
CA ARG A 50 -37.44 -45.10 -57.27
C ARG A 50 -37.38 -46.61 -57.39
N ASN A 51 -38.45 -47.28 -56.98
CA ASN A 51 -38.57 -48.72 -56.96
C ASN A 51 -37.49 -49.40 -56.13
N VAL A 52 -36.75 -48.64 -55.33
CA VAL A 52 -35.70 -49.16 -54.48
C VAL A 52 -36.06 -49.01 -53.01
N ALA A 53 -36.73 -47.91 -52.67
CA ALA A 53 -37.23 -47.71 -51.31
C ALA A 53 -38.20 -48.81 -50.89
N PRO A 54 -39.18 -49.21 -51.71
CA PRO A 54 -40.05 -50.32 -51.29
C PRO A 54 -39.31 -51.62 -51.04
N TYR A 55 -38.34 -51.97 -51.90
CA TYR A 55 -37.60 -53.20 -51.68
C TYR A 55 -36.77 -53.12 -50.42
N HIS A 56 -36.24 -51.93 -50.12
CA HIS A 56 -35.43 -51.78 -48.91
C HIS A 56 -36.29 -51.80 -47.66
N ARG A 57 -37.48 -51.19 -47.71
CA ARG A 57 -38.35 -51.10 -46.55
C ARG A 57 -39.14 -52.37 -46.24
N LYS A 58 -39.39 -53.24 -47.23
CA LYS A 58 -40.28 -54.36 -46.94
C LYS A 58 -39.60 -55.51 -46.20
N ASN A 59 -38.28 -55.51 -46.07
CA ASN A 59 -37.58 -56.60 -45.38
C ASN A 59 -36.56 -56.05 -44.38
N ALA A 60 -36.88 -54.93 -43.73
CA ALA A 60 -35.94 -54.32 -42.80
C ALA A 60 -35.67 -55.23 -41.59
N GLU A 61 -36.70 -55.93 -41.11
CA GLU A 61 -36.55 -56.78 -39.94
C GLU A 61 -35.52 -57.88 -40.18
N TYR A 62 -35.59 -58.53 -41.35
CA TYR A 62 -34.62 -59.57 -41.65
C TYR A 62 -33.23 -58.98 -41.86
N ILE A 63 -33.15 -57.77 -42.42
CA ILE A 63 -31.84 -57.13 -42.58
C ILE A 63 -31.19 -56.91 -41.22
N GLN A 64 -31.97 -56.42 -40.25
CA GLN A 64 -31.44 -56.22 -38.91
C GLN A 64 -31.03 -57.54 -38.28
N ALA A 65 -31.84 -58.59 -38.45
CA ALA A 65 -31.49 -59.88 -37.87
C ALA A 65 -30.21 -60.44 -38.47
N TYR A 66 -30.05 -60.31 -39.79
CA TYR A 66 -28.84 -60.80 -40.44
C TYR A 66 -27.62 -60.00 -40.00
N ILE A 67 -27.76 -58.69 -39.85
CA ILE A 67 -26.64 -57.87 -39.39
C ILE A 67 -26.24 -58.28 -37.98
N SER A 68 -27.24 -58.54 -37.13
CA SER A 68 -26.95 -58.97 -35.76
C SER A 68 -26.22 -60.30 -35.75
N GLU A 69 -26.67 -61.25 -36.57
CA GLU A 69 -26.02 -62.56 -36.59
C GLU A 69 -24.60 -62.46 -37.13
N ARG A 70 -24.38 -61.65 -38.17
CA ARG A 70 -23.03 -61.48 -38.70
C ARG A 70 -22.10 -60.84 -37.67
N ILE A 71 -22.59 -59.82 -36.95
CA ILE A 71 -21.77 -59.17 -35.94
C ILE A 71 -21.46 -60.14 -34.81
N GLY A 72 -22.42 -60.97 -34.41
CA GLY A 72 -22.15 -61.93 -33.36
C GLY A 72 -21.20 -63.03 -33.80
N SER A 73 -21.25 -63.41 -35.08
CA SER A 73 -20.32 -64.42 -35.57
C SER A 73 -18.92 -63.87 -35.80
N ASP A 74 -18.79 -62.55 -35.97
CA ASP A 74 -17.46 -61.96 -36.09
C ASP A 74 -16.93 -61.48 -34.74
N ALA A 75 -17.76 -61.48 -33.71
CA ALA A 75 -17.30 -61.13 -32.36
C ALA A 75 -16.16 -61.99 -31.84
N PRO A 76 -16.12 -63.31 -32.04
CA PRO A 76 -14.98 -64.10 -31.52
C PRO A 76 -13.62 -63.64 -32.03
N ALA A 77 -13.52 -63.11 -33.25
CA ALA A 77 -12.25 -62.58 -33.70
C ALA A 77 -11.80 -61.41 -32.81
N ALA A 78 -12.73 -60.53 -32.48
CA ALA A 78 -12.41 -59.42 -31.57
C ALA A 78 -12.11 -59.92 -30.15
N ARG A 79 -12.80 -60.99 -29.72
CA ARG A 79 -12.46 -61.59 -28.43
C ARG A 79 -11.03 -62.11 -28.43
N LYS A 80 -10.61 -62.75 -29.53
CA LYS A 80 -9.23 -63.19 -29.66
C LYS A 80 -8.27 -62.01 -29.64
N VAL A 81 -8.67 -60.91 -30.30
CA VAL A 81 -7.82 -59.71 -30.34
C VAL A 81 -7.64 -59.13 -28.94
N VAL A 82 -8.73 -59.04 -28.17
CA VAL A 82 -8.62 -58.47 -26.83
C VAL A 82 -7.83 -59.40 -25.92
N LEU A 83 -7.98 -60.72 -26.09
CA LEU A 83 -7.18 -61.64 -25.29
C LEU A 83 -5.69 -61.51 -25.62
N GLU A 84 -5.36 -61.40 -26.91
CA GLU A 84 -3.97 -61.29 -27.29
C GLU A 84 -3.36 -59.97 -26.83
N ILE A 85 -4.13 -58.88 -26.87
CA ILE A 85 -3.62 -57.61 -26.36
C ILE A 85 -3.46 -57.69 -24.84
N MET A 86 -4.34 -58.44 -24.16
CA MET A 86 -4.16 -58.68 -22.74
C MET A 86 -2.93 -59.54 -22.47
N ASN A 87 -2.45 -60.26 -23.48
CA ASN A 87 -1.28 -61.11 -23.36
C ASN A 87 -0.03 -60.48 -23.96
N ASP A 88 -0.09 -59.21 -24.34
CA ASP A 88 1.05 -58.50 -24.92
C ASP A 88 1.84 -57.82 -23.81
N PRO A 89 3.08 -58.23 -23.52
CA PRO A 89 3.82 -57.60 -22.41
C PRO A 89 4.39 -56.23 -22.75
N ASN A 90 4.51 -55.87 -24.02
CA ASN A 90 5.15 -54.62 -24.42
C ASN A 90 4.14 -53.48 -24.60
N GLU A 91 2.88 -53.71 -24.25
CA GLU A 91 1.82 -52.73 -24.41
C GLU A 91 1.60 -51.96 -23.12
N LYS A 92 0.98 -50.79 -23.24
CA LYS A 92 0.74 -49.91 -22.09
C LYS A 92 -0.14 -50.58 -21.04
N GLY A 93 0.14 -50.27 -19.78
CA GLY A 93 -0.53 -50.94 -18.68
C GLY A 93 -2.03 -50.71 -18.63
N GLY A 94 -2.46 -49.49 -18.99
CA GLY A 94 -3.89 -49.19 -18.97
C GLY A 94 -4.68 -50.06 -19.92
N ILE A 95 -4.10 -50.34 -21.09
CA ILE A 95 -4.77 -51.17 -22.08
C ILE A 95 -4.93 -52.59 -21.54
N ARG A 96 -3.88 -53.11 -20.91
CA ARG A 96 -3.95 -54.44 -20.30
C ARG A 96 -4.98 -54.48 -19.19
N LEU A 97 -5.04 -53.42 -18.38
CA LEU A 97 -6.02 -53.37 -17.29
C LEU A 97 -7.45 -53.38 -17.82
N LYS A 98 -7.72 -52.58 -18.86
CA LYS A 98 -9.06 -52.57 -19.43
C LYS A 98 -9.41 -53.91 -20.07
N ALA A 99 -8.45 -54.54 -20.75
CA ALA A 99 -8.69 -55.86 -21.33
C ALA A 99 -8.98 -56.90 -20.25
N ALA A 100 -8.21 -56.89 -19.16
CA ALA A 100 -8.44 -57.82 -18.07
C ALA A 100 -9.81 -57.60 -17.44
N GLN A 101 -10.20 -56.34 -17.24
CA GLN A 101 -11.52 -56.06 -16.70
C GLN A 101 -12.60 -56.62 -17.62
N ASP A 102 -12.45 -56.41 -18.93
CA ASP A 102 -13.45 -56.87 -19.87
C ASP A 102 -13.59 -58.38 -19.86
N ILE A 103 -12.47 -59.11 -19.92
CA ILE A 103 -12.57 -60.56 -20.00
C ILE A 103 -13.05 -61.15 -18.67
N LEU A 104 -12.65 -60.56 -17.53
CA LEU A 104 -13.16 -61.05 -16.26
C LEU A 104 -14.65 -60.79 -16.12
N ASP A 105 -15.12 -59.62 -16.58
CA ASP A 105 -16.55 -59.36 -16.60
C ASP A 105 -17.27 -60.32 -17.54
N ARG A 106 -16.59 -60.75 -18.61
CA ARG A 106 -17.18 -61.75 -19.48
C ARG A 106 -17.29 -63.08 -18.77
N ALA A 107 -16.35 -63.38 -17.87
CA ALA A 107 -16.42 -64.63 -17.13
C ALA A 107 -17.64 -64.68 -16.21
N GLY A 108 -18.05 -63.54 -15.66
CA GLY A 108 -19.25 -63.49 -14.85
C GLY A 108 -19.06 -63.07 -13.41
N PHE A 109 -18.02 -62.27 -13.12
CA PHE A 109 -17.76 -61.81 -11.75
C PHE A 109 -17.74 -60.28 -11.72
N GLY A 110 -18.74 -59.70 -11.04
CA GLY A 110 -18.96 -58.27 -11.05
C GLY A 110 -18.81 -57.53 -9.74
N ALA A 111 -19.37 -56.32 -9.67
CA ALA A 111 -19.31 -55.50 -8.47
C ALA A 111 -20.44 -55.86 -7.52
N LYS A 112 -20.56 -55.13 -6.40
CA LYS A 112 -21.41 -55.54 -5.29
C LYS A 112 -22.45 -54.46 -4.94
N GLN A 113 -23.05 -54.63 -3.76
CA GLN A 113 -24.33 -54.02 -3.40
C GLN A 113 -24.26 -52.51 -3.24
N LYS A 114 -25.43 -51.89 -3.37
CA LYS A 114 -25.69 -50.48 -3.12
C LYS A 114 -27.07 -50.40 -2.48
N ILE A 115 -27.21 -49.57 -1.45
CA ILE A 115 -28.39 -49.57 -0.60
C ILE A 115 -29.30 -48.40 -0.96
N GLU A 116 -30.61 -48.64 -0.86
CA GLU A 116 -31.66 -47.67 -1.17
C GLU A 116 -32.55 -47.49 0.06
N LEU A 117 -32.92 -46.25 0.34
CA LEU A 117 -33.84 -45.92 1.42
C LEU A 117 -35.06 -45.22 0.82
N THR A 118 -36.24 -45.68 1.22
CA THR A 118 -37.50 -45.17 0.68
C THR A 118 -38.24 -44.42 1.76
N THR A 119 -38.89 -43.32 1.35
CA THR A 119 -39.62 -42.46 2.26
C THR A 119 -41.03 -42.25 1.75
N LYS A 120 -41.96 -42.11 2.69
CA LYS A 120 -43.40 -42.07 2.41
C LYS A 120 -43.76 -41.07 1.31
N LEU B 15 -13.71 -91.70 -32.04
CA LEU B 15 -14.50 -90.58 -32.55
C LEU B 15 -15.82 -90.44 -31.81
N THR B 16 -16.10 -89.23 -31.32
CA THR B 16 -17.33 -88.92 -30.62
C THR B 16 -17.87 -87.59 -31.09
N PRO B 17 -19.18 -87.38 -31.04
CA PRO B 17 -19.76 -86.09 -31.41
C PRO B 17 -19.62 -85.11 -30.24
N LYS B 18 -20.02 -83.86 -30.52
CA LYS B 18 -20.00 -82.72 -29.60
C LYS B 18 -18.59 -82.22 -29.34
N GLU B 19 -17.58 -83.05 -29.63
CA GLU B 19 -16.20 -82.60 -29.61
C GLU B 19 -15.82 -82.00 -30.95
N LYS B 20 -16.38 -82.55 -32.03
CA LYS B 20 -16.19 -81.97 -33.35
C LYS B 20 -16.81 -80.59 -33.40
N LEU B 21 -17.93 -80.40 -32.69
CA LEU B 21 -18.54 -79.09 -32.58
C LEU B 21 -17.62 -78.14 -31.81
N ASP B 22 -16.93 -78.65 -30.78
CA ASP B 22 -15.97 -77.83 -30.04
C ASP B 22 -14.82 -77.38 -30.93
N LEU B 23 -14.30 -78.31 -31.75
CA LEU B 23 -13.25 -77.94 -32.71
C LEU B 23 -13.77 -76.96 -33.75
N TYR B 24 -15.02 -77.14 -34.20
CA TYR B 24 -15.63 -76.19 -35.14
C TYR B 24 -15.75 -74.80 -34.54
N CYS B 25 -16.17 -74.73 -33.27
CA CYS B 25 -16.26 -73.44 -32.59
C CYS B 25 -14.89 -72.78 -32.50
N GLU B 26 -13.86 -73.56 -32.16
CA GLU B 26 -12.52 -73.01 -32.07
C GLU B 26 -12.00 -72.55 -33.44
N ALA B 27 -12.29 -73.31 -34.50
CA ALA B 27 -11.86 -72.90 -35.83
C ALA B 27 -12.54 -71.62 -36.27
N LEU B 28 -13.84 -71.48 -35.97
CA LEU B 28 -14.54 -70.23 -36.28
C LEU B 28 -13.99 -69.08 -35.45
N CYS B 29 -13.60 -69.35 -34.21
CA CYS B 29 -13.01 -68.33 -33.36
C CYS B 29 -11.64 -67.90 -33.87
N ASP B 30 -10.94 -68.81 -34.54
CA ASP B 30 -9.57 -68.51 -34.94
C ASP B 30 -9.46 -67.89 -36.33
N GLY B 31 -10.20 -68.39 -37.33
CA GLY B 31 -10.00 -67.81 -38.65
C GLY B 31 -11.10 -66.90 -39.18
N PHE B 32 -11.93 -66.38 -38.27
CA PHE B 32 -12.97 -65.38 -38.56
C PHE B 32 -13.62 -65.59 -39.93
N ASN B 33 -13.93 -66.83 -40.27
CA ASN B 33 -14.57 -67.18 -41.52
C ASN B 33 -15.31 -68.49 -41.32
N LYS B 34 -16.56 -68.54 -41.77
CA LYS B 34 -17.36 -69.75 -41.62
C LYS B 34 -16.96 -70.83 -42.61
N THR B 35 -16.65 -70.47 -43.85
CA THR B 35 -16.41 -71.47 -44.88
C THR B 35 -15.13 -72.26 -44.62
N GLN B 36 -14.05 -71.59 -44.20
CA GLN B 36 -12.80 -72.31 -43.94
C GLN B 36 -12.96 -73.29 -42.80
N ALA B 37 -13.62 -72.87 -41.72
CA ALA B 37 -13.85 -73.77 -40.60
C ALA B 37 -14.74 -74.93 -41.00
N TYR B 38 -15.77 -74.66 -41.81
CA TYR B 38 -16.68 -75.73 -42.21
C TYR B 38 -15.99 -76.75 -43.11
N ILE B 39 -15.18 -76.29 -44.07
CA ILE B 39 -14.48 -77.24 -44.93
C ILE B 39 -13.42 -78.00 -44.18
N LYS B 40 -12.80 -77.37 -43.17
CA LYS B 40 -11.82 -78.09 -42.37
C LYS B 40 -12.44 -79.03 -41.34
N ALA B 41 -13.71 -78.85 -40.98
CA ALA B 41 -14.28 -79.74 -39.97
C ALA B 41 -14.50 -81.17 -40.43
N GLY B 42 -15.56 -81.44 -41.21
CA GLY B 42 -15.75 -82.78 -41.74
C GLY B 42 -16.62 -82.93 -42.96
N PHE B 43 -16.86 -81.86 -43.71
CA PHE B 43 -17.82 -81.90 -44.80
C PHE B 43 -17.16 -81.59 -46.15
N SER B 44 -17.99 -81.57 -47.18
CA SER B 44 -17.55 -81.42 -48.56
C SER B 44 -17.75 -79.99 -49.08
N ALA B 45 -17.04 -79.68 -50.16
CA ALA B 45 -16.99 -78.41 -50.86
C ALA B 45 -18.27 -78.10 -51.63
N PRO B 46 -18.94 -79.11 -52.22
CA PRO B 46 -20.03 -78.80 -53.16
C PRO B 46 -21.16 -77.99 -52.58
N HIS B 47 -21.46 -78.12 -51.29
CA HIS B 47 -22.52 -77.35 -50.63
C HIS B 47 -21.92 -76.77 -49.36
N ALA B 48 -21.14 -75.69 -49.50
CA ALA B 48 -20.45 -75.09 -48.36
C ALA B 48 -21.05 -73.78 -47.89
N GLN B 49 -22.13 -73.30 -48.52
CA GLN B 49 -22.77 -72.08 -48.06
C GLN B 49 -24.05 -72.34 -47.29
N ARG B 50 -24.71 -73.47 -47.54
CA ARG B 50 -25.99 -73.78 -46.91
C ARG B 50 -25.83 -74.74 -45.74
N ASN B 51 -25.34 -75.96 -46.01
CA ASN B 51 -25.16 -76.98 -44.97
C ASN B 51 -24.55 -76.45 -43.68
N VAL B 52 -23.78 -75.36 -43.79
CA VAL B 52 -23.14 -74.78 -42.61
C VAL B 52 -24.14 -73.91 -41.86
N ALA B 53 -25.05 -73.28 -42.59
CA ALA B 53 -26.10 -72.48 -41.95
C ALA B 53 -26.95 -73.29 -40.99
N PRO B 54 -27.41 -74.50 -41.32
CA PRO B 54 -28.18 -75.26 -40.32
C PRO B 54 -27.41 -75.54 -39.04
N TYR B 55 -26.11 -75.88 -39.15
CA TYR B 55 -25.32 -76.11 -37.94
C TYR B 55 -25.13 -74.84 -37.13
N HIS B 56 -24.94 -73.70 -37.81
CA HIS B 56 -24.72 -72.47 -37.06
C HIS B 56 -26.01 -71.93 -36.44
N ARG B 57 -27.13 -72.01 -37.17
CA ARG B 57 -28.37 -71.46 -36.64
C ARG B 57 -29.02 -72.37 -35.61
N LYS B 58 -28.81 -73.69 -35.72
CA LYS B 58 -29.42 -74.61 -34.77
C LYS B 58 -28.56 -74.84 -33.53
N ASN B 59 -27.31 -74.38 -33.54
CA ASN B 59 -26.39 -74.61 -32.41
C ASN B 59 -25.71 -73.32 -31.97
N ALA B 60 -26.42 -72.18 -32.05
CA ALA B 60 -25.84 -70.92 -31.64
C ALA B 60 -25.58 -70.91 -30.13
N GLU B 61 -26.46 -71.55 -29.36
CA GLU B 61 -26.30 -71.55 -27.91
C GLU B 61 -25.00 -72.24 -27.51
N TYR B 62 -24.69 -73.38 -28.14
CA TYR B 62 -23.49 -74.12 -27.78
C TYR B 62 -22.22 -73.39 -28.20
N ILE B 63 -22.22 -72.73 -29.37
CA ILE B 63 -21.04 -71.96 -29.76
C ILE B 63 -20.82 -70.78 -28.81
N GLN B 64 -21.90 -70.09 -28.43
CA GLN B 64 -21.76 -69.00 -27.46
C GLN B 64 -21.23 -69.51 -26.13
N ALA B 65 -21.74 -70.67 -25.68
CA ALA B 65 -21.25 -71.26 -24.44
C ALA B 65 -19.77 -71.62 -24.55
N TYR B 66 -19.34 -72.16 -25.70
CA TYR B 66 -17.94 -72.54 -25.89
C TYR B 66 -17.02 -71.32 -25.87
N ILE B 67 -17.42 -70.24 -26.54
CA ILE B 67 -16.57 -69.05 -26.52
C ILE B 67 -16.51 -68.46 -25.11
N SER B 68 -17.65 -68.45 -24.40
CA SER B 68 -17.66 -67.95 -23.03
C SER B 68 -16.78 -68.80 -22.12
N GLU B 69 -16.85 -70.12 -22.26
CA GLU B 69 -16.04 -70.99 -21.42
C GLU B 69 -14.56 -70.85 -21.73
N ARG B 70 -14.20 -70.65 -23.00
CA ARG B 70 -12.79 -70.41 -23.31
C ARG B 70 -12.30 -69.11 -22.68
N ILE B 71 -13.12 -68.06 -22.74
CA ILE B 71 -12.72 -66.80 -22.11
C ILE B 71 -12.60 -66.98 -20.60
N GLY B 72 -13.50 -67.75 -20.01
CA GLY B 72 -13.40 -68.00 -18.58
C GLY B 72 -12.22 -68.87 -18.21
N SER B 73 -11.82 -69.78 -19.10
CA SER B 73 -10.65 -70.61 -18.83
C SER B 73 -9.36 -69.86 -19.02
N ASP B 74 -9.38 -68.76 -19.79
CA ASP B 74 -8.22 -67.89 -19.87
C ASP B 74 -8.28 -66.74 -18.87
N ALA B 75 -9.40 -66.62 -18.16
CA ALA B 75 -9.52 -65.61 -17.11
C ALA B 75 -8.46 -65.67 -16.02
N PRO B 76 -8.05 -66.84 -15.49
CA PRO B 76 -7.02 -66.83 -14.43
C PRO B 76 -5.73 -66.14 -14.84
N ALA B 77 -5.33 -66.24 -16.12
CA ALA B 77 -4.15 -65.52 -16.58
C ALA B 77 -4.35 -64.03 -16.43
N ALA B 78 -5.53 -63.51 -16.78
CA ALA B 78 -5.82 -62.10 -16.61
C ALA B 78 -5.89 -61.69 -15.14
N ARG B 79 -6.40 -62.57 -14.28
CA ARG B 79 -6.38 -62.26 -12.86
C ARG B 79 -4.95 -62.11 -12.36
N LYS B 80 -4.07 -63.01 -12.79
CA LYS B 80 -2.65 -62.89 -12.46
C LYS B 80 -2.07 -61.61 -13.04
N VAL B 81 -2.48 -61.25 -14.25
CA VAL B 81 -1.97 -60.05 -14.91
C VAL B 81 -2.37 -58.80 -14.12
N VAL B 82 -3.64 -58.72 -13.72
CA VAL B 82 -4.09 -57.54 -12.99
C VAL B 82 -3.41 -57.46 -11.63
N LEU B 83 -3.20 -58.61 -10.98
CA LEU B 83 -2.49 -58.60 -9.70
C LEU B 83 -1.04 -58.14 -9.87
N GLU B 84 -0.36 -58.63 -10.92
CA GLU B 84 1.04 -58.26 -11.11
C GLU B 84 1.16 -56.79 -11.49
N ILE B 85 0.21 -56.26 -12.27
CA ILE B 85 0.23 -54.84 -12.58
C ILE B 85 -0.06 -54.01 -11.33
N MET B 86 -0.91 -54.52 -10.44
CA MET B 86 -1.14 -53.84 -9.17
C MET B 86 0.07 -53.87 -8.26
N ASN B 87 0.97 -54.85 -8.43
CA ASN B 87 2.15 -54.93 -7.57
C ASN B 87 3.44 -54.53 -8.27
N ASP B 88 3.39 -54.09 -9.52
CA ASP B 88 4.60 -53.66 -10.22
C ASP B 88 4.74 -52.15 -10.13
N PRO B 89 5.75 -51.61 -9.45
CA PRO B 89 5.88 -50.15 -9.32
C PRO B 89 6.40 -49.44 -10.56
N ASN B 90 6.59 -50.14 -11.67
CA ASN B 90 7.23 -49.59 -12.86
C ASN B 90 6.24 -48.91 -13.81
N GLU B 91 4.97 -48.79 -13.40
CA GLU B 91 3.92 -48.21 -14.21
C GLU B 91 3.25 -47.07 -13.45
N LYS B 92 2.50 -46.26 -14.18
CA LYS B 92 1.87 -45.07 -13.63
C LYS B 92 0.97 -45.42 -12.45
N GLY B 93 0.93 -44.52 -11.46
CA GLY B 93 0.23 -44.80 -10.22
C GLY B 93 -1.26 -45.02 -10.39
N GLY B 94 -1.87 -44.29 -11.35
CA GLY B 94 -3.30 -44.43 -11.57
C GLY B 94 -3.69 -45.85 -11.96
N ILE B 95 -2.84 -46.50 -12.75
CA ILE B 95 -3.14 -47.87 -13.17
C ILE B 95 -3.12 -48.80 -11.96
N ARG B 96 -2.13 -48.64 -11.08
CA ARG B 96 -2.08 -49.46 -9.87
C ARG B 96 -3.29 -49.20 -8.98
N LEU B 97 -3.72 -47.93 -8.86
CA LEU B 97 -4.89 -47.64 -8.05
C LEU B 97 -6.13 -48.28 -8.64
N LYS B 98 -6.31 -48.21 -9.95
CA LYS B 98 -7.47 -48.83 -10.58
C LYS B 98 -7.44 -50.35 -10.41
N ALA B 99 -6.26 -50.95 -10.53
CA ALA B 99 -6.13 -52.39 -10.32
C ALA B 99 -6.48 -52.78 -8.89
N ALA B 100 -5.99 -52.02 -7.92
CA ALA B 100 -6.31 -52.30 -6.52
C ALA B 100 -7.80 -52.16 -6.27
N GLN B 101 -8.43 -51.12 -6.83
CA GLN B 101 -9.86 -50.95 -6.68
C GLN B 101 -10.62 -52.13 -7.28
N ASP B 102 -10.20 -52.57 -8.48
CA ASP B 102 -10.88 -53.69 -9.12
C ASP B 102 -10.73 -54.97 -8.31
N ILE B 103 -9.52 -55.26 -7.82
CA ILE B 103 -9.31 -56.49 -7.09
C ILE B 103 -10.07 -56.46 -5.75
N LEU B 104 -10.16 -55.28 -5.12
CA LEU B 104 -10.95 -55.18 -3.90
C LEU B 104 -12.44 -55.36 -4.19
N ASP B 105 -12.92 -54.81 -5.31
CA ASP B 105 -14.31 -55.02 -5.69
C ASP B 105 -14.59 -56.49 -5.96
N ARG B 106 -13.61 -57.20 -6.51
CA ARG B 106 -13.75 -58.64 -6.70
C ARG B 106 -13.73 -59.38 -5.37
N ALA B 107 -13.00 -58.84 -4.39
CA ALA B 107 -12.93 -59.46 -3.07
C ALA B 107 -14.30 -59.45 -2.37
N GLY B 108 -15.15 -58.47 -2.67
CA GLY B 108 -16.47 -58.44 -2.08
C GLY B 108 -16.84 -57.20 -1.28
N PHE B 109 -16.28 -56.05 -1.64
CA PHE B 109 -16.58 -54.77 -0.99
C PHE B 109 -17.15 -53.82 -2.03
N GLY B 110 -18.39 -53.38 -1.80
CA GLY B 110 -19.16 -52.62 -2.76
C GLY B 110 -19.41 -51.18 -2.36
N ALA B 111 -20.41 -50.57 -2.98
CA ALA B 111 -20.72 -49.16 -2.75
C ALA B 111 -21.61 -48.99 -1.51
N LYS B 112 -22.01 -47.74 -1.26
CA LYS B 112 -22.62 -47.32 0.00
C LYS B 112 -24.00 -46.71 -0.25
N GLN B 113 -24.53 -46.04 0.78
CA GLN B 113 -25.95 -45.74 0.86
C GLN B 113 -26.40 -44.74 -0.20
N LYS B 114 -27.68 -44.85 -0.55
CA LYS B 114 -28.36 -43.91 -1.44
C LYS B 114 -29.79 -43.79 -0.94
N ILE B 115 -30.29 -42.58 -0.78
CA ILE B 115 -31.61 -42.35 -0.19
C ILE B 115 -32.57 -41.91 -1.29
N GLU B 116 -33.80 -42.41 -1.24
CA GLU B 116 -34.83 -42.09 -2.22
C GLU B 116 -36.09 -41.57 -1.53
N LEU B 117 -36.64 -40.47 -2.05
CA LEU B 117 -37.93 -39.94 -1.63
C LEU B 117 -38.81 -39.83 -2.86
N THR B 118 -40.03 -40.36 -2.77
CA THR B 118 -40.94 -40.41 -3.91
C THR B 118 -42.14 -39.51 -3.67
N THR B 119 -42.59 -38.86 -4.74
CA THR B 119 -43.70 -37.92 -4.69
C THR B 119 -44.71 -38.29 -5.78
N LYS B 120 -45.76 -37.49 -5.88
CA LYS B 120 -46.89 -37.79 -6.75
C LYS B 120 -47.01 -36.79 -7.89
N LYS C 18 -11.50 -83.53 -1.88
CA LYS C 18 -11.69 -82.54 -2.93
C LYS C 18 -10.57 -81.50 -2.93
N GLU C 19 -9.40 -81.91 -2.42
CA GLU C 19 -8.22 -81.05 -2.40
C GLU C 19 -7.49 -81.04 -3.73
N LYS C 20 -7.53 -82.17 -4.46
CA LYS C 20 -6.84 -82.25 -5.74
C LYS C 20 -7.45 -81.31 -6.78
N LEU C 21 -8.77 -81.12 -6.78
CA LEU C 21 -9.35 -80.19 -7.74
C LEU C 21 -8.91 -78.75 -7.44
N ASP C 22 -8.83 -78.38 -6.17
CA ASP C 22 -8.35 -77.04 -5.83
C ASP C 22 -6.87 -76.87 -6.20
N LEU C 23 -6.06 -77.91 -5.99
CA LEU C 23 -4.67 -77.86 -6.43
C LEU C 23 -4.58 -77.73 -7.95
N TYR C 24 -5.44 -78.44 -8.67
CA TYR C 24 -5.49 -78.32 -10.12
C TYR C 24 -5.86 -76.89 -10.53
N CYS C 25 -6.82 -76.30 -9.83
CA CYS C 25 -7.23 -74.93 -10.15
C CYS C 25 -6.10 -73.95 -9.93
N GLU C 26 -5.36 -74.08 -8.82
CA GLU C 26 -4.25 -73.16 -8.58
C GLU C 26 -3.13 -73.37 -9.59
N ALA C 27 -2.84 -74.63 -9.96
CA ALA C 27 -1.82 -74.88 -10.96
C ALA C 27 -2.22 -74.32 -12.32
N LEU C 28 -3.49 -74.46 -12.69
CA LEU C 28 -3.99 -73.87 -13.93
C LEU C 28 -3.93 -72.34 -13.87
N CYS C 29 -4.19 -71.77 -12.70
CA CYS C 29 -4.13 -70.32 -12.55
C CYS C 29 -2.70 -69.82 -12.68
N ASP C 30 -1.72 -70.64 -12.33
CA ASP C 30 -0.35 -70.16 -12.36
C ASP C 30 0.35 -70.44 -13.68
N GLY C 31 0.15 -71.62 -14.28
CA GLY C 31 0.86 -71.89 -15.51
C GLY C 31 0.03 -71.81 -16.78
N PHE C 32 -1.12 -71.12 -16.70
CA PHE C 32 -1.98 -70.75 -17.83
C PHE C 32 -1.99 -71.75 -18.98
N ASN C 33 -2.12 -73.03 -18.70
CA ASN C 33 -2.15 -74.03 -19.76
C ASN C 33 -2.96 -75.23 -19.31
N LYS C 34 -3.82 -75.74 -20.20
CA LYS C 34 -4.60 -76.90 -19.85
C LYS C 34 -3.73 -78.16 -19.81
N THR C 35 -2.82 -78.30 -20.77
CA THR C 35 -1.99 -79.50 -20.84
C THR C 35 -0.98 -79.55 -19.70
N GLN C 36 -0.31 -78.43 -19.42
CA GLN C 36 0.67 -78.43 -18.33
C GLN C 36 0.01 -78.63 -16.97
N ALA C 37 -1.11 -77.96 -16.72
CA ALA C 37 -1.83 -78.18 -15.47
C ALA C 37 -2.35 -79.60 -15.38
N TYR C 38 -2.81 -80.14 -16.51
CA TYR C 38 -3.36 -81.49 -16.54
C TYR C 38 -2.29 -82.53 -16.23
N ILE C 39 -1.09 -82.36 -16.81
CA ILE C 39 0.01 -83.29 -16.50
C ILE C 39 0.52 -83.07 -15.09
N LYS C 40 0.44 -81.84 -14.56
CA LYS C 40 0.85 -81.62 -13.19
C LYS C 40 -0.16 -82.21 -12.21
N ALA C 41 -1.39 -82.46 -12.68
CA ALA C 41 -2.33 -83.18 -11.83
C ALA C 41 -1.89 -84.64 -11.69
N GLY C 42 -1.36 -85.22 -12.75
CA GLY C 42 -0.85 -86.57 -12.71
C GLY C 42 -1.47 -87.42 -13.81
N PHE C 43 -1.91 -86.78 -14.89
CA PHE C 43 -2.79 -87.43 -15.85
C PHE C 43 -2.09 -87.68 -17.19
N SER C 44 -2.86 -88.28 -18.10
CA SER C 44 -2.38 -88.70 -19.41
C SER C 44 -2.22 -87.53 -20.36
N ALA C 45 -1.12 -87.52 -21.10
CA ALA C 45 -0.85 -86.46 -22.06
C ALA C 45 -1.81 -86.58 -23.23
N PRO C 46 -2.11 -87.80 -23.68
CA PRO C 46 -2.92 -87.95 -24.90
C PRO C 46 -4.34 -87.41 -24.80
N HIS C 47 -4.96 -87.44 -23.61
CA HIS C 47 -6.33 -86.99 -23.46
C HIS C 47 -6.37 -85.55 -22.93
N ALA C 48 -5.95 -84.61 -23.78
CA ALA C 48 -5.92 -83.21 -23.37
C ALA C 48 -7.00 -82.35 -24.02
N GLN C 49 -7.84 -82.91 -24.89
CA GLN C 49 -8.89 -82.11 -25.52
C GLN C 49 -10.30 -82.44 -25.05
N ARG C 50 -10.58 -83.68 -24.67
CA ARG C 50 -11.95 -84.06 -24.33
C ARG C 50 -12.22 -84.20 -22.84
N ASN C 51 -11.55 -85.17 -22.19
CA ASN C 51 -11.82 -85.46 -20.79
C ASN C 51 -11.57 -84.26 -19.88
N VAL C 52 -10.63 -83.38 -20.26
CA VAL C 52 -10.33 -82.25 -19.39
C VAL C 52 -11.42 -81.19 -19.55
N ALA C 53 -11.91 -81.01 -20.77
CA ALA C 53 -13.06 -80.15 -20.98
C ALA C 53 -14.28 -80.67 -20.23
N PRO C 54 -14.60 -81.96 -20.28
CA PRO C 54 -15.74 -82.45 -19.49
C PRO C 54 -15.57 -82.27 -17.99
N TYR C 55 -14.38 -82.52 -17.44
CA TYR C 55 -14.21 -82.32 -16.00
C TYR C 55 -14.33 -80.85 -15.63
N HIS C 56 -13.80 -79.97 -16.49
CA HIS C 56 -13.88 -78.54 -16.23
C HIS C 56 -15.33 -78.05 -16.34
N ARG C 57 -16.08 -78.63 -17.27
CA ARG C 57 -17.48 -78.25 -17.46
C ARG C 57 -18.34 -78.75 -16.31
N LYS C 58 -17.95 -79.87 -15.71
CA LYS C 58 -18.70 -80.40 -14.58
C LYS C 58 -18.28 -79.80 -13.25
N ASN C 59 -17.15 -79.09 -13.18
CA ASN C 59 -16.76 -78.48 -11.91
C ASN C 59 -16.41 -76.99 -12.07
N ALA C 60 -17.04 -76.34 -13.06
CA ALA C 60 -16.76 -74.93 -13.32
C ALA C 60 -17.14 -74.03 -12.14
N GLU C 61 -18.26 -74.32 -11.47
CA GLU C 61 -18.69 -73.42 -10.40
C GLU C 61 -17.67 -73.38 -9.26
N TYR C 62 -17.21 -74.55 -8.81
CA TYR C 62 -16.23 -74.57 -7.74
C TYR C 62 -14.87 -74.08 -8.22
N ILE C 63 -14.50 -74.37 -9.48
CA ILE C 63 -13.23 -73.85 -10.00
C ILE C 63 -13.24 -72.33 -10.00
N GLN C 64 -14.35 -71.73 -10.43
CA GLN C 64 -14.48 -70.28 -10.42
C GLN C 64 -14.44 -69.73 -9.00
N ALA C 65 -15.10 -70.42 -8.06
CA ALA C 65 -15.05 -69.95 -6.68
C ALA C 65 -13.63 -70.01 -6.14
N TYR C 66 -12.89 -71.06 -6.47
CA TYR C 66 -11.51 -71.18 -6.00
C TYR C 66 -10.61 -70.10 -6.59
N ILE C 67 -10.76 -69.82 -7.89
CA ILE C 67 -9.94 -68.75 -8.46
C ILE C 67 -10.31 -67.40 -7.86
N SER C 68 -11.60 -67.19 -7.58
CA SER C 68 -12.03 -65.95 -6.93
C SER C 68 -11.42 -65.81 -5.55
N GLU C 69 -11.39 -66.89 -4.77
CA GLU C 69 -10.78 -66.80 -3.44
C GLU C 69 -9.27 -66.56 -3.56
N ARG C 70 -8.64 -67.16 -4.57
CA ARG C 70 -7.20 -66.94 -4.77
C ARG C 70 -6.91 -65.48 -5.09
N ILE C 71 -7.71 -64.86 -5.98
CA ILE C 71 -7.51 -63.44 -6.29
C ILE C 71 -7.84 -62.59 -5.06
N GLY C 72 -8.85 -62.98 -4.28
CA GLY C 72 -9.24 -62.24 -3.08
C GLY C 72 -8.21 -62.30 -1.97
N SER C 73 -7.38 -63.34 -1.95
CA SER C 73 -6.36 -63.46 -0.92
C SER C 73 -5.30 -62.37 -1.03
N ASP C 74 -5.26 -61.65 -2.15
CA ASP C 74 -4.37 -60.50 -2.31
C ASP C 74 -5.02 -59.19 -1.91
N ALA C 75 -6.27 -59.21 -1.45
CA ALA C 75 -6.93 -57.98 -1.00
C ALA C 75 -6.15 -57.23 0.06
N PRO C 76 -5.56 -57.87 1.08
CA PRO C 76 -4.73 -57.09 2.02
C PRO C 76 -3.56 -56.40 1.33
N ALA C 77 -3.00 -57.05 0.30
CA ALA C 77 -1.94 -56.41 -0.48
C ALA C 77 -2.46 -55.15 -1.18
N ALA C 78 -3.67 -55.22 -1.74
CA ALA C 78 -4.24 -54.04 -2.39
C ALA C 78 -4.53 -52.94 -1.37
N ARG C 79 -4.96 -53.31 -0.17
CA ARG C 79 -5.15 -52.32 0.88
C ARG C 79 -3.83 -51.63 1.23
N LYS C 80 -2.76 -52.42 1.33
CA LYS C 80 -1.44 -51.85 1.60
C LYS C 80 -1.00 -50.93 0.46
N VAL C 81 -1.28 -51.33 -0.78
CA VAL C 81 -0.88 -50.53 -1.94
C VAL C 81 -1.60 -49.19 -1.93
N VAL C 82 -2.91 -49.22 -1.70
CA VAL C 82 -3.67 -47.97 -1.74
C VAL C 82 -3.27 -47.08 -0.56
N LEU C 83 -3.02 -47.67 0.61
CA LEU C 83 -2.60 -46.86 1.76
C LEU C 83 -1.25 -46.21 1.51
N GLU C 84 -0.30 -46.95 0.95
CA GLU C 84 1.03 -46.38 0.72
C GLU C 84 1.00 -45.33 -0.38
N ILE C 85 0.20 -45.55 -1.43
CA ILE C 85 0.13 -44.55 -2.51
C ILE C 85 -0.61 -43.28 -2.08
N MET C 86 -1.59 -43.40 -1.19
CA MET C 86 -2.32 -42.23 -0.73
C MET C 86 -1.49 -41.27 0.13
N ASN C 87 -0.38 -41.73 0.71
CA ASN C 87 0.41 -40.92 1.63
C ASN C 87 1.70 -40.37 1.04
N ASP C 88 1.90 -40.49 -0.27
CA ASP C 88 3.14 -40.01 -0.89
C ASP C 88 2.98 -38.55 -1.32
N PRO C 89 3.72 -37.61 -0.72
CA PRO C 89 3.58 -36.21 -1.13
C PRO C 89 4.21 -35.90 -2.47
N ASN C 90 5.07 -36.78 -2.98
CA ASN C 90 5.80 -36.55 -4.21
C ASN C 90 5.04 -37.08 -5.41
N GLU C 91 3.87 -37.63 -5.21
CA GLU C 91 3.06 -38.18 -6.30
C GLU C 91 2.01 -37.14 -6.69
N LYS C 92 1.53 -37.25 -7.92
CA LYS C 92 0.59 -36.26 -8.44
C LYS C 92 -0.69 -36.22 -7.61
N GLY C 93 -1.26 -35.02 -7.46
CA GLY C 93 -2.37 -34.82 -6.55
C GLY C 93 -3.62 -35.60 -6.91
N GLY C 94 -3.89 -35.75 -8.21
CA GLY C 94 -5.11 -36.43 -8.62
C GLY C 94 -5.19 -37.86 -8.15
N ILE C 95 -4.07 -38.59 -8.20
CA ILE C 95 -4.09 -39.97 -7.74
C ILE C 95 -4.30 -40.04 -6.24
N ARG C 96 -3.68 -39.12 -5.49
CA ARG C 96 -3.91 -39.08 -4.05
C ARG C 96 -5.38 -38.83 -3.74
N LEU C 97 -6.00 -37.92 -4.50
CA LEU C 97 -7.42 -37.65 -4.32
C LEU C 97 -8.26 -38.88 -4.64
N LYS C 98 -7.93 -39.59 -5.72
CA LYS C 98 -8.69 -40.77 -6.09
C LYS C 98 -8.55 -41.87 -5.05
N ALA C 99 -7.34 -42.03 -4.51
CA ALA C 99 -7.13 -43.01 -3.44
C ALA C 99 -7.92 -42.64 -2.19
N ALA C 100 -7.91 -41.35 -1.83
CA ALA C 100 -8.68 -40.92 -0.67
C ALA C 100 -10.18 -41.14 -0.88
N GLN C 101 -10.67 -40.83 -2.09
CA GLN C 101 -12.08 -41.07 -2.38
C GLN C 101 -12.42 -42.54 -2.28
N ASP C 102 -11.56 -43.41 -2.82
CA ASP C 102 -11.82 -44.85 -2.77
C ASP C 102 -11.84 -45.35 -1.33
N ILE C 103 -10.86 -44.93 -0.52
CA ILE C 103 -10.79 -45.40 0.85
C ILE C 103 -11.96 -44.85 1.66
N LEU C 104 -12.40 -43.62 1.39
CA LEU C 104 -13.57 -43.08 2.08
C LEU C 104 -14.84 -43.81 1.68
N ASP C 105 -14.98 -44.17 0.40
CA ASP C 105 -16.13 -44.95 -0.01
C ASP C 105 -16.13 -46.32 0.68
N ARG C 106 -14.95 -46.88 0.91
CA ARG C 106 -14.86 -48.11 1.69
C ARG C 106 -15.16 -47.86 3.16
N ALA C 107 -14.88 -46.65 3.66
CA ALA C 107 -15.10 -46.34 5.07
C ALA C 107 -16.58 -46.40 5.44
N GLY C 108 -17.48 -46.10 4.50
CA GLY C 108 -18.90 -46.20 4.80
C GLY C 108 -19.66 -44.90 4.66
N PHE C 109 -19.20 -44.02 3.78
CA PHE C 109 -19.83 -42.73 3.53
C PHE C 109 -20.22 -42.63 2.06
N GLY C 110 -21.53 -42.50 1.80
CA GLY C 110 -22.01 -42.53 0.43
C GLY C 110 -22.59 -41.21 -0.05
N ALA C 111 -23.34 -41.26 -1.15
CA ALA C 111 -23.95 -40.07 -1.73
C ALA C 111 -25.28 -39.77 -1.05
N LYS C 112 -25.98 -38.76 -1.55
CA LYS C 112 -27.13 -38.18 -0.85
C LYS C 112 -28.42 -38.35 -1.67
N GLN C 113 -29.45 -37.62 -1.25
CA GLN C 113 -30.83 -37.98 -1.61
C GLN C 113 -31.09 -37.84 -3.10
N LYS C 114 -32.07 -38.60 -3.58
CA LYS C 114 -32.50 -38.58 -4.96
C LYS C 114 -34.01 -38.80 -5.00
N ILE C 115 -34.73 -37.95 -5.74
CA ILE C 115 -36.19 -37.95 -5.74
C ILE C 115 -36.71 -38.48 -7.08
N GLU C 116 -37.89 -39.11 -7.05
CA GLU C 116 -38.53 -39.68 -8.23
C GLU C 116 -39.88 -39.00 -8.46
N LEU C 117 -40.12 -38.57 -9.71
CA LEU C 117 -41.37 -37.95 -10.13
C LEU C 117 -41.95 -38.66 -11.35
N THR C 118 -43.23 -39.02 -11.29
CA THR C 118 -43.89 -39.65 -12.43
C THR C 118 -45.02 -38.74 -12.91
N THR C 119 -45.13 -38.58 -14.23
CA THR C 119 -46.15 -37.72 -14.82
C THR C 119 -46.79 -38.37 -16.04
N LYS C 120 -47.11 -39.65 -15.96
CA LYS C 120 -47.72 -40.33 -17.11
C LYS C 120 -49.09 -39.74 -17.44
N LEU D 15 -2.56 -63.28 24.37
CA LEU D 15 -1.93 -64.60 24.37
C LEU D 15 -2.96 -65.69 24.14
N THR D 16 -3.44 -65.78 22.90
CA THR D 16 -4.45 -66.75 22.51
C THR D 16 -4.45 -66.87 20.99
N PRO D 17 -5.05 -67.91 20.44
CA PRO D 17 -5.12 -68.03 18.97
C PRO D 17 -5.88 -66.89 18.30
N LYS D 18 -6.67 -66.09 19.03
CA LYS D 18 -7.24 -64.90 18.42
C LYS D 18 -6.16 -63.86 18.13
N GLU D 19 -5.10 -63.83 18.93
CA GLU D 19 -4.00 -62.92 18.64
C GLU D 19 -3.14 -63.48 17.53
N LYS D 20 -3.02 -64.81 17.45
CA LYS D 20 -2.30 -65.41 16.33
C LYS D 20 -3.04 -65.18 15.02
N LEU D 21 -4.38 -65.24 15.05
CA LEU D 21 -5.16 -64.95 13.85
C LEU D 21 -5.05 -63.49 13.44
N ASP D 22 -5.11 -62.58 14.40
CA ASP D 22 -4.94 -61.16 14.07
C ASP D 22 -3.54 -60.88 13.55
N LEU D 23 -2.52 -61.48 14.15
CA LEU D 23 -1.15 -61.34 13.67
C LEU D 23 -0.99 -61.94 12.27
N TYR D 24 -1.63 -63.07 12.00
CA TYR D 24 -1.58 -63.67 10.67
C TYR D 24 -2.21 -62.75 9.63
N CYS D 25 -3.36 -62.17 9.96
CA CYS D 25 -4.00 -61.22 9.03
C CYS D 25 -3.11 -60.01 8.81
N GLU D 26 -2.52 -59.48 9.88
CA GLU D 26 -1.64 -58.31 9.76
C GLU D 26 -0.40 -58.65 8.94
N ALA D 27 0.16 -59.84 9.13
CA ALA D 27 1.32 -60.25 8.36
C ALA D 27 0.99 -60.41 6.89
N LEU D 28 -0.19 -60.97 6.58
CA LEU D 28 -0.59 -61.04 5.17
C LEU D 28 -0.80 -59.66 4.58
N CYS D 29 -1.32 -58.73 5.38
CA CYS D 29 -1.52 -57.37 4.88
C CYS D 29 -0.20 -56.63 4.69
N ASP D 30 0.80 -56.90 5.52
CA ASP D 30 2.03 -56.12 5.50
C ASP D 30 3.14 -56.79 4.69
N GLY D 31 2.99 -58.06 4.31
CA GLY D 31 4.05 -58.72 3.57
C GLY D 31 3.56 -59.62 2.46
N PHE D 32 2.31 -59.40 2.02
CA PHE D 32 1.69 -59.99 0.84
C PHE D 32 2.14 -61.41 0.49
N ASN D 33 2.17 -62.32 1.47
CA ASN D 33 2.53 -63.69 1.16
C ASN D 33 1.86 -64.61 2.17
N LYS D 34 1.22 -65.67 1.66
CA LYS D 34 0.52 -66.60 2.53
C LYS D 34 1.48 -67.53 3.27
N THR D 35 2.52 -68.02 2.60
CA THR D 35 3.41 -68.99 3.25
C THR D 35 4.22 -68.34 4.37
N GLN D 36 4.78 -67.15 4.13
CA GLN D 36 5.55 -66.50 5.17
C GLN D 36 4.64 -66.09 6.34
N ALA D 37 3.41 -65.65 6.04
CA ALA D 37 2.48 -65.33 7.11
C ALA D 37 2.15 -66.56 7.94
N TYR D 38 1.99 -67.71 7.29
CA TYR D 38 1.71 -68.95 8.03
C TYR D 38 2.91 -69.33 8.89
N ILE D 39 4.12 -69.14 8.37
CA ILE D 39 5.32 -69.42 9.15
C ILE D 39 5.43 -68.44 10.31
N LYS D 40 4.95 -67.22 10.13
CA LYS D 40 4.90 -66.23 11.20
C LYS D 40 3.79 -66.53 12.20
N ALA D 41 2.84 -67.40 11.85
CA ALA D 41 1.82 -67.79 12.81
C ALA D 41 2.44 -68.59 13.94
N GLY D 42 3.43 -69.43 13.63
CA GLY D 42 4.15 -70.19 14.64
C GLY D 42 4.29 -71.68 14.40
N PHE D 43 4.14 -72.11 13.15
CA PHE D 43 4.17 -73.53 12.81
C PHE D 43 5.37 -73.82 11.90
N SER D 44 5.50 -75.08 11.49
CA SER D 44 6.63 -75.51 10.68
C SER D 44 6.48 -74.99 9.26
N ALA D 45 7.57 -74.46 8.70
CA ALA D 45 7.57 -73.86 7.37
C ALA D 45 7.38 -74.90 6.27
N PRO D 46 7.99 -76.08 6.39
CA PRO D 46 7.96 -77.03 5.26
C PRO D 46 6.56 -77.48 4.88
N HIS D 47 5.66 -77.66 5.85
CA HIS D 47 4.30 -78.11 5.56
C HIS D 47 3.38 -76.89 5.52
N ALA D 48 3.62 -76.04 4.52
CA ALA D 48 2.89 -74.80 4.33
C ALA D 48 1.93 -74.81 3.15
N GLN D 49 1.76 -75.95 2.48
CA GLN D 49 0.88 -76.05 1.33
C GLN D 49 -0.45 -76.73 1.63
N ARG D 50 -0.53 -77.51 2.72
CA ARG D 50 -1.68 -78.37 2.96
C ARG D 50 -2.75 -77.78 3.88
N ASN D 51 -2.43 -77.59 5.16
CA ASN D 51 -3.42 -77.12 6.12
C ASN D 51 -3.72 -75.64 6.05
N VAL D 52 -2.84 -74.85 5.44
CA VAL D 52 -3.02 -73.40 5.48
C VAL D 52 -4.18 -73.00 4.57
N ALA D 53 -4.36 -73.68 3.45
CA ALA D 53 -5.52 -73.38 2.61
C ALA D 53 -6.84 -73.63 3.34
N PRO D 54 -7.03 -74.77 4.01
CA PRO D 54 -8.28 -74.94 4.78
C PRO D 54 -8.44 -73.95 5.92
N TYR D 55 -7.36 -73.67 6.66
CA TYR D 55 -7.47 -72.70 7.74
C TYR D 55 -7.75 -71.30 7.21
N HIS D 56 -7.21 -70.98 6.04
CA HIS D 56 -7.41 -69.68 5.42
C HIS D 56 -8.84 -69.53 4.92
N ARG D 57 -9.40 -70.61 4.37
CA ARG D 57 -10.78 -70.56 3.88
C ARG D 57 -11.81 -70.61 5.01
N LYS D 58 -11.45 -71.17 6.17
CA LYS D 58 -12.41 -71.27 7.26
C LYS D 58 -12.55 -69.97 8.04
N ASN D 59 -11.72 -68.97 7.78
CA ASN D 59 -11.80 -67.68 8.46
C ASN D 59 -11.84 -66.53 7.48
N ALA D 60 -12.47 -66.75 6.31
CA ALA D 60 -12.55 -65.73 5.28
C ALA D 60 -13.38 -64.54 5.74
N GLU D 61 -14.48 -64.80 6.46
CA GLU D 61 -15.31 -63.71 6.94
C GLU D 61 -14.54 -62.84 7.91
N TYR D 62 -13.79 -63.45 8.83
CA TYR D 62 -13.02 -62.65 9.78
C TYR D 62 -11.89 -61.90 9.08
N ILE D 63 -11.27 -62.51 8.08
CA ILE D 63 -10.22 -61.81 7.33
C ILE D 63 -10.79 -60.59 6.63
N GLN D 64 -11.95 -60.74 5.99
CA GLN D 64 -12.59 -59.61 5.33
C GLN D 64 -13.00 -58.53 6.33
N ALA D 65 -13.53 -58.94 7.49
CA ALA D 65 -13.92 -57.97 8.52
C ALA D 65 -12.71 -57.21 9.04
N TYR D 66 -11.59 -57.91 9.24
CA TYR D 66 -10.37 -57.25 9.71
C TYR D 66 -9.84 -56.27 8.67
N ILE D 67 -9.89 -56.64 7.39
CA ILE D 67 -9.42 -55.73 6.35
C ILE D 67 -10.31 -54.49 6.31
N SER D 68 -11.62 -54.68 6.42
CA SER D 68 -12.54 -53.54 6.41
C SER D 68 -12.33 -52.64 7.61
N GLU D 69 -12.15 -53.22 8.80
CA GLU D 69 -11.94 -52.41 9.99
C GLU D 69 -10.61 -51.67 9.93
N ARG D 70 -9.56 -52.30 9.40
CA ARG D 70 -8.27 -51.63 9.27
C ARG D 70 -8.35 -50.46 8.30
N ILE D 71 -8.99 -50.66 7.14
CA ILE D 71 -9.10 -49.55 6.20
C ILE D 71 -9.97 -48.44 6.76
N GLY D 72 -11.04 -48.79 7.49
CA GLY D 72 -11.86 -47.75 8.08
C GLY D 72 -11.17 -47.00 9.21
N SER D 73 -10.30 -47.67 9.95
CA SER D 73 -9.56 -46.99 11.00
C SER D 73 -8.41 -46.17 10.45
N ASP D 74 -7.94 -46.48 9.24
CA ASP D 74 -6.95 -45.61 8.61
C ASP D 74 -7.58 -44.56 7.71
N ALA D 75 -8.90 -44.63 7.54
CA ALA D 75 -9.61 -43.60 6.78
C ALA D 75 -9.40 -42.17 7.28
N PRO D 76 -9.38 -41.87 8.59
CA PRO D 76 -9.18 -40.47 8.99
C PRO D 76 -7.91 -39.82 8.48
N ALA D 77 -6.82 -40.58 8.32
CA ALA D 77 -5.62 -39.98 7.72
C ALA D 77 -5.90 -39.53 6.29
N ALA D 78 -6.61 -40.35 5.51
CA ALA D 78 -6.98 -39.96 4.16
C ALA D 78 -7.98 -38.81 4.14
N ARG D 79 -8.88 -38.76 5.13
CA ARG D 79 -9.78 -37.61 5.24
C ARG D 79 -8.99 -36.32 5.48
N LYS D 80 -7.97 -36.39 6.35
CA LYS D 80 -7.13 -35.22 6.56
C LYS D 80 -6.40 -34.86 5.28
N VAL D 81 -5.94 -35.87 4.53
CA VAL D 81 -5.22 -35.63 3.28
C VAL D 81 -6.12 -34.96 2.25
N VAL D 82 -7.35 -35.45 2.11
CA VAL D 82 -8.26 -34.87 1.12
C VAL D 82 -8.65 -33.45 1.52
N LEU D 83 -8.84 -33.19 2.82
CA LEU D 83 -9.12 -31.82 3.25
C LEU D 83 -7.93 -30.91 2.96
N GLU D 84 -6.71 -31.40 3.21
CA GLU D 84 -5.53 -30.57 2.99
C GLU D 84 -5.33 -30.29 1.50
N ILE D 85 -5.58 -31.28 0.63
CA ILE D 85 -5.44 -31.01 -0.80
C ILE D 85 -6.54 -30.08 -1.27
N MET D 86 -7.74 -30.15 -0.68
CA MET D 86 -8.77 -29.18 -1.02
C MET D 86 -8.39 -27.79 -0.54
N ASN D 87 -7.55 -27.69 0.48
CA ASN D 87 -7.10 -26.40 0.99
C ASN D 87 -5.64 -26.12 0.63
N ASP D 88 -5.01 -26.95 -0.19
CA ASP D 88 -3.62 -26.75 -0.58
C ASP D 88 -3.57 -25.93 -1.86
N PRO D 89 -2.96 -24.74 -1.84
CA PRO D 89 -2.99 -23.87 -3.02
C PRO D 89 -2.07 -24.30 -4.17
N ASN D 90 -1.13 -25.23 -3.96
CA ASN D 90 -0.15 -25.52 -4.99
C ASN D 90 -0.59 -26.59 -5.98
N GLU D 91 -1.78 -27.14 -5.84
CA GLU D 91 -2.28 -28.12 -6.80
C GLU D 91 -3.24 -27.44 -7.77
N LYS D 92 -3.38 -28.05 -8.95
CA LYS D 92 -4.25 -27.51 -9.99
C LYS D 92 -5.70 -27.47 -9.50
N GLY D 93 -6.45 -26.49 -10.01
CA GLY D 93 -7.77 -26.21 -9.49
C GLY D 93 -8.75 -27.37 -9.57
N GLY D 94 -8.63 -28.21 -10.59
CA GLY D 94 -9.54 -29.32 -10.72
C GLY D 94 -9.49 -30.25 -9.51
N ILE D 95 -8.29 -30.48 -8.97
CA ILE D 95 -8.16 -31.35 -7.81
C ILE D 95 -8.81 -30.72 -6.60
N ARG D 96 -8.60 -29.42 -6.40
CA ARG D 96 -9.24 -28.72 -5.29
C ARG D 96 -10.75 -28.78 -5.41
N LEU D 97 -11.27 -28.57 -6.62
CA LEU D 97 -12.72 -28.61 -6.82
C LEU D 97 -13.27 -30.01 -6.56
N LYS D 98 -12.60 -31.06 -7.04
CA LYS D 98 -13.10 -32.40 -6.82
C LYS D 98 -13.07 -32.77 -5.34
N ALA D 99 -12.02 -32.37 -4.62
CA ALA D 99 -11.96 -32.61 -3.19
C ALA D 99 -13.07 -31.88 -2.45
N ALA D 100 -13.31 -30.61 -2.81
CA ALA D 100 -14.38 -29.85 -2.19
C ALA D 100 -15.74 -30.47 -2.47
N GLN D 101 -15.96 -30.91 -3.72
CA GLN D 101 -17.22 -31.57 -4.06
C GLN D 101 -17.41 -32.84 -3.24
N ASP D 102 -16.34 -33.64 -3.11
CA ASP D 102 -16.44 -34.88 -2.34
C ASP D 102 -16.77 -34.60 -0.88
N ILE D 103 -16.07 -33.64 -0.27
CA ILE D 103 -16.28 -33.37 1.14
C ILE D 103 -17.67 -32.76 1.37
N LEU D 104 -18.13 -31.91 0.44
CA LEU D 104 -19.47 -31.33 0.58
C LEU D 104 -20.55 -32.39 0.40
N ASP D 105 -20.35 -33.33 -0.53
CA ASP D 105 -21.28 -34.45 -0.67
C ASP D 105 -21.29 -35.31 0.58
N ARG D 106 -20.14 -35.41 1.26
CA ARG D 106 -20.12 -36.13 2.53
C ARG D 106 -20.87 -35.35 3.61
N ALA D 107 -20.87 -34.02 3.51
CA ALA D 107 -21.55 -33.21 4.52
C ALA D 107 -23.07 -33.43 4.51
N GLY D 108 -23.65 -33.72 3.35
CA GLY D 108 -25.06 -34.01 3.30
C GLY D 108 -25.88 -33.09 2.41
N PHE D 109 -25.25 -32.51 1.39
CA PHE D 109 -25.94 -31.65 0.43
C PHE D 109 -25.75 -32.24 -0.95
N GLY D 110 -26.84 -32.75 -1.54
CA GLY D 110 -26.74 -33.51 -2.78
C GLY D 110 -27.46 -32.93 -3.99
N ALA D 111 -27.65 -33.78 -5.00
CA ALA D 111 -28.32 -33.41 -6.23
C ALA D 111 -29.83 -33.60 -6.11
N LYS D 112 -30.54 -33.34 -7.20
CA LYS D 112 -32.00 -33.25 -7.18
C LYS D 112 -32.62 -34.20 -8.19
N GLN D 113 -33.89 -33.96 -8.50
CA GLN D 113 -34.84 -34.91 -9.06
C GLN D 113 -34.52 -35.37 -10.49
N LYS D 114 -35.11 -36.52 -10.83
CA LYS D 114 -35.16 -37.15 -12.15
C LYS D 114 -36.55 -37.76 -12.27
N ILE D 115 -37.21 -37.55 -13.40
CA ILE D 115 -38.61 -37.91 -13.55
C ILE D 115 -38.72 -39.18 -14.38
N GLU D 116 -39.73 -39.99 -14.07
CA GLU D 116 -39.95 -41.28 -14.69
C GLU D 116 -41.31 -41.36 -15.37
N LEU D 117 -41.33 -41.96 -16.55
CA LEU D 117 -42.54 -42.21 -17.33
C LEU D 117 -42.71 -43.71 -17.50
N THR D 118 -43.91 -44.20 -17.21
CA THR D 118 -44.22 -45.62 -17.26
C THR D 118 -45.20 -45.90 -18.39
N THR D 119 -45.03 -47.07 -19.02
CA THR D 119 -45.83 -47.45 -20.17
C THR D 119 -46.45 -48.81 -19.95
N LYS D 120 -47.37 -49.17 -20.84
CA LYS D 120 -48.22 -50.33 -20.68
C LYS D 120 -48.05 -51.31 -21.83
N LEU E 15 -15.78 -33.91 33.59
CA LEU E 15 -15.06 -35.18 33.61
C LEU E 15 -16.05 -36.34 33.64
N THR E 16 -16.43 -36.81 32.47
CA THR E 16 -17.44 -37.84 32.31
C THR E 16 -17.15 -38.60 31.04
N PRO E 17 -17.66 -39.84 30.91
CA PRO E 17 -17.34 -40.64 29.72
C PRO E 17 -17.81 -40.02 28.41
N LYS E 18 -18.84 -39.18 28.42
CA LYS E 18 -19.33 -38.61 27.16
C LYS E 18 -18.33 -37.61 26.58
N GLU E 19 -17.82 -36.70 27.40
CA GLU E 19 -16.86 -35.72 26.90
C GLU E 19 -15.47 -36.33 26.77
N LYS E 20 -15.11 -37.29 27.62
CA LYS E 20 -13.84 -37.97 27.44
C LYS E 20 -13.86 -38.78 26.15
N LEU E 21 -15.00 -39.38 25.82
CA LEU E 21 -15.14 -40.10 24.55
C LEU E 21 -15.09 -39.12 23.38
N ASP E 22 -15.67 -37.93 23.56
CA ASP E 22 -15.59 -36.92 22.49
C ASP E 22 -14.14 -36.51 22.24
N LEU E 23 -13.36 -36.33 23.31
CA LEU E 23 -11.93 -36.05 23.16
C LEU E 23 -11.20 -37.23 22.52
N TYR E 24 -11.59 -38.45 22.87
CA TYR E 24 -11.00 -39.65 22.26
C TYR E 24 -11.23 -39.66 20.76
N CYS E 25 -12.47 -39.35 20.35
CA CYS E 25 -12.81 -39.29 18.93
C CYS E 25 -12.03 -38.17 18.23
N GLU E 26 -11.91 -37.00 18.87
CA GLU E 26 -11.19 -35.89 18.25
C GLU E 26 -9.72 -36.21 18.09
N ALA E 27 -9.12 -36.86 19.10
CA ALA E 27 -7.71 -37.23 19.00
C ALA E 27 -7.49 -38.28 17.91
N LEU E 28 -8.42 -39.24 17.80
CA LEU E 28 -8.31 -40.23 16.72
C LEU E 28 -8.47 -39.57 15.35
N CYS E 29 -9.34 -38.56 15.26
CA CYS E 29 -9.52 -37.84 14.01
C CYS E 29 -8.29 -37.01 13.65
N ASP E 30 -7.53 -36.57 14.66
CA ASP E 30 -6.42 -35.67 14.42
C ASP E 30 -5.08 -36.38 14.23
N GLY E 31 -4.81 -37.46 14.96
CA GLY E 31 -3.47 -38.04 14.92
C GLY E 31 -3.20 -39.30 14.13
N PHE E 32 -4.23 -40.08 13.80
CA PHE E 32 -4.09 -41.30 12.99
C PHE E 32 -3.24 -42.36 13.72
N ASN E 33 -3.56 -42.59 14.99
CA ASN E 33 -2.88 -43.62 15.77
C ASN E 33 -3.84 -44.14 16.82
N LYS E 34 -3.98 -45.46 16.93
CA LYS E 34 -4.89 -46.04 17.91
C LYS E 34 -4.30 -45.99 19.31
N THR E 35 -3.01 -46.31 19.44
CA THR E 35 -2.38 -46.35 20.77
C THR E 35 -2.26 -44.94 21.34
N GLN E 36 -1.93 -43.96 20.51
CA GLN E 36 -1.83 -42.59 20.99
C GLN E 36 -3.18 -42.09 21.50
N ALA E 37 -4.25 -42.41 20.76
CA ALA E 37 -5.59 -42.01 21.22
C ALA E 37 -5.94 -42.69 22.54
N TYR E 38 -5.63 -43.98 22.67
CA TYR E 38 -5.98 -44.65 23.91
C TYR E 38 -5.16 -44.12 25.09
N ILE E 39 -3.88 -43.86 24.90
CA ILE E 39 -3.08 -43.32 25.99
C ILE E 39 -3.53 -41.90 26.31
N LYS E 40 -4.06 -41.17 25.33
CA LYS E 40 -4.63 -39.86 25.61
C LYS E 40 -5.99 -39.96 26.29
N ALA E 41 -6.63 -41.13 26.26
CA ALA E 41 -7.90 -41.28 26.96
C ALA E 41 -7.71 -41.19 28.47
N GLY E 42 -6.65 -41.80 29.00
CA GLY E 42 -6.33 -41.67 30.40
C GLY E 42 -6.17 -42.98 31.17
N PHE E 43 -5.93 -44.07 30.46
CA PHE E 43 -5.91 -45.41 31.06
C PHE E 43 -4.52 -46.02 30.94
N SER E 44 -4.39 -47.26 31.37
CA SER E 44 -3.09 -47.92 31.39
C SER E 44 -2.64 -48.23 29.96
N ALA E 45 -1.40 -47.88 29.64
CA ALA E 45 -0.84 -48.03 28.30
C ALA E 45 -0.56 -49.49 27.94
N PRO E 46 -0.01 -50.28 28.85
CA PRO E 46 0.42 -51.63 28.45
C PRO E 46 -0.71 -52.55 28.01
N HIS E 47 -1.79 -52.65 28.78
CA HIS E 47 -2.90 -53.55 28.42
C HIS E 47 -3.86 -52.83 27.48
N ALA E 48 -3.34 -52.53 26.30
CA ALA E 48 -4.09 -51.84 25.25
C ALA E 48 -4.41 -52.75 24.07
N GLN E 49 -4.10 -54.05 24.16
CA GLN E 49 -4.31 -54.94 23.02
C GLN E 49 -5.55 -55.82 23.12
N ARG E 50 -6.04 -56.12 24.33
CA ARG E 50 -7.17 -57.04 24.48
C ARG E 50 -8.49 -56.31 24.69
N ASN E 51 -8.61 -55.51 25.76
CA ASN E 51 -9.85 -54.81 26.07
C ASN E 51 -10.25 -53.82 24.98
N VAL E 52 -9.32 -53.43 24.12
CA VAL E 52 -9.60 -52.39 23.13
C VAL E 52 -10.51 -52.92 22.03
N ALA E 53 -10.38 -54.19 21.66
CA ALA E 53 -11.35 -54.74 20.71
C ALA E 53 -12.77 -54.67 21.27
N PRO E 54 -13.02 -55.10 22.50
CA PRO E 54 -14.37 -54.92 23.06
C PRO E 54 -14.80 -53.47 23.18
N TYR E 55 -13.89 -52.57 23.54
CA TYR E 55 -14.26 -51.17 23.65
C TYR E 55 -14.66 -50.59 22.30
N HIS E 56 -13.93 -50.97 21.24
CA HIS E 56 -14.25 -50.47 19.91
C HIS E 56 -15.57 -51.08 19.43
N ARG E 57 -15.81 -52.34 19.79
CA ARG E 57 -17.05 -52.98 19.33
C ARG E 57 -18.25 -52.40 20.06
N LYS E 58 -18.05 -51.92 21.30
CA LYS E 58 -19.17 -51.36 22.05
C LYS E 58 -19.36 -49.86 21.82
N ASN E 59 -18.39 -49.15 21.22
CA ASN E 59 -18.62 -47.73 21.00
C ASN E 59 -18.35 -47.29 19.56
N ALA E 60 -18.39 -48.24 18.62
CA ALA E 60 -18.12 -47.94 17.21
C ALA E 60 -19.17 -47.02 16.63
N GLU E 61 -20.45 -47.21 16.98
CA GLU E 61 -21.48 -46.38 16.36
C GLU E 61 -21.30 -44.91 16.70
N TYR E 62 -21.09 -44.59 17.98
CA TYR E 62 -20.92 -43.19 18.31
C TYR E 62 -19.59 -42.64 17.82
N ILE E 63 -18.53 -43.46 17.81
CA ILE E 63 -17.27 -42.96 17.27
C ILE E 63 -17.43 -42.62 15.79
N GLN E 64 -18.08 -43.50 15.04
CA GLN E 64 -18.33 -43.25 13.62
C GLN E 64 -19.21 -42.03 13.41
N ALA E 65 -20.25 -41.87 14.24
CA ALA E 65 -21.11 -40.70 14.12
C ALA E 65 -20.33 -39.41 14.38
N TYR E 66 -19.44 -39.42 15.37
CA TYR E 66 -18.64 -38.24 15.65
C TYR E 66 -17.70 -37.94 14.48
N ILE E 67 -17.09 -38.97 13.89
CA ILE E 67 -16.21 -38.74 12.75
C ILE E 67 -16.98 -38.19 11.57
N SER E 68 -18.19 -38.71 11.34
CA SER E 68 -19.04 -38.20 10.27
C SER E 68 -19.45 -36.75 10.51
N GLU E 69 -19.78 -36.41 11.76
CA GLU E 69 -20.17 -35.04 12.09
C GLU E 69 -19.01 -34.09 11.89
N ARG E 70 -17.80 -34.49 12.29
CA ARG E 70 -16.63 -33.64 12.07
C ARG E 70 -16.35 -33.47 10.58
N ILE E 71 -16.50 -34.54 9.80
CA ILE E 71 -16.29 -34.44 8.35
C ILE E 71 -17.33 -33.51 7.72
N GLY E 72 -18.58 -33.60 8.17
CA GLY E 72 -19.62 -32.74 7.62
C GLY E 72 -19.54 -31.28 8.05
N SER E 73 -18.98 -31.01 9.24
CA SER E 73 -18.93 -29.65 9.76
C SER E 73 -17.94 -28.75 9.02
N ASP E 74 -17.05 -29.31 8.19
CA ASP E 74 -16.12 -28.52 7.40
C ASP E 74 -16.72 -28.11 6.06
N ALA E 75 -17.99 -28.44 5.84
CA ALA E 75 -18.68 -28.08 4.61
C ALA E 75 -18.63 -26.59 4.25
N PRO E 76 -18.78 -25.64 5.17
CA PRO E 76 -18.67 -24.22 4.76
C PRO E 76 -17.34 -23.88 4.10
N ALA E 77 -16.25 -24.51 4.54
CA ALA E 77 -14.97 -24.30 3.87
C ALA E 77 -15.02 -24.77 2.42
N ALA E 78 -15.64 -25.94 2.18
CA ALA E 78 -15.78 -26.44 0.82
C ALA E 78 -16.71 -25.56 -0.01
N ARG E 79 -17.77 -25.04 0.61
CA ARG E 79 -18.66 -24.12 -0.10
C ARG E 79 -17.92 -22.85 -0.51
N LYS E 80 -17.10 -22.31 0.39
CA LYS E 80 -16.30 -21.13 0.05
C LYS E 80 -15.31 -21.47 -1.06
N VAL E 81 -14.70 -22.64 -1.00
CA VAL E 81 -13.72 -23.03 -2.02
C VAL E 81 -14.39 -23.17 -3.39
N VAL E 82 -15.55 -23.83 -3.44
CA VAL E 82 -16.22 -24.03 -4.72
C VAL E 82 -16.73 -22.70 -5.27
N LEU E 83 -17.23 -21.81 -4.40
CA LEU E 83 -17.67 -20.51 -4.88
C LEU E 83 -16.51 -19.68 -5.42
N GLU E 84 -15.37 -19.68 -4.70
CA GLU E 84 -14.23 -18.88 -5.15
C GLU E 84 -13.63 -19.44 -6.43
N ILE E 85 -13.59 -20.76 -6.57
CA ILE E 85 -13.08 -21.34 -7.81
C ILE E 85 -14.04 -21.06 -8.94
N MET E 86 -15.35 -21.01 -8.65
CA MET E 86 -16.34 -20.60 -9.64
C MET E 86 -16.22 -19.13 -10.00
N ASN E 87 -15.61 -18.32 -9.13
CA ASN E 87 -15.49 -16.88 -9.37
C ASN E 87 -14.08 -16.47 -9.81
N ASP E 88 -13.19 -17.44 -10.06
CA ASP E 88 -11.84 -17.14 -10.50
C ASP E 88 -11.75 -17.16 -12.02
N PRO E 89 -11.45 -16.04 -12.69
CA PRO E 89 -11.35 -16.07 -14.15
C PRO E 89 -10.10 -16.79 -14.64
N ASN E 90 -9.14 -17.06 -13.75
CA ASN E 90 -7.90 -17.71 -14.11
C ASN E 90 -8.04 -19.21 -14.01
N GLU E 91 -9.24 -19.71 -13.75
CA GLU E 91 -9.51 -21.12 -13.60
C GLU E 91 -9.98 -21.68 -14.93
N LYS E 92 -9.77 -22.99 -15.11
CA LYS E 92 -10.13 -23.64 -16.36
C LYS E 92 -11.65 -23.55 -16.57
N GLY E 93 -12.06 -23.40 -17.84
CA GLY E 93 -13.47 -23.18 -18.11
C GLY E 93 -14.33 -24.35 -17.67
N GLY E 94 -13.82 -25.57 -17.88
CA GLY E 94 -14.56 -26.74 -17.43
C GLY E 94 -14.71 -26.77 -15.93
N ILE E 95 -13.67 -26.35 -15.21
CA ILE E 95 -13.72 -26.35 -13.76
C ILE E 95 -14.72 -25.32 -13.24
N ARG E 96 -14.72 -24.12 -13.83
CA ARG E 96 -15.71 -23.12 -13.43
C ARG E 96 -17.12 -23.59 -13.74
N LEU E 97 -17.30 -24.23 -14.89
CA LEU E 97 -18.61 -24.76 -15.26
C LEU E 97 -19.06 -25.83 -14.28
N LYS E 98 -18.16 -26.72 -13.88
CA LYS E 98 -18.50 -27.77 -12.93
C LYS E 98 -18.82 -27.19 -11.56
N ALA E 99 -18.08 -26.18 -11.11
CA ALA E 99 -18.38 -25.54 -9.83
C ALA E 99 -19.75 -24.87 -9.85
N ALA E 100 -20.06 -24.16 -10.93
CA ALA E 100 -21.37 -23.54 -11.05
C ALA E 100 -22.48 -24.60 -11.08
N GLN E 101 -22.24 -25.69 -11.80
CA GLN E 101 -23.20 -26.79 -11.84
C GLN E 101 -23.43 -27.36 -10.45
N ASP E 102 -22.35 -27.55 -9.69
CA ASP E 102 -22.46 -28.14 -8.35
C ASP E 102 -23.28 -27.24 -7.43
N ILE E 103 -22.99 -25.95 -7.42
CA ILE E 103 -23.71 -25.06 -6.52
C ILE E 103 -25.17 -24.92 -6.96
N LEU E 104 -25.43 -24.90 -8.27
CA LEU E 104 -26.82 -24.82 -8.73
C LEU E 104 -27.58 -26.11 -8.45
N ASP E 105 -26.93 -27.28 -8.59
CA ASP E 105 -27.59 -28.53 -8.27
C ASP E 105 -27.93 -28.61 -6.79
N ARG E 106 -27.08 -28.03 -5.93
CA ARG E 106 -27.47 -27.92 -4.53
C ARG E 106 -28.58 -26.89 -4.33
N ALA E 107 -28.64 -25.88 -5.20
CA ALA E 107 -29.71 -24.89 -5.10
C ALA E 107 -31.08 -25.51 -5.31
N GLY E 108 -31.16 -26.61 -6.07
CA GLY E 108 -32.42 -27.30 -6.24
C GLY E 108 -32.94 -27.47 -7.66
N PHE E 109 -32.03 -27.54 -8.64
CA PHE E 109 -32.40 -27.77 -10.03
C PHE E 109 -31.72 -29.05 -10.51
N GLY E 110 -32.52 -30.07 -10.81
CA GLY E 110 -32.00 -31.39 -11.09
C GLY E 110 -32.21 -31.89 -12.50
N ALA E 111 -32.10 -33.21 -12.69
CA ALA E 111 -32.24 -33.83 -14.00
C ALA E 111 -33.71 -34.12 -14.32
N LYS E 112 -33.92 -34.78 -15.45
CA LYS E 112 -35.23 -34.85 -16.10
C LYS E 112 -35.62 -36.28 -16.49
N GLN E 113 -36.58 -36.37 -17.42
CA GLN E 113 -37.43 -37.53 -17.59
C GLN E 113 -36.63 -38.78 -17.97
N LYS E 114 -37.19 -39.94 -17.61
CA LYS E 114 -36.67 -41.24 -18.01
C LYS E 114 -37.87 -42.15 -18.18
N ILE E 115 -38.06 -42.70 -19.38
CA ILE E 115 -39.25 -43.48 -19.70
C ILE E 115 -38.85 -44.94 -19.89
N GLU E 116 -39.76 -45.84 -19.49
CA GLU E 116 -39.54 -47.28 -19.59
C GLU E 116 -40.64 -47.94 -20.41
N LEU E 117 -40.23 -48.91 -21.23
CA LEU E 117 -41.13 -49.74 -22.01
C LEU E 117 -41.01 -51.16 -21.46
N THR E 118 -42.15 -51.77 -21.15
CA THR E 118 -42.19 -53.03 -20.42
C THR E 118 -42.72 -54.17 -21.27
N THR E 119 -42.18 -55.35 -21.02
CA THR E 119 -42.54 -56.57 -21.72
C THR E 119 -42.91 -57.63 -20.69
N LYS E 120 -44.00 -58.34 -20.96
CA LYS E 120 -44.59 -59.27 -20.01
C LYS E 120 -43.63 -60.39 -19.59
N PRO F 17 -34.26 -17.75 20.48
CA PRO F 17 -33.22 -16.98 19.78
C PRO F 17 -33.03 -17.47 18.35
N LYS F 18 -33.14 -16.56 17.39
CA LYS F 18 -32.92 -16.91 15.99
C LYS F 18 -31.98 -15.99 15.23
N GLU F 19 -31.86 -14.71 15.61
CA GLU F 19 -30.94 -13.80 14.91
C GLU F 19 -29.51 -13.99 15.37
N LYS F 20 -29.32 -14.30 16.66
CA LYS F 20 -27.99 -14.65 17.13
C LYS F 20 -27.53 -15.96 16.48
N LEU F 21 -28.46 -16.89 16.27
CA LEU F 21 -28.12 -18.12 15.55
C LEU F 21 -27.74 -17.82 14.10
N ASP F 22 -28.45 -16.88 13.48
CA ASP F 22 -28.12 -16.51 12.10
C ASP F 22 -26.73 -15.90 12.01
N LEU F 23 -26.40 -14.99 12.93
CA LEU F 23 -25.08 -14.39 12.96
C LEU F 23 -24.00 -15.41 13.28
N TYR F 24 -24.29 -16.36 14.19
CA TYR F 24 -23.34 -17.41 14.52
C TYR F 24 -23.05 -18.29 13.31
N CYS F 25 -24.09 -18.65 12.55
CA CYS F 25 -23.90 -19.45 11.34
C CYS F 25 -23.09 -18.69 10.30
N GLU F 26 -23.39 -17.40 10.10
CA GLU F 26 -22.65 -16.62 9.13
C GLU F 26 -21.19 -16.47 9.53
N ALA F 27 -20.92 -16.25 10.81
CA ALA F 27 -19.55 -16.13 11.29
C ALA F 27 -18.80 -17.44 11.11
N LEU F 28 -19.47 -18.57 11.37
CA LEU F 28 -18.84 -19.87 11.12
C LEU F 28 -18.54 -20.06 9.64
N CYS F 29 -19.43 -19.58 8.76
CA CYS F 29 -19.20 -19.71 7.33
C CYS F 29 -18.07 -18.81 6.83
N ASP F 30 -17.90 -17.62 7.40
CA ASP F 30 -16.94 -16.67 6.88
C ASP F 30 -15.61 -16.61 7.62
N GLY F 31 -15.59 -16.69 8.94
CA GLY F 31 -14.32 -16.48 9.60
C GLY F 31 -13.57 -17.71 10.06
N PHE F 32 -13.90 -18.87 9.46
CA PHE F 32 -13.18 -20.13 9.61
C PHE F 32 -12.56 -20.37 10.99
N ASN F 33 -13.31 -20.11 12.06
CA ASN F 33 -12.82 -20.37 13.41
C ASN F 33 -14.01 -20.66 14.30
N LYS F 34 -13.91 -21.74 15.09
CA LYS F 34 -14.99 -22.04 16.02
C LYS F 34 -14.96 -21.09 17.21
N THR F 35 -13.75 -20.76 17.70
CA THR F 35 -13.65 -19.86 18.83
C THR F 35 -14.12 -18.46 18.45
N GLN F 36 -13.72 -17.99 17.27
CA GLN F 36 -14.16 -16.68 16.80
C GLN F 36 -15.67 -16.64 16.60
N ALA F 37 -16.24 -17.70 16.01
CA ALA F 37 -17.68 -17.75 15.82
C ALA F 37 -18.42 -17.76 17.15
N TYR F 38 -17.92 -18.52 18.13
CA TYR F 38 -18.59 -18.59 19.41
C TYR F 38 -18.50 -17.26 20.16
N ILE F 39 -17.34 -16.60 20.10
CA ILE F 39 -17.22 -15.30 20.75
C ILE F 39 -18.06 -14.26 20.01
N LYS F 40 -18.26 -14.43 18.71
CA LYS F 40 -19.14 -13.56 17.94
C LYS F 40 -20.61 -13.85 18.22
N ALA F 41 -20.92 -15.00 18.79
CA ALA F 41 -22.30 -15.33 19.17
C ALA F 41 -22.80 -14.46 20.33
N GLY F 42 -21.99 -13.50 20.77
CA GLY F 42 -22.39 -12.59 21.83
C GLY F 42 -22.11 -13.05 23.24
N PHE F 43 -21.18 -13.97 23.44
CA PHE F 43 -20.93 -14.57 24.73
C PHE F 43 -19.54 -14.20 25.24
N SER F 44 -19.20 -14.72 26.41
CA SER F 44 -17.94 -14.41 27.06
C SER F 44 -16.79 -15.10 26.35
N ALA F 45 -15.71 -14.37 26.11
CA ALA F 45 -14.54 -14.88 25.41
C ALA F 45 -13.81 -15.92 26.25
N PRO F 46 -13.70 -15.72 27.56
CA PRO F 46 -12.87 -16.64 28.37
C PRO F 46 -13.36 -18.08 28.37
N HIS F 47 -14.63 -18.31 28.73
CA HIS F 47 -15.18 -19.67 28.77
C HIS F 47 -15.86 -20.00 27.45
N ALA F 48 -15.03 -20.15 26.42
CA ALA F 48 -15.47 -20.40 25.05
C ALA F 48 -15.24 -21.83 24.59
N GLN F 49 -14.81 -22.72 25.48
CA GLN F 49 -14.45 -24.09 25.07
C GLN F 49 -15.51 -25.14 25.32
N ARG F 50 -16.42 -24.96 26.28
CA ARG F 50 -17.34 -26.05 26.61
C ARG F 50 -18.73 -25.90 26.01
N ASN F 51 -19.50 -24.88 26.45
CA ASN F 51 -20.87 -24.66 26.01
C ASN F 51 -21.04 -24.68 24.49
N VAL F 52 -19.95 -24.51 23.74
CA VAL F 52 -20.07 -24.35 22.29
C VAL F 52 -20.41 -25.68 21.61
N ALA F 53 -19.89 -26.79 22.11
CA ALA F 53 -20.28 -28.08 21.53
C ALA F 53 -21.77 -28.35 21.68
N PRO F 54 -22.38 -28.21 22.86
CA PRO F 54 -23.84 -28.38 22.95
C PRO F 54 -24.60 -27.36 22.12
N TYR F 55 -24.13 -26.11 22.10
CA TYR F 55 -24.82 -25.08 21.33
C TYR F 55 -24.82 -25.39 19.84
N HIS F 56 -23.70 -25.92 19.33
CA HIS F 56 -23.63 -26.24 17.91
C HIS F 56 -24.43 -27.51 17.58
N ARG F 57 -24.39 -28.52 18.46
CA ARG F 57 -25.10 -29.75 18.16
C ARG F 57 -26.62 -29.66 18.36
N LYS F 58 -27.09 -28.70 19.15
CA LYS F 58 -28.52 -28.63 19.44
C LYS F 58 -29.36 -27.96 18.35
N ASN F 59 -28.74 -27.31 17.37
CA ASN F 59 -29.46 -26.62 16.30
C ASN F 59 -28.88 -26.96 14.93
N ALA F 60 -28.45 -28.22 14.75
CA ALA F 60 -27.80 -28.61 13.51
C ALA F 60 -28.74 -28.50 12.31
N GLU F 61 -30.01 -28.88 12.48
CA GLU F 61 -30.94 -28.82 11.35
C GLU F 61 -31.14 -27.39 10.86
N TYR F 62 -31.31 -26.45 11.80
CA TYR F 62 -31.49 -25.06 11.38
C TYR F 62 -30.21 -24.49 10.81
N ILE F 63 -29.05 -24.89 11.35
CA ILE F 63 -27.78 -24.42 10.79
C ILE F 63 -27.64 -24.90 9.35
N GLN F 64 -27.97 -26.18 9.11
CA GLN F 64 -27.89 -26.73 7.76
C GLN F 64 -28.87 -26.03 6.81
N ALA F 65 -30.09 -25.76 7.28
CA ALA F 65 -31.07 -25.07 6.43
C ALA F 65 -30.59 -23.67 6.06
N TYR F 66 -30.04 -22.94 7.04
CA TYR F 66 -29.56 -21.59 6.76
C TYR F 66 -28.38 -21.61 5.79
N ILE F 67 -27.45 -22.55 5.99
CA ILE F 67 -26.29 -22.64 5.09
C ILE F 67 -26.73 -23.07 3.68
N SER F 68 -27.75 -23.93 3.59
CA SER F 68 -28.27 -24.29 2.27
C SER F 68 -28.88 -23.08 1.58
N GLU F 69 -29.60 -22.26 2.33
CA GLU F 69 -30.15 -21.04 1.73
C GLU F 69 -29.03 -20.10 1.31
N ARG F 70 -27.95 -20.05 2.10
CA ARG F 70 -26.80 -19.23 1.74
C ARG F 70 -26.15 -19.69 0.44
N ILE F 71 -25.97 -21.01 0.28
CA ILE F 71 -25.37 -21.52 -0.95
C ILE F 71 -26.32 -21.29 -2.13
N GLY F 72 -27.63 -21.43 -1.91
CA GLY F 72 -28.59 -21.19 -2.97
C GLY F 72 -28.73 -19.74 -3.39
N SER F 73 -28.43 -18.80 -2.49
CA SER F 73 -28.59 -17.39 -2.83
C SER F 73 -27.56 -16.90 -3.84
N ASP F 74 -26.46 -17.62 -4.03
CA ASP F 74 -25.48 -17.28 -5.05
C ASP F 74 -25.72 -18.02 -6.36
N ALA F 75 -26.76 -18.85 -6.43
CA ALA F 75 -27.09 -19.56 -7.67
C ALA F 75 -27.27 -18.63 -8.87
N PRO F 76 -27.95 -17.49 -8.77
CA PRO F 76 -28.00 -16.59 -9.94
C PRO F 76 -26.63 -16.16 -10.41
N ALA F 77 -25.67 -16.02 -9.50
CA ALA F 77 -24.30 -15.74 -9.92
C ALA F 77 -23.75 -16.88 -10.78
N ALA F 78 -24.05 -18.12 -10.41
CA ALA F 78 -23.62 -19.26 -11.23
C ALA F 78 -24.32 -19.25 -12.59
N ARG F 79 -25.58 -18.83 -12.62
CA ARG F 79 -26.29 -18.68 -13.89
C ARG F 79 -25.60 -17.66 -14.78
N LYS F 80 -25.22 -16.52 -14.20
CA LYS F 80 -24.50 -15.51 -14.95
C LYS F 80 -23.16 -16.03 -15.44
N VAL F 81 -22.47 -16.78 -14.59
CA VAL F 81 -21.15 -17.30 -14.94
C VAL F 81 -21.25 -18.27 -16.10
N VAL F 82 -22.21 -19.20 -16.05
CA VAL F 82 -22.33 -20.17 -17.12
C VAL F 82 -22.77 -19.50 -18.41
N LEU F 83 -23.66 -18.51 -18.33
CA LEU F 83 -24.06 -17.80 -19.55
C LEU F 83 -22.87 -17.05 -20.16
N GLU F 84 -22.08 -16.38 -19.31
CA GLU F 84 -20.95 -15.61 -19.81
C GLU F 84 -19.88 -16.51 -20.41
N ILE F 85 -19.62 -17.67 -19.80
CA ILE F 85 -18.65 -18.59 -20.38
C ILE F 85 -19.20 -19.19 -21.68
N MET F 86 -20.51 -19.41 -21.76
CA MET F 86 -21.12 -19.88 -23.01
C MET F 86 -21.09 -18.83 -24.10
N ASN F 87 -20.95 -17.55 -23.76
CA ASN F 87 -20.98 -16.49 -24.76
C ASN F 87 -19.60 -15.93 -25.09
N ASP F 88 -18.52 -16.55 -24.61
CA ASP F 88 -17.17 -16.07 -24.88
C ASP F 88 -16.63 -16.76 -26.13
N PRO F 89 -16.33 -16.02 -27.21
CA PRO F 89 -15.83 -16.66 -28.43
C PRO F 89 -14.40 -17.16 -28.32
N ASN F 90 -13.66 -16.72 -27.30
CA ASN F 90 -12.25 -17.05 -27.15
C ASN F 90 -12.05 -18.34 -26.35
N GLU F 91 -13.14 -19.01 -25.98
CA GLU F 91 -13.09 -20.25 -25.22
C GLU F 91 -13.16 -21.44 -26.16
N LYS F 92 -12.63 -22.57 -25.71
CA LYS F 92 -12.67 -23.79 -26.52
C LYS F 92 -14.12 -24.21 -26.74
N GLY F 93 -14.38 -24.80 -27.91
CA GLY F 93 -15.75 -25.11 -28.28
C GLY F 93 -16.44 -26.06 -27.31
N GLY F 94 -15.68 -27.01 -26.75
CA GLY F 94 -16.25 -27.97 -25.82
C GLY F 94 -16.85 -27.32 -24.58
N ILE F 95 -16.19 -26.28 -24.05
CA ILE F 95 -16.70 -25.64 -22.84
C ILE F 95 -18.02 -24.93 -23.12
N ARG F 96 -18.09 -24.21 -24.25
CA ARG F 96 -19.35 -23.57 -24.64
C ARG F 96 -20.43 -24.61 -24.89
N LEU F 97 -20.07 -25.72 -25.51
CA LEU F 97 -21.02 -26.80 -25.77
C LEU F 97 -21.58 -27.37 -24.46
N LYS F 98 -20.71 -27.62 -23.49
CA LYS F 98 -21.16 -28.15 -22.21
C LYS F 98 -22.01 -27.14 -21.44
N ALA F 99 -21.65 -25.85 -21.52
CA ALA F 99 -22.47 -24.82 -20.88
C ALA F 99 -23.86 -24.77 -21.50
N ALA F 100 -23.93 -24.85 -22.83
CA ALA F 100 -25.22 -24.89 -23.51
C ALA F 100 -26.01 -26.14 -23.10
N GLN F 101 -25.32 -27.28 -22.97
CA GLN F 101 -25.98 -28.51 -22.54
C GLN F 101 -26.61 -28.33 -21.17
N ASP F 102 -25.86 -27.74 -20.25
CA ASP F 102 -26.33 -27.54 -18.88
C ASP F 102 -27.50 -26.57 -18.84
N ILE F 103 -27.41 -25.47 -19.58
CA ILE F 103 -28.48 -24.49 -19.57
C ILE F 103 -29.74 -25.07 -20.21
N LEU F 104 -29.58 -25.89 -21.25
CA LEU F 104 -30.73 -26.56 -21.84
C LEU F 104 -31.33 -27.60 -20.89
N ASP F 105 -30.49 -28.28 -20.12
CA ASP F 105 -31.02 -29.23 -19.14
C ASP F 105 -31.91 -28.51 -18.12
N ARG F 106 -31.53 -27.31 -17.72
CA ARG F 106 -32.50 -26.53 -16.94
C ARG F 106 -33.66 -25.98 -17.79
N ALA F 107 -33.44 -25.75 -19.08
CA ALA F 107 -34.49 -25.17 -19.91
C ALA F 107 -35.72 -26.07 -20.01
N GLY F 108 -35.54 -27.38 -19.95
CA GLY F 108 -36.68 -28.28 -19.97
C GLY F 108 -36.69 -29.27 -21.12
N PHE F 109 -35.51 -29.58 -21.65
CA PHE F 109 -35.34 -30.57 -22.72
C PHE F 109 -34.41 -31.64 -22.19
N GLY F 110 -34.93 -32.84 -21.99
CA GLY F 110 -34.17 -33.87 -21.31
C GLY F 110 -33.82 -35.09 -22.14
N ALA F 111 -33.44 -36.17 -21.47
CA ALA F 111 -33.07 -37.41 -22.14
C ALA F 111 -34.32 -38.26 -22.40
N LYS F 112 -34.11 -39.43 -22.99
CA LYS F 112 -35.22 -40.22 -23.51
C LYS F 112 -35.19 -41.64 -22.93
N GLN F 113 -35.94 -42.53 -23.57
CA GLN F 113 -36.40 -43.79 -23.01
C GLN F 113 -35.28 -44.78 -22.69
N LYS F 114 -35.60 -45.67 -21.75
CA LYS F 114 -34.76 -46.80 -21.39
C LYS F 114 -35.70 -47.95 -21.05
N ILE F 115 -35.51 -49.10 -21.68
CA ILE F 115 -36.43 -50.22 -21.56
C ILE F 115 -35.78 -51.31 -20.72
N GLU F 116 -36.63 -52.04 -20.00
CA GLU F 116 -36.20 -53.16 -19.17
C GLU F 116 -36.88 -54.41 -19.67
N LEU F 117 -36.09 -55.48 -19.84
CA LEU F 117 -36.59 -56.78 -20.27
C LEU F 117 -36.22 -57.79 -19.19
N THR F 118 -37.18 -58.58 -18.75
CA THR F 118 -36.97 -59.50 -17.65
C THR F 118 -37.09 -60.94 -18.15
N THR F 119 -36.25 -61.81 -17.58
CA THR F 119 -36.20 -63.22 -17.94
C THR F 119 -36.30 -64.02 -16.65
N LYS F 120 -37.43 -64.69 -16.46
CA LYS F 120 -37.73 -65.38 -15.22
C LYS F 120 -38.80 -66.43 -15.44
N LEU G 15 -43.93 -1.01 -10.74
CA LEU G 15 -43.66 -0.25 -9.52
C LEU G 15 -44.28 -0.93 -8.31
N THR G 16 -45.05 -1.99 -8.57
CA THR G 16 -45.73 -2.72 -7.51
C THR G 16 -44.72 -3.42 -6.61
N PRO G 17 -45.12 -3.78 -5.39
CA PRO G 17 -44.20 -4.52 -4.51
C PRO G 17 -43.69 -5.81 -5.15
N LYS G 18 -44.54 -6.55 -5.87
CA LYS G 18 -44.01 -7.69 -6.62
C LYS G 18 -43.09 -7.24 -7.75
N GLU G 19 -43.27 -6.02 -8.25
CA GLU G 19 -42.37 -5.53 -9.29
C GLU G 19 -41.03 -5.13 -8.68
N LYS G 20 -41.07 -4.58 -7.48
CA LYS G 20 -39.83 -4.28 -6.80
C LYS G 20 -39.09 -5.56 -6.44
N LEU G 21 -39.82 -6.60 -6.03
CA LEU G 21 -39.17 -7.86 -5.69
C LEU G 21 -38.60 -8.57 -6.91
N ASP G 22 -39.31 -8.58 -8.04
CA ASP G 22 -38.74 -9.23 -9.22
C ASP G 22 -37.53 -8.44 -9.74
N LEU G 23 -37.60 -7.10 -9.69
CA LEU G 23 -36.42 -6.30 -10.04
C LEU G 23 -35.27 -6.59 -9.08
N TYR G 24 -35.57 -6.79 -7.80
CA TYR G 24 -34.56 -7.18 -6.82
C TYR G 24 -33.92 -8.51 -7.17
N CYS G 25 -34.74 -9.48 -7.59
CA CYS G 25 -34.18 -10.77 -7.99
C CYS G 25 -33.28 -10.62 -9.21
N GLU G 26 -33.70 -9.83 -10.19
CA GLU G 26 -32.88 -9.62 -11.37
C GLU G 26 -31.58 -8.90 -11.02
N ALA G 27 -31.66 -7.90 -10.14
CA ALA G 27 -30.47 -7.19 -9.70
C ALA G 27 -29.52 -8.10 -8.93
N LEU G 28 -30.06 -8.99 -8.10
CA LEU G 28 -29.22 -9.97 -7.40
C LEU G 28 -28.55 -10.91 -8.38
N CYS G 29 -29.26 -11.25 -9.46
CA CYS G 29 -28.67 -12.10 -10.49
C CYS G 29 -27.57 -11.38 -11.26
N ASP G 30 -27.68 -10.06 -11.38
CA ASP G 30 -26.74 -9.31 -12.22
C ASP G 30 -25.54 -8.76 -11.46
N GLY G 31 -25.73 -8.28 -10.23
CA GLY G 31 -24.64 -7.63 -9.51
C GLY G 31 -23.96 -8.47 -8.45
N PHE G 32 -24.66 -9.48 -7.91
CA PHE G 32 -24.09 -10.45 -6.99
C PHE G 32 -23.62 -9.82 -5.67
N ASN G 33 -24.48 -8.99 -5.09
CA ASN G 33 -24.22 -8.40 -3.78
C ASN G 33 -25.57 -8.19 -3.11
N LYS G 34 -25.69 -8.61 -1.85
CA LYS G 34 -26.99 -8.51 -1.17
C LYS G 34 -27.31 -7.08 -0.76
N THR G 35 -26.33 -6.32 -0.25
CA THR G 35 -26.62 -4.96 0.18
C THR G 35 -26.93 -4.06 -1.01
N GLN G 36 -26.13 -4.18 -2.07
CA GLN G 36 -26.38 -3.41 -3.29
C GLN G 36 -27.70 -3.82 -3.92
N ALA G 37 -28.00 -5.11 -3.94
CA ALA G 37 -29.28 -5.57 -4.47
C ALA G 37 -30.44 -5.02 -3.64
N TYR G 38 -30.27 -4.96 -2.32
CA TYR G 38 -31.33 -4.44 -1.45
C TYR G 38 -31.57 -2.97 -1.70
N ILE G 39 -30.49 -2.17 -1.85
CA ILE G 39 -30.69 -0.77 -2.14
C ILE G 39 -31.24 -0.58 -3.56
N LYS G 40 -30.91 -1.51 -4.47
CA LYS G 40 -31.47 -1.48 -5.81
C LYS G 40 -32.93 -1.96 -5.85
N ALA G 41 -33.38 -2.62 -4.78
CA ALA G 41 -34.78 -3.03 -4.72
C ALA G 41 -35.69 -1.83 -4.55
N GLY G 42 -35.23 -0.83 -3.80
CA GLY G 42 -35.98 0.41 -3.60
C GLY G 42 -36.13 0.80 -2.15
N PHE G 43 -35.25 0.28 -1.30
CA PHE G 43 -35.38 0.45 0.14
C PHE G 43 -34.22 1.29 0.68
N SER G 44 -34.24 1.48 2.00
CA SER G 44 -33.26 2.35 2.66
C SER G 44 -31.90 1.66 2.74
N ALA G 45 -30.85 2.43 2.41
CA ALA G 45 -29.48 1.94 2.42
C ALA G 45 -29.01 1.67 3.85
N PRO G 46 -29.41 2.51 4.82
CA PRO G 46 -28.86 2.37 6.18
C PRO G 46 -29.19 1.05 6.86
N HIS G 47 -30.21 0.33 6.42
CA HIS G 47 -30.59 -0.95 7.02
C HIS G 47 -30.46 -2.04 5.97
N ALA G 48 -29.22 -2.46 5.69
CA ALA G 48 -28.97 -3.47 4.68
C ALA G 48 -28.55 -4.82 5.24
N GLN G 49 -28.47 -4.97 6.57
CA GLN G 49 -28.09 -6.23 7.19
C GLN G 49 -29.24 -6.99 7.84
N ARG G 50 -30.30 -6.31 8.25
CA ARG G 50 -31.36 -6.94 9.02
C ARG G 50 -32.54 -7.37 8.15
N ASN G 51 -33.29 -6.39 7.63
CA ASN G 51 -34.45 -6.67 6.81
C ASN G 51 -34.16 -7.62 5.65
N VAL G 52 -32.89 -7.75 5.26
CA VAL G 52 -32.57 -8.49 4.04
C VAL G 52 -32.68 -10.00 4.25
N ALA G 53 -32.24 -10.50 5.41
CA ALA G 53 -32.40 -11.94 5.65
C ALA G 53 -33.86 -12.36 5.69
N PRO G 54 -34.73 -11.70 6.46
CA PRO G 54 -36.16 -12.07 6.41
C PRO G 54 -36.78 -11.86 5.04
N TYR G 55 -36.39 -10.78 4.33
CA TYR G 55 -36.97 -10.52 3.02
C TYR G 55 -36.60 -11.60 2.03
N HIS G 56 -35.36 -12.11 2.10
CA HIS G 56 -34.96 -13.18 1.21
C HIS G 56 -35.59 -14.51 1.61
N ARG G 57 -35.75 -14.74 2.92
CA ARG G 57 -36.29 -16.02 3.39
C ARG G 57 -37.79 -16.17 3.17
N LYS G 58 -38.54 -15.07 3.16
CA LYS G 58 -40.00 -15.16 3.05
C LYS G 58 -40.51 -15.23 1.61
N ASN G 59 -39.67 -15.01 0.61
CA ASN G 59 -40.11 -15.03 -0.79
C ASN G 59 -39.20 -15.91 -1.64
N ALA G 60 -38.73 -17.01 -1.06
CA ALA G 60 -37.80 -17.90 -1.77
C ALA G 60 -38.46 -18.53 -2.99
N GLU G 61 -39.75 -18.86 -2.90
CA GLU G 61 -40.43 -19.53 -4.01
C GLU G 61 -40.43 -18.67 -5.26
N TYR G 62 -40.75 -17.38 -5.11
CA TYR G 62 -40.75 -16.48 -6.26
C TYR G 62 -39.34 -16.25 -6.78
N ILE G 63 -38.35 -16.23 -5.89
CA ILE G 63 -36.96 -16.09 -6.32
C ILE G 63 -36.56 -17.27 -7.20
N GLN G 64 -36.94 -18.48 -6.77
CA GLN G 64 -36.65 -19.66 -7.57
C GLN G 64 -37.36 -19.60 -8.92
N ALA G 65 -38.62 -19.16 -8.92
CA ALA G 65 -39.34 -19.04 -10.19
C ALA G 65 -38.69 -18.03 -11.11
N TYR G 66 -38.23 -16.90 -10.57
CA TYR G 66 -37.61 -15.87 -11.39
C TYR G 66 -36.29 -16.34 -11.98
N ILE G 67 -35.46 -17.03 -11.17
CA ILE G 67 -34.20 -17.53 -11.70
C ILE G 67 -34.44 -18.61 -12.74
N SER G 68 -35.47 -19.45 -12.53
CA SER G 68 -35.81 -20.45 -13.54
C SER G 68 -36.23 -19.80 -14.85
N GLU G 69 -37.04 -18.75 -14.78
CA GLU G 69 -37.45 -18.06 -16.00
C GLU G 69 -36.26 -17.41 -16.69
N ARG G 70 -35.33 -16.85 -15.92
CA ARG G 70 -34.14 -16.26 -16.54
C ARG G 70 -33.32 -17.32 -17.24
N ILE G 71 -33.18 -18.50 -16.64
CA ILE G 71 -32.46 -19.60 -17.31
C ILE G 71 -33.20 -20.05 -18.56
N GLY G 72 -34.53 -20.12 -18.51
CA GLY G 72 -35.30 -20.55 -19.66
C GLY G 72 -35.33 -19.56 -20.81
N SER G 73 -35.22 -18.26 -20.51
CA SER G 73 -35.30 -17.27 -21.56
C SER G 73 -34.03 -17.21 -22.42
N ASP G 74 -32.92 -17.75 -21.93
CA ASP G 74 -31.68 -17.81 -22.71
C ASP G 74 -31.53 -19.12 -23.47
N ALA G 75 -32.50 -20.03 -23.36
CA ALA G 75 -32.43 -21.31 -24.06
C ALA G 75 -32.24 -21.20 -25.57
N PRO G 76 -32.91 -20.29 -26.31
CA PRO G 76 -32.65 -20.23 -27.75
C PRO G 76 -31.20 -19.92 -28.10
N ALA G 77 -30.50 -19.12 -27.28
CA ALA G 77 -29.08 -18.88 -27.54
C ALA G 77 -28.27 -20.18 -27.43
N ALA G 78 -28.55 -21.00 -26.42
CA ALA G 78 -27.85 -22.27 -26.28
C ALA G 78 -28.21 -23.24 -27.40
N ARG G 79 -29.47 -23.22 -27.86
CA ARG G 79 -29.87 -24.05 -28.99
C ARG G 79 -29.11 -23.63 -30.25
N LYS G 80 -28.99 -22.32 -30.48
CA LYS G 80 -28.22 -21.84 -31.63
C LYS G 80 -26.76 -22.24 -31.50
N VAL G 81 -26.21 -22.16 -30.28
CA VAL G 81 -24.81 -22.51 -30.08
C VAL G 81 -24.56 -23.97 -30.39
N VAL G 82 -25.43 -24.86 -29.88
CA VAL G 82 -25.22 -26.29 -30.11
C VAL G 82 -25.43 -26.63 -31.59
N LEU G 83 -26.42 -26.02 -32.24
CA LEU G 83 -26.63 -26.28 -33.66
C LEU G 83 -25.46 -25.79 -34.49
N GLU G 84 -24.94 -24.60 -34.21
CA GLU G 84 -23.82 -24.07 -34.96
C GLU G 84 -22.55 -24.88 -34.69
N ILE G 85 -22.37 -25.38 -33.47
CA ILE G 85 -21.22 -26.22 -33.18
C ILE G 85 -21.33 -27.54 -33.94
N MET G 86 -22.54 -28.07 -34.09
CA MET G 86 -22.72 -29.23 -34.94
C MET G 86 -22.53 -28.90 -36.42
N ASN G 87 -22.70 -27.63 -36.78
CA ASN G 87 -22.58 -27.18 -38.17
C ASN G 87 -21.30 -26.39 -38.42
N ASP G 88 -20.38 -26.32 -37.46
CA ASP G 88 -19.14 -25.59 -37.65
C ASP G 88 -18.07 -26.54 -38.18
N PRO G 89 -17.56 -26.35 -39.40
CA PRO G 89 -16.62 -27.32 -39.97
C PRO G 89 -15.22 -27.28 -39.37
N ASN G 90 -14.85 -26.22 -38.65
CA ASN G 90 -13.49 -26.05 -38.17
C ASN G 90 -13.26 -26.65 -36.79
N GLU G 91 -14.24 -27.35 -36.23
CA GLU G 91 -14.11 -27.88 -34.89
C GLU G 91 -13.59 -29.31 -34.89
N LYS G 92 -12.94 -29.67 -33.78
CA LYS G 92 -12.38 -30.99 -33.60
C LYS G 92 -13.51 -32.02 -33.60
N GLY G 93 -13.19 -33.24 -34.05
CA GLY G 93 -14.24 -34.22 -34.31
C GLY G 93 -15.06 -34.56 -33.09
N GLY G 94 -14.44 -34.59 -31.90
CA GLY G 94 -15.20 -34.91 -30.70
C GLY G 94 -16.30 -33.90 -30.43
N ILE G 95 -16.01 -32.62 -30.68
CA ILE G 95 -17.01 -31.58 -30.44
C ILE G 95 -18.18 -31.71 -31.41
N ARG G 96 -17.89 -31.97 -32.70
CA ARG G 96 -18.97 -32.17 -33.66
C ARG G 96 -19.81 -33.38 -33.30
N LEU G 97 -19.15 -34.47 -32.89
CA LEU G 97 -19.88 -35.68 -32.55
C LEU G 97 -20.78 -35.48 -31.33
N LYS G 98 -20.27 -34.81 -30.29
CA LYS G 98 -21.09 -34.56 -29.12
C LYS G 98 -22.26 -33.63 -29.43
N ALA G 99 -22.03 -32.61 -30.27
CA ALA G 99 -23.12 -31.73 -30.64
C ALA G 99 -24.21 -32.47 -31.41
N ALA G 100 -23.81 -33.29 -32.38
CA ALA G 100 -24.80 -34.06 -33.14
C ALA G 100 -25.56 -35.03 -32.25
N GLN G 101 -24.85 -35.74 -31.37
CA GLN G 101 -25.54 -36.67 -30.48
C GLN G 101 -26.52 -35.95 -29.58
N ASP G 102 -26.13 -34.79 -29.02
CA ASP G 102 -27.03 -34.05 -28.14
C ASP G 102 -28.25 -33.54 -28.89
N ILE G 103 -28.05 -32.99 -30.09
CA ILE G 103 -29.20 -32.46 -30.79
C ILE G 103 -30.14 -33.58 -31.19
N LEU G 104 -29.62 -34.76 -31.53
CA LEU G 104 -30.51 -35.90 -31.80
C LEU G 104 -31.23 -36.36 -30.54
N ASP G 105 -30.54 -36.32 -29.39
CA ASP G 105 -31.18 -36.69 -28.13
C ASP G 105 -32.37 -35.79 -27.83
N ARG G 106 -32.23 -34.50 -28.14
CA ARG G 106 -33.39 -33.62 -28.03
C ARG G 106 -34.39 -33.87 -29.15
N ALA G 107 -33.92 -34.28 -30.33
CA ALA G 107 -34.80 -34.51 -31.46
C ALA G 107 -35.78 -35.67 -31.22
N GLY G 108 -35.38 -36.67 -30.45
CA GLY G 108 -36.36 -37.71 -30.17
C GLY G 108 -36.04 -39.15 -30.56
N PHE G 109 -34.77 -39.54 -30.55
CA PHE G 109 -34.37 -40.91 -30.83
C PHE G 109 -33.72 -41.43 -29.56
N GLY G 110 -34.36 -42.43 -28.94
CA GLY G 110 -34.00 -42.83 -27.60
C GLY G 110 -32.75 -43.68 -27.49
N ALA G 111 -32.61 -44.25 -26.30
CA ALA G 111 -31.47 -45.06 -25.89
C ALA G 111 -31.65 -46.53 -26.25
N LYS G 112 -30.71 -47.34 -25.77
CA LYS G 112 -30.53 -48.74 -26.13
C LYS G 112 -31.54 -49.61 -25.39
N GLN G 113 -31.31 -50.92 -25.39
CA GLN G 113 -32.19 -51.90 -24.75
C GLN G 113 -31.43 -52.51 -23.58
N LYS G 114 -32.19 -53.00 -22.60
CA LYS G 114 -31.58 -53.63 -21.43
C LYS G 114 -32.41 -54.80 -20.93
N ILE G 115 -31.74 -55.91 -20.67
CA ILE G 115 -32.38 -57.13 -20.18
C ILE G 115 -32.04 -57.25 -18.70
N GLU G 116 -32.99 -57.74 -17.92
CA GLU G 116 -32.84 -57.82 -16.47
C GLU G 116 -33.02 -59.26 -15.99
N LEU G 117 -32.16 -59.67 -15.07
CA LEU G 117 -32.21 -60.98 -14.43
C LEU G 117 -32.43 -60.81 -12.94
N THR G 118 -33.40 -61.52 -12.39
CA THR G 118 -33.78 -61.43 -10.99
C THR G 118 -33.48 -62.76 -10.30
N THR G 119 -33.06 -62.68 -9.03
CA THR G 119 -32.73 -63.85 -8.24
C THR G 119 -33.51 -63.81 -6.94
N LYS G 120 -34.26 -64.87 -6.67
CA LYS G 120 -35.10 -64.95 -5.49
C LYS G 120 -34.27 -64.85 -4.21
N THR H 16 -54.75 -11.72 -38.21
CA THR H 16 -54.68 -13.17 -38.07
C THR H 16 -54.21 -13.52 -36.66
N PRO H 17 -55.03 -14.30 -35.94
CA PRO H 17 -54.78 -14.54 -34.51
C PRO H 17 -53.62 -15.47 -34.18
N LYS H 18 -53.37 -16.51 -34.98
CA LYS H 18 -52.52 -17.61 -34.54
C LYS H 18 -51.30 -17.86 -35.40
N GLU H 19 -51.29 -17.47 -36.67
CA GLU H 19 -50.09 -17.68 -37.47
C GLU H 19 -49.02 -16.67 -37.13
N LYS H 20 -49.44 -15.44 -36.80
CA LYS H 20 -48.49 -14.47 -36.30
C LYS H 20 -47.94 -14.90 -34.95
N LEU H 21 -48.75 -15.59 -34.15
CA LEU H 21 -48.25 -16.12 -32.88
C LEU H 21 -47.19 -17.20 -33.13
N ASP H 22 -47.38 -18.03 -34.16
CA ASP H 22 -46.34 -18.99 -34.52
C ASP H 22 -45.08 -18.28 -34.99
N LEU H 23 -45.24 -17.20 -35.76
CA LEU H 23 -44.09 -16.41 -36.17
C LEU H 23 -43.38 -15.80 -34.95
N TYR H 24 -44.15 -15.34 -33.97
CA TYR H 24 -43.55 -14.82 -32.74
C TYR H 24 -42.76 -15.90 -32.01
N CYS H 25 -43.31 -17.12 -31.97
CA CYS H 25 -42.59 -18.23 -31.34
C CYS H 25 -41.26 -18.47 -32.05
N GLU H 26 -41.29 -18.48 -33.38
CA GLU H 26 -40.05 -18.68 -34.14
C GLU H 26 -39.07 -17.53 -33.93
N ALA H 27 -39.57 -16.29 -33.86
CA ALA H 27 -38.70 -15.14 -33.65
C ALA H 27 -38.02 -15.20 -32.29
N LEU H 28 -38.76 -15.61 -31.25
CA LEU H 28 -38.14 -15.80 -29.95
C LEU H 28 -37.13 -16.94 -29.98
N CYS H 29 -37.44 -17.99 -30.75
CA CYS H 29 -36.52 -19.12 -30.85
C CYS H 29 -35.22 -18.74 -31.57
N ASP H 30 -35.29 -17.80 -32.52
CA ASP H 30 -34.11 -17.49 -33.32
C ASP H 30 -33.32 -16.28 -32.85
N GLY H 31 -33.97 -15.17 -32.49
CA GLY H 31 -33.20 -13.99 -32.17
C GLY H 31 -33.09 -13.53 -30.73
N PHE H 32 -33.30 -14.43 -29.76
CA PHE H 32 -33.07 -14.16 -28.33
C PHE H 32 -33.37 -12.73 -27.89
N ASN H 33 -34.51 -12.18 -28.29
CA ASN H 33 -34.91 -10.83 -27.89
C ASN H 33 -36.42 -10.78 -27.82
N LYS H 34 -36.94 -9.71 -27.22
CA LYS H 34 -38.38 -9.62 -27.02
C LYS H 34 -39.04 -8.39 -27.61
N THR H 35 -38.43 -7.20 -27.48
CA THR H 35 -39.11 -5.98 -27.88
C THR H 35 -39.27 -5.88 -29.40
N GLN H 36 -38.19 -6.16 -30.14
CA GLN H 36 -38.27 -6.07 -31.59
C GLN H 36 -39.23 -7.11 -32.17
N ALA H 37 -39.17 -8.35 -31.65
CA ALA H 37 -40.07 -9.38 -32.11
C ALA H 37 -41.51 -9.03 -31.80
N TYR H 38 -41.76 -8.48 -30.61
CA TYR H 38 -43.13 -8.13 -30.22
C TYR H 38 -43.68 -7.00 -31.09
N ILE H 39 -42.86 -5.98 -31.36
CA ILE H 39 -43.36 -4.89 -32.20
C ILE H 39 -43.51 -5.34 -33.65
N LYS H 40 -42.68 -6.27 -34.12
CA LYS H 40 -42.83 -6.78 -35.48
C LYS H 40 -43.96 -7.77 -35.63
N ALA H 41 -44.44 -8.38 -34.53
CA ALA H 41 -45.54 -9.32 -34.67
C ALA H 41 -46.85 -8.61 -35.00
N GLY H 42 -47.15 -7.50 -34.34
CA GLY H 42 -48.37 -6.80 -34.69
C GLY H 42 -49.30 -6.57 -33.51
N PHE H 43 -48.75 -6.55 -32.29
CA PHE H 43 -49.55 -6.53 -31.08
C PHE H 43 -49.44 -5.18 -30.39
N SER H 44 -50.08 -5.06 -29.22
CA SER H 44 -50.16 -3.79 -28.52
C SER H 44 -48.80 -3.44 -27.94
N ALA H 45 -48.18 -2.39 -28.48
CA ALA H 45 -46.86 -1.92 -28.11
C ALA H 45 -46.83 -1.24 -26.74
N PRO H 46 -47.84 -0.43 -26.41
CA PRO H 46 -47.76 0.37 -25.18
C PRO H 46 -47.64 -0.45 -23.91
N HIS H 47 -48.05 -1.72 -23.95
CA HIS H 47 -47.97 -2.61 -22.79
C HIS H 47 -47.23 -3.86 -23.29
N ALA H 48 -45.92 -3.77 -23.40
CA ALA H 48 -45.10 -4.85 -23.92
C ALA H 48 -44.36 -5.61 -22.83
N GLN H 49 -44.53 -5.23 -21.57
CA GLN H 49 -43.90 -5.92 -20.46
C GLN H 49 -44.88 -6.81 -19.73
N ARG H 50 -46.18 -6.53 -19.83
CA ARG H 50 -47.19 -7.28 -19.10
C ARG H 50 -47.85 -8.30 -20.03
N ASN H 51 -48.51 -7.83 -21.10
CA ASN H 51 -49.22 -8.67 -22.05
C ASN H 51 -48.39 -9.88 -22.46
N VAL H 52 -47.07 -9.73 -22.42
CA VAL H 52 -46.19 -10.83 -22.82
C VAL H 52 -46.13 -11.85 -21.70
N ALA H 53 -46.13 -11.40 -20.45
CA ALA H 53 -46.23 -12.33 -19.33
C ALA H 53 -47.55 -13.10 -19.40
N PRO H 54 -48.69 -12.45 -19.65
CA PRO H 54 -49.94 -13.22 -19.81
C PRO H 54 -49.89 -14.21 -20.96
N TYR H 55 -49.33 -13.83 -22.11
CA TYR H 55 -49.26 -14.81 -23.19
C TYR H 55 -48.32 -15.95 -22.86
N HIS H 56 -47.23 -15.68 -22.14
CA HIS H 56 -46.30 -16.75 -21.79
C HIS H 56 -46.94 -17.68 -20.78
N ARG H 57 -47.73 -17.14 -19.86
CA ARG H 57 -48.37 -17.96 -18.85
C ARG H 57 -49.52 -18.75 -19.45
N LYS H 58 -50.16 -18.24 -20.49
CA LYS H 58 -51.25 -18.95 -21.13
C LYS H 58 -50.78 -19.90 -22.23
N ASN H 59 -49.54 -19.76 -22.72
CA ASN H 59 -49.07 -20.62 -23.80
C ASN H 59 -47.66 -21.16 -23.57
N ALA H 60 -47.28 -21.43 -22.31
CA ALA H 60 -45.94 -21.95 -22.07
C ALA H 60 -45.75 -23.31 -22.73
N GLU H 61 -46.77 -24.17 -22.69
CA GLU H 61 -46.64 -25.47 -23.31
C GLU H 61 -46.47 -25.35 -24.82
N TYR H 62 -47.22 -24.44 -25.46
CA TYR H 62 -47.09 -24.27 -26.89
C TYR H 62 -45.74 -23.66 -27.25
N ILE H 63 -45.23 -22.75 -26.41
CA ILE H 63 -43.89 -22.20 -26.63
C ILE H 63 -42.85 -23.31 -26.55
N GLN H 64 -42.98 -24.19 -25.56
CA GLN H 64 -42.06 -25.31 -25.43
C GLN H 64 -42.14 -26.24 -26.64
N ALA H 65 -43.36 -26.51 -27.12
CA ALA H 65 -43.51 -27.36 -28.30
C ALA H 65 -42.86 -26.74 -29.52
N TYR H 66 -43.05 -25.42 -29.71
CA TYR H 66 -42.46 -24.76 -30.88
C TYR H 66 -40.94 -24.76 -30.80
N ILE H 67 -40.37 -24.46 -29.64
CA ILE H 67 -38.91 -24.47 -29.51
C ILE H 67 -38.36 -25.88 -29.67
N SER H 68 -39.10 -26.90 -29.17
CA SER H 68 -38.67 -28.27 -29.37
C SER H 68 -38.68 -28.63 -30.85
N GLU H 69 -39.69 -28.18 -31.60
CA GLU H 69 -39.71 -28.45 -33.03
C GLU H 69 -38.56 -27.73 -33.73
N ARG H 70 -38.25 -26.52 -33.27
CA ARG H 70 -37.14 -25.76 -33.85
C ARG H 70 -35.81 -26.48 -33.65
N ILE H 71 -35.57 -27.00 -32.45
CA ILE H 71 -34.32 -27.73 -32.21
C ILE H 71 -34.32 -29.08 -32.94
N GLY H 72 -35.47 -29.78 -32.97
CA GLY H 72 -35.53 -31.10 -33.59
C GLY H 72 -35.51 -31.15 -35.10
N SER H 73 -35.98 -30.10 -35.77
CA SER H 73 -36.08 -30.15 -37.23
C SER H 73 -34.73 -30.15 -37.95
N ASP H 74 -33.66 -29.81 -37.25
CA ASP H 74 -32.31 -29.83 -37.82
C ASP H 74 -31.63 -31.18 -37.63
N ALA H 75 -32.32 -32.15 -37.06
CA ALA H 75 -31.75 -33.48 -36.83
C ALA H 75 -31.17 -34.15 -38.08
N PRO H 76 -31.77 -34.08 -39.27
CA PRO H 76 -31.12 -34.73 -40.43
C PRO H 76 -29.73 -34.20 -40.74
N ALA H 77 -29.47 -32.91 -40.54
CA ALA H 77 -28.13 -32.37 -40.77
C ALA H 77 -27.11 -33.01 -39.82
N ALA H 78 -27.45 -33.10 -38.54
CA ALA H 78 -26.54 -33.75 -37.59
C ALA H 78 -26.40 -35.24 -37.85
N ARG H 79 -27.48 -35.90 -38.29
CA ARG H 79 -27.39 -37.31 -38.67
C ARG H 79 -26.42 -37.49 -39.83
N LYS H 80 -26.50 -36.59 -40.83
CA LYS H 80 -25.55 -36.64 -41.93
C LYS H 80 -24.14 -36.39 -41.43
N VAL H 81 -23.97 -35.47 -40.48
CA VAL H 81 -22.64 -35.17 -39.96
C VAL H 81 -22.05 -36.39 -39.26
N VAL H 82 -22.83 -37.04 -38.41
CA VAL H 82 -22.32 -38.20 -37.68
C VAL H 82 -22.05 -39.36 -38.64
N LEU H 83 -22.91 -39.56 -39.64
CA LEU H 83 -22.68 -40.63 -40.61
C LEU H 83 -21.42 -40.37 -41.43
N GLU H 84 -21.22 -39.12 -41.88
CA GLU H 84 -20.03 -38.82 -42.68
C GLU H 84 -18.76 -38.90 -41.84
N ILE H 85 -18.83 -38.51 -40.56
CA ILE H 85 -17.65 -38.65 -39.71
C ILE H 85 -17.33 -40.12 -39.49
N MET H 86 -18.36 -40.98 -39.44
CA MET H 86 -18.10 -42.41 -39.34
C MET H 86 -17.47 -42.97 -40.62
N ASN H 87 -17.62 -42.28 -41.76
CA ASN H 87 -17.10 -42.79 -43.02
C ASN H 87 -15.86 -42.05 -43.52
N ASP H 88 -15.32 -41.10 -42.75
CA ASP H 88 -14.14 -40.38 -43.18
C ASP H 88 -12.90 -41.03 -42.61
N PRO H 89 -11.98 -41.56 -43.45
CA PRO H 89 -10.81 -42.26 -42.91
C PRO H 89 -9.77 -41.33 -42.29
N ASN H 90 -9.85 -40.02 -42.51
CA ASN H 90 -8.83 -39.09 -42.06
C ASN H 90 -9.09 -38.54 -40.66
N GLU H 91 -10.11 -39.04 -39.96
CA GLU H 91 -10.43 -38.61 -38.62
C GLU H 91 -9.85 -39.57 -37.58
N LYS H 92 -9.69 -39.05 -36.36
CA LYS H 92 -9.11 -39.83 -35.27
C LYS H 92 -9.97 -41.06 -34.96
N GLY H 93 -9.30 -42.15 -34.56
CA GLY H 93 -9.99 -43.42 -34.41
C GLY H 93 -11.08 -43.40 -33.35
N GLY H 94 -10.85 -42.67 -32.26
CA GLY H 94 -11.86 -42.61 -31.21
C GLY H 94 -13.14 -41.98 -31.73
N ILE H 95 -13.02 -40.98 -32.59
CA ILE H 95 -14.20 -40.30 -33.12
C ILE H 95 -15.00 -41.24 -34.00
N ARG H 96 -14.32 -42.00 -34.85
CA ARG H 96 -15.01 -42.96 -35.70
C ARG H 96 -15.68 -44.05 -34.85
N LEU H 97 -14.99 -44.51 -33.79
CA LEU H 97 -15.59 -45.54 -32.94
C LEU H 97 -16.84 -45.02 -32.26
N LYS H 98 -16.79 -43.79 -31.73
CA LYS H 98 -17.96 -43.24 -31.05
C LYS H 98 -19.11 -43.00 -32.03
N ALA H 99 -18.80 -42.55 -33.25
CA ALA H 99 -19.85 -42.37 -34.26
C ALA H 99 -20.50 -43.70 -34.63
N ALA H 100 -19.69 -44.75 -34.80
CA ALA H 100 -20.23 -46.07 -35.09
C ALA H 100 -21.09 -46.56 -33.93
N GLN H 101 -20.63 -46.32 -32.69
CA GLN H 101 -21.41 -46.70 -31.52
C GLN H 101 -22.76 -46.01 -31.52
N ASP H 102 -22.79 -44.71 -31.83
CA ASP H 102 -24.06 -43.97 -31.86
C ASP H 102 -24.98 -44.50 -32.95
N ILE H 103 -24.45 -44.74 -34.15
CA ILE H 103 -25.30 -45.18 -35.25
C ILE H 103 -25.84 -46.58 -34.97
N LEU H 104 -25.04 -47.45 -34.35
CA LEU H 104 -25.54 -48.77 -33.97
C LEU H 104 -26.56 -48.67 -32.84
N ASP H 105 -26.36 -47.75 -31.89
CA ASP H 105 -27.36 -47.54 -30.85
C ASP H 105 -28.68 -47.12 -31.44
N ARG H 106 -28.64 -46.33 -32.51
CA ARG H 106 -29.88 -46.03 -33.22
C ARG H 106 -30.39 -47.26 -33.96
N ALA H 107 -29.47 -48.10 -34.46
CA ALA H 107 -29.90 -49.32 -35.14
C ALA H 107 -30.61 -50.27 -34.18
N GLY H 108 -30.22 -50.24 -32.90
CA GLY H 108 -30.90 -51.01 -31.87
C GLY H 108 -30.06 -52.04 -31.14
N PHE H 109 -28.75 -51.85 -31.09
CA PHE H 109 -27.87 -52.75 -30.35
C PHE H 109 -27.05 -51.94 -29.33
N GLY H 110 -27.35 -52.16 -28.05
CA GLY H 110 -26.80 -51.41 -26.94
C GLY H 110 -26.01 -52.31 -26.02
N ALA H 111 -25.85 -51.89 -24.76
CA ALA H 111 -25.15 -52.72 -23.80
C ALA H 111 -26.12 -53.78 -23.27
N LYS H 112 -25.65 -54.62 -22.35
CA LYS H 112 -26.37 -55.85 -22.05
C LYS H 112 -26.78 -56.02 -20.59
N GLN H 113 -27.12 -57.25 -20.25
CA GLN H 113 -27.94 -57.60 -19.10
C GLN H 113 -27.24 -57.30 -17.77
N LYS H 114 -28.08 -57.17 -16.75
CA LYS H 114 -27.70 -56.92 -15.37
C LYS H 114 -28.58 -57.77 -14.47
N ILE H 115 -27.97 -58.48 -13.52
CA ILE H 115 -28.70 -59.42 -12.67
C ILE H 115 -28.90 -58.78 -11.31
N GLU H 116 -30.08 -58.99 -10.73
CA GLU H 116 -30.43 -58.39 -9.45
C GLU H 116 -30.87 -59.46 -8.45
N LEU H 117 -30.39 -59.34 -7.22
CA LEU H 117 -30.76 -60.22 -6.12
C LEU H 117 -31.37 -59.37 -5.01
N THR H 118 -32.53 -59.77 -4.51
CA THR H 118 -33.26 -59.01 -3.51
C THR H 118 -33.33 -59.77 -2.19
N THR H 119 -33.19 -59.03 -1.09
CA THR H 119 -33.23 -59.59 0.27
C THR H 119 -34.19 -58.73 1.10
N LYS H 120 -35.44 -59.16 1.19
CA LYS H 120 -36.44 -58.44 1.98
C LYS H 120 -36.39 -58.88 3.44
N LYS I 18 -49.77 -40.86 -50.82
CA LYS I 18 -48.85 -41.47 -49.87
C LYS I 18 -47.43 -41.51 -50.43
N GLU I 19 -47.33 -41.41 -51.76
CA GLU I 19 -46.02 -41.39 -52.39
C GLU I 19 -45.38 -40.00 -52.32
N LYS I 20 -46.20 -38.96 -52.41
CA LYS I 20 -45.68 -37.60 -52.32
C LYS I 20 -45.16 -37.31 -50.91
N LEU I 21 -45.85 -37.80 -49.89
CA LEU I 21 -45.38 -37.59 -48.52
C LEU I 21 -44.08 -38.34 -48.26
N ASP I 22 -43.94 -39.56 -48.78
CA ASP I 22 -42.69 -40.30 -48.61
C ASP I 22 -41.54 -39.61 -49.34
N LEU I 23 -41.79 -39.11 -50.56
CA LEU I 23 -40.74 -38.38 -51.27
C LEU I 23 -40.37 -37.11 -50.54
N TYR I 24 -41.36 -36.41 -49.97
CA TYR I 24 -41.08 -35.22 -49.17
C TYR I 24 -40.24 -35.56 -47.94
N CYS I 25 -40.56 -36.66 -47.28
CA CYS I 25 -39.78 -37.08 -46.12
C CYS I 25 -38.34 -37.38 -46.51
N GLU I 26 -38.14 -38.09 -47.63
CA GLU I 26 -36.78 -38.41 -48.06
C GLU I 26 -36.01 -37.16 -48.44
N ALA I 27 -36.67 -36.23 -49.15
CA ALA I 27 -36.01 -34.99 -49.55
C ALA I 27 -35.64 -34.13 -48.34
N LEU I 28 -36.54 -34.04 -47.36
CA LEU I 28 -36.23 -33.29 -46.15
C LEU I 28 -35.11 -33.97 -45.35
N CYS I 29 -35.10 -35.30 -45.34
CA CYS I 29 -34.05 -36.03 -44.63
C CYS I 29 -32.70 -35.86 -45.29
N ASP I 30 -32.67 -35.66 -46.61
CA ASP I 30 -31.41 -35.61 -47.33
C ASP I 30 -30.89 -34.19 -47.52
N GLY I 31 -31.76 -33.21 -47.75
CA GLY I 31 -31.32 -31.84 -47.95
C GLY I 31 -31.73 -30.75 -46.95
N PHE I 32 -32.10 -31.09 -45.71
CA PHE I 32 -32.33 -30.14 -44.62
C PHE I 32 -32.96 -28.79 -45.01
N ASN I 33 -34.06 -28.80 -45.77
CA ASN I 33 -34.70 -27.55 -46.16
C ASN I 33 -36.20 -27.81 -46.23
N LYS I 34 -36.98 -26.93 -45.59
CA LYS I 34 -38.43 -27.09 -45.62
C LYS I 34 -39.01 -26.62 -46.94
N THR I 35 -38.72 -25.37 -47.32
CA THR I 35 -39.32 -24.80 -48.52
C THR I 35 -38.74 -25.42 -49.78
N GLN I 36 -37.42 -25.62 -49.82
CA GLN I 36 -36.78 -26.19 -51.00
C GLN I 36 -37.26 -27.62 -51.24
N ALA I 37 -37.32 -28.44 -50.19
CA ALA I 37 -37.84 -29.79 -50.34
C ALA I 37 -39.31 -29.79 -50.74
N TYR I 38 -40.10 -28.89 -50.13
CA TYR I 38 -41.53 -28.87 -50.43
C TYR I 38 -41.79 -28.45 -51.87
N ILE I 39 -41.06 -27.46 -52.37
CA ILE I 39 -41.20 -27.07 -53.77
C ILE I 39 -40.66 -28.16 -54.68
N LYS I 40 -39.67 -28.94 -54.20
CA LYS I 40 -39.17 -30.06 -54.98
C LYS I 40 -40.16 -31.22 -54.98
N ALA I 41 -41.14 -31.21 -54.07
CA ALA I 41 -42.16 -32.27 -54.08
C ALA I 41 -43.03 -32.19 -55.32
N GLY I 42 -43.35 -30.98 -55.78
CA GLY I 42 -44.14 -30.82 -56.98
C GLY I 42 -45.36 -29.94 -56.81
N PHE I 43 -45.30 -29.03 -55.84
CA PHE I 43 -46.46 -28.26 -55.41
C PHE I 43 -46.28 -26.78 -55.77
N SER I 44 -47.24 -25.96 -55.36
CA SER I 44 -47.27 -24.57 -55.77
C SER I 44 -46.17 -23.76 -55.09
N ALA I 45 -45.44 -22.98 -55.89
CA ALA I 45 -44.33 -22.15 -55.47
C ALA I 45 -44.80 -20.91 -54.71
N PRO I 46 -45.90 -20.27 -55.15
CA PRO I 46 -46.26 -18.96 -54.56
C PRO I 46 -46.53 -19.00 -53.07
N HIS I 47 -47.10 -20.09 -52.56
CA HIS I 47 -47.39 -20.23 -51.13
C HIS I 47 -46.61 -21.44 -50.61
N ALA I 48 -45.32 -21.24 -50.37
CA ALA I 48 -44.45 -22.31 -49.91
C ALA I 48 -44.11 -22.20 -48.43
N GLN I 49 -44.67 -21.21 -47.73
CA GLN I 49 -44.43 -20.99 -46.31
C GLN I 49 -45.59 -21.44 -45.43
N ARG I 50 -46.81 -21.50 -45.97
CA ARG I 50 -47.99 -21.81 -45.18
C ARG I 50 -48.37 -23.29 -45.29
N ASN I 51 -48.82 -23.72 -46.47
CA ASN I 51 -49.23 -25.10 -46.69
C ASN I 51 -48.20 -26.12 -46.19
N VAL I 52 -46.93 -25.73 -46.07
CA VAL I 52 -45.91 -26.70 -45.70
C VAL I 52 -45.98 -27.02 -44.22
N ALA I 53 -46.29 -26.03 -43.38
CA ALA I 53 -46.51 -26.31 -41.97
C ALA I 53 -47.67 -27.27 -41.76
N PRO I 54 -48.83 -27.06 -42.39
CA PRO I 54 -49.90 -28.06 -42.25
C PRO I 54 -49.54 -29.43 -42.80
N TYR I 55 -48.82 -29.48 -43.93
CA TYR I 55 -48.44 -30.78 -44.48
C TYR I 55 -47.49 -31.52 -43.54
N HIS I 56 -46.60 -30.78 -42.87
CA HIS I 56 -45.71 -31.40 -41.89
C HIS I 56 -46.48 -31.81 -40.64
N ARG I 57 -47.50 -31.03 -40.28
CA ARG I 57 -48.28 -31.30 -39.08
C ARG I 57 -49.18 -32.51 -39.24
N LYS I 58 -49.60 -32.83 -40.48
CA LYS I 58 -50.51 -33.93 -40.70
C LYS I 58 -49.80 -35.29 -40.84
N ASN I 59 -48.48 -35.32 -40.99
CA ASN I 59 -47.75 -36.56 -41.22
C ASN I 59 -46.52 -36.67 -40.32
N ALA I 60 -46.62 -36.22 -39.07
CA ALA I 60 -45.46 -36.25 -38.19
C ALA I 60 -44.98 -37.67 -37.91
N GLU I 61 -45.93 -38.60 -37.73
CA GLU I 61 -45.56 -39.98 -37.43
C GLU I 61 -44.76 -40.60 -38.56
N TYR I 62 -45.22 -40.40 -39.80
CA TYR I 62 -44.51 -40.98 -40.93
C TYR I 62 -43.15 -40.33 -41.13
N ILE I 63 -43.04 -39.02 -40.89
CA ILE I 63 -41.76 -38.35 -41.00
C ILE I 63 -40.76 -38.92 -40.00
N GLN I 64 -41.22 -39.11 -38.76
CA GLN I 64 -40.34 -39.69 -37.75
C GLN I 64 -39.94 -41.11 -38.12
N ALA I 65 -40.89 -41.91 -38.61
CA ALA I 65 -40.56 -43.29 -38.99
C ALA I 65 -39.58 -43.33 -40.16
N TYR I 66 -39.77 -42.46 -41.15
CA TYR I 66 -38.88 -42.44 -42.30
C TYR I 66 -37.48 -42.03 -41.92
N ILE I 67 -37.35 -40.98 -41.10
CA ILE I 67 -36.01 -40.56 -40.68
C ILE I 67 -35.35 -41.63 -39.83
N SER I 68 -36.11 -42.30 -38.95
CA SER I 68 -35.53 -43.36 -38.13
C SER I 68 -35.04 -44.52 -38.99
N GLU I 69 -35.84 -44.96 -39.97
CA GLU I 69 -35.42 -46.09 -40.79
C GLU I 69 -34.23 -45.70 -41.67
N ARG I 70 -34.20 -44.45 -42.16
CA ARG I 70 -33.05 -44.00 -42.95
C ARG I 70 -31.79 -43.99 -42.12
N ILE I 71 -31.86 -43.52 -40.87
CA ILE I 71 -30.69 -43.53 -40.01
C ILE I 71 -30.26 -44.95 -39.68
N GLY I 72 -31.22 -45.85 -39.46
CA GLY I 72 -30.89 -47.23 -39.14
C GLY I 72 -30.33 -48.03 -40.30
N SER I 73 -30.66 -47.66 -41.54
CA SER I 73 -30.22 -48.42 -42.70
C SER I 73 -28.74 -48.29 -43.01
N ASP I 74 -28.03 -47.32 -42.42
CA ASP I 74 -26.60 -47.14 -42.64
C ASP I 74 -25.74 -47.88 -41.63
N ALA I 75 -26.35 -48.63 -40.72
CA ALA I 75 -25.60 -49.38 -39.70
C ALA I 75 -24.54 -50.34 -40.24
N PRO I 76 -24.76 -51.12 -41.32
CA PRO I 76 -23.71 -52.04 -41.76
C PRO I 76 -22.38 -51.39 -42.12
N ALA I 77 -22.38 -50.20 -42.71
CA ALA I 77 -21.12 -49.54 -43.03
C ALA I 77 -20.31 -49.25 -41.77
N ALA I 78 -20.97 -48.72 -40.73
CA ALA I 78 -20.27 -48.45 -39.49
C ALA I 78 -19.85 -49.75 -38.78
N ARG I 79 -20.67 -50.80 -38.88
CA ARG I 79 -20.27 -52.08 -38.31
C ARG I 79 -19.00 -52.58 -38.98
N LYS I 80 -18.92 -52.48 -40.31
CA LYS I 80 -17.72 -52.86 -41.02
C LYS I 80 -16.54 -51.97 -40.60
N VAL I 81 -16.79 -50.68 -40.41
CA VAL I 81 -15.72 -49.77 -40.03
C VAL I 81 -15.16 -50.12 -38.66
N VAL I 82 -16.04 -50.40 -37.69
CA VAL I 82 -15.58 -50.72 -36.35
C VAL I 82 -14.87 -52.07 -36.33
N LEU I 83 -15.36 -53.04 -37.12
CA LEU I 83 -14.67 -54.31 -37.21
C LEU I 83 -13.28 -54.14 -37.83
N GLU I 84 -13.19 -53.30 -38.88
CA GLU I 84 -11.91 -53.10 -39.56
C GLU I 84 -10.91 -52.37 -38.67
N ILE I 85 -11.38 -51.40 -37.89
CA ILE I 85 -10.45 -50.72 -36.98
C ILE I 85 -10.02 -51.68 -35.88
N MET I 86 -10.89 -52.62 -35.50
CA MET I 86 -10.47 -53.63 -34.53
C MET I 86 -9.41 -54.57 -35.08
N ASN I 87 -9.34 -54.75 -36.41
CA ASN I 87 -8.36 -55.66 -37.00
C ASN I 87 -7.23 -54.97 -37.74
N ASP I 88 -7.16 -53.63 -37.72
CA ASP I 88 -6.08 -52.91 -38.40
C ASP I 88 -4.96 -52.62 -37.40
N PRO I 89 -3.75 -53.14 -37.63
CA PRO I 89 -2.67 -52.96 -36.64
C PRO I 89 -2.10 -51.55 -36.59
N ASN I 90 -2.38 -50.68 -37.55
CA ASN I 90 -1.74 -49.38 -37.60
C ASN I 90 -2.47 -48.31 -36.81
N GLU I 91 -3.59 -48.65 -36.18
CA GLU I 91 -4.34 -47.72 -35.34
C GLU I 91 -3.97 -47.98 -33.88
N LYS I 92 -4.21 -46.99 -33.02
CA LYS I 92 -3.84 -47.09 -31.62
C LYS I 92 -4.54 -48.28 -30.97
N GLY I 93 -3.82 -48.94 -30.05
CA GLY I 93 -4.32 -50.17 -29.45
C GLY I 93 -5.58 -49.98 -28.63
N GLY I 94 -5.68 -48.84 -27.94
CA GLY I 94 -6.87 -48.58 -27.14
C GLY I 94 -8.12 -48.55 -27.99
N ILE I 95 -8.02 -48.03 -29.21
CA ILE I 95 -9.17 -47.98 -30.09
C ILE I 95 -9.59 -49.38 -30.47
N ARG I 96 -8.62 -50.27 -30.75
CA ARG I 96 -8.94 -51.65 -31.05
C ARG I 96 -9.60 -52.33 -29.86
N LEU I 97 -9.10 -52.06 -28.65
CA LEU I 97 -9.71 -52.66 -27.46
C LEU I 97 -11.15 -52.20 -27.28
N LYS I 98 -11.40 -50.90 -27.44
CA LYS I 98 -12.76 -50.39 -27.27
C LYS I 98 -13.70 -50.92 -28.36
N ALA I 99 -13.21 -51.01 -29.59
CA ALA I 99 -14.01 -51.59 -30.67
C ALA I 99 -14.34 -53.05 -30.42
N ALA I 100 -13.34 -53.82 -29.96
CA ALA I 100 -13.58 -55.23 -29.65
C ALA I 100 -14.58 -55.37 -28.51
N GLN I 101 -14.46 -54.52 -27.49
CA GLN I 101 -15.42 -54.55 -26.39
C GLN I 101 -16.83 -54.26 -26.91
N ASP I 102 -16.96 -53.27 -27.78
CA ASP I 102 -18.29 -52.92 -28.29
C ASP I 102 -18.89 -54.07 -29.09
N ILE I 103 -18.11 -54.65 -30.00
CA ILE I 103 -18.66 -55.70 -30.85
C ILE I 103 -18.97 -56.95 -30.02
N LEU I 104 -18.15 -57.27 -29.02
CA LEU I 104 -18.44 -58.41 -28.16
C LEU I 104 -19.67 -58.13 -27.31
N ASP I 105 -19.85 -56.89 -26.86
CA ASP I 105 -21.07 -56.53 -26.15
C ASP I 105 -22.29 -56.69 -27.04
N ARG I 106 -22.15 -56.43 -28.33
CA ARG I 106 -23.24 -56.75 -29.25
C ARG I 106 -23.44 -58.25 -29.36
N ALA I 107 -22.37 -59.03 -29.17
CA ALA I 107 -22.50 -60.48 -29.23
C ALA I 107 -23.40 -61.01 -28.11
N GLY I 108 -23.45 -60.32 -26.97
CA GLY I 108 -24.37 -60.73 -25.92
C GLY I 108 -23.82 -61.07 -24.55
N PHE I 109 -22.69 -60.48 -24.15
CA PHE I 109 -22.11 -60.71 -22.83
C PHE I 109 -22.00 -59.40 -22.07
N GLY I 110 -22.77 -59.29 -20.98
CA GLY I 110 -22.95 -58.07 -20.24
C GLY I 110 -22.39 -58.09 -18.83
N ALA I 111 -22.89 -57.19 -17.98
CA ALA I 111 -22.41 -57.07 -16.60
C ALA I 111 -23.11 -58.08 -15.68
N LYS I 112 -22.76 -58.01 -14.40
CA LYS I 112 -23.08 -59.06 -13.43
C LYS I 112 -23.83 -58.49 -12.22
N GLN I 113 -23.84 -59.28 -11.15
CA GLN I 113 -24.81 -59.19 -10.06
C GLN I 113 -24.76 -57.84 -9.34
N LYS I 114 -25.91 -57.44 -8.80
CA LYS I 114 -26.06 -56.23 -7.99
C LYS I 114 -27.11 -56.48 -6.92
N ILE I 115 -26.80 -56.14 -5.66
CA ILE I 115 -27.67 -56.41 -4.52
C ILE I 115 -28.23 -55.09 -3.99
N GLU I 116 -29.49 -55.12 -3.54
CA GLU I 116 -30.18 -53.96 -2.99
C GLU I 116 -30.70 -54.27 -1.59
N LEU I 117 -30.55 -53.31 -0.68
CA LEU I 117 -31.08 -53.42 0.67
C LEU I 117 -32.05 -52.28 0.93
N THR I 118 -33.28 -52.62 1.32
CA THR I 118 -34.33 -51.63 1.60
C THR I 118 -35.51 -52.24 2.34
N THR I 119 -35.76 -51.81 3.57
CA THR I 119 -36.91 -52.34 4.31
C THR I 119 -37.71 -51.24 4.98
N LYS I 120 -37.04 -50.14 5.34
CA LYS I 120 -37.64 -49.04 6.09
C LYS I 120 -38.31 -49.54 7.36
N PRO J 14 -93.83 -63.57 24.02
CA PRO J 14 -94.45 -62.62 23.09
C PRO J 14 -95.91 -62.33 23.43
N LEU J 15 -96.50 -63.20 24.23
CA LEU J 15 -97.92 -63.13 24.61
C LEU J 15 -98.02 -63.45 26.09
N THR J 16 -99.24 -63.81 26.55
CA THR J 16 -99.55 -63.98 27.96
C THR J 16 -99.35 -62.65 28.67
N PRO J 17 -100.27 -61.69 28.48
CA PRO J 17 -100.04 -60.30 28.90
C PRO J 17 -99.63 -60.11 30.36
N LYS J 18 -99.81 -61.12 31.21
CA LYS J 18 -99.28 -60.99 32.57
C LYS J 18 -97.76 -61.04 32.58
N GLU J 19 -97.18 -61.72 31.58
CA GLU J 19 -95.73 -61.74 31.46
C GLU J 19 -95.24 -60.42 30.87
N LYS J 20 -96.04 -59.83 29.99
CA LYS J 20 -95.73 -58.52 29.46
C LYS J 20 -95.79 -57.48 30.56
N LEU J 21 -96.77 -57.60 31.46
CA LEU J 21 -96.88 -56.67 32.58
C LEU J 21 -95.73 -56.82 33.57
N ASP J 22 -95.30 -58.06 33.85
CA ASP J 22 -94.16 -58.23 34.73
C ASP J 22 -92.88 -57.68 34.10
N LEU J 23 -92.68 -57.93 32.80
CA LEU J 23 -91.53 -57.35 32.12
C LEU J 23 -91.59 -55.83 32.09
N TYR J 24 -92.79 -55.27 31.91
CA TYR J 24 -92.96 -53.82 31.94
C TYR J 24 -92.61 -53.25 33.31
N CYS J 25 -93.02 -53.93 34.38
CA CYS J 25 -92.66 -53.49 35.71
C CYS J 25 -91.15 -53.55 35.92
N GLU J 26 -90.51 -54.62 35.44
CA GLU J 26 -89.05 -54.72 35.57
C GLU J 26 -88.36 -53.61 34.78
N ALA J 27 -88.86 -53.31 33.59
CA ALA J 27 -88.30 -52.23 32.78
C ALA J 27 -88.47 -50.88 33.47
N LEU J 28 -89.63 -50.66 34.09
CA LEU J 28 -89.82 -49.43 34.85
C LEU J 28 -88.86 -49.37 36.02
N CYS J 29 -88.56 -50.52 36.63
CA CYS J 29 -87.57 -50.55 37.70
C CYS J 29 -86.18 -50.23 37.16
N ASP J 30 -85.90 -50.60 35.91
CA ASP J 30 -84.60 -50.39 35.30
C ASP J 30 -84.54 -49.12 34.45
N GLY J 31 -85.62 -48.82 33.72
CA GLY J 31 -85.65 -47.68 32.83
C GLY J 31 -86.46 -46.56 33.45
N PHE J 32 -85.80 -45.42 33.68
CA PHE J 32 -86.43 -44.25 34.27
C PHE J 32 -87.20 -43.39 33.27
N ASN J 33 -88.04 -43.99 32.45
CA ASN J 33 -88.88 -43.24 31.53
C ASN J 33 -90.16 -44.04 31.30
N LYS J 34 -91.31 -43.39 31.41
CA LYS J 34 -92.58 -44.08 31.21
C LYS J 34 -92.84 -44.34 29.73
N THR J 35 -92.51 -43.38 28.86
CA THR J 35 -92.73 -43.61 27.44
C THR J 35 -91.81 -44.71 26.93
N GLN J 36 -90.54 -44.67 27.35
CA GLN J 36 -89.60 -45.72 26.99
C GLN J 36 -90.04 -47.06 27.58
N ALA J 37 -90.52 -47.06 28.82
CA ALA J 37 -91.02 -48.30 29.43
C ALA J 37 -92.19 -48.86 28.65
N TYR J 38 -93.10 -48.00 28.20
CA TYR J 38 -94.25 -48.46 27.43
C TYR J 38 -93.81 -49.01 26.08
N ILE J 39 -92.83 -48.37 25.45
CA ILE J 39 -92.32 -48.90 24.18
C ILE J 39 -91.62 -50.22 24.41
N LYS J 40 -91.01 -50.39 25.58
CA LYS J 40 -90.41 -51.66 25.95
C LYS J 40 -91.45 -52.70 26.38
N ALA J 41 -92.68 -52.28 26.67
CA ALA J 41 -93.70 -53.24 27.04
C ALA J 41 -94.11 -54.11 25.85
N GLY J 42 -94.23 -53.51 24.66
CA GLY J 42 -94.52 -54.28 23.47
C GLY J 42 -95.71 -53.81 22.67
N PHE J 43 -96.10 -52.55 22.83
CA PHE J 43 -97.31 -52.00 22.23
C PHE J 43 -96.94 -50.92 21.20
N SER J 44 -97.97 -50.31 20.63
CA SER J 44 -97.74 -49.31 19.58
C SER J 44 -97.18 -48.04 20.21
N ALA J 45 -96.10 -47.53 19.64
CA ALA J 45 -95.37 -46.37 20.14
C ALA J 45 -96.09 -45.04 19.89
N PRO J 46 -96.70 -44.85 18.73
CA PRO J 46 -97.23 -43.53 18.37
C PRO J 46 -98.31 -43.06 19.33
N HIS J 47 -98.60 -41.75 19.26
CA HIS J 47 -99.59 -41.11 20.13
C HIS J 47 -99.18 -41.30 21.60
N ALA J 48 -98.10 -40.62 21.95
CA ALA J 48 -97.46 -40.82 23.26
C ALA J 48 -97.91 -39.81 24.30
N GLN J 49 -99.23 -39.73 24.44
CA GLN J 49 -99.90 -38.95 25.47
C GLN J 49 -101.00 -39.74 26.16
N ARG J 50 -101.57 -40.75 25.50
CA ARG J 50 -102.64 -41.57 26.05
C ARG J 50 -102.22 -43.04 26.04
N ASN J 51 -103.16 -43.92 26.41
CA ASN J 51 -103.01 -45.37 26.46
C ASN J 51 -102.12 -45.84 27.60
N VAL J 52 -101.32 -44.93 28.16
CA VAL J 52 -100.43 -45.30 29.25
C VAL J 52 -101.11 -45.14 30.61
N ALA J 53 -101.93 -44.09 30.74
CA ALA J 53 -102.66 -43.87 31.98
C ALA J 53 -103.63 -45.00 32.31
N PRO J 54 -104.48 -45.47 31.39
CA PRO J 54 -105.34 -46.61 31.72
C PRO J 54 -104.57 -47.89 32.04
N TYR J 55 -103.51 -48.18 31.29
CA TYR J 55 -102.72 -49.38 31.55
C TYR J 55 -102.01 -49.31 32.89
N HIS J 56 -101.49 -48.14 33.25
CA HIS J 56 -100.79 -47.98 34.52
C HIS J 56 -101.77 -47.96 35.68
N ARG J 57 -102.97 -47.42 35.47
CA ARG J 57 -103.97 -47.28 36.52
C ARG J 57 -104.62 -48.60 36.92
N LYS J 58 -104.70 -49.56 36.00
CA LYS J 58 -105.39 -50.81 36.31
C LYS J 58 -104.52 -51.85 37.01
N ASN J 59 -103.21 -51.65 37.10
CA ASN J 59 -102.34 -52.63 37.72
C ASN J 59 -101.37 -52.01 38.71
N ALA J 60 -101.79 -50.97 39.43
CA ALA J 60 -100.90 -50.32 40.39
C ALA J 60 -100.56 -51.27 41.54
N GLU J 61 -101.54 -52.06 41.98
CA GLU J 61 -101.30 -53.00 43.07
C GLU J 61 -100.25 -54.03 42.68
N TYR J 62 -100.31 -54.52 41.45
CA TYR J 62 -99.32 -55.47 40.98
C TYR J 62 -97.95 -54.82 40.88
N ILE J 63 -97.89 -53.53 40.51
CA ILE J 63 -96.62 -52.82 40.48
C ILE J 63 -96.02 -52.76 41.88
N GLN J 64 -96.86 -52.43 42.87
CA GLN J 64 -96.37 -52.38 44.25
C GLN J 64 -95.91 -53.74 44.74
N ALA J 65 -96.66 -54.80 44.40
CA ALA J 65 -96.27 -56.15 44.81
C ALA J 65 -94.94 -56.55 44.20
N TYR J 66 -94.75 -56.25 42.91
CA TYR J 66 -93.49 -56.58 42.25
C TYR J 66 -92.33 -55.80 42.85
N ILE J 67 -92.55 -54.52 43.16
CA ILE J 67 -91.49 -53.71 43.77
C ILE J 67 -91.12 -54.28 45.13
N SER J 68 -92.12 -54.68 45.91
CA SER J 68 -91.86 -55.28 47.21
C SER J 68 -91.10 -56.58 47.08
N GLU J 69 -91.47 -57.41 46.11
CA GLU J 69 -90.79 -58.68 45.93
C GLU J 69 -89.34 -58.47 45.50
N ARG J 70 -89.09 -57.51 44.61
CA ARG J 70 -87.72 -57.24 44.20
C ARG J 70 -86.89 -56.72 45.36
N ILE J 71 -87.45 -55.83 46.17
CA ILE J 71 -86.74 -55.31 47.33
C ILE J 71 -86.45 -56.43 48.33
N GLY J 72 -87.41 -57.33 48.55
CA GLY J 72 -87.16 -58.42 49.48
C GLY J 72 -86.15 -59.42 48.96
N SER J 73 -86.10 -59.63 47.64
CA SER J 73 -85.12 -60.55 47.09
C SER J 73 -83.73 -59.94 47.02
N ASP J 74 -83.62 -58.61 47.01
CA ASP J 74 -82.31 -57.98 47.05
C ASP J 74 -81.87 -57.59 48.46
N ALA J 75 -82.74 -57.76 49.44
CA ALA J 75 -82.36 -57.47 50.83
C ALA J 75 -81.15 -58.24 51.36
N PRO J 76 -80.98 -59.55 51.10
CA PRO J 76 -79.81 -60.25 51.67
C PRO J 76 -78.46 -59.67 51.25
N ALA J 77 -78.33 -59.16 50.02
CA ALA J 77 -77.06 -58.55 49.63
C ALA J 77 -76.74 -57.33 50.47
N ALA J 78 -77.73 -56.47 50.71
CA ALA J 78 -77.52 -55.30 51.56
C ALA J 78 -77.28 -55.69 53.01
N ARG J 79 -77.93 -56.75 53.48
CA ARG J 79 -77.65 -57.25 54.83
C ARG J 79 -76.19 -57.69 54.94
N LYS J 80 -75.69 -58.38 53.91
CA LYS J 80 -74.29 -58.77 53.89
C LYS J 80 -73.40 -57.52 53.86
N VAL J 81 -73.81 -56.49 53.11
CA VAL J 81 -73.02 -55.27 53.01
C VAL J 81 -72.90 -54.58 54.36
N VAL J 82 -74.03 -54.46 55.08
CA VAL J 82 -73.99 -53.80 56.38
C VAL J 82 -73.19 -54.63 57.38
N LEU J 83 -73.29 -55.95 57.32
CA LEU J 83 -72.46 -56.78 58.19
C LEU J 83 -70.98 -56.60 57.89
N GLU J 84 -70.62 -56.53 56.59
CA GLU J 84 -69.23 -56.35 56.21
C GLU J 84 -68.71 -54.99 56.65
N ILE J 85 -69.57 -53.96 56.59
CA ILE J 85 -69.17 -52.64 57.09
C ILE J 85 -68.98 -52.71 58.60
N MET J 86 -69.77 -53.54 59.28
CA MET J 86 -69.54 -53.78 60.70
C MET J 86 -68.25 -54.53 60.95
N ASN J 87 -67.72 -55.22 59.93
CA ASN J 87 -66.51 -56.01 60.06
C ASN J 87 -65.28 -55.36 59.42
N ASP J 88 -65.36 -54.10 58.99
CA ASP J 88 -64.24 -53.42 58.37
C ASP J 88 -63.43 -52.70 59.44
N PRO J 89 -62.17 -53.08 59.69
CA PRO J 89 -61.42 -52.43 60.78
C PRO J 89 -60.92 -51.04 60.45
N ASN J 90 -60.81 -50.68 59.18
CA ASN J 90 -60.27 -49.38 58.78
C ASN J 90 -61.41 -48.39 58.54
N GLU J 91 -62.26 -48.22 59.55
CA GLU J 91 -63.42 -47.35 59.43
C GLU J 91 -63.66 -46.62 60.75
N LYS J 92 -64.37 -45.50 60.65
CA LYS J 92 -64.63 -44.67 61.82
C LYS J 92 -65.46 -45.43 62.85
N GLY J 93 -65.18 -45.15 64.13
CA GLY J 93 -65.77 -45.93 65.21
C GLY J 93 -67.29 -45.80 65.29
N GLY J 94 -67.81 -44.59 65.01
CA GLY J 94 -69.26 -44.40 65.09
C GLY J 94 -70.02 -45.29 64.13
N ILE J 95 -69.47 -45.50 62.93
CA ILE J 95 -70.13 -46.34 61.95
C ILE J 95 -70.15 -47.78 62.43
N ARG J 96 -69.05 -48.24 63.01
CA ARG J 96 -69.00 -49.58 63.57
C ARG J 96 -70.01 -49.76 64.69
N LEU J 97 -70.14 -48.75 65.56
CA LEU J 97 -71.12 -48.82 66.64
C LEU J 97 -72.54 -48.89 66.10
N LYS J 98 -72.84 -48.07 65.08
CA LYS J 98 -74.18 -48.10 64.50
C LYS J 98 -74.47 -49.44 63.84
N ALA J 99 -73.49 -50.01 63.14
CA ALA J 99 -73.67 -51.31 62.50
C ALA J 99 -73.90 -52.40 63.54
N ALA J 100 -73.11 -52.41 64.62
CA ALA J 100 -73.29 -53.41 65.66
C ALA J 100 -74.66 -53.27 66.32
N GLN J 101 -75.08 -52.03 66.60
CA GLN J 101 -76.41 -51.80 67.16
C GLN J 101 -77.49 -52.30 66.22
N ASP J 102 -77.35 -52.03 64.93
CA ASP J 102 -78.36 -52.44 63.97
C ASP J 102 -78.50 -53.96 63.93
N ILE J 103 -77.38 -54.67 63.79
CA ILE J 103 -77.51 -56.12 63.69
C ILE J 103 -77.96 -56.75 65.01
N LEU J 104 -77.54 -56.19 66.15
CA LEU J 104 -78.01 -56.73 67.43
C LEU J 104 -79.51 -56.49 67.60
N ASP J 105 -80.02 -55.33 67.18
CA ASP J 105 -81.45 -55.09 67.18
C ASP J 105 -82.17 -56.03 66.20
N ARG J 106 -81.49 -56.40 65.10
CA ARG J 106 -82.06 -57.37 64.18
C ARG J 106 -82.16 -58.75 64.81
N ALA J 107 -81.23 -59.07 65.72
CA ALA J 107 -81.26 -60.38 66.36
C ALA J 107 -82.52 -60.58 67.19
N GLY J 108 -83.05 -59.51 67.78
CA GLY J 108 -84.31 -59.61 68.50
C GLY J 108 -84.24 -59.25 69.96
N PHE J 109 -83.28 -58.42 70.35
CA PHE J 109 -83.14 -57.96 71.72
C PHE J 109 -83.14 -56.43 71.74
N GLY J 110 -84.19 -55.85 72.31
CA GLY J 110 -84.42 -54.42 72.24
C GLY J 110 -84.36 -53.69 73.57
N ALA J 111 -84.94 -52.50 73.63
CA ALA J 111 -84.95 -51.70 74.85
C ALA J 111 -86.09 -52.15 75.77
N LYS J 112 -86.21 -51.46 76.92
CA LYS J 112 -87.09 -51.95 77.98
C LYS J 112 -88.14 -50.93 78.42
N GLN J 113 -88.76 -51.20 79.57
CA GLN J 113 -90.05 -50.65 79.95
C GLN J 113 -90.03 -49.15 80.20
N LYS J 114 -91.21 -48.56 80.05
CA LYS J 114 -91.55 -47.19 80.39
C LYS J 114 -92.99 -47.21 80.89
N ILE J 115 -93.26 -46.51 81.98
CA ILE J 115 -94.52 -46.66 82.71
C ILE J 115 -95.47 -45.51 82.40
N GLU J 116 -96.76 -45.85 82.33
CA GLU J 116 -97.84 -44.91 82.01
C GLU J 116 -98.90 -44.97 83.11
N LEU J 117 -98.93 -43.99 84.02
CA LEU J 117 -100.00 -43.92 85.00
C LEU J 117 -101.23 -43.29 84.36
N THR J 118 -102.38 -43.96 84.48
CA THR J 118 -103.62 -43.48 83.90
C THR J 118 -104.35 -42.57 84.87
N THR J 119 -104.99 -41.55 84.33
CA THR J 119 -105.70 -40.56 85.14
C THR J 119 -107.11 -40.39 84.60
N LYS J 120 -108.06 -40.17 85.51
CA LYS J 120 -109.46 -40.03 85.15
C LYS J 120 -109.70 -38.90 84.17
N LEU K 15 -77.74 -85.83 49.83
CA LEU K 15 -79.00 -85.35 49.28
C LEU K 15 -79.98 -85.05 50.40
N THR K 16 -79.60 -84.12 51.27
CA THR K 16 -80.40 -83.78 52.42
C THR K 16 -81.71 -83.09 52.00
N PRO K 17 -82.77 -83.20 52.81
CA PRO K 17 -84.07 -82.64 52.40
C PRO K 17 -84.13 -81.12 52.35
N LYS K 18 -83.71 -80.43 53.42
CA LYS K 18 -84.00 -79.01 53.55
C LYS K 18 -82.74 -78.14 53.66
N GLU K 19 -81.56 -78.69 53.41
CA GLU K 19 -80.33 -77.91 53.41
C GLU K 19 -80.12 -77.17 52.09
N LYS K 20 -80.68 -77.72 51.01
CA LYS K 20 -80.54 -77.12 49.69
C LYS K 20 -81.18 -75.74 49.61
N LEU K 21 -82.33 -75.54 50.24
CA LEU K 21 -82.94 -74.21 50.23
C LEU K 21 -82.13 -73.19 51.03
N ASP K 22 -81.55 -73.61 52.16
CA ASP K 22 -80.71 -72.70 52.93
C ASP K 22 -79.47 -72.29 52.15
N LEU K 23 -78.85 -73.25 51.45
CA LEU K 23 -77.73 -72.92 50.58
C LEU K 23 -78.18 -72.01 49.43
N TYR K 24 -79.39 -72.21 48.93
CA TYR K 24 -79.96 -71.32 47.93
C TYR K 24 -80.07 -69.90 48.46
N CYS K 25 -80.50 -69.76 49.72
CA CYS K 25 -80.56 -68.45 50.36
C CYS K 25 -79.18 -67.82 50.43
N GLU K 26 -78.17 -68.61 50.79
CA GLU K 26 -76.81 -68.08 50.86
C GLU K 26 -76.29 -67.65 49.49
N ALA K 27 -76.60 -68.42 48.45
CA ALA K 27 -76.19 -68.03 47.11
C ALA K 27 -76.87 -66.73 46.69
N LEU K 28 -78.14 -66.58 47.06
CA LEU K 28 -78.83 -65.31 46.80
C LEU K 28 -78.18 -64.17 47.58
N CYS K 29 -77.70 -64.45 48.80
CA CYS K 29 -77.04 -63.45 49.61
C CYS K 29 -75.71 -63.05 49.01
N ASP K 30 -75.03 -63.95 48.30
CA ASP K 30 -73.69 -63.62 47.84
C ASP K 30 -73.69 -63.04 46.42
N GLY K 31 -74.44 -63.62 45.48
CA GLY K 31 -74.35 -63.09 44.14
C GLY K 31 -75.54 -62.30 43.64
N PHE K 32 -76.41 -61.85 44.58
CA PHE K 32 -77.55 -60.97 44.33
C PHE K 32 -78.20 -61.22 42.97
N ASN K 33 -78.41 -62.49 42.61
CA ASN K 33 -79.04 -62.84 41.34
C ASN K 33 -79.74 -64.18 41.52
N LYS K 34 -80.98 -64.25 41.06
CA LYS K 34 -81.75 -65.49 41.16
C LYS K 34 -81.28 -66.49 40.11
N THR K 35 -80.96 -66.02 38.90
CA THR K 35 -80.63 -66.92 37.81
C THR K 35 -79.31 -67.64 38.06
N GLN K 36 -78.29 -66.93 38.55
CA GLN K 36 -77.00 -67.58 38.80
C GLN K 36 -77.13 -68.65 39.87
N ALA K 37 -77.82 -68.33 40.96
CA ALA K 37 -78.01 -69.31 42.02
C ALA K 37 -78.84 -70.49 41.54
N TYR K 38 -79.87 -70.24 40.74
CA TYR K 38 -80.73 -71.33 40.28
C TYR K 38 -80.00 -72.25 39.32
N ILE K 39 -79.24 -71.70 38.36
CA ILE K 39 -78.53 -72.55 37.43
C ILE K 39 -77.34 -73.26 38.08
N LYS K 40 -76.68 -72.61 39.04
CA LYS K 40 -75.57 -73.25 39.73
C LYS K 40 -76.00 -74.23 40.80
N ALA K 41 -77.25 -74.17 41.27
CA ALA K 41 -77.64 -75.09 42.32
C ALA K 41 -77.78 -76.52 41.83
N GLY K 42 -78.85 -76.85 41.11
CA GLY K 42 -78.92 -78.19 40.54
C GLY K 42 -79.87 -78.44 39.38
N PHE K 43 -80.38 -77.42 38.71
CA PHE K 43 -81.43 -77.68 37.73
C PHE K 43 -81.06 -77.29 36.31
N SER K 44 -82.01 -77.55 35.42
CA SER K 44 -81.90 -77.31 33.99
C SER K 44 -82.12 -75.84 33.66
N ALA K 45 -81.29 -75.32 32.76
CA ALA K 45 -81.36 -73.95 32.31
C ALA K 45 -82.63 -73.74 31.48
N PRO K 46 -83.11 -74.79 30.79
CA PRO K 46 -84.22 -74.59 29.85
C PRO K 46 -85.49 -74.04 30.48
N HIS K 47 -85.73 -74.27 31.77
CA HIS K 47 -86.91 -73.73 32.45
C HIS K 47 -86.41 -73.01 33.70
N ALA K 48 -85.82 -71.83 33.50
CA ALA K 48 -85.25 -71.04 34.57
C ALA K 48 -86.00 -69.76 34.89
N GLN K 49 -87.11 -69.48 34.21
CA GLN K 49 -87.85 -68.25 34.48
C GLN K 49 -89.09 -68.47 35.34
N ARG K 50 -89.68 -69.66 35.30
CA ARG K 50 -90.90 -69.90 36.07
C ARG K 50 -90.62 -70.66 37.35
N ASN K 51 -90.14 -71.90 37.24
CA ASN K 51 -89.86 -72.77 38.38
C ASN K 51 -89.13 -72.05 39.52
N VAL K 52 -88.34 -71.03 39.17
CA VAL K 52 -87.60 -70.32 40.21
C VAL K 52 -88.54 -69.36 40.92
N ALA K 53 -89.47 -68.76 40.18
CA ALA K 53 -90.53 -67.99 40.79
C ALA K 53 -91.34 -68.87 41.71
N PRO K 54 -91.72 -70.09 41.31
CA PRO K 54 -92.45 -70.96 42.25
C PRO K 54 -91.66 -71.28 43.51
N TYR K 55 -90.36 -71.58 43.41
CA TYR K 55 -89.62 -71.86 44.65
C TYR K 55 -89.54 -70.64 45.54
N HIS K 56 -89.30 -69.47 44.96
CA HIS K 56 -89.14 -68.28 45.77
C HIS K 56 -90.47 -67.84 46.37
N ARG K 57 -91.58 -68.04 45.65
CA ARG K 57 -92.86 -67.64 46.19
C ARG K 57 -93.37 -68.59 47.26
N LYS K 58 -93.14 -69.90 47.09
CA LYS K 58 -93.66 -70.83 48.10
C LYS K 58 -92.67 -71.12 49.23
N ASN K 59 -91.43 -70.64 49.18
CA ASN K 59 -90.50 -70.91 50.26
C ASN K 59 -89.94 -69.61 50.84
N ALA K 60 -90.74 -68.55 50.78
CA ALA K 60 -90.33 -67.26 51.32
C ALA K 60 -90.18 -67.33 52.83
N GLU K 61 -91.06 -68.08 53.50
CA GLU K 61 -91.00 -68.18 54.96
C GLU K 61 -89.70 -68.85 55.39
N TYR K 62 -89.32 -69.93 54.69
CA TYR K 62 -88.08 -70.63 55.01
C TYR K 62 -86.86 -69.77 54.69
N ILE K 63 -86.93 -68.99 53.59
CA ILE K 63 -85.84 -68.09 53.26
C ILE K 63 -85.67 -67.02 54.35
N GLN K 64 -86.78 -66.45 54.82
CA GLN K 64 -86.73 -65.46 55.87
C GLN K 64 -86.18 -66.04 57.16
N ALA K 65 -86.60 -67.26 57.51
CA ALA K 65 -86.07 -67.89 58.72
C ALA K 65 -84.57 -68.12 58.60
N TYR K 66 -84.10 -68.55 57.43
CA TYR K 66 -82.68 -68.81 57.25
C TYR K 66 -81.86 -67.52 57.32
N ILE K 67 -82.34 -66.43 56.70
CA ILE K 67 -81.58 -65.18 56.76
C ILE K 67 -81.58 -64.63 58.18
N SER K 68 -82.71 -64.74 58.90
CA SER K 68 -82.74 -64.27 60.29
C SER K 68 -81.78 -65.06 61.16
N GLU K 69 -81.75 -66.38 60.99
CA GLU K 69 -80.82 -67.18 61.79
C GLU K 69 -79.37 -66.87 61.44
N ARG K 70 -79.08 -66.57 60.16
CA ARG K 70 -77.72 -66.15 59.82
C ARG K 70 -77.34 -64.84 60.51
N ILE K 71 -78.28 -63.89 60.55
CA ILE K 71 -77.98 -62.64 61.25
C ILE K 71 -77.73 -62.90 62.73
N GLY K 72 -78.50 -63.82 63.32
CA GLY K 72 -78.26 -64.17 64.70
C GLY K 72 -76.94 -64.89 64.89
N SER K 73 -76.50 -65.65 63.88
CA SER K 73 -75.21 -66.33 63.97
C SER K 73 -74.04 -65.40 63.76
N ASP K 74 -74.26 -64.24 63.13
CA ASP K 74 -73.22 -63.24 63.00
C ASP K 74 -73.28 -62.20 64.11
N ALA K 75 -74.32 -62.25 64.95
CA ALA K 75 -74.41 -61.34 66.09
C ALA K 75 -73.24 -61.41 67.07
N PRO K 76 -72.70 -62.57 67.46
CA PRO K 76 -71.61 -62.58 68.45
C PRO K 76 -70.36 -61.79 68.06
N ALA K 77 -70.01 -61.77 66.78
CA ALA K 77 -68.88 -60.93 66.36
C ALA K 77 -69.17 -59.47 66.65
N ALA K 78 -70.40 -59.03 66.39
CA ALA K 78 -70.79 -57.67 66.70
C ALA K 78 -70.81 -57.42 68.20
N ARG K 79 -71.19 -58.41 69.00
CA ARG K 79 -71.13 -58.24 70.45
C ARG K 79 -69.70 -57.99 70.91
N LYS K 80 -68.76 -58.76 70.38
CA LYS K 80 -67.35 -58.53 70.71
C LYS K 80 -66.90 -57.16 70.24
N VAL K 81 -67.33 -56.76 69.04
CA VAL K 81 -66.93 -55.47 68.48
C VAL K 81 -67.47 -54.32 69.33
N VAL K 82 -68.74 -54.38 69.72
CA VAL K 82 -69.31 -53.30 70.51
C VAL K 82 -68.66 -53.25 71.88
N LEU K 83 -68.33 -54.41 72.46
CA LEU K 83 -67.64 -54.38 73.76
C LEU K 83 -66.26 -53.75 73.63
N GLU K 84 -65.51 -54.10 72.58
CA GLU K 84 -64.16 -53.54 72.43
C GLU K 84 -64.23 -52.05 72.12
N ILE K 85 -65.23 -51.61 71.36
CA ILE K 85 -65.38 -50.18 71.09
C ILE K 85 -65.76 -49.44 72.38
N MET K 86 -66.56 -50.08 73.24
CA MET K 86 -66.84 -49.49 74.54
C MET K 86 -65.60 -49.46 75.43
N ASN K 87 -64.62 -50.32 75.16
CA ASN K 87 -63.40 -50.39 75.96
C ASN K 87 -62.18 -49.79 75.27
N ASP K 88 -62.34 -49.16 74.10
CA ASP K 88 -61.21 -48.58 73.39
C ASP K 88 -61.05 -47.12 73.82
N PRO K 89 -59.94 -46.75 74.48
CA PRO K 89 -59.83 -45.37 74.98
C PRO K 89 -59.48 -44.32 73.93
N ASN K 90 -58.98 -44.69 72.76
CA ASN K 90 -58.50 -43.69 71.81
C ASN K 90 -59.57 -43.24 70.82
N GLU K 91 -60.80 -43.72 70.97
CA GLU K 91 -61.90 -43.35 70.10
C GLU K 91 -62.70 -42.23 70.75
N LYS K 92 -63.51 -41.55 69.94
CA LYS K 92 -64.24 -40.38 70.45
C LYS K 92 -65.11 -40.78 71.63
N GLY K 93 -65.19 -39.86 72.61
CA GLY K 93 -65.86 -40.18 73.86
C GLY K 93 -67.33 -40.47 73.70
N GLY K 94 -67.99 -39.75 72.79
CA GLY K 94 -69.41 -39.97 72.57
C GLY K 94 -69.71 -41.38 72.11
N ILE K 95 -68.81 -41.95 71.30
CA ILE K 95 -69.02 -43.31 70.81
C ILE K 95 -68.97 -44.30 71.96
N ARG K 96 -68.01 -44.15 72.86
CA ARG K 96 -67.96 -45.01 74.04
C ARG K 96 -69.19 -44.83 74.92
N LEU K 97 -69.65 -43.58 75.06
CA LEU K 97 -70.85 -43.33 75.85
C LEU K 97 -72.06 -44.05 75.26
N LYS K 98 -72.24 -43.96 73.95
CA LYS K 98 -73.35 -44.62 73.30
C LYS K 98 -73.22 -46.14 73.38
N ALA K 99 -71.99 -46.65 73.28
CA ALA K 99 -71.79 -48.09 73.45
C ALA K 99 -72.19 -48.55 74.85
N ALA K 100 -71.79 -47.78 75.87
CA ALA K 100 -72.18 -48.10 77.24
C ALA K 100 -73.69 -48.02 77.40
N GLN K 101 -74.33 -47.03 76.79
CA GLN K 101 -75.78 -46.91 76.83
C GLN K 101 -76.43 -48.14 76.21
N ASP K 102 -75.92 -48.58 75.06
CA ASP K 102 -76.49 -49.74 74.38
C ASP K 102 -76.34 -51.00 75.21
N ILE K 103 -75.13 -51.23 75.76
CA ILE K 103 -74.92 -52.46 76.52
C ILE K 103 -75.74 -52.46 77.80
N LEU K 104 -75.89 -51.31 78.45
CA LEU K 104 -76.72 -51.26 79.65
C LEU K 104 -78.19 -51.48 79.30
N ASP K 105 -78.64 -50.92 78.17
CA ASP K 105 -80.02 -51.18 77.72
C ASP K 105 -80.22 -52.65 77.39
N ARG K 106 -79.19 -53.32 76.89
CA ARG K 106 -79.29 -54.76 76.64
C ARG K 106 -79.29 -55.54 77.95
N ALA K 107 -78.63 -55.03 78.98
CA ALA K 107 -78.59 -55.72 80.27
C ALA K 107 -79.97 -55.80 80.91
N GLY K 108 -80.83 -54.82 80.65
CA GLY K 108 -82.18 -54.85 81.17
C GLY K 108 -82.52 -53.67 82.04
N PHE K 109 -81.88 -52.53 81.81
CA PHE K 109 -82.14 -51.30 82.54
C PHE K 109 -82.59 -50.22 81.57
N GLY K 110 -83.83 -49.78 81.71
CA GLY K 110 -84.45 -48.89 80.76
C GLY K 110 -84.79 -47.52 81.31
N ALA K 111 -85.69 -46.82 80.63
CA ALA K 111 -86.10 -45.48 81.03
C ALA K 111 -87.20 -45.57 82.10
N LYS K 112 -87.73 -44.41 82.49
CA LYS K 112 -88.59 -44.25 83.66
C LYS K 112 -89.96 -43.68 83.33
N GLN K 113 -90.67 -43.21 84.36
CA GLN K 113 -92.11 -43.03 84.33
C GLN K 113 -92.54 -41.96 83.33
N LYS K 114 -93.79 -42.09 82.88
CA LYS K 114 -94.44 -41.11 82.01
C LYS K 114 -95.89 -41.05 82.46
N ILE K 115 -96.40 -39.86 82.70
CA ILE K 115 -97.73 -39.69 83.26
C ILE K 115 -98.68 -39.22 82.17
N GLU K 116 -99.91 -39.75 82.19
CA GLU K 116 -100.91 -39.40 81.19
C GLU K 116 -102.19 -38.93 81.87
N LEU K 117 -102.73 -37.81 81.39
CA LEU K 117 -104.04 -37.31 81.78
C LEU K 117 -104.86 -37.12 80.52
N THR K 118 -106.08 -37.65 80.50
CA THR K 118 -106.90 -37.62 79.30
C THR K 118 -108.14 -36.74 79.52
N THR K 119 -108.84 -36.49 78.42
CA THR K 119 -110.03 -35.65 78.43
C THR K 119 -111.15 -36.38 77.69
N LYS K 120 -112.39 -36.17 78.16
CA LYS K 120 -113.55 -36.76 77.49
C LYS K 120 -113.90 -35.97 76.23
N LYS L 18 -75.82 -80.01 80.23
CA LYS L 18 -75.92 -78.95 79.22
C LYS L 18 -74.81 -77.91 79.39
N GLU L 19 -73.66 -78.37 79.87
CA GLU L 19 -72.49 -77.50 80.02
C GLU L 19 -71.78 -77.34 78.69
N LYS L 20 -71.78 -78.39 77.88
CA LYS L 20 -71.14 -78.36 76.58
C LYS L 20 -71.84 -77.40 75.64
N LEU L 21 -73.17 -77.28 75.73
CA LEU L 21 -73.87 -76.34 74.88
C LEU L 21 -73.50 -74.89 75.22
N ASP L 22 -73.35 -74.57 76.50
CA ASP L 22 -72.92 -73.22 76.89
C ASP L 22 -71.49 -72.96 76.45
N LEU L 23 -70.60 -73.96 76.59
CA LEU L 23 -69.23 -73.79 76.11
C LEU L 23 -69.20 -73.60 74.59
N TYR L 24 -70.06 -74.31 73.87
CA TYR L 24 -70.17 -74.13 72.43
C TYR L 24 -70.63 -72.72 72.09
N CYS L 25 -71.61 -72.20 72.85
CA CYS L 25 -72.08 -70.84 72.61
C CYS L 25 -70.97 -69.82 72.80
N GLU L 26 -70.21 -69.95 73.89
CA GLU L 26 -69.12 -68.99 74.12
C GLU L 26 -68.02 -69.15 73.06
N ALA L 27 -67.70 -70.37 72.66
CA ALA L 27 -66.69 -70.58 71.63
C ALA L 27 -67.11 -69.99 70.30
N LEU L 28 -68.39 -70.15 69.93
CA LEU L 28 -68.90 -69.52 68.72
C LEU L 28 -68.87 -68.00 68.86
N CYS L 29 -69.11 -67.49 70.07
CA CYS L 29 -69.06 -66.06 70.30
C CYS L 29 -67.64 -65.52 70.15
N ASP L 30 -66.64 -66.35 70.44
CA ASP L 30 -65.28 -65.84 70.43
C ASP L 30 -64.58 -66.03 69.09
N GLY L 31 -64.74 -67.17 68.42
CA GLY L 31 -64.00 -67.33 67.19
C GLY L 31 -64.80 -67.18 65.91
N PHE L 32 -65.97 -66.55 66.01
CA PHE L 32 -66.84 -66.15 64.90
C PHE L 32 -66.80 -67.09 63.70
N ASN L 33 -66.85 -68.39 63.95
CA ASN L 33 -66.86 -69.39 62.90
C ASN L 33 -67.56 -70.64 63.42
N LYS L 34 -68.45 -71.20 62.61
CA LYS L 34 -69.11 -72.43 63.05
C LYS L 34 -68.15 -73.60 63.00
N THR L 35 -67.27 -73.65 61.99
CA THR L 35 -66.37 -74.80 61.83
C THR L 35 -65.33 -74.86 62.94
N GLN L 36 -64.71 -73.72 63.26
CA GLN L 36 -63.68 -73.73 64.31
C GLN L 36 -64.29 -74.02 65.69
N ALA L 37 -65.43 -73.39 66.01
CA ALA L 37 -66.08 -73.68 67.28
C ALA L 37 -66.56 -75.12 67.34
N TYR L 38 -67.06 -75.63 66.22
CA TYR L 38 -67.58 -76.98 66.15
C TYR L 38 -66.47 -78.01 66.35
N ILE L 39 -65.32 -77.81 65.72
CA ILE L 39 -64.19 -78.72 65.93
C ILE L 39 -63.60 -78.56 67.31
N LYS L 40 -63.66 -77.36 67.89
CA LYS L 40 -63.17 -77.18 69.25
C LYS L 40 -64.13 -77.78 70.28
N ALA L 41 -65.39 -78.02 69.88
CA ALA L 41 -66.31 -78.69 70.79
C ALA L 41 -65.91 -80.15 70.98
N GLY L 42 -65.42 -80.79 69.93
CA GLY L 42 -64.99 -82.18 70.02
C GLY L 42 -65.63 -83.03 68.94
N PHE L 43 -66.02 -82.41 67.83
CA PHE L 43 -66.83 -83.07 66.82
C PHE L 43 -66.05 -83.28 65.53
N SER L 44 -66.72 -83.91 64.57
CA SER L 44 -66.14 -84.24 63.28
C SER L 44 -66.07 -83.01 62.38
N ALA L 45 -64.94 -82.84 61.70
CA ALA L 45 -64.76 -81.70 60.82
C ALA L 45 -65.67 -81.82 59.61
N PRO L 46 -65.84 -83.03 59.05
CA PRO L 46 -66.61 -83.15 57.80
C PRO L 46 -68.07 -82.75 57.93
N HIS L 47 -68.66 -82.80 59.12
CA HIS L 47 -70.07 -82.46 59.30
C HIS L 47 -70.20 -80.96 59.61
N ALA L 48 -69.87 -80.14 58.62
CA ALA L 48 -69.92 -78.69 58.77
C ALA L 48 -71.07 -78.03 58.03
N GLN L 49 -71.91 -78.78 57.32
CA GLN L 49 -73.01 -78.19 56.58
C GLN L 49 -74.37 -78.38 57.25
N ARG L 50 -74.77 -79.61 57.55
CA ARG L 50 -76.09 -79.87 58.09
C ARG L 50 -76.08 -80.08 59.61
N ASN L 51 -75.35 -81.08 60.09
CA ASN L 51 -75.29 -81.45 61.51
C ASN L 51 -75.22 -80.23 62.41
N VAL L 52 -74.54 -79.19 61.95
CA VAL L 52 -74.40 -78.00 62.78
C VAL L 52 -75.69 -77.19 62.73
N ALA L 53 -76.34 -77.13 61.56
CA ALA L 53 -77.65 -76.50 61.49
C ALA L 53 -78.66 -77.24 62.35
N PRO L 54 -78.75 -78.57 62.32
CA PRO L 54 -79.68 -79.26 63.22
C PRO L 54 -79.35 -79.07 64.70
N TYR L 55 -78.09 -79.11 65.09
CA TYR L 55 -77.77 -78.93 66.51
C TYR L 55 -78.05 -77.50 66.97
N HIS L 56 -77.75 -76.51 66.12
CA HIS L 56 -77.97 -75.11 66.48
C HIS L 56 -79.45 -74.75 66.43
N ARG L 57 -80.21 -75.33 65.50
CA ARG L 57 -81.60 -74.97 65.33
C ARG L 57 -82.48 -75.52 66.44
N LYS L 58 -82.07 -76.62 67.07
CA LYS L 58 -82.91 -77.20 68.12
C LYS L 58 -82.71 -76.52 69.46
N ASN L 59 -81.67 -75.70 69.62
CA ASN L 59 -81.39 -75.00 70.86
C ASN L 59 -81.06 -73.53 70.61
N ALA L 60 -81.68 -72.92 69.60
CA ALA L 60 -81.35 -71.54 69.25
C ALA L 60 -81.72 -70.58 70.38
N GLU L 61 -82.85 -70.81 71.03
CA GLU L 61 -83.31 -69.91 72.09
C GLU L 61 -82.32 -69.90 73.26
N TYR L 62 -81.82 -71.06 73.67
CA TYR L 62 -80.86 -71.12 74.76
C TYR L 62 -79.53 -70.50 74.36
N ILE L 63 -79.13 -70.65 73.09
CA ILE L 63 -77.91 -70.00 72.61
C ILE L 63 -78.05 -68.49 72.69
N GLN L 64 -79.20 -67.97 72.28
CA GLN L 64 -79.45 -66.53 72.38
C GLN L 64 -79.43 -66.07 73.82
N ALA L 65 -80.02 -66.85 74.72
CA ALA L 65 -80.00 -66.50 76.14
C ALA L 65 -78.57 -66.47 76.69
N TYR L 66 -77.75 -67.45 76.28
CA TYR L 66 -76.37 -67.50 76.75
C TYR L 66 -75.58 -66.29 76.25
N ILE L 67 -75.74 -65.92 74.97
CA ILE L 67 -75.02 -64.76 74.48
C ILE L 67 -75.52 -63.48 75.16
N SER L 68 -76.82 -63.40 75.44
CA SER L 68 -77.36 -62.23 76.11
C SER L 68 -76.80 -62.07 77.52
N GLU L 69 -76.74 -63.16 78.28
CA GLU L 69 -76.20 -63.04 79.64
C GLU L 69 -74.69 -62.78 79.59
N ARG L 70 -73.99 -63.37 78.62
CA ARG L 70 -72.56 -63.11 78.48
C ARG L 70 -72.30 -61.63 78.17
N ILE L 71 -73.08 -61.05 77.26
CA ILE L 71 -72.90 -59.64 76.94
C ILE L 71 -73.28 -58.77 78.14
N GLY L 72 -74.31 -59.19 78.90
CA GLY L 72 -74.73 -58.46 80.09
C GLY L 72 -73.75 -58.52 81.24
N SER L 73 -72.90 -59.56 81.30
CA SER L 73 -71.97 -59.69 82.40
C SER L 73 -70.88 -58.62 82.40
N ASP L 74 -70.71 -57.90 81.29
CA ASP L 74 -69.77 -56.79 81.23
C ASP L 74 -70.40 -55.44 81.55
N ALA L 75 -71.69 -55.41 81.90
CA ALA L 75 -72.35 -54.16 82.26
C ALA L 75 -71.65 -53.37 83.36
N PRO L 76 -71.16 -53.97 84.45
CA PRO L 76 -70.43 -53.15 85.44
C PRO L 76 -69.21 -52.46 84.85
N ALA L 77 -68.55 -53.09 83.88
CA ALA L 77 -67.45 -52.44 83.19
C ALA L 77 -67.94 -51.22 82.44
N ALA L 78 -69.12 -51.31 81.81
CA ALA L 78 -69.67 -50.15 81.11
C ALA L 78 -70.03 -49.04 82.10
N ARG L 79 -70.52 -49.39 83.28
CA ARG L 79 -70.77 -48.38 84.30
C ARG L 79 -69.48 -47.67 84.70
N LYS L 80 -68.41 -48.44 84.88
CA LYS L 80 -67.12 -47.83 85.20
C LYS L 80 -66.63 -46.93 84.07
N VAL L 81 -66.82 -47.37 82.82
CA VAL L 81 -66.35 -46.60 81.68
C VAL L 81 -67.10 -45.28 81.57
N VAL L 82 -68.43 -45.33 81.72
CA VAL L 82 -69.21 -44.11 81.60
C VAL L 82 -68.90 -43.16 82.75
N LEU L 83 -68.69 -43.70 83.95
CA LEU L 83 -68.32 -42.82 85.07
C LEU L 83 -66.96 -42.16 84.85
N GLU L 84 -65.97 -42.93 84.38
CA GLU L 84 -64.64 -42.35 84.21
C GLU L 84 -64.61 -41.32 83.10
N ILE L 85 -65.35 -41.56 82.01
CA ILE L 85 -65.41 -40.54 80.97
C ILE L 85 -66.23 -39.33 81.42
N MET L 86 -67.27 -39.55 82.22
CA MET L 86 -68.09 -38.46 82.74
C MET L 86 -67.35 -37.58 83.75
N ASN L 87 -66.30 -38.09 84.39
CA ASN L 87 -65.60 -37.29 85.40
C ASN L 87 -64.28 -36.73 84.89
N ASP L 88 -63.97 -36.88 83.60
CA ASP L 88 -62.74 -36.35 83.04
C ASP L 88 -63.00 -34.97 82.49
N PRO L 89 -62.36 -33.91 83.02
CA PRO L 89 -62.72 -32.54 82.64
C PRO L 89 -62.27 -32.09 81.25
N ASN L 90 -61.39 -32.82 80.56
CA ASN L 90 -60.84 -32.29 79.31
C ASN L 90 -61.69 -32.62 78.10
N GLU L 91 -62.83 -33.27 78.28
CA GLU L 91 -63.67 -33.68 77.18
C GLU L 91 -64.77 -32.65 76.93
N LYS L 92 -65.31 -32.65 75.71
CA LYS L 92 -66.31 -31.68 75.31
C LYS L 92 -67.56 -31.78 76.20
N GLY L 93 -68.18 -30.62 76.45
CA GLY L 93 -69.25 -30.55 77.42
C GLY L 93 -70.47 -31.40 77.10
N GLY L 94 -70.80 -31.53 75.81
CA GLY L 94 -71.99 -32.28 75.44
C GLY L 94 -71.94 -33.73 75.86
N ILE L 95 -70.79 -34.37 75.73
CA ILE L 95 -70.69 -35.78 76.09
C ILE L 95 -70.78 -35.97 77.60
N ARG L 96 -70.14 -35.12 78.40
CA ARG L 96 -70.30 -35.25 79.85
C ARG L 96 -71.75 -35.00 80.25
N LEU L 97 -72.41 -34.04 79.60
CA LEU L 97 -73.82 -33.79 79.87
C LEU L 97 -74.67 -35.01 79.56
N LYS L 98 -74.42 -35.64 78.41
CA LYS L 98 -75.16 -36.83 78.02
C LYS L 98 -74.85 -38.01 78.93
N ALA L 99 -73.62 -38.12 79.40
CA ALA L 99 -73.28 -39.15 80.38
C ALA L 99 -74.08 -38.95 81.66
N ALA L 100 -74.19 -37.69 82.10
CA ALA L 100 -75.01 -37.39 83.26
C ALA L 100 -76.47 -37.74 82.99
N GLN L 101 -76.95 -37.43 81.78
CA GLN L 101 -78.34 -37.76 81.43
C GLN L 101 -78.57 -39.27 81.50
N ASP L 102 -77.65 -40.06 80.96
CA ASP L 102 -77.81 -41.52 80.97
C ASP L 102 -77.75 -42.06 82.39
N ILE L 103 -76.79 -41.59 83.18
CA ILE L 103 -76.63 -42.11 84.54
C ILE L 103 -77.82 -41.72 85.39
N LEU L 104 -78.38 -40.52 85.17
CA LEU L 104 -79.60 -40.11 85.88
C LEU L 104 -80.81 -40.92 85.42
N ASP L 105 -80.89 -41.23 84.12
CA ASP L 105 -81.99 -42.07 83.65
C ASP L 105 -81.95 -43.43 84.30
N ARG L 106 -80.75 -43.94 84.56
CA ARG L 106 -80.65 -45.17 85.33
C ARG L 106 -80.94 -44.91 86.81
N ALA L 107 -80.61 -43.72 87.31
CA ALA L 107 -80.84 -43.40 88.72
C ALA L 107 -82.32 -43.29 89.06
N GLY L 108 -83.17 -42.83 88.14
CA GLY L 108 -84.59 -42.80 88.42
C GLY L 108 -85.28 -41.45 88.40
N PHE L 109 -84.78 -40.50 87.61
CA PHE L 109 -85.40 -39.18 87.49
C PHE L 109 -85.82 -39.00 86.04
N GLY L 110 -87.14 -38.96 85.79
CA GLY L 110 -87.63 -38.98 84.44
C GLY L 110 -88.40 -37.76 83.96
N ALA L 111 -89.13 -37.91 82.86
CA ALA L 111 -89.92 -36.86 82.25
C ALA L 111 -91.31 -36.80 82.88
N LYS L 112 -92.15 -35.90 82.35
CA LYS L 112 -93.40 -35.50 82.97
C LYS L 112 -94.62 -35.72 82.09
N GLN L 113 -95.74 -35.10 82.46
CA GLN L 113 -97.08 -35.49 82.02
C GLN L 113 -97.27 -35.27 80.52
N LYS L 114 -98.24 -35.99 79.97
CA LYS L 114 -98.66 -35.89 78.58
C LYS L 114 -100.17 -36.05 78.53
N ILE L 115 -100.85 -35.15 77.82
CA ILE L 115 -102.31 -35.09 77.79
C ILE L 115 -102.81 -35.58 76.43
N GLU L 116 -103.98 -36.22 76.44
CA GLU L 116 -104.60 -36.75 75.23
C GLU L 116 -105.97 -36.12 75.03
N LEU L 117 -106.22 -35.67 73.79
CA LEU L 117 -107.50 -35.09 73.39
C LEU L 117 -108.06 -35.85 72.19
N THR L 118 -109.32 -36.24 72.26
CA THR L 118 -109.97 -36.95 71.17
C THR L 118 -111.08 -36.08 70.60
N THR L 119 -111.20 -36.08 69.27
CA THR L 119 -112.19 -35.26 68.58
C THR L 119 -112.97 -36.08 67.56
N LYS L 120 -113.26 -37.33 67.89
CA LYS L 120 -114.07 -38.18 67.03
C LYS L 120 -115.54 -37.78 67.10
N LEU M 15 -66.64 -63.08 106.68
CA LEU M 15 -67.44 -63.42 107.86
C LEU M 15 -68.76 -64.06 107.46
N THR M 16 -69.06 -64.01 106.17
CA THR M 16 -70.31 -64.53 105.64
C THR M 16 -70.23 -64.60 104.12
N PRO M 17 -71.11 -65.32 103.44
CA PRO M 17 -71.14 -65.27 101.97
C PRO M 17 -71.51 -63.90 101.41
N LYS M 18 -72.20 -63.06 102.18
CA LYS M 18 -72.70 -61.80 101.62
C LYS M 18 -71.58 -60.77 101.44
N GLU M 19 -70.54 -60.81 102.28
CA GLU M 19 -69.45 -59.86 102.08
C GLU M 19 -68.53 -60.33 100.98
N LYS M 20 -68.34 -61.63 100.84
CA LYS M 20 -67.57 -62.15 99.71
C LYS M 20 -68.30 -61.90 98.39
N LEU M 21 -69.64 -62.00 98.40
CA LEU M 21 -70.41 -61.71 97.20
C LEU M 21 -70.34 -60.22 96.84
N ASP M 22 -70.41 -59.35 97.86
CA ASP M 22 -70.27 -57.92 97.57
C ASP M 22 -68.89 -57.57 97.06
N LEU M 23 -67.85 -58.19 97.64
CA LEU M 23 -66.49 -57.99 97.14
C LEU M 23 -66.35 -58.51 95.70
N TYR M 24 -67.00 -59.64 95.40
CA TYR M 24 -66.99 -60.17 94.04
C TYR M 24 -67.64 -59.20 93.06
N CYS M 25 -68.78 -58.61 93.46
CA CYS M 25 -69.44 -57.62 92.61
C CYS M 25 -68.56 -56.40 92.40
N GLU M 26 -67.93 -55.90 93.47
CA GLU M 26 -67.08 -54.73 93.35
C GLU M 26 -65.86 -55.02 92.49
N ALA M 27 -65.27 -56.21 92.63
CA ALA M 27 -64.12 -56.59 91.82
C ALA M 27 -64.50 -56.70 90.35
N LEU M 28 -65.68 -57.26 90.05
CA LEU M 28 -66.12 -57.30 88.67
C LEU M 28 -66.37 -55.89 88.13
N CYS M 29 -66.88 -55.00 88.97
CA CYS M 29 -67.11 -53.63 88.54
C CYS M 29 -65.81 -52.86 88.31
N ASP M 30 -64.76 -53.16 89.07
CA ASP M 30 -63.53 -52.38 88.99
C ASP M 30 -62.48 -52.96 88.05
N GLY M 31 -62.24 -54.25 88.08
CA GLY M 31 -61.20 -54.81 87.23
C GLY M 31 -61.70 -55.60 86.05
N PHE M 32 -62.96 -55.36 85.66
CA PHE M 32 -63.59 -55.90 84.45
C PHE M 32 -63.14 -57.31 84.08
N ASN M 33 -63.09 -58.23 85.04
CA ASN M 33 -62.72 -59.61 84.73
C ASN M 33 -63.38 -60.54 85.73
N LYS M 34 -63.97 -61.62 85.22
CA LYS M 34 -64.63 -62.60 86.08
C LYS M 34 -63.61 -63.45 86.82
N THR M 35 -62.54 -63.86 86.13
CA THR M 35 -61.58 -64.78 86.73
C THR M 35 -60.84 -64.14 87.89
N GLN M 36 -60.35 -62.91 87.72
CA GLN M 36 -59.64 -62.25 88.81
C GLN M 36 -60.58 -61.95 89.97
N ALA M 37 -61.83 -61.57 89.69
CA ALA M 37 -62.78 -61.32 90.77
C ALA M 37 -63.04 -62.59 91.59
N TYR M 38 -63.22 -63.73 90.91
CA TYR M 38 -63.45 -64.96 91.66
C TYR M 38 -62.19 -65.36 92.41
N ILE M 39 -61.01 -65.12 91.83
CA ILE M 39 -59.78 -65.40 92.53
C ILE M 39 -59.66 -64.49 93.75
N LYS M 40 -60.23 -63.29 93.66
CA LYS M 40 -60.28 -62.39 94.80
C LYS M 40 -61.29 -62.86 95.83
N ALA M 41 -62.21 -63.75 95.44
CA ALA M 41 -63.12 -64.31 96.44
C ALA M 41 -62.35 -65.19 97.41
N GLY M 42 -61.34 -65.92 96.91
CA GLY M 42 -60.46 -66.69 97.77
C GLY M 42 -60.26 -68.15 97.41
N PHE M 43 -60.55 -68.53 96.19
CA PHE M 43 -60.50 -69.94 95.78
C PHE M 43 -59.42 -70.11 94.70
N SER M 44 -59.33 -71.33 94.18
CA SER M 44 -58.26 -71.67 93.24
C SER M 44 -58.48 -71.00 91.89
N ALA M 45 -57.41 -70.40 91.37
CA ALA M 45 -57.40 -69.73 90.07
C ALA M 45 -57.51 -70.80 88.99
N PRO M 46 -56.85 -71.94 89.18
CA PRO M 46 -56.81 -72.95 88.12
C PRO M 46 -58.19 -73.46 87.72
N HIS M 47 -59.12 -73.57 88.66
CA HIS M 47 -60.47 -74.05 88.35
C HIS M 47 -61.42 -72.87 88.20
N ALA M 48 -61.17 -72.08 87.15
CA ALA M 48 -61.96 -70.89 86.84
C ALA M 48 -62.83 -71.05 85.61
N GLN M 49 -62.83 -72.21 84.97
CA GLN M 49 -63.61 -72.43 83.76
C GLN M 49 -64.85 -73.29 83.97
N ARG M 50 -64.88 -74.14 85.00
CA ARG M 50 -65.92 -75.15 85.14
C ARG M 50 -67.02 -74.80 86.14
N ASN M 51 -66.70 -74.25 87.32
CA ASN M 51 -67.72 -74.03 88.34
C ASN M 51 -68.08 -72.57 88.61
N VAL M 52 -67.26 -71.61 88.19
CA VAL M 52 -67.54 -70.22 88.54
C VAL M 52 -68.70 -69.66 87.72
N ALA M 53 -68.85 -70.10 86.48
CA ALA M 53 -69.96 -69.64 85.65
C ALA M 53 -71.32 -69.94 86.27
N PRO M 54 -71.60 -71.15 86.76
CA PRO M 54 -72.90 -71.37 87.41
C PRO M 54 -73.12 -70.50 88.63
N TYR M 55 -72.09 -70.29 89.45
CA TYR M 55 -72.21 -69.43 90.62
C TYR M 55 -72.48 -67.99 90.20
N HIS M 56 -71.90 -67.57 89.08
CA HIS M 56 -72.11 -66.23 88.56
C HIS M 56 -73.52 -66.07 88.02
N ARG M 57 -74.07 -67.11 87.38
CA ARG M 57 -75.41 -67.06 86.82
C ARG M 57 -76.51 -67.19 87.87
N LYS M 58 -76.22 -67.80 89.02
CA LYS M 58 -77.26 -68.02 90.02
C LYS M 58 -77.56 -66.78 90.85
N ASN M 59 -76.79 -65.71 90.71
CA ASN M 59 -76.99 -64.48 91.48
C ASN M 59 -77.06 -63.27 90.55
N ALA M 60 -77.66 -63.46 89.37
CA ALA M 60 -77.78 -62.37 88.40
C ALA M 60 -78.65 -61.25 88.96
N GLU M 61 -79.71 -61.61 89.70
CA GLU M 61 -80.58 -60.60 90.29
C GLU M 61 -79.82 -59.72 91.25
N TYR M 62 -78.96 -60.33 92.08
CA TYR M 62 -78.13 -59.58 93.01
C TYR M 62 -77.10 -58.74 92.29
N ILE M 63 -76.55 -59.24 91.18
CA ILE M 63 -75.59 -58.46 90.40
C ILE M 63 -76.25 -57.19 89.87
N GLN M 64 -77.45 -57.34 89.30
CA GLN M 64 -78.18 -56.19 88.78
C GLN M 64 -78.56 -55.22 89.89
N ALA M 65 -78.99 -55.75 91.04
CA ALA M 65 -79.35 -54.90 92.17
C ALA M 65 -78.13 -54.12 92.68
N TYR M 66 -76.97 -54.78 92.74
CA TYR M 66 -75.77 -54.10 93.20
C TYR M 66 -75.36 -53.00 92.23
N ILE M 67 -75.45 -53.26 90.93
CA ILE M 67 -75.09 -52.22 89.96
C ILE M 67 -76.05 -51.04 90.07
N SER M 68 -77.34 -51.32 90.24
CA SER M 68 -78.32 -50.25 90.40
C SER M 68 -78.04 -49.44 91.67
N GLU M 69 -77.70 -50.13 92.77
CA GLU M 69 -77.43 -49.43 94.02
C GLU M 69 -76.20 -48.55 93.94
N ARG M 70 -75.13 -49.03 93.32
CA ARG M 70 -73.94 -48.19 93.20
C ARG M 70 -74.19 -47.00 92.27
N ILE M 71 -74.90 -47.23 91.17
CA ILE M 71 -75.21 -46.11 90.27
C ILE M 71 -76.08 -45.07 90.97
N GLY M 72 -77.04 -45.53 91.77
CA GLY M 72 -77.86 -44.58 92.50
C GLY M 72 -77.09 -43.85 93.57
N SER M 73 -76.08 -44.50 94.16
CA SER M 73 -75.26 -43.81 95.14
C SER M 73 -74.28 -42.84 94.50
N ASP M 74 -73.97 -43.02 93.22
CA ASP M 74 -73.13 -42.06 92.51
C ASP M 74 -73.94 -41.01 91.76
N ALA M 75 -75.27 -41.14 91.78
CA ALA M 75 -76.12 -40.13 91.14
C ALA M 75 -75.91 -38.71 91.65
N PRO M 76 -75.77 -38.44 92.96
CA PRO M 76 -75.57 -37.04 93.39
C PRO M 76 -74.35 -36.37 92.79
N ALA M 77 -73.27 -37.13 92.55
CA ALA M 77 -72.11 -36.54 91.89
C ALA M 77 -72.46 -36.06 90.48
N ALA M 78 -73.24 -36.87 89.75
CA ALA M 78 -73.67 -36.47 88.42
C ALA M 78 -74.62 -35.28 88.47
N ARG M 79 -75.47 -35.21 89.49
CA ARG M 79 -76.33 -34.03 89.65
C ARG M 79 -75.48 -32.78 89.85
N LYS M 80 -74.44 -32.87 90.69
CA LYS M 80 -73.55 -31.74 90.88
C LYS M 80 -72.84 -31.38 89.58
N VAL M 81 -72.41 -32.39 88.82
CA VAL M 81 -71.69 -32.14 87.56
C VAL M 81 -72.59 -31.43 86.56
N VAL M 82 -73.84 -31.90 86.41
CA VAL M 82 -74.74 -31.29 85.44
C VAL M 82 -75.09 -29.86 85.87
N LEU M 83 -75.24 -29.63 87.18
CA LEU M 83 -75.48 -28.27 87.65
C LEU M 83 -74.29 -27.37 87.36
N GLU M 84 -73.07 -27.89 87.55
CA GLU M 84 -71.88 -27.07 87.33
C GLU M 84 -71.69 -26.75 85.86
N ILE M 85 -71.95 -27.71 84.96
CA ILE M 85 -71.84 -27.41 83.54
C ILE M 85 -72.95 -26.46 83.08
N MET M 86 -74.12 -26.54 83.72
CA MET M 86 -75.19 -25.60 83.39
C MET M 86 -74.85 -24.17 83.76
N ASN M 87 -73.90 -23.95 84.65
CA ASN M 87 -73.52 -22.62 85.13
C ASN M 87 -72.19 -22.15 84.56
N ASP M 88 -71.64 -22.81 83.54
CA ASP M 88 -70.34 -22.43 83.01
C ASP M 88 -70.48 -21.34 81.96
N PRO M 89 -69.95 -20.13 82.18
CA PRO M 89 -70.13 -19.05 81.20
C PRO M 89 -69.26 -19.21 79.96
N ASN M 90 -68.23 -20.04 80.01
CA ASN M 90 -67.31 -20.24 78.90
C ASN M 90 -67.75 -21.40 78.02
N GLU M 91 -68.93 -21.94 78.28
CA GLU M 91 -69.44 -23.11 77.59
C GLU M 91 -70.31 -22.72 76.40
N LYS M 92 -70.39 -23.63 75.44
CA LYS M 92 -71.20 -23.41 74.23
C LYS M 92 -72.67 -23.28 74.61
N GLY M 93 -73.38 -22.44 73.85
CA GLY M 93 -74.77 -22.15 74.21
C GLY M 93 -75.64 -23.39 74.18
N GLY M 94 -75.38 -24.29 73.24
CA GLY M 94 -76.16 -25.51 73.15
C GLY M 94 -76.04 -26.36 74.39
N ILE M 95 -74.85 -26.40 74.99
CA ILE M 95 -74.64 -27.22 76.16
C ILE M 95 -75.46 -26.68 77.33
N ARG M 96 -75.44 -25.35 77.53
CA ARG M 96 -76.27 -24.77 78.58
C ARG M 96 -77.75 -24.97 78.28
N LEU M 97 -78.16 -24.90 77.01
CA LEU M 97 -79.55 -25.14 76.69
C LEU M 97 -79.97 -26.55 77.07
N LYS M 98 -79.15 -27.55 76.73
CA LYS M 98 -79.51 -28.92 77.09
C LYS M 98 -79.48 -29.12 78.59
N ALA M 99 -78.52 -28.52 79.28
CA ALA M 99 -78.47 -28.67 80.74
C ALA M 99 -79.70 -28.04 81.40
N ALA M 100 -80.06 -26.82 80.98
CA ALA M 100 -81.24 -26.17 81.54
C ALA M 100 -82.52 -26.93 81.20
N GLN M 101 -82.65 -27.39 79.95
CA GLN M 101 -83.83 -28.15 79.57
C GLN M 101 -83.94 -29.44 80.39
N ASP M 102 -82.82 -30.16 80.54
CA ASP M 102 -82.84 -31.41 81.29
C ASP M 102 -83.18 -31.16 82.75
N ILE M 103 -82.55 -30.16 83.37
CA ILE M 103 -82.78 -29.92 84.80
C ILE M 103 -84.20 -29.42 85.05
N LEU M 104 -84.75 -28.60 84.13
CA LEU M 104 -86.14 -28.17 84.28
C LEU M 104 -87.11 -29.32 84.09
N ASP M 105 -86.82 -30.21 83.12
CA ASP M 105 -87.65 -31.40 82.95
C ASP M 105 -87.57 -32.29 84.19
N ARG M 106 -86.41 -32.29 84.85
CA ARG M 106 -86.27 -33.00 86.12
C ARG M 106 -87.07 -32.32 87.23
N ALA M 107 -87.20 -30.99 87.15
CA ALA M 107 -87.95 -30.25 88.17
C ALA M 107 -89.42 -30.64 88.17
N GLY M 108 -89.95 -31.03 87.03
CA GLY M 108 -91.33 -31.48 86.96
C GLY M 108 -92.21 -30.69 86.00
N PHE M 109 -91.61 -30.09 84.97
CA PHE M 109 -92.35 -29.36 83.95
C PHE M 109 -92.04 -29.96 82.59
N GLY M 110 -93.04 -30.58 81.98
CA GLY M 110 -92.85 -31.35 80.76
C GLY M 110 -93.57 -30.78 79.56
N ALA M 111 -93.78 -31.61 78.54
CA ALA M 111 -94.45 -31.14 77.33
C ALA M 111 -95.97 -31.22 77.52
N LYS M 112 -96.70 -30.85 76.46
CA LYS M 112 -98.13 -30.61 76.57
C LYS M 112 -98.90 -31.48 75.57
N GLN M 113 -100.14 -31.09 75.31
CA GLN M 113 -101.18 -31.95 74.74
C GLN M 113 -100.75 -32.63 73.44
N LYS M 114 -101.39 -33.77 73.18
CA LYS M 114 -101.30 -34.53 71.95
C LYS M 114 -102.67 -35.14 71.68
N ILE M 115 -103.19 -34.96 70.48
CA ILE M 115 -104.55 -35.36 70.14
C ILE M 115 -104.53 -36.57 69.22
N GLU M 116 -105.51 -37.45 69.42
CA GLU M 116 -105.70 -38.67 68.65
C GLU M 116 -107.10 -38.68 68.04
N LEU M 117 -107.18 -39.14 66.80
CA LEU M 117 -108.44 -39.26 66.06
C LEU M 117 -108.68 -40.73 65.76
N THR M 118 -109.90 -41.19 66.01
CA THR M 118 -110.25 -42.59 65.89
C THR M 118 -111.13 -42.83 64.68
N THR M 119 -110.90 -43.94 64.00
CA THR M 119 -111.62 -44.32 62.80
C THR M 119 -112.11 -45.75 62.94
N LYS M 120 -112.97 -46.15 62.01
CA LYS M 120 -113.68 -47.41 62.13
C LYS M 120 -113.67 -48.21 60.83
N LEU N 15 -82.03 -33.01 120.51
CA LEU N 15 -82.28 -32.86 119.09
C LEU N 15 -83.32 -33.85 118.59
N THR N 16 -83.37 -34.05 117.28
CA THR N 16 -84.32 -34.94 116.64
C THR N 16 -83.60 -35.83 115.64
N PRO N 17 -84.11 -37.04 115.38
CA PRO N 17 -83.44 -37.93 114.42
C PRO N 17 -83.72 -37.58 112.96
N LYS N 18 -84.92 -37.08 112.67
CA LYS N 18 -85.28 -36.83 111.28
C LYS N 18 -84.46 -35.69 110.69
N GLU N 19 -83.99 -34.77 111.53
CA GLU N 19 -83.13 -33.71 111.01
C GLU N 19 -81.72 -34.23 110.80
N LYS N 20 -81.29 -35.20 111.61
CA LYS N 20 -80.02 -35.85 111.36
C LYS N 20 -80.07 -36.62 110.04
N LEU N 21 -81.24 -37.20 109.73
CA LEU N 21 -81.42 -37.88 108.44
C LEU N 21 -81.40 -36.88 107.28
N ASP N 22 -82.02 -35.72 107.46
CA ASP N 22 -81.99 -34.71 106.41
C ASP N 22 -80.57 -34.17 106.19
N LEU N 23 -79.82 -33.94 107.28
CA LEU N 23 -78.42 -33.56 107.16
C LEU N 23 -77.60 -34.66 106.49
N TYR N 24 -77.93 -35.92 106.78
CA TYR N 24 -77.29 -37.04 106.10
C TYR N 24 -77.54 -36.97 104.60
N CYS N 25 -78.78 -36.64 104.22
CA CYS N 25 -79.10 -36.49 102.81
C CYS N 25 -78.28 -35.37 102.17
N GLU N 26 -78.19 -34.22 102.86
CA GLU N 26 -77.45 -33.09 102.31
C GLU N 26 -75.96 -33.38 102.18
N ALA N 27 -75.38 -34.01 103.21
CA ALA N 27 -73.95 -34.34 103.16
C ALA N 27 -73.65 -35.37 102.08
N LEU N 28 -74.51 -36.38 101.94
CA LEU N 28 -74.32 -37.35 100.86
C LEU N 28 -74.50 -36.70 99.50
N CYS N 29 -75.44 -35.77 99.38
CA CYS N 29 -75.68 -35.09 98.11
C CYS N 29 -74.51 -34.19 97.73
N ASP N 30 -73.80 -33.62 98.70
CA ASP N 30 -72.74 -32.67 98.37
C ASP N 30 -71.36 -33.32 98.29
N GLY N 31 -71.01 -34.21 99.21
CA GLY N 31 -69.68 -34.77 99.17
C GLY N 31 -69.59 -36.22 98.70
N PHE N 32 -70.62 -36.68 97.97
CA PHE N 32 -70.63 -37.96 97.27
C PHE N 32 -69.90 -39.09 98.00
N ASN N 33 -70.17 -39.28 99.28
CA ASN N 33 -69.50 -40.35 100.01
C ASN N 33 -70.41 -40.86 101.11
N LYS N 34 -70.56 -42.19 101.20
CA LYS N 34 -71.43 -42.76 102.22
C LYS N 34 -70.77 -42.70 103.60
N THR N 35 -69.46 -43.00 103.67
CA THR N 35 -68.80 -43.01 104.97
C THR N 35 -68.68 -41.60 105.53
N GLN N 36 -68.37 -40.62 104.68
CA GLN N 36 -68.28 -39.24 105.16
C GLN N 36 -69.64 -38.75 105.67
N ALA N 37 -70.71 -39.08 104.96
CA ALA N 37 -72.04 -38.70 105.43
C ALA N 37 -72.35 -39.39 106.76
N TYR N 38 -71.95 -40.66 106.90
CA TYR N 38 -72.21 -41.39 108.14
C TYR N 38 -71.44 -40.79 109.30
N ILE N 39 -70.18 -40.41 109.08
CA ILE N 39 -69.42 -39.76 110.15
C ILE N 39 -69.98 -38.38 110.44
N LYS N 40 -70.59 -37.73 109.44
CA LYS N 40 -71.25 -36.46 109.71
C LYS N 40 -72.55 -36.65 110.46
N ALA N 41 -73.10 -37.87 110.45
CA ALA N 41 -74.30 -38.13 111.24
C ALA N 41 -74.00 -38.11 112.74
N GLY N 42 -72.87 -38.69 113.14
CA GLY N 42 -72.48 -38.64 114.54
C GLY N 42 -72.12 -39.95 115.21
N PHE N 43 -71.78 -40.97 114.42
CA PHE N 43 -71.54 -42.30 114.95
C PHE N 43 -70.07 -42.70 114.72
N SER N 44 -69.75 -43.92 115.12
CA SER N 44 -68.39 -44.40 114.98
C SER N 44 -68.12 -44.71 113.52
N ALA N 45 -66.99 -44.23 113.01
CA ALA N 45 -66.63 -44.36 111.60
C ALA N 45 -66.27 -45.79 111.22
N PRO N 46 -65.56 -46.52 112.09
CA PRO N 46 -65.01 -47.83 111.66
C PRO N 46 -66.05 -48.88 111.29
N HIS N 47 -67.29 -48.80 111.77
CA HIS N 47 -68.29 -49.82 111.46
C HIS N 47 -69.43 -49.20 110.65
N ALA N 48 -69.17 -48.99 109.36
CA ALA N 48 -70.13 -48.45 108.41
C ALA N 48 -70.61 -49.49 107.42
N GLN N 49 -70.23 -50.76 107.59
CA GLN N 49 -70.54 -51.80 106.62
C GLN N 49 -71.73 -52.68 106.98
N ARG N 50 -72.04 -52.90 108.26
CA ARG N 50 -73.12 -53.82 108.56
C ARG N 50 -74.42 -53.14 109.00
N ASN N 51 -74.36 -52.13 109.87
CA ASN N 51 -75.59 -51.45 110.27
C ASN N 51 -76.13 -50.51 109.20
N VAL N 52 -75.29 -50.10 108.25
CA VAL N 52 -75.69 -49.09 107.27
C VAL N 52 -76.58 -49.66 106.16
N ALA N 53 -76.35 -50.91 105.74
CA ALA N 53 -77.20 -51.49 104.70
C ALA N 53 -78.66 -51.53 105.12
N PRO N 54 -79.02 -52.04 106.31
CA PRO N 54 -80.44 -52.00 106.71
C PRO N 54 -80.98 -50.59 106.85
N TYR N 55 -80.17 -49.66 107.36
CA TYR N 55 -80.64 -48.28 107.54
C TYR N 55 -80.93 -47.61 106.22
N HIS N 56 -80.08 -47.80 105.21
CA HIS N 56 -80.34 -47.18 103.92
C HIS N 56 -81.43 -47.90 103.15
N ARG N 57 -81.49 -49.23 103.25
CA ARG N 57 -82.50 -49.96 102.48
C ARG N 57 -83.89 -49.77 103.07
N LYS N 58 -83.98 -49.50 104.37
CA LYS N 58 -85.28 -49.31 104.99
C LYS N 58 -85.80 -47.89 104.82
N ASN N 59 -84.94 -46.94 104.43
CA ASN N 59 -85.33 -45.56 104.22
C ASN N 59 -84.79 -45.03 102.90
N ALA N 60 -84.65 -45.90 101.90
CA ALA N 60 -84.14 -45.49 100.59
C ALA N 60 -85.13 -44.56 99.90
N GLU N 61 -86.42 -44.79 100.11
CA GLU N 61 -87.44 -44.01 99.42
C GLU N 61 -87.34 -42.54 99.77
N TYR N 62 -87.15 -42.22 101.05
CA TYR N 62 -87.03 -40.83 101.45
C TYR N 62 -85.72 -40.22 100.96
N ILE N 63 -84.65 -41.02 100.91
CA ILE N 63 -83.38 -40.50 100.39
C ILE N 63 -83.57 -40.06 98.94
N GLN N 64 -84.23 -40.91 98.15
CA GLN N 64 -84.50 -40.58 96.75
C GLN N 64 -85.42 -39.37 96.64
N ALA N 65 -86.45 -39.31 97.50
CA ALA N 65 -87.37 -38.17 97.46
C ALA N 65 -86.64 -36.87 97.80
N TYR N 66 -85.76 -36.90 98.80
CA TYR N 66 -85.02 -35.69 99.17
C TYR N 66 -84.09 -35.26 98.05
N ILE N 67 -83.40 -36.22 97.42
CA ILE N 67 -82.49 -35.85 96.33
C ILE N 67 -83.27 -35.27 95.14
N SER N 68 -84.42 -35.87 94.83
CA SER N 68 -85.25 -35.34 93.75
C SER N 68 -85.77 -33.95 94.06
N GLU N 69 -86.20 -33.72 95.31
CA GLU N 69 -86.69 -32.40 95.69
C GLU N 69 -85.57 -31.37 95.63
N ARG N 70 -84.36 -31.76 96.05
CA ARG N 70 -83.23 -30.84 95.97
C ARG N 70 -82.87 -30.49 94.53
N ILE N 71 -82.86 -31.48 93.63
CA ILE N 71 -82.54 -31.17 92.24
C ILE N 71 -83.64 -30.28 91.63
N GLY N 72 -84.90 -30.51 92.01
CA GLY N 72 -85.97 -29.68 91.50
C GLY N 72 -85.99 -28.26 92.07
N SER N 73 -85.47 -28.09 93.28
CA SER N 73 -85.50 -26.79 93.95
C SER N 73 -84.55 -25.75 93.37
N ASP N 74 -83.59 -26.15 92.53
CA ASP N 74 -82.67 -25.23 91.89
C ASP N 74 -83.17 -24.71 90.54
N ALA N 75 -84.40 -25.07 90.17
CA ALA N 75 -84.98 -24.67 88.89
C ALA N 75 -84.96 -23.18 88.56
N PRO N 76 -85.25 -22.23 89.47
CA PRO N 76 -85.29 -20.82 89.03
C PRO N 76 -84.00 -20.29 88.42
N ALA N 77 -82.83 -20.71 88.94
CA ALA N 77 -81.57 -20.28 88.36
C ALA N 77 -81.41 -20.80 86.93
N ALA N 78 -81.76 -22.07 86.70
CA ALA N 78 -81.68 -22.63 85.36
C ALA N 78 -82.69 -22.00 84.43
N ARG N 79 -83.88 -21.66 84.93
CA ARG N 79 -84.85 -20.94 84.10
C ARG N 79 -84.28 -19.59 83.68
N LYS N 80 -83.62 -18.89 84.61
CA LYS N 80 -82.99 -17.62 84.25
C LYS N 80 -81.90 -17.81 83.22
N VAL N 81 -81.07 -18.85 83.37
CA VAL N 81 -79.97 -19.05 82.42
C VAL N 81 -80.50 -19.38 81.04
N VAL N 82 -81.52 -20.24 80.95
CA VAL N 82 -82.07 -20.59 79.63
C VAL N 82 -82.74 -19.38 79.01
N LEU N 83 -83.39 -18.54 79.82
CA LEU N 83 -83.96 -17.31 79.28
C LEU N 83 -82.87 -16.40 78.75
N GLU N 84 -81.75 -16.31 79.48
CA GLU N 84 -80.66 -15.44 79.04
C GLU N 84 -80.01 -15.98 77.76
N ILE N 85 -79.90 -17.29 77.63
CA ILE N 85 -79.35 -17.86 76.40
C ILE N 85 -80.31 -17.61 75.24
N MET N 86 -81.63 -17.62 75.51
CA MET N 86 -82.60 -17.27 74.49
C MET N 86 -82.53 -15.79 74.11
N ASN N 87 -82.00 -14.93 75.00
CA ASN N 87 -81.94 -13.49 74.81
C ASN N 87 -80.52 -12.99 74.55
N ASP N 88 -79.74 -13.73 73.76
CA ASP N 88 -78.36 -13.34 73.44
C ASP N 88 -78.14 -13.48 71.94
N PRO N 89 -77.80 -12.39 71.24
CA PRO N 89 -77.67 -12.46 69.77
C PRO N 89 -76.45 -13.22 69.26
N ASN N 90 -75.48 -13.53 70.12
CA ASN N 90 -74.25 -14.15 69.67
C ASN N 90 -74.32 -15.68 69.65
N GLU N 91 -75.49 -16.25 69.93
CA GLU N 91 -75.65 -17.70 69.98
C GLU N 91 -76.21 -18.25 68.67
N LYS N 92 -75.94 -19.54 68.46
CA LYS N 92 -76.35 -20.24 67.24
C LYS N 92 -77.88 -20.28 67.11
N GLY N 93 -78.34 -20.20 65.87
CA GLY N 93 -79.78 -20.06 65.63
C GLY N 93 -80.60 -21.25 66.09
N GLY N 94 -80.08 -22.46 65.89
CA GLY N 94 -80.81 -23.63 66.33
C GLY N 94 -81.03 -23.64 67.82
N ILE N 95 -80.02 -23.19 68.57
CA ILE N 95 -80.11 -23.11 70.01
C ILE N 95 -81.14 -22.06 70.43
N ARG N 96 -81.15 -20.92 69.73
CA ARG N 96 -82.15 -19.90 70.03
C ARG N 96 -83.56 -20.42 69.80
N LEU N 97 -83.76 -21.16 68.70
CA LEU N 97 -85.07 -21.74 68.44
C LEU N 97 -85.45 -22.75 69.51
N LYS N 98 -84.51 -23.60 69.92
CA LYS N 98 -84.82 -24.60 70.93
C LYS N 98 -85.16 -23.95 72.28
N ALA N 99 -84.45 -22.88 72.64
CA ALA N 99 -84.75 -22.16 73.88
C ALA N 99 -86.13 -21.52 73.83
N ALA N 100 -86.46 -20.86 72.72
CA ALA N 100 -87.79 -20.27 72.58
C ALA N 100 -88.86 -21.35 72.63
N GLN N 101 -88.62 -22.48 71.97
CA GLN N 101 -89.54 -23.61 71.99
C GLN N 101 -89.74 -24.12 73.41
N ASP N 102 -88.66 -24.21 74.19
CA ASP N 102 -88.75 -24.70 75.55
C ASP N 102 -89.61 -23.78 76.41
N ILE N 103 -89.36 -22.46 76.34
CA ILE N 103 -90.14 -21.56 77.18
C ILE N 103 -91.60 -21.52 76.72
N LEU N 104 -91.85 -21.63 75.40
CA LEU N 104 -93.21 -21.68 74.91
C LEU N 104 -93.93 -22.95 75.36
N ASP N 105 -93.23 -24.09 75.36
CA ASP N 105 -93.83 -25.30 75.89
C ASP N 105 -94.16 -25.16 77.37
N ARG N 106 -93.34 -24.40 78.10
CA ARG N 106 -93.69 -24.11 79.49
C ARG N 106 -94.89 -23.18 79.57
N ALA N 107 -95.08 -22.32 78.56
CA ALA N 107 -96.22 -21.41 78.56
C ALA N 107 -97.56 -22.15 78.47
N GLY N 108 -97.58 -23.33 77.85
CA GLY N 108 -98.83 -24.06 77.79
C GLY N 108 -99.36 -24.39 76.40
N PHE N 109 -98.45 -24.56 75.44
CA PHE N 109 -98.82 -24.86 74.04
C PHE N 109 -98.26 -26.23 73.66
N GLY N 110 -99.16 -27.15 73.28
CA GLY N 110 -98.80 -28.52 73.06
C GLY N 110 -98.87 -28.94 71.61
N ALA N 111 -98.90 -30.25 71.38
CA ALA N 111 -98.88 -30.78 70.03
C ALA N 111 -100.28 -30.83 69.40
N LYS N 112 -100.31 -31.32 68.17
CA LYS N 112 -101.47 -31.24 67.28
C LYS N 112 -101.81 -32.66 66.80
N GLN N 113 -102.61 -32.75 65.75
CA GLN N 113 -103.38 -33.96 65.46
C GLN N 113 -102.49 -35.15 65.15
N LYS N 114 -103.00 -36.33 65.48
CA LYS N 114 -102.41 -37.61 65.09
C LYS N 114 -103.57 -38.58 64.94
N ILE N 115 -103.69 -39.22 63.78
CA ILE N 115 -104.84 -40.06 63.49
C ILE N 115 -104.42 -41.53 63.44
N GLU N 116 -105.30 -42.42 63.87
CA GLU N 116 -105.04 -43.84 63.86
C GLU N 116 -106.10 -44.58 63.05
N LEU N 117 -105.64 -45.55 62.27
CA LEU N 117 -106.49 -46.42 61.46
C LEU N 117 -106.32 -47.84 61.99
N THR N 118 -107.43 -48.52 62.24
CA THR N 118 -107.42 -49.84 62.85
C THR N 118 -107.86 -50.90 61.86
N THR N 119 -107.21 -52.06 61.93
CA THR N 119 -107.47 -53.19 61.05
C THR N 119 -107.64 -54.44 61.89
N LYS N 120 -108.52 -55.32 61.45
CA LYS N 120 -108.83 -56.55 62.19
C LYS N 120 -107.64 -57.50 62.21
N PRO O 17 -100.55 -15.75 104.94
CA PRO O 17 -100.44 -14.64 103.99
C PRO O 17 -100.12 -15.12 102.57
N LYS O 18 -100.47 -14.32 101.56
CA LYS O 18 -100.24 -14.67 100.18
C LYS O 18 -99.29 -13.72 99.46
N GLU O 19 -99.23 -12.47 99.90
CA GLU O 19 -98.33 -11.52 99.27
C GLU O 19 -96.90 -11.75 99.75
N LYS O 20 -96.76 -12.14 101.02
CA LYS O 20 -95.45 -12.46 101.55
C LYS O 20 -94.89 -13.71 100.87
N LEU O 21 -95.76 -14.70 100.60
CA LEU O 21 -95.30 -15.89 99.88
C LEU O 21 -94.91 -15.58 98.45
N ASP O 22 -95.69 -14.74 97.75
CA ASP O 22 -95.31 -14.38 96.39
C ASP O 22 -94.02 -13.56 96.36
N LEU O 23 -93.86 -12.63 97.30
CA LEU O 23 -92.61 -11.87 97.38
C LEU O 23 -91.43 -12.78 97.69
N TYR O 24 -91.63 -13.77 98.57
CA TYR O 24 -90.59 -14.73 98.88
C TYR O 24 -90.22 -15.56 97.65
N CYS O 25 -91.21 -16.01 96.88
CA CYS O 25 -90.90 -16.81 95.69
C CYS O 25 -90.12 -16.00 94.67
N GLU O 26 -90.55 -14.77 94.39
CA GLU O 26 -89.84 -13.96 93.40
C GLU O 26 -88.45 -13.56 93.90
N ALA O 27 -88.31 -13.23 95.18
CA ALA O 27 -87.00 -12.88 95.72
C ALA O 27 -86.06 -14.09 95.68
N LEU O 28 -86.57 -15.27 95.99
CA LEU O 28 -85.76 -16.48 95.90
C LEU O 28 -85.33 -16.75 94.46
N CYS O 29 -86.22 -16.46 93.51
CA CYS O 29 -85.88 -16.62 92.11
C CYS O 29 -84.85 -15.58 91.65
N ASP O 30 -84.85 -14.40 92.26
CA ASP O 30 -84.04 -13.29 91.76
C ASP O 30 -82.66 -13.18 92.42
N GLY O 31 -82.55 -13.37 93.74
CA GLY O 31 -81.25 -13.17 94.35
C GLY O 31 -80.50 -14.43 94.72
N PHE O 32 -80.83 -15.53 94.06
CA PHE O 32 -80.14 -16.82 94.15
C PHE O 32 -79.58 -17.11 95.53
N ASN O 33 -80.37 -16.89 96.57
CA ASN O 33 -79.93 -17.16 97.94
C ASN O 33 -81.14 -17.44 98.80
N LYS O 34 -81.06 -18.48 99.62
CA LYS O 34 -82.17 -18.79 100.52
C LYS O 34 -82.21 -17.76 101.63
N THR O 35 -81.05 -17.36 102.14
CA THR O 35 -80.97 -16.42 103.24
C THR O 35 -81.46 -15.04 102.81
N GLN O 36 -81.08 -14.60 101.60
CA GLN O 36 -81.53 -13.30 101.12
C GLN O 36 -83.04 -13.28 100.93
N ALA O 37 -83.61 -14.36 100.38
CA ALA O 37 -85.06 -14.42 100.24
C ALA O 37 -85.76 -14.41 101.59
N TYR O 38 -85.21 -15.16 102.56
CA TYR O 38 -85.84 -15.22 103.88
C TYR O 38 -85.76 -13.86 104.58
N ILE O 39 -84.63 -13.17 104.47
CA ILE O 39 -84.52 -11.85 105.07
C ILE O 39 -85.42 -10.86 104.33
N LYS O 40 -85.66 -11.09 103.03
CA LYS O 40 -86.58 -10.24 102.30
C LYS O 40 -88.03 -10.54 102.67
N ALA O 41 -88.28 -11.71 103.28
CA ALA O 41 -89.62 -12.01 103.77
C ALA O 41 -90.01 -11.16 104.98
N GLY O 42 -89.18 -10.19 105.36
CA GLY O 42 -89.49 -9.32 106.48
C GLY O 42 -89.29 -9.95 107.84
N PHE O 43 -88.46 -10.99 107.93
CA PHE O 43 -88.30 -11.79 109.13
C PHE O 43 -86.91 -11.63 109.72
N SER O 44 -86.67 -12.36 110.80
CA SER O 44 -85.42 -12.25 111.54
C SER O 44 -84.28 -12.91 110.79
N ALA O 45 -83.15 -12.22 110.70
CA ALA O 45 -81.97 -12.71 110.00
C ALA O 45 -81.31 -13.84 110.76
N PRO O 46 -81.22 -13.74 112.10
CA PRO O 46 -80.43 -14.73 112.86
C PRO O 46 -80.91 -16.17 112.79
N HIS O 47 -82.16 -16.43 113.19
CA HIS O 47 -82.67 -17.81 113.17
C HIS O 47 -83.35 -18.10 111.84
N ALA O 48 -82.51 -18.15 110.81
CA ALA O 48 -82.95 -18.40 109.44
C ALA O 48 -82.56 -19.77 108.91
N GLN O 49 -81.96 -20.63 109.74
CA GLN O 49 -81.46 -21.91 109.25
C GLN O 49 -82.33 -23.11 109.57
N ARG O 50 -83.07 -23.09 110.68
CA ARG O 50 -83.84 -24.26 111.10
C ARG O 50 -85.34 -24.17 110.85
N ASN O 51 -85.85 -23.01 110.42
CA ASN O 51 -87.28 -22.83 110.22
C ASN O 51 -87.67 -22.72 108.75
N VAL O 52 -86.72 -22.46 107.86
CA VAL O 52 -87.03 -22.20 106.47
C VAL O 52 -87.39 -23.49 105.73
N ALA O 53 -86.78 -24.62 106.08
CA ALA O 53 -87.10 -25.87 105.41
C ALA O 53 -88.57 -26.28 105.57
N PRO O 54 -89.15 -26.28 106.77
CA PRO O 54 -90.59 -26.62 106.85
C PRO O 54 -91.50 -25.66 106.11
N TYR O 55 -91.22 -24.36 106.19
CA TYR O 55 -92.04 -23.36 105.51
C TYR O 55 -91.93 -23.51 104.00
N HIS O 56 -90.74 -23.86 103.51
CA HIS O 56 -90.55 -24.03 102.08
C HIS O 56 -91.19 -25.31 101.57
N ARG O 57 -91.08 -26.41 102.33
CA ARG O 57 -91.65 -27.66 101.84
C ARG O 57 -93.16 -27.73 102.00
N LYS O 58 -93.75 -26.97 102.92
CA LYS O 58 -95.19 -27.08 103.11
C LYS O 58 -96.00 -26.24 102.11
N ASN O 59 -95.36 -25.39 101.31
CA ASN O 59 -96.06 -24.57 100.33
C ASN O 59 -95.45 -24.71 98.94
N ALA O 60 -94.95 -25.92 98.65
CA ALA O 60 -94.28 -26.20 97.39
C ALA O 60 -95.21 -26.04 96.20
N GLU O 61 -96.47 -26.44 96.35
CA GLU O 61 -97.40 -26.36 95.22
C GLU O 61 -97.61 -24.91 94.79
N TYR O 62 -97.82 -24.02 95.75
CA TYR O 62 -98.01 -22.62 95.38
C TYR O 62 -96.72 -22.01 94.85
N ILE O 63 -95.57 -22.40 95.41
CA ILE O 63 -94.31 -21.88 94.89
C ILE O 63 -94.12 -22.32 93.44
N GLN O 64 -94.43 -23.59 93.16
CA GLN O 64 -94.30 -24.13 91.81
C GLN O 64 -95.26 -23.45 90.83
N ALA O 65 -96.51 -23.21 91.26
CA ALA O 65 -97.44 -22.54 90.36
C ALA O 65 -96.98 -21.12 90.04
N TYR O 66 -96.48 -20.39 91.05
CA TYR O 66 -96.02 -19.03 90.79
C TYR O 66 -94.81 -19.02 89.86
N ILE O 67 -93.85 -19.94 90.07
CA ILE O 67 -92.68 -19.98 89.21
C ILE O 67 -93.08 -20.36 87.78
N SER O 68 -94.06 -21.25 87.65
CA SER O 68 -94.56 -21.61 86.31
C SER O 68 -95.16 -20.39 85.62
N GLU O 69 -95.93 -19.59 86.36
CA GLU O 69 -96.49 -18.39 85.74
C GLU O 69 -95.38 -17.42 85.36
N ARG O 70 -94.34 -17.30 86.18
CA ARG O 70 -93.24 -16.39 85.85
C ARG O 70 -92.50 -16.83 84.59
N ILE O 71 -92.22 -18.13 84.47
CA ILE O 71 -91.55 -18.60 83.25
C ILE O 71 -92.46 -18.44 82.03
N GLY O 72 -93.77 -18.64 82.21
CA GLY O 72 -94.71 -18.47 81.12
C GLY O 72 -94.91 -17.03 80.68
N SER O 73 -94.65 -16.06 81.57
CA SER O 73 -94.89 -14.66 81.22
C SER O 73 -93.95 -14.11 80.17
N ASP O 74 -92.85 -14.80 79.87
CA ASP O 74 -91.92 -14.38 78.81
C ASP O 74 -92.23 -15.00 77.46
N ALA O 75 -93.30 -15.79 77.34
CA ALA O 75 -93.65 -16.41 76.06
C ALA O 75 -93.78 -15.41 74.90
N PRO O 76 -94.39 -14.24 75.06
CA PRO O 76 -94.40 -13.28 73.93
C PRO O 76 -93.00 -12.91 73.46
N ALA O 77 -92.02 -12.89 74.37
CA ALA O 77 -90.64 -12.68 73.95
C ALA O 77 -90.19 -13.78 73.02
N ALA O 78 -90.57 -15.03 73.31
CA ALA O 78 -90.22 -16.12 72.41
C ALA O 78 -90.92 -15.96 71.07
N ARG O 79 -92.15 -15.47 71.07
CA ARG O 79 -92.82 -15.18 69.81
C ARG O 79 -92.07 -14.14 69.00
N LYS O 80 -91.64 -13.07 69.66
CA LYS O 80 -90.89 -12.02 68.98
C LYS O 80 -89.55 -12.53 68.46
N VAL O 81 -88.85 -13.34 69.25
CA VAL O 81 -87.54 -13.83 68.83
C VAL O 81 -87.68 -14.76 67.63
N VAL O 82 -88.66 -15.67 67.65
CA VAL O 82 -88.80 -16.60 66.53
C VAL O 82 -89.21 -15.85 65.26
N LEU O 83 -90.09 -14.85 65.39
CA LEU O 83 -90.45 -14.07 64.21
C LEU O 83 -89.26 -13.28 63.68
N GLU O 84 -88.48 -12.67 64.57
CA GLU O 84 -87.34 -11.87 64.14
C GLU O 84 -86.27 -12.73 63.47
N ILE O 85 -86.05 -13.94 63.98
CA ILE O 85 -85.11 -14.84 63.34
C ILE O 85 -85.66 -15.33 62.01
N MET O 86 -86.98 -15.52 61.92
CA MET O 86 -87.60 -15.90 60.66
C MET O 86 -87.57 -14.80 59.61
N ASN O 87 -87.39 -13.54 60.02
CA ASN O 87 -87.40 -12.44 59.06
C ASN O 87 -86.01 -11.90 58.73
N ASP O 88 -84.94 -12.55 59.19
CA ASP O 88 -83.59 -12.09 58.90
C ASP O 88 -83.06 -12.77 57.64
N PRO O 89 -82.81 -12.02 56.54
CA PRO O 89 -82.36 -12.68 55.31
C PRO O 89 -80.92 -13.14 55.34
N ASN O 90 -80.10 -12.61 56.25
CA ASN O 90 -78.68 -12.95 56.31
C ASN O 90 -78.43 -14.11 57.26
N GLU O 91 -79.48 -14.68 57.82
CA GLU O 91 -79.37 -15.78 58.76
C GLU O 91 -79.52 -17.09 57.99
N LYS O 92 -79.00 -18.17 58.58
CA LYS O 92 -78.99 -19.44 57.87
C LYS O 92 -80.40 -19.90 57.50
N GLY O 93 -80.53 -20.48 56.31
CA GLY O 93 -81.85 -20.84 55.81
C GLY O 93 -82.51 -21.93 56.64
N GLY O 94 -81.71 -22.89 57.10
CA GLY O 94 -82.27 -23.98 57.88
C GLY O 94 -82.92 -23.51 59.17
N ILE O 95 -82.33 -22.49 59.80
CA ILE O 95 -82.89 -21.98 61.05
C ILE O 95 -84.23 -21.31 60.79
N ARG O 96 -84.34 -20.54 59.71
CA ARG O 96 -85.63 -19.96 59.35
C ARG O 96 -86.65 -21.05 59.04
N LEU O 97 -86.22 -22.11 58.36
CA LEU O 97 -87.12 -23.21 58.07
C LEU O 97 -87.61 -23.88 59.34
N LYS O 98 -86.71 -24.10 60.31
CA LYS O 98 -87.10 -24.72 61.56
C LYS O 98 -88.04 -23.81 62.36
N ALA O 99 -87.77 -22.50 62.35
CA ALA O 99 -88.67 -21.56 63.01
C ALA O 99 -90.05 -21.57 62.35
N ALA O 100 -90.09 -21.61 61.02
CA ALA O 100 -91.36 -21.71 60.30
C ALA O 100 -92.08 -23.00 60.65
N GLN O 101 -91.34 -24.10 60.79
CA GLN O 101 -91.95 -25.36 61.22
C GLN O 101 -92.58 -25.22 62.59
N ASP O 102 -91.88 -24.56 63.51
CA ASP O 102 -92.40 -24.37 64.86
C ASP O 102 -93.66 -23.52 64.82
N ILE O 103 -93.64 -22.42 64.07
CA ILE O 103 -94.78 -21.52 64.02
C ILE O 103 -95.97 -22.18 63.34
N LEU O 104 -95.72 -23.00 62.32
CA LEU O 104 -96.81 -23.73 61.68
C LEU O 104 -97.38 -24.81 62.61
N ASP O 105 -96.53 -25.49 63.37
CA ASP O 105 -97.02 -26.48 64.31
C ASP O 105 -97.90 -25.84 65.38
N ARG O 106 -97.53 -24.63 65.84
CA ARG O 106 -98.39 -23.91 66.79
C ARG O 106 -99.62 -23.31 66.12
N ALA O 107 -99.55 -22.99 64.83
CA ALA O 107 -100.67 -22.34 64.15
C ALA O 107 -101.92 -23.21 64.14
N GLY O 108 -101.75 -24.53 64.15
CA GLY O 108 -102.88 -25.44 64.19
C GLY O 108 -102.88 -26.36 62.99
N PHE O 109 -101.70 -26.58 62.43
CA PHE O 109 -101.47 -27.49 61.32
C PHE O 109 -100.44 -28.49 61.80
N GLY O 110 -100.87 -29.75 61.96
CA GLY O 110 -100.02 -30.74 62.60
C GLY O 110 -99.58 -31.90 61.73
N ALA O 111 -99.14 -32.98 62.38
CA ALA O 111 -98.68 -34.17 61.69
C ALA O 111 -99.87 -35.06 61.33
N LYS O 112 -99.58 -36.22 60.75
CA LYS O 112 -100.62 -37.04 60.16
C LYS O 112 -100.69 -38.47 60.70
N GLN O 113 -101.40 -39.32 59.97
CA GLN O 113 -101.93 -40.58 60.45
C GLN O 113 -100.84 -41.60 60.79
N LYS O 114 -101.24 -42.55 61.64
CA LYS O 114 -100.42 -43.70 62.03
C LYS O 114 -101.35 -44.89 62.16
N ILE O 115 -101.00 -46.00 61.49
CA ILE O 115 -101.86 -47.18 61.42
C ILE O 115 -101.25 -48.26 62.30
N GLU O 116 -102.11 -49.05 62.94
CA GLU O 116 -101.66 -50.14 63.78
C GLU O 116 -102.29 -51.44 63.27
N LEU O 117 -101.47 -52.46 63.09
CA LEU O 117 -101.91 -53.78 62.63
C LEU O 117 -101.46 -54.83 63.64
N THR O 118 -102.38 -55.69 64.06
CA THR O 118 -102.05 -56.72 65.03
C THR O 118 -102.22 -58.10 64.38
N THR O 119 -101.27 -58.99 64.67
CA THR O 119 -101.27 -60.35 64.12
C THR O 119 -101.01 -61.33 65.27
N LYS O 120 -102.04 -62.10 65.63
CA LYS O 120 -101.92 -63.08 66.70
C LYS O 120 -103.05 -64.10 66.62
N LEU P 15 -113.56 4.48 77.18
CA LEU P 15 -113.34 3.19 76.53
C LEU P 15 -113.45 2.05 77.54
N THR P 16 -113.75 0.86 77.04
CA THR P 16 -113.94 -0.32 77.87
C THR P 16 -112.61 -0.83 78.40
N PRO P 17 -112.63 -1.57 79.52
CA PRO P 17 -111.39 -2.23 79.99
C PRO P 17 -110.88 -3.32 79.07
N LYS P 18 -111.75 -3.92 78.24
CA LYS P 18 -111.31 -5.04 77.40
C LYS P 18 -110.41 -4.57 76.27
N GLU P 19 -110.58 -3.34 75.79
CA GLU P 19 -109.71 -2.83 74.75
C GLU P 19 -108.40 -2.37 75.34
N LYS P 20 -108.43 -1.84 76.56
CA LYS P 20 -107.21 -1.48 77.24
C LYS P 20 -106.38 -2.72 77.54
N LEU P 21 -107.07 -3.82 77.90
CA LEU P 21 -106.35 -5.05 78.19
C LEU P 21 -105.77 -5.69 76.94
N ASP P 22 -106.49 -5.66 75.80
CA ASP P 22 -105.89 -6.23 74.59
C ASP P 22 -104.69 -5.39 74.13
N LEU P 23 -104.79 -4.06 74.25
CA LEU P 23 -103.64 -3.21 73.96
C LEU P 23 -102.48 -3.52 74.89
N TYR P 24 -102.77 -3.77 76.16
CA TYR P 24 -101.74 -4.16 77.11
C TYR P 24 -101.08 -5.47 76.70
N CYS P 25 -101.88 -6.45 76.28
CA CYS P 25 -101.31 -7.72 75.85
C CYS P 25 -100.41 -7.56 74.64
N GLU P 26 -100.84 -6.80 73.64
CA GLU P 26 -99.99 -6.63 72.46
C GLU P 26 -98.72 -5.85 72.80
N ALA P 27 -98.84 -4.84 73.66
CA ALA P 27 -97.65 -4.07 74.06
C ALA P 27 -96.67 -4.96 74.83
N LEU P 28 -97.18 -5.83 75.70
CA LEU P 28 -96.32 -6.80 76.37
C LEU P 28 -95.71 -7.77 75.37
N CYS P 29 -96.46 -8.11 74.32
CA CYS P 29 -95.94 -9.00 73.30
C CYS P 29 -94.79 -8.34 72.52
N ASP P 30 -94.80 -7.02 72.41
CA ASP P 30 -93.77 -6.39 71.60
C ASP P 30 -92.57 -5.95 72.45
N GLY P 31 -92.80 -5.39 73.64
CA GLY P 31 -91.71 -4.90 74.48
C GLY P 31 -91.36 -5.72 75.70
N PHE P 32 -91.93 -6.92 75.86
CA PHE P 32 -91.58 -7.91 76.87
C PHE P 32 -91.14 -7.39 78.23
N ASN P 33 -91.89 -6.45 78.81
CA ASN P 33 -91.54 -5.98 80.13
C ASN P 33 -92.83 -5.57 80.83
N LYS P 34 -92.96 -5.97 82.09
CA LYS P 34 -94.20 -5.70 82.82
C LYS P 34 -94.37 -4.22 83.13
N THR P 35 -93.29 -3.52 83.49
CA THR P 35 -93.45 -2.11 83.83
C THR P 35 -93.80 -1.29 82.60
N GLN P 36 -93.10 -1.52 81.48
CA GLN P 36 -93.40 -0.82 80.24
C GLN P 36 -94.77 -1.19 79.72
N ALA P 37 -95.13 -2.47 79.77
CA ALA P 37 -96.45 -2.89 79.31
C ALA P 37 -97.54 -2.27 80.18
N TYR P 38 -97.32 -2.21 81.49
CA TYR P 38 -98.32 -1.64 82.39
C TYR P 38 -98.50 -0.15 82.16
N ILE P 39 -97.39 0.59 81.96
CA ILE P 39 -97.55 2.02 81.68
C ILE P 39 -98.18 2.23 80.31
N LYS P 40 -97.94 1.31 79.36
CA LYS P 40 -98.60 1.41 78.06
C LYS P 40 -100.06 0.98 78.12
N ALA P 41 -100.46 0.24 79.16
CA ALA P 41 -101.86 -0.16 79.28
C ALA P 41 -102.74 1.05 79.62
N GLY P 42 -102.25 1.94 80.48
CA GLY P 42 -102.96 3.16 80.80
C GLY P 42 -103.19 3.38 82.28
N PHE P 43 -102.40 2.74 83.13
CA PHE P 43 -102.61 2.77 84.57
C PHE P 43 -101.43 3.46 85.26
N SER P 44 -101.46 3.50 86.58
CA SER P 44 -100.47 4.27 87.34
C SER P 44 -99.10 3.61 87.30
N ALA P 45 -98.08 4.41 86.97
CA ALA P 45 -96.70 3.94 86.86
C ALA P 45 -96.10 3.63 88.22
N PRO P 46 -96.37 4.46 89.24
CA PRO P 46 -95.70 4.24 90.53
C PRO P 46 -96.05 2.90 91.16
N HIS P 47 -97.23 2.39 90.88
CA HIS P 47 -97.68 1.10 91.40
C HIS P 47 -97.47 0.05 90.32
N ALA P 48 -96.21 -0.33 90.11
CA ALA P 48 -95.83 -1.24 89.05
C ALA P 48 -95.61 -2.66 89.51
N GLN P 49 -95.11 -2.88 90.73
CA GLN P 49 -94.94 -4.22 91.26
C GLN P 49 -96.07 -4.57 92.21
N ARG P 50 -97.14 -3.77 92.22
CA ARG P 50 -98.28 -3.89 93.09
C ARG P 50 -99.48 -4.51 92.40
N ASN P 51 -99.96 -3.86 91.34
CA ASN P 51 -101.18 -4.24 90.64
C ASN P 51 -100.95 -5.18 89.45
N VAL P 52 -99.71 -5.31 88.96
CA VAL P 52 -99.54 -6.06 87.72
C VAL P 52 -99.75 -7.56 87.97
N ALA P 53 -99.30 -8.07 89.12
CA ALA P 53 -99.61 -9.45 89.45
C ALA P 53 -101.11 -9.67 89.63
N PRO P 54 -101.83 -8.85 90.40
CA PRO P 54 -103.29 -9.04 90.51
C PRO P 54 -104.02 -8.85 89.18
N TYR P 55 -103.61 -7.88 88.37
CA TYR P 55 -104.27 -7.65 87.09
C TYR P 55 -104.04 -8.82 86.13
N HIS P 56 -102.83 -9.38 86.14
CA HIS P 56 -102.48 -10.49 85.26
C HIS P 56 -103.09 -11.83 85.69
N ARG P 57 -103.16 -12.09 86.99
CA ARG P 57 -103.50 -13.43 87.45
C ARG P 57 -104.97 -13.82 87.30
N LYS P 58 -105.90 -12.86 87.39
CA LYS P 58 -107.31 -13.25 87.33
C LYS P 58 -107.88 -13.35 85.92
N ASN P 59 -107.18 -12.86 84.91
CA ASN P 59 -107.67 -12.87 83.53
C ASN P 59 -106.60 -13.41 82.59
N ALA P 60 -105.84 -14.40 83.04
CA ALA P 60 -104.76 -14.97 82.25
C ALA P 60 -105.29 -15.63 80.98
N GLU P 61 -106.54 -16.12 81.01
CA GLU P 61 -107.09 -16.85 79.87
C GLU P 61 -107.11 -16.00 78.61
N TYR P 62 -107.54 -14.73 78.73
CA TYR P 62 -107.57 -13.86 77.56
C TYR P 62 -106.17 -13.50 77.10
N ILE P 63 -105.22 -13.35 78.03
CA ILE P 63 -103.84 -13.07 77.65
C ILE P 63 -103.27 -14.23 76.82
N GLN P 64 -103.52 -15.46 77.27
CA GLN P 64 -103.09 -16.63 76.51
C GLN P 64 -103.77 -16.68 75.16
N ALA P 65 -105.07 -16.35 75.11
CA ALA P 65 -105.77 -16.34 73.83
C ALA P 65 -105.16 -15.30 72.89
N TYR P 66 -104.80 -14.13 73.41
CA TYR P 66 -104.22 -13.09 72.58
C TYR P 66 -102.86 -13.49 72.03
N ILE P 67 -102.01 -14.09 72.87
CA ILE P 67 -100.71 -14.53 72.38
C ILE P 67 -100.87 -15.65 71.36
N SER P 68 -101.83 -16.55 71.59
CA SER P 68 -102.10 -17.61 70.61
C SER P 68 -102.56 -17.04 69.28
N GLU P 69 -103.43 -16.03 69.32
CA GLU P 69 -103.92 -15.40 68.10
C GLU P 69 -102.79 -14.68 67.38
N ARG P 70 -101.88 -14.05 68.13
CA ARG P 70 -100.73 -13.40 67.50
C ARG P 70 -99.84 -14.43 66.82
N ILE P 71 -99.63 -15.59 67.46
CA ILE P 71 -98.83 -16.65 66.85
C ILE P 71 -99.50 -17.19 65.59
N GLY P 72 -100.82 -17.37 65.63
CA GLY P 72 -101.52 -17.90 64.47
C GLY P 72 -101.62 -16.93 63.30
N SER P 73 -101.67 -15.62 63.60
CA SER P 73 -101.76 -14.60 62.56
C SER P 73 -100.46 -14.38 61.82
N ASP P 74 -99.33 -14.86 62.35
CA ASP P 74 -98.04 -14.73 61.71
C ASP P 74 -97.71 -15.90 60.79
N ALA P 75 -98.63 -16.85 60.65
CA ALA P 75 -98.43 -17.99 59.75
C ALA P 75 -98.11 -17.63 58.30
N PRO P 76 -98.76 -16.65 57.67
CA PRO P 76 -98.45 -16.38 56.25
C PRO P 76 -97.00 -16.04 55.98
N ALA P 77 -96.30 -15.37 56.89
CA ALA P 77 -94.87 -15.11 56.67
C ALA P 77 -94.09 -16.41 56.59
N ALA P 78 -94.37 -17.35 57.50
CA ALA P 78 -93.68 -18.64 57.49
C ALA P 78 -94.07 -19.47 56.27
N ARG P 79 -95.34 -19.39 55.84
CA ARG P 79 -95.75 -20.08 54.63
C ARG P 79 -95.00 -19.55 53.42
N LYS P 80 -94.87 -18.23 53.31
CA LYS P 80 -94.09 -17.64 52.23
C LYS P 80 -92.64 -18.08 52.31
N VAL P 81 -92.10 -18.15 53.53
CA VAL P 81 -90.70 -18.53 53.71
C VAL P 81 -90.47 -19.96 53.22
N VAL P 82 -91.35 -20.89 53.61
CA VAL P 82 -91.16 -22.28 53.20
C VAL P 82 -91.39 -22.44 51.70
N LEU P 83 -92.36 -21.70 51.13
CA LEU P 83 -92.59 -21.76 49.69
C LEU P 83 -91.37 -21.25 48.93
N GLU P 84 -90.79 -20.15 49.38
CA GLU P 84 -89.61 -19.62 48.72
C GLU P 84 -88.41 -20.53 48.91
N ILE P 85 -88.31 -21.19 50.07
CA ILE P 85 -87.20 -22.11 50.30
C ILE P 85 -87.29 -23.31 49.38
N MET P 86 -88.52 -23.77 49.09
CA MET P 86 -88.67 -24.83 48.10
C MET P 86 -88.33 -24.34 46.70
N ASN P 87 -88.44 -23.04 46.45
CA ASN P 87 -88.16 -22.44 45.16
C ASN P 87 -86.86 -21.64 45.14
N ASP P 88 -86.09 -21.69 46.23
CA ASP P 88 -84.82 -20.96 46.28
C ASP P 88 -83.75 -21.90 45.79
N PRO P 89 -83.10 -21.63 44.64
CA PRO P 89 -82.13 -22.59 44.09
C PRO P 89 -80.79 -22.65 44.81
N ASN P 90 -80.47 -21.69 45.67
CA ASN P 90 -79.14 -21.61 46.25
C ASN P 90 -79.01 -22.35 47.58
N GLU P 91 -80.03 -23.07 48.02
CA GLU P 91 -79.96 -23.74 49.32
C GLU P 91 -79.52 -25.20 49.19
N LYS P 92 -78.93 -25.69 50.27
CA LYS P 92 -78.46 -27.08 50.34
C LYS P 92 -79.62 -28.05 50.21
N GLY P 93 -79.32 -29.25 49.72
CA GLY P 93 -80.38 -30.21 49.46
C GLY P 93 -81.18 -30.54 50.71
N GLY P 94 -80.51 -30.54 51.87
CA GLY P 94 -81.23 -30.76 53.11
C GLY P 94 -82.28 -29.71 53.38
N ILE P 95 -81.98 -28.45 53.04
CA ILE P 95 -82.90 -27.36 53.33
C ILE P 95 -84.18 -27.51 52.51
N ARG P 96 -84.03 -27.73 51.21
CA ARG P 96 -85.19 -27.95 50.34
C ARG P 96 -85.91 -29.26 50.68
N LEU P 97 -85.15 -30.29 51.05
CA LEU P 97 -85.79 -31.55 51.43
C LEU P 97 -86.67 -31.38 52.67
N LYS P 98 -86.19 -30.67 53.68
CA LYS P 98 -87.02 -30.41 54.86
C LYS P 98 -88.22 -29.55 54.51
N ALA P 99 -88.03 -28.56 53.64
CA ALA P 99 -89.18 -27.75 53.22
C ALA P 99 -90.23 -28.60 52.51
N ALA P 100 -89.78 -29.47 51.60
CA ALA P 100 -90.69 -30.37 50.89
C ALA P 100 -91.38 -31.32 51.85
N GLN P 101 -90.64 -31.86 52.83
CA GLN P 101 -91.26 -32.74 53.81
C GLN P 101 -92.36 -32.01 54.56
N ASP P 102 -92.08 -30.78 55.01
CA ASP P 102 -93.06 -30.03 55.77
C ASP P 102 -94.30 -29.73 54.93
N ILE P 103 -94.11 -29.24 53.71
CA ILE P 103 -95.26 -28.85 52.89
C ILE P 103 -96.08 -30.07 52.45
N LEU P 104 -95.41 -31.19 52.14
CA LEU P 104 -96.16 -32.39 51.78
C LEU P 104 -96.91 -32.97 52.98
N ASP P 105 -96.29 -32.95 54.16
CA ASP P 105 -96.98 -33.42 55.35
C ASP P 105 -98.18 -32.53 55.67
N ARG P 106 -98.07 -31.24 55.39
CA ARG P 106 -99.21 -30.35 55.57
C ARG P 106 -100.28 -30.56 54.51
N ALA P 107 -99.88 -30.97 53.30
CA ALA P 107 -100.84 -31.16 52.21
C ALA P 107 -101.84 -32.27 52.47
N GLY P 108 -101.46 -33.30 53.22
CA GLY P 108 -102.39 -34.38 53.51
C GLY P 108 -101.91 -35.73 53.04
N PHE P 109 -100.59 -35.89 53.00
CA PHE P 109 -99.94 -37.14 52.61
C PHE P 109 -99.15 -37.61 53.83
N GLY P 110 -99.50 -38.78 54.36
CA GLY P 110 -99.09 -39.17 55.67
C GLY P 110 -98.05 -40.28 55.72
N ALA P 111 -97.95 -40.89 56.91
CA ALA P 111 -96.91 -41.84 57.28
C ALA P 111 -97.21 -43.29 56.88
N LYS P 112 -96.35 -44.17 57.39
CA LYS P 112 -96.18 -45.56 57.02
C LYS P 112 -97.10 -46.48 57.85
N GLN P 113 -96.82 -47.78 57.81
CA GLN P 113 -97.65 -48.79 58.45
C GLN P 113 -96.84 -49.44 59.57
N LYS P 114 -97.53 -49.97 60.56
CA LYS P 114 -96.86 -50.63 61.67
C LYS P 114 -97.66 -51.83 62.18
N ILE P 115 -96.97 -52.95 62.38
CA ILE P 115 -97.60 -54.17 62.87
C ILE P 115 -97.18 -54.31 64.34
N GLU P 116 -98.13 -54.68 65.20
CA GLU P 116 -97.87 -54.77 66.63
C GLU P 116 -98.34 -56.10 67.19
N LEU P 117 -97.54 -56.69 68.08
CA LEU P 117 -97.91 -57.90 68.81
C LEU P 117 -97.90 -57.63 70.30
N THR P 118 -99.01 -57.94 70.97
CA THR P 118 -99.17 -57.73 72.41
C THR P 118 -99.36 -59.08 73.08
N THR P 119 -98.74 -59.25 74.25
CA THR P 119 -98.81 -60.49 75.00
C THR P 119 -99.92 -60.42 76.05
N LYS P 120 -100.02 -61.47 76.85
CA LYS P 120 -101.03 -61.57 77.89
C LYS P 120 -100.45 -61.25 79.26
N LEU Q 15 -122.62 -10.37 45.02
CA LEU Q 15 -121.63 -9.75 45.88
C LEU Q 15 -121.98 -10.00 47.35
N THR Q 16 -123.28 -10.00 47.66
CA THR Q 16 -123.73 -10.33 49.01
C THR Q 16 -123.52 -11.80 49.37
N PRO Q 17 -123.51 -12.78 48.40
CA PRO Q 17 -122.96 -14.10 48.74
C PRO Q 17 -121.45 -14.02 48.84
N LYS Q 18 -120.75 -15.13 49.00
CA LYS Q 18 -119.32 -14.97 49.20
C LYS Q 18 -118.64 -14.63 47.88
N GLU Q 19 -118.42 -15.61 47.01
CA GLU Q 19 -117.91 -15.43 45.66
C GLU Q 19 -116.56 -14.71 45.61
N LYS Q 20 -116.25 -14.01 46.70
CA LYS Q 20 -115.05 -13.19 46.86
C LYS Q 20 -114.38 -13.34 48.22
N LEU Q 21 -115.09 -13.81 49.26
CA LEU Q 21 -114.49 -13.97 50.57
C LEU Q 21 -113.31 -14.93 50.54
N ASP Q 22 -113.33 -15.92 49.65
CA ASP Q 22 -112.17 -16.76 49.47
C ASP Q 22 -110.99 -15.93 49.00
N LEU Q 23 -111.25 -14.94 48.13
CA LEU Q 23 -110.21 -13.97 47.77
C LEU Q 23 -109.75 -13.17 48.99
N TYR Q 24 -110.67 -12.87 49.92
CA TYR Q 24 -110.28 -12.21 51.17
C TYR Q 24 -109.30 -13.07 51.94
N CYS Q 25 -109.56 -14.38 52.01
CA CYS Q 25 -108.62 -15.30 52.64
C CYS Q 25 -107.29 -15.31 51.90
N GLU Q 26 -107.35 -15.28 50.57
CA GLU Q 26 -106.12 -15.26 49.76
C GLU Q 26 -105.30 -14.01 50.04
N ALA Q 27 -105.96 -12.86 50.15
CA ALA Q 27 -105.25 -11.62 50.46
C ALA Q 27 -104.64 -11.66 51.85
N LEU Q 28 -105.37 -12.22 52.82
CA LEU Q 28 -104.81 -12.37 54.17
C LEU Q 28 -103.63 -13.32 54.17
N CYS Q 29 -103.70 -14.39 53.37
CA CYS Q 29 -102.61 -15.35 53.29
C CYS Q 29 -101.39 -14.77 52.60
N ASP Q 30 -101.59 -13.81 51.68
CA ASP Q 30 -100.45 -13.31 50.92
C ASP Q 30 -99.82 -12.09 51.56
N GLY Q 31 -100.62 -11.14 52.08
CA GLY Q 31 -100.04 -9.95 52.68
C GLY Q 31 -100.13 -9.77 54.18
N PHE Q 32 -100.36 -10.86 54.94
CA PHE Q 32 -100.34 -10.85 56.40
C PHE Q 32 -100.85 -9.57 57.06
N ASN Q 33 -102.00 -9.06 56.60
CA ASN Q 33 -102.58 -7.85 57.17
C ASN Q 33 -104.09 -7.92 57.05
N LYS Q 34 -104.75 -6.87 57.50
CA LYS Q 34 -106.20 -6.78 57.49
C LYS Q 34 -106.75 -5.57 56.74
N THR Q 35 -106.12 -4.41 56.87
CA THR Q 35 -106.72 -3.18 56.33
C THR Q 35 -106.78 -3.17 54.81
N GLN Q 36 -105.68 -3.54 54.14
CA GLN Q 36 -105.69 -3.54 52.67
C GLN Q 36 -106.65 -4.57 52.13
N ALA Q 37 -106.64 -5.78 52.70
CA ALA Q 37 -107.57 -6.82 52.27
C ALA Q 37 -109.01 -6.42 52.54
N TYR Q 38 -109.27 -5.81 53.71
CA TYR Q 38 -110.63 -5.43 54.05
C TYR Q 38 -111.15 -4.31 53.15
N ILE Q 39 -110.31 -3.31 52.85
CA ILE Q 39 -110.77 -2.25 51.96
C ILE Q 39 -110.94 -2.78 50.54
N LYS Q 40 -110.14 -3.77 50.13
CA LYS Q 40 -110.36 -4.40 48.84
C LYS Q 40 -111.58 -5.31 48.85
N ALA Q 41 -112.05 -5.69 50.03
CA ALA Q 41 -113.23 -6.54 50.12
C ALA Q 41 -114.49 -5.80 49.70
N GLY Q 42 -114.60 -4.50 49.98
CA GLY Q 42 -115.76 -3.76 49.58
C GLY Q 42 -116.76 -3.54 50.69
N PHE Q 43 -116.31 -3.51 51.94
CA PHE Q 43 -117.15 -3.51 53.12
C PHE Q 43 -117.06 -2.12 53.75
N SER Q 44 -117.69 -1.95 54.91
CA SER Q 44 -117.76 -0.63 55.51
C SER Q 44 -116.39 -0.20 55.99
N ALA Q 45 -116.00 1.02 55.62
CA ALA Q 45 -114.67 1.57 55.92
C ALA Q 45 -114.53 1.91 57.40
N PRO Q 46 -115.56 2.50 58.02
CA PRO Q 46 -115.39 2.95 59.42
C PRO Q 46 -115.13 1.81 60.39
N HIS Q 47 -116.00 0.81 60.40
CA HIS Q 47 -115.86 -0.34 61.31
C HIS Q 47 -114.98 -1.40 60.66
N ALA Q 48 -113.70 -1.05 60.51
CA ALA Q 48 -112.74 -1.95 59.87
C ALA Q 48 -111.77 -2.60 60.84
N GLN Q 49 -111.85 -2.29 62.13
CA GLN Q 49 -110.98 -2.89 63.13
C GLN Q 49 -111.71 -3.91 64.00
N ARG Q 50 -113.03 -3.80 64.11
CA ARG Q 50 -113.81 -4.66 64.99
C ARG Q 50 -114.50 -5.79 64.23
N ASN Q 51 -115.38 -5.42 63.29
CA ASN Q 51 -116.16 -6.37 62.50
C ASN Q 51 -115.32 -7.53 61.95
N VAL Q 52 -114.02 -7.31 61.80
CA VAL Q 52 -113.18 -8.34 61.24
C VAL Q 52 -112.93 -9.45 62.26
N ALA Q 53 -112.74 -9.07 63.52
CA ALA Q 53 -112.64 -10.08 64.57
C ALA Q 53 -113.92 -10.90 64.70
N PRO Q 54 -115.10 -10.29 64.76
CA PRO Q 54 -116.33 -11.12 64.81
C PRO Q 54 -116.52 -11.99 63.58
N TYR Q 55 -116.26 -11.47 62.38
CA TYR Q 55 -116.43 -12.30 61.19
C TYR Q 55 -115.43 -13.44 61.16
N HIS Q 56 -114.20 -13.20 61.65
CA HIS Q 56 -113.22 -14.26 61.71
C HIS Q 56 -113.59 -15.30 62.77
N ARG Q 57 -114.23 -14.85 63.85
CA ARG Q 57 -114.65 -15.79 64.89
C ARG Q 57 -115.83 -16.62 64.41
N LYS Q 58 -116.63 -16.08 63.49
CA LYS Q 58 -117.78 -16.81 62.96
C LYS Q 58 -117.41 -17.72 61.79
N ASN Q 59 -116.21 -17.58 61.21
CA ASN Q 59 -115.79 -18.37 60.06
C ASN Q 59 -114.38 -18.92 60.22
N ALA Q 60 -113.99 -19.31 61.44
CA ALA Q 60 -112.63 -19.80 61.67
C ALA Q 60 -112.37 -21.11 60.92
N GLU Q 61 -113.33 -22.03 60.93
CA GLU Q 61 -113.12 -23.31 60.29
C GLU Q 61 -112.92 -23.16 58.78
N TYR Q 62 -113.75 -22.34 58.14
CA TYR Q 62 -113.65 -22.18 56.70
C TYR Q 62 -112.38 -21.44 56.30
N ILE Q 63 -111.97 -20.43 57.08
CA ILE Q 63 -110.71 -19.76 56.78
C ILE Q 63 -109.53 -20.72 56.92
N GLN Q 64 -109.55 -21.56 57.96
CA GLN Q 64 -108.47 -22.53 58.11
C GLN Q 64 -108.44 -23.50 56.94
N ALA Q 65 -109.60 -23.98 56.51
CA ALA Q 65 -109.65 -24.89 55.37
C ALA Q 65 -109.16 -24.22 54.10
N TYR Q 66 -109.57 -22.97 53.87
CA TYR Q 66 -109.17 -22.27 52.65
C TYR Q 66 -107.67 -22.00 52.62
N ILE Q 67 -107.10 -21.57 53.75
CA ILE Q 67 -105.66 -21.32 53.78
C ILE Q 67 -104.90 -22.63 53.61
N SER Q 68 -105.41 -23.72 54.19
CA SER Q 68 -104.78 -25.02 53.98
C SER Q 68 -104.81 -25.41 52.51
N GLU Q 69 -105.94 -25.16 51.84
CA GLU Q 69 -106.03 -25.47 50.42
C GLU Q 69 -105.07 -24.61 49.60
N ARG Q 70 -104.92 -23.33 49.97
CA ARG Q 70 -104.00 -22.48 49.22
C ARG Q 70 -102.55 -22.94 49.37
N ILE Q 71 -102.14 -23.30 50.60
CA ILE Q 71 -100.77 -23.79 50.76
C ILE Q 71 -100.61 -25.14 50.06
N GLY Q 72 -101.67 -25.96 50.06
CA GLY Q 72 -101.65 -27.24 49.36
C GLY Q 72 -101.61 -27.11 47.86
N SER Q 73 -102.03 -25.97 47.31
CA SER Q 73 -102.03 -25.83 45.85
C SER Q 73 -100.63 -25.81 45.27
N ASP Q 74 -99.60 -25.59 46.09
CA ASP Q 74 -98.21 -25.68 45.66
C ASP Q 74 -97.62 -27.06 45.87
N ALA Q 75 -98.40 -28.01 46.39
CA ALA Q 75 -97.89 -29.36 46.63
C ALA Q 75 -97.26 -30.04 45.41
N PRO Q 76 -97.81 -29.96 44.19
CA PRO Q 76 -97.13 -30.60 43.06
C PRO Q 76 -95.72 -30.08 42.80
N ALA Q 77 -95.46 -28.80 43.03
CA ALA Q 77 -94.11 -28.27 42.86
C ALA Q 77 -93.13 -28.91 43.84
N ALA Q 78 -93.53 -29.02 45.11
CA ALA Q 78 -92.67 -29.65 46.10
C ALA Q 78 -92.52 -31.15 45.85
N ARG Q 79 -93.58 -31.80 45.38
CA ARG Q 79 -93.46 -33.21 45.02
C ARG Q 79 -92.46 -33.38 43.88
N LYS Q 80 -92.51 -32.50 42.89
CA LYS Q 80 -91.55 -32.56 41.79
C LYS Q 80 -90.13 -32.30 42.30
N VAL Q 81 -89.96 -31.34 43.20
CA VAL Q 81 -88.60 -31.06 43.67
C VAL Q 81 -88.05 -32.24 44.46
N VAL Q 82 -88.86 -32.83 45.36
CA VAL Q 82 -88.36 -33.95 46.15
C VAL Q 82 -88.06 -35.15 45.26
N LEU Q 83 -88.89 -35.38 44.24
CA LEU Q 83 -88.62 -36.47 43.32
C LEU Q 83 -87.35 -36.22 42.50
N GLU Q 84 -87.16 -34.99 42.02
CA GLU Q 84 -86.00 -34.67 41.18
C GLU Q 84 -84.69 -34.69 41.97
N ILE Q 85 -84.72 -34.33 43.26
CA ILE Q 85 -83.49 -34.32 44.06
C ILE Q 85 -82.92 -35.74 44.17
N MET Q 86 -83.79 -36.75 44.21
CA MET Q 86 -83.33 -38.14 44.23
C MET Q 86 -82.67 -38.54 42.91
N ASN Q 87 -82.93 -37.82 41.83
CA ASN Q 87 -82.40 -38.17 40.51
C ASN Q 87 -81.23 -37.28 40.09
N ASP Q 88 -80.80 -36.35 40.94
CA ASP Q 88 -79.66 -35.50 40.60
C ASP Q 88 -78.39 -36.15 41.15
N PRO Q 89 -77.44 -36.54 40.28
CA PRO Q 89 -76.27 -37.28 40.77
C PRO Q 89 -75.28 -36.44 41.57
N ASN Q 90 -75.36 -35.12 41.52
CA ASN Q 90 -74.37 -34.26 42.16
C ASN Q 90 -74.74 -33.92 43.60
N GLU Q 91 -75.81 -34.49 44.14
CA GLU Q 91 -76.21 -34.20 45.50
C GLU Q 91 -75.63 -35.25 46.45
N LYS Q 92 -75.44 -34.84 47.70
CA LYS Q 92 -74.83 -35.71 48.70
C LYS Q 92 -75.71 -36.94 48.96
N GLY Q 93 -75.05 -38.06 49.28
CA GLY Q 93 -75.75 -39.33 49.41
C GLY Q 93 -76.82 -39.31 50.49
N GLY Q 94 -76.59 -38.59 51.58
CA GLY Q 94 -77.59 -38.52 52.63
C GLY Q 94 -78.89 -37.91 52.15
N ILE Q 95 -78.80 -36.88 51.30
CA ILE Q 95 -80.00 -36.22 50.82
C ILE Q 95 -80.79 -37.12 49.89
N ARG Q 96 -80.10 -37.79 48.97
CA ARG Q 96 -80.79 -38.73 48.08
C ARG Q 96 -81.40 -39.87 48.87
N LEU Q 97 -80.68 -40.36 49.88
CA LEU Q 97 -81.21 -41.45 50.71
C LEU Q 97 -82.47 -41.02 51.44
N LYS Q 98 -82.46 -39.83 52.04
CA LYS Q 98 -83.63 -39.37 52.77
C LYS Q 98 -84.81 -39.09 51.84
N ALA Q 99 -84.55 -38.52 50.66
CA ALA Q 99 -85.63 -38.30 49.71
C ALA Q 99 -86.24 -39.61 49.23
N ALA Q 100 -85.39 -40.60 48.92
CA ALA Q 100 -85.87 -41.91 48.52
C ALA Q 100 -86.64 -42.58 49.66
N GLN Q 101 -86.17 -42.41 50.90
CA GLN Q 101 -86.89 -42.93 52.05
C GLN Q 101 -88.29 -42.31 52.12
N ASP Q 102 -88.39 -41.01 51.88
CA ASP Q 102 -89.69 -40.34 51.90
C ASP Q 102 -90.60 -40.89 50.81
N ILE Q 103 -90.07 -41.04 49.59
CA ILE Q 103 -90.91 -41.48 48.48
C ILE Q 103 -91.34 -42.94 48.66
N LEU Q 104 -90.45 -43.78 49.21
CA LEU Q 104 -90.84 -45.17 49.48
C LEU Q 104 -91.86 -45.24 50.62
N ASP Q 105 -91.71 -44.41 51.64
CA ASP Q 105 -92.71 -44.36 52.70
C ASP Q 105 -94.06 -43.93 52.15
N ARG Q 106 -94.06 -43.06 51.14
CA ARG Q 106 -95.30 -42.75 50.46
C ARG Q 106 -95.80 -43.93 49.62
N ALA Q 107 -94.88 -44.73 49.07
CA ALA Q 107 -95.30 -45.85 48.24
C ALA Q 107 -96.10 -46.88 49.04
N GLY Q 108 -95.80 -47.02 50.32
CA GLY Q 108 -96.55 -47.90 51.18
C GLY Q 108 -95.73 -49.01 51.82
N PHE Q 109 -94.43 -48.78 51.96
CA PHE Q 109 -93.55 -49.72 52.64
C PHE Q 109 -92.85 -48.96 53.77
N GLY Q 110 -93.22 -49.30 55.00
CA GLY Q 110 -92.78 -48.57 56.18
C GLY Q 110 -91.96 -49.42 57.11
N ALA Q 111 -91.88 -49.02 58.37
CA ALA Q 111 -91.12 -49.83 59.31
C ALA Q 111 -92.00 -50.99 59.77
N LYS Q 112 -91.44 -51.85 60.60
CA LYS Q 112 -92.05 -53.16 60.83
C LYS Q 112 -92.39 -53.46 62.27
N GLN Q 113 -92.60 -54.74 62.57
CA GLN Q 113 -93.33 -55.14 63.76
C GLN Q 113 -92.62 -54.72 65.04
N LYS Q 114 -93.43 -54.53 66.08
CA LYS Q 114 -92.99 -54.06 67.39
C LYS Q 114 -93.77 -54.87 68.41
N ILE Q 115 -93.11 -55.39 69.43
CA ILE Q 115 -93.78 -56.26 70.41
C ILE Q 115 -93.98 -55.48 71.70
N GLU Q 116 -95.13 -55.70 72.34
CA GLU Q 116 -95.49 -55.04 73.59
C GLU Q 116 -95.88 -56.09 74.62
N LEU Q 117 -95.41 -55.92 75.85
CA LEU Q 117 -95.78 -56.80 76.96
C LEU Q 117 -96.42 -55.97 78.06
N THR Q 118 -97.60 -56.39 78.51
CA THR Q 118 -98.36 -55.67 79.52
C THR Q 118 -98.49 -56.51 80.79
N THR Q 119 -98.41 -55.83 81.94
CA THR Q 119 -98.52 -56.47 83.24
C THR Q 119 -99.53 -55.68 84.08
N LYS Q 120 -100.69 -56.29 84.32
CA LYS Q 120 -101.74 -55.66 85.12
C LYS Q 120 -101.32 -55.51 86.58
N LYS R 18 -114.04 -39.49 31.15
CA LYS R 18 -113.21 -38.86 32.16
C LYS R 18 -111.81 -38.57 31.64
N GLU R 19 -111.67 -38.37 30.33
CA GLU R 19 -110.36 -38.08 29.77
C GLU R 19 -109.99 -36.61 29.91
N LYS R 20 -110.96 -35.70 29.75
CA LYS R 20 -110.64 -34.28 29.88
C LYS R 20 -110.25 -33.93 31.30
N LEU R 21 -110.99 -34.46 32.29
CA LEU R 21 -110.67 -34.18 33.68
C LEU R 21 -109.36 -34.83 34.11
N ASP R 22 -109.09 -36.05 33.64
CA ASP R 22 -107.82 -36.69 33.99
C ASP R 22 -106.64 -35.95 33.38
N LEU R 23 -106.76 -35.53 32.11
CA LEU R 23 -105.69 -34.76 31.50
C LEU R 23 -105.51 -33.41 32.20
N TYR R 24 -106.61 -32.77 32.60
CA TYR R 24 -106.51 -31.52 33.34
C TYR R 24 -105.82 -31.71 34.68
N CYS R 25 -106.16 -32.79 35.40
CA CYS R 25 -105.50 -33.06 36.67
C CYS R 25 -104.01 -33.31 36.48
N GLU R 26 -103.63 -34.08 35.45
CA GLU R 26 -102.22 -34.32 35.22
C GLU R 26 -101.49 -33.04 34.85
N ALA R 27 -102.12 -32.18 34.05
CA ALA R 27 -101.51 -30.90 33.70
C ALA R 27 -101.35 -30.00 34.92
N LEU R 28 -102.34 -30.00 35.81
CA LEU R 28 -102.22 -29.24 37.05
C LEU R 28 -101.10 -29.80 37.91
N CYS R 29 -100.91 -31.12 37.90
CA CYS R 29 -99.83 -31.73 38.65
C CYS R 29 -98.48 -31.38 38.05
N ASP R 30 -98.42 -31.14 36.74
CA ASP R 30 -97.13 -30.94 36.10
C ASP R 30 -96.70 -29.48 36.01
N GLY R 31 -97.60 -28.56 35.67
CA GLY R 31 -97.17 -27.18 35.52
C GLY R 31 -97.59 -26.22 36.61
N PHE R 32 -97.91 -26.76 37.80
CA PHE R 32 -98.22 -25.98 39.01
C PHE R 32 -98.94 -24.67 38.76
N ASN R 33 -99.98 -24.69 37.91
CA ASN R 33 -100.79 -23.51 37.64
C ASN R 33 -102.18 -23.99 37.28
N LYS R 34 -103.19 -23.42 37.94
CA LYS R 34 -104.57 -23.83 37.68
C LYS R 34 -105.11 -23.23 36.39
N THR R 35 -104.84 -21.94 36.14
CA THR R 35 -105.44 -21.28 35.00
C THR R 35 -104.87 -21.78 33.68
N GLN R 36 -103.55 -21.95 33.60
CA GLN R 36 -102.95 -22.44 32.36
C GLN R 36 -103.40 -23.88 32.08
N ALA R 37 -103.45 -24.72 33.10
CA ALA R 37 -103.93 -26.08 32.92
C ALA R 37 -105.38 -26.09 32.48
N TYR R 38 -106.20 -25.18 33.03
CA TYR R 38 -107.60 -25.12 32.66
C TYR R 38 -107.75 -24.70 31.19
N ILE R 39 -106.93 -23.74 30.75
CA ILE R 39 -106.98 -23.31 29.36
C ILE R 39 -106.46 -24.42 28.44
N LYS R 40 -105.53 -25.24 28.93
CA LYS R 40 -105.04 -26.37 28.15
C LYS R 40 -106.01 -27.55 28.13
N ALA R 41 -106.97 -27.59 29.06
CA ALA R 41 -107.91 -28.70 29.09
C ALA R 41 -108.86 -28.68 27.90
N GLY R 42 -109.31 -27.49 27.47
CA GLY R 42 -110.18 -27.41 26.32
C GLY R 42 -111.47 -26.65 26.60
N PHE R 43 -111.47 -25.77 27.59
CA PHE R 43 -112.66 -25.11 28.08
C PHE R 43 -112.62 -23.63 27.74
N SER R 44 -113.62 -22.89 28.21
CA SER R 44 -113.74 -21.48 27.86
C SER R 44 -112.66 -20.67 28.55
N ALA R 45 -111.97 -19.83 27.77
CA ALA R 45 -110.85 -19.03 28.26
C ALA R 45 -111.25 -17.85 29.12
N PRO R 46 -112.30 -17.10 28.76
CA PRO R 46 -112.57 -15.84 29.46
C PRO R 46 -112.92 -15.95 30.94
N HIS R 47 -113.99 -16.66 31.25
CA HIS R 47 -114.44 -16.80 32.65
C HIS R 47 -114.01 -18.16 33.22
N ALA R 48 -112.71 -18.28 33.44
CA ALA R 48 -112.10 -19.50 33.96
C ALA R 48 -111.69 -19.40 35.42
N GLN R 49 -111.23 -18.21 35.84
CA GLN R 49 -110.78 -17.99 37.20
C GLN R 49 -111.83 -18.33 38.24
N ARG R 50 -113.11 -18.32 37.87
CA ARG R 50 -114.18 -18.65 38.81
C ARG R 50 -114.61 -20.10 38.62
N ASN R 51 -114.99 -20.48 37.39
CA ASN R 51 -115.38 -21.85 37.05
C ASN R 51 -114.38 -22.87 37.57
N VAL R 52 -113.14 -22.44 37.83
CA VAL R 52 -112.14 -23.39 38.30
C VAL R 52 -112.36 -23.72 39.78
N ALA R 53 -112.80 -22.74 40.58
CA ALA R 53 -113.11 -23.03 41.97
C ALA R 53 -114.23 -24.05 42.12
N PRO R 54 -115.37 -23.93 41.44
CA PRO R 54 -116.38 -24.99 41.53
C PRO R 54 -115.91 -26.34 40.99
N TYR R 55 -115.17 -26.33 39.89
CA TYR R 55 -114.69 -27.59 39.34
C TYR R 55 -113.68 -28.25 40.26
N HIS R 56 -112.85 -27.44 40.93
CA HIS R 56 -111.91 -28.00 41.90
C HIS R 56 -112.68 -28.50 43.11
N ARG R 57 -113.81 -27.85 43.41
CA ARG R 57 -114.65 -28.25 44.53
C ARG R 57 -115.37 -29.56 44.24
N LYS R 58 -115.60 -29.87 42.97
CA LYS R 58 -116.29 -31.10 42.58
C LYS R 58 -115.38 -32.33 42.46
N ASN R 59 -114.07 -32.15 42.41
CA ASN R 59 -113.18 -33.30 42.19
C ASN R 59 -112.00 -33.32 43.16
N ALA R 60 -112.21 -32.92 44.42
CA ALA R 60 -111.09 -32.91 45.36
C ALA R 60 -110.55 -34.32 45.58
N GLU R 61 -111.44 -35.31 45.72
CA GLU R 61 -111.00 -36.69 45.93
C GLU R 61 -110.25 -37.22 44.73
N TYR R 62 -110.74 -36.95 43.51
CA TYR R 62 -110.07 -37.45 42.32
C TYR R 62 -108.74 -36.75 42.09
N ILE R 63 -108.67 -35.45 42.38
CA ILE R 63 -107.39 -34.74 42.27
C ILE R 63 -106.37 -35.29 43.26
N GLN R 64 -106.81 -35.55 44.49
CA GLN R 64 -105.90 -36.13 45.48
C GLN R 64 -105.43 -37.52 45.05
N ALA R 65 -106.35 -38.33 44.51
CA ALA R 65 -105.96 -39.66 44.04
C ALA R 65 -104.98 -39.56 42.88
N TYR R 66 -105.21 -38.63 41.95
CA TYR R 66 -104.33 -38.48 40.80
C TYR R 66 -102.93 -38.02 41.22
N ILE R 67 -102.84 -37.05 42.12
CA ILE R 67 -101.53 -36.60 42.58
C ILE R 67 -100.83 -37.71 43.36
N SER R 68 -101.60 -38.48 44.14
CA SER R 68 -101.01 -39.59 44.88
C SER R 68 -100.45 -40.66 43.95
N GLU R 69 -101.19 -41.00 42.88
CA GLU R 69 -100.68 -41.99 41.94
C GLU R 69 -99.48 -41.46 41.17
N ARG R 70 -99.48 -40.16 40.84
CA ARG R 70 -98.33 -39.58 40.15
C ARG R 70 -97.07 -39.61 41.01
N ILE R 71 -97.18 -39.25 42.28
CA ILE R 71 -96.01 -39.27 43.15
C ILE R 71 -95.56 -40.70 43.44
N GLY R 72 -96.50 -41.64 43.60
CA GLY R 72 -96.14 -43.02 43.92
C GLY R 72 -95.51 -43.83 42.81
N SER R 73 -95.80 -43.49 41.54
CA SER R 73 -95.35 -44.32 40.43
C SER R 73 -93.86 -44.23 40.14
N ASP R 74 -93.16 -43.23 40.67
CA ASP R 74 -91.71 -43.11 40.45
C ASP R 74 -90.89 -43.84 41.51
N ALA R 75 -91.54 -44.52 42.45
CA ALA R 75 -90.83 -45.27 43.49
C ALA R 75 -89.79 -46.27 42.98
N PRO R 76 -90.02 -47.04 41.91
CA PRO R 76 -88.96 -47.97 41.46
C PRO R 76 -87.64 -47.29 41.15
N ALA R 77 -87.67 -46.07 40.61
CA ALA R 77 -86.43 -45.34 40.38
C ALA R 77 -85.69 -45.09 41.69
N ALA R 78 -86.42 -44.70 42.73
CA ALA R 78 -85.79 -44.49 44.03
C ALA R 78 -85.28 -45.79 44.63
N ARG R 79 -86.00 -46.90 44.41
CA ARG R 79 -85.50 -48.19 44.87
C ARG R 79 -84.19 -48.55 44.19
N LYS R 80 -84.10 -48.31 42.89
CA LYS R 80 -82.85 -48.52 42.17
C LYS R 80 -81.76 -47.61 42.73
N VAL R 81 -82.12 -46.36 43.04
CA VAL R 81 -81.15 -45.40 43.56
C VAL R 81 -80.60 -45.86 44.91
N VAL R 82 -81.50 -46.31 45.80
CA VAL R 82 -81.04 -46.74 47.13
C VAL R 82 -80.20 -47.99 47.03
N LEU R 83 -80.55 -48.92 46.14
CA LEU R 83 -79.72 -50.10 45.97
C LEU R 83 -78.34 -49.72 45.43
N GLU R 84 -78.29 -48.81 44.45
CA GLU R 84 -77.02 -48.42 43.87
C GLU R 84 -76.14 -47.68 44.87
N ILE R 85 -76.73 -46.80 45.69
CA ILE R 85 -75.93 -46.10 46.69
C ILE R 85 -75.50 -47.07 47.79
N MET R 86 -76.33 -48.07 48.11
CA MET R 86 -75.92 -49.10 49.05
C MET R 86 -74.80 -49.97 48.50
N ASN R 87 -74.64 -49.99 47.18
CA ASN R 87 -73.58 -50.78 46.56
C ASN R 87 -72.43 -49.91 46.05
N ASP R 88 -72.43 -48.61 46.35
CA ASP R 88 -71.36 -47.73 45.90
C ASP R 88 -70.25 -47.65 46.96
N PRO R 89 -69.04 -48.13 46.66
CA PRO R 89 -67.96 -48.08 47.65
C PRO R 89 -67.35 -46.71 47.86
N ASN R 90 -67.60 -45.76 46.96
CA ASN R 90 -66.94 -44.46 46.98
C ASN R 90 -67.68 -43.43 47.82
N GLU R 91 -68.79 -43.81 48.45
CA GLU R 91 -69.57 -42.92 49.31
C GLU R 91 -69.22 -43.17 50.77
N LYS R 92 -69.52 -42.18 51.61
CA LYS R 92 -69.20 -42.30 53.03
C LYS R 92 -69.92 -43.49 53.63
N GLY R 93 -69.26 -44.15 54.60
CA GLY R 93 -69.77 -45.41 55.13
C GLY R 93 -71.13 -45.27 55.79
N GLY R 94 -71.38 -44.15 56.46
CA GLY R 94 -72.65 -43.96 57.12
C GLY R 94 -73.81 -43.97 56.15
N ILE R 95 -73.61 -43.42 54.95
CA ILE R 95 -74.69 -43.37 53.97
C ILE R 95 -75.04 -44.78 53.51
N ARG R 96 -74.00 -45.61 53.24
CA ARG R 96 -74.24 -46.99 52.85
C ARG R 96 -74.93 -47.76 53.98
N LEU R 97 -74.50 -47.52 55.22
CA LEU R 97 -75.12 -48.19 56.36
C LEU R 97 -76.61 -47.83 56.46
N LYS R 98 -76.94 -46.55 56.29
CA LYS R 98 -78.34 -46.14 56.34
C LYS R 98 -79.13 -46.70 55.16
N ALA R 99 -78.51 -46.80 53.98
CA ALA R 99 -79.20 -47.40 52.84
C ALA R 99 -79.52 -48.87 53.11
N ALA R 100 -78.55 -49.61 53.66
CA ALA R 100 -78.80 -51.00 54.01
C ALA R 100 -79.89 -51.10 55.07
N GLN R 101 -79.86 -50.21 56.06
CA GLN R 101 -80.91 -50.20 57.09
C GLN R 101 -82.27 -49.96 56.47
N ASP R 102 -82.36 -49.01 55.54
CA ASP R 102 -83.64 -48.69 54.92
C ASP R 102 -84.18 -49.88 54.12
N ILE R 103 -83.32 -50.50 53.31
CA ILE R 103 -83.78 -51.58 52.45
C ILE R 103 -84.16 -52.80 53.31
N LEU R 104 -83.41 -53.07 54.37
CA LEU R 104 -83.75 -54.17 55.26
C LEU R 104 -85.01 -53.87 56.07
N ASP R 105 -85.22 -52.60 56.46
CA ASP R 105 -86.45 -52.23 57.13
C ASP R 105 -87.65 -52.46 56.24
N ARG R 106 -87.48 -52.26 54.93
CA ARG R 106 -88.55 -52.69 54.02
C ARG R 106 -88.62 -54.21 53.95
N ALA R 107 -87.50 -54.89 54.14
CA ALA R 107 -87.50 -56.35 54.09
C ALA R 107 -88.34 -56.96 55.21
N GLY R 108 -88.41 -56.31 56.38
CA GLY R 108 -89.28 -56.82 57.42
C GLY R 108 -88.72 -57.21 58.78
N PHE R 109 -87.62 -56.62 59.23
CA PHE R 109 -87.05 -56.93 60.54
C PHE R 109 -86.98 -55.68 61.40
N GLY R 110 -87.75 -55.67 62.50
CA GLY R 110 -87.92 -54.49 63.33
C GLY R 110 -87.40 -54.58 64.75
N ALA R 111 -87.86 -53.68 65.62
CA ALA R 111 -87.43 -53.62 67.01
C ALA R 111 -88.25 -54.58 67.88
N LYS R 112 -88.00 -54.52 69.18
CA LYS R 112 -88.43 -55.57 70.11
C LYS R 112 -89.29 -55.02 71.26
N GLN R 113 -89.41 -55.82 72.32
CA GLN R 113 -90.47 -55.72 73.31
C GLN R 113 -90.40 -54.41 74.08
N LYS R 114 -91.57 -54.02 74.61
CA LYS R 114 -91.72 -52.85 75.46
C LYS R 114 -92.76 -53.18 76.53
N ILE R 115 -92.45 -52.88 77.79
CA ILE R 115 -93.30 -53.26 78.91
C ILE R 115 -94.01 -52.04 79.46
N GLU R 116 -95.27 -52.21 79.85
CA GLU R 116 -96.11 -51.16 80.38
C GLU R 116 -96.65 -51.57 81.75
N LEU R 117 -96.70 -50.61 82.67
CA LEU R 117 -97.23 -50.85 84.00
C LEU R 117 -98.47 -49.97 84.18
N THR R 118 -99.64 -50.58 84.16
CA THR R 118 -100.88 -49.87 84.41
C THR R 118 -101.52 -50.45 85.67
N THR R 119 -101.88 -49.56 86.61
CA THR R 119 -102.53 -49.96 87.86
C THR R 119 -103.75 -49.12 88.24
N LYS R 120 -103.86 -47.86 87.83
CA LYS R 120 -104.88 -46.94 88.34
C LYS R 120 -104.98 -46.96 89.87
N PRO S 14 -50.39 44.19 -66.20
CA PRO S 14 -50.36 42.82 -65.67
C PRO S 14 -49.00 42.15 -65.90
N LEU S 15 -47.93 42.93 -65.81
CA LEU S 15 -46.58 42.50 -66.15
C LEU S 15 -45.61 43.25 -65.23
N THR S 16 -44.34 43.36 -65.65
CA THR S 16 -43.27 43.88 -64.81
C THR S 16 -43.13 42.96 -63.61
N PRO S 17 -42.50 41.78 -63.79
CA PRO S 17 -42.71 40.66 -62.88
C PRO S 17 -42.29 40.87 -61.43
N LYS S 18 -41.85 42.08 -61.05
CA LYS S 18 -41.69 42.34 -59.62
C LYS S 18 -43.02 42.34 -58.90
N GLU S 19 -44.10 42.71 -59.60
CA GLU S 19 -45.41 42.71 -58.95
C GLU S 19 -46.01 41.31 -58.92
N LYS S 20 -45.79 40.53 -59.98
CA LYS S 20 -46.26 39.15 -59.95
C LYS S 20 -45.44 38.32 -58.98
N LEU S 21 -44.14 38.60 -58.86
CA LEU S 21 -43.32 37.89 -57.87
C LEU S 21 -43.74 38.26 -56.46
N ASP S 22 -44.08 39.54 -56.23
CA ASP S 22 -44.62 39.92 -54.93
C ASP S 22 -45.95 39.24 -54.67
N LEU S 23 -46.78 39.10 -55.72
CA LEU S 23 -48.03 38.36 -55.60
C LEU S 23 -47.78 36.89 -55.24
N TYR S 24 -46.75 36.29 -55.84
CA TYR S 24 -46.38 34.92 -55.53
C TYR S 24 -45.97 34.78 -54.07
N CYS S 25 -45.16 35.72 -53.59
CA CYS S 25 -44.74 35.69 -52.19
C CYS S 25 -45.92 35.88 -51.25
N GLU S 26 -46.80 36.83 -51.56
CA GLU S 26 -47.95 37.10 -50.70
C GLU S 26 -48.92 35.93 -50.68
N ALA S 27 -49.20 35.34 -51.84
CA ALA S 27 -50.09 34.19 -51.91
C ALA S 27 -49.49 32.98 -51.21
N LEU S 28 -48.18 32.76 -51.39
CA LEU S 28 -47.53 31.67 -50.69
C LEU S 28 -47.56 31.89 -49.18
N CYS S 29 -47.47 33.15 -48.74
CA CYS S 29 -47.59 33.45 -47.32
C CYS S 29 -49.01 33.20 -46.81
N ASP S 30 -50.01 33.41 -47.67
CA ASP S 30 -51.41 33.22 -47.29
C ASP S 30 -51.94 31.86 -47.68
N GLY S 31 -51.53 31.35 -48.85
CA GLY S 31 -51.96 30.05 -49.32
C GLY S 31 -50.80 29.11 -49.09
N PHE S 32 -51.04 28.09 -48.26
CA PHE S 32 -49.99 27.14 -47.90
C PHE S 32 -49.73 26.08 -48.95
N ASN S 33 -49.55 26.50 -50.20
CA ASN S 33 -49.21 25.54 -51.25
C ASN S 33 -48.41 26.27 -52.33
N LYS S 34 -47.28 25.68 -52.73
CA LYS S 34 -46.47 26.26 -53.80
C LYS S 34 -47.12 26.04 -55.15
N THR S 35 -47.72 24.86 -55.37
CA THR S 35 -48.34 24.58 -56.65
C THR S 35 -49.56 25.46 -56.86
N GLN S 36 -50.37 25.63 -55.83
CA GLN S 36 -51.53 26.51 -55.92
C GLN S 36 -51.10 27.95 -56.14
N ALA S 37 -50.05 28.38 -55.43
CA ALA S 37 -49.55 29.74 -55.60
C ALA S 37 -49.02 29.96 -57.02
N TYR S 38 -48.32 28.97 -57.58
CA TYR S 38 -47.80 29.12 -58.93
C TYR S 38 -48.93 29.17 -59.95
N ILE S 39 -49.95 28.33 -59.76
CA ILE S 39 -51.08 28.35 -60.69
C ILE S 39 -51.85 29.66 -60.56
N LYS S 40 -51.91 30.23 -59.36
CA LYS S 40 -52.54 31.52 -59.14
C LYS S 40 -51.68 32.70 -59.59
N ALA S 41 -50.38 32.49 -59.81
CA ALA S 41 -49.52 33.60 -60.23
C ALA S 41 -49.87 34.09 -61.63
N GLY S 42 -50.20 33.19 -62.54
CA GLY S 42 -50.57 33.59 -63.88
C GLY S 42 -49.81 32.85 -64.97
N PHE S 43 -49.27 31.70 -64.62
CA PHE S 43 -48.43 30.89 -65.49
C PHE S 43 -49.15 29.57 -65.79
N SER S 44 -48.48 28.68 -66.51
CA SER S 44 -49.14 27.47 -66.98
C SER S 44 -49.42 26.52 -65.81
N ALA S 45 -50.67 26.07 -65.72
CA ALA S 45 -51.17 25.16 -64.68
C ALA S 45 -50.76 23.72 -64.93
N PRO S 46 -50.83 23.25 -66.18
CA PRO S 46 -50.63 21.82 -66.45
C PRO S 46 -49.23 21.33 -66.11
N HIS S 47 -49.13 20.04 -65.82
CA HIS S 47 -47.88 19.36 -65.48
C HIS S 47 -47.19 20.07 -64.30
N ALA S 48 -47.82 19.93 -63.13
CA ALA S 48 -47.37 20.61 -61.93
C ALA S 48 -46.56 19.67 -61.03
N GLN S 49 -45.42 19.23 -61.57
CA GLN S 49 -44.46 18.40 -60.86
C GLN S 49 -43.05 18.97 -61.04
N ARG S 50 -42.84 19.69 -62.15
CA ARG S 50 -41.53 20.19 -62.54
C ARG S 50 -41.71 21.58 -63.13
N ASN S 51 -40.58 22.22 -63.48
CA ASN S 51 -40.55 23.56 -64.07
C ASN S 51 -41.07 24.65 -63.14
N VAL S 52 -41.14 24.37 -61.83
CA VAL S 52 -41.67 25.31 -60.85
C VAL S 52 -40.64 25.66 -59.79
N ALA S 53 -39.84 24.68 -59.37
CA ALA S 53 -38.80 24.92 -58.38
C ALA S 53 -37.75 25.93 -58.79
N PRO S 54 -37.24 25.93 -60.03
CA PRO S 54 -36.20 26.92 -60.39
C PRO S 54 -36.60 28.37 -60.19
N TYR S 55 -37.87 28.72 -60.49
CA TYR S 55 -38.31 30.10 -60.27
C TYR S 55 -38.29 30.45 -58.79
N HIS S 56 -38.61 29.48 -57.93
CA HIS S 56 -38.58 29.72 -56.49
C HIS S 56 -37.16 29.81 -55.97
N ARG S 57 -36.25 29.01 -56.53
CA ARG S 57 -34.86 28.99 -56.06
C ARG S 57 -34.06 30.18 -56.55
N LYS S 58 -34.46 30.80 -57.67
CA LYS S 58 -33.69 31.93 -58.20
C LYS S 58 -34.00 33.25 -57.51
N ASN S 59 -35.04 33.32 -56.69
CA ASN S 59 -35.39 34.56 -55.99
C ASN S 59 -35.61 34.31 -54.50
N ALA S 60 -34.85 33.37 -53.93
CA ALA S 60 -34.99 33.05 -52.52
C ALA S 60 -34.61 34.24 -51.64
N GLU S 61 -33.60 35.00 -52.07
CA GLU S 61 -33.16 36.15 -51.30
C GLU S 61 -34.27 37.20 -51.21
N TYR S 62 -34.94 37.46 -52.32
CA TYR S 62 -36.04 38.42 -52.33
C TYR S 62 -37.23 37.89 -51.52
N ILE S 63 -37.47 36.58 -51.59
CA ILE S 63 -38.55 35.99 -50.79
C ILE S 63 -38.26 36.17 -49.30
N GLN S 64 -37.02 35.94 -48.88
CA GLN S 64 -36.63 36.12 -47.48
C GLN S 64 -36.78 37.58 -47.06
N ALA S 65 -36.38 38.51 -47.93
CA ALA S 65 -36.53 39.93 -47.60
C ALA S 65 -38.00 40.29 -47.42
N TYR S 66 -38.87 39.78 -48.30
CA TYR S 66 -40.29 40.07 -48.19
C TYR S 66 -40.88 39.48 -46.91
N ILE S 67 -40.47 38.26 -46.56
CA ILE S 67 -40.99 37.63 -45.35
C ILE S 67 -40.56 38.41 -44.12
N SER S 68 -39.30 38.85 -44.08
CA SER S 68 -38.83 39.63 -42.96
C SER S 68 -39.57 40.95 -42.86
N GLU S 69 -39.80 41.62 -43.99
CA GLU S 69 -40.51 42.89 -43.96
C GLU S 69 -41.95 42.74 -43.51
N ARG S 70 -42.65 41.69 -43.95
CA ARG S 70 -44.02 41.51 -43.49
C ARG S 70 -44.08 41.18 -42.01
N ILE S 71 -43.17 40.34 -41.51
CA ILE S 71 -43.17 40.05 -40.08
C ILE S 71 -42.87 41.31 -39.27
N GLY S 72 -41.96 42.15 -39.77
CA GLY S 72 -41.69 43.39 -39.07
C GLY S 72 -42.87 44.33 -39.11
N SER S 73 -43.67 44.28 -40.18
CA SER S 73 -44.87 45.09 -40.27
C SER S 73 -45.98 44.53 -39.40
N ASP S 74 -45.90 43.25 -39.01
CA ASP S 74 -46.86 42.67 -38.08
C ASP S 74 -46.39 42.76 -36.64
N ALA S 75 -45.18 43.25 -36.41
CA ALA S 75 -44.69 43.48 -35.05
C ALA S 75 -45.59 44.37 -34.19
N PRO S 76 -46.18 45.47 -34.69
CA PRO S 76 -47.05 46.28 -33.81
C PRO S 76 -48.20 45.49 -33.19
N ALA S 77 -48.72 44.48 -33.89
CA ALA S 77 -49.73 43.63 -33.27
C ALA S 77 -49.17 42.93 -32.03
N ALA S 78 -47.93 42.46 -32.10
CA ALA S 78 -47.30 41.84 -30.93
C ALA S 78 -47.09 42.86 -29.83
N ARG S 79 -46.73 44.09 -30.17
CA ARG S 79 -46.61 45.12 -29.14
C ARG S 79 -47.94 45.38 -28.46
N LYS S 80 -49.02 45.46 -29.23
CA LYS S 80 -50.35 45.68 -28.65
C LYS S 80 -50.77 44.52 -27.76
N VAL S 81 -50.55 43.28 -28.20
CA VAL S 81 -50.98 42.14 -27.38
C VAL S 81 -50.16 42.05 -26.10
N VAL S 82 -48.85 42.26 -26.17
CA VAL S 82 -48.04 42.15 -24.96
C VAL S 82 -48.39 43.28 -23.98
N LEU S 83 -48.66 44.48 -24.50
CA LEU S 83 -49.10 45.56 -23.62
C LEU S 83 -50.46 45.24 -23.01
N GLU S 84 -51.36 44.64 -23.78
CA GLU S 84 -52.68 44.30 -23.27
C GLU S 84 -52.60 43.24 -22.18
N ILE S 85 -51.68 42.28 -22.34
CA ILE S 85 -51.49 41.30 -21.28
C ILE S 85 -50.89 41.96 -20.05
N MET S 86 -50.01 42.96 -20.25
CA MET S 86 -49.48 43.71 -19.12
C MET S 86 -50.56 44.55 -18.45
N ASN S 87 -51.64 44.87 -19.16
CA ASN S 87 -52.73 45.68 -18.60
C ASN S 87 -53.99 44.87 -18.32
N ASP S 88 -53.95 43.55 -18.48
CA ASP S 88 -55.12 42.71 -18.23
C ASP S 88 -55.07 42.21 -16.78
N PRO S 89 -55.97 42.64 -15.90
CA PRO S 89 -55.92 42.16 -14.51
C PRO S 89 -56.45 40.75 -14.33
N ASN S 90 -57.17 40.21 -15.30
CA ASN S 90 -57.88 38.95 -15.15
C ASN S 90 -57.05 37.73 -15.56
N GLU S 91 -55.79 37.93 -15.96
CA GLU S 91 -54.91 36.84 -16.34
C GLU S 91 -53.98 36.49 -15.20
N LYS S 92 -53.40 35.29 -15.27
CA LYS S 92 -52.55 34.78 -14.20
C LYS S 92 -51.36 35.70 -13.97
N GLY S 93 -50.97 35.84 -12.70
CA GLY S 93 -49.94 36.82 -12.33
C GLY S 93 -48.57 36.52 -12.91
N GLY S 94 -48.20 35.24 -12.99
CA GLY S 94 -46.88 34.90 -13.50
C GLY S 94 -46.67 35.32 -14.93
N ILE S 95 -47.70 35.17 -15.76
CA ILE S 95 -47.59 35.55 -17.16
C ILE S 95 -47.44 37.06 -17.28
N ARG S 96 -48.20 37.81 -16.48
CA ARG S 96 -48.07 39.26 -16.47
C ARG S 96 -46.69 39.70 -16.00
N LEU S 97 -46.15 39.03 -14.99
CA LEU S 97 -44.81 39.36 -14.51
C LEU S 97 -43.77 39.11 -15.59
N LYS S 98 -43.88 37.98 -16.29
CA LYS S 98 -42.94 37.69 -17.37
C LYS S 98 -43.09 38.72 -18.49
N ALA S 99 -44.32 39.14 -18.78
CA ALA S 99 -44.54 40.17 -19.79
C ALA S 99 -43.88 41.48 -19.40
N ALA S 100 -44.01 41.88 -18.13
CA ALA S 100 -43.38 43.11 -17.67
C ALA S 100 -41.87 43.01 -17.79
N GLN S 101 -41.30 41.87 -17.40
CA GLN S 101 -39.86 41.67 -17.54
C GLN S 101 -39.42 41.80 -19.00
N ASP S 102 -40.17 41.16 -19.88
CA ASP S 102 -39.81 41.10 -21.30
C ASP S 102 -39.91 42.48 -21.96
N ILE S 103 -41.00 43.21 -21.70
CA ILE S 103 -41.13 44.52 -22.33
C ILE S 103 -40.11 45.50 -21.76
N LEU S 104 -39.78 45.39 -20.47
CA LEU S 104 -38.71 46.22 -19.93
C LEU S 104 -37.37 45.85 -20.56
N ASP S 105 -37.16 44.57 -20.86
CA ASP S 105 -35.94 44.17 -21.55
C ASP S 105 -35.87 44.82 -22.93
N ARG S 106 -37.01 45.01 -23.60
CA ARG S 106 -36.96 45.85 -24.81
C ARG S 106 -36.76 47.33 -24.49
N ALA S 107 -37.19 47.79 -23.30
CA ALA S 107 -37.03 49.21 -23.00
C ALA S 107 -35.56 49.61 -23.03
N GLY S 108 -34.67 48.69 -22.68
CA GLY S 108 -33.24 48.88 -22.85
C GLY S 108 -32.41 48.85 -21.59
N PHE S 109 -32.91 48.24 -20.52
CA PHE S 109 -32.16 48.09 -19.28
C PHE S 109 -32.25 46.64 -18.80
N GLY S 110 -31.12 45.96 -18.80
CA GLY S 110 -31.04 44.54 -18.55
C GLY S 110 -30.29 44.20 -17.28
N ALA S 111 -29.80 42.97 -17.18
CA ALA S 111 -29.07 42.54 -16.00
C ALA S 111 -27.62 43.03 -16.07
N LYS S 112 -26.82 42.66 -15.07
CA LYS S 112 -25.51 43.28 -14.88
C LYS S 112 -24.35 42.30 -14.88
N GLN S 113 -23.20 42.77 -14.39
CA GLN S 113 -21.89 42.22 -14.71
C GLN S 113 -21.68 40.81 -14.15
N LYS S 114 -20.78 40.10 -14.82
CA LYS S 114 -20.22 38.81 -14.41
C LYS S 114 -18.78 38.82 -14.91
N ILE S 115 -17.83 38.43 -14.06
CA ILE S 115 -16.41 38.62 -14.34
C ILE S 115 -15.74 37.30 -14.69
N GLU S 116 -14.69 37.40 -15.52
CA GLU S 116 -13.89 36.28 -16.00
C GLU S 116 -12.44 36.43 -15.57
N LEU S 117 -11.85 35.33 -15.12
CA LEU S 117 -10.44 35.28 -14.74
C LEU S 117 -9.73 34.24 -15.60
N THR S 118 -8.60 34.60 -16.18
CA THR S 118 -7.89 33.72 -17.10
C THR S 118 -6.55 33.29 -16.53
N THR S 119 -6.21 32.02 -16.76
CA THR S 119 -4.97 31.40 -16.31
C THR S 119 -4.33 30.68 -17.48
N LYS S 120 -3.01 30.57 -17.45
CA LYS S 120 -2.22 29.95 -18.53
C LYS S 120 -2.82 28.63 -19.03
N LEU T 15 -50.22 71.78 -42.71
CA LEU T 15 -49.63 71.17 -41.52
C LEU T 15 -48.13 71.49 -41.44
N THR T 16 -47.37 70.51 -40.94
CA THR T 16 -45.94 70.64 -40.76
C THR T 16 -45.34 69.24 -40.75
N PRO T 17 -44.06 69.11 -41.06
CA PRO T 17 -43.41 67.79 -41.02
C PRO T 17 -43.35 67.24 -39.60
N LYS T 18 -43.04 65.95 -39.52
CA LYS T 18 -42.93 65.20 -38.27
C LYS T 18 -44.28 65.07 -37.58
N GLU T 19 -45.34 64.94 -38.37
CA GLU T 19 -46.67 64.70 -37.81
C GLU T 19 -47.38 63.51 -38.44
N LYS T 20 -47.21 63.30 -39.74
CA LYS T 20 -47.83 62.15 -40.39
C LYS T 20 -47.14 60.85 -40.05
N LEU T 21 -45.81 60.85 -39.92
CA LEU T 21 -45.08 59.61 -39.67
C LEU T 21 -45.31 59.06 -38.26
N ASP T 22 -45.32 59.91 -37.23
CA ASP T 22 -45.54 59.41 -35.88
C ASP T 22 -46.98 58.89 -35.73
N LEU T 23 -47.94 59.62 -36.27
CA LEU T 23 -49.32 59.16 -36.27
C LEU T 23 -49.47 57.88 -37.11
N TYR T 24 -48.69 57.78 -38.19
CA TYR T 24 -48.69 56.56 -39.00
C TYR T 24 -48.21 55.38 -38.17
N CYS T 25 -47.17 55.59 -37.36
CA CYS T 25 -46.70 54.55 -36.46
C CYS T 25 -47.79 54.18 -35.46
N GLU T 26 -48.50 55.18 -34.94
CA GLU T 26 -49.58 54.93 -34.01
C GLU T 26 -50.69 54.12 -34.67
N ALA T 27 -51.00 54.43 -35.94
CA ALA T 27 -52.00 53.69 -36.69
C ALA T 27 -51.57 52.24 -36.92
N LEU T 28 -50.28 52.02 -37.21
CA LEU T 28 -49.79 50.66 -37.33
C LEU T 28 -49.93 49.93 -36.00
N CYS T 29 -49.72 50.65 -34.90
CA CYS T 29 -49.90 50.06 -33.57
C CYS T 29 -51.38 49.77 -33.30
N ASP T 30 -52.29 50.54 -33.89
CA ASP T 30 -53.71 50.44 -33.57
C ASP T 30 -54.50 49.55 -34.53
N GLY T 31 -54.33 49.70 -35.83
CA GLY T 31 -55.11 48.89 -36.75
C GLY T 31 -54.35 47.83 -37.52
N PHE T 32 -53.16 47.48 -37.04
CA PHE T 32 -52.31 46.42 -37.57
C PHE T 32 -52.38 46.29 -39.10
N ASN T 33 -52.34 47.42 -39.82
CA ASN T 33 -52.34 47.42 -41.27
C ASN T 33 -51.67 48.68 -41.76
N LYS T 34 -50.73 48.53 -42.70
CA LYS T 34 -50.06 49.69 -43.29
C LYS T 34 -50.96 50.37 -44.32
N THR T 35 -51.68 49.57 -45.11
CA THR T 35 -52.48 50.13 -46.20
C THR T 35 -53.64 50.95 -45.69
N GLN T 36 -54.29 50.53 -44.59
CA GLN T 36 -55.40 51.31 -44.06
C GLN T 36 -54.94 52.70 -43.64
N ALA T 37 -53.81 52.78 -42.95
CA ALA T 37 -53.27 54.07 -42.54
C ALA T 37 -52.87 54.90 -43.75
N TYR T 38 -52.25 54.26 -44.77
CA TYR T 38 -51.80 55.02 -45.92
C TYR T 38 -52.97 55.58 -46.73
N ILE T 39 -54.00 54.78 -46.97
CA ILE T 39 -55.15 55.27 -47.72
C ILE T 39 -55.98 56.26 -46.91
N LYS T 40 -56.06 56.08 -45.59
CA LYS T 40 -56.81 57.00 -44.76
C LYS T 40 -56.09 58.31 -44.44
N ALA T 41 -54.77 58.39 -44.61
CA ALA T 41 -54.12 59.64 -44.20
C ALA T 41 -54.42 60.84 -45.07
N GLY T 42 -53.77 60.96 -46.24
CA GLY T 42 -54.08 62.10 -47.10
C GLY T 42 -53.76 62.01 -48.58
N PHE T 43 -53.60 60.82 -49.15
CA PHE T 43 -53.06 60.74 -50.51
C PHE T 43 -54.07 60.20 -51.51
N SER T 44 -53.59 60.05 -52.74
CA SER T 44 -54.43 59.63 -53.86
C SER T 44 -54.80 58.17 -53.70
N ALA T 45 -56.06 57.84 -53.97
CA ALA T 45 -56.64 56.52 -53.77
C ALA T 45 -56.00 55.48 -54.68
N PRO T 46 -55.78 55.82 -55.96
CA PRO T 46 -55.32 54.80 -56.90
C PRO T 46 -53.94 54.24 -56.55
N HIS T 47 -52.92 55.09 -56.52
CA HIS T 47 -51.55 54.62 -56.25
C HIS T 47 -51.36 54.41 -54.73
N ALA T 48 -52.01 53.36 -54.22
CA ALA T 48 -51.95 53.08 -52.80
C ALA T 48 -51.06 51.91 -52.40
N GLN T 49 -50.67 51.04 -53.34
CA GLN T 49 -49.81 49.91 -53.00
C GLN T 49 -48.36 50.08 -53.44
N ARG T 50 -48.11 50.97 -54.41
CA ARG T 50 -46.76 51.13 -54.96
C ARG T 50 -46.05 52.28 -54.26
N ASN T 51 -46.58 53.50 -54.39
CA ASN T 51 -45.96 54.65 -53.73
C ASN T 51 -45.81 54.45 -52.22
N VAL T 52 -46.56 53.52 -51.64
CA VAL T 52 -46.48 53.31 -50.20
C VAL T 52 -45.22 52.54 -49.84
N ALA T 53 -44.74 51.66 -50.72
CA ALA T 53 -43.50 50.95 -50.47
C ALA T 53 -42.33 51.92 -50.27
N PRO T 54 -42.14 52.96 -51.09
CA PRO T 54 -41.06 53.90 -50.80
C PRO T 54 -41.22 54.60 -49.46
N TYR T 55 -42.43 55.01 -49.09
CA TYR T 55 -42.62 55.67 -47.80
C TYR T 55 -42.32 54.73 -46.64
N HIS T 56 -42.69 53.46 -46.78
CA HIS T 56 -42.45 52.50 -45.70
C HIS T 56 -40.98 52.12 -45.59
N ARG T 57 -40.30 51.94 -46.73
CA ARG T 57 -38.90 51.53 -46.71
C ARG T 57 -37.95 52.67 -46.38
N LYS T 58 -38.31 53.92 -46.68
CA LYS T 58 -37.41 55.04 -46.47
C LYS T 58 -37.42 55.58 -45.05
N ASN T 59 -38.32 55.08 -44.21
CA ASN T 59 -38.47 55.56 -42.85
C ASN T 59 -38.41 54.40 -41.87
N ALA T 60 -37.61 53.39 -42.18
CA ALA T 60 -37.50 52.23 -41.29
C ALA T 60 -36.91 52.65 -39.94
N GLU T 61 -35.92 53.56 -39.97
CA GLU T 61 -35.31 54.01 -38.72
C GLU T 61 -36.34 54.72 -37.85
N TYR T 62 -37.17 55.57 -38.46
CA TYR T 62 -38.19 56.27 -37.69
C TYR T 62 -39.28 55.32 -37.20
N ILE T 63 -39.63 54.30 -37.99
CA ILE T 63 -40.61 53.32 -37.53
C ILE T 63 -40.07 52.59 -36.30
N GLN T 64 -38.81 52.17 -36.36
CA GLN T 64 -38.19 51.48 -35.23
C GLN T 64 -38.09 52.41 -34.01
N ALA T 65 -37.73 53.67 -34.23
CA ALA T 65 -37.64 54.62 -33.12
C ALA T 65 -39.00 54.84 -32.48
N TYR T 66 -40.05 54.96 -33.28
CA TYR T 66 -41.39 55.17 -32.73
C TYR T 66 -41.87 53.97 -31.93
N ILE T 67 -41.66 52.75 -32.44
CA ILE T 67 -42.08 51.60 -31.66
C ILE T 67 -41.24 51.46 -30.39
N SER T 68 -39.95 51.81 -30.46
CA SER T 68 -39.12 51.79 -29.27
C SER T 68 -39.60 52.79 -28.23
N GLU T 69 -39.97 54.01 -28.67
CA GLU T 69 -40.50 55.00 -27.73
C GLU T 69 -41.83 54.54 -27.16
N ARG T 70 -42.64 53.82 -27.96
CA ARG T 70 -43.88 53.24 -27.45
C ARG T 70 -43.59 52.25 -26.34
N ILE T 71 -42.56 51.41 -26.53
CA ILE T 71 -42.19 50.44 -25.51
C ILE T 71 -41.69 51.15 -24.26
N GLY T 72 -40.92 52.22 -24.44
CA GLY T 72 -40.44 52.96 -23.30
C GLY T 72 -41.54 53.70 -22.56
N SER T 73 -42.57 54.13 -23.29
CA SER T 73 -43.70 54.80 -22.66
C SER T 73 -44.63 53.81 -21.97
N ASP T 74 -44.58 52.53 -22.36
CA ASP T 74 -45.34 51.52 -21.64
C ASP T 74 -44.51 50.84 -20.56
N ALA T 75 -43.21 51.14 -20.49
CA ALA T 75 -42.38 50.59 -19.42
C ALA T 75 -42.87 50.93 -18.01
N PRO T 76 -43.29 52.17 -17.69
CA PRO T 76 -43.78 52.43 -16.32
C PRO T 76 -44.97 51.59 -15.90
N ALA T 77 -45.87 51.25 -16.84
CA ALA T 77 -46.99 50.37 -16.48
C ALA T 77 -46.47 49.01 -16.03
N ALA T 78 -45.49 48.47 -16.74
CA ALA T 78 -44.89 47.20 -16.32
C ALA T 78 -44.11 47.34 -15.03
N ARG T 79 -43.49 48.49 -14.79
CA ARG T 79 -42.85 48.73 -13.50
C ARG T 79 -43.88 48.66 -12.38
N LYS T 80 -45.05 49.26 -12.61
CA LYS T 80 -46.15 49.14 -11.65
C LYS T 80 -46.55 47.68 -11.49
N VAL T 81 -46.56 46.93 -12.60
CA VAL T 81 -46.96 45.53 -12.54
C VAL T 81 -45.99 44.74 -11.67
N VAL T 82 -44.69 44.93 -11.88
CA VAL T 82 -43.71 44.17 -11.10
C VAL T 82 -43.74 44.58 -9.64
N LEU T 83 -43.90 45.87 -9.36
CA LEU T 83 -43.98 46.30 -7.97
C LEU T 83 -45.20 45.74 -7.27
N GLU T 84 -46.36 45.79 -7.93
CA GLU T 84 -47.59 45.30 -7.32
C GLU T 84 -47.57 43.79 -7.14
N ILE T 85 -47.03 43.04 -8.11
CA ILE T 85 -46.96 41.60 -7.97
C ILE T 85 -45.94 41.21 -6.90
N MET T 86 -44.83 41.93 -6.81
CA MET T 86 -43.86 41.66 -5.76
C MET T 86 -44.38 42.03 -4.38
N ASN T 87 -45.34 42.95 -4.30
CA ASN T 87 -45.89 43.36 -3.00
C ASN T 87 -47.29 42.81 -2.75
N ASP T 88 -47.79 41.95 -3.63
CA ASP T 88 -49.11 41.37 -3.45
C ASP T 88 -48.99 40.05 -2.70
N PRO T 89 -49.57 39.94 -1.49
CA PRO T 89 -49.39 38.69 -0.71
C PRO T 89 -50.21 37.52 -1.23
N ASN T 90 -51.16 37.74 -2.13
CA ASN T 90 -52.07 36.68 -2.57
C ASN T 90 -51.54 35.92 -3.77
N GLU T 91 -50.32 36.20 -4.23
CA GLU T 91 -49.73 35.55 -5.39
C GLU T 91 -48.83 34.40 -4.98
N LYS T 92 -48.60 33.49 -5.93
CA LYS T 92 -47.79 32.31 -5.69
C LYS T 92 -46.38 32.69 -5.29
N GLY T 93 -45.78 31.89 -4.40
CA GLY T 93 -44.48 32.24 -3.85
C GLY T 93 -43.40 32.31 -4.91
N GLY T 94 -43.44 31.39 -5.88
CA GLY T 94 -42.46 31.42 -6.95
C GLY T 94 -42.54 32.68 -7.77
N ILE T 95 -43.76 33.17 -8.00
CA ILE T 95 -43.93 34.39 -8.80
C ILE T 95 -43.35 35.59 -8.06
N ARG T 96 -43.61 35.70 -6.75
CA ARG T 96 -43.03 36.77 -5.96
C ARG T 96 -41.50 36.65 -5.95
N LEU T 97 -40.99 35.43 -5.87
CA LEU T 97 -39.55 35.23 -5.92
C LEU T 97 -38.96 35.71 -7.24
N LYS T 98 -39.62 35.40 -8.35
CA LYS T 98 -39.13 35.86 -9.65
C LYS T 98 -39.20 37.38 -9.74
N ALA T 99 -40.23 37.98 -9.16
CA ALA T 99 -40.32 39.44 -9.11
C ALA T 99 -39.16 40.03 -8.33
N ALA T 100 -38.83 39.44 -7.18
CA ALA T 100 -37.70 39.91 -6.39
C ALA T 100 -36.38 39.75 -7.15
N GLN T 101 -36.22 38.62 -7.84
CA GLN T 101 -35.01 38.39 -8.62
C GLN T 101 -34.86 39.45 -9.71
N ASP T 102 -35.95 39.72 -10.44
CA ASP T 102 -35.90 40.72 -11.50
C ASP T 102 -35.63 42.11 -10.95
N ILE T 103 -36.31 42.47 -9.86
CA ILE T 103 -36.18 43.83 -9.32
C ILE T 103 -34.77 44.06 -8.78
N LEU T 104 -34.18 43.04 -8.14
CA LEU T 104 -32.81 43.17 -7.68
C LEU T 104 -31.81 43.20 -8.84
N ASP T 105 -32.07 42.41 -9.89
CA ASP T 105 -31.21 42.47 -11.06
C ASP T 105 -31.27 43.83 -11.73
N ARG T 106 -32.43 44.47 -11.69
CA ARG T 106 -32.56 45.84 -12.20
C ARG T 106 -31.87 46.84 -11.29
N ALA T 107 -31.82 46.55 -9.99
CA ALA T 107 -31.18 47.46 -9.04
C ALA T 107 -29.69 47.60 -9.33
N GLY T 108 -29.06 46.58 -9.90
CA GLY T 108 -27.65 46.68 -10.25
C GLY T 108 -26.78 45.62 -9.59
N PHE T 109 -27.35 44.47 -9.26
CA PHE T 109 -26.61 43.36 -8.69
C PHE T 109 -26.75 42.16 -9.61
N GLY T 110 -25.63 41.71 -10.16
CA GLY T 110 -25.61 40.70 -11.18
C GLY T 110 -24.95 39.42 -10.70
N ALA T 111 -24.53 38.59 -11.65
CA ALA T 111 -23.89 37.34 -11.28
C ALA T 111 -22.42 37.59 -10.96
N LYS T 112 -21.72 36.51 -10.61
CA LYS T 112 -20.37 36.62 -10.05
C LYS T 112 -19.37 35.80 -10.85
N GLN T 113 -18.20 35.56 -10.28
CA GLN T 113 -17.04 35.21 -11.09
C GLN T 113 -17.20 33.85 -11.76
N LYS T 114 -16.57 33.73 -12.92
CA LYS T 114 -16.42 32.51 -13.70
C LYS T 114 -15.07 32.60 -14.37
N ILE T 115 -14.23 31.57 -14.25
CA ILE T 115 -12.86 31.64 -14.75
C ILE T 115 -12.71 30.77 -15.99
N GLU T 116 -11.93 31.26 -16.96
CA GLU T 116 -11.65 30.52 -18.18
C GLU T 116 -10.14 30.44 -18.36
N LEU T 117 -9.62 29.25 -18.63
CA LEU T 117 -8.21 29.04 -18.90
C LEU T 117 -8.06 28.34 -20.26
N THR T 118 -7.17 28.86 -21.09
CA THR T 118 -6.97 28.31 -22.43
C THR T 118 -5.58 27.69 -22.54
N THR T 119 -5.51 26.53 -23.18
CA THR T 119 -4.28 25.79 -23.39
C THR T 119 -4.20 25.33 -24.83
N LYS T 120 -2.98 25.04 -25.28
CA LYS T 120 -2.76 24.57 -26.64
C LYS T 120 -2.85 23.05 -26.72
N LYS U 18 -35.42 72.52 -13.70
CA LYS U 18 -34.73 71.24 -13.67
C LYS U 18 -35.36 70.30 -12.65
N GLU U 19 -36.08 70.88 -11.68
CA GLU U 19 -36.82 70.10 -10.71
C GLU U 19 -38.16 69.66 -11.28
N LYS U 20 -38.73 70.49 -12.15
CA LYS U 20 -40.01 70.18 -12.77
C LYS U 20 -39.93 68.95 -13.67
N LEU U 21 -38.77 68.70 -14.27
CA LEU U 21 -38.63 67.48 -15.07
C LEU U 21 -38.76 66.25 -14.18
N ASP U 22 -38.19 66.28 -12.98
CA ASP U 22 -38.39 65.19 -12.03
C ASP U 22 -39.84 65.11 -11.56
N LEU U 23 -40.50 66.26 -11.37
CA LEU U 23 -41.93 66.21 -11.04
C LEU U 23 -42.73 65.55 -12.16
N TYR U 24 -42.37 65.84 -13.41
CA TYR U 24 -43.00 65.19 -14.55
C TYR U 24 -42.72 63.69 -14.53
N CYS U 25 -41.49 63.31 -14.17
CA CYS U 25 -41.14 61.89 -14.08
C CYS U 25 -42.02 61.20 -13.04
N GLU U 26 -42.21 61.83 -11.88
CA GLU U 26 -43.02 61.23 -10.83
C GLU U 26 -44.49 61.13 -11.26
N ALA U 27 -45.02 62.16 -11.91
CA ALA U 27 -46.40 62.11 -12.36
C ALA U 27 -46.61 61.04 -13.43
N LEU U 28 -45.67 60.93 -14.37
CA LEU U 28 -45.76 59.88 -15.39
C LEU U 28 -45.61 58.49 -14.78
N CYS U 29 -44.76 58.36 -13.76
CA CYS U 29 -44.58 57.09 -13.09
C CYS U 29 -45.81 56.68 -12.29
N ASP U 30 -46.56 57.64 -11.80
CA ASP U 30 -47.69 57.29 -10.93
C ASP U 30 -48.99 57.13 -11.71
N GLY U 31 -49.27 58.01 -12.68
CA GLY U 31 -50.52 57.87 -13.38
C GLY U 31 -50.41 57.28 -14.77
N PHE U 32 -49.27 56.63 -15.05
CA PHE U 32 -49.00 55.85 -16.27
C PHE U 32 -49.68 56.39 -17.52
N ASN U 33 -49.63 57.70 -17.77
CA ASN U 33 -50.25 58.26 -18.96
C ASN U 33 -49.52 59.54 -19.34
N LYS U 34 -49.27 59.73 -20.64
CA LYS U 34 -48.58 60.94 -21.07
C LYS U 34 -49.48 62.16 -20.94
N THR U 35 -50.74 62.03 -21.34
CA THR U 35 -51.65 63.19 -21.30
C THR U 35 -51.99 63.58 -19.87
N GLN U 36 -52.23 62.59 -19.00
CA GLN U 36 -52.56 62.89 -17.61
C GLN U 36 -51.39 63.59 -16.91
N ALA U 37 -50.17 63.08 -17.12
CA ALA U 37 -48.99 63.73 -16.54
C ALA U 37 -48.79 65.11 -17.14
N TYR U 38 -49.03 65.24 -18.45
CA TYR U 38 -48.81 66.52 -19.12
C TYR U 38 -49.77 67.59 -18.62
N ILE U 39 -51.04 67.23 -18.42
CA ILE U 39 -51.99 68.19 -17.86
C ILE U 39 -51.66 68.44 -16.39
N LYS U 40 -51.12 67.44 -15.69
CA LYS U 40 -50.69 67.67 -14.31
C LYS U 40 -49.38 68.45 -14.27
N ALA U 41 -48.63 68.46 -15.36
CA ALA U 41 -47.39 69.22 -15.46
C ALA U 41 -47.64 70.72 -15.57
N GLY U 42 -48.88 71.18 -15.50
CA GLY U 42 -49.15 72.60 -15.59
C GLY U 42 -49.09 73.16 -16.98
N PHE U 43 -49.30 72.34 -18.00
CA PHE U 43 -49.10 72.72 -19.39
C PHE U 43 -50.44 72.76 -20.13
N SER U 44 -50.36 73.08 -21.43
CA SER U 44 -51.54 73.27 -22.24
C SER U 44 -52.21 71.94 -22.58
N ALA U 45 -53.54 71.89 -22.41
CA ALA U 45 -54.29 70.67 -22.70
C ALA U 45 -54.36 70.40 -24.19
N PRO U 46 -54.58 71.42 -25.03
CA PRO U 46 -54.79 71.16 -26.46
C PRO U 46 -53.58 70.56 -27.16
N HIS U 47 -52.40 71.18 -27.04
CA HIS U 47 -51.19 70.72 -27.71
C HIS U 47 -50.62 69.51 -26.95
N ALA U 48 -51.33 68.39 -27.05
CA ALA U 48 -50.96 67.19 -26.31
C ALA U 48 -50.35 66.08 -27.15
N GLN U 49 -50.15 66.28 -28.45
CA GLN U 49 -49.56 65.20 -29.24
C GLN U 49 -48.10 65.41 -29.60
N ARG U 50 -47.66 66.66 -29.78
CA ARG U 50 -46.28 66.87 -30.20
C ARG U 50 -45.38 67.36 -29.07
N ASN U 51 -45.63 68.59 -28.60
CA ASN U 51 -44.82 69.24 -27.56
C ASN U 51 -44.43 68.29 -26.44
N VAL U 52 -45.28 67.31 -26.13
CA VAL U 52 -44.96 66.40 -25.05
C VAL U 52 -43.96 65.35 -25.52
N ALA U 53 -44.13 64.87 -26.76
CA ALA U 53 -43.12 63.99 -27.35
C ALA U 53 -41.80 64.70 -27.53
N PRO U 54 -41.74 65.92 -28.07
CA PRO U 54 -40.46 66.63 -28.13
C PRO U 54 -39.84 66.88 -26.77
N TYR U 55 -40.64 67.22 -25.76
CA TYR U 55 -40.10 67.43 -24.43
C TYR U 55 -39.54 66.13 -23.85
N HIS U 56 -40.19 65.00 -24.15
CA HIS U 56 -39.73 63.71 -23.66
C HIS U 56 -38.48 63.22 -24.39
N ARG U 57 -38.37 63.49 -25.69
CA ARG U 57 -37.24 62.97 -26.46
C ARG U 57 -35.93 63.69 -26.17
N LYS U 58 -35.97 64.95 -25.76
CA LYS U 58 -34.73 65.68 -25.54
C LYS U 58 -34.12 65.40 -24.17
N ASN U 59 -34.84 64.72 -23.28
CA ASN U 59 -34.35 64.39 -21.95
C ASN U 59 -34.59 62.91 -21.66
N ALA U 60 -34.50 62.07 -22.69
CA ALA U 60 -34.78 60.65 -22.52
C ALA U 60 -33.81 59.97 -21.58
N GLU U 61 -32.53 60.34 -21.64
CA GLU U 61 -31.53 59.68 -20.78
C GLU U 61 -31.82 59.93 -19.32
N TYR U 62 -32.16 61.16 -18.95
CA TYR U 62 -32.48 61.44 -17.55
C TYR U 62 -33.80 60.78 -17.14
N ILE U 63 -34.75 60.67 -18.07
CA ILE U 63 -35.99 59.96 -17.78
C ILE U 63 -35.67 58.50 -17.45
N GLN U 64 -34.77 57.90 -18.22
CA GLN U 64 -34.33 56.54 -17.94
C GLN U 64 -33.64 56.44 -16.59
N ALA U 65 -32.82 57.43 -16.25
CA ALA U 65 -32.17 57.43 -14.95
C ALA U 65 -33.19 57.51 -13.83
N TYR U 66 -34.23 58.34 -14.01
CA TYR U 66 -35.26 58.47 -13.00
C TYR U 66 -36.05 57.17 -12.83
N ILE U 67 -36.39 56.51 -13.94
CA ILE U 67 -37.10 55.24 -13.80
C ILE U 67 -36.18 54.21 -13.15
N SER U 68 -34.87 54.27 -13.44
CA SER U 68 -33.93 53.34 -12.80
C SER U 68 -33.88 53.57 -11.29
N GLU U 69 -33.83 54.82 -10.84
CA GLU U 69 -33.81 55.04 -9.40
C GLU U 69 -35.14 54.62 -8.77
N ARG U 70 -36.25 54.85 -9.47
CA ARG U 70 -37.55 54.41 -8.96
C ARG U 70 -37.62 52.90 -8.84
N ILE U 71 -37.13 52.18 -9.87
CA ILE U 71 -37.18 50.73 -9.86
C ILE U 71 -36.24 50.19 -8.77
N GLY U 72 -35.11 50.88 -8.55
CA GLY U 72 -34.18 50.52 -7.48
C GLY U 72 -34.69 50.77 -6.08
N SER U 73 -35.63 51.71 -5.93
CA SER U 73 -36.15 52.06 -4.61
C SER U 73 -36.95 50.94 -3.95
N ASP U 74 -37.37 49.91 -4.70
CA ASP U 74 -38.07 48.77 -4.13
C ASP U 74 -37.14 47.62 -3.74
N ALA U 75 -35.83 47.78 -3.91
CA ALA U 75 -34.88 46.72 -3.54
C ALA U 75 -34.99 46.27 -2.08
N PRO U 76 -35.11 47.14 -1.07
CA PRO U 76 -35.30 46.62 0.29
C PRO U 76 -36.56 45.78 0.42
N ALA U 77 -37.60 46.11 -0.32
CA ALA U 77 -38.80 45.28 -0.34
C ALA U 77 -38.48 43.89 -0.87
N ALA U 78 -37.65 43.81 -1.91
CA ALA U 78 -37.25 42.51 -2.43
C ALA U 78 -36.41 41.72 -1.43
N ARG U 79 -35.53 42.42 -0.71
CA ARG U 79 -34.77 41.72 0.33
C ARG U 79 -35.70 41.18 1.40
N LYS U 80 -36.68 41.99 1.83
CA LYS U 80 -37.64 41.54 2.83
C LYS U 80 -38.47 40.37 2.32
N VAL U 81 -38.92 40.41 1.07
CA VAL U 81 -39.75 39.33 0.56
C VAL U 81 -38.95 38.04 0.46
N VAL U 82 -37.69 38.11 -0.01
CA VAL U 82 -36.89 36.90 -0.12
C VAL U 82 -36.60 36.32 1.25
N LEU U 83 -36.32 37.19 2.24
CA LEU U 83 -36.10 36.71 3.59
C LEU U 83 -37.36 36.06 4.16
N GLU U 84 -38.53 36.67 3.90
CA GLU U 84 -39.78 36.13 4.41
C GLU U 84 -40.11 34.79 3.77
N ILE U 85 -39.80 34.63 2.48
CA ILE U 85 -40.01 33.34 1.83
C ILE U 85 -39.05 32.31 2.40
N MET U 86 -37.83 32.72 2.76
CA MET U 86 -36.91 31.80 3.41
C MET U 86 -37.36 31.41 4.81
N ASN U 87 -38.22 32.21 5.45
CA ASN U 87 -38.66 31.96 6.81
C ASN U 87 -40.11 31.46 6.90
N ASP U 88 -40.75 31.15 5.78
CA ASP U 88 -42.13 30.67 5.82
C ASP U 88 -42.13 29.15 5.89
N PRO U 89 -42.61 28.55 6.99
CA PRO U 89 -42.54 27.08 7.10
C PRO U 89 -43.58 26.33 6.27
N ASN U 90 -44.65 26.97 5.84
CA ASN U 90 -45.73 26.28 5.14
C ASN U 90 -45.57 26.31 3.62
N GLU U 91 -44.48 26.85 3.10
CA GLU U 91 -44.29 26.96 1.66
C GLU U 91 -43.49 25.76 1.16
N LYS U 92 -43.70 25.44 -0.12
CA LYS U 92 -43.05 24.30 -0.72
C LYS U 92 -41.53 24.48 -0.71
N GLY U 93 -40.82 23.36 -0.54
CA GLY U 93 -39.38 23.43 -0.33
C GLY U 93 -38.63 24.01 -1.51
N GLY U 94 -39.08 23.72 -2.73
CA GLY U 94 -38.39 24.23 -3.91
C GLY U 94 -38.37 25.75 -3.98
N ILE U 95 -39.46 26.39 -3.59
CA ILE U 95 -39.52 27.84 -3.65
C ILE U 95 -38.52 28.45 -2.68
N ARG U 96 -38.45 27.90 -1.47
CA ARG U 96 -37.46 28.35 -0.49
C ARG U 96 -36.04 28.08 -1.01
N LEU U 97 -35.84 26.94 -1.69
CA LEU U 97 -34.53 26.62 -2.23
C LEU U 97 -34.09 27.68 -3.23
N LYS U 98 -35.00 28.05 -4.14
CA LYS U 98 -34.66 29.04 -5.14
C LYS U 98 -34.46 30.42 -4.53
N ALA U 99 -35.25 30.76 -3.51
CA ALA U 99 -35.06 32.04 -2.82
C ALA U 99 -33.70 32.11 -2.13
N ALA U 100 -33.33 31.03 -1.43
CA ALA U 100 -32.03 30.98 -0.77
C ALA U 100 -30.90 31.02 -1.79
N GLN U 101 -31.06 30.31 -2.91
CA GLN U 101 -30.05 30.35 -3.97
C GLN U 101 -29.88 31.76 -4.51
N ASP U 102 -31.00 32.46 -4.72
CA ASP U 102 -30.92 33.83 -5.24
C ASP U 102 -30.22 34.75 -4.25
N ILE U 103 -30.59 34.66 -2.96
CA ILE U 103 -30.00 35.56 -1.97
C ILE U 103 -28.52 35.24 -1.77
N LEU U 104 -28.13 33.96 -1.84
CA LEU U 104 -26.71 33.62 -1.73
C LEU U 104 -25.93 34.11 -2.94
N ASP U 105 -26.53 34.01 -4.14
CA ASP U 105 -25.89 34.58 -5.32
C ASP U 105 -25.76 36.09 -5.19
N ARG U 106 -26.71 36.72 -4.49
CA ARG U 106 -26.58 38.14 -4.22
C ARG U 106 -25.45 38.40 -3.23
N ALA U 107 -25.23 37.47 -2.29
CA ALA U 107 -24.17 37.62 -1.31
C ALA U 107 -22.78 37.54 -1.92
N GLY U 108 -22.62 36.76 -2.99
CA GLY U 108 -21.32 36.71 -3.64
C GLY U 108 -20.70 35.32 -3.70
N PHE U 109 -21.52 34.28 -3.72
CA PHE U 109 -21.03 32.90 -3.83
C PHE U 109 -21.59 32.32 -5.12
N GLY U 110 -20.70 32.12 -6.10
CA GLY U 110 -21.11 31.76 -7.44
C GLY U 110 -20.59 30.43 -7.95
N ALA U 111 -20.62 30.25 -9.27
CA ALA U 111 -20.13 29.03 -9.91
C ALA U 111 -18.62 29.14 -10.16
N LYS U 112 -18.06 28.09 -10.75
CA LYS U 112 -16.61 27.94 -10.82
C LYS U 112 -16.15 27.70 -12.26
N GLN U 113 -14.92 27.22 -12.40
CA GLN U 113 -14.14 27.33 -13.63
C GLN U 113 -14.77 26.56 -14.80
N LYS U 114 -14.40 26.97 -16.01
CA LYS U 114 -14.81 26.33 -17.24
C LYS U 114 -13.64 26.35 -18.20
N ILE U 115 -13.33 25.20 -18.82
CA ILE U 115 -12.14 25.05 -19.65
C ILE U 115 -12.53 24.95 -21.12
N GLU U 116 -11.70 25.53 -22.00
CA GLU U 116 -11.91 25.49 -23.43
C GLU U 116 -10.68 24.94 -24.15
N LEU U 117 -10.91 24.00 -25.07
CA LEU U 117 -9.88 23.49 -25.96
C LEU U 117 -10.41 23.64 -27.38
N THR U 118 -9.62 24.26 -28.26
CA THR U 118 -10.05 24.50 -29.64
C THR U 118 -9.19 23.68 -30.59
N THR U 119 -9.82 23.15 -31.63
CA THR U 119 -9.16 22.28 -32.62
C THR U 119 -9.49 22.72 -34.04
N LYS U 120 -9.32 24.01 -34.32
CA LYS U 120 -9.49 24.54 -35.68
C LYS U 120 -8.62 23.80 -36.70
N LEU V 15 -25.17 61.78 19.11
CA LEU V 15 -24.95 60.83 18.04
C LEU V 15 -24.10 61.42 16.93
N THR V 16 -24.48 61.16 15.68
CA THR V 16 -23.76 61.62 14.51
C THR V 16 -24.63 61.36 13.28
N PRO V 17 -24.33 62.00 12.14
CA PRO V 17 -25.11 61.73 10.93
C PRO V 17 -25.05 60.27 10.46
N LYS V 18 -23.97 59.55 10.77
CA LYS V 18 -23.89 58.16 10.32
C LYS V 18 -24.97 57.29 10.98
N GLU V 19 -25.42 57.67 12.17
CA GLU V 19 -26.49 56.90 12.79
C GLU V 19 -27.83 57.22 12.16
N LYS V 20 -28.03 58.47 11.75
CA LYS V 20 -29.26 58.80 11.04
C LYS V 20 -29.31 58.10 9.69
N LEU V 21 -28.18 58.02 8.99
CA LEU V 21 -28.15 57.32 7.70
C LEU V 21 -28.34 55.81 7.88
N ASP V 22 -27.71 55.22 8.89
CA ASP V 22 -27.89 53.79 9.13
C ASP V 22 -29.31 53.47 9.54
N LEU V 23 -29.91 54.29 10.40
CA LEU V 23 -31.31 54.10 10.79
C LEU V 23 -32.24 54.29 9.60
N TYR V 24 -31.95 55.26 8.73
CA TYR V 24 -32.76 55.45 7.53
C TYR V 24 -32.68 54.24 6.62
N CYS V 25 -31.47 53.68 6.44
CA CYS V 25 -31.34 52.49 5.62
C CYS V 25 -32.11 51.31 6.23
N GLU V 26 -32.01 51.14 7.55
CA GLU V 26 -32.74 50.06 8.20
C GLU V 26 -34.25 50.25 8.10
N ALA V 27 -34.72 51.49 8.25
CA ALA V 27 -36.14 51.78 8.13
C ALA V 27 -36.64 51.51 6.72
N LEU V 28 -35.85 51.87 5.70
CA LEU V 28 -36.22 51.54 4.34
C LEU V 28 -36.23 50.03 4.12
N CYS V 29 -35.30 49.33 4.76
CA CYS V 29 -35.25 47.88 4.64
C CYS V 29 -36.44 47.21 5.32
N ASP V 30 -36.97 47.80 6.39
CA ASP V 30 -38.03 47.14 7.16
C ASP V 30 -39.44 47.57 6.76
N GLY V 31 -39.69 48.86 6.54
CA GLY V 31 -41.05 49.26 6.24
C GLY V 31 -41.32 49.66 4.80
N PHE V 32 -40.45 49.21 3.88
CA PHE V 32 -40.59 49.34 2.44
C PHE V 32 -41.31 50.60 1.97
N ASN V 33 -40.93 51.76 2.50
CA ASN V 33 -41.51 53.02 2.08
C ASN V 33 -40.48 54.11 2.26
N LYS V 34 -40.33 54.96 1.24
CA LYS V 34 -39.29 55.99 1.29
C LYS V 34 -39.67 57.13 2.25
N THR V 35 -40.92 57.58 2.20
CA THR V 35 -41.34 58.70 3.04
C THR V 35 -41.38 58.28 4.51
N GLN V 36 -41.91 57.09 4.77
CA GLN V 36 -41.97 56.59 6.15
C GLN V 36 -40.59 56.42 6.73
N ALA V 37 -39.65 55.89 5.93
CA ALA V 37 -38.27 55.76 6.39
C ALA V 37 -37.65 57.12 6.66
N TYR V 38 -37.95 58.11 5.82
CA TYR V 38 -37.39 59.45 6.00
C TYR V 38 -37.93 60.12 7.27
N ILE V 39 -39.21 59.88 7.58
CA ILE V 39 -39.80 60.50 8.76
C ILE V 39 -39.13 60.01 10.04
N LYS V 40 -38.54 58.81 10.01
CA LYS V 40 -37.83 58.32 11.18
C LYS V 40 -36.53 59.07 11.43
N ALA V 41 -36.02 59.83 10.45
CA ALA V 41 -34.81 60.60 10.68
C ALA V 41 -35.05 61.74 11.66
N GLY V 42 -36.20 62.41 11.56
CA GLY V 42 -36.52 63.46 12.51
C GLY V 42 -36.86 64.80 11.90
N PHE V 43 -37.32 64.84 10.66
CA PHE V 43 -37.47 66.09 9.94
C PHE V 43 -38.95 66.38 9.67
N SER V 44 -39.20 67.49 8.99
CA SER V 44 -40.57 67.98 8.79
C SER V 44 -41.32 67.13 7.77
N ALA V 45 -42.55 66.76 8.13
CA ALA V 45 -43.45 65.94 7.33
C ALA V 45 -44.01 66.71 6.14
N PRO V 46 -44.36 68.00 6.31
CA PRO V 46 -45.08 68.71 5.24
C PRO V 46 -44.29 68.82 3.94
N HIS V 47 -43.09 69.38 4.00
CA HIS V 47 -42.24 69.51 2.81
C HIS V 47 -41.25 68.36 2.76
N ALA V 48 -41.79 67.14 2.65
CA ALA V 48 -40.99 65.92 2.67
C ALA V 48 -40.97 65.16 1.35
N GLN V 49 -41.65 65.63 0.30
CA GLN V 49 -41.66 64.92 -0.97
C GLN V 49 -40.70 65.54 -1.97
N ARG V 50 -39.92 66.53 -1.54
CA ARG V 50 -39.02 67.29 -2.40
C ARG V 50 -37.56 66.86 -2.26
N ASN V 51 -37.02 66.94 -1.05
CA ASN V 51 -35.60 66.76 -0.80
C ASN V 51 -35.16 65.35 -0.45
N VAL V 52 -36.08 64.45 -0.07
CA VAL V 52 -35.64 63.13 0.39
C VAL V 52 -35.11 62.30 -0.78
N ALA V 53 -35.76 62.43 -1.94
CA ALA V 53 -35.23 61.77 -3.14
C ALA V 53 -33.83 62.25 -3.48
N PRO V 54 -33.53 63.55 -3.43
CA PRO V 54 -32.15 63.98 -3.71
C PRO V 54 -31.13 63.40 -2.75
N TYR V 55 -31.41 63.34 -1.45
CA TYR V 55 -30.44 62.74 -0.53
C TYR V 55 -30.31 61.24 -0.78
N HIS V 56 -31.41 60.60 -1.18
CA HIS V 56 -31.36 59.17 -1.48
C HIS V 56 -30.46 58.94 -2.69
N ARG V 57 -30.54 59.85 -3.66
CA ARG V 57 -29.69 59.75 -4.85
C ARG V 57 -28.25 60.13 -4.53
N LYS V 58 -28.04 60.96 -3.51
CA LYS V 58 -26.70 61.37 -3.12
C LYS V 58 -26.03 60.32 -2.24
N ASN V 59 -26.80 59.36 -1.72
CA ASN V 59 -26.24 58.29 -0.91
C ASN V 59 -26.68 56.93 -1.42
N ALA V 60 -26.95 56.82 -2.73
CA ALA V 60 -27.35 55.55 -3.31
C ALA V 60 -26.26 54.50 -3.18
N GLU V 61 -24.98 54.90 -3.30
CA GLU V 61 -23.91 53.93 -3.14
C GLU V 61 -23.89 53.36 -1.73
N TYR V 62 -24.10 54.22 -0.72
CA TYR V 62 -24.17 53.73 0.65
C TYR V 62 -25.39 52.85 0.85
N ILE V 63 -26.48 53.15 0.15
CA ILE V 63 -27.67 52.30 0.19
C ILE V 63 -27.33 50.92 -0.37
N GLN V 64 -26.59 50.88 -1.47
CA GLN V 64 -26.16 49.61 -2.05
C GLN V 64 -25.27 48.85 -1.08
N ALA V 65 -24.38 49.57 -0.40
CA ALA V 65 -23.52 48.94 0.60
C ALA V 65 -24.35 48.35 1.73
N TYR V 66 -25.39 49.08 2.16
CA TYR V 66 -26.27 48.60 3.24
C TYR V 66 -27.02 47.35 2.80
N ILE V 67 -27.53 47.35 1.56
CA ILE V 67 -28.25 46.18 1.06
C ILE V 67 -27.31 44.99 0.97
N SER V 68 -26.07 45.23 0.50
CA SER V 68 -25.09 44.14 0.42
C SER V 68 -24.74 43.60 1.79
N GLU V 69 -24.57 44.48 2.78
CA GLU V 69 -24.25 44.01 4.12
C GLU V 69 -25.40 43.24 4.74
N ARG V 70 -26.65 43.69 4.53
CA ARG V 70 -27.79 42.95 5.07
C ARG V 70 -27.94 41.58 4.40
N ILE V 71 -27.79 41.51 3.07
CA ILE V 71 -27.89 40.21 2.41
C ILE V 71 -26.74 39.30 2.85
N GLY V 72 -25.55 39.86 3.07
CA GLY V 72 -24.46 39.05 3.56
C GLY V 72 -24.69 38.58 4.98
N SER V 73 -25.39 39.38 5.78
CA SER V 73 -25.74 38.94 7.13
C SER V 73 -26.85 37.91 7.13
N ASP V 74 -27.63 37.85 6.04
CA ASP V 74 -28.63 36.82 5.88
C ASP V 74 -28.12 35.62 5.10
N ALA V 75 -26.89 35.68 4.61
CA ALA V 75 -26.30 34.53 3.92
C ALA V 75 -26.27 33.28 4.79
N PRO V 76 -25.90 33.32 6.08
CA PRO V 76 -25.99 32.10 6.89
C PRO V 76 -27.41 31.55 6.97
N ALA V 77 -28.42 32.41 6.94
CA ALA V 77 -29.79 31.94 6.92
C ALA V 77 -30.07 31.13 5.66
N ALA V 78 -29.59 31.60 4.50
CA ALA V 78 -29.77 30.83 3.27
C ALA V 78 -28.99 29.53 3.29
N ARG V 79 -27.79 29.55 3.90
CA ARG V 79 -27.05 28.31 4.06
C ARG V 79 -27.82 27.32 4.92
N LYS V 80 -28.44 27.81 6.00
CA LYS V 80 -29.29 26.97 6.82
C LYS V 80 -30.47 26.44 6.04
N VAL V 81 -31.05 27.27 5.17
CA VAL V 81 -32.20 26.84 4.38
C VAL V 81 -31.81 25.72 3.44
N VAL V 82 -30.69 25.88 2.74
CA VAL V 82 -30.27 24.85 1.78
C VAL V 82 -29.87 23.58 2.51
N LEU V 83 -29.23 23.70 3.67
CA LEU V 83 -28.89 22.51 4.44
C LEU V 83 -30.13 21.78 4.94
N GLU V 84 -31.11 22.53 5.42
CA GLU V 84 -32.33 21.91 5.96
C GLU V 84 -33.14 21.22 4.87
N ILE V 85 -33.24 21.84 3.70
CA ILE V 85 -33.96 21.18 2.61
C ILE V 85 -33.18 20.00 2.04
N MET V 86 -31.84 20.10 2.04
CA MET V 86 -31.02 18.98 1.55
C MET V 86 -31.10 17.76 2.46
N ASN V 87 -31.47 17.94 3.73
CA ASN V 87 -31.56 16.84 4.69
C ASN V 87 -32.99 16.45 4.98
N ASP V 88 -33.95 16.98 4.22
CA ASP V 88 -35.36 16.68 4.42
C ASP V 88 -35.63 15.24 4.01
N PRO V 89 -36.03 14.36 4.93
CA PRO V 89 -36.17 12.94 4.58
C PRO V 89 -37.41 12.63 3.75
N ASN V 90 -38.40 13.52 3.71
CA ASN V 90 -39.65 13.25 3.03
C ASN V 90 -39.92 14.20 1.88
N GLU V 91 -38.93 14.99 1.47
CA GLU V 91 -39.15 15.97 0.42
C GLU V 91 -38.96 15.32 -0.95
N LYS V 92 -39.58 15.92 -1.96
CA LYS V 92 -39.55 15.34 -3.30
C LYS V 92 -38.12 15.26 -3.81
N GLY V 93 -37.85 14.20 -4.58
CA GLY V 93 -36.49 13.90 -4.98
C GLY V 93 -35.85 14.99 -5.82
N GLY V 94 -36.64 15.63 -6.69
CA GLY V 94 -36.09 16.66 -7.55
C GLY V 94 -35.53 17.83 -6.77
N ILE V 95 -36.22 18.24 -5.71
CA ILE V 95 -35.76 19.37 -4.90
C ILE V 95 -34.48 18.99 -4.15
N ARG V 96 -34.43 17.76 -3.61
CA ARG V 96 -33.21 17.31 -2.94
C ARG V 96 -32.04 17.29 -3.90
N LEU V 97 -32.27 16.82 -5.14
CA LEU V 97 -31.22 16.82 -6.15
C LEU V 97 -30.78 18.23 -6.48
N LYS V 98 -31.74 19.15 -6.60
CA LYS V 98 -31.40 20.54 -6.92
C LYS V 98 -30.56 21.16 -5.82
N ALA V 99 -30.92 20.89 -4.56
CA ALA V 99 -30.13 21.41 -3.44
C ALA V 99 -28.72 20.82 -3.43
N ALA V 100 -28.61 19.50 -3.64
CA ALA V 100 -27.29 18.88 -3.66
C ALA V 100 -26.43 19.41 -4.80
N GLN V 101 -27.03 19.56 -5.99
CA GLN V 101 -26.29 20.11 -7.12
C GLN V 101 -25.83 21.53 -6.83
N ASP V 102 -26.70 22.36 -6.25
CA ASP V 102 -26.32 23.74 -6.00
C ASP V 102 -25.18 23.82 -4.99
N ILE V 103 -25.28 23.08 -3.89
CA ILE V 103 -24.25 23.17 -2.86
C ILE V 103 -22.94 22.56 -3.34
N LEU V 104 -22.99 21.47 -4.12
CA LEU V 104 -21.78 20.88 -4.64
C LEU V 104 -21.11 21.78 -5.67
N ASP V 105 -21.90 22.44 -6.52
CA ASP V 105 -21.36 23.42 -7.44
C ASP V 105 -20.74 24.59 -6.70
N ARG V 106 -21.31 24.94 -5.54
CA ARG V 106 -20.76 25.99 -4.71
C ARG V 106 -19.45 25.59 -4.04
N ALA V 107 -19.27 24.30 -3.75
CA ALA V 107 -18.07 23.87 -3.03
C ALA V 107 -16.79 24.17 -3.81
N GLY V 108 -16.84 24.16 -5.13
CA GLY V 108 -15.67 24.47 -5.92
C GLY V 108 -15.27 23.32 -6.82
N PHE V 109 -16.25 22.51 -7.19
CA PHE V 109 -16.06 21.36 -8.06
C PHE V 109 -16.97 21.65 -9.25
N GLY V 110 -16.42 22.32 -10.27
CA GLY V 110 -17.19 22.86 -11.35
C GLY V 110 -17.35 21.92 -12.53
N ALA V 111 -17.72 22.49 -13.66
CA ALA V 111 -17.96 21.72 -14.87
C ALA V 111 -16.65 21.47 -15.62
N LYS V 112 -16.76 20.83 -16.77
CA LYS V 112 -15.63 20.29 -17.51
C LYS V 112 -15.62 20.91 -18.91
N GLN V 113 -14.83 20.31 -19.80
CA GLN V 113 -14.43 20.97 -21.04
C GLN V 113 -15.59 21.16 -22.01
N LYS V 114 -15.47 22.20 -22.83
CA LYS V 114 -16.40 22.49 -23.93
C LYS V 114 -15.57 23.11 -25.04
N ILE V 115 -15.77 22.64 -26.28
CA ILE V 115 -14.92 23.02 -27.40
C ILE V 115 -15.65 24.01 -28.30
N GLU V 116 -14.89 24.97 -28.83
CA GLU V 116 -15.36 26.00 -29.76
C GLU V 116 -14.49 25.96 -31.00
N LEU V 117 -15.11 26.11 -32.17
CA LEU V 117 -14.39 26.18 -33.43
C LEU V 117 -14.66 27.54 -34.06
N THR V 118 -13.60 28.28 -34.37
CA THR V 118 -13.73 29.59 -34.97
C THR V 118 -13.04 29.58 -36.34
N THR V 119 -13.70 30.20 -37.32
CA THR V 119 -13.17 30.30 -38.67
C THR V 119 -13.41 31.72 -39.16
N LYS V 120 -13.24 31.93 -40.46
CA LYS V 120 -13.46 33.23 -41.07
C LYS V 120 -14.67 33.23 -42.00
N LEU W 15 -5.96 34.44 25.05
CA LEU W 15 -5.48 33.21 24.43
C LEU W 15 -4.83 33.51 23.09
N THR W 16 -5.65 33.85 22.11
CA THR W 16 -5.18 34.20 20.78
C THR W 16 -6.30 34.92 20.02
N PRO W 17 -6.01 36.07 19.42
CA PRO W 17 -7.04 36.77 18.64
C PRO W 17 -7.54 35.95 17.47
N LYS W 18 -6.68 35.16 16.84
CA LYS W 18 -7.07 34.43 15.64
C LYS W 18 -8.03 33.29 15.95
N GLU W 19 -7.93 32.71 17.14
CA GLU W 19 -8.84 31.63 17.49
C GLU W 19 -10.18 32.18 17.96
N LYS W 20 -10.18 33.30 18.66
CA LYS W 20 -11.45 33.91 19.04
C LYS W 20 -12.18 34.43 17.80
N LEU W 21 -11.43 34.96 16.83
CA LEU W 21 -12.09 35.37 15.59
C LEU W 21 -12.61 34.15 14.84
N ASP W 22 -11.89 33.02 14.89
CA ASP W 22 -12.40 31.80 14.28
C ASP W 22 -13.68 31.34 14.97
N LEU W 23 -13.75 31.46 16.30
CA LEU W 23 -14.99 31.18 17.01
C LEU W 23 -16.10 32.14 16.58
N TYR W 24 -15.76 33.40 16.33
CA TYR W 24 -16.73 34.35 15.79
C TYR W 24 -17.26 33.87 14.44
N CYS W 25 -16.37 33.38 13.60
CA CYS W 25 -16.77 32.82 12.31
C CYS W 25 -17.68 31.60 12.49
N GLU W 26 -17.35 30.73 13.45
CA GLU W 26 -18.16 29.54 13.71
C GLU W 26 -19.56 29.94 14.17
N ALA W 27 -19.64 30.95 15.04
CA ALA W 27 -20.92 31.44 15.53
C ALA W 27 -21.72 32.10 14.41
N LEU W 28 -21.06 32.85 13.53
CA LEU W 28 -21.77 33.43 12.39
C LEU W 28 -22.31 32.34 11.47
N CYS W 29 -21.54 31.26 11.29
CA CYS W 29 -22.03 30.18 10.45
C CYS W 29 -23.18 29.41 11.09
N ASP W 30 -23.19 29.27 12.41
CA ASP W 30 -24.18 28.41 13.05
C ASP W 30 -25.39 29.13 13.65
N GLY W 31 -25.20 30.21 14.39
CA GLY W 31 -26.33 30.82 15.06
C GLY W 31 -26.86 32.13 14.51
N PHE W 32 -26.64 32.42 13.22
CA PHE W 32 -27.26 33.56 12.56
C PHE W 32 -27.45 34.85 13.36
N ASN W 33 -26.42 35.32 14.08
CA ASN W 33 -26.54 36.56 14.84
C ASN W 33 -25.17 37.20 14.95
N LYS W 34 -25.08 38.50 14.65
CA LYS W 34 -23.83 39.23 14.75
C LYS W 34 -23.51 39.56 16.20
N THR W 35 -24.51 40.06 16.93
CA THR W 35 -24.30 40.52 18.29
C THR W 35 -24.02 39.35 19.23
N GLN W 36 -24.73 38.23 19.04
CA GLN W 36 -24.50 37.07 19.88
C GLN W 36 -23.07 36.56 19.72
N ALA W 37 -22.58 36.49 18.48
CA ALA W 37 -21.20 36.06 18.26
C ALA W 37 -20.21 37.05 18.84
N TYR W 38 -20.45 38.35 18.67
CA TYR W 38 -19.50 39.35 19.17
C TYR W 38 -19.45 39.34 20.69
N ILE W 39 -20.61 39.24 21.36
CA ILE W 39 -20.61 39.16 22.80
C ILE W 39 -20.04 37.82 23.27
N LYS W 40 -20.16 36.78 22.45
CA LYS W 40 -19.54 35.51 22.79
C LYS W 40 -18.03 35.57 22.64
N ALA W 41 -17.51 36.58 21.93
CA ALA W 41 -16.07 36.75 21.85
C ALA W 41 -15.49 37.13 23.21
N GLY W 42 -16.21 37.97 23.97
CA GLY W 42 -15.77 38.32 25.31
C GLY W 42 -15.68 39.80 25.60
N PHE W 43 -16.42 40.63 24.86
CA PHE W 43 -16.29 42.08 24.96
C PHE W 43 -17.56 42.70 25.52
N SER W 44 -17.57 44.03 25.57
CA SER W 44 -18.67 44.75 26.21
C SER W 44 -19.94 44.68 25.36
N ALA W 45 -21.05 44.31 26.00
CA ALA W 45 -22.34 44.17 25.35
C ALA W 45 -22.96 45.52 25.01
N PRO W 46 -22.85 46.52 25.90
CA PRO W 46 -23.57 47.79 25.69
C PRO W 46 -23.13 48.55 24.45
N HIS W 47 -21.84 48.86 24.34
CA HIS W 47 -21.34 49.61 23.18
C HIS W 47 -20.75 48.63 22.16
N ALA W 48 -21.64 47.83 21.60
CA ALA W 48 -21.32 46.81 20.61
C ALA W 48 -21.84 47.18 19.22
N GLN W 49 -22.36 48.41 19.05
CA GLN W 49 -22.99 48.82 17.82
C GLN W 49 -22.11 49.64 16.89
N ARG W 50 -21.07 50.32 17.39
CA ARG W 50 -20.27 51.20 16.54
C ARG W 50 -18.97 50.55 16.07
N ASN W 51 -18.11 50.14 17.00
CA ASN W 51 -16.82 49.55 16.63
C ASN W 51 -16.96 48.22 15.90
N VAL W 52 -18.13 47.59 15.95
CA VAL W 52 -18.26 46.28 15.32
C VAL W 52 -18.29 46.40 13.81
N ALA W 53 -18.86 47.49 13.28
CA ALA W 53 -18.76 47.73 11.84
C ALA W 53 -17.32 47.86 11.41
N PRO W 54 -16.47 48.64 12.09
CA PRO W 54 -15.04 48.66 11.73
C PRO W 54 -14.39 47.30 11.86
N TYR W 55 -14.77 46.52 12.88
CA TYR W 55 -14.18 45.20 13.06
C TYR W 55 -14.55 44.27 11.91
N HIS W 56 -15.78 44.36 11.42
CA HIS W 56 -16.23 43.53 10.31
C HIS W 56 -15.67 43.99 8.97
N ARG W 57 -15.50 45.30 8.77
CA ARG W 57 -15.04 45.79 7.48
C ARG W 57 -13.57 45.48 7.24
N LYS W 58 -12.77 45.39 8.29
CA LYS W 58 -11.35 45.11 8.13
C LYS W 58 -11.04 43.62 8.06
N ASN W 59 -12.00 42.76 8.39
CA ASN W 59 -11.77 41.32 8.36
C ASN W 59 -12.89 40.59 7.61
N ALA W 60 -13.48 41.25 6.61
CA ALA W 60 -14.56 40.62 5.85
C ALA W 60 -14.05 39.44 5.03
N GLU W 61 -12.87 39.59 4.44
CA GLU W 61 -12.33 38.54 3.58
C GLU W 61 -12.06 37.24 4.35
N TYR W 62 -11.52 37.35 5.57
CA TYR W 62 -11.26 36.12 6.33
C TYR W 62 -12.57 35.45 6.72
N ILE W 63 -13.60 36.25 7.04
CA ILE W 63 -14.91 35.68 7.32
C ILE W 63 -15.45 34.96 6.09
N GLN W 64 -15.29 35.56 4.92
CA GLN W 64 -15.72 34.93 3.68
C GLN W 64 -14.97 33.64 3.43
N ALA W 65 -13.66 33.63 3.66
CA ALA W 65 -12.87 32.42 3.47
C ALA W 65 -13.32 31.31 4.43
N TYR W 66 -13.56 31.67 5.69
CA TYR W 66 -13.99 30.66 6.66
C TYR W 66 -15.37 30.11 6.33
N ILE W 67 -16.31 30.99 5.95
CA ILE W 67 -17.65 30.52 5.60
C ILE W 67 -17.61 29.67 4.33
N SER W 68 -16.77 30.04 3.36
CA SER W 68 -16.64 29.25 2.15
C SER W 68 -16.07 27.87 2.47
N GLU W 69 -15.06 27.80 3.33
CA GLU W 69 -14.50 26.52 3.71
C GLU W 69 -15.51 25.68 4.48
N ARG W 70 -16.29 26.31 5.37
CA ARG W 70 -17.30 25.59 6.13
C ARG W 70 -18.39 25.03 5.23
N ILE W 71 -18.87 25.82 4.26
CA ILE W 71 -19.88 25.33 3.34
C ILE W 71 -19.32 24.25 2.43
N GLY W 72 -18.04 24.39 2.01
CA GLY W 72 -17.42 23.38 1.17
C GLY W 72 -17.14 22.08 1.89
N SER W 73 -16.96 22.13 3.21
CA SER W 73 -16.68 20.93 3.99
C SER W 73 -17.87 20.00 4.08
N ASP W 74 -19.05 20.47 3.67
CA ASP W 74 -20.28 19.68 3.64
C ASP W 74 -20.42 18.90 2.34
N ALA W 75 -19.40 18.92 1.48
CA ALA W 75 -19.43 18.18 0.23
C ALA W 75 -19.79 16.71 0.40
N PRO W 76 -19.30 15.98 1.41
CA PRO W 76 -19.76 14.59 1.57
C PRO W 76 -21.26 14.47 1.74
N ALA W 77 -21.92 15.44 2.37
CA ALA W 77 -23.38 15.40 2.46
C ALA W 77 -24.02 15.47 1.09
N ALA W 78 -23.52 16.36 0.22
CA ALA W 78 -24.06 16.43 -1.14
C ALA W 78 -23.76 15.17 -1.93
N ARG W 79 -22.58 14.60 -1.73
CA ARG W 79 -22.24 13.32 -2.37
C ARG W 79 -23.19 12.23 -1.93
N LYS W 80 -23.50 12.16 -0.63
CA LYS W 80 -24.43 11.17 -0.13
C LYS W 80 -25.82 11.38 -0.72
N VAL W 81 -26.27 12.64 -0.80
CA VAL W 81 -27.60 12.91 -1.33
C VAL W 81 -27.69 12.49 -2.80
N VAL W 82 -26.69 12.89 -3.60
CA VAL W 82 -26.73 12.57 -5.03
C VAL W 82 -26.58 11.08 -5.26
N LEU W 83 -25.72 10.40 -4.46
CA LEU W 83 -25.56 8.96 -4.60
C LEU W 83 -26.85 8.22 -4.24
N GLU W 84 -27.50 8.62 -3.14
CA GLU W 84 -28.72 7.92 -2.73
C GLU W 84 -29.86 8.18 -3.72
N ILE W 85 -29.96 9.41 -4.26
CA ILE W 85 -31.01 9.67 -5.23
C ILE W 85 -30.74 8.95 -6.55
N MET W 86 -29.46 8.79 -6.93
CA MET W 86 -29.13 8.07 -8.15
C MET W 86 -29.43 6.58 -8.05
N ASN W 87 -29.53 6.02 -6.85
CA ASN W 87 -29.76 4.59 -6.66
C ASN W 87 -31.18 4.28 -6.18
N ASP W 88 -32.08 5.26 -6.19
CA ASP W 88 -33.44 5.02 -5.71
C ASP W 88 -34.34 4.56 -6.85
N PRO W 89 -34.85 3.32 -6.84
CA PRO W 89 -35.70 2.86 -7.94
C PRO W 89 -37.10 3.44 -7.87
N ASN W 90 -37.50 3.99 -6.74
CA ASN W 90 -38.83 4.53 -6.52
C ASN W 90 -38.90 6.01 -6.89
N GLU W 91 -37.82 6.53 -7.46
CA GLU W 91 -37.70 7.94 -7.82
C GLU W 91 -38.12 8.15 -9.28
N LYS W 92 -38.57 9.37 -9.57
CA LYS W 92 -39.01 9.70 -10.92
C LYS W 92 -37.84 9.59 -11.90
N GLY W 93 -38.15 9.15 -13.12
CA GLY W 93 -37.10 8.85 -14.07
C GLY W 93 -36.26 10.05 -14.44
N GLY W 94 -36.90 11.21 -14.59
CA GLY W 94 -36.15 12.41 -14.94
C GLY W 94 -35.14 12.80 -13.87
N ILE W 95 -35.52 12.65 -12.60
CA ILE W 95 -34.62 13.00 -11.51
C ILE W 95 -33.43 12.06 -11.47
N ARG W 96 -33.67 10.76 -11.67
CA ARG W 96 -32.58 9.80 -11.73
C ARG W 96 -31.65 10.11 -12.89
N LEU W 97 -32.23 10.50 -14.04
CA LEU W 97 -31.41 10.88 -15.19
C LEU W 97 -30.55 12.08 -14.88
N LYS W 98 -31.13 13.09 -14.22
CA LYS W 98 -30.36 14.28 -13.87
C LYS W 98 -29.25 13.95 -12.88
N ALA W 99 -29.52 13.05 -11.92
CA ALA W 99 -28.48 12.64 -10.99
C ALA W 99 -27.33 11.95 -11.70
N ALA W 100 -27.65 11.03 -12.61
CA ALA W 100 -26.60 10.35 -13.38
C ALA W 100 -25.81 11.33 -14.24
N GLN W 101 -26.52 12.27 -14.89
CA GLN W 101 -25.85 13.28 -15.70
C GLN W 101 -24.91 14.13 -14.86
N ASP W 102 -25.35 14.55 -13.68
CA ASP W 102 -24.51 15.38 -12.83
C ASP W 102 -23.27 14.63 -12.36
N ILE W 103 -23.45 13.38 -11.90
CA ILE W 103 -22.29 12.66 -11.37
C ILE W 103 -21.30 12.35 -12.49
N LEU W 104 -21.80 12.04 -13.70
CA LEU W 104 -20.87 11.81 -14.80
C LEU W 104 -20.17 13.10 -15.20
N ASP W 105 -20.86 14.24 -15.16
CA ASP W 105 -20.21 15.51 -15.44
C ASP W 105 -19.13 15.82 -14.41
N ARG W 106 -19.33 15.41 -13.15
CA ARG W 106 -18.25 15.52 -12.17
C ARG W 106 -17.13 14.54 -12.47
N ALA W 107 -17.45 13.40 -13.07
CA ALA W 107 -16.42 12.40 -13.38
C ALA W 107 -15.40 12.95 -14.39
N GLY W 108 -15.80 13.87 -15.26
CA GLY W 108 -14.87 14.46 -16.19
C GLY W 108 -15.23 14.28 -17.66
N PHE W 109 -16.52 14.16 -17.96
CA PHE W 109 -17.01 14.04 -19.32
C PHE W 109 -17.95 15.22 -19.54
N GLY W 110 -17.56 16.13 -20.42
CA GLY W 110 -18.21 17.40 -20.57
C GLY W 110 -18.93 17.57 -21.89
N ALA W 111 -19.20 18.83 -22.23
CA ALA W 111 -19.95 19.17 -23.43
C ALA W 111 -19.04 19.20 -24.66
N LYS W 112 -19.63 19.56 -25.80
CA LYS W 112 -19.01 19.35 -27.10
C LYS W 112 -19.05 20.61 -27.96
N GLN W 113 -18.82 20.42 -29.25
CA GLN W 113 -18.41 21.48 -30.16
C GLN W 113 -19.52 22.51 -30.36
N LYS W 114 -19.08 23.75 -30.62
CA LYS W 114 -19.93 24.84 -31.04
C LYS W 114 -19.08 25.70 -31.97
N ILE W 115 -19.59 26.01 -33.14
CA ILE W 115 -18.80 26.69 -34.17
C ILE W 115 -19.25 28.14 -34.28
N GLU W 116 -18.28 29.01 -34.58
CA GLU W 116 -18.48 30.45 -34.67
C GLU W 116 -18.15 30.92 -36.07
N LEU W 117 -18.98 31.79 -36.63
CA LEU W 117 -18.80 32.34 -37.97
C LEU W 117 -18.67 33.87 -37.87
N THR W 118 -17.44 34.34 -37.76
CA THR W 118 -17.19 35.77 -37.65
C THR W 118 -17.39 36.45 -39.00
N THR W 119 -17.97 37.65 -38.97
CA THR W 119 -18.21 38.42 -40.18
C THR W 119 -17.70 39.83 -39.97
N LYS W 120 -17.08 40.38 -41.01
CA LYS W 120 -16.43 41.68 -40.90
C LYS W 120 -17.45 42.79 -40.73
N THR X 16 5.36 10.44 8.80
CA THR X 16 5.09 10.76 7.41
C THR X 16 4.01 9.84 6.83
N PRO X 17 2.75 10.11 7.14
CA PRO X 17 1.66 9.25 6.66
C PRO X 17 1.10 9.68 5.32
N LYS X 18 0.66 8.67 4.56
CA LYS X 18 -0.21 8.89 3.41
C LYS X 18 -1.43 7.97 3.41
N GLU X 19 -1.39 6.85 4.13
CA GLU X 19 -2.55 5.98 4.25
C GLU X 19 -3.53 6.48 5.30
N LYS X 20 -3.02 7.16 6.34
CA LYS X 20 -3.90 7.69 7.38
C LYS X 20 -4.80 8.77 6.81
N LEU X 21 -4.29 9.61 5.91
CA LEU X 21 -5.14 10.61 5.28
C LEU X 21 -6.19 9.96 4.39
N ASP X 22 -5.83 8.88 3.69
CA ASP X 22 -6.80 8.19 2.85
C ASP X 22 -7.93 7.57 3.68
N LEU X 23 -7.58 6.94 4.81
CA LEU X 23 -8.59 6.41 5.71
C LEU X 23 -9.45 7.53 6.30
N TYR X 24 -8.82 8.66 6.62
CA TYR X 24 -9.57 9.82 7.11
C TYR X 24 -10.56 10.31 6.06
N CYS X 25 -10.14 10.36 4.79
CA CYS X 25 -11.04 10.77 3.73
C CYS X 25 -12.21 9.81 3.58
N GLU X 26 -11.93 8.50 3.64
CA GLU X 26 -13.02 7.52 3.50
C GLU X 26 -14.00 7.63 4.66
N ALA X 27 -13.49 7.77 5.88
CA ALA X 27 -14.37 7.92 7.04
C ALA X 27 -15.16 9.21 6.99
N LEU X 28 -14.53 10.30 6.55
CA LEU X 28 -15.23 11.58 6.41
C LEU X 28 -16.32 11.49 5.36
N CYS X 29 -16.07 10.75 4.27
CA CYS X 29 -17.10 10.59 3.26
C CYS X 29 -18.24 9.68 3.73
N ASP X 30 -17.94 8.69 4.56
CA ASP X 30 -18.94 7.69 4.92
C ASP X 30 -19.63 7.91 6.26
N GLY X 31 -18.92 8.32 7.31
CA GLY X 31 -19.61 8.38 8.59
C GLY X 31 -20.02 9.76 9.08
N PHE X 32 -20.12 10.72 8.16
CA PHE X 32 -20.68 12.06 8.38
C PHE X 32 -20.47 12.67 9.76
N ASN X 33 -19.26 12.57 10.31
CA ASN X 33 -18.91 13.22 11.58
C ASN X 33 -17.42 13.44 11.57
N LYS X 34 -16.98 14.65 11.92
CA LYS X 34 -15.56 14.94 11.91
C LYS X 34 -14.85 14.33 13.11
N THR X 35 -15.46 14.42 14.30
CA THR X 35 -14.79 13.97 15.52
C THR X 35 -14.67 12.44 15.55
N GLN X 36 -15.73 11.72 15.20
CA GLN X 36 -15.64 10.26 15.21
C GLN X 36 -14.65 9.77 14.16
N ALA X 37 -14.64 10.39 12.98
CA ALA X 37 -13.69 9.98 11.95
C ALA X 37 -12.26 10.22 12.40
N TYR X 38 -12.00 11.37 13.03
CA TYR X 38 -10.63 11.64 13.50
C TYR X 38 -10.24 10.68 14.62
N ILE X 39 -11.17 10.38 15.53
CA ILE X 39 -10.86 9.46 16.62
C ILE X 39 -10.66 8.04 16.08
N LYS X 40 -11.35 7.67 15.01
CA LYS X 40 -11.14 6.38 14.36
C LYS X 40 -9.88 6.36 13.51
N ALA X 41 -9.33 7.54 13.18
CA ALA X 41 -8.11 7.60 12.38
C ALA X 41 -6.92 7.02 13.11
N GLY X 42 -6.84 7.20 14.43
CA GLY X 42 -5.73 6.64 15.18
C GLY X 42 -5.03 7.63 16.10
N PHE X 43 -5.73 8.68 16.51
CA PHE X 43 -5.17 9.77 17.29
C PHE X 43 -5.76 9.77 18.69
N SER X 44 -5.39 10.78 19.47
CA SER X 44 -5.78 10.82 20.88
C SER X 44 -7.27 11.10 21.01
N ALA X 45 -7.95 10.32 21.85
CA ALA X 45 -9.39 10.49 21.97
C ALA X 45 -9.77 11.78 22.68
N PRO X 46 -9.12 12.18 23.80
CA PRO X 46 -9.60 13.36 24.52
C PRO X 46 -9.47 14.68 23.77
N HIS X 47 -8.26 14.98 23.29
CA HIS X 47 -8.00 16.24 22.60
C HIS X 47 -8.02 16.03 21.09
N ALA X 48 -9.22 15.76 20.57
CA ALA X 48 -9.41 15.53 19.15
C ALA X 48 -10.12 16.68 18.46
N GLN X 49 -10.47 17.75 19.18
CA GLN X 49 -11.16 18.89 18.61
C GLN X 49 -10.27 20.11 18.40
N ARG X 50 -9.18 20.25 19.15
CA ARG X 50 -8.31 21.40 19.05
C ARG X 50 -7.05 21.11 18.24
N ASN X 51 -7.04 19.99 17.52
CA ASN X 51 -5.92 19.59 16.68
C ASN X 51 -6.34 19.16 15.29
N VAL X 52 -7.61 18.83 15.07
CA VAL X 52 -8.06 18.32 13.78
C VAL X 52 -8.27 19.43 12.76
N ALA X 53 -8.75 20.60 13.19
CA ALA X 53 -8.95 21.70 12.26
C ALA X 53 -7.68 22.18 11.57
N PRO X 54 -6.57 22.45 12.28
CA PRO X 54 -5.34 22.81 11.58
C PRO X 54 -4.85 21.73 10.64
N TYR X 55 -5.01 20.46 11.04
CA TYR X 55 -4.61 19.35 10.20
C TYR X 55 -5.45 19.28 8.94
N HIS X 56 -6.74 19.61 9.05
CA HIS X 56 -7.62 19.57 7.88
C HIS X 56 -7.34 20.73 6.92
N ARG X 57 -7.06 21.92 7.46
CA ARG X 57 -6.83 23.07 6.57
C ARG X 57 -5.48 23.02 5.88
N LYS X 58 -4.50 22.32 6.44
CA LYS X 58 -3.15 22.28 5.90
C LYS X 58 -2.98 21.27 4.76
N ASN X 59 -3.96 20.41 4.51
CA ASN X 59 -3.89 19.38 3.48
C ASN X 59 -5.12 19.40 2.59
N ALA X 60 -5.64 20.60 2.29
CA ALA X 60 -6.88 20.72 1.54
C ALA X 60 -6.79 20.16 0.13
N GLU X 61 -5.65 20.35 -0.55
CA GLU X 61 -5.54 19.90 -1.94
C GLU X 61 -5.66 18.38 -2.06
N TYR X 62 -5.01 17.63 -1.18
CA TYR X 62 -5.08 16.17 -1.26
C TYR X 62 -6.49 15.69 -0.90
N ILE X 63 -7.14 16.38 0.04
CA ILE X 63 -8.53 16.05 0.40
C ILE X 63 -9.43 16.26 -0.81
N GLN X 64 -9.23 17.37 -1.52
CA GLN X 64 -10.01 17.67 -2.72
C GLN X 64 -9.78 16.62 -3.81
N ALA X 65 -8.53 16.20 -3.98
CA ALA X 65 -8.25 15.15 -4.97
C ALA X 65 -8.94 13.86 -4.60
N TYR X 66 -8.93 13.51 -3.30
CA TYR X 66 -9.58 12.29 -2.86
C TYR X 66 -11.09 12.34 -3.08
N ILE X 67 -11.72 13.47 -2.76
CA ILE X 67 -13.16 13.59 -2.96
C ILE X 67 -13.50 13.56 -4.46
N SER X 68 -12.67 14.17 -5.30
CA SER X 68 -12.90 14.12 -6.74
C SER X 68 -12.82 12.69 -7.25
N GLU X 69 -11.81 11.94 -6.79
CA GLU X 69 -11.70 10.54 -7.21
C GLU X 69 -12.86 9.72 -6.68
N ARG X 70 -13.32 10.02 -5.47
CA ARG X 70 -14.45 9.29 -4.90
C ARG X 70 -15.72 9.51 -5.71
N ILE X 71 -15.99 10.76 -6.11
CA ILE X 71 -17.16 11.01 -6.95
C ILE X 71 -16.98 10.40 -8.33
N GLY X 72 -15.75 10.40 -8.85
CA GLY X 72 -15.49 9.78 -10.15
C GLY X 72 -15.66 8.28 -10.13
N SER X 73 -15.49 7.66 -8.96
CA SER X 73 -15.64 6.22 -8.84
C SER X 73 -17.10 5.77 -8.99
N ASP X 74 -18.05 6.69 -8.94
CA ASP X 74 -19.46 6.38 -9.15
C ASP X 74 -19.88 6.51 -10.61
N ALA X 75 -18.95 6.87 -11.49
CA ALA X 75 -19.27 6.94 -12.92
C ALA X 75 -19.84 5.63 -13.49
N PRO X 76 -19.30 4.44 -13.18
CA PRO X 76 -19.95 3.21 -13.69
C PRO X 76 -21.38 3.07 -13.20
N ALA X 77 -21.67 3.54 -11.99
CA ALA X 77 -23.04 3.57 -11.51
C ALA X 77 -23.90 4.46 -12.40
N ALA X 78 -23.36 5.60 -12.83
CA ALA X 78 -24.10 6.47 -13.73
C ALA X 78 -24.32 5.80 -15.09
N ARG X 79 -23.35 5.02 -15.57
CA ARG X 79 -23.55 4.27 -16.80
C ARG X 79 -24.68 3.26 -16.65
N LYS X 80 -24.70 2.56 -15.52
CA LYS X 80 -25.78 1.61 -15.26
C LYS X 80 -27.12 2.33 -15.16
N VAL X 81 -27.14 3.50 -14.53
CA VAL X 81 -28.39 4.25 -14.35
C VAL X 81 -28.93 4.70 -15.69
N VAL X 82 -28.07 5.25 -16.55
CA VAL X 82 -28.55 5.71 -17.85
C VAL X 82 -29.00 4.54 -18.71
N LEU X 83 -28.30 3.41 -18.63
CA LEU X 83 -28.74 2.24 -19.38
C LEU X 83 -30.10 1.75 -18.87
N GLU X 84 -30.29 1.74 -17.55
CA GLU X 84 -31.56 1.29 -16.99
C GLU X 84 -32.70 2.23 -17.33
N ILE X 85 -32.44 3.55 -17.34
CA ILE X 85 -33.48 4.49 -17.71
C ILE X 85 -33.83 4.34 -19.19
N MET X 86 -32.83 4.04 -20.02
CA MET X 86 -33.08 3.70 -21.41
C MET X 86 -33.78 2.35 -21.55
N ASN X 87 -33.73 1.53 -20.50
CA ASN X 87 -34.26 0.17 -20.53
C ASN X 87 -35.61 0.02 -19.87
N ASP X 88 -36.28 1.12 -19.49
CA ASP X 88 -37.61 1.01 -18.92
C ASP X 88 -38.59 1.12 -20.08
N PRO X 89 -39.32 0.05 -20.45
CA PRO X 89 -40.23 0.15 -21.59
C PRO X 89 -41.53 0.86 -21.30
N ASN X 90 -41.95 0.90 -20.04
CA ASN X 90 -43.22 1.48 -19.62
C ASN X 90 -43.09 2.91 -19.14
N GLU X 91 -41.91 3.51 -19.27
CA GLU X 91 -41.65 4.83 -18.73
C GLU X 91 -41.93 5.89 -19.79
N LYS X 92 -42.17 7.12 -19.33
CA LYS X 92 -42.58 8.20 -20.21
C LYS X 92 -41.53 8.49 -21.28
N GLY X 93 -42.01 8.83 -22.47
CA GLY X 93 -41.12 8.97 -23.62
C GLY X 93 -40.12 10.09 -23.50
N GLY X 94 -40.53 11.21 -22.91
CA GLY X 94 -39.63 12.36 -22.82
C GLY X 94 -38.36 12.08 -22.03
N ILE X 95 -38.49 11.35 -20.93
CA ILE X 95 -37.32 11.05 -20.12
C ILE X 95 -36.37 10.11 -20.87
N ARG X 96 -36.93 9.12 -21.57
CA ARG X 96 -36.11 8.24 -22.40
C ARG X 96 -35.39 9.05 -23.48
N LEU X 97 -36.09 10.03 -24.06
CA LEU X 97 -35.48 10.89 -25.07
C LEU X 97 -34.32 11.67 -24.47
N LYS X 98 -34.51 12.21 -23.26
CA LYS X 98 -33.44 12.97 -22.61
C LYS X 98 -32.25 12.07 -22.29
N ALA X 99 -32.52 10.83 -21.89
CA ALA X 99 -31.44 9.87 -21.64
C ALA X 99 -30.67 9.57 -22.92
N ALA X 100 -31.38 9.38 -24.03
CA ALA X 100 -30.72 9.16 -25.31
C ALA X 100 -29.89 10.38 -25.71
N GLN X 101 -30.42 11.58 -25.46
CA GLN X 101 -29.67 12.80 -25.73
C GLN X 101 -28.36 12.80 -24.93
N ASP X 102 -28.45 12.43 -23.65
CA ASP X 102 -27.26 12.40 -22.81
C ASP X 102 -26.25 11.37 -23.32
N ILE X 103 -26.72 10.18 -23.68
CA ILE X 103 -25.81 9.12 -24.10
C ILE X 103 -25.14 9.48 -25.42
N LEU X 104 -25.87 10.10 -26.35
CA LEU X 104 -25.25 10.52 -27.59
C LEU X 104 -24.30 11.68 -27.37
N ASP X 105 -24.65 12.61 -26.47
CA ASP X 105 -23.77 13.73 -26.18
C ASP X 105 -22.46 13.27 -25.56
N ARG X 106 -22.51 12.25 -24.71
CA ARG X 106 -21.25 11.68 -24.21
C ARG X 106 -20.55 10.87 -25.29
N ALA X 107 -21.31 10.27 -26.22
CA ALA X 107 -20.70 9.52 -27.30
C ALA X 107 -19.87 10.40 -28.23
N GLY X 108 -20.26 11.68 -28.36
CA GLY X 108 -19.48 12.60 -29.17
C GLY X 108 -20.20 13.26 -30.32
N PHE X 109 -21.52 13.42 -30.22
CA PHE X 109 -22.31 14.08 -31.26
C PHE X 109 -23.03 15.27 -30.65
N GLY X 110 -22.63 16.48 -31.07
CA GLY X 110 -23.10 17.70 -30.43
C GLY X 110 -23.90 18.68 -31.26
N ALA X 111 -24.00 19.92 -30.78
CA ALA X 111 -24.75 20.97 -31.45
C ALA X 111 -23.88 21.66 -32.50
N LYS X 112 -24.45 22.67 -33.17
CA LYS X 112 -23.83 23.26 -34.36
C LYS X 112 -23.67 24.77 -34.22
N GLN X 113 -23.43 25.42 -35.36
CA GLN X 113 -22.86 26.75 -35.47
C GLN X 113 -23.80 27.85 -34.97
N LYS X 114 -23.18 28.96 -34.57
CA LYS X 114 -23.84 30.19 -34.20
C LYS X 114 -22.91 31.33 -34.63
N ILE X 115 -23.46 32.33 -35.29
CA ILE X 115 -22.65 33.37 -35.92
C ILE X 115 -22.71 34.64 -35.07
N GLU X 116 -21.59 35.37 -35.06
CA GLU X 116 -21.45 36.59 -34.29
C GLU X 116 -21.09 37.73 -35.24
N LEU X 117 -21.76 38.87 -35.09
CA LEU X 117 -21.52 40.07 -35.87
C LEU X 117 -21.17 41.21 -34.92
N THR X 118 -20.10 41.94 -35.21
CA THR X 118 -19.67 43.01 -34.33
C THR X 118 -19.87 44.36 -35.01
N THR X 119 -20.38 45.31 -34.25
CA THR X 119 -20.67 46.65 -34.77
C THR X 119 -20.19 47.72 -33.79
N LYS X 120 -19.81 48.86 -34.35
CA LYS X 120 -19.61 50.11 -33.60
C LYS X 120 -19.31 51.25 -34.56
N LEU Y 15 -5.09 -13.58 -18.05
CA LEU Y 15 -3.81 -13.83 -18.70
C LEU Y 15 -2.87 -12.62 -18.54
N THR Y 16 -2.76 -11.82 -19.59
CA THR Y 16 -1.93 -10.63 -19.54
C THR Y 16 -2.52 -9.61 -18.58
N PRO Y 17 -1.68 -8.79 -17.94
CA PRO Y 17 -2.21 -7.81 -16.99
C PRO Y 17 -3.16 -6.80 -17.62
N LYS Y 18 -3.00 -6.46 -18.90
CA LYS Y 18 -3.94 -5.52 -19.50
C LYS Y 18 -5.30 -6.16 -19.74
N GLU Y 19 -5.37 -7.48 -19.89
CA GLU Y 19 -6.67 -8.10 -20.05
C GLU Y 19 -7.37 -8.24 -18.69
N LYS Y 20 -6.60 -8.49 -17.64
CA LYS Y 20 -7.20 -8.48 -16.32
C LYS Y 20 -7.65 -7.07 -15.97
N LEU Y 21 -6.90 -6.05 -16.40
CA LEU Y 21 -7.30 -4.67 -16.14
C LEU Y 21 -8.55 -4.26 -16.93
N ASP Y 22 -8.67 -4.66 -18.19
CA ASP Y 22 -9.90 -4.33 -18.92
C ASP Y 22 -11.09 -5.09 -18.35
N LEU Y 23 -10.87 -6.34 -17.93
CA LEU Y 23 -11.92 -7.08 -17.23
C LEU Y 23 -12.28 -6.41 -15.91
N TYR Y 24 -11.28 -5.84 -15.24
CA TYR Y 24 -11.52 -5.08 -14.02
C TYR Y 24 -12.40 -3.87 -14.31
N CYS Y 25 -12.11 -3.17 -15.41
CA CYS Y 25 -12.93 -2.04 -15.81
C CYS Y 25 -14.36 -2.48 -16.10
N GLU Y 26 -14.51 -3.60 -16.82
CA GLU Y 26 -15.84 -4.11 -17.15
C GLU Y 26 -16.61 -4.54 -15.92
N ALA Y 27 -15.94 -5.22 -14.97
CA ALA Y 27 -16.59 -5.62 -13.74
C ALA Y 27 -16.97 -4.42 -12.88
N LEU Y 28 -16.10 -3.41 -12.83
CA LEU Y 28 -16.42 -2.17 -12.12
C LEU Y 28 -17.61 -1.48 -12.77
N CYS Y 29 -17.71 -1.54 -14.09
CA CYS Y 29 -18.87 -0.97 -14.78
C CYS Y 29 -20.13 -1.78 -14.52
N ASP Y 30 -20.00 -3.09 -14.35
CA ASP Y 30 -21.15 -3.98 -14.23
C ASP Y 30 -21.49 -4.31 -12.77
N GLY Y 31 -20.51 -4.58 -11.93
CA GLY Y 31 -20.86 -4.96 -10.57
C GLY Y 31 -20.63 -3.87 -9.55
N PHE Y 32 -20.48 -2.63 -10.04
CA PHE Y 32 -20.45 -1.39 -9.27
C PHE Y 32 -19.89 -1.53 -7.86
N ASN Y 33 -18.76 -2.20 -7.70
CA ASN Y 33 -18.15 -2.34 -6.39
C ASN Y 33 -16.65 -2.56 -6.57
N LYS Y 34 -15.85 -1.90 -5.74
CA LYS Y 34 -14.41 -2.08 -5.83
C LYS Y 34 -14.02 -3.47 -5.36
N THR Y 35 -14.66 -3.95 -4.29
CA THR Y 35 -14.37 -5.28 -3.78
C THR Y 35 -14.85 -6.34 -4.77
N GLN Y 36 -16.04 -6.14 -5.35
CA GLN Y 36 -16.57 -7.10 -6.32
C GLN Y 36 -15.68 -7.17 -7.56
N ALA Y 37 -15.25 -6.02 -8.05
CA ALA Y 37 -14.37 -5.99 -9.21
C ALA Y 37 -13.03 -6.62 -8.90
N TYR Y 38 -12.48 -6.36 -7.72
CA TYR Y 38 -11.17 -6.91 -7.37
C TYR Y 38 -11.24 -8.43 -7.19
N ILE Y 39 -12.28 -8.93 -6.52
CA ILE Y 39 -12.39 -10.38 -6.35
C ILE Y 39 -12.68 -11.04 -7.68
N LYS Y 40 -13.38 -10.35 -8.59
CA LYS Y 40 -13.58 -10.89 -9.92
C LYS Y 40 -12.33 -10.77 -10.77
N ALA Y 41 -11.37 -9.92 -10.37
CA ALA Y 41 -10.14 -9.80 -11.14
C ALA Y 41 -9.28 -11.05 -11.02
N GLY Y 42 -9.23 -11.68 -9.84
CA GLY Y 42 -8.47 -12.89 -9.67
C GLY Y 42 -7.50 -12.87 -8.52
N PHE Y 43 -7.76 -12.04 -7.52
CA PHE Y 43 -6.84 -11.79 -6.43
C PHE Y 43 -7.38 -12.33 -5.11
N SER Y 44 -6.63 -12.08 -4.04
CA SER Y 44 -6.98 -12.59 -2.73
C SER Y 44 -8.20 -11.86 -2.19
N ALA Y 45 -9.15 -12.62 -1.64
CA ALA Y 45 -10.38 -12.03 -1.12
C ALA Y 45 -10.07 -11.17 0.10
N PRO Y 46 -9.19 -11.63 1.00
CA PRO Y 46 -8.97 -10.85 2.23
C PRO Y 46 -8.35 -9.47 1.98
N HIS Y 47 -7.37 -9.38 1.08
CA HIS Y 47 -6.71 -8.10 0.82
C HIS Y 47 -7.40 -7.38 -0.34
N ALA Y 48 -8.65 -6.99 -0.09
CA ALA Y 48 -9.45 -6.28 -1.08
C ALA Y 48 -9.69 -4.82 -0.73
N GLN Y 49 -9.17 -4.34 0.40
CA GLN Y 49 -9.37 -2.96 0.82
C GLN Y 49 -8.16 -2.07 0.68
N ARG Y 50 -6.94 -2.62 0.72
CA ARG Y 50 -5.73 -1.80 0.72
C ARG Y 50 -5.11 -1.69 -0.66
N ASN Y 51 -4.69 -2.82 -1.24
CA ASN Y 51 -4.05 -2.80 -2.55
C ASN Y 51 -4.96 -2.26 -3.64
N VAL Y 52 -6.27 -2.24 -3.41
CA VAL Y 52 -7.20 -1.89 -4.47
C VAL Y 52 -7.23 -0.39 -4.71
N ALA Y 53 -7.18 0.42 -3.65
CA ALA Y 53 -7.10 1.87 -3.87
C ALA Y 53 -5.83 2.28 -4.60
N PRO Y 54 -4.64 1.83 -4.18
CA PRO Y 54 -3.44 2.16 -4.95
C PRO Y 54 -3.45 1.61 -6.36
N TYR Y 55 -3.98 0.40 -6.56
CA TYR Y 55 -4.05 -0.18 -7.90
C TYR Y 55 -4.98 0.63 -8.79
N HIS Y 56 -6.07 1.15 -8.22
CA HIS Y 56 -7.02 1.96 -8.98
C HIS Y 56 -6.44 3.34 -9.30
N ARG Y 57 -5.62 3.88 -8.41
CA ARG Y 57 -5.11 5.24 -8.60
C ARG Y 57 -4.03 5.34 -9.67
N LYS Y 58 -3.28 4.27 -9.92
CA LYS Y 58 -2.16 4.35 -10.86
C LYS Y 58 -2.55 4.20 -12.32
N ASN Y 59 -3.77 3.79 -12.62
CA ASN Y 59 -4.22 3.57 -14.00
C ASN Y 59 -5.55 4.27 -14.26
N ALA Y 60 -5.73 5.45 -13.68
CA ALA Y 60 -7.00 6.17 -13.82
C ALA Y 60 -7.30 6.55 -15.26
N GLU Y 61 -6.25 6.91 -16.02
CA GLU Y 61 -6.47 7.34 -17.41
C GLU Y 61 -7.11 6.22 -18.23
N TYR Y 62 -6.63 4.98 -18.07
CA TYR Y 62 -7.23 3.88 -18.80
C TYR Y 62 -8.64 3.59 -18.30
N ILE Y 63 -8.90 3.82 -17.00
CA ILE Y 63 -10.26 3.66 -16.48
C ILE Y 63 -11.21 4.62 -17.20
N GLN Y 64 -10.76 5.88 -17.34
CA GLN Y 64 -11.57 6.86 -18.06
C GLN Y 64 -11.75 6.47 -19.52
N ALA Y 65 -10.69 5.96 -20.15
CA ALA Y 65 -10.80 5.55 -21.55
C ALA Y 65 -11.78 4.40 -21.71
N TYR Y 66 -11.75 3.42 -20.80
CA TYR Y 66 -12.65 2.28 -20.90
C TYR Y 66 -14.11 2.69 -20.69
N ILE Y 67 -14.36 3.54 -19.69
CA ILE Y 67 -15.74 3.98 -19.48
C ILE Y 67 -16.21 4.85 -20.65
N SER Y 68 -15.31 5.66 -21.22
CA SER Y 68 -15.66 6.44 -22.40
C SER Y 68 -16.02 5.53 -23.56
N GLU Y 69 -15.28 4.44 -23.75
CA GLU Y 69 -15.58 3.49 -24.81
C GLU Y 69 -16.92 2.82 -24.57
N ARG Y 70 -17.22 2.48 -23.31
CA ARG Y 70 -18.51 1.88 -22.99
C ARG Y 70 -19.67 2.83 -23.29
N ILE Y 71 -19.51 4.11 -22.92
CA ILE Y 71 -20.57 5.08 -23.18
C ILE Y 71 -20.73 5.33 -24.68
N GLY Y 72 -19.61 5.39 -25.41
CA GLY Y 72 -19.70 5.62 -26.85
C GLY Y 72 -20.24 4.43 -27.62
N SER Y 73 -20.04 3.22 -27.10
CA SER Y 73 -20.53 2.02 -27.76
C SER Y 73 -22.05 1.86 -27.64
N ASP Y 74 -22.68 2.62 -26.76
CA ASP Y 74 -24.13 2.59 -26.57
C ASP Y 74 -24.85 3.58 -27.48
N ALA Y 75 -24.12 4.31 -28.32
CA ALA Y 75 -24.73 5.25 -29.25
C ALA Y 75 -25.83 4.66 -30.13
N PRO Y 76 -25.67 3.45 -30.71
CA PRO Y 76 -26.78 2.91 -31.52
C PRO Y 76 -28.08 2.77 -30.75
N ALA Y 77 -28.04 2.47 -29.44
CA ALA Y 77 -29.27 2.42 -28.66
C ALA Y 77 -29.98 3.77 -28.63
N ALA Y 78 -29.21 4.85 -28.42
CA ALA Y 78 -29.82 6.19 -28.42
C ALA Y 78 -30.31 6.57 -29.80
N ARG Y 79 -29.59 6.16 -30.85
CA ARG Y 79 -30.06 6.39 -32.21
C ARG Y 79 -31.39 5.66 -32.44
N LYS Y 80 -31.50 4.44 -31.93
CA LYS Y 80 -32.76 3.71 -32.01
C LYS Y 80 -33.85 4.44 -31.25
N VAL Y 81 -33.52 5.03 -30.11
CA VAL Y 81 -34.51 5.74 -29.32
C VAL Y 81 -35.04 6.94 -30.08
N VAL Y 82 -34.14 7.74 -30.68
CA VAL Y 82 -34.59 8.92 -31.39
C VAL Y 82 -35.36 8.53 -32.66
N LEU Y 83 -34.93 7.47 -33.34
CA LEU Y 83 -35.66 7.02 -34.53
C LEU Y 83 -37.05 6.50 -34.15
N GLU Y 84 -37.15 5.72 -33.07
CA GLU Y 84 -38.45 5.16 -32.68
C GLU Y 84 -39.39 6.25 -32.21
N ILE Y 85 -38.86 7.26 -31.50
CA ILE Y 85 -39.73 8.36 -31.09
C ILE Y 85 -40.17 9.16 -32.31
N MET Y 86 -39.28 9.31 -33.29
CA MET Y 86 -39.68 9.94 -34.55
C MET Y 86 -40.64 9.06 -35.34
N ASN Y 87 -40.64 7.75 -35.10
CA ASN Y 87 -41.51 6.81 -35.79
C ASN Y 87 -42.64 6.29 -34.92
N ASP Y 88 -42.84 6.86 -33.73
CA ASP Y 88 -43.90 6.40 -32.85
C ASP Y 88 -45.15 7.22 -33.14
N PRO Y 89 -46.21 6.64 -33.69
CA PRO Y 89 -47.39 7.45 -34.04
C PRO Y 89 -48.31 7.80 -32.88
N ASN Y 90 -48.28 7.04 -31.79
CA ASN Y 90 -49.22 7.26 -30.70
C ASN Y 90 -48.65 8.10 -29.57
N GLU Y 91 -47.46 8.67 -29.75
CA GLU Y 91 -46.81 9.43 -28.70
C GLU Y 91 -47.19 10.91 -28.82
N LYS Y 92 -47.11 11.60 -27.69
CA LYS Y 92 -47.49 13.01 -27.65
C LYS Y 92 -46.61 13.83 -28.58
N GLY Y 93 -47.21 14.85 -29.19
CA GLY Y 93 -46.52 15.58 -30.25
C GLY Y 93 -45.27 16.31 -29.80
N GLY Y 94 -45.27 16.84 -28.58
CA GLY Y 94 -44.12 17.60 -28.12
C GLY Y 94 -42.84 16.77 -28.04
N ILE Y 95 -42.96 15.52 -27.57
CA ILE Y 95 -41.79 14.65 -27.43
C ILE Y 95 -41.23 14.30 -28.81
N ARG Y 96 -42.11 13.97 -29.76
CA ARG Y 96 -41.65 13.68 -31.12
C ARG Y 96 -41.02 14.92 -31.75
N LEU Y 97 -41.58 16.09 -31.49
CA LEU Y 97 -41.00 17.32 -32.01
C LEU Y 97 -39.59 17.55 -31.46
N LYS Y 98 -39.41 17.34 -30.15
CA LYS Y 98 -38.09 17.52 -29.57
C LYS Y 98 -37.10 16.49 -30.11
N ALA Y 99 -37.57 15.26 -30.34
CA ALA Y 99 -36.71 14.24 -30.94
C ALA Y 99 -36.29 14.64 -32.34
N ALA Y 100 -37.23 15.15 -33.15
CA ALA Y 100 -36.89 15.61 -34.48
C ALA Y 100 -35.90 16.76 -34.44
N GLN Y 101 -36.08 17.68 -33.50
CA GLN Y 101 -35.13 18.77 -33.34
C GLN Y 101 -33.74 18.24 -33.00
N ASP Y 102 -33.68 17.26 -32.10
CA ASP Y 102 -32.39 16.70 -31.69
C ASP Y 102 -31.68 16.04 -32.87
N ILE Y 103 -32.40 15.20 -33.60
CA ILE Y 103 -31.77 14.46 -34.69
C ILE Y 103 -31.38 15.39 -35.83
N LEU Y 104 -32.19 16.41 -36.13
CA LEU Y 104 -31.82 17.34 -37.19
C LEU Y 104 -30.67 18.25 -36.80
N ASP Y 105 -30.65 18.76 -35.56
CA ASP Y 105 -29.54 19.62 -35.15
C ASP Y 105 -28.23 18.85 -35.09
N ARG Y 106 -28.26 17.60 -34.65
CA ARG Y 106 -27.04 16.79 -34.71
C ARG Y 106 -26.71 16.34 -36.12
N ALA Y 107 -27.73 16.25 -36.99
CA ALA Y 107 -27.54 15.83 -38.38
C ALA Y 107 -26.65 16.78 -39.17
N GLY Y 108 -26.57 18.05 -38.77
CA GLY Y 108 -25.70 18.98 -39.48
C GLY Y 108 -26.37 20.23 -39.99
N PHE Y 109 -27.43 20.66 -39.31
CA PHE Y 109 -28.14 21.90 -39.62
C PHE Y 109 -28.08 22.80 -38.40
N GLY Y 110 -27.41 23.94 -38.56
CA GLY Y 110 -27.06 24.81 -37.46
C GLY Y 110 -28.20 25.49 -36.70
N ALA Y 111 -27.85 26.53 -35.96
CA ALA Y 111 -28.77 27.27 -35.11
C ALA Y 111 -28.74 28.75 -35.50
N LYS Y 112 -29.42 29.56 -34.70
CA LYS Y 112 -29.70 30.95 -35.04
C LYS Y 112 -28.43 31.79 -34.90
N GLN Y 113 -28.59 33.11 -34.96
CA GLN Y 113 -27.46 34.03 -35.15
C GLN Y 113 -27.65 35.21 -34.21
N LYS Y 114 -26.52 35.83 -33.85
CA LYS Y 114 -26.53 36.97 -32.94
C LYS Y 114 -25.44 37.96 -33.32
N ILE Y 115 -25.78 39.25 -33.29
CA ILE Y 115 -24.82 40.29 -33.58
C ILE Y 115 -24.43 40.88 -32.23
N GLU Y 116 -23.17 41.26 -32.09
CA GLU Y 116 -22.62 41.69 -30.80
C GLU Y 116 -22.08 43.10 -30.89
N LEU Y 117 -22.33 43.88 -29.85
CA LEU Y 117 -21.84 45.25 -29.76
C LEU Y 117 -20.91 45.35 -28.56
N THR Y 118 -19.71 45.87 -28.78
CA THR Y 118 -18.72 46.01 -27.72
C THR Y 118 -18.44 47.49 -27.51
N THR Y 119 -18.35 47.88 -26.24
CA THR Y 119 -18.09 49.27 -25.89
C THR Y 119 -16.96 49.30 -24.87
N LYS Y 120 -15.97 50.15 -25.14
CA LYS Y 120 -14.71 50.15 -24.41
C LYS Y 120 -14.81 50.86 -23.07
N LEU Z 15 -14.11 -7.20 -53.34
CA LEU Z 15 -14.93 -7.76 -52.28
C LEU Z 15 -14.46 -7.25 -50.91
N THR Z 16 -13.24 -7.65 -50.54
CA THR Z 16 -12.68 -7.27 -49.24
C THR Z 16 -12.47 -5.77 -49.05
N PRO Z 17 -11.85 -5.01 -50.02
CA PRO Z 17 -11.21 -3.74 -49.66
C PRO Z 17 -12.05 -2.74 -48.87
N LYS Z 18 -13.18 -2.29 -49.41
CA LYS Z 18 -13.89 -1.18 -48.77
C LYS Z 18 -15.39 -1.36 -48.61
N GLU Z 19 -16.05 -2.26 -49.35
CA GLU Z 19 -17.49 -2.43 -49.16
C GLU Z 19 -17.79 -3.24 -47.90
N LYS Z 20 -16.90 -4.16 -47.54
CA LYS Z 20 -17.09 -4.93 -46.32
C LYS Z 20 -17.04 -4.04 -45.08
N LEU Z 21 -16.16 -3.03 -45.09
CA LEU Z 21 -16.11 -2.10 -43.98
C LEU Z 21 -17.38 -1.27 -43.88
N ASP Z 22 -17.94 -0.87 -45.04
CA ASP Z 22 -19.20 -0.13 -45.02
C ASP Z 22 -20.34 -0.99 -44.49
N LEU Z 23 -20.39 -2.27 -44.89
CA LEU Z 23 -21.41 -3.16 -44.35
C LEU Z 23 -21.22 -3.37 -42.85
N TYR Z 24 -19.97 -3.47 -42.40
CA TYR Z 24 -19.68 -3.58 -40.98
C TYR Z 24 -20.17 -2.36 -40.22
N CYS Z 25 -19.94 -1.17 -40.79
CA CYS Z 25 -20.41 0.06 -40.16
C CYS Z 25 -21.93 0.10 -40.09
N GLU Z 26 -22.61 -0.28 -41.17
CA GLU Z 26 -24.07 -0.27 -41.16
C GLU Z 26 -24.64 -1.26 -40.15
N ALA Z 27 -24.04 -2.46 -40.08
CA ALA Z 27 -24.49 -3.45 -39.12
C ALA Z 27 -24.25 -2.97 -37.68
N LEU Z 28 -23.11 -2.32 -37.44
CA LEU Z 28 -22.88 -1.73 -36.13
C LEU Z 28 -23.88 -0.62 -35.82
N CYS Z 29 -24.27 0.14 -36.85
CA CYS Z 29 -25.25 1.21 -36.65
C CYS Z 29 -26.62 0.66 -36.31
N ASP Z 30 -26.98 -0.51 -36.84
CA ASP Z 30 -28.34 -1.00 -36.61
C ASP Z 30 -28.45 -1.98 -35.44
N GLY Z 31 -27.54 -2.95 -35.33
CA GLY Z 31 -27.70 -3.92 -34.26
C GLY Z 31 -26.72 -3.83 -33.11
N PHE Z 32 -26.09 -2.67 -32.91
CA PHE Z 32 -25.22 -2.38 -31.77
C PHE Z 32 -24.42 -3.60 -31.27
N ASN Z 33 -23.80 -4.35 -32.18
CA ASN Z 33 -23.01 -5.50 -31.75
C ASN Z 33 -21.87 -5.71 -32.74
N LYS Z 34 -20.65 -5.81 -32.20
CA LYS Z 34 -19.47 -5.98 -33.03
C LYS Z 34 -19.24 -7.42 -33.48
N THR Z 35 -19.45 -8.39 -32.58
CA THR Z 35 -19.02 -9.76 -32.88
C THR Z 35 -19.85 -10.44 -33.97
N GLN Z 36 -21.18 -10.33 -33.91
CA GLN Z 36 -21.99 -11.00 -34.93
C GLN Z 36 -21.79 -10.39 -36.31
N ALA Z 37 -21.77 -9.05 -36.37
CA ALA Z 37 -21.53 -8.38 -37.64
C ALA Z 37 -20.12 -8.68 -38.15
N TYR Z 38 -19.15 -8.72 -37.24
CA TYR Z 38 -17.77 -8.96 -37.63
C TYR Z 38 -17.57 -10.37 -38.18
N ILE Z 39 -18.17 -11.37 -37.54
CA ILE Z 39 -18.06 -12.73 -38.06
C ILE Z 39 -18.83 -12.86 -39.36
N LYS Z 40 -19.91 -12.10 -39.53
CA LYS Z 40 -20.62 -12.11 -40.81
C LYS Z 40 -19.87 -11.35 -41.89
N ALA Z 41 -18.92 -10.50 -41.52
CA ALA Z 41 -18.16 -9.76 -42.50
C ALA Z 41 -17.23 -10.67 -43.30
N GLY Z 42 -16.59 -11.64 -42.64
CA GLY Z 42 -15.72 -12.53 -43.39
C GLY Z 42 -14.33 -12.60 -42.82
N PHE Z 43 -14.17 -12.30 -41.55
CA PHE Z 43 -12.87 -12.17 -40.91
C PHE Z 43 -12.67 -13.32 -39.93
N SER Z 44 -11.58 -13.27 -39.17
CA SER Z 44 -11.13 -14.45 -38.45
C SER Z 44 -12.10 -14.85 -37.35
N ALA Z 45 -12.44 -16.14 -37.33
CA ALA Z 45 -13.34 -16.69 -36.33
C ALA Z 45 -12.59 -16.76 -35.01
N PRO Z 46 -11.32 -17.17 -35.02
CA PRO Z 46 -10.58 -17.33 -33.76
C PRO Z 46 -10.37 -15.99 -33.07
N HIS Z 47 -9.79 -15.04 -33.80
CA HIS Z 47 -9.50 -13.71 -33.28
C HIS Z 47 -10.57 -12.71 -33.72
N ALA Z 48 -11.77 -12.87 -33.16
CA ALA Z 48 -12.87 -11.98 -33.49
C ALA Z 48 -13.17 -11.00 -32.37
N GLN Z 49 -12.44 -11.07 -31.26
CA GLN Z 49 -12.61 -10.15 -30.14
C GLN Z 49 -11.49 -9.14 -30.04
N ARG Z 50 -10.29 -9.48 -30.53
CA ARG Z 50 -9.12 -8.63 -30.41
C ARG Z 50 -8.82 -7.88 -31.69
N ASN Z 51 -8.47 -8.63 -32.75
CA ASN Z 51 -8.12 -8.06 -34.05
C ASN Z 51 -9.10 -7.00 -34.53
N VAL Z 52 -10.34 -7.02 -34.05
CA VAL Z 52 -11.33 -6.07 -34.54
C VAL Z 52 -11.15 -4.71 -33.88
N ALA Z 53 -10.78 -4.69 -32.60
CA ALA Z 53 -10.53 -3.41 -31.91
C ALA Z 53 -9.38 -2.62 -32.54
N PRO Z 54 -8.22 -3.22 -32.83
CA PRO Z 54 -7.15 -2.43 -33.48
C PRO Z 54 -7.55 -1.88 -34.84
N TYR Z 55 -8.27 -2.67 -35.64
CA TYR Z 55 -8.73 -2.18 -36.93
C TYR Z 55 -9.76 -1.07 -36.73
N HIS Z 56 -10.54 -1.16 -35.65
CA HIS Z 56 -11.53 -0.14 -35.33
C HIS Z 56 -10.85 1.16 -34.91
N ARG Z 57 -9.70 1.07 -34.23
CA ARG Z 57 -8.99 2.28 -33.85
C ARG Z 57 -8.34 2.92 -35.08
N LYS Z 58 -8.07 2.12 -36.11
CA LYS Z 58 -7.51 2.61 -37.35
C LYS Z 58 -8.56 3.23 -38.25
N ASN Z 59 -9.83 3.08 -37.90
CA ASN Z 59 -10.94 3.62 -38.67
C ASN Z 59 -11.92 4.38 -37.78
N ALA Z 60 -11.42 5.02 -36.72
CA ALA Z 60 -12.31 5.74 -35.82
C ALA Z 60 -12.99 6.90 -36.53
N GLU Z 61 -12.24 7.61 -37.38
CA GLU Z 61 -12.80 8.73 -38.12
C GLU Z 61 -13.88 8.24 -39.08
N TYR Z 62 -13.62 7.13 -39.77
CA TYR Z 62 -14.61 6.58 -40.69
C TYR Z 62 -15.81 6.01 -39.95
N ILE Z 63 -15.60 5.42 -38.76
CA ILE Z 63 -16.73 4.94 -37.96
C ILE Z 63 -17.64 6.11 -37.58
N GLN Z 64 -17.03 7.23 -37.16
CA GLN Z 64 -17.82 8.42 -36.84
C GLN Z 64 -18.55 8.93 -38.08
N ALA Z 65 -17.88 8.93 -39.23
CA ALA Z 65 -18.53 9.37 -40.46
C ALA Z 65 -19.71 8.47 -40.82
N TYR Z 66 -19.54 7.16 -40.67
CA TYR Z 66 -20.61 6.23 -41.01
C TYR Z 66 -21.81 6.40 -40.08
N ILE Z 67 -21.57 6.55 -38.78
CA ILE Z 67 -22.69 6.76 -37.86
C ILE Z 67 -23.35 8.10 -38.14
N SER Z 68 -22.57 9.11 -38.53
CA SER Z 68 -23.14 10.39 -38.91
C SER Z 68 -24.03 10.25 -40.13
N GLU Z 69 -23.61 9.48 -41.13
CA GLU Z 69 -24.45 9.28 -42.31
C GLU Z 69 -25.72 8.53 -41.94
N ARG Z 70 -25.62 7.56 -41.02
CA ARG Z 70 -26.80 6.85 -40.57
C ARG Z 70 -27.79 7.79 -39.88
N ILE Z 71 -27.29 8.67 -39.00
CA ILE Z 71 -28.19 9.61 -38.33
C ILE Z 71 -28.78 10.60 -39.34
N GLY Z 72 -27.98 10.99 -40.35
CA GLY Z 72 -28.45 11.90 -41.38
C GLY Z 72 -29.48 11.30 -42.32
N SER Z 73 -29.48 9.97 -42.48
CA SER Z 73 -30.41 9.34 -43.40
C SER Z 73 -31.86 9.41 -42.93
N ASP Z 74 -32.09 9.72 -41.65
CA ASP Z 74 -33.44 9.92 -41.12
C ASP Z 74 -33.89 11.37 -41.14
N ALA Z 75 -33.05 12.28 -41.64
CA ALA Z 75 -33.42 13.70 -41.67
C ALA Z 75 -34.74 14.02 -42.37
N PRO Z 76 -35.09 13.44 -43.53
CA PRO Z 76 -36.40 13.76 -44.12
C PRO Z 76 -37.58 13.42 -43.22
N ALA Z 77 -37.49 12.34 -42.41
CA ALA Z 77 -38.57 12.01 -41.49
C ALA Z 77 -38.76 13.12 -40.44
N ALA Z 78 -37.66 13.63 -39.88
CA ALA Z 78 -37.77 14.70 -38.90
C ALA Z 78 -38.25 16.00 -39.55
N ARG Z 79 -37.83 16.26 -40.79
CA ARG Z 79 -38.35 17.42 -41.51
C ARG Z 79 -39.85 17.31 -41.70
N LYS Z 80 -40.33 16.12 -42.07
CA LYS Z 80 -41.77 15.89 -42.19
C LYS Z 80 -42.47 16.10 -40.86
N VAL Z 81 -41.87 15.64 -39.77
CA VAL Z 81 -42.50 15.77 -38.47
C VAL Z 81 -42.64 17.25 -38.08
N VAL Z 82 -41.58 18.02 -38.25
CA VAL Z 82 -41.65 19.43 -37.86
C VAL Z 82 -42.58 20.20 -38.79
N LEU Z 83 -42.56 19.89 -40.09
CA LEU Z 83 -43.46 20.57 -41.02
C LEU Z 83 -44.92 20.24 -40.72
N GLU Z 84 -45.22 18.96 -40.43
CA GLU Z 84 -46.60 18.60 -40.15
C GLU Z 84 -47.07 19.21 -38.83
N ILE Z 85 -46.19 19.29 -37.83
CA ILE Z 85 -46.58 19.92 -36.57
C ILE Z 85 -46.82 21.42 -36.76
N MET Z 86 -46.07 22.06 -37.67
CA MET Z 86 -46.35 23.46 -37.93
C MET Z 86 -47.71 23.66 -38.58
N ASN Z 87 -48.23 22.64 -39.27
CA ASN Z 87 -49.54 22.68 -39.90
C ASN Z 87 -50.57 21.78 -39.22
N ASP Z 88 -50.24 21.21 -38.05
CA ASP Z 88 -51.15 20.29 -37.37
C ASP Z 88 -52.07 21.04 -36.42
N PRO Z 89 -53.39 21.07 -36.67
CA PRO Z 89 -54.29 21.87 -35.81
C PRO Z 89 -54.64 21.23 -34.48
N ASN Z 90 -54.42 19.93 -34.29
CA ASN Z 90 -54.88 19.26 -33.08
C ASN Z 90 -53.85 19.26 -31.95
N GLU Z 91 -52.71 19.91 -32.14
CA GLU Z 91 -51.66 19.93 -31.13
C GLU Z 91 -51.75 21.20 -30.28
N LYS Z 92 -51.20 21.11 -29.08
CA LYS Z 92 -51.20 22.24 -28.15
C LYS Z 92 -50.44 23.42 -28.77
N GLY Z 93 -50.89 24.63 -28.46
CA GLY Z 93 -50.37 25.81 -29.14
C GLY Z 93 -48.87 26.00 -28.93
N GLY Z 94 -48.37 25.70 -27.73
CA GLY Z 94 -46.96 25.85 -27.47
C GLY Z 94 -46.10 24.97 -28.35
N ILE Z 95 -46.57 23.75 -28.61
CA ILE Z 95 -45.80 22.81 -29.43
C ILE Z 95 -45.75 23.30 -30.89
N ARG Z 96 -46.89 23.78 -31.41
CA ARG Z 96 -46.88 24.35 -32.75
C ARG Z 96 -45.97 25.56 -32.82
N LEU Z 97 -45.97 26.37 -31.74
CA LEU Z 97 -45.07 27.51 -31.68
C LEU Z 97 -43.63 27.06 -31.74
N LYS Z 98 -43.29 25.98 -31.03
CA LYS Z 98 -41.91 25.49 -31.04
C LYS Z 98 -41.52 24.98 -32.42
N ALA Z 99 -42.44 24.28 -33.11
CA ALA Z 99 -42.14 23.79 -34.45
C ALA Z 99 -41.91 24.94 -35.43
N ALA Z 100 -42.80 25.92 -35.41
CA ALA Z 100 -42.65 27.07 -36.29
C ALA Z 100 -41.38 27.85 -35.97
N GLN Z 101 -41.11 28.05 -34.67
CA GLN Z 101 -39.91 28.75 -34.25
C GLN Z 101 -38.65 28.05 -34.72
N ASP Z 102 -38.60 26.72 -34.58
CA ASP Z 102 -37.42 25.98 -35.01
C ASP Z 102 -37.23 26.06 -36.52
N ILE Z 103 -38.31 25.88 -37.28
CA ILE Z 103 -38.17 25.85 -38.73
C ILE Z 103 -37.81 27.25 -39.25
N LEU Z 104 -38.36 28.30 -38.64
CA LEU Z 104 -38.03 29.65 -39.04
C LEU Z 104 -36.60 30.03 -38.63
N ASP Z 105 -36.16 29.57 -37.45
CA ASP Z 105 -34.78 29.80 -37.05
C ASP Z 105 -33.81 29.12 -38.00
N ARG Z 106 -34.17 27.95 -38.53
CA ARG Z 106 -33.33 27.34 -39.56
C ARG Z 106 -33.41 28.12 -40.86
N ALA Z 107 -34.55 28.76 -41.13
CA ALA Z 107 -34.69 29.55 -42.35
C ALA Z 107 -33.70 30.71 -42.38
N GLY Z 108 -33.29 31.21 -41.22
CA GLY Z 108 -32.27 32.24 -41.15
C GLY Z 108 -32.71 33.50 -40.44
N PHE Z 109 -33.68 33.39 -39.55
CA PHE Z 109 -34.11 34.50 -38.71
C PHE Z 109 -33.96 34.06 -37.25
N GLY Z 110 -33.01 34.66 -36.54
CA GLY Z 110 -32.65 34.24 -35.20
C GLY Z 110 -32.91 35.30 -34.18
N ALA Z 111 -32.26 35.20 -33.02
CA ALA Z 111 -32.38 36.23 -32.01
C ALA Z 111 -31.46 37.38 -32.36
N LYS Z 112 -31.51 38.42 -31.58
CA LYS Z 112 -30.91 39.68 -31.97
C LYS Z 112 -29.82 40.14 -31.02
N GLN Z 113 -29.46 41.43 -31.15
CA GLN Z 113 -28.18 41.95 -30.67
C GLN Z 113 -28.08 41.97 -29.15
N LYS Z 114 -26.83 41.89 -28.66
CA LYS Z 114 -26.46 41.92 -27.25
C LYS Z 114 -25.16 42.70 -27.16
N ILE Z 115 -25.12 43.68 -26.27
CA ILE Z 115 -23.99 44.59 -26.18
C ILE Z 115 -23.15 44.26 -24.94
N GLU Z 116 -21.83 44.43 -25.07
CA GLU Z 116 -20.87 44.13 -24.03
C GLU Z 116 -20.03 45.35 -23.67
N LEU Z 117 -19.82 45.56 -22.37
CA LEU Z 117 -18.96 46.61 -21.84
C LEU Z 117 -17.85 45.99 -21.01
N THR Z 118 -16.60 46.31 -21.35
CA THR Z 118 -15.47 45.81 -20.59
C THR Z 118 -14.71 46.98 -20.01
N THR Z 119 -14.31 46.86 -18.74
CA THR Z 119 -13.56 47.91 -18.07
C THR Z 119 -12.40 47.29 -17.32
N LYS Z 120 -11.47 48.15 -16.90
CA LYS Z 120 -10.26 47.70 -16.23
C LYS Z 120 -9.57 48.86 -15.50
N LYS AA 18 -28.14 16.90 -64.45
CA LYS AA 18 -28.37 17.83 -63.33
C LYS AA 18 -29.84 17.78 -62.91
N GLU AA 19 -30.69 17.33 -63.83
CA GLU AA 19 -32.11 17.18 -63.52
C GLU AA 19 -32.41 15.88 -62.80
N LYS AA 20 -31.70 14.81 -63.16
CA LYS AA 20 -31.96 13.51 -62.54
C LYS AA 20 -31.54 13.48 -61.08
N LEU AA 21 -30.40 14.08 -60.73
CA LEU AA 21 -30.00 14.13 -59.33
C LEU AA 21 -30.92 15.03 -58.52
N ASP AA 22 -31.39 16.13 -59.11
CA ASP AA 22 -32.35 16.98 -58.43
C ASP AA 22 -33.67 16.25 -58.18
N LEU AA 23 -34.12 15.46 -59.16
CA LEU AA 23 -35.29 14.62 -58.97
C LEU AA 23 -35.04 13.59 -57.87
N TYR AA 24 -33.82 13.06 -57.81
CA TYR AA 24 -33.45 12.14 -56.74
C TYR AA 24 -33.56 12.81 -55.38
N CYS AA 25 -33.10 14.07 -55.28
CA CYS AA 25 -33.21 14.81 -54.03
C CYS AA 25 -34.68 15.02 -53.65
N GLU AA 26 -35.51 15.40 -54.62
CA GLU AA 26 -36.92 15.61 -54.34
C GLU AA 26 -37.61 14.30 -53.93
N ALA AA 27 -37.24 13.20 -54.58
CA ALA AA 27 -37.80 11.90 -54.24
C ALA AA 27 -37.38 11.48 -52.84
N LEU AA 28 -36.13 11.76 -52.46
CA LEU AA 28 -35.71 11.49 -51.08
C LEU AA 28 -36.49 12.36 -50.11
N CYS AA 29 -36.79 13.59 -50.49
CA CYS AA 29 -37.57 14.46 -49.62
C CYS AA 29 -39.01 13.98 -49.45
N ASP AA 30 -39.59 13.37 -50.49
CA ASP AA 30 -41.00 12.99 -50.40
C ASP AA 30 -41.25 11.56 -49.98
N GLY AA 31 -40.52 10.58 -50.52
CA GLY AA 31 -40.81 9.21 -50.17
C GLY AA 31 -39.81 8.53 -49.25
N PHE AA 32 -39.04 9.34 -48.50
CA PHE AA 32 -38.15 8.86 -47.43
C PHE AA 32 -37.49 7.52 -47.71
N ASN AA 33 -36.91 7.32 -48.89
CA ASN AA 33 -36.24 6.07 -49.21
C ASN AA 33 -35.06 6.37 -50.14
N LYS AA 34 -33.91 5.81 -49.79
CA LYS AA 34 -32.68 6.02 -50.56
C LYS AA 34 -32.65 5.14 -51.81
N THR AA 35 -32.62 3.82 -51.60
CA THR AA 35 -32.47 2.87 -52.69
C THR AA 35 -33.71 2.84 -53.58
N GLN AA 36 -34.90 2.88 -52.97
CA GLN AA 36 -36.12 2.84 -53.77
C GLN AA 36 -36.22 4.05 -54.69
N ALA AA 37 -35.91 5.25 -54.16
CA ALA AA 37 -35.92 6.44 -54.99
C ALA AA 37 -34.87 6.37 -56.08
N TYR AA 38 -33.67 5.87 -55.75
CA TYR AA 38 -32.62 5.81 -56.77
C TYR AA 38 -32.96 4.82 -57.88
N ILE AA 39 -33.51 3.66 -57.54
CA ILE AA 39 -33.88 2.69 -58.56
C ILE AA 39 -35.08 3.17 -59.35
N LYS AA 40 -35.98 3.94 -58.73
CA LYS AA 40 -37.11 4.55 -59.44
C LYS AA 40 -36.70 5.74 -60.28
N ALA AA 41 -35.49 6.27 -60.07
CA ALA AA 41 -35.01 7.41 -60.85
C ALA AA 41 -34.85 7.06 -62.32
N GLY AA 42 -34.53 5.81 -62.65
CA GLY AA 42 -34.38 5.47 -64.05
C GLY AA 42 -33.09 4.74 -64.39
N PHE AA 43 -32.53 4.01 -63.43
CA PHE AA 43 -31.22 3.40 -63.56
C PHE AA 43 -31.34 1.89 -63.68
N SER AA 44 -30.17 1.24 -63.73
CA SER AA 44 -30.06 -0.18 -63.99
C SER AA 44 -30.56 -1.02 -62.82
N ALA AA 45 -31.28 -2.08 -63.15
CA ALA AA 45 -31.92 -3.01 -62.22
C ALA AA 45 -30.93 -3.84 -61.42
N PRO AA 46 -29.79 -4.24 -62.01
CA PRO AA 46 -28.92 -5.22 -61.31
C PRO AA 46 -28.41 -4.76 -59.95
N HIS AA 47 -27.65 -3.67 -59.88
CA HIS AA 47 -27.09 -3.17 -58.62
C HIS AA 47 -27.34 -1.67 -58.50
N ALA AA 48 -28.42 -1.31 -57.81
CA ALA AA 48 -28.81 0.08 -57.61
C ALA AA 48 -28.52 0.57 -56.19
N GLN AA 49 -27.84 -0.24 -55.38
CA GLN AA 49 -27.56 0.10 -53.99
C GLN AA 49 -26.16 0.64 -53.75
N ARG AA 50 -25.20 0.40 -54.64
CA ARG AA 50 -23.83 0.80 -54.35
C ARG AA 50 -23.49 2.15 -54.98
N ASN AA 51 -23.50 2.23 -56.31
CA ASN AA 51 -23.19 3.45 -57.07
C ASN AA 51 -23.91 4.68 -56.51
N VAL AA 52 -25.01 4.45 -55.79
CA VAL AA 52 -25.79 5.56 -55.28
C VAL AA 52 -25.09 6.20 -54.08
N ALA AA 53 -24.39 5.40 -53.27
CA ALA AA 53 -23.59 5.99 -52.21
C ALA AA 53 -22.52 6.90 -52.76
N PRO AA 54 -21.74 6.50 -53.78
CA PRO AA 54 -20.79 7.44 -54.38
C PRO AA 54 -21.45 8.66 -55.00
N TYR AA 55 -22.62 8.48 -55.63
CA TYR AA 55 -23.33 9.62 -56.21
C TYR AA 55 -23.78 10.59 -55.13
N HIS AA 56 -24.19 10.06 -53.98
CA HIS AA 56 -24.63 10.88 -52.86
C HIS AA 56 -23.44 11.61 -52.24
N ARG AA 57 -22.29 10.95 -52.18
CA ARG AA 57 -21.12 11.63 -51.63
C ARG AA 57 -20.60 12.67 -52.60
N LYS AA 58 -20.87 12.48 -53.90
CA LYS AA 58 -20.47 13.45 -54.91
C LYS AA 58 -21.46 14.60 -55.02
N ASN AA 59 -22.65 14.46 -54.43
CA ASN AA 59 -23.63 15.54 -54.46
C ASN AA 59 -24.17 15.85 -53.07
N ALA AA 60 -23.33 15.67 -52.04
CA ALA AA 60 -23.75 16.00 -50.68
C ALA AA 60 -24.01 17.49 -50.51
N GLU AA 61 -23.19 18.34 -51.14
CA GLU AA 61 -23.43 19.77 -51.05
C GLU AA 61 -24.77 20.13 -51.65
N TYR AA 62 -25.10 19.51 -52.78
CA TYR AA 62 -26.40 19.75 -53.42
C TYR AA 62 -27.52 19.19 -52.56
N ILE AA 63 -27.28 18.08 -51.85
CA ILE AA 63 -28.28 17.55 -50.91
C ILE AA 63 -28.57 18.56 -49.82
N GLN AA 64 -27.51 19.16 -49.26
CA GLN AA 64 -27.70 20.18 -48.23
C GLN AA 64 -28.43 21.40 -48.78
N ALA AA 65 -28.08 21.83 -49.99
CA ALA AA 65 -28.76 22.97 -50.60
C ALA AA 65 -30.24 22.66 -50.85
N TYR AA 66 -30.54 21.46 -51.32
CA TYR AA 66 -31.93 21.08 -51.58
C TYR AA 66 -32.73 21.03 -50.28
N ILE AA 67 -32.16 20.47 -49.22
CA ILE AA 67 -32.88 20.41 -47.95
C ILE AA 67 -33.09 21.83 -47.42
N SER AA 68 -32.09 22.70 -47.56
CA SER AA 68 -32.22 24.07 -47.10
C SER AA 68 -33.31 24.82 -47.86
N GLU AA 69 -33.37 24.66 -49.19
CA GLU AA 69 -34.40 25.34 -49.96
C GLU AA 69 -35.79 24.79 -49.66
N ARG AA 70 -35.89 23.46 -49.45
CA ARG AA 70 -37.17 22.88 -49.07
C ARG AA 70 -37.65 23.43 -47.73
N ILE AA 71 -36.74 23.55 -46.77
CA ILE AA 71 -37.10 24.09 -45.47
C ILE AA 71 -37.46 25.57 -45.58
N GLY AA 72 -36.73 26.31 -46.43
CA GLY AA 72 -37.00 27.72 -46.61
C GLY AA 72 -38.32 28.01 -47.29
N SER AA 73 -38.80 27.07 -48.10
CA SER AA 73 -40.08 27.33 -48.77
C SER AA 73 -41.28 27.29 -47.80
N ASP AA 74 -41.08 27.20 -46.48
CA ASP AA 74 -42.16 27.20 -45.51
C ASP AA 74 -42.08 28.31 -44.47
N ALA AA 75 -41.08 29.18 -44.52
CA ALA AA 75 -40.99 30.26 -43.53
C ALA AA 75 -42.24 31.14 -43.47
N PRO AA 76 -42.83 31.59 -44.58
CA PRO AA 76 -44.09 32.36 -44.45
C PRO AA 76 -45.21 31.55 -43.82
N ALA AA 77 -45.23 30.24 -44.01
CA ALA AA 77 -46.22 29.41 -43.33
C ALA AA 77 -46.06 29.51 -41.81
N ALA AA 78 -44.82 29.49 -41.33
CA ALA AA 78 -44.58 29.68 -39.89
C ALA AA 78 -44.99 31.08 -39.45
N ARG AA 79 -44.76 32.08 -40.31
CA ARG AA 79 -45.22 33.43 -40.01
C ARG AA 79 -46.73 33.46 -39.89
N LYS AA 80 -47.44 32.78 -40.79
CA LYS AA 80 -48.90 32.73 -40.73
C LYS AA 80 -49.38 32.02 -39.48
N VAL AA 81 -48.74 30.92 -39.08
CA VAL AA 81 -49.20 30.20 -37.90
C VAL AA 81 -48.97 31.04 -36.64
N VAL AA 82 -47.80 31.69 -36.53
CA VAL AA 82 -47.54 32.51 -35.33
C VAL AA 82 -48.49 33.71 -35.30
N LEU AA 83 -48.79 34.29 -36.47
CA LEU AA 83 -49.74 35.39 -36.52
C LEU AA 83 -51.13 34.94 -36.10
N GLU AA 84 -51.55 33.76 -36.56
CA GLU AA 84 -52.89 33.27 -36.22
C GLU AA 84 -52.99 32.94 -34.74
N ILE AA 85 -51.95 32.34 -34.15
CA ILE AA 85 -52.01 32.06 -32.72
C ILE AA 85 -51.94 33.34 -31.90
N MET AA 86 -51.24 34.36 -32.39
CA MET AA 86 -51.21 35.64 -31.69
C MET AA 86 -52.56 36.34 -31.67
N ASN AA 87 -53.46 36.00 -32.59
CA ASN AA 87 -54.78 36.64 -32.68
C ASN AA 87 -55.91 35.73 -32.21
N ASP AA 88 -55.60 34.58 -31.60
CA ASP AA 88 -56.63 33.65 -31.15
C ASP AA 88 -57.03 33.97 -29.71
N PRO AA 89 -58.28 34.38 -29.46
CA PRO AA 89 -58.67 34.71 -28.09
C PRO AA 89 -58.89 33.50 -27.20
N ASN AA 90 -59.00 32.30 -27.76
CA ASN AA 90 -59.33 31.11 -27.01
C ASN AA 90 -58.10 30.37 -26.49
N GLU AA 91 -56.90 30.90 -26.70
CA GLU AA 91 -55.69 30.27 -26.24
C GLU AA 91 -55.26 30.87 -24.90
N LYS AA 92 -54.52 30.08 -24.12
CA LYS AA 92 -54.04 30.55 -22.84
C LYS AA 92 -53.10 31.74 -23.06
N GLY AA 93 -53.11 32.66 -22.10
CA GLY AA 93 -52.39 33.91 -22.29
C GLY AA 93 -50.90 33.71 -22.48
N GLY AA 94 -50.33 32.72 -21.79
CA GLY AA 94 -48.89 32.49 -21.91
C GLY AA 94 -48.45 32.12 -23.31
N ILE AA 95 -49.21 31.28 -24.00
CA ILE AA 95 -48.80 30.82 -25.33
C ILE AA 95 -48.87 31.97 -26.34
N ARG AA 96 -49.97 32.72 -26.32
CA ARG AA 96 -50.09 33.87 -27.22
C ARG AA 96 -49.04 34.93 -26.90
N LEU AA 97 -48.76 35.14 -25.61
CA LEU AA 97 -47.72 36.08 -25.22
C LEU AA 97 -46.36 35.63 -25.72
N LYS AA 98 -46.05 34.33 -25.61
CA LYS AA 98 -44.77 33.84 -26.09
C LYS AA 98 -44.65 33.97 -27.60
N ALA AA 99 -45.75 33.75 -28.33
CA ALA AA 99 -45.74 33.99 -29.77
C ALA AA 99 -45.47 35.45 -30.08
N ALA AA 100 -46.11 36.35 -29.32
CA ALA AA 100 -45.85 37.78 -29.50
C ALA AA 100 -44.39 38.11 -29.21
N GLN AA 101 -43.82 37.48 -28.18
CA GLN AA 101 -42.41 37.65 -27.88
C GLN AA 101 -41.55 37.22 -29.04
N ASP AA 102 -41.90 36.08 -29.65
CA ASP AA 102 -41.11 35.57 -30.78
C ASP AA 102 -41.14 36.54 -31.95
N ILE AA 103 -42.33 37.02 -32.32
CA ILE AA 103 -42.42 37.91 -33.48
C ILE AA 103 -41.78 39.27 -33.18
N LEU AA 104 -41.91 39.78 -31.94
CA LEU AA 104 -41.28 41.05 -31.62
C LEU AA 104 -39.76 40.93 -31.58
N ASP AA 105 -39.24 39.82 -31.07
CA ASP AA 105 -37.81 39.56 -31.15
C ASP AA 105 -37.37 39.43 -32.60
N ARG AA 106 -38.27 38.94 -33.47
CA ARG AA 106 -38.00 38.88 -34.89
C ARG AA 106 -37.94 40.27 -35.49
N ALA AA 107 -38.66 41.23 -34.91
CA ALA AA 107 -38.65 42.59 -35.44
C ALA AA 107 -37.26 43.22 -35.34
N GLY AA 108 -36.47 42.84 -34.33
CA GLY AA 108 -35.11 43.35 -34.24
C GLY AA 108 -34.76 44.11 -32.97
N PHE AA 109 -35.41 43.79 -31.86
CA PHE AA 109 -35.14 44.41 -30.57
C PHE AA 109 -34.69 43.37 -29.56
N GLY AA 110 -33.44 43.47 -29.12
CA GLY AA 110 -32.80 42.45 -28.30
C GLY AA 110 -32.48 42.87 -26.88
N ALA AA 111 -31.56 42.15 -26.25
CA ALA AA 111 -31.18 42.39 -24.86
C ALA AA 111 -30.10 43.49 -24.77
N LYS AA 112 -29.65 43.74 -23.55
CA LYS AA 112 -28.85 44.92 -23.23
C LYS AA 112 -27.53 44.54 -22.58
N GLN AA 113 -26.90 45.52 -21.92
CA GLN AA 113 -25.47 45.49 -21.63
C GLN AA 113 -25.10 44.33 -20.69
N LYS AA 114 -23.84 43.92 -20.79
CA LYS AA 114 -23.23 42.91 -19.94
C LYS AA 114 -21.78 43.30 -19.74
N ILE AA 115 -21.30 43.30 -18.48
CA ILE AA 115 -19.96 43.78 -18.16
C ILE AA 115 -19.07 42.61 -17.76
N GLU AA 116 -17.80 42.66 -18.18
CA GLU AA 116 -16.79 41.65 -17.87
C GLU AA 116 -15.57 42.31 -17.25
N LEU AA 117 -15.03 41.70 -16.21
CA LEU AA 117 -13.81 42.16 -15.54
C LEU AA 117 -12.75 41.08 -15.59
N THR AA 118 -11.56 41.44 -16.07
CA THR AA 118 -10.45 40.48 -16.20
C THR AA 118 -9.12 41.23 -16.25
N THR AA 119 -8.34 41.13 -15.17
CA THR AA 119 -7.03 41.79 -15.13
C THR AA 119 -5.93 40.85 -14.65
N LYS AA 120 -6.29 39.92 -13.78
CA LYS AA 120 -5.32 39.00 -13.16
C LYS AA 120 -4.14 39.74 -12.52
N PRO BA 14 -90.04 -51.09 -42.87
CA PRO BA 14 -90.20 -52.55 -42.96
C PRO BA 14 -88.88 -53.29 -42.91
N LEU BA 15 -87.80 -52.55 -43.10
CA LEU BA 15 -86.45 -53.09 -43.24
C LEU BA 15 -85.54 -52.26 -42.35
N THR BA 16 -84.22 -52.32 -42.62
CA THR BA 16 -83.18 -51.86 -41.70
C THR BA 16 -83.28 -52.70 -40.44
N PRO BA 17 -82.82 -53.96 -40.50
CA PRO BA 17 -83.25 -55.00 -39.54
C PRO BA 17 -83.00 -54.74 -38.07
N LYS BA 18 -82.38 -53.61 -37.70
CA LYS BA 18 -82.16 -53.33 -36.29
C LYS BA 18 -83.48 -53.22 -35.55
N GLU BA 19 -84.55 -52.83 -36.25
CA GLU BA 19 -85.87 -52.78 -35.63
C GLU BA 19 -86.48 -54.17 -35.58
N LYS BA 20 -86.26 -54.96 -36.63
CA LYS BA 20 -86.71 -56.34 -36.63
C LYS BA 20 -85.90 -57.16 -35.63
N LEU BA 21 -84.60 -56.86 -35.50
CA LEU BA 21 -83.81 -57.56 -34.48
C LEU BA 21 -84.26 -57.19 -33.08
N ASP BA 22 -84.66 -55.92 -32.88
CA ASP BA 22 -85.24 -55.54 -31.60
C ASP BA 22 -86.56 -56.26 -31.36
N LEU BA 23 -87.35 -56.45 -32.43
CA LEU BA 23 -88.58 -57.24 -32.31
C LEU BA 23 -88.26 -58.67 -31.90
N TYR BA 24 -87.19 -59.25 -32.48
CA TYR BA 24 -86.78 -60.59 -32.09
C TYR BA 24 -86.38 -60.66 -30.63
N CYS BA 25 -85.63 -59.67 -30.16
CA CYS BA 25 -85.20 -59.66 -28.76
C CYS BA 25 -86.40 -59.56 -27.82
N GLU BA 26 -87.34 -58.64 -28.12
CA GLU BA 26 -88.50 -58.50 -27.25
C GLU BA 26 -89.39 -59.73 -27.29
N ALA BA 27 -89.59 -60.32 -28.47
CA ALA BA 27 -90.40 -61.53 -28.57
C ALA BA 27 -89.73 -62.69 -27.83
N LEU BA 28 -88.41 -62.79 -27.93
CA LEU BA 28 -87.69 -63.82 -27.19
C LEU BA 28 -87.81 -63.59 -25.68
N CYS BA 29 -87.84 -62.31 -25.27
CA CYS BA 29 -88.03 -62.01 -23.85
C CYS BA 29 -89.44 -62.36 -23.40
N ASP BA 30 -90.43 -62.24 -24.29
CA ASP BA 30 -91.82 -62.50 -23.95
C ASP BA 30 -92.25 -63.92 -24.32
N GLY BA 31 -91.79 -64.43 -25.44
CA GLY BA 31 -92.14 -65.76 -25.90
C GLY BA 31 -90.97 -66.69 -25.64
N PHE BA 32 -91.23 -67.75 -24.87
CA PHE BA 32 -90.21 -68.73 -24.55
C PHE BA 32 -90.03 -69.79 -25.65
N ASN BA 33 -89.89 -69.35 -26.90
CA ASN BA 33 -89.63 -70.28 -27.98
C ASN BA 33 -88.86 -69.57 -29.07
N LYS BA 34 -87.76 -70.19 -29.53
CA LYS BA 34 -86.95 -69.61 -30.61
C LYS BA 34 -87.60 -69.79 -31.97
N THR BA 35 -88.22 -70.94 -32.22
CA THR BA 35 -88.83 -71.18 -33.53
C THR BA 35 -90.02 -70.26 -33.74
N GLN BA 36 -90.84 -70.09 -32.70
CA GLN BA 36 -91.96 -69.16 -32.78
C GLN BA 36 -91.45 -67.73 -32.99
N ALA BA 37 -90.36 -67.38 -32.31
CA ALA BA 37 -89.76 -66.06 -32.48
C ALA BA 37 -89.28 -65.86 -33.92
N TYR BA 38 -88.69 -66.90 -34.53
CA TYR BA 38 -88.24 -66.78 -35.91
C TYR BA 38 -89.42 -66.62 -36.86
N ILE BA 39 -90.51 -67.34 -36.59
CA ILE BA 39 -91.69 -67.21 -37.44
C ILE BA 39 -92.35 -65.84 -37.27
N LYS BA 40 -92.31 -65.29 -36.05
CA LYS BA 40 -92.86 -63.97 -35.79
C LYS BA 40 -91.95 -62.82 -36.19
N ALA BA 41 -90.66 -63.07 -36.43
CA ALA BA 41 -89.74 -61.99 -36.77
C ALA BA 41 -90.06 -61.37 -38.13
N GLY BA 42 -90.47 -62.18 -39.09
CA GLY BA 42 -90.81 -61.67 -40.41
C GLY BA 42 -90.10 -62.44 -41.50
N PHE BA 43 -89.70 -63.66 -41.17
CA PHE BA 43 -88.90 -64.53 -42.02
C PHE BA 43 -89.72 -65.73 -42.44
N SER BA 44 -89.10 -66.65 -43.16
CA SER BA 44 -89.81 -67.79 -43.72
C SER BA 44 -90.22 -68.77 -42.63
N ALA BA 45 -91.48 -69.17 -42.63
CA ALA BA 45 -92.04 -70.09 -41.66
C ALA BA 45 -91.61 -71.53 -41.88
N PRO BA 46 -91.58 -71.99 -43.12
CA PRO BA 46 -91.34 -73.42 -43.38
C PRO BA 46 -89.95 -73.89 -42.97
N HIS BA 47 -89.87 -75.19 -42.69
CA HIS BA 47 -88.64 -75.87 -42.33
C HIS BA 47 -87.87 -75.14 -41.22
N ALA BA 48 -88.47 -75.17 -40.02
CA ALA BA 48 -87.87 -74.45 -38.89
C ALA BA 48 -87.04 -75.39 -38.01
N GLN BA 49 -86.18 -76.19 -38.64
CA GLN BA 49 -85.23 -77.03 -37.92
C GLN BA 49 -83.79 -76.50 -37.98
N ARG BA 50 -83.46 -75.76 -39.05
CA ARG BA 50 -82.10 -75.29 -39.29
C ARG BA 50 -82.17 -73.93 -39.97
N ASN BA 51 -80.98 -73.42 -40.35
CA ASN BA 51 -80.81 -72.13 -41.02
C ASN BA 51 -81.36 -70.98 -40.18
N VAL BA 52 -81.41 -71.16 -38.85
CA VAL BA 52 -81.94 -70.17 -37.93
C VAL BA 52 -80.90 -69.75 -36.89
N ALA BA 53 -80.08 -70.70 -36.45
CA ALA BA 53 -79.05 -70.43 -35.45
C ALA BA 53 -78.04 -69.35 -35.85
N PRO BA 54 -77.53 -69.30 -37.08
CA PRO BA 54 -76.51 -68.29 -37.43
C PRO BA 54 -76.95 -66.84 -37.18
N TYR BA 55 -78.22 -66.49 -37.46
CA TYR BA 55 -78.65 -65.13 -37.22
C TYR BA 55 -78.63 -64.80 -35.73
N HIS BA 56 -78.96 -65.78 -34.89
CA HIS BA 56 -78.93 -65.58 -33.45
C HIS BA 56 -77.50 -65.50 -32.94
N ARG BA 57 -76.60 -66.28 -33.55
CA ARG BA 57 -75.19 -66.33 -33.16
C ARG BA 57 -74.40 -65.11 -33.61
N LYS BA 58 -74.86 -64.41 -34.65
CA LYS BA 58 -74.12 -63.26 -35.18
C LYS BA 58 -74.34 -61.98 -34.38
N ASN BA 59 -75.30 -61.95 -33.46
CA ASN BA 59 -75.60 -60.75 -32.69
C ASN BA 59 -75.70 -61.07 -31.20
N ALA BA 60 -74.85 -61.98 -30.70
CA ALA BA 60 -74.92 -62.35 -29.30
C ALA BA 60 -74.60 -61.18 -28.39
N GLU BA 61 -73.62 -60.35 -28.76
CA GLU BA 61 -73.28 -59.19 -27.93
C GLU BA 61 -74.45 -58.23 -27.86
N TYR BA 62 -75.13 -58.00 -29.00
CA TYR BA 62 -76.28 -57.10 -29.01
C TYR BA 62 -77.43 -57.69 -28.21
N ILE BA 63 -77.60 -59.02 -28.25
CA ILE BA 63 -78.64 -59.65 -27.45
C ILE BA 63 -78.36 -59.44 -25.96
N GLN BA 64 -77.11 -59.62 -25.55
CA GLN BA 64 -76.75 -59.40 -24.15
C GLN BA 64 -76.95 -57.94 -23.75
N ALA BA 65 -76.55 -57.01 -24.62
CA ALA BA 65 -76.72 -55.59 -24.33
C ALA BA 65 -78.21 -55.23 -24.21
N TYR BA 66 -79.05 -55.77 -25.08
CA TYR BA 66 -80.48 -55.49 -25.02
C TYR BA 66 -81.09 -56.07 -23.75
N ILE BA 67 -80.68 -57.27 -23.35
CA ILE BA 67 -81.20 -57.86 -22.12
C ILE BA 67 -80.78 -57.02 -20.92
N SER BA 68 -79.53 -56.54 -20.92
CA SER BA 68 -79.07 -55.67 -19.84
C SER BA 68 -79.87 -54.37 -19.81
N GLU BA 69 -80.16 -53.80 -20.98
CA GLU BA 69 -80.91 -52.56 -21.05
C GLU BA 69 -82.34 -52.75 -20.52
N ARG BA 70 -82.97 -53.87 -20.87
CA ARG BA 70 -84.32 -54.13 -20.38
C ARG BA 70 -84.32 -54.36 -18.87
N ILE BA 71 -83.33 -55.09 -18.36
CA ILE BA 71 -83.25 -55.30 -16.91
C ILE BA 71 -83.00 -53.99 -16.19
N GLY BA 72 -82.18 -53.11 -16.76
CA GLY BA 72 -81.97 -51.81 -16.15
C GLY BA 72 -83.22 -50.96 -16.18
N SER BA 73 -84.05 -51.14 -17.22
CA SER BA 73 -85.31 -50.41 -17.25
C SER BA 73 -86.34 -51.00 -16.30
N ASP BA 74 -86.16 -52.27 -15.89
CA ASP BA 74 -87.03 -52.88 -14.91
C ASP BA 74 -86.51 -52.75 -13.48
N ALA BA 75 -85.31 -52.19 -13.32
CA ALA BA 75 -84.79 -51.93 -11.98
C ALA BA 75 -85.70 -51.07 -11.11
N PRO BA 76 -86.32 -50.00 -11.61
CA PRO BA 76 -87.23 -49.23 -10.73
C PRO BA 76 -88.37 -50.06 -10.16
N ALA BA 77 -88.83 -51.07 -10.88
CA ALA BA 77 -89.84 -51.96 -10.31
C ALA BA 77 -89.30 -52.69 -9.08
N ALA BA 78 -88.05 -53.14 -9.14
CA ALA BA 78 -87.44 -53.78 -7.97
C ALA BA 78 -87.25 -52.80 -6.83
N ARG BA 79 -86.88 -51.56 -7.14
CA ARG BA 79 -86.76 -50.56 -6.08
C ARG BA 79 -88.11 -50.32 -5.41
N LYS BA 80 -89.17 -50.21 -6.21
CA LYS BA 80 -90.51 -50.02 -5.65
C LYS BA 80 -90.94 -51.22 -4.80
N VAL BA 81 -90.65 -52.44 -5.26
CA VAL BA 81 -91.06 -53.63 -4.52
C VAL BA 81 -90.32 -53.71 -3.19
N VAL BA 82 -89.01 -53.49 -3.20
CA VAL BA 82 -88.25 -53.60 -1.96
C VAL BA 82 -88.64 -52.48 -0.99
N LEU BA 83 -88.89 -51.28 -1.52
CA LEU BA 83 -89.35 -50.19 -0.64
C LEU BA 83 -90.72 -50.52 -0.05
N GLU BA 84 -91.62 -51.11 -0.84
CA GLU BA 84 -92.95 -51.44 -0.35
C GLU BA 84 -92.86 -52.51 0.73
N ILE BA 85 -91.93 -53.46 0.58
CA ILE BA 85 -91.76 -54.45 1.64
C ILE BA 85 -91.17 -53.79 2.88
N MET BA 86 -90.31 -52.78 2.71
CA MET BA 86 -89.77 -52.06 3.85
C MET BA 86 -90.83 -51.26 4.61
N ASN BA 87 -91.94 -50.90 3.95
CA ASN BA 87 -92.99 -50.13 4.59
C ASN BA 87 -94.25 -50.93 4.87
N ASP BA 88 -94.22 -52.26 4.70
CA ASP BA 88 -95.40 -53.09 4.94
C ASP BA 88 -95.41 -53.56 6.39
N PRO BA 89 -96.37 -53.13 7.20
CA PRO BA 89 -96.40 -53.56 8.61
C PRO BA 89 -96.92 -54.97 8.79
N ASN BA 90 -97.57 -55.55 7.79
CA ASN BA 90 -98.21 -56.84 7.90
C ASN BA 90 -97.28 -57.99 7.56
N GLU BA 91 -96.03 -57.70 7.26
CA GLU BA 91 -95.04 -58.72 6.93
C GLU BA 91 -94.17 -59.02 8.15
N LYS BA 92 -93.57 -60.20 8.16
CA LYS BA 92 -92.76 -60.63 9.30
C LYS BA 92 -91.57 -59.69 9.50
N GLY BA 93 -91.21 -59.49 10.77
CA GLY BA 93 -90.19 -58.49 11.10
C GLY BA 93 -88.82 -58.79 10.53
N GLY BA 94 -88.43 -60.06 10.52
CA GLY BA 94 -87.08 -60.40 10.05
C GLY BA 94 -86.83 -60.05 8.60
N ILE BA 95 -87.81 -60.29 7.74
CA ILE BA 95 -87.63 -59.96 6.32
C ILE BA 95 -87.59 -58.44 6.14
N ARG BA 96 -88.42 -57.71 6.89
CA ARG BA 96 -88.35 -56.25 6.83
C ARG BA 96 -86.98 -55.75 7.27
N LEU BA 97 -86.41 -56.38 8.30
CA LEU BA 97 -85.08 -56.01 8.75
C LEU BA 97 -84.04 -56.28 7.67
N LYS BA 98 -84.15 -57.42 6.99
CA LYS BA 98 -83.21 -57.74 5.92
C LYS BA 98 -83.37 -56.76 4.76
N ALA BA 99 -84.60 -56.35 4.46
CA ALA BA 99 -84.85 -55.36 3.41
C ALA BA 99 -84.19 -54.03 3.77
N ALA BA 100 -84.34 -53.60 5.02
CA ALA BA 100 -83.71 -52.36 5.46
C ALA BA 100 -82.20 -52.48 5.35
N GLN BA 101 -81.64 -53.63 5.74
CA GLN BA 101 -80.20 -53.83 5.63
C GLN BA 101 -79.73 -53.71 4.19
N ASP BA 102 -80.45 -54.36 3.27
CA ASP BA 102 -80.04 -54.36 1.88
C ASP BA 102 -80.16 -52.97 1.26
N ILE BA 103 -81.27 -52.27 1.52
CA ILE BA 103 -81.47 -50.96 0.92
C ILE BA 103 -80.47 -49.97 1.48
N LEU BA 104 -80.12 -50.08 2.76
CA LEU BA 104 -79.09 -49.20 3.32
C LEU BA 104 -77.71 -49.54 2.77
N ASP BA 105 -77.42 -50.83 2.56
CA ASP BA 105 -76.14 -51.19 1.96
C ASP BA 105 -76.02 -50.65 0.54
N ARG BA 106 -77.15 -50.44 -0.09
CA ARG BA 106 -77.12 -49.90 -1.41
C ARG BA 106 -76.94 -48.41 -1.28
N ALA BA 107 -77.53 -47.87 -0.24
CA ALA BA 107 -77.47 -46.42 -0.04
C ALA BA 107 -76.03 -45.94 0.02
N GLY BA 108 -75.11 -46.79 0.46
CA GLY BA 108 -73.70 -46.46 0.45
C GLY BA 108 -73.01 -46.51 1.80
N PHE BA 109 -73.55 -47.30 2.73
CA PHE BA 109 -72.93 -47.50 4.05
C PHE BA 109 -72.72 -48.99 4.25
N GLY BA 110 -71.46 -49.42 4.29
CA GLY BA 110 -71.14 -50.83 4.33
C GLY BA 110 -70.44 -51.23 5.61
N ALA BA 111 -69.79 -52.38 5.61
CA ALA BA 111 -69.07 -52.86 6.78
C ALA BA 111 -67.67 -52.27 6.79
N LYS BA 112 -66.87 -52.64 7.79
CA LYS BA 112 -65.60 -51.97 8.01
C LYS BA 112 -64.43 -52.95 7.99
N GLN BA 113 -63.28 -52.50 8.48
CA GLN BA 113 -62.01 -53.12 8.14
C GLN BA 113 -61.84 -54.53 8.70
N LYS BA 114 -61.01 -55.30 8.01
CA LYS BA 114 -60.56 -56.62 8.39
C LYS BA 114 -59.12 -56.70 7.92
N ILE BA 115 -58.21 -57.15 8.79
CA ILE BA 115 -56.79 -57.03 8.54
C ILE BA 115 -56.15 -58.36 8.19
N GLU BA 116 -55.14 -58.29 7.31
CA GLU BA 116 -54.36 -59.42 6.83
C GLU BA 116 -52.88 -59.15 7.11
N LEU BA 117 -52.17 -60.19 7.52
CA LEU BA 117 -50.74 -60.12 7.75
C LEU BA 117 -50.04 -61.09 6.81
N THR BA 118 -49.01 -60.62 6.12
CA THR BA 118 -48.31 -61.41 5.14
C THR BA 118 -46.90 -61.75 5.62
N THR BA 119 -46.49 -62.98 5.38
CA THR BA 119 -45.20 -63.50 5.80
C THR BA 119 -44.55 -64.21 4.62
N LYS BA 120 -43.22 -64.19 4.59
CA LYS BA 120 -42.42 -64.80 3.52
C LYS BA 120 -42.92 -66.18 3.12
N LEU CA 15 -88.90 -23.52 -19.90
CA LEU CA 15 -88.71 -23.82 -18.48
C LEU CA 15 -87.22 -23.97 -18.16
N THR CA 16 -86.87 -25.11 -17.55
CA THR CA 16 -85.50 -25.41 -17.20
C THR CA 16 -85.33 -26.92 -17.17
N PRO CA 17 -84.17 -27.44 -17.59
CA PRO CA 17 -83.99 -28.89 -17.59
C PRO CA 17 -83.80 -29.47 -16.18
N LYS CA 18 -83.51 -30.77 -16.13
CA LYS CA 18 -83.33 -31.56 -14.92
C LYS CA 18 -84.66 -31.82 -14.22
N GLU CA 19 -85.69 -31.05 -14.58
CA GLU CA 19 -87.04 -31.30 -14.08
C GLU CA 19 -87.77 -32.33 -14.94
N LYS CA 20 -87.54 -32.28 -16.25
CA LYS CA 20 -88.15 -33.24 -17.16
C LYS CA 20 -87.53 -34.63 -17.00
N LEU CA 21 -86.20 -34.71 -16.87
CA LEU CA 21 -85.54 -36.01 -16.73
C LEU CA 21 -85.80 -36.66 -15.38
N ASP CA 22 -85.77 -35.87 -14.29
CA ASP CA 22 -86.04 -36.44 -12.98
C ASP CA 22 -87.49 -36.89 -12.87
N LEU CA 23 -88.42 -36.10 -13.40
CA LEU CA 23 -89.81 -36.52 -13.46
C LEU CA 23 -89.99 -37.73 -14.37
N TYR CA 24 -89.19 -37.83 -15.43
CA TYR CA 24 -89.21 -39.02 -16.27
C TYR CA 24 -88.80 -40.24 -15.45
N CYS CA 25 -87.78 -40.08 -14.60
CA CYS CA 25 -87.38 -41.17 -13.71
C CYS CA 25 -88.51 -41.52 -12.75
N GLU CA 26 -89.21 -40.51 -12.23
CA GLU CA 26 -90.33 -40.76 -11.34
C GLU CA 26 -91.45 -41.49 -12.05
N ALA CA 27 -91.72 -41.13 -13.31
CA ALA CA 27 -92.73 -41.81 -14.10
C ALA CA 27 -92.35 -43.26 -14.38
N LEU CA 28 -91.05 -43.50 -14.64
CA LEU CA 28 -90.58 -44.88 -14.79
C LEU CA 28 -90.76 -45.65 -13.49
N CYS CA 29 -90.55 -44.99 -12.36
CA CYS CA 29 -90.75 -45.63 -11.06
C CYS CA 29 -92.22 -45.92 -10.80
N ASP CA 30 -93.13 -45.11 -11.32
CA ASP CA 30 -94.54 -45.26 -10.96
C ASP CA 30 -95.33 -46.12 -11.94
N GLY CA 31 -95.17 -45.94 -13.25
CA GLY CA 31 -95.96 -46.73 -14.17
C GLY CA 31 -95.18 -47.80 -14.91
N PHE CA 32 -94.01 -48.17 -14.37
CA PHE CA 32 -93.15 -49.26 -14.83
C PHE CA 32 -93.17 -49.47 -16.34
N ASN CA 33 -93.08 -48.39 -17.11
CA ASN CA 33 -93.04 -48.47 -18.57
C ASN CA 33 -92.37 -47.22 -19.12
N LYS CA 34 -91.45 -47.41 -20.07
CA LYS CA 34 -90.82 -46.24 -20.69
C LYS CA 34 -91.80 -45.58 -21.64
N THR CA 35 -92.61 -46.38 -22.34
CA THR CA 35 -93.53 -45.84 -23.35
C THR CA 35 -94.61 -44.99 -22.69
N GLN CA 36 -95.16 -45.44 -21.56
CA GLN CA 36 -96.18 -44.67 -20.89
C GLN CA 36 -95.63 -43.32 -20.44
N ALA CA 37 -94.43 -43.32 -19.85
CA ALA CA 37 -93.84 -42.07 -19.40
C ALA CA 37 -93.55 -41.14 -20.56
N TYR CA 38 -93.04 -41.68 -21.67
CA TYR CA 38 -92.70 -40.83 -22.81
C TYR CA 38 -93.94 -40.26 -23.48
N ILE CA 39 -94.97 -41.07 -23.69
CA ILE CA 39 -96.17 -40.55 -24.35
C ILE CA 39 -96.94 -39.60 -23.45
N LYS CA 40 -96.95 -39.83 -22.13
CA LYS CA 40 -97.62 -38.91 -21.24
C LYS CA 40 -96.81 -37.67 -20.91
N ALA CA 41 -95.50 -37.67 -21.15
CA ALA CA 41 -94.72 -36.52 -20.75
C ALA CA 41 -95.02 -35.23 -21.51
N GLY CA 42 -94.47 -35.07 -22.71
CA GLY CA 42 -94.81 -33.88 -23.49
C GLY CA 42 -94.58 -33.89 -24.98
N PHE CA 43 -94.41 -35.06 -25.59
CA PHE CA 43 -93.99 -35.11 -26.99
C PHE CA 43 -95.04 -35.75 -27.88
N SER CA 44 -94.68 -35.88 -29.16
CA SER CA 44 -95.58 -36.38 -30.19
C SER CA 44 -95.84 -37.86 -29.99
N ALA CA 45 -97.10 -38.26 -30.16
CA ALA CA 45 -97.46 -39.65 -29.96
C ALA CA 45 -96.81 -40.59 -30.97
N PRO CA 46 -96.70 -40.25 -32.26
CA PRO CA 46 -96.16 -41.22 -33.23
C PRO CA 46 -94.74 -41.63 -32.90
N HIS CA 47 -93.83 -40.67 -32.87
CA HIS CA 47 -92.42 -40.94 -32.55
C HIS CA 47 -92.33 -41.26 -31.07
N ALA CA 48 -92.75 -42.49 -30.72
CA ALA CA 48 -92.86 -42.90 -29.33
C ALA CA 48 -91.70 -43.77 -28.84
N GLN CA 49 -91.22 -44.73 -29.63
CA GLN CA 49 -90.10 -45.53 -29.14
C GLN CA 49 -88.77 -45.18 -29.78
N ARG CA 50 -88.78 -44.74 -31.05
CA ARG CA 50 -87.54 -44.51 -31.77
C ARG CA 50 -86.82 -43.27 -31.23
N ASN CA 51 -87.58 -42.23 -30.88
CA ASN CA 51 -86.94 -41.04 -30.34
C ASN CA 51 -86.79 -41.11 -28.82
N VAL CA 52 -87.54 -41.97 -28.15
CA VAL CA 52 -87.38 -42.05 -26.70
C VAL CA 52 -86.13 -42.85 -26.38
N ALA CA 53 -85.79 -43.82 -27.23
CA ALA CA 53 -84.56 -44.58 -26.98
C ALA CA 53 -83.33 -43.69 -26.89
N PRO CA 54 -83.09 -42.74 -27.81
CA PRO CA 54 -81.91 -41.87 -27.63
C PRO CA 54 -81.93 -41.03 -26.37
N TYR CA 55 -83.09 -40.47 -26.00
CA TYR CA 55 -83.16 -39.64 -24.80
C TYR CA 55 -82.88 -40.45 -23.56
N HIS CA 56 -83.36 -41.70 -23.52
CA HIS CA 56 -83.12 -42.55 -22.36
C HIS CA 56 -81.68 -43.06 -22.33
N ARG CA 57 -81.09 -43.32 -23.50
CA ARG CA 57 -79.73 -43.85 -23.54
C ARG CA 57 -78.70 -42.77 -23.20
N LYS CA 58 -79.03 -41.51 -23.48
CA LYS CA 58 -78.11 -40.40 -23.25
C LYS CA 58 -78.16 -39.86 -21.82
N ASN CA 59 -79.05 -40.37 -20.96
CA ASN CA 59 -79.22 -39.87 -19.61
C ASN CA 59 -79.08 -40.98 -18.58
N ALA CA 60 -78.16 -41.92 -18.84
CA ALA CA 60 -77.96 -43.02 -17.91
C ALA CA 60 -77.43 -42.51 -16.57
N GLU CA 61 -76.52 -41.54 -16.60
CA GLU CA 61 -75.99 -41.01 -15.35
C GLU CA 61 -77.08 -40.35 -14.53
N TYR CA 62 -77.94 -39.55 -15.16
CA TYR CA 62 -78.99 -38.88 -14.41
C TYR CA 62 -80.06 -39.85 -13.91
N ILE CA 63 -80.41 -40.88 -14.70
CA ILE CA 63 -81.39 -41.85 -14.20
C ILE CA 63 -80.81 -42.60 -13.00
N GLN CA 64 -79.53 -42.98 -13.07
CA GLN CA 64 -78.90 -43.63 -11.94
C GLN CA 64 -78.86 -42.71 -10.72
N ALA CA 65 -78.55 -41.43 -10.95
CA ALA CA 65 -78.54 -40.47 -9.85
C ALA CA 65 -79.92 -40.32 -9.22
N TYR CA 66 -80.96 -40.26 -10.04
CA TYR CA 66 -82.32 -40.11 -9.52
C TYR CA 66 -82.76 -41.32 -8.71
N ILE CA 67 -82.49 -42.53 -9.20
CA ILE CA 67 -82.87 -43.71 -8.44
C ILE CA 67 -82.04 -43.80 -7.15
N SER CA 68 -80.75 -43.43 -7.22
CA SER CA 68 -79.91 -43.44 -6.03
C SER CA 68 -80.41 -42.45 -4.99
N GLU CA 69 -80.80 -41.24 -5.42
CA GLU CA 69 -81.31 -40.26 -4.47
C GLU CA 69 -82.64 -40.71 -3.90
N ARG CA 70 -83.47 -41.41 -4.69
CA ARG CA 70 -84.70 -41.97 -4.15
C ARG CA 70 -84.39 -43.00 -3.07
N ILE CA 71 -83.39 -43.85 -3.29
CA ILE CA 71 -83.01 -44.84 -2.28
C ILE CA 71 -82.48 -44.15 -1.04
N GLY CA 72 -81.71 -43.07 -1.23
CA GLY CA 72 -81.20 -42.35 -0.07
C GLY CA 72 -82.28 -41.60 0.67
N SER CA 73 -83.32 -41.14 -0.04
CA SER CA 73 -84.42 -40.46 0.61
C SER CA 73 -85.35 -41.43 1.32
N ASP CA 74 -85.33 -42.70 0.94
CA ASP CA 74 -86.07 -43.71 1.69
C ASP CA 74 -85.21 -44.41 2.73
N ALA CA 75 -83.91 -44.12 2.75
CA ALA CA 75 -83.03 -44.70 3.77
C ALA CA 75 -83.43 -44.38 5.20
N PRO CA 76 -83.80 -43.15 5.57
CA PRO CA 76 -84.17 -42.90 6.97
C PRO CA 76 -85.35 -43.73 7.46
N ALA CA 77 -86.33 -44.03 6.60
CA ALA CA 77 -87.44 -44.88 7.02
C ALA CA 77 -86.95 -46.28 7.38
N ALA CA 78 -86.05 -46.85 6.57
CA ALA CA 78 -85.51 -48.17 6.89
C ALA CA 78 -84.62 -48.13 8.12
N ARG CA 79 -83.88 -47.04 8.32
CA ARG CA 79 -83.11 -46.90 9.55
C ARG CA 79 -84.02 -46.88 10.77
N LYS CA 80 -85.15 -46.17 10.67
CA LYS CA 80 -86.12 -46.17 11.75
C LYS CA 80 -86.68 -47.56 11.98
N VAL CA 81 -86.93 -48.30 10.89
CA VAL CA 81 -87.49 -49.65 11.01
C VAL CA 81 -86.51 -50.57 11.73
N VAL CA 82 -85.24 -50.53 11.34
CA VAL CA 82 -84.26 -51.42 11.96
C VAL CA 82 -84.04 -51.03 13.41
N LEU CA 83 -84.05 -49.73 13.72
CA LEU CA 83 -83.92 -49.31 15.11
C LEU CA 83 -85.11 -49.78 15.94
N GLU CA 84 -86.31 -49.67 15.38
CA GLU CA 84 -87.50 -50.08 16.12
C GLU CA 84 -87.50 -51.59 16.35
N ILE CA 85 -87.02 -52.36 15.38
CA ILE CA 85 -86.93 -53.80 15.58
C ILE CA 85 -85.86 -54.13 16.60
N MET CA 86 -84.77 -53.36 16.62
CA MET CA 86 -83.75 -53.57 17.64
C MET CA 86 -84.23 -53.20 19.04
N ASN CA 87 -85.24 -52.33 19.14
CA ASN CA 87 -85.76 -51.93 20.45
C ASN CA 87 -87.13 -52.54 20.73
N ASP CA 88 -87.62 -53.44 19.87
CA ASP CA 88 -88.94 -54.05 20.07
C ASP CA 88 -88.78 -55.36 20.84
N PRO CA 89 -89.31 -55.47 22.05
CA PRO CA 89 -89.15 -56.72 22.81
C PRO CA 89 -90.05 -57.86 22.35
N ASN CA 90 -91.06 -57.58 21.53
CA ASN CA 90 -92.04 -58.59 21.14
C ASN CA 90 -91.64 -59.34 19.88
N GLU CA 91 -90.46 -59.07 19.34
CA GLU CA 91 -89.98 -59.75 18.15
C GLU CA 91 -89.05 -60.89 18.56
N LYS CA 92 -88.87 -61.84 17.64
CA LYS CA 92 -88.10 -63.03 17.92
C LYS CA 92 -86.67 -62.68 18.32
N GLY CA 93 -86.11 -63.47 19.25
CA GLY CA 93 -84.81 -63.13 19.80
C GLY CA 93 -83.71 -63.14 18.76
N GLY CA 94 -83.76 -64.09 17.83
CA GLY CA 94 -82.78 -64.11 16.76
C GLY CA 94 -82.86 -62.87 15.91
N ILE CA 95 -84.08 -62.38 15.67
CA ILE CA 95 -84.27 -61.18 14.86
C ILE CA 95 -83.69 -59.95 15.59
N ARG CA 96 -83.92 -59.87 16.90
CA ARG CA 96 -83.35 -58.78 17.69
C ARG CA 96 -81.83 -58.85 17.67
N LEU CA 97 -81.28 -60.06 17.76
CA LEU CA 97 -79.83 -60.24 17.68
C LEU CA 97 -79.28 -59.77 16.35
N LYS CA 98 -79.95 -60.13 15.25
CA LYS CA 98 -79.50 -59.70 13.93
C LYS CA 98 -79.62 -58.18 13.77
N ALA CA 99 -80.65 -57.58 14.35
CA ALA CA 99 -80.78 -56.13 14.31
C ALA CA 99 -79.61 -55.47 15.04
N ALA CA 100 -79.26 -56.00 16.22
CA ALA CA 100 -78.12 -55.46 16.96
C ALA CA 100 -76.84 -55.65 16.18
N GLN CA 101 -76.66 -56.81 15.56
CA GLN CA 101 -75.47 -57.08 14.76
C GLN CA 101 -75.33 -56.10 13.62
N ASP CA 102 -76.42 -55.86 12.88
CA ASP CA 102 -76.35 -54.95 11.74
C ASP CA 102 -76.07 -53.52 12.19
N ILE CA 103 -76.78 -53.05 13.22
CA ILE CA 103 -76.59 -51.66 13.62
C ILE CA 103 -75.20 -51.45 14.20
N LEU CA 104 -74.67 -52.46 14.91
CA LEU CA 104 -73.30 -52.36 15.41
C LEU CA 104 -72.29 -52.39 14.27
N ASP CA 105 -72.54 -53.20 13.23
CA ASP CA 105 -71.68 -53.18 12.06
C ASP CA 105 -71.70 -51.83 11.38
N ARG CA 106 -72.85 -51.15 11.41
CA ARG CA 106 -72.91 -49.78 10.90
C ARG CA 106 -72.18 -48.82 11.82
N ALA CA 107 -72.11 -49.13 13.11
CA ALA CA 107 -71.39 -48.26 14.03
C ALA CA 107 -69.91 -48.18 13.68
N GLY CA 108 -69.37 -49.22 13.04
CA GLY CA 108 -67.99 -49.18 12.61
C GLY CA 108 -67.11 -50.27 13.20
N PHE CA 109 -67.70 -51.43 13.51
CA PHE CA 109 -66.96 -52.54 14.08
C PHE CA 109 -67.08 -53.77 13.18
N GLY CA 110 -65.95 -54.20 12.63
CA GLY CA 110 -65.87 -55.23 11.62
C GLY CA 110 -65.18 -56.49 12.12
N ALA CA 111 -64.68 -57.32 11.20
CA ALA CA 111 -64.02 -58.56 11.60
C ALA CA 111 -62.56 -58.29 11.96
N LYS CA 112 -61.85 -59.35 12.34
CA LYS CA 112 -60.54 -59.20 12.98
C LYS CA 112 -59.48 -59.99 12.22
N GLN CA 113 -58.32 -60.17 12.86
CA GLN CA 113 -57.09 -60.53 12.17
C GLN CA 113 -57.13 -61.95 11.62
N LYS CA 114 -56.45 -62.12 10.48
CA LYS CA 114 -56.18 -63.40 9.84
C LYS CA 114 -54.85 -63.24 9.11
N ILE CA 115 -53.96 -64.21 9.26
CA ILE CA 115 -52.60 -64.08 8.75
C ILE CA 115 -52.45 -64.89 7.47
N GLU CA 116 -51.63 -64.38 6.56
CA GLU CA 116 -51.38 -65.01 5.27
C GLU CA 116 -49.89 -65.28 5.09
N LEU CA 117 -49.56 -66.51 4.70
CA LEU CA 117 -48.20 -66.88 4.36
C LEU CA 117 -48.21 -67.50 2.97
N THR CA 118 -47.32 -67.05 2.10
CA THR CA 118 -47.27 -67.54 0.73
C THR CA 118 -45.97 -68.30 0.49
N THR CA 119 -46.08 -69.40 -0.23
CA THR CA 119 -44.94 -70.25 -0.56
C THR CA 119 -44.97 -70.55 -2.05
N LYS CA 120 -43.79 -70.72 -2.64
CA LYS CA 120 -43.66 -70.77 -4.09
C LYS CA 120 -42.95 -72.04 -4.55
N LYS DA 18 -75.60 -24.16 8.49
CA LYS DA 18 -74.97 -25.45 8.76
C LYS DA 18 -75.62 -26.13 9.97
N GLU DA 19 -76.22 -25.33 10.84
CA GLU DA 19 -77.01 -25.87 11.95
C GLU DA 19 -78.43 -26.18 11.48
N LYS DA 20 -78.94 -25.36 10.57
CA LYS DA 20 -80.26 -25.59 9.99
C LYS DA 20 -80.25 -26.89 9.18
N LEU DA 21 -79.11 -27.23 8.57
CA LEU DA 21 -79.01 -28.51 7.88
C LEU DA 21 -79.15 -29.66 8.87
N ASP DA 22 -78.57 -29.50 10.07
CA ASP DA 22 -78.73 -30.53 11.10
C ASP DA 22 -80.17 -30.65 11.55
N LEU DA 23 -80.87 -29.51 11.71
CA LEU DA 23 -82.29 -29.57 12.05
C LEU DA 23 -83.10 -30.21 10.94
N TYR DA 24 -82.76 -29.93 9.68
CA TYR DA 24 -83.43 -30.57 8.55
C TYR DA 24 -83.20 -32.07 8.57
N CYS DA 25 -81.97 -32.50 8.87
CA CYS DA 25 -81.68 -33.92 8.95
C CYS DA 25 -82.51 -34.58 10.03
N GLU DA 26 -82.63 -33.94 11.20
CA GLU DA 26 -83.44 -34.53 12.27
C GLU DA 26 -84.92 -34.58 11.89
N ALA DA 27 -85.43 -33.53 11.25
CA ALA DA 27 -86.83 -33.52 10.83
C ALA DA 27 -87.11 -34.57 9.76
N LEU DA 28 -86.20 -34.73 8.80
CA LEU DA 28 -86.35 -35.76 7.78
C LEU DA 28 -86.27 -37.15 8.39
N CYS DA 29 -85.42 -37.32 9.41
CA CYS DA 29 -85.32 -38.62 10.09
C CYS DA 29 -86.56 -38.92 10.90
N ASP DA 30 -87.26 -37.88 11.38
CA ASP DA 30 -88.38 -38.12 12.29
C ASP DA 30 -89.72 -38.21 11.56
N GLY DA 31 -89.97 -37.37 10.56
CA GLY DA 31 -91.29 -37.45 9.94
C GLY DA 31 -91.30 -38.13 8.60
N PHE DA 32 -90.26 -38.93 8.32
CA PHE DA 32 -90.12 -39.83 7.17
C PHE DA 32 -90.79 -39.33 5.90
N ASN DA 33 -90.62 -38.05 5.57
CA ASN DA 33 -91.20 -37.52 4.34
C ASN DA 33 -90.46 -36.24 3.99
N LYS DA 34 -90.23 -36.01 2.69
CA LYS DA 34 -89.53 -34.79 2.29
C LYS DA 34 -90.39 -33.56 2.54
N THR DA 35 -91.69 -33.65 2.28
CA THR DA 35 -92.53 -32.46 2.41
C THR DA 35 -92.68 -32.02 3.86
N GLN DA 36 -92.84 -32.97 4.79
CA GLN DA 36 -92.99 -32.60 6.20
C GLN DA 36 -91.72 -31.94 6.73
N ALA DA 37 -90.56 -32.52 6.43
CA ALA DA 37 -89.30 -31.92 6.86
C ALA DA 37 -89.09 -30.56 6.20
N TYR DA 38 -89.43 -30.45 4.91
CA TYR DA 38 -89.21 -29.21 4.19
C TYR DA 38 -90.08 -28.09 4.72
N ILE DA 39 -91.36 -28.38 5.01
CA ILE DA 39 -92.24 -27.37 5.59
C ILE DA 39 -91.83 -27.07 7.04
N LYS DA 40 -91.28 -28.06 7.76
CA LYS DA 40 -90.81 -27.78 9.11
C LYS DA 40 -89.52 -26.98 9.12
N ALA DA 41 -88.79 -26.95 8.00
CA ALA DA 41 -87.60 -26.13 7.94
C ALA DA 41 -87.96 -24.65 7.93
N GLY DA 42 -89.04 -24.29 7.25
CA GLY DA 42 -89.49 -22.92 7.21
C GLY DA 42 -89.64 -22.45 5.77
N PHE DA 43 -89.85 -23.38 4.86
CA PHE DA 43 -89.76 -23.12 3.43
C PHE DA 43 -91.12 -23.22 2.75
N SER DA 44 -91.09 -23.00 1.44
CA SER DA 44 -92.31 -22.94 0.63
C SER DA 44 -92.90 -24.33 0.40
N ALA DA 45 -94.22 -24.42 0.55
CA ALA DA 45 -94.94 -25.68 0.35
C ALA DA 45 -94.92 -26.02 -1.14
N PRO DA 46 -95.07 -25.03 -2.01
CA PRO DA 46 -95.19 -25.33 -3.46
C PRO DA 46 -93.96 -26.02 -4.05
N HIS DA 47 -92.76 -25.50 -3.79
CA HIS DA 47 -91.53 -26.06 -4.35
C HIS DA 47 -91.14 -27.33 -3.58
N ALA DA 48 -91.94 -28.38 -3.76
CA ALA DA 48 -91.69 -29.62 -3.03
C ALA DA 48 -91.13 -30.76 -3.87
N GLN DA 49 -90.98 -30.59 -5.19
CA GLN DA 49 -90.40 -31.67 -5.99
C GLN DA 49 -89.04 -31.36 -6.56
N ARG DA 50 -88.73 -30.09 -6.84
CA ARG DA 50 -87.48 -29.69 -7.48
C ARG DA 50 -86.47 -29.11 -6.51
N ASN DA 51 -86.83 -28.01 -5.83
CA ASN DA 51 -85.88 -27.31 -4.98
C ASN DA 51 -85.38 -28.18 -3.83
N VAL DA 52 -86.15 -29.20 -3.43
CA VAL DA 52 -85.72 -30.00 -2.30
C VAL DA 52 -84.64 -30.98 -2.74
N ALA DA 53 -84.76 -31.53 -3.94
CA ALA DA 53 -83.68 -32.35 -4.49
C ALA DA 53 -82.40 -31.54 -4.66
N PRO DA 54 -82.43 -30.33 -5.23
CA PRO DA 54 -81.21 -29.53 -5.30
C PRO DA 54 -80.64 -29.19 -3.93
N TYR DA 55 -81.49 -28.91 -2.94
CA TYR DA 55 -80.97 -28.62 -1.60
C TYR DA 55 -80.32 -29.85 -0.99
N HIS DA 56 -80.89 -31.03 -1.25
CA HIS DA 56 -80.34 -32.28 -0.72
C HIS DA 56 -79.05 -32.69 -1.43
N ARG DA 57 -78.94 -32.40 -2.73
CA ARG DA 57 -77.80 -32.85 -3.52
C ARG DA 57 -76.52 -32.06 -3.21
N LYS DA 58 -76.65 -30.81 -2.78
CA LYS DA 58 -75.45 -30.02 -2.53
C LYS DA 58 -74.88 -30.24 -1.14
N ASN DA 59 -75.60 -30.91 -0.25
CA ASN DA 59 -75.15 -31.19 1.11
C ASN DA 59 -75.36 -32.66 1.45
N ALA DA 60 -75.21 -33.54 0.47
CA ALA DA 60 -75.46 -34.96 0.68
C ALA DA 60 -74.48 -35.58 1.67
N GLU DA 61 -73.20 -35.19 1.62
CA GLU DA 61 -72.21 -35.79 2.50
C GLU DA 61 -72.50 -35.49 3.98
N TYR DA 62 -72.88 -34.24 4.28
CA TYR DA 62 -73.18 -33.89 5.65
C TYR DA 62 -74.44 -34.59 6.14
N ILE DA 63 -75.42 -34.77 5.26
CA ILE DA 63 -76.62 -35.53 5.60
C ILE DA 63 -76.26 -36.99 5.89
N GLN DA 64 -75.36 -37.56 5.08
CA GLN DA 64 -74.93 -38.93 5.33
C GLN DA 64 -74.23 -39.06 6.67
N ALA DA 65 -73.39 -38.09 7.01
CA ALA DA 65 -72.74 -38.11 8.33
C ALA DA 65 -73.76 -38.01 9.45
N TYR DA 66 -74.76 -37.15 9.28
CA TYR DA 66 -75.78 -36.98 10.31
C TYR DA 66 -76.62 -38.25 10.49
N ILE DA 67 -77.02 -38.89 9.40
CA ILE DA 67 -77.78 -40.12 9.53
C ILE DA 67 -76.91 -41.22 10.13
N SER DA 68 -75.62 -41.24 9.79
CA SER DA 68 -74.74 -42.23 10.39
C SER DA 68 -74.65 -42.05 11.90
N GLU DA 69 -74.51 -40.81 12.37
CA GLU DA 69 -74.47 -40.60 13.81
C GLU DA 69 -75.81 -40.92 14.45
N ARG DA 70 -76.91 -40.62 13.75
CA ARG DA 70 -78.24 -40.89 14.28
C ARG DA 70 -78.45 -42.40 14.47
N ILE DA 71 -78.06 -43.20 13.48
CA ILE DA 71 -78.17 -44.65 13.62
C ILE DA 71 -77.18 -45.17 14.66
N GLY DA 72 -76.00 -44.56 14.74
CA GLY DA 72 -74.99 -44.94 15.72
C GLY DA 72 -75.37 -44.66 17.16
N SER DA 73 -76.28 -43.71 17.37
CA SER DA 73 -76.67 -43.37 18.74
C SER DA 73 -77.41 -44.51 19.44
N ASP DA 74 -77.87 -45.52 18.69
CA ASP DA 74 -78.49 -46.70 19.26
C ASP DA 74 -77.51 -47.85 19.50
N ALA DA 75 -76.22 -47.66 19.21
CA ALA DA 75 -75.25 -48.72 19.46
C ALA DA 75 -75.26 -49.20 20.91
N PRO DA 76 -75.31 -48.34 21.94
CA PRO DA 76 -75.47 -48.87 23.31
C PRO DA 76 -76.73 -49.69 23.47
N ALA DA 77 -77.80 -49.33 22.76
CA ALA DA 77 -79.02 -50.14 22.81
C ALA DA 77 -78.75 -51.54 22.25
N ALA DA 78 -77.99 -51.64 21.16
CA ALA DA 78 -77.66 -52.96 20.62
C ALA DA 78 -76.77 -53.75 21.58
N ARG DA 79 -75.84 -53.07 22.25
CA ARG DA 79 -75.05 -53.73 23.28
C ARG DA 79 -75.94 -54.25 24.41
N LYS DA 80 -76.92 -53.44 24.80
CA LYS DA 80 -77.88 -53.88 25.80
C LYS DA 80 -78.66 -55.08 25.29
N VAL DA 81 -79.00 -55.09 24.01
CA VAL DA 81 -79.77 -56.20 23.45
C VAL DA 81 -78.96 -57.50 23.52
N VAL DA 82 -77.68 -57.45 23.13
CA VAL DA 82 -76.88 -58.67 23.15
C VAL DA 82 -76.62 -59.12 24.60
N LEU DA 83 -76.40 -58.16 25.51
CA LEU DA 83 -76.21 -58.52 26.91
C LEU DA 83 -77.48 -59.14 27.50
N GLU DA 84 -78.65 -58.59 27.18
CA GLU DA 84 -79.90 -59.11 27.71
C GLU DA 84 -80.18 -60.49 27.14
N ILE DA 85 -79.82 -60.71 25.88
CA ILE DA 85 -79.98 -62.05 25.30
C ILE DA 85 -79.02 -63.02 25.98
N MET DA 86 -77.84 -62.53 26.38
CA MET DA 86 -76.90 -63.37 27.13
C MET DA 86 -77.42 -63.75 28.51
N ASN DA 87 -78.37 -63.00 29.05
CA ASN DA 87 -78.93 -63.28 30.37
C ASN DA 87 -80.32 -63.88 30.31
N ASP DA 88 -80.82 -64.22 29.11
CA ASP DA 88 -82.14 -64.83 28.97
C ASP DA 88 -82.00 -66.34 28.96
N PRO DA 89 -82.47 -67.05 29.98
CA PRO DA 89 -82.26 -68.51 30.02
C PRO DA 89 -83.23 -69.34 29.18
N ASN DA 90 -84.39 -68.80 28.80
CA ASN DA 90 -85.42 -69.58 28.13
C ASN DA 90 -85.32 -69.54 26.61
N GLU DA 91 -84.29 -68.93 26.05
CA GLU DA 91 -84.17 -68.86 24.60
C GLU DA 91 -83.33 -70.03 24.11
N LYS DA 92 -83.53 -70.39 22.86
CA LYS DA 92 -82.83 -71.53 22.28
C LYS DA 92 -81.32 -71.31 22.32
N GLY DA 93 -80.58 -72.41 22.53
CA GLY DA 93 -79.14 -72.30 22.74
C GLY DA 93 -78.41 -71.68 21.57
N GLY DA 94 -78.87 -71.96 20.35
CA GLY DA 94 -78.23 -71.40 19.17
C GLY DA 94 -78.26 -69.89 19.13
N ILE DA 95 -79.38 -69.29 19.57
CA ILE DA 95 -79.50 -67.84 19.54
C ILE DA 95 -78.51 -67.20 20.51
N ARG DA 96 -78.42 -67.76 21.72
CA ARG DA 96 -77.43 -67.27 22.68
C ARG DA 96 -76.02 -67.50 22.18
N LEU DA 97 -75.79 -68.62 21.50
CA LEU DA 97 -74.47 -68.90 20.93
C LEU DA 97 -74.07 -67.86 19.90
N LYS DA 98 -75.00 -67.50 19.02
CA LYS DA 98 -74.71 -66.48 18.02
C LYS DA 98 -74.49 -65.12 18.67
N ALA DA 99 -75.27 -64.80 19.71
CA ALA DA 99 -75.04 -63.54 20.43
C ALA DA 99 -73.67 -63.50 21.08
N ALA DA 100 -73.27 -64.60 21.72
CA ALA DA 100 -71.96 -64.67 22.34
C ALA DA 100 -70.85 -64.57 21.30
N GLN DA 101 -71.02 -65.25 20.16
CA GLN DA 101 -70.03 -65.16 19.08
C GLN DA 101 -69.90 -63.74 18.57
N ASP DA 102 -71.04 -63.04 18.39
CA ASP DA 102 -71.00 -61.67 17.91
C ASP DA 102 -70.28 -60.76 18.90
N ILE DA 103 -70.62 -60.88 20.19
CA ILE DA 103 -70.00 -60.01 21.18
C ILE DA 103 -68.52 -60.35 21.34
N LEU DA 104 -68.15 -61.63 21.19
CA LEU DA 104 -66.74 -62.03 21.25
C LEU DA 104 -65.97 -61.48 20.06
N ASP DA 105 -66.60 -61.49 18.87
CA ASP DA 105 -65.95 -60.88 17.70
C ASP DA 105 -65.77 -59.39 17.94
N ARG DA 106 -66.68 -58.76 18.67
CA ARG DA 106 -66.50 -57.37 19.04
C ARG DA 106 -65.39 -57.19 20.08
N ALA DA 107 -65.23 -58.18 20.97
CA ALA DA 107 -64.22 -58.10 22.01
C ALA DA 107 -62.80 -58.15 21.44
N GLY DA 108 -62.59 -58.83 20.33
CA GLY DA 108 -61.28 -58.89 19.73
C GLY DA 108 -60.72 -60.30 19.63
N PHE DA 109 -61.60 -61.28 19.53
CA PHE DA 109 -61.20 -62.69 19.41
C PHE DA 109 -61.72 -63.21 18.07
N GLY DA 110 -60.81 -63.47 17.13
CA GLY DA 110 -61.22 -63.83 15.78
C GLY DA 110 -60.78 -65.20 15.28
N ALA DA 111 -60.90 -65.40 13.97
CA ALA DA 111 -60.50 -66.63 13.30
C ALA DA 111 -59.02 -66.55 12.91
N LYS DA 112 -58.54 -67.59 12.24
CA LYS DA 112 -57.11 -67.75 12.01
C LYS DA 112 -56.76 -67.90 10.53
N GLN DA 113 -55.51 -68.34 10.28
CA GLN DA 113 -54.79 -68.18 9.03
C GLN DA 113 -55.34 -69.02 7.89
N LYS DA 114 -54.96 -68.61 6.67
CA LYS DA 114 -55.23 -69.30 5.42
C LYS DA 114 -54.00 -69.16 4.54
N ILE DA 115 -53.53 -70.27 3.99
CA ILE DA 115 -52.28 -70.32 3.23
C ILE DA 115 -52.59 -70.44 1.75
N GLU DA 116 -51.74 -69.81 0.93
CA GLU DA 116 -51.92 -69.83 -0.52
C GLU DA 116 -50.70 -70.40 -1.23
N LEU DA 117 -50.96 -71.34 -2.14
CA LEU DA 117 -49.97 -71.92 -3.04
C LEU DA 117 -50.50 -71.76 -4.46
N THR DA 118 -49.70 -71.21 -5.37
CA THR DA 118 -50.15 -70.99 -6.73
C THR DA 118 -49.36 -71.86 -7.71
N THR DA 119 -50.05 -72.41 -8.69
CA THR DA 119 -49.47 -73.32 -9.68
C THR DA 119 -49.90 -72.94 -11.10
N LYS DA 120 -49.78 -71.65 -11.43
CA LYS DA 120 -50.13 -71.18 -12.78
C LYS DA 120 -49.34 -71.90 -13.86
N LEU EA 15 -64.13 -36.71 41.16
CA LEU EA 15 -64.83 -35.53 40.66
C LEU EA 15 -63.98 -34.75 39.66
N THR EA 16 -64.43 -34.76 38.41
CA THR EA 16 -63.76 -34.12 37.27
C THR EA 16 -64.70 -34.24 36.07
N PRO EA 17 -64.40 -33.60 34.95
CA PRO EA 17 -65.24 -33.83 33.75
C PRO EA 17 -65.28 -35.29 33.33
N LYS EA 18 -64.25 -36.08 33.65
CA LYS EA 18 -64.24 -37.48 33.25
C LYS EA 18 -65.30 -38.30 33.98
N GLU EA 19 -65.72 -37.87 35.17
CA GLU EA 19 -66.78 -38.62 35.84
C GLU EA 19 -68.14 -38.28 35.25
N LYS EA 20 -68.34 -37.03 34.84
CA LYS EA 20 -69.59 -36.68 34.16
C LYS EA 20 -69.67 -37.38 32.81
N LEU EA 21 -68.54 -37.48 32.09
CA LEU EA 21 -68.55 -38.20 30.82
C LEU EA 21 -68.80 -39.69 31.02
N ASP EA 22 -68.20 -40.28 32.07
CA ASP EA 22 -68.46 -41.69 32.35
C ASP EA 22 -69.91 -41.93 32.74
N LEU EA 23 -70.49 -41.04 33.54
CA LEU EA 23 -71.90 -41.17 33.89
C LEU EA 23 -72.80 -41.02 32.68
N TYR EA 24 -72.46 -40.09 31.77
CA TYR EA 24 -73.24 -39.95 30.54
C TYR EA 24 -73.16 -41.21 29.69
N CYS EA 25 -71.96 -41.80 29.58
CA CYS EA 25 -71.80 -43.04 28.83
C CYS EA 25 -72.60 -44.16 29.48
N GLU EA 26 -72.58 -44.25 30.81
CA GLU EA 26 -73.33 -45.28 31.51
C GLU EA 26 -74.83 -45.10 31.31
N ALA EA 27 -75.31 -43.86 31.35
CA ALA EA 27 -76.73 -43.59 31.14
C ALA EA 27 -77.14 -43.94 29.72
N LEU EA 28 -76.31 -43.62 28.73
CA LEU EA 28 -76.63 -44.01 27.36
C LEU EA 28 -76.61 -45.52 27.19
N CYS EA 29 -75.68 -46.20 27.87
CA CYS EA 29 -75.62 -47.66 27.77
C CYS EA 29 -76.79 -48.33 28.48
N ASP EA 30 -77.30 -47.73 29.55
CA ASP EA 30 -78.31 -48.40 30.36
C ASP EA 30 -79.75 -48.03 30.00
N GLY EA 31 -80.05 -46.73 29.80
CA GLY EA 31 -81.42 -46.36 29.53
C GLY EA 31 -81.75 -45.94 28.11
N PHE EA 32 -80.89 -46.33 27.16
CA PHE EA 32 -81.12 -46.15 25.72
C PHE EA 32 -81.86 -44.86 25.35
N ASN EA 33 -81.45 -43.73 25.91
CA ASN EA 33 -82.09 -42.45 25.59
C ASN EA 33 -81.05 -41.36 25.72
N LYS EA 34 -80.96 -40.50 24.69
CA LYS EA 34 -79.95 -39.45 24.69
C LYS EA 34 -80.35 -38.28 25.59
N THR EA 35 -81.60 -37.84 25.52
CA THR EA 35 -82.03 -36.70 26.31
C THR EA 35 -82.07 -37.07 27.79
N GLN EA 36 -82.56 -38.27 28.10
CA GLN EA 36 -82.57 -38.75 29.48
C GLN EA 36 -81.16 -38.90 30.03
N ALA EA 37 -80.24 -39.39 29.19
CA ALA EA 37 -78.85 -39.51 29.63
C ALA EA 37 -78.25 -38.14 29.90
N TYR EA 38 -78.56 -37.15 29.06
CA TYR EA 38 -78.01 -35.82 29.29
C TYR EA 38 -78.60 -35.20 30.56
N ILE EA 39 -79.89 -35.41 30.80
CA ILE EA 39 -80.50 -34.89 32.01
C ILE EA 39 -79.91 -35.58 33.23
N LYS EA 40 -79.52 -36.85 33.09
CA LYS EA 40 -78.84 -37.53 34.17
C LYS EA 40 -77.39 -37.07 34.30
N ALA EA 41 -76.83 -36.44 33.26
CA ALA EA 41 -75.46 -35.93 33.36
C ALA EA 41 -75.38 -34.79 34.36
N GLY EA 42 -76.41 -33.95 34.43
CA GLY EA 42 -76.45 -32.89 35.41
C GLY EA 42 -76.74 -31.49 34.91
N PHE EA 43 -77.33 -31.35 33.74
CA PHE EA 43 -77.53 -30.03 33.16
C PHE EA 43 -79.02 -29.71 33.05
N SER EA 44 -79.31 -28.55 32.49
CA SER EA 44 -80.66 -28.02 32.40
C SER EA 44 -81.50 -28.76 31.38
N ALA EA 45 -82.73 -29.09 31.77
CA ALA EA 45 -83.70 -29.79 30.96
C ALA EA 45 -84.24 -28.91 29.84
N PRO EA 46 -84.42 -27.61 30.08
CA PRO EA 46 -85.13 -26.76 29.09
C PRO EA 46 -84.45 -26.66 27.73
N HIS EA 47 -83.19 -26.24 27.68
CA HIS EA 47 -82.50 -26.09 26.40
C HIS EA 47 -81.62 -27.31 26.13
N ALA EA 48 -82.32 -28.42 25.86
CA ALA EA 48 -81.71 -29.73 25.61
C ALA EA 48 -81.75 -30.11 24.13
N GLN EA 49 -82.15 -29.19 23.26
CA GLN EA 49 -82.31 -29.46 21.84
C GLN EA 49 -81.12 -29.03 20.98
N ARG EA 50 -80.31 -28.08 21.43
CA ARG EA 50 -79.28 -27.54 20.56
C ARG EA 50 -77.86 -28.04 20.75
N ASN EA 51 -77.27 -27.80 21.93
CA ASN EA 51 -75.85 -28.08 22.16
C ASN EA 51 -75.52 -29.52 22.54
N VAL EA 52 -76.50 -30.32 22.97
CA VAL EA 52 -76.15 -31.64 23.46
C VAL EA 52 -75.75 -32.56 22.31
N ALA EA 53 -76.40 -32.41 21.16
CA ALA EA 53 -75.98 -33.16 19.98
C ALA EA 53 -74.55 -32.82 19.57
N PRO EA 54 -74.15 -31.54 19.48
CA PRO EA 54 -72.75 -31.24 19.19
C PRO EA 54 -71.79 -31.78 20.24
N TYR EA 55 -72.17 -31.70 21.52
CA TYR EA 55 -71.29 -32.23 22.57
C TYR EA 55 -71.14 -33.74 22.42
N HIS EA 56 -72.20 -34.43 21.99
CA HIS EA 56 -72.12 -35.86 21.76
C HIS EA 56 -71.27 -36.18 20.55
N ARG EA 57 -71.33 -35.32 19.52
CA ARG EA 57 -70.56 -35.55 18.31
C ARG EA 57 -69.08 -35.27 18.52
N LYS EA 58 -68.74 -34.46 19.52
CA LYS EA 58 -67.34 -34.12 19.78
C LYS EA 58 -66.59 -35.20 20.54
N ASN EA 59 -67.25 -36.26 21.00
CA ASN EA 59 -66.62 -37.31 21.80
C ASN EA 59 -66.92 -38.70 21.24
N ALA EA 60 -66.94 -38.82 19.91
CA ALA EA 60 -67.27 -40.11 19.29
C ALA EA 60 -66.22 -41.17 19.62
N GLU EA 61 -64.94 -40.78 19.63
CA GLU EA 61 -63.88 -41.74 19.94
C GLU EA 61 -64.02 -42.26 21.36
N TYR EA 62 -64.32 -41.38 22.31
CA TYR EA 62 -64.49 -41.80 23.69
C TYR EA 62 -65.74 -42.68 23.86
N ILE EA 63 -66.80 -42.37 23.12
CA ILE EA 63 -67.99 -43.22 23.17
C ILE EA 63 -67.67 -44.62 22.66
N GLN EA 64 -66.94 -44.69 21.54
CA GLN EA 64 -66.53 -45.99 21.02
C GLN EA 64 -65.64 -46.73 22.01
N ALA EA 65 -64.74 -46.00 22.66
CA ALA EA 65 -63.87 -46.62 23.67
C ALA EA 65 -64.68 -47.17 24.83
N TYR EA 66 -65.69 -46.43 25.27
CA TYR EA 66 -66.52 -46.89 26.38
C TYR EA 66 -67.30 -48.15 26.00
N ILE EA 67 -67.86 -48.19 24.79
CA ILE EA 67 -68.58 -49.38 24.36
C ILE EA 67 -67.62 -50.57 24.21
N SER EA 68 -66.42 -50.33 23.68
CA SER EA 68 -65.44 -51.39 23.56
C SER EA 68 -65.01 -51.92 24.93
N GLU EA 69 -64.82 -51.03 25.90
CA GLU EA 69 -64.44 -51.46 27.23
C GLU EA 69 -65.55 -52.26 27.88
N ARG EA 70 -66.80 -51.86 27.67
CA ARG EA 70 -67.93 -52.62 28.20
C ARG EA 70 -68.03 -54.01 27.59
N ILE EA 71 -67.87 -54.10 26.26
CA ILE EA 71 -67.94 -55.42 25.62
C ILE EA 71 -66.76 -56.29 26.06
N GLY EA 72 -65.57 -55.70 26.25
CA GLY EA 72 -64.45 -56.49 26.72
C GLY EA 72 -64.63 -56.96 28.15
N SER EA 73 -65.30 -56.16 28.98
CA SER EA 73 -65.57 -56.59 30.35
C SER EA 73 -66.71 -57.60 30.42
N ASP EA 74 -67.58 -57.63 29.40
CA ASP EA 74 -68.63 -58.64 29.35
C ASP EA 74 -68.24 -59.88 28.55
N ALA EA 75 -67.06 -59.88 27.95
CA ALA EA 75 -66.58 -61.07 27.24
C ALA EA 75 -66.58 -62.34 28.08
N PRO EA 76 -66.19 -62.33 29.37
CA PRO EA 76 -66.30 -63.57 30.15
C PRO EA 76 -67.71 -64.12 30.21
N ALA EA 77 -68.72 -63.26 30.17
CA ALA EA 77 -70.10 -63.75 30.12
C ALA EA 77 -70.33 -64.56 28.84
N ALA EA 78 -69.83 -64.08 27.70
CA ALA EA 78 -69.98 -64.83 26.46
C ALA EA 78 -69.21 -66.14 26.52
N ARG EA 79 -68.02 -66.13 27.12
CA ARG EA 79 -67.27 -67.37 27.28
C ARG EA 79 -68.03 -68.36 28.15
N LYS EA 80 -68.61 -67.88 29.25
CA LYS EA 80 -69.38 -68.74 30.13
C LYS EA 80 -70.61 -69.31 29.42
N VAL EA 81 -71.32 -68.48 28.66
CA VAL EA 81 -72.53 -68.98 28.01
C VAL EA 81 -72.17 -70.03 26.95
N VAL EA 82 -71.12 -69.79 26.16
CA VAL EA 82 -70.77 -70.76 25.13
C VAL EA 82 -70.28 -72.06 25.78
N LEU EA 83 -69.53 -71.97 26.88
CA LEU EA 83 -69.10 -73.17 27.58
C LEU EA 83 -70.28 -73.93 28.16
N GLU EA 84 -71.25 -73.23 28.75
CA GLU EA 84 -72.38 -73.89 29.37
C GLU EA 84 -73.28 -74.55 28.34
N ILE EA 85 -73.50 -73.91 27.19
CA ILE EA 85 -74.32 -74.54 26.16
C ILE EA 85 -73.56 -75.71 25.52
N MET EA 86 -72.22 -75.60 25.40
CA MET EA 86 -71.44 -76.72 24.92
C MET EA 86 -71.44 -77.89 25.88
N ASN EA 87 -71.79 -77.65 27.15
CA ASN EA 87 -71.81 -78.67 28.18
C ASN EA 87 -73.24 -79.10 28.55
N ASP EA 88 -74.23 -78.73 27.75
CA ASP EA 88 -75.62 -79.05 28.06
C ASP EA 88 -75.93 -80.46 27.55
N PRO EA 89 -76.24 -81.40 28.44
CA PRO EA 89 -76.42 -82.79 27.99
C PRO EA 89 -77.72 -83.05 27.25
N ASN EA 90 -78.74 -82.22 27.44
CA ASN EA 90 -80.04 -82.45 26.82
C ASN EA 90 -80.32 -81.53 25.63
N GLU EA 91 -79.35 -80.73 25.21
CA GLU EA 91 -79.59 -79.79 24.12
C GLU EA 91 -79.18 -80.43 22.80
N LYS EA 92 -79.79 -79.96 21.71
CA LYS EA 92 -79.61 -80.59 20.41
C LYS EA 92 -78.15 -80.56 19.96
N GLY EA 93 -77.74 -81.65 19.31
CA GLY EA 93 -76.34 -81.85 18.98
C GLY EA 93 -75.76 -80.86 17.99
N GLY EA 94 -76.54 -80.44 17.00
CA GLY EA 94 -75.99 -79.56 15.97
C GLY EA 94 -75.50 -78.23 16.50
N ILE EA 95 -76.24 -77.65 17.44
CA ILE EA 95 -75.82 -76.37 18.03
C ILE EA 95 -74.56 -76.57 18.87
N ARG EA 96 -74.48 -77.68 19.61
CA ARG EA 96 -73.27 -77.97 20.37
C ARG EA 96 -72.07 -78.14 19.44
N LEU EA 97 -72.27 -78.79 18.29
CA LEU EA 97 -71.21 -78.94 17.31
C LEU EA 97 -70.76 -77.60 16.76
N LYS EA 98 -71.71 -76.72 16.47
CA LYS EA 98 -71.37 -75.40 15.96
C LYS EA 98 -70.60 -74.60 17.01
N ALA EA 99 -71.01 -74.71 18.28
CA ALA EA 99 -70.28 -74.05 19.36
C ALA EA 99 -68.86 -74.60 19.50
N ALA EA 100 -68.71 -75.93 19.41
CA ALA EA 100 -67.38 -76.53 19.49
C ALA EA 100 -66.50 -76.07 18.33
N GLN EA 101 -67.06 -76.01 17.12
CA GLN EA 101 -66.31 -75.51 15.98
C GLN EA 101 -65.86 -74.08 16.21
N ASP EA 102 -66.76 -73.23 16.72
CA ASP EA 102 -66.42 -71.83 16.93
C ASP EA 102 -65.30 -71.69 17.98
N ILE EA 103 -65.43 -72.42 19.09
CA ILE EA 103 -64.43 -72.29 20.15
C ILE EA 103 -63.08 -72.86 19.71
N LEU EA 104 -63.08 -73.95 18.93
CA LEU EA 104 -61.82 -74.49 18.45
C LEU EA 104 -61.17 -73.57 17.42
N ASP EA 105 -61.96 -72.96 16.54
CA ASP EA 105 -61.43 -71.98 15.61
C ASP EA 105 -60.87 -70.77 16.35
N ARG EA 106 -61.49 -70.42 17.48
CA ARG EA 106 -60.96 -69.34 18.31
C ARG EA 106 -59.68 -69.75 19.01
N ALA EA 107 -59.52 -71.05 19.31
CA ALA EA 107 -58.31 -71.50 19.99
C ALA EA 107 -57.06 -71.30 19.14
N GLY EA 108 -57.19 -71.35 17.82
CA GLY EA 108 -56.07 -71.08 16.95
C GLY EA 108 -55.68 -72.22 16.02
N PHE EA 109 -56.63 -73.09 15.69
CA PHE EA 109 -56.39 -74.18 14.74
C PHE EA 109 -57.38 -74.03 13.60
N GLY EA 110 -56.87 -73.70 12.41
CA GLY EA 110 -57.73 -73.36 11.29
C GLY EA 110 -57.61 -74.31 10.12
N ALA EA 111 -58.08 -73.87 8.94
CA ALA EA 111 -58.02 -74.68 7.75
C ALA EA 111 -56.68 -74.49 7.04
N LYS EA 112 -56.51 -75.14 5.90
CA LYS EA 112 -55.21 -75.24 5.23
C LYS EA 112 -55.34 -74.73 3.81
N GLN EA 113 -54.38 -75.09 2.97
CA GLN EA 113 -54.07 -74.37 1.74
C GLN EA 113 -55.24 -74.32 0.76
N LYS EA 114 -55.23 -73.26 -0.05
CA LYS EA 114 -56.18 -73.01 -1.13
C LYS EA 114 -55.40 -72.34 -2.25
N ILE EA 115 -55.61 -72.79 -3.49
CA ILE EA 115 -54.79 -72.39 -4.63
C ILE EA 115 -55.54 -71.39 -5.50
N GLU EA 116 -54.79 -70.41 -6.04
CA GLU EA 116 -55.28 -69.34 -6.91
C GLU EA 116 -54.50 -69.38 -8.22
N LEU EA 117 -55.18 -69.17 -9.33
CA LEU EA 117 -54.56 -69.16 -10.65
C LEU EA 117 -54.74 -67.79 -11.29
N THR EA 118 -53.64 -67.20 -11.74
CA THR EA 118 -53.63 -65.89 -12.38
C THR EA 118 -53.15 -66.04 -13.81
N THR EA 119 -53.79 -65.33 -14.73
CA THR EA 119 -53.46 -65.39 -16.15
C THR EA 119 -53.36 -63.98 -16.72
N LYS EA 120 -52.53 -63.84 -17.76
CA LYS EA 120 -52.40 -62.57 -18.46
C LYS EA 120 -53.45 -62.48 -19.58
N LEU FA 15 -45.67 -60.74 47.71
CA LEU FA 15 -45.18 -61.52 46.58
C LEU FA 15 -45.04 -60.66 45.33
N THR FA 16 -44.46 -61.23 44.28
CA THR FA 16 -44.30 -60.50 43.03
C THR FA 16 -45.66 -60.21 42.42
N PRO FA 17 -45.84 -59.02 41.82
CA PRO FA 17 -47.16 -58.66 41.26
C PRO FA 17 -47.54 -59.47 40.02
N LYS FA 18 -46.63 -60.25 39.45
CA LYS FA 18 -46.95 -61.03 38.25
C LYS FA 18 -48.05 -62.05 38.55
N GLU FA 19 -47.93 -62.76 39.67
CA GLU FA 19 -48.93 -63.75 40.03
C GLU FA 19 -50.18 -63.12 40.62
N LYS FA 20 -50.07 -61.98 41.30
CA LYS FA 20 -51.26 -61.30 41.79
C LYS FA 20 -52.10 -60.77 40.62
N LEU FA 21 -51.42 -60.25 39.57
CA LEU FA 21 -52.13 -59.83 38.37
C LEU FA 21 -52.73 -61.03 37.64
N ASP FA 22 -52.00 -62.16 37.63
CA ASP FA 22 -52.56 -63.37 37.05
C ASP FA 22 -53.80 -63.83 37.81
N LEU FA 23 -53.79 -63.70 39.14
CA LEU FA 23 -54.97 -64.02 39.94
C LEU FA 23 -56.12 -63.08 39.59
N TYR FA 24 -55.82 -61.80 39.37
CA TYR FA 24 -56.85 -60.85 38.94
C TYR FA 24 -57.46 -61.27 37.61
N CYS FA 25 -56.62 -61.68 36.67
CA CYS FA 25 -57.10 -62.13 35.38
C CYS FA 25 -57.94 -63.40 35.51
N GLU FA 26 -57.51 -64.35 36.33
CA GLU FA 26 -58.26 -65.59 36.50
C GLU FA 26 -59.62 -65.32 37.14
N ALA FA 27 -59.66 -64.44 38.15
CA ALA FA 27 -60.94 -64.10 38.78
C ALA FA 27 -61.86 -63.38 37.81
N LEU FA 28 -61.32 -62.49 36.98
CA LEU FA 28 -62.14 -61.83 35.97
C LEU FA 28 -62.66 -62.83 34.95
N CYS FA 29 -61.84 -63.83 34.59
CA CYS FA 29 -62.27 -64.83 33.64
C CYS FA 29 -63.38 -65.72 34.21
N ASP FA 30 -63.37 -65.96 35.54
CA ASP FA 30 -64.32 -66.91 36.09
C ASP FA 30 -65.59 -66.28 36.67
N GLY FA 31 -65.50 -65.17 37.42
CA GLY FA 31 -66.67 -64.63 38.06
C GLY FA 31 -67.29 -63.36 37.51
N PHE FA 32 -67.05 -63.07 36.23
CA PHE FA 32 -67.67 -61.98 35.47
C PHE FA 32 -67.85 -60.70 36.26
N ASN FA 33 -66.83 -60.28 37.00
CA ASN FA 33 -66.89 -59.02 37.71
C ASN FA 33 -65.46 -58.54 37.95
N LYS FA 34 -65.18 -57.29 37.57
CA LYS FA 34 -63.87 -56.73 37.81
C LYS FA 34 -63.70 -56.30 39.27
N THR FA 35 -64.76 -55.78 39.88
CA THR FA 35 -64.66 -55.26 41.23
C THR FA 35 -64.35 -56.37 42.24
N GLN FA 36 -64.98 -57.52 42.07
CA GLN FA 36 -64.71 -58.65 42.97
C GLN FA 36 -63.25 -59.09 42.86
N ALA FA 37 -62.74 -59.18 41.63
CA ALA FA 37 -61.34 -59.56 41.45
C ALA FA 37 -60.41 -58.52 42.04
N TYR FA 38 -60.72 -57.23 41.86
CA TYR FA 38 -59.84 -56.19 42.37
C TYR FA 38 -59.82 -56.18 43.90
N ILE FA 39 -60.99 -56.34 44.53
CA ILE FA 39 -61.01 -56.37 46.00
C ILE FA 39 -60.33 -57.63 46.51
N LYS FA 40 -60.37 -58.72 45.74
CA LYS FA 40 -59.63 -59.91 46.14
C LYS FA 40 -58.13 -59.78 45.89
N ALA FA 41 -57.71 -58.83 45.04
CA ALA FA 41 -56.29 -58.67 44.76
C ALA FA 41 -55.53 -58.17 45.99
N GLY FA 42 -56.10 -57.24 46.75
CA GLY FA 42 -55.45 -56.78 47.97
C GLY FA 42 -55.27 -55.29 48.18
N PHE FA 43 -56.03 -54.46 47.49
CA PHE FA 43 -55.91 -53.01 47.59
C PHE FA 43 -57.19 -52.42 48.18
N SER FA 44 -57.24 -51.09 48.27
CA SER FA 44 -58.34 -50.44 48.94
C SER FA 44 -59.62 -50.54 48.11
N ALA FA 45 -60.69 -51.00 48.76
CA ALA FA 45 -62.00 -51.17 48.13
C ALA FA 45 -62.75 -49.86 47.94
N PRO FA 46 -62.73 -48.96 48.93
CA PRO FA 46 -63.59 -47.77 48.86
C PRO FA 46 -63.30 -46.84 47.71
N HIS FA 47 -62.08 -46.29 47.66
CA HIS FA 47 -61.71 -45.39 46.57
C HIS FA 47 -60.91 -46.15 45.51
N ALA FA 48 -61.59 -47.10 44.89
CA ALA FA 48 -61.00 -47.96 43.86
C ALA FA 48 -61.55 -47.69 42.47
N GLN FA 49 -62.40 -46.67 42.32
CA GLN FA 49 -63.07 -46.42 41.04
C GLN FA 49 -62.19 -45.69 40.02
N ARG FA 50 -61.10 -45.06 40.45
CA ARG FA 50 -60.32 -44.22 39.55
C ARG FA 50 -59.11 -44.92 38.92
N ASN FA 51 -58.13 -45.32 39.75
CA ASN FA 51 -56.88 -45.93 39.29
C ASN FA 51 -57.06 -47.16 38.41
N VAL FA 52 -58.24 -47.75 38.41
CA VAL FA 52 -58.44 -49.00 37.67
C VAL FA 52 -58.42 -48.73 36.16
N ALA FA 53 -58.92 -47.58 35.72
CA ALA FA 53 -58.79 -47.27 34.30
C ALA FA 53 -57.33 -47.25 33.87
N PRO FA 54 -56.42 -46.56 34.56
CA PRO FA 54 -55.00 -46.63 34.19
C PRO FA 54 -54.41 -48.03 34.33
N TYR FA 55 -54.78 -48.77 35.38
CA TYR FA 55 -54.21 -50.10 35.57
C TYR FA 55 -54.63 -51.05 34.45
N HIS FA 56 -55.90 -51.00 34.05
CA HIS FA 56 -56.39 -51.85 32.98
C HIS FA 56 -55.84 -51.39 31.63
N ARG FA 57 -55.67 -50.08 31.46
CA ARG FA 57 -55.16 -49.59 30.20
C ARG FA 57 -53.70 -49.95 30.05
N LYS FA 58 -52.99 -50.09 31.17
CA LYS FA 58 -51.58 -50.47 31.13
C LYS FA 58 -51.37 -51.99 31.13
N ASN FA 59 -52.41 -52.79 31.43
CA ASN FA 59 -52.18 -54.24 31.41
C ASN FA 59 -53.23 -54.97 30.57
N ALA FA 60 -53.82 -54.26 29.60
CA ALA FA 60 -54.81 -54.85 28.72
C ALA FA 60 -54.19 -55.93 27.85
N GLU FA 61 -52.96 -55.72 27.39
CA GLU FA 61 -52.33 -56.69 26.50
C GLU FA 61 -52.17 -58.03 27.20
N TYR FA 62 -51.67 -58.02 28.44
CA TYR FA 62 -51.47 -59.27 29.15
C TYR FA 62 -52.80 -59.90 29.56
N ILE FA 63 -53.79 -59.08 29.93
CA ILE FA 63 -55.09 -59.66 30.27
C ILE FA 63 -55.71 -60.35 29.07
N GLN FA 64 -55.66 -59.70 27.91
CA GLN FA 64 -56.20 -60.30 26.69
C GLN FA 64 -55.43 -61.56 26.29
N ALA FA 65 -54.10 -61.53 26.42
CA ALA FA 65 -53.30 -62.70 26.07
C ALA FA 65 -53.63 -63.88 26.98
N TYR FA 66 -53.78 -63.64 28.28
CA TYR FA 66 -54.12 -64.72 29.19
C TYR FA 66 -55.51 -65.28 28.89
N ILE FA 67 -56.47 -64.41 28.59
CA ILE FA 67 -57.82 -64.90 28.27
C ILE FA 67 -57.78 -65.74 27.00
N SER FA 68 -57.02 -65.30 26.00
CA SER FA 68 -56.88 -66.07 24.76
C SER FA 68 -56.22 -67.42 25.02
N GLU FA 69 -55.18 -67.44 25.85
CA GLU FA 69 -54.50 -68.70 26.14
C GLU FA 69 -55.41 -69.66 26.88
N ARG FA 70 -56.21 -69.17 27.83
CA ARG FA 70 -57.15 -70.03 28.54
C ARG FA 70 -58.24 -70.55 27.61
N ILE FA 71 -58.74 -69.70 26.70
CA ILE FA 71 -59.75 -70.16 25.75
C ILE FA 71 -59.15 -71.24 24.85
N GLY FA 72 -57.89 -71.09 24.46
CA GLY FA 72 -57.25 -72.13 23.67
C GLY FA 72 -56.97 -73.38 24.47
N SER FA 73 -56.72 -73.24 25.77
CA SER FA 73 -56.51 -74.40 26.64
C SER FA 73 -57.81 -75.13 26.93
N ASP FA 74 -58.94 -74.50 26.64
CA ASP FA 74 -60.24 -75.14 26.76
C ASP FA 74 -60.55 -76.05 25.58
N ALA FA 75 -59.61 -76.19 24.65
CA ALA FA 75 -59.77 -77.05 23.48
C ALA FA 75 -60.15 -78.50 23.76
N PRO FA 76 -59.61 -79.20 24.77
CA PRO FA 76 -59.98 -80.61 24.96
C PRO FA 76 -61.47 -80.86 25.14
N ALA FA 77 -62.20 -79.96 25.79
CA ALA FA 77 -63.65 -80.15 25.89
C ALA FA 77 -64.31 -80.16 24.52
N ALA FA 78 -63.93 -79.22 23.65
CA ALA FA 78 -64.49 -79.19 22.31
C ALA FA 78 -64.04 -80.39 21.48
N ARG FA 79 -62.80 -80.84 21.67
CA ARG FA 79 -62.33 -82.04 20.98
C ARG FA 79 -63.14 -83.26 21.38
N LYS FA 80 -63.40 -83.41 22.68
CA LYS FA 80 -64.24 -84.51 23.14
C LYS FA 80 -65.65 -84.41 22.57
N VAL FA 81 -66.19 -83.19 22.53
CA VAL FA 81 -67.55 -82.99 22.02
C VAL FA 81 -67.63 -83.36 20.54
N VAL FA 82 -66.65 -82.92 19.75
CA VAL FA 82 -66.68 -83.20 18.33
C VAL FA 82 -66.48 -84.69 18.07
N LEU FA 83 -65.60 -85.34 18.84
CA LEU FA 83 -65.43 -86.78 18.67
C LEU FA 83 -66.70 -87.54 19.02
N GLU FA 84 -67.36 -87.15 20.11
CA GLU FA 84 -68.57 -87.86 20.53
C GLU FA 84 -69.71 -87.63 19.54
N ILE FA 85 -69.83 -86.41 19.02
CA ILE FA 85 -70.89 -86.16 18.04
C ILE FA 85 -70.59 -86.90 16.74
N MET FA 86 -69.31 -87.06 16.39
CA MET FA 86 -68.96 -87.92 15.26
C MET FA 86 -69.26 -89.38 15.56
N ASN FA 87 -69.35 -89.74 16.84
CA ASN FA 87 -69.59 -91.11 17.27
C ASN FA 87 -71.02 -91.33 17.77
N ASP FA 88 -71.92 -90.36 17.62
CA ASP FA 88 -73.29 -90.50 18.10
C ASP FA 88 -74.18 -91.08 17.00
N PRO FA 89 -74.76 -92.26 17.19
CA PRO FA 89 -75.60 -92.83 16.13
C PRO FA 89 -76.94 -92.13 15.98
N ASN FA 90 -77.34 -91.35 16.98
CA ASN FA 90 -78.63 -90.68 17.02
C ASN FA 90 -78.60 -89.27 16.42
N GLU FA 91 -77.48 -88.86 15.83
CA GLU FA 91 -77.36 -87.50 15.33
C GLU FA 91 -77.76 -87.39 13.86
N LYS FA 92 -78.18 -86.18 13.49
CA LYS FA 92 -78.63 -85.89 12.13
C LYS FA 92 -77.47 -86.07 11.15
N GLY FA 93 -77.80 -86.53 9.94
CA GLY FA 93 -76.75 -86.84 8.98
C GLY FA 93 -75.93 -85.62 8.59
N GLY FA 94 -76.61 -84.47 8.44
CA GLY FA 94 -75.89 -83.24 8.14
C GLY FA 94 -74.95 -82.83 9.25
N ILE FA 95 -75.38 -83.04 10.50
CA ILE FA 95 -74.54 -82.67 11.64
C ILE FA 95 -73.32 -83.57 11.70
N ARG FA 96 -73.50 -84.87 11.47
CA ARG FA 96 -72.38 -85.79 11.42
C ARG FA 96 -71.43 -85.44 10.28
N LEU FA 97 -72.00 -85.04 9.14
CA LEU FA 97 -71.21 -84.65 7.98
C LEU FA 97 -70.36 -83.43 8.29
N LYS FA 98 -70.94 -82.42 8.95
CA LYS FA 98 -70.18 -81.23 9.32
C LYS FA 98 -69.13 -81.54 10.39
N ALA FA 99 -69.43 -82.46 11.32
CA ALA FA 99 -68.40 -82.87 12.27
C ALA FA 99 -67.22 -83.49 11.55
N ALA FA 100 -67.50 -84.35 10.58
CA ALA FA 100 -66.43 -84.92 9.76
C ALA FA 100 -65.69 -83.83 9.00
N GLN FA 101 -66.43 -82.83 8.49
CA GLN FA 101 -65.81 -81.72 7.79
C GLN FA 101 -64.80 -81.02 8.68
N ASP FA 102 -65.20 -80.73 9.92
CA ASP FA 102 -64.33 -79.99 10.84
C ASP FA 102 -63.11 -80.81 11.19
N ILE FA 103 -63.29 -82.08 11.54
CA ILE FA 103 -62.14 -82.86 12.00
C ILE FA 103 -61.17 -83.13 10.85
N LEU FA 104 -61.68 -83.40 9.65
CA LEU FA 104 -60.78 -83.62 8.53
C LEU FA 104 -60.09 -82.33 8.09
N ASP FA 105 -60.79 -81.19 8.16
CA ASP FA 105 -60.13 -79.91 7.91
C ASP FA 105 -59.04 -79.66 8.93
N ARG FA 106 -59.24 -80.13 10.17
CA ARG FA 106 -58.19 -80.05 11.16
C ARG FA 106 -57.02 -80.97 10.81
N ALA FA 107 -57.31 -82.08 10.14
CA ALA FA 107 -56.26 -83.02 9.76
C ALA FA 107 -55.25 -82.39 8.80
N GLY FA 108 -55.67 -81.42 7.99
CA GLY FA 108 -54.73 -80.77 7.09
C GLY FA 108 -55.10 -80.86 5.63
N PHE FA 109 -56.39 -80.94 5.33
CA PHE FA 109 -56.92 -80.99 3.97
C PHE FA 109 -57.80 -79.77 3.75
N GLY FA 110 -57.39 -78.91 2.81
CA GLY FA 110 -58.00 -77.60 2.65
C GLY FA 110 -58.78 -77.45 1.36
N ALA FA 111 -59.03 -76.19 1.00
CA ALA FA 111 -59.86 -75.88 -0.16
C ALA FA 111 -59.06 -75.91 -1.46
N LYS FA 112 -59.75 -75.61 -2.55
CA LYS FA 112 -59.23 -75.84 -3.90
C LYS FA 112 -59.28 -74.58 -4.76
N GLN FA 113 -59.13 -74.79 -6.06
CA GLN FA 113 -58.76 -73.77 -7.02
C GLN FA 113 -59.87 -72.73 -7.22
N LYS FA 114 -59.44 -71.52 -7.56
CA LYS FA 114 -60.28 -70.44 -8.05
C LYS FA 114 -59.36 -69.65 -8.98
N ILE FA 115 -59.80 -69.42 -10.21
CA ILE FA 115 -58.93 -68.83 -11.22
C ILE FA 115 -59.34 -67.39 -11.46
N GLU FA 116 -58.33 -66.55 -11.73
CA GLU FA 116 -58.51 -65.11 -11.89
C GLU FA 116 -58.06 -64.65 -13.27
N LEU FA 117 -58.90 -63.81 -13.90
CA LEU FA 117 -58.60 -63.18 -15.18
C LEU FA 117 -58.69 -61.67 -15.01
N THR FA 118 -57.66 -60.96 -15.44
CA THR FA 118 -57.59 -59.51 -15.30
C THR FA 118 -57.61 -58.83 -16.66
N THR FA 119 -58.31 -57.70 -16.73
CA THR FA 119 -58.44 -56.93 -17.96
C THR FA 119 -58.10 -55.47 -17.66
N LYS FA 120 -57.19 -54.90 -18.44
CA LYS FA 120 -56.68 -53.56 -18.17
C LYS FA 120 -57.73 -52.49 -18.48
N PRO GA 17 -36.50 -84.64 28.13
CA PRO GA 17 -37.36 -85.82 27.97
C PRO GA 17 -38.52 -85.59 27.01
N LYS GA 18 -39.12 -86.69 26.55
CA LYS GA 18 -40.18 -86.64 25.55
C LYS GA 18 -41.39 -87.51 25.86
N GLU GA 19 -41.25 -88.52 26.73
CA GLU GA 19 -42.35 -89.43 27.03
C GLU GA 19 -43.32 -88.88 28.10
N LYS GA 20 -42.80 -88.18 29.11
CA LYS GA 20 -43.69 -87.63 30.13
C LYS GA 20 -44.59 -86.56 29.52
N LEU GA 21 -44.07 -85.74 28.62
CA LEU GA 21 -44.92 -84.74 27.97
C LEU GA 21 -45.97 -85.41 27.10
N ASP GA 22 -45.62 -86.51 26.44
CA ASP GA 22 -46.62 -87.20 25.62
C ASP GA 22 -47.76 -87.75 26.46
N LEU GA 23 -47.42 -88.38 27.60
CA LEU GA 23 -48.47 -88.87 28.48
C LEU GA 23 -49.29 -87.73 29.08
N TYR GA 24 -48.62 -86.63 29.46
CA TYR GA 24 -49.34 -85.48 30.00
C TYR GA 24 -50.28 -84.86 28.98
N CYS GA 25 -49.83 -84.71 27.73
CA CYS GA 25 -50.70 -84.17 26.68
C CYS GA 25 -51.90 -85.07 26.44
N GLU GA 26 -51.68 -86.39 26.38
CA GLU GA 26 -52.81 -87.29 26.17
C GLU GA 26 -53.78 -87.23 27.33
N ALA GA 27 -53.27 -87.17 28.56
CA ALA GA 27 -54.15 -87.07 29.73
C ALA GA 27 -54.92 -85.75 29.73
N LEU GA 28 -54.26 -84.65 29.37
CA LEU GA 28 -54.96 -83.37 29.30
C LEU GA 28 -56.04 -83.37 28.23
N CYS GA 29 -55.77 -84.01 27.08
CA CYS GA 29 -56.76 -84.07 26.02
C CYS GA 29 -57.92 -85.00 26.34
N ASP GA 30 -57.66 -86.10 27.07
CA ASP GA 30 -58.69 -87.12 27.26
C ASP GA 30 -59.43 -87.03 28.58
N GLY GA 31 -58.75 -86.78 29.69
CA GLY GA 31 -59.44 -86.78 30.96
C GLY GA 31 -59.71 -85.39 31.51
N PHE GA 32 -59.70 -84.40 30.60
CA PHE GA 32 -60.10 -83.02 30.83
C PHE GA 32 -59.78 -82.44 32.21
N ASN GA 33 -58.57 -82.65 32.73
CA ASN GA 33 -58.19 -82.01 33.98
C ASN GA 33 -56.68 -81.85 34.00
N LYS GA 34 -56.21 -80.62 34.24
CA LYS GA 34 -54.78 -80.38 34.29
C LYS GA 34 -54.18 -80.81 35.63
N THR GA 35 -54.88 -80.52 36.73
CA THR GA 35 -54.35 -80.85 38.04
C THR GA 35 -54.32 -82.36 38.25
N GLN GA 36 -55.39 -83.05 37.83
CA GLN GA 36 -55.42 -84.50 37.96
C GLN GA 36 -54.34 -85.16 37.12
N ALA GA 37 -54.16 -84.70 35.88
CA ALA GA 37 -53.12 -85.27 35.03
C ALA GA 37 -51.74 -85.03 35.60
N TYR GA 38 -51.49 -83.82 36.11
CA TYR GA 38 -50.17 -83.52 36.65
C TYR GA 38 -49.89 -84.32 37.91
N ILE GA 39 -50.90 -84.47 38.78
CA ILE GA 39 -50.71 -85.27 39.99
C ILE GA 39 -50.57 -86.75 39.67
N LYS GA 40 -51.23 -87.22 38.61
CA LYS GA 40 -51.09 -88.61 38.20
C LYS GA 40 -49.78 -88.87 37.45
N ALA GA 41 -49.12 -87.81 36.98
CA ALA GA 41 -47.86 -87.99 36.27
C ALA GA 41 -46.74 -88.51 37.18
N GLY GA 42 -46.73 -88.13 38.45
CA GLY GA 42 -45.69 -88.60 39.34
C GLY GA 42 -45.03 -87.49 40.12
N PHE GA 43 -45.77 -86.40 40.32
CA PHE GA 43 -45.28 -85.16 40.90
C PHE GA 43 -45.89 -84.99 42.30
N SER GA 44 -45.61 -83.84 42.91
CA SER GA 44 -46.04 -83.60 44.29
C SER GA 44 -47.55 -83.46 44.34
N ALA GA 45 -48.18 -84.17 45.29
CA ALA GA 45 -49.63 -84.14 45.35
C ALA GA 45 -50.17 -82.82 45.87
N PRO GA 46 -49.71 -82.30 47.01
CA PRO GA 46 -50.32 -81.07 47.55
C PRO GA 46 -50.07 -79.82 46.73
N HIS GA 47 -48.80 -79.51 46.49
CA HIS GA 47 -48.39 -78.28 45.82
C HIS GA 47 -48.13 -78.51 44.32
N ALA GA 48 -49.23 -78.72 43.61
CA ALA GA 48 -49.23 -78.93 42.17
C ALA GA 48 -49.74 -77.70 41.41
N GLN GA 49 -49.97 -76.59 42.11
CA GLN GA 49 -50.57 -75.41 41.51
C GLN GA 49 -49.58 -74.31 41.12
N ARG GA 50 -48.40 -74.24 41.74
CA ARG GA 50 -47.47 -73.16 41.46
C ARG GA 50 -46.36 -73.55 40.50
N ASN GA 51 -46.38 -74.78 39.98
CA ASN GA 51 -45.34 -75.24 39.08
C ASN GA 51 -45.88 -75.68 37.72
N VAL GA 52 -47.18 -75.97 37.62
CA VAL GA 52 -47.72 -76.51 36.37
C VAL GA 52 -47.92 -75.40 35.34
N ALA GA 53 -48.30 -74.20 35.77
CA ALA GA 53 -48.45 -73.10 34.82
C ALA GA 53 -47.15 -72.74 34.11
N PRO GA 54 -46.02 -72.58 34.81
CA PRO GA 54 -44.77 -72.29 34.08
C PRO GA 54 -44.35 -73.39 33.13
N TYR GA 55 -44.49 -74.66 33.53
CA TYR GA 55 -44.10 -75.75 32.65
C TYR GA 55 -45.02 -75.85 31.43
N HIS GA 56 -46.33 -75.63 31.62
CA HIS GA 56 -47.25 -75.76 30.51
C HIS GA 56 -47.13 -74.60 29.53
N ARG GA 57 -46.91 -73.38 30.03
CA ARG GA 57 -46.80 -72.24 29.12
C ARG GA 57 -45.46 -72.23 28.39
N LYS GA 58 -44.45 -72.91 28.94
CA LYS GA 58 -43.11 -72.94 28.38
C LYS GA 58 -42.96 -73.99 27.28
N ASN GA 59 -43.96 -74.85 27.07
CA ASN GA 59 -43.94 -75.91 26.08
C ASN GA 59 -45.21 -75.89 25.23
N ALA GA 60 -45.68 -74.69 24.90
CA ALA GA 60 -46.94 -74.57 24.16
C ALA GA 60 -46.86 -75.18 22.76
N GLU GA 61 -45.73 -75.03 22.07
CA GLU GA 61 -45.63 -75.54 20.71
C GLU GA 61 -45.76 -77.07 20.66
N TYR GA 62 -45.08 -77.78 21.55
CA TYR GA 62 -45.16 -79.24 21.51
C TYR GA 62 -46.54 -79.74 21.92
N ILE GA 63 -47.16 -79.08 22.90
CA ILE GA 63 -48.52 -79.45 23.30
C ILE GA 63 -49.50 -79.21 22.16
N GLN GA 64 -49.35 -78.08 21.46
CA GLN GA 64 -50.19 -77.80 20.30
C GLN GA 64 -49.99 -78.84 19.20
N ALA GA 65 -48.74 -79.24 18.95
CA ALA GA 65 -48.49 -80.26 17.95
C ALA GA 65 -49.14 -81.59 18.35
N TYR GA 66 -49.05 -81.94 19.63
CA TYR GA 66 -49.66 -83.18 20.11
C TYR GA 66 -51.19 -83.14 19.98
N ILE GA 67 -51.81 -82.01 20.33
CA ILE GA 67 -53.26 -81.92 20.19
C ILE GA 67 -53.67 -81.97 18.72
N SER GA 68 -52.88 -81.35 17.84
CA SER GA 68 -53.17 -81.42 16.42
C SER GA 68 -53.08 -82.86 15.91
N GLU GA 69 -52.07 -83.60 16.37
CA GLU GA 69 -51.96 -85.00 15.97
C GLU GA 69 -53.11 -85.83 16.53
N ARG GA 70 -53.52 -85.53 17.76
CA ARG GA 70 -54.64 -86.25 18.36
C ARG GA 70 -55.93 -86.02 17.59
N ILE GA 71 -56.22 -84.78 17.21
CA ILE GA 71 -57.41 -84.50 16.42
C ILE GA 71 -57.30 -85.10 15.02
N GLY GA 72 -56.09 -85.08 14.43
CA GLY GA 72 -55.89 -85.65 13.11
C GLY GA 72 -56.00 -87.16 13.07
N SER GA 73 -55.75 -87.83 14.20
CA SER GA 73 -55.84 -89.28 14.23
C SER GA 73 -57.26 -89.79 14.06
N ASP GA 74 -58.25 -88.91 14.15
CA ASP GA 74 -59.64 -89.25 13.92
C ASP GA 74 -60.05 -89.09 12.46
N ALA GA 75 -59.12 -88.72 11.57
CA ALA GA 75 -59.43 -88.62 10.15
C ALA GA 75 -60.04 -89.90 9.57
N PRO GA 76 -59.54 -91.11 9.87
CA PRO GA 76 -60.25 -92.31 9.39
C PRO GA 76 -61.68 -92.37 9.89
N ALA GA 77 -61.93 -91.85 11.10
CA ALA GA 77 -63.31 -91.78 11.57
C ALA GA 77 -64.16 -90.90 10.66
N ALA GA 78 -63.61 -89.77 10.20
CA ALA GA 78 -64.36 -88.93 9.27
C ALA GA 78 -64.57 -89.64 7.94
N ARG GA 79 -63.58 -90.40 7.48
CA ARG GA 79 -63.77 -91.20 6.26
C ARG GA 79 -64.88 -92.22 6.44
N LYS GA 80 -64.90 -92.89 7.59
CA LYS GA 80 -65.98 -93.84 7.88
C LYS GA 80 -67.33 -93.15 7.95
N VAL GA 81 -67.37 -91.96 8.54
CA VAL GA 81 -68.63 -91.23 8.68
C VAL GA 81 -69.18 -90.84 7.31
N VAL GA 82 -68.31 -90.33 6.43
CA VAL GA 82 -68.78 -89.94 5.11
C VAL GA 82 -69.19 -91.17 4.31
N LEU GA 83 -68.48 -92.29 4.48
CA LEU GA 83 -68.88 -93.52 3.80
C LEU GA 83 -70.23 -94.00 4.28
N GLU GA 84 -70.49 -93.92 5.59
CA GLU GA 84 -71.76 -94.35 6.14
C GLU GA 84 -72.89 -93.44 5.69
N ILE GA 85 -72.63 -92.13 5.59
CA ILE GA 85 -73.66 -91.21 5.12
C ILE GA 85 -73.96 -91.45 3.65
N MET GA 86 -72.94 -91.76 2.86
CA MET GA 86 -73.13 -92.10 1.46
C MET GA 86 -73.76 -93.48 1.27
N ASN GA 87 -73.68 -94.36 2.27
CA ASN GA 87 -74.12 -95.74 2.12
C ASN GA 87 -75.46 -96.05 2.79
N ASP GA 88 -76.16 -95.05 3.32
CA ASP GA 88 -77.46 -95.30 3.93
C ASP GA 88 -78.52 -95.07 2.86
N PRO GA 89 -79.25 -96.11 2.41
CA PRO GA 89 -80.21 -95.90 1.32
C PRO GA 89 -81.51 -95.22 1.74
N ASN GA 90 -81.87 -95.25 3.03
CA ASN GA 90 -83.14 -94.71 3.49
C ASN GA 90 -83.03 -93.28 4.02
N GLU GA 91 -81.88 -92.65 3.91
CA GLU GA 91 -81.70 -91.31 4.47
C GLU GA 91 -81.95 -90.27 3.38
N LYS GA 92 -82.27 -89.04 3.81
CA LYS GA 92 -82.64 -87.99 2.89
C LYS GA 92 -81.52 -87.69 1.89
N GLY GA 93 -81.94 -87.39 0.66
CA GLY GA 93 -80.99 -87.25 -0.44
C GLY GA 93 -80.02 -86.09 -0.29
N GLY GA 94 -80.47 -84.98 0.29
CA GLY GA 94 -79.61 -83.81 0.40
C GLY GA 94 -78.35 -84.05 1.19
N ILE GA 95 -78.44 -84.83 2.27
CA ILE GA 95 -77.26 -85.09 3.08
C ILE GA 95 -76.25 -85.93 2.30
N ARG GA 96 -76.74 -86.93 1.57
CA ARG GA 96 -75.86 -87.73 0.72
C ARG GA 96 -75.21 -86.86 -0.35
N LEU GA 97 -75.98 -85.93 -0.92
CA LEU GA 97 -75.44 -85.03 -1.93
C LEU GA 97 -74.32 -84.15 -1.36
N LYS GA 98 -74.53 -83.62 -0.16
CA LYS GA 98 -73.51 -82.79 0.48
C LYS GA 98 -72.26 -83.61 0.83
N ALA GA 99 -72.46 -84.86 1.26
CA ALA GA 99 -71.31 -85.73 1.53
C ALA GA 99 -70.52 -85.99 0.26
N ALA GA 100 -71.22 -86.25 -0.85
CA ALA GA 100 -70.55 -86.44 -2.13
C ALA GA 100 -69.80 -85.19 -2.55
N GLN GA 101 -70.41 -84.02 -2.35
CA GLN GA 101 -69.75 -82.76 -2.66
C GLN GA 101 -68.45 -82.63 -1.89
N ASP GA 102 -68.48 -82.90 -0.59
CA ASP GA 102 -67.29 -82.77 0.24
C ASP GA 102 -66.21 -83.75 -0.18
N ILE GA 103 -66.59 -85.01 -0.44
CA ILE GA 103 -65.60 -86.01 -0.78
C ILE GA 103 -64.97 -85.71 -2.14
N LEU GA 104 -65.77 -85.22 -3.10
CA LEU GA 104 -65.18 -84.81 -4.37
C LEU GA 104 -64.29 -83.59 -4.20
N ASP GA 105 -64.66 -82.66 -3.31
CA ASP GA 105 -63.80 -81.52 -3.04
C ASP GA 105 -62.46 -81.97 -2.49
N ARG GA 106 -62.45 -83.02 -1.68
CA ARG GA 106 -61.15 -83.54 -1.27
C ARG GA 106 -60.46 -84.29 -2.39
N ALA GA 107 -61.23 -84.91 -3.30
CA ALA GA 107 -60.63 -85.66 -4.39
C ALA GA 107 -59.83 -84.77 -5.33
N GLY GA 108 -60.23 -83.51 -5.51
CA GLY GA 108 -59.44 -82.62 -6.33
C GLY GA 108 -60.12 -82.04 -7.56
N PHE GA 109 -61.44 -81.89 -7.54
CA PHE GA 109 -62.20 -81.34 -8.66
C PHE GA 109 -62.88 -80.08 -8.15
N GLY GA 110 -62.43 -78.91 -8.62
CA GLY GA 110 -62.88 -77.68 -8.01
C GLY GA 110 -63.71 -76.72 -8.84
N ALA GA 111 -63.84 -75.48 -8.37
CA ALA GA 111 -64.61 -74.45 -9.06
C ALA GA 111 -63.74 -73.75 -10.10
N LYS GA 112 -64.34 -72.79 -10.80
CA LYS GA 112 -63.69 -72.21 -11.98
C LYS GA 112 -63.61 -70.69 -11.87
N GLN GA 113 -63.35 -70.06 -13.01
CA GLN GA 113 -62.82 -68.71 -13.09
C GLN GA 113 -63.83 -67.64 -12.68
N LYS GA 114 -63.28 -66.52 -12.22
CA LYS GA 114 -64.00 -65.30 -11.89
C LYS GA 114 -63.07 -64.15 -12.27
N ILE GA 115 -63.60 -63.15 -12.96
CA ILE GA 115 -62.77 -62.10 -13.53
C ILE GA 115 -62.85 -60.87 -12.65
N GLU GA 116 -61.74 -60.16 -12.54
CA GLU GA 116 -61.64 -58.97 -11.71
C GLU GA 116 -61.23 -57.79 -12.58
N LEU GA 117 -61.93 -56.67 -12.40
CA LEU GA 117 -61.65 -55.42 -13.08
C LEU GA 117 -61.40 -54.35 -12.03
N THR GA 118 -60.31 -53.62 -12.17
CA THR GA 118 -59.98 -52.58 -11.22
C THR GA 118 -60.10 -51.23 -11.92
N THR GA 119 -60.68 -50.26 -11.22
CA THR GA 119 -60.93 -48.95 -11.78
C THR GA 119 -60.49 -47.86 -10.82
N LYS GA 120 -60.20 -46.69 -11.38
CA LYS GA 120 -59.99 -45.44 -10.64
C LYS GA 120 -59.74 -44.31 -11.62
N LEU HA 15 -41.99 -109.78 4.12
CA LEU HA 15 -42.34 -108.76 3.13
C LEU HA 15 -41.75 -107.40 3.51
N THR HA 16 -41.70 -106.50 2.54
CA THR HA 16 -41.08 -105.20 2.72
C THR HA 16 -41.83 -104.39 3.77
N PRO HA 17 -41.14 -103.53 4.52
CA PRO HA 17 -41.83 -102.75 5.56
C PRO HA 17 -42.91 -101.84 5.02
N LYS HA 18 -42.82 -101.41 3.76
CA LYS HA 18 -43.88 -100.58 3.20
C LYS HA 18 -45.19 -101.36 3.08
N GLU HA 19 -45.13 -102.69 3.00
CA GLU HA 19 -46.38 -103.44 2.92
C GLU HA 19 -47.03 -103.53 4.29
N LYS HA 20 -46.23 -103.70 5.35
CA LYS HA 20 -46.83 -103.66 6.68
C LYS HA 20 -47.35 -102.28 7.00
N LEU HA 21 -46.64 -101.23 6.57
CA LEU HA 21 -47.10 -99.88 6.87
C LEU HA 21 -48.37 -99.51 6.10
N ASP HA 22 -48.48 -99.88 4.82
CA ASP HA 22 -49.72 -99.59 4.11
C ASP HA 22 -50.88 -100.43 4.65
N LEU HA 23 -50.63 -101.68 5.02
CA LEU HA 23 -51.68 -102.47 5.68
C LEU HA 23 -52.07 -101.86 7.01
N TYR HA 24 -51.10 -101.29 7.74
CA TYR HA 24 -51.39 -100.58 8.98
C TYR HA 24 -52.27 -99.37 8.71
N CYS HA 25 -51.98 -98.65 7.62
CA CYS HA 25 -52.82 -97.53 7.22
C CYS HA 25 -54.24 -98.00 6.91
N GLU HA 26 -54.36 -99.12 6.22
CA GLU HA 26 -55.66 -99.69 5.91
C GLU HA 26 -56.40 -100.10 7.17
N ALA HA 27 -55.68 -100.67 8.14
CA ALA HA 27 -56.28 -101.04 9.41
C ALA HA 27 -56.75 -99.81 10.17
N LEU HA 28 -55.97 -98.73 10.14
CA LEU HA 28 -56.41 -97.49 10.78
C LEU HA 28 -57.65 -96.94 10.10
N CYS HA 29 -57.72 -97.07 8.77
CA CYS HA 29 -58.89 -96.59 8.03
C CYS HA 29 -60.13 -97.44 8.30
N ASP HA 30 -59.95 -98.74 8.55
CA ASP HA 30 -61.07 -99.67 8.65
C ASP HA 30 -61.55 -99.90 10.09
N GLY HA 31 -60.64 -100.01 11.05
CA GLY HA 31 -61.02 -100.30 12.42
C GLY HA 31 -60.97 -99.08 13.30
N PHE HA 32 -60.18 -98.08 12.88
CA PHE HA 32 -60.10 -96.78 13.53
C PHE HA 32 -59.76 -96.89 15.02
N ASN HA 33 -58.75 -97.70 15.32
CA ASN HA 33 -58.26 -97.86 16.69
C ASN HA 33 -56.79 -98.19 16.60
N LYS HA 34 -55.97 -97.55 17.44
CA LYS HA 34 -54.53 -97.76 17.36
C LYS HA 34 -54.13 -99.14 17.88
N THR HA 35 -54.74 -99.58 18.98
CA THR HA 35 -54.37 -100.87 19.55
C THR HA 35 -54.81 -102.01 18.65
N GLN HA 36 -56.05 -101.94 18.13
CA GLN HA 36 -56.53 -102.98 17.23
C GLN HA 36 -55.73 -103.01 15.94
N ALA HA 37 -55.42 -101.84 15.38
CA ALA HA 37 -54.61 -101.79 14.17
C ALA HA 37 -53.22 -102.36 14.41
N TYR HA 38 -52.62 -102.06 15.57
CA TYR HA 38 -51.28 -102.57 15.84
C TYR HA 38 -51.28 -104.09 16.02
N ILE HA 39 -52.30 -104.62 16.71
CA ILE HA 39 -52.37 -106.08 16.86
C ILE HA 39 -52.67 -106.73 15.51
N LYS HA 40 -53.40 -106.04 14.63
CA LYS HA 40 -53.61 -106.56 13.29
C LYS HA 40 -52.38 -106.42 12.39
N ALA HA 41 -51.43 -105.57 12.78
CA ALA HA 41 -50.21 -105.45 11.98
C ALA HA 41 -49.35 -106.70 12.08
N GLY HA 42 -49.28 -107.32 13.25
CA GLY HA 42 -48.53 -108.55 13.41
C GLY HA 42 -47.51 -108.51 14.54
N PHE HA 43 -47.73 -107.63 15.52
CA PHE HA 43 -46.77 -107.38 16.59
C PHE HA 43 -47.36 -107.84 17.92
N SER HA 44 -46.60 -107.58 18.99
CA SER HA 44 -46.99 -108.06 20.31
C SER HA 44 -48.19 -107.27 20.81
N ALA HA 45 -49.20 -108.00 21.30
CA ALA HA 45 -50.42 -107.38 21.79
C ALA HA 45 -50.14 -106.64 23.10
N PRO HA 46 -49.35 -107.24 24.00
CA PRO HA 46 -49.15 -106.61 25.31
C PRO HA 46 -48.45 -105.27 25.24
N HIS HA 47 -47.44 -105.13 24.37
CA HIS HA 47 -46.70 -103.87 24.25
C HIS HA 47 -47.22 -103.05 23.08
N ALA HA 48 -48.46 -102.59 23.24
CA ALA HA 48 -49.15 -101.81 22.22
C ALA HA 48 -49.32 -100.35 22.59
N GLN HA 49 -48.79 -99.90 23.73
CA GLN HA 49 -49.04 -98.53 24.19
C GLN HA 49 -47.90 -97.55 23.94
N ARG HA 50 -46.65 -98.00 23.86
CA ARG HA 50 -45.55 -97.05 23.74
C ARG HA 50 -45.02 -96.90 22.32
N ASN HA 51 -44.45 -97.98 21.77
CA ASN HA 51 -43.83 -97.96 20.44
C ASN HA 51 -44.79 -97.51 19.35
N VAL HA 52 -46.10 -97.57 19.61
CA VAL HA 52 -47.07 -97.27 18.57
C VAL HA 52 -47.12 -95.77 18.32
N ALA HA 53 -46.96 -94.96 19.36
CA ALA HA 53 -46.88 -93.51 19.15
C ALA HA 53 -45.70 -93.14 18.27
N PRO HA 54 -44.48 -93.64 18.50
CA PRO HA 54 -43.38 -93.35 17.57
C PRO HA 54 -43.63 -93.88 16.16
N TYR HA 55 -44.24 -95.06 16.06
CA TYR HA 55 -44.53 -95.63 14.73
C TYR HA 55 -45.50 -94.73 13.96
N HIS HA 56 -46.48 -94.16 14.67
CA HIS HA 56 -47.44 -93.25 14.04
C HIS HA 56 -46.82 -91.90 13.71
N ARG HA 57 -45.93 -91.41 14.59
CA ARG HA 57 -45.36 -90.08 14.42
C ARG HA 57 -44.28 -90.02 13.35
N LYS HA 58 -43.60 -91.14 13.08
CA LYS HA 58 -42.52 -91.09 12.09
C LYS HA 58 -43.01 -91.20 10.65
N ASN HA 59 -44.28 -91.51 10.42
CA ASN HA 59 -44.80 -91.70 9.07
C ASN HA 59 -46.06 -90.88 8.83
N ALA HA 60 -46.11 -89.66 9.39
CA ALA HA 60 -47.29 -88.82 9.22
C ALA HA 60 -47.51 -88.46 7.75
N GLU HA 61 -46.43 -88.20 7.02
CA GLU HA 61 -46.55 -87.84 5.61
C GLU HA 61 -47.18 -88.99 4.82
N TYR HA 62 -46.72 -90.22 5.06
CA TYR HA 62 -47.30 -91.35 4.35
C TYR HA 62 -48.72 -91.64 4.80
N ILE HA 63 -49.03 -91.41 6.09
CA ILE HA 63 -50.41 -91.59 6.57
C ILE HA 63 -51.34 -90.62 5.84
N GLN HA 64 -50.90 -89.37 5.71
CA GLN HA 64 -51.70 -88.39 4.99
C GLN HA 64 -51.85 -88.76 3.52
N ALA HA 65 -50.77 -89.25 2.90
CA ALA HA 65 -50.83 -89.66 1.50
C ALA HA 65 -51.81 -90.82 1.32
N TYR HA 66 -51.77 -91.80 2.24
CA TYR HA 66 -52.67 -92.93 2.14
C TYR HA 66 -54.12 -92.51 2.32
N ILE HA 67 -54.38 -91.61 3.27
CA ILE HA 67 -55.75 -91.15 3.48
C ILE HA 67 -56.24 -90.37 2.26
N SER HA 68 -55.38 -89.54 1.67
CA SER HA 68 -55.76 -88.80 0.47
C SER HA 68 -56.04 -89.74 -0.70
N GLU HA 69 -55.20 -90.77 -0.87
CA GLU HA 69 -55.42 -91.73 -1.95
C GLU HA 69 -56.70 -92.53 -1.72
N ARG HA 70 -57.01 -92.86 -0.46
CA ARG HA 70 -58.27 -93.53 -0.14
C ARG HA 70 -59.45 -92.64 -0.49
N ILE HA 71 -59.34 -91.34 -0.18
CA ILE HA 71 -60.41 -90.40 -0.52
C ILE HA 71 -60.58 -90.30 -2.03
N GLY HA 72 -59.46 -90.33 -2.77
CA GLY HA 72 -59.53 -90.28 -4.21
C GLY HA 72 -60.13 -91.55 -4.80
N SER HA 73 -59.97 -92.68 -4.11
CA SER HA 73 -60.52 -93.97 -4.51
C SER HA 73 -62.03 -94.07 -4.31
N ASP HA 74 -62.70 -92.96 -3.97
CA ASP HA 74 -64.15 -92.94 -3.83
C ASP HA 74 -64.85 -91.92 -4.73
N ALA HA 75 -64.11 -91.19 -5.56
CA ALA HA 75 -64.71 -90.21 -6.47
C ALA HA 75 -65.80 -90.77 -7.40
N PRO HA 76 -65.66 -91.96 -8.00
CA PRO HA 76 -66.75 -92.46 -8.86
C PRO HA 76 -68.07 -92.61 -8.15
N ALA HA 77 -68.07 -92.95 -6.85
CA ALA HA 77 -69.32 -93.03 -6.11
C ALA HA 77 -70.01 -91.67 -6.06
N ALA HA 78 -69.26 -90.60 -5.78
CA ALA HA 78 -69.86 -89.27 -5.75
C ALA HA 78 -70.31 -88.82 -7.13
N ARG HA 79 -69.55 -89.18 -8.18
CA ARG HA 79 -69.99 -88.85 -9.54
C ARG HA 79 -71.31 -89.55 -9.86
N LYS HA 80 -71.43 -90.83 -9.49
CA LYS HA 80 -72.68 -91.55 -9.67
C LYS HA 80 -73.79 -90.89 -8.86
N VAL HA 81 -73.48 -90.44 -7.65
CA VAL HA 81 -74.48 -89.83 -6.79
C VAL HA 81 -75.03 -88.55 -7.43
N VAL HA 82 -74.14 -87.71 -7.94
CA VAL HA 82 -74.61 -86.45 -8.53
C VAL HA 82 -75.41 -86.73 -9.81
N LEU HA 83 -74.97 -87.70 -10.62
CA LEU HA 83 -75.73 -88.03 -11.82
C LEU HA 83 -77.11 -88.59 -11.48
N GLU HA 84 -77.18 -89.50 -10.50
CA GLU HA 84 -78.46 -90.11 -10.14
C GLU HA 84 -79.39 -89.11 -9.48
N ILE HA 85 -78.86 -88.19 -8.67
CA ILE HA 85 -79.71 -87.18 -8.07
C ILE HA 85 -80.24 -86.24 -9.14
N MET HA 86 -79.42 -85.95 -10.16
CA MET HA 86 -79.95 -85.19 -11.29
C MET HA 86 -80.96 -86.01 -12.08
N ASN HA 87 -80.91 -87.33 -11.95
CA ASN HA 87 -81.81 -88.23 -12.66
C ASN HA 87 -82.87 -88.86 -11.78
N ASP HA 88 -83.03 -88.40 -10.54
CA ASP HA 88 -84.01 -88.98 -9.62
C ASP HA 88 -85.34 -88.27 -9.79
N PRO HA 89 -86.39 -88.95 -10.27
CA PRO HA 89 -87.67 -88.24 -10.53
C PRO HA 89 -88.49 -87.93 -9.30
N ASN HA 90 -88.29 -88.62 -8.18
CA ASN HA 90 -89.14 -88.44 -7.01
C ASN HA 90 -88.59 -87.43 -6.01
N GLU HA 91 -87.49 -86.75 -6.35
CA GLU HA 91 -86.85 -85.85 -5.42
C GLU HA 91 -87.34 -84.41 -5.61
N LYS HA 92 -87.28 -83.65 -4.53
CA LYS HA 92 -87.69 -82.26 -4.56
C LYS HA 92 -86.78 -81.48 -5.50
N GLY HA 93 -87.34 -80.45 -6.14
CA GLY HA 93 -86.60 -79.76 -7.19
C GLY HA 93 -85.32 -79.11 -6.71
N GLY HA 94 -85.31 -78.60 -5.48
CA GLY HA 94 -84.12 -77.94 -4.98
C GLY HA 94 -82.89 -78.84 -4.91
N ILE HA 95 -83.07 -80.09 -4.47
CA ILE HA 95 -81.93 -80.98 -4.31
C ILE HA 95 -81.35 -81.36 -5.68
N ARG HA 96 -82.20 -81.70 -6.64
CA ARG HA 96 -81.73 -82.00 -7.99
C ARG HA 96 -81.08 -80.77 -8.63
N LEU HA 97 -81.66 -79.59 -8.39
CA LEU HA 97 -81.09 -78.37 -8.93
C LEU HA 97 -79.69 -78.13 -8.38
N LYS HA 98 -79.51 -78.31 -7.07
CA LYS HA 98 -78.18 -78.13 -6.49
C LYS HA 98 -77.21 -79.18 -7.01
N ALA HA 99 -77.67 -80.40 -7.22
CA ALA HA 99 -76.81 -81.42 -7.82
C ALA HA 99 -76.36 -81.01 -9.22
N ALA HA 100 -77.29 -80.50 -10.03
CA ALA HA 100 -76.95 -80.01 -11.36
C ALA HA 100 -75.98 -78.85 -11.29
N GLN HA 101 -76.20 -77.93 -10.35
CA GLN HA 101 -75.28 -76.81 -10.15
C GLN HA 101 -73.88 -77.31 -9.84
N ASP HA 102 -73.79 -78.29 -8.94
CA ASP HA 102 -72.49 -78.82 -8.53
C ASP HA 102 -71.79 -79.49 -9.70
N ILE HA 103 -72.52 -80.32 -10.45
CA ILE HA 103 -71.88 -81.04 -11.53
C ILE HA 103 -71.43 -80.08 -12.64
N LEU HA 104 -72.22 -79.03 -12.90
CA LEU HA 104 -71.81 -78.05 -13.91
C LEU HA 104 -70.62 -77.21 -13.45
N ASP HA 105 -70.61 -76.78 -12.18
CA ASP HA 105 -69.48 -75.99 -11.69
C ASP HA 105 -68.19 -76.80 -11.61
N ARG HA 106 -68.26 -78.08 -11.24
CA ARG HA 106 -67.06 -78.91 -11.26
C ARG HA 106 -66.66 -79.28 -12.69
N ALA HA 107 -67.62 -79.35 -13.61
CA ALA HA 107 -67.31 -79.69 -14.99
C ALA HA 107 -66.41 -78.66 -15.66
N GLY HA 108 -66.49 -77.40 -15.25
CA GLY HA 108 -65.61 -76.40 -15.84
C GLY HA 108 -66.27 -75.20 -16.50
N PHE HA 109 -67.45 -74.81 -16.05
CA PHE HA 109 -68.16 -73.65 -16.57
C PHE HA 109 -68.34 -72.63 -15.45
N GLY HA 110 -67.76 -71.45 -15.64
CA GLY HA 110 -67.58 -70.43 -14.62
C GLY HA 110 -68.75 -69.76 -13.95
N ALA HA 111 -68.47 -68.61 -13.32
CA ALA HA 111 -69.43 -67.87 -12.51
C ALA HA 111 -69.29 -66.38 -12.80
N LYS HA 112 -69.91 -65.59 -11.92
CA LYS HA 112 -70.16 -64.15 -12.11
C LYS HA 112 -68.85 -63.35 -12.12
N GLN HA 113 -68.96 -62.02 -12.15
CA GLN HA 113 -67.87 -61.10 -12.44
C GLN HA 113 -67.89 -59.99 -11.41
N LYS HA 114 -66.74 -59.36 -11.18
CA LYS HA 114 -66.68 -58.26 -10.23
C LYS HA 114 -65.69 -57.18 -10.66
N ILE HA 115 -66.13 -55.93 -10.57
CA ILE HA 115 -65.28 -54.78 -10.89
C ILE HA 115 -64.89 -54.17 -9.55
N GLU HA 116 -63.66 -53.69 -9.44
CA GLU HA 116 -63.14 -53.23 -8.17
C GLU HA 116 -62.61 -51.81 -8.25
N LEU HA 117 -62.88 -51.02 -7.22
CA LEU HA 117 -62.37 -49.66 -7.10
C LEU HA 117 -61.51 -49.56 -5.84
N THR HA 118 -60.25 -49.15 -6.00
CA THR HA 118 -59.31 -49.01 -4.89
C THR HA 118 -58.85 -47.56 -4.80
N THR HA 119 -58.74 -47.06 -3.57
CA THR HA 119 -58.26 -45.71 -3.33
C THR HA 119 -57.17 -45.75 -2.26
N LYS HA 120 -56.09 -45.03 -2.50
CA LYS HA 120 -54.89 -45.12 -1.70
C LYS HA 120 -55.07 -44.48 -0.32
N LEU IA 15 -53.40 -103.66 -30.40
CA LEU IA 15 -54.41 -104.09 -29.43
C LEU IA 15 -54.45 -103.15 -28.22
N THR IA 16 -53.28 -102.73 -27.74
CA THR IA 16 -53.20 -101.92 -26.52
C THR IA 16 -52.37 -100.65 -26.74
N PRO IA 17 -52.83 -99.74 -27.62
CA PRO IA 17 -52.48 -98.32 -27.45
C PRO IA 17 -53.36 -97.66 -26.40
N LYS IA 18 -53.30 -96.32 -26.32
CA LYS IA 18 -54.04 -95.55 -25.32
C LYS IA 18 -55.53 -95.88 -25.23
N GLU IA 19 -56.11 -96.55 -26.23
CA GLU IA 19 -57.54 -96.83 -26.17
C GLU IA 19 -57.88 -97.88 -25.12
N LYS IA 20 -57.01 -98.86 -24.90
CA LYS IA 20 -57.26 -99.82 -23.82
C LYS IA 20 -57.16 -99.13 -22.47
N LEU IA 21 -56.25 -98.16 -22.35
CA LEU IA 21 -56.16 -97.38 -21.11
C LEU IA 21 -57.41 -96.54 -20.90
N ASP IA 22 -57.98 -96.00 -21.99
CA ASP IA 22 -59.24 -95.26 -21.87
C ASP IA 22 -60.36 -96.18 -21.40
N LEU IA 23 -60.41 -97.41 -21.93
CA LEU IA 23 -61.39 -98.38 -21.46
C LEU IA 23 -61.19 -98.71 -19.98
N TYR IA 24 -59.92 -98.84 -19.56
CA TYR IA 24 -59.63 -99.08 -18.15
C TYR IA 24 -60.11 -97.93 -17.28
N CYS IA 25 -59.86 -96.70 -17.71
CA CYS IA 25 -60.28 -95.53 -16.94
C CYS IA 25 -61.80 -95.47 -16.83
N GLU IA 26 -62.51 -95.73 -17.94
CA GLU IA 26 -63.97 -95.70 -17.88
C GLU IA 26 -64.52 -96.82 -17.00
N ALA IA 27 -63.91 -98.00 -17.06
CA ALA IA 27 -64.36 -99.10 -16.19
C ALA IA 27 -64.14 -98.77 -14.73
N LEU IA 28 -63.00 -98.14 -14.40
CA LEU IA 28 -62.78 -97.69 -13.03
C LEU IA 28 -63.77 -96.60 -12.64
N CYS IA 29 -64.13 -95.72 -13.57
CA CYS IA 29 -65.10 -94.68 -13.28
C CYS IA 29 -66.48 -95.26 -13.02
N ASP IA 30 -66.78 -96.42 -13.62
CA ASP IA 30 -68.11 -96.95 -13.47
C ASP IA 30 -68.25 -97.95 -12.32
N GLY IA 31 -67.27 -98.83 -12.09
CA GLY IA 31 -67.48 -99.81 -11.04
C GLY IA 31 -66.70 -99.63 -9.75
N PHE IA 32 -66.17 -98.42 -9.52
CA PHE IA 32 -65.50 -98.03 -8.28
C PHE IA 32 -64.50 -99.07 -7.75
N ASN IA 33 -63.94 -99.91 -8.62
CA ASN IA 33 -62.92 -100.86 -8.17
C ASN IA 33 -61.99 -101.19 -9.33
N LYS IA 34 -60.69 -101.15 -9.04
CA LYS IA 34 -59.66 -101.36 -10.05
C LYS IA 34 -59.47 -102.83 -10.46
N THR IA 35 -59.61 -103.77 -9.52
CA THR IA 35 -59.08 -105.11 -9.74
C THR IA 35 -59.81 -105.88 -10.84
N GLN IA 36 -61.15 -105.85 -10.86
CA GLN IA 36 -61.85 -106.63 -11.89
C GLN IA 36 -61.59 -106.05 -13.28
N ALA IA 37 -61.64 -104.73 -13.41
CA ALA IA 37 -61.37 -104.10 -14.69
C ALA IA 37 -59.93 -104.36 -15.12
N TYR IA 38 -58.99 -104.34 -14.18
CA TYR IA 38 -57.58 -104.54 -14.52
C TYR IA 38 -57.32 -105.97 -14.98
N ILE IA 39 -57.91 -106.95 -14.30
CA ILE IA 39 -57.69 -108.33 -14.71
C ILE IA 39 -58.41 -108.63 -16.04
N LYS IA 40 -59.56 -107.99 -16.29
CA LYS IA 40 -60.21 -108.16 -17.58
C LYS IA 40 -59.55 -107.35 -18.68
N ALA IA 41 -58.72 -106.38 -18.33
CA ALA IA 41 -57.99 -105.47 -19.20
C ALA IA 41 -56.85 -106.14 -19.95
N GLY IA 42 -56.69 -107.46 -19.99
CA GLY IA 42 -55.60 -108.03 -20.75
C GLY IA 42 -54.25 -107.80 -20.14
N PHE IA 43 -54.20 -107.58 -18.82
CA PHE IA 43 -52.99 -107.21 -18.11
C PHE IA 43 -52.61 -108.36 -17.18
N SER IA 44 -51.56 -108.15 -16.39
CA SER IA 44 -51.01 -109.26 -15.61
C SER IA 44 -51.95 -109.63 -14.47
N ALA IA 45 -52.28 -110.93 -14.39
CA ALA IA 45 -53.16 -111.34 -13.30
C ALA IA 45 -52.42 -111.38 -11.97
N PRO IA 46 -51.20 -111.90 -11.88
CA PRO IA 46 -50.52 -111.95 -10.57
C PRO IA 46 -50.22 -110.57 -10.05
N HIS IA 47 -49.61 -109.74 -10.90
CA HIS IA 47 -49.27 -108.37 -10.56
C HIS IA 47 -50.49 -107.47 -10.80
N ALA IA 48 -51.55 -107.71 -10.02
CA ALA IA 48 -52.78 -106.96 -10.18
C ALA IA 48 -53.06 -105.99 -9.04
N GLN IA 49 -52.22 -105.95 -8.02
CA GLN IA 49 -52.44 -105.03 -6.90
C GLN IA 49 -51.49 -103.85 -6.88
N ARG IA 50 -50.28 -104.02 -7.40
CA ARG IA 50 -49.28 -102.95 -7.32
C ARG IA 50 -49.12 -102.21 -8.63
N ASN IA 51 -48.67 -102.91 -9.67
CA ASN IA 51 -48.39 -102.34 -10.98
C ASN IA 51 -49.45 -101.35 -11.45
N VAL IA 52 -50.69 -101.55 -11.00
CA VAL IA 52 -51.74 -100.65 -11.43
C VAL IA 52 -51.64 -99.35 -10.67
N ALA IA 53 -51.28 -99.41 -9.38
CA ALA IA 53 -51.00 -98.20 -8.62
C ALA IA 53 -49.80 -97.45 -9.19
N PRO IA 54 -48.68 -98.10 -9.52
CA PRO IA 54 -47.58 -97.36 -10.15
C PRO IA 54 -47.97 -96.73 -11.48
N TYR IA 55 -48.73 -97.45 -12.32
CA TYR IA 55 -49.16 -96.85 -13.58
C TYR IA 55 -50.10 -95.69 -13.32
N HIS IA 56 -50.89 -95.78 -12.25
CA HIS IA 56 -51.78 -94.70 -11.86
C HIS IA 56 -50.99 -93.49 -11.40
N ARG IA 57 -49.85 -93.72 -10.74
CA ARG IA 57 -49.02 -92.61 -10.30
C ARG IA 57 -48.29 -91.98 -11.48
N LYS IA 58 -48.01 -92.77 -12.52
CA LYS IA 58 -47.34 -92.22 -13.69
C LYS IA 58 -48.29 -91.55 -14.65
N ASN IA 59 -49.60 -91.77 -14.49
CA ASN IA 59 -50.63 -91.19 -15.33
C ASN IA 59 -51.78 -90.62 -14.50
N ALA IA 60 -51.46 -90.05 -13.32
CA ALA IA 60 -52.52 -89.54 -12.46
C ALA IA 60 -53.27 -88.39 -13.11
N GLU IA 61 -52.53 -87.51 -13.81
CA GLU IA 61 -53.18 -86.38 -14.48
C GLU IA 61 -54.13 -86.89 -15.56
N TYR IA 62 -53.73 -87.93 -16.30
CA TYR IA 62 -54.61 -88.48 -17.31
C TYR IA 62 -55.83 -89.14 -16.67
N ILE IA 63 -55.67 -89.73 -15.48
CA ILE IA 63 -56.82 -90.25 -14.76
C ILE IA 63 -57.79 -89.12 -14.44
N GLN IA 64 -57.24 -87.97 -14.01
CA GLN IA 64 -58.08 -86.81 -13.75
C GLN IA 64 -58.76 -86.33 -15.03
N ALA IA 65 -58.04 -86.36 -16.16
CA ALA IA 65 -58.65 -85.96 -17.42
C ALA IA 65 -59.80 -86.89 -17.82
N TYR IA 66 -59.62 -88.19 -17.62
CA TYR IA 66 -60.68 -89.13 -17.97
C TYR IA 66 -61.90 -88.94 -17.06
N ILE IA 67 -61.67 -88.74 -15.75
CA ILE IA 67 -62.82 -88.51 -14.87
C ILE IA 67 -63.48 -87.18 -15.23
N SER IA 68 -62.70 -86.18 -15.64
CA SER IA 68 -63.28 -84.92 -16.10
C SER IA 68 -64.13 -85.14 -17.33
N GLU IA 69 -63.68 -85.98 -18.25
CA GLU IA 69 -64.48 -86.29 -19.44
C GLU IA 69 -65.79 -86.98 -19.05
N ARG IA 70 -65.71 -87.89 -18.08
CA ARG IA 70 -66.92 -88.56 -17.60
C ARG IA 70 -67.89 -87.58 -16.97
N ILE IA 71 -67.39 -86.66 -16.14
CA ILE IA 71 -68.27 -85.67 -15.50
C ILE IA 71 -68.83 -84.71 -16.55
N GLY IA 72 -68.04 -84.35 -17.57
CA GLY IA 72 -68.50 -83.47 -18.61
C GLY IA 72 -69.52 -84.08 -19.54
N SER IA 73 -69.52 -85.40 -19.67
CA SER IA 73 -70.48 -86.03 -20.58
C SER IA 73 -71.92 -85.90 -20.10
N ASP IA 74 -72.13 -85.59 -18.82
CA ASP IA 74 -73.46 -85.34 -18.27
C ASP IA 74 -73.82 -83.85 -18.24
N ALA IA 75 -72.94 -82.96 -18.69
CA ALA IA 75 -73.26 -81.53 -18.67
C ALA IA 75 -74.55 -81.18 -19.40
N PRO IA 76 -74.86 -81.71 -20.59
CA PRO IA 76 -76.18 -81.41 -21.17
C PRO IA 76 -77.34 -81.87 -20.31
N ALA IA 77 -77.18 -82.96 -19.56
CA ALA IA 77 -78.24 -83.39 -18.64
C ALA IA 77 -78.48 -82.35 -17.55
N ALA IA 78 -77.42 -81.79 -16.99
CA ALA IA 78 -77.59 -80.75 -15.98
C ALA IA 78 -78.19 -79.48 -16.58
N ARG IA 79 -77.81 -79.17 -17.83
CA ARG IA 79 -78.42 -78.05 -18.52
C ARG IA 79 -79.91 -78.27 -18.71
N LYS IA 80 -80.30 -79.49 -19.10
CA LYS IA 80 -81.72 -79.81 -19.23
C LYS IA 80 -82.44 -79.69 -17.91
N VAL IA 81 -81.82 -80.15 -16.82
CA VAL IA 81 -82.45 -80.08 -15.51
C VAL IA 81 -82.68 -78.63 -15.10
N VAL IA 82 -81.66 -77.79 -15.27
CA VAL IA 82 -81.79 -76.39 -14.87
C VAL IA 82 -82.80 -75.67 -15.75
N LEU IA 83 -82.84 -75.99 -17.05
CA LEU IA 83 -83.83 -75.37 -17.92
C LEU IA 83 -85.25 -75.77 -17.53
N GLU IA 84 -85.45 -77.06 -17.22
CA GLU IA 84 -86.79 -77.52 -16.87
C GLU IA 84 -87.26 -76.89 -15.57
N ILE IA 85 -86.34 -76.71 -14.60
CA ILE IA 85 -86.72 -76.03 -13.38
C ILE IA 85 -86.95 -74.54 -13.62
N MET IA 86 -86.17 -73.94 -14.54
CA MET IA 86 -86.34 -72.52 -14.82
C MET IA 86 -87.65 -72.22 -15.54
N ASN IA 87 -88.24 -73.19 -16.25
CA ASN IA 87 -89.49 -72.92 -16.95
C ASN IA 87 -90.70 -73.61 -16.30
N ASP IA 88 -90.52 -74.25 -15.14
CA ASP IA 88 -91.62 -74.95 -14.49
C ASP IA 88 -92.31 -74.07 -13.45
N PRO IA 89 -93.59 -73.73 -13.63
CA PRO IA 89 -94.29 -72.88 -12.66
C PRO IA 89 -94.68 -73.59 -11.36
N ASN IA 90 -94.62 -74.92 -11.30
CA ASN IA 90 -95.13 -75.68 -10.17
C ASN IA 90 -94.10 -75.88 -9.06
N GLU IA 91 -92.91 -75.29 -9.19
CA GLU IA 91 -91.87 -75.43 -8.19
C GLU IA 91 -91.95 -74.25 -7.22
N LYS IA 92 -91.43 -74.46 -6.01
CA LYS IA 92 -91.46 -73.40 -5.00
C LYS IA 92 -90.68 -72.20 -5.50
N GLY IA 93 -91.14 -71.00 -5.12
CA GLY IA 93 -90.60 -69.79 -5.73
C GLY IA 93 -89.11 -69.60 -5.51
N GLY IA 94 -88.61 -69.98 -4.33
CA GLY IA 94 -87.19 -69.83 -4.06
C GLY IA 94 -86.32 -70.66 -4.97
N ILE IA 95 -86.76 -71.88 -5.28
CA ILE IA 95 -85.98 -72.75 -6.15
C ILE IA 95 -85.96 -72.22 -7.58
N ARG IA 96 -87.11 -71.75 -8.07
CA ARG IA 96 -87.15 -71.13 -9.39
C ARG IA 96 -86.28 -69.90 -9.44
N LEU IA 97 -86.28 -69.11 -8.36
CA LEU IA 97 -85.43 -67.94 -8.29
C LEU IA 97 -83.97 -68.33 -8.37
N LYS IA 98 -83.57 -69.39 -7.66
CA LYS IA 98 -82.18 -69.83 -7.70
C LYS IA 98 -81.80 -70.37 -9.08
N ALA IA 99 -82.73 -71.07 -9.75
CA ALA IA 99 -82.45 -71.55 -11.09
C ALA IA 99 -82.25 -70.39 -12.06
N ALA IA 100 -83.13 -69.39 -12.00
CA ALA IA 100 -82.99 -68.22 -12.84
C ALA IA 100 -81.71 -67.46 -12.54
N GLN IA 101 -81.40 -67.31 -11.25
CA GLN IA 101 -80.17 -66.62 -10.85
C GLN IA 101 -78.94 -67.32 -11.40
N ASP IA 102 -78.88 -68.64 -11.27
CA ASP IA 102 -77.72 -69.39 -11.76
C ASP IA 102 -77.62 -69.30 -13.28
N ILE IA 103 -78.73 -69.46 -14.00
CA ILE IA 103 -78.66 -69.47 -15.45
C ILE IA 103 -78.27 -68.10 -15.98
N LEU IA 104 -78.79 -67.01 -15.36
CA LEU IA 104 -78.39 -65.68 -15.79
C LEU IA 104 -76.97 -65.35 -15.38
N ASP IA 105 -76.52 -65.84 -14.21
CA ASP IA 105 -75.14 -65.63 -13.81
C ASP IA 105 -74.18 -66.28 -14.78
N ARG IA 106 -74.58 -67.44 -15.33
CA ARG IA 106 -73.75 -68.01 -16.40
C ARG IA 106 -73.89 -67.19 -17.68
N ALA IA 107 -75.06 -66.58 -17.91
CA ALA IA 107 -75.21 -65.76 -19.10
C ALA IA 107 -74.27 -64.56 -19.08
N GLY IA 108 -73.95 -64.06 -17.89
CA GLY IA 108 -72.97 -62.99 -17.72
C GLY IA 108 -73.53 -61.74 -17.08
N PHE IA 109 -74.61 -61.89 -16.32
CA PHE IA 109 -75.21 -60.78 -15.57
C PHE IA 109 -75.28 -61.20 -14.11
N GLY IA 110 -74.51 -60.51 -13.27
CA GLY IA 110 -74.30 -60.93 -11.90
C GLY IA 110 -74.15 -59.80 -10.91
N ALA IA 111 -73.51 -60.05 -9.78
CA ALA IA 111 -73.37 -59.01 -8.77
C ALA IA 111 -72.24 -58.06 -9.15
N LYS IA 112 -72.03 -57.04 -8.32
CA LYS IA 112 -71.24 -55.88 -8.73
C LYS IA 112 -70.19 -55.50 -7.70
N GLN IA 113 -69.70 -54.27 -7.82
CA GLN IA 113 -68.44 -53.78 -7.29
C GLN IA 113 -68.36 -53.76 -5.77
N LYS IA 114 -67.12 -53.78 -5.30
CA LYS IA 114 -66.70 -53.67 -3.90
C LYS IA 114 -65.43 -52.83 -3.89
N ILE IA 115 -65.38 -51.86 -2.98
CA ILE IA 115 -64.32 -50.86 -2.99
C ILE IA 115 -63.30 -51.15 -1.89
N GLU IA 116 -62.03 -50.80 -2.16
CA GLU IA 116 -60.91 -51.06 -1.29
C GLU IA 116 -60.23 -49.75 -0.88
N LEU IA 117 -59.97 -49.61 0.43
CA LEU IA 117 -59.23 -48.49 0.99
C LEU IA 117 -58.04 -49.00 1.78
N THR IA 118 -56.86 -48.45 1.51
CA THR IA 118 -55.65 -48.87 2.19
C THR IA 118 -55.08 -47.72 3.02
N THR IA 119 -54.62 -48.04 4.23
CA THR IA 119 -54.04 -47.07 5.14
C THR IA 119 -52.75 -47.64 5.72
N LYS IA 120 -51.89 -46.74 6.18
CA LYS IA 120 -50.63 -47.14 6.80
C LYS IA 120 -50.03 -45.99 7.61
N LYS JA 18 -68.38 -77.83 -41.49
CA LYS JA 18 -68.57 -76.99 -40.30
C LYS JA 18 -70.06 -76.93 -39.94
N GLU JA 19 -70.91 -77.22 -40.92
CA GLU JA 19 -72.35 -77.25 -40.63
C GLU JA 19 -72.73 -78.54 -39.94
N LYS JA 20 -72.07 -79.64 -40.29
CA LYS JA 20 -72.28 -80.90 -39.60
C LYS JA 20 -71.79 -80.81 -38.16
N LEU JA 21 -70.73 -80.04 -37.91
CA LEU JA 21 -70.24 -79.89 -36.55
C LEU JA 21 -71.27 -79.17 -35.67
N ASP JA 22 -71.89 -78.11 -36.20
CA ASP JA 22 -72.92 -77.42 -35.44
C ASP JA 22 -74.15 -78.31 -35.23
N LEU JA 23 -74.53 -79.07 -36.27
CA LEU JA 23 -75.65 -79.99 -36.12
C LEU JA 23 -75.36 -81.08 -35.08
N TYR JA 24 -74.13 -81.59 -35.07
CA TYR JA 24 -73.72 -82.57 -34.06
C TYR JA 24 -73.77 -81.98 -32.66
N CYS JA 25 -73.29 -80.74 -32.52
CA CYS JA 25 -73.34 -80.09 -31.21
C CYS JA 25 -74.78 -79.92 -30.74
N GLU JA 26 -75.68 -79.50 -31.64
CA GLU JA 26 -77.08 -79.33 -31.26
C GLU JA 26 -77.72 -80.67 -30.89
N ALA JA 27 -77.40 -81.73 -31.65
CA ALA JA 27 -77.93 -83.05 -31.35
C ALA JA 27 -77.42 -83.56 -30.00
N LEU JA 28 -76.14 -83.30 -29.69
CA LEU JA 28 -75.61 -83.66 -28.39
C LEU JA 28 -76.28 -82.86 -27.28
N CYS JA 29 -76.60 -81.59 -27.55
CA CYS JA 29 -77.27 -80.76 -26.56
C CYS JA 29 -78.69 -81.26 -26.29
N ASP JA 30 -79.34 -81.84 -27.29
CA ASP JA 30 -80.73 -82.22 -27.07
C ASP JA 30 -80.89 -83.67 -26.61
N GLY JA 31 -80.16 -84.61 -27.20
CA GLY JA 31 -80.40 -85.99 -26.83
C GLY JA 31 -79.34 -86.62 -25.94
N PHE JA 32 -78.57 -85.79 -25.23
CA PHE JA 32 -77.61 -86.22 -24.21
C PHE JA 32 -76.91 -87.54 -24.53
N ASN JA 33 -76.42 -87.71 -25.76
CA ASN JA 33 -75.74 -88.94 -26.14
C ASN JA 33 -74.67 -88.59 -27.18
N LYS JA 34 -73.45 -89.08 -26.95
CA LYS JA 34 -72.36 -88.81 -27.88
C LYS JA 34 -72.46 -89.70 -29.11
N THR JA 35 -72.66 -91.01 -28.88
CA THR JA 35 -72.66 -91.97 -29.98
C THR JA 35 -73.91 -91.85 -30.84
N GLN JA 36 -75.08 -91.67 -30.20
CA GLN JA 36 -76.31 -91.55 -30.98
C GLN JA 36 -76.28 -90.31 -31.86
N ALA JA 37 -75.82 -89.18 -31.30
CA ALA JA 37 -75.72 -87.96 -32.10
C ALA JA 37 -74.71 -88.12 -33.23
N TYR JA 38 -73.58 -88.76 -32.95
CA TYR JA 38 -72.57 -88.92 -33.99
C TYR JA 38 -73.07 -89.81 -35.12
N ILE JA 39 -73.76 -90.91 -34.79
CA ILE JA 39 -74.29 -91.78 -35.83
C ILE JA 39 -75.47 -91.13 -36.56
N LYS JA 40 -76.24 -90.29 -35.88
CA LYS JA 40 -77.34 -89.57 -36.52
C LYS JA 40 -76.87 -88.40 -37.37
N ALA JA 41 -75.61 -87.98 -37.21
CA ALA JA 41 -75.10 -86.88 -38.01
C ALA JA 41 -75.05 -87.23 -39.50
N GLY JA 42 -74.80 -88.49 -39.84
CA GLY JA 42 -74.74 -88.86 -41.24
C GLY JA 42 -73.48 -89.61 -41.58
N PHE JA 43 -72.93 -90.30 -40.58
CA PHE JA 43 -71.60 -90.88 -40.64
C PHE JA 43 -71.66 -92.40 -40.73
N SER JA 44 -70.48 -93.02 -40.70
CA SER JA 44 -70.36 -94.46 -40.91
C SER JA 44 -70.91 -95.25 -39.72
N ALA JA 45 -71.68 -96.28 -40.04
CA ALA JA 45 -72.37 -97.16 -39.11
C ALA JA 45 -71.45 -98.08 -38.32
N PRO JA 46 -70.37 -98.58 -38.93
CA PRO JA 46 -69.62 -99.68 -38.31
C PRO JA 46 -68.98 -99.41 -36.93
N HIS JA 47 -68.10 -98.43 -36.80
CA HIS JA 47 -67.39 -98.21 -35.53
C HIS JA 47 -67.46 -96.75 -35.08
N ALA JA 48 -68.69 -96.24 -34.90
CA ALA JA 48 -68.83 -94.86 -34.45
C ALA JA 48 -68.33 -94.68 -33.02
N GLN JA 49 -68.55 -95.70 -32.17
CA GLN JA 49 -68.18 -95.64 -30.75
C GLN JA 49 -66.71 -95.36 -30.54
N ARG JA 50 -65.85 -95.68 -31.50
CA ARG JA 50 -64.42 -95.48 -31.34
C ARG JA 50 -64.03 -94.17 -32.00
N ASN JA 51 -64.23 -94.09 -33.32
CA ASN JA 51 -63.90 -92.90 -34.11
C ASN JA 51 -64.49 -91.60 -33.54
N VAL JA 52 -65.48 -91.68 -32.65
CA VAL JA 52 -66.14 -90.46 -32.18
C VAL JA 52 -65.26 -89.68 -31.19
N ALA JA 53 -64.42 -90.36 -30.40
CA ALA JA 53 -63.53 -89.66 -29.48
C ALA JA 53 -62.60 -88.68 -30.18
N PRO JA 54 -61.95 -89.04 -31.29
CA PRO JA 54 -61.14 -88.04 -32.00
C PRO JA 54 -61.95 -86.84 -32.45
N TYR JA 55 -63.19 -87.07 -32.88
CA TYR JA 55 -64.05 -85.99 -33.33
C TYR JA 55 -64.36 -85.04 -32.16
N HIS JA 56 -64.58 -85.60 -30.98
CA HIS JA 56 -64.87 -84.76 -29.82
C HIS JA 56 -63.64 -83.99 -29.38
N ARG JA 57 -62.47 -84.63 -29.44
CA ARG JA 57 -61.28 -83.91 -29.00
C ARG JA 57 -60.85 -82.86 -30.01
N LYS JA 58 -61.15 -83.07 -31.29
CA LYS JA 58 -60.79 -82.10 -32.32
C LYS JA 58 -61.83 -80.99 -32.43
N ASN JA 59 -63.02 -81.16 -31.85
CA ASN JA 59 -64.00 -80.08 -31.93
C ASN JA 59 -64.55 -79.71 -30.55
N ALA JA 60 -63.73 -79.89 -29.50
CA ALA JA 60 -64.16 -79.50 -28.16
C ALA JA 60 -64.40 -78.00 -28.07
N GLU JA 61 -63.58 -77.18 -28.74
CA GLU JA 61 -63.78 -75.74 -28.67
C GLU JA 61 -65.13 -75.36 -29.26
N TYR JA 62 -65.49 -75.94 -30.41
CA TYR JA 62 -66.77 -75.64 -31.03
C TYR JA 62 -67.92 -76.20 -30.21
N ILE JA 63 -67.73 -77.37 -29.60
CA ILE JA 63 -68.76 -77.94 -28.72
C ILE JA 63 -69.01 -77.03 -27.53
N GLN JA 64 -67.93 -76.51 -26.92
CA GLN JA 64 -68.08 -75.60 -25.80
C GLN JA 64 -68.79 -74.32 -26.23
N ALA JA 65 -68.44 -73.79 -27.41
CA ALA JA 65 -69.10 -72.59 -27.90
C ALA JA 65 -70.59 -72.84 -28.14
N TYR JA 66 -70.93 -73.99 -28.70
CA TYR JA 66 -72.34 -74.30 -28.95
C TYR JA 66 -73.09 -74.48 -27.63
N ILE JA 67 -72.48 -75.15 -26.66
CA ILE JA 67 -73.14 -75.33 -25.37
C ILE JA 67 -73.34 -73.97 -24.70
N SER JA 68 -72.36 -73.09 -24.81
CA SER JA 68 -72.50 -71.75 -24.24
C SER JA 68 -73.61 -70.97 -24.91
N GLU JA 69 -73.71 -71.03 -26.24
CA GLU JA 69 -74.78 -70.28 -26.91
C GLU JA 69 -76.15 -70.88 -26.59
N ARG JA 70 -76.26 -72.20 -26.51
CA ARG JA 70 -77.54 -72.82 -26.15
C ARG JA 70 -77.97 -72.45 -24.74
N ILE JA 71 -77.03 -72.47 -23.78
CA ILE JA 71 -77.36 -72.08 -22.41
C ILE JA 71 -77.68 -70.59 -22.32
N GLY JA 72 -76.97 -69.75 -23.09
CA GLY JA 72 -77.22 -68.32 -23.13
C GLY JA 72 -78.53 -67.94 -23.76
N SER JA 73 -79.09 -68.80 -24.60
CA SER JA 73 -80.34 -68.47 -25.27
C SER JA 73 -81.52 -68.31 -24.30
N ASP JA 74 -81.38 -68.74 -23.05
CA ASP JA 74 -82.40 -68.59 -22.04
C ASP JA 74 -82.28 -67.33 -21.18
N ALA JA 75 -81.29 -66.47 -21.42
CA ALA JA 75 -81.15 -65.26 -20.61
C ALA JA 75 -82.39 -64.38 -20.59
N PRO JA 76 -83.04 -64.06 -21.73
CA PRO JA 76 -84.30 -63.29 -21.62
C PRO JA 76 -85.37 -64.04 -20.86
N ALA JA 77 -85.39 -65.37 -20.95
CA ALA JA 77 -86.33 -66.16 -20.16
C ALA JA 77 -86.07 -65.97 -18.67
N ALA JA 78 -84.81 -65.94 -18.26
CA ALA JA 78 -84.51 -65.72 -16.85
C ALA JA 78 -84.92 -64.32 -16.42
N ARG JA 79 -84.73 -63.33 -17.29
CA ARG JA 79 -85.20 -61.98 -16.97
C ARG JA 79 -86.72 -61.96 -16.81
N LYS JA 80 -87.43 -62.63 -17.71
CA LYS JA 80 -88.88 -62.67 -17.62
C LYS JA 80 -89.35 -63.37 -16.35
N VAL JA 81 -88.71 -64.49 -16.00
CA VAL JA 81 -89.15 -65.23 -14.81
C VAL JA 81 -88.87 -64.42 -13.54
N VAL JA 82 -87.71 -63.75 -13.46
CA VAL JA 82 -87.44 -62.96 -12.26
C VAL JA 82 -88.40 -61.79 -12.16
N LEU JA 83 -88.74 -61.18 -13.30
CA LEU JA 83 -89.73 -60.11 -13.28
C LEU JA 83 -91.10 -60.62 -12.83
N GLU JA 84 -91.49 -61.80 -13.32
CA GLU JA 84 -92.80 -62.35 -12.98
C GLU JA 84 -92.88 -62.72 -11.50
N ILE JA 85 -91.80 -63.28 -10.95
CA ILE JA 85 -91.81 -63.60 -9.51
C ILE JA 85 -91.80 -62.31 -8.70
N MET JA 86 -91.14 -61.25 -9.20
CA MET JA 86 -91.24 -59.95 -8.55
C MET JA 86 -92.65 -59.37 -8.67
N ASN JA 87 -93.43 -59.84 -9.64
CA ASN JA 87 -94.79 -59.37 -9.88
C ASN JA 87 -95.85 -60.36 -9.42
N ASP JA 88 -95.47 -61.40 -8.66
CA ASP JA 88 -96.44 -62.38 -8.19
C ASP JA 88 -97.02 -61.89 -6.87
N PRO JA 89 -98.32 -61.57 -6.80
CA PRO JA 89 -98.85 -61.02 -5.54
C PRO JA 89 -99.04 -62.06 -4.45
N ASN JA 90 -99.16 -63.34 -4.81
CA ASN JA 90 -99.43 -64.41 -3.87
C ASN JA 90 -98.17 -65.09 -3.37
N GLU JA 91 -97.00 -64.56 -3.72
CA GLU JA 91 -95.75 -65.18 -3.36
C GLU JA 91 -95.28 -64.64 -2.01
N LYS JA 92 -94.53 -65.47 -1.30
CA LYS JA 92 -94.05 -65.09 0.03
C LYS JA 92 -93.13 -63.88 -0.07
N GLY JA 93 -93.19 -63.02 0.94
CA GLY JA 93 -92.47 -61.76 0.87
C GLY JA 93 -90.98 -61.94 0.76
N GLY JA 94 -90.43 -62.94 1.45
CA GLY JA 94 -88.98 -63.15 1.42
C GLY JA 94 -88.46 -63.52 0.04
N ILE JA 95 -89.17 -64.40 -0.67
CA ILE JA 95 -88.70 -64.86 -1.97
C ILE JA 95 -88.78 -63.74 -3.01
N ARG JA 96 -89.90 -63.02 -3.03
CA ARG JA 96 -90.04 -61.89 -3.96
C ARG JA 96 -89.03 -60.80 -3.61
N LEU JA 97 -88.79 -60.57 -2.31
CA LEU JA 97 -87.78 -59.61 -1.91
C LEU JA 97 -86.40 -60.02 -2.40
N LYS JA 98 -86.06 -61.30 -2.30
CA LYS JA 98 -84.77 -61.76 -2.78
C LYS JA 98 -84.66 -61.59 -4.29
N ALA JA 99 -85.77 -61.82 -5.00
CA ALA JA 99 -85.78 -61.57 -6.45
C ALA JA 99 -85.54 -60.10 -6.76
N ALA JA 100 -86.19 -59.21 -6.00
CA ALA JA 100 -85.98 -57.78 -6.17
C ALA JA 100 -84.53 -57.40 -5.88
N GLN JA 101 -83.95 -57.99 -4.83
CA GLN JA 101 -82.56 -57.74 -4.51
C GLN JA 101 -81.66 -58.15 -5.67
N ASP JA 102 -81.92 -59.33 -6.24
CA ASP JA 102 -81.09 -59.81 -7.32
C ASP JA 102 -81.17 -58.91 -8.55
N ILE JA 103 -82.39 -58.54 -8.95
CA ILE JA 103 -82.53 -57.74 -10.15
C ILE JA 103 -81.98 -56.33 -9.95
N LEU JA 104 -82.15 -55.75 -8.76
CA LEU JA 104 -81.58 -54.43 -8.51
C LEU JA 104 -80.06 -54.49 -8.45
N ASP JA 105 -79.50 -55.56 -7.89
CA ASP JA 105 -78.05 -55.75 -7.93
C ASP JA 105 -77.56 -55.90 -9.35
N ARG JA 106 -78.38 -56.52 -10.22
CA ARG JA 106 -78.03 -56.62 -11.62
C ARG JA 106 -78.07 -55.26 -12.29
N ALA JA 107 -78.89 -54.33 -11.76
CA ALA JA 107 -78.93 -52.99 -12.32
C ALA JA 107 -77.56 -52.32 -12.21
N GLY JA 108 -76.76 -52.69 -11.21
CA GLY JA 108 -75.40 -52.17 -11.09
C GLY JA 108 -75.07 -51.43 -9.81
N PHE JA 109 -75.74 -51.75 -8.71
CA PHE JA 109 -75.49 -51.10 -7.43
C PHE JA 109 -75.09 -52.12 -6.38
N GLY JA 110 -73.85 -52.02 -5.91
CA GLY JA 110 -73.28 -53.00 -4.99
C GLY JA 110 -72.98 -52.41 -3.63
N ALA JA 111 -72.16 -53.08 -2.83
CA ALA JA 111 -71.83 -52.61 -1.49
C ALA JA 111 -70.63 -51.65 -1.53
N LYS JA 112 -70.23 -51.19 -0.35
CA LYS JA 112 -69.28 -50.10 -0.21
C LYS JA 112 -68.09 -50.51 0.65
N GLN JA 113 -67.36 -49.51 1.15
CA GLN JA 113 -65.98 -49.59 1.63
C GLN JA 113 -65.64 -50.86 2.41
N LYS JA 114 -64.40 -51.31 2.23
CA LYS JA 114 -63.79 -52.40 2.97
C LYS JA 114 -62.31 -52.08 3.08
N ILE JA 115 -61.77 -52.10 4.30
CA ILE JA 115 -60.40 -51.66 4.56
C ILE JA 115 -59.53 -52.85 4.94
N GLU JA 116 -58.29 -52.84 4.47
CA GLU JA 116 -57.29 -53.87 4.76
C GLU JA 116 -56.04 -53.20 5.31
N LEU JA 117 -55.44 -53.77 6.35
CA LEU JA 117 -54.19 -53.28 6.90
C LEU JA 117 -53.15 -54.39 6.81
N THR JA 118 -52.02 -54.10 6.16
CA THR JA 118 -50.97 -55.10 5.99
C THR JA 118 -49.64 -54.39 5.74
N THR JA 119 -48.86 -54.18 6.80
CA THR JA 119 -47.55 -53.58 6.66
C THR JA 119 -46.45 -54.29 7.44
N LYS JA 120 -46.78 -55.01 8.52
CA LYS JA 120 -45.80 -55.67 9.37
C LYS JA 120 -44.71 -54.72 9.84
N PRO KA 14 98.20 105.93 -2.11
CA PRO KA 14 98.14 106.71 -0.87
C PRO KA 14 97.47 105.95 0.26
N LEU KA 15 96.87 104.82 -0.08
CA LEU KA 15 96.05 104.03 0.82
C LEU KA 15 95.99 102.62 0.24
N THR KA 16 94.96 101.85 0.60
CA THR KA 16 94.69 100.53 0.01
C THR KA 16 95.82 99.56 0.32
N PRO KA 17 95.85 99.03 1.55
CA PRO KA 17 97.01 98.23 2.00
C PRO KA 17 97.37 97.05 1.10
N LYS KA 18 96.44 96.54 0.28
CA LYS KA 18 96.84 95.44 -0.61
C LYS KA 18 97.76 95.92 -1.72
N GLU KA 19 97.64 97.18 -2.13
CA GLU KA 19 98.54 97.70 -3.15
C GLU KA 19 99.87 98.06 -2.53
N LYS KA 20 99.85 98.54 -1.28
CA LYS KA 20 101.08 98.83 -0.57
C LYS KA 20 101.85 97.54 -0.28
N LEU KA 21 101.13 96.47 0.06
CA LEU KA 21 101.78 95.19 0.28
C LEU KA 21 102.33 94.60 -1.01
N ASP KA 22 101.63 94.76 -2.13
CA ASP KA 22 102.18 94.31 -3.41
C ASP KA 22 103.43 95.09 -3.78
N LEU KA 23 103.42 96.41 -3.52
CA LEU KA 23 104.62 97.20 -3.74
C LEU KA 23 105.76 96.73 -2.83
N TYR KA 24 105.44 96.38 -1.59
CA TYR KA 24 106.43 95.84 -0.66
C TYR KA 24 107.00 94.52 -1.17
N CYS KA 25 106.14 93.64 -1.68
CA CYS KA 25 106.59 92.37 -2.21
C CYS KA 25 107.50 92.57 -3.41
N GLU KA 26 107.13 93.47 -4.32
CA GLU KA 26 107.97 93.73 -5.48
C GLU KA 26 109.30 94.36 -5.08
N ALA KA 27 109.29 95.27 -4.10
CA ALA KA 27 110.52 95.86 -3.63
C ALA KA 27 111.43 94.83 -2.98
N LEU KA 28 110.84 93.91 -2.21
CA LEU KA 28 111.64 92.82 -1.63
C LEU KA 28 112.18 91.90 -2.73
N CYS KA 29 111.40 91.69 -3.79
CA CYS KA 29 111.84 90.82 -4.88
C CYS KA 29 112.96 91.43 -5.68
N ASP KA 30 112.99 92.75 -5.84
CA ASP KA 30 113.99 93.38 -6.69
C ASP KA 30 115.19 93.88 -5.90
N GLY KA 31 114.96 94.47 -4.72
CA GLY KA 31 116.03 94.97 -3.88
C GLY KA 31 116.22 94.00 -2.74
N PHE KA 32 117.42 93.44 -2.64
CA PHE KA 32 117.77 92.49 -1.59
C PHE KA 32 118.05 93.19 -0.26
N ASN KA 33 117.10 94.01 0.20
CA ASN KA 33 117.26 94.68 1.49
C ASN KA 33 115.89 94.85 2.11
N LYS KA 34 115.78 94.44 3.38
CA LYS KA 34 114.52 94.53 4.11
C LYS KA 34 114.23 95.96 4.57
N THR KA 35 115.26 96.69 5.02
CA THR KA 35 115.03 98.05 5.50
C THR KA 35 114.60 98.96 4.36
N GLN KA 36 115.25 98.82 3.21
CA GLN KA 36 114.86 99.60 2.03
C GLN KA 36 113.45 99.22 1.59
N ALA KA 37 113.11 97.93 1.65
CA ALA KA 37 111.75 97.50 1.30
C ALA KA 37 110.72 98.11 2.24
N TYR KA 38 111.02 98.16 3.54
CA TYR KA 38 110.07 98.74 4.49
C TYR KA 38 109.90 100.24 4.26
N ILE KA 39 111.01 100.93 3.98
CA ILE KA 39 110.90 102.36 3.71
C ILE KA 39 110.19 102.60 2.38
N LYS KA 40 110.35 101.70 1.41
CA LYS KA 40 109.66 101.82 0.13
C LYS KA 40 108.19 101.41 0.22
N ALA KA 41 107.79 100.70 1.29
CA ALA KA 41 106.38 100.37 1.43
C ALA KA 41 105.54 101.60 1.71
N GLY KA 42 106.06 102.51 2.55
CA GLY KA 42 105.34 103.73 2.86
C GLY KA 42 105.20 104.01 4.34
N PHE KA 43 106.05 103.42 5.16
CA PHE KA 43 105.97 103.50 6.61
C PHE KA 43 107.18 104.26 7.16
N SER KA 44 107.26 104.34 8.49
CA SER KA 44 108.27 105.16 9.15
C SER KA 44 109.66 104.55 9.00
N ALA KA 45 110.62 105.39 8.60
CA ALA KA 45 112.02 104.99 8.44
C ALA KA 45 112.70 104.81 9.78
N PRO KA 46 112.47 105.72 10.72
CA PRO KA 46 113.21 105.68 11.99
C PRO KA 46 112.89 104.46 12.83
N HIS KA 47 113.83 104.12 13.70
CA HIS KA 47 113.71 103.01 14.66
C HIS KA 47 113.30 101.71 13.95
N ALA KA 48 114.23 101.20 13.14
CA ALA KA 48 113.97 99.99 12.35
C ALA KA 48 114.55 98.75 13.01
N GLN KA 49 114.24 98.55 14.30
CA GLN KA 49 114.66 97.36 15.02
C GLN KA 49 113.54 96.36 15.22
N ARG KA 50 112.30 96.83 15.24
CA ARG KA 50 111.13 96.00 15.50
C ARG KA 50 110.01 96.45 14.57
N ASN KA 51 108.82 95.89 14.80
CA ASN KA 51 107.57 96.17 14.08
C ASN KA 51 107.55 95.62 12.66
N VAL KA 52 108.71 95.24 12.12
CA VAL KA 52 108.77 94.73 10.75
C VAL KA 52 108.41 93.25 10.71
N ALA KA 53 108.83 92.51 11.75
CA ALA KA 53 108.55 91.08 11.82
C ALA KA 53 107.05 90.76 11.82
N PRO KA 54 106.22 91.41 12.62
CA PRO KA 54 104.77 91.08 12.56
C PRO KA 54 104.15 91.32 11.19
N TYR KA 55 104.50 92.42 10.52
CA TYR KA 55 103.94 92.67 9.21
C TYR KA 55 104.43 91.66 8.18
N HIS KA 56 105.69 91.25 8.28
CA HIS KA 56 106.18 90.28 7.30
C HIS KA 56 105.62 88.89 7.56
N ARG KA 57 105.46 88.51 8.82
CA ARG KA 57 104.97 87.17 9.15
C ARG KA 57 103.47 87.02 8.97
N LYS KA 58 102.70 88.12 9.05
CA LYS KA 58 101.25 87.99 8.94
C LYS KA 58 100.75 87.90 7.51
N ASN KA 59 101.58 88.20 6.50
CA ASN KA 59 101.14 88.14 5.11
C ASN KA 59 102.14 87.39 4.23
N ALA KA 60 102.83 86.39 4.78
CA ALA KA 60 103.84 85.65 4.03
C ALA KA 60 103.24 84.83 2.89
N GLU KA 61 102.04 84.26 3.10
CA GLU KA 61 101.45 83.37 2.10
C GLU KA 61 101.20 84.11 0.79
N TYR KA 62 100.66 85.33 0.85
CA TYR KA 62 100.43 86.09 -0.36
C TYR KA 62 101.75 86.50 -1.00
N ILE KA 63 102.79 86.73 -0.20
CA ILE KA 63 104.10 87.02 -0.76
C ILE KA 63 104.60 85.84 -1.58
N GLN KA 64 104.45 84.62 -1.05
CA GLN KA 64 104.84 83.43 -1.79
C GLN KA 64 104.03 83.28 -3.08
N ALA KA 65 102.72 83.54 -2.99
CA ALA KA 65 101.89 83.45 -4.19
C ALA KA 65 102.32 84.45 -5.25
N TYR KA 66 102.65 85.68 -4.83
CA TYR KA 66 103.10 86.69 -5.77
C TYR KA 66 104.43 86.31 -6.41
N ILE KA 67 105.34 85.75 -5.61
CA ILE KA 67 106.63 85.34 -6.16
C ILE KA 67 106.44 84.25 -7.20
N SER KA 68 105.57 83.28 -6.90
CA SER KA 68 105.30 82.20 -7.85
C SER KA 68 104.67 82.72 -9.13
N GLU KA 69 103.70 83.64 -9.01
CA GLU KA 69 103.05 84.16 -10.20
C GLU KA 69 104.00 85.00 -11.05
N ARG KA 70 104.88 85.78 -10.41
CA ARG KA 70 105.84 86.56 -11.18
C ARG KA 70 106.80 85.64 -11.94
N ILE KA 71 107.26 84.56 -11.28
CA ILE KA 71 108.14 83.61 -11.95
C ILE KA 71 107.43 82.94 -13.12
N GLY KA 72 106.15 82.58 -12.92
CA GLY KA 72 105.43 81.95 -14.01
C GLY KA 72 105.13 82.90 -15.15
N SER KA 73 104.93 84.18 -14.86
CA SER KA 73 104.69 85.15 -15.92
C SER KA 73 105.97 85.54 -16.65
N ASP KA 74 107.14 85.38 -16.02
CA ASP KA 74 108.40 85.64 -16.71
C ASP KA 74 109.02 84.40 -17.32
N ALA KA 75 108.41 83.22 -17.10
CA ALA KA 75 108.92 81.99 -17.71
C ALA KA 75 109.06 82.01 -19.23
N PRO KA 76 108.11 82.53 -20.02
CA PRO KA 76 108.27 82.49 -21.48
C PRO KA 76 109.53 83.16 -22.02
N ALA KA 77 110.02 84.23 -21.40
CA ALA KA 77 111.27 84.82 -21.86
C ALA KA 77 112.43 83.82 -21.75
N ALA KA 78 112.50 83.10 -20.63
CA ALA KA 78 113.52 82.08 -20.47
C ALA KA 78 113.30 80.90 -21.42
N ARG KA 79 112.04 80.56 -21.71
CA ARG KA 79 111.76 79.54 -22.71
C ARG KA 79 112.31 79.95 -24.08
N LYS KA 80 112.11 81.22 -24.44
CA LYS KA 80 112.67 81.73 -25.68
C LYS KA 80 114.19 81.66 -25.65
N VAL KA 81 114.78 81.98 -24.49
CA VAL KA 81 116.24 81.96 -24.35
C VAL KA 81 116.77 80.54 -24.55
N VAL KA 82 116.13 79.55 -23.93
CA VAL KA 82 116.61 78.18 -24.06
C VAL KA 82 116.42 77.69 -25.50
N LEU KA 83 115.31 78.07 -26.15
CA LEU KA 83 115.12 77.68 -27.54
C LEU KA 83 116.17 78.30 -28.44
N GLU KA 84 116.48 79.59 -28.23
CA GLU KA 84 117.48 80.25 -29.06
C GLU KA 84 118.87 79.67 -28.81
N ILE KA 85 119.16 79.27 -27.57
CA ILE KA 85 120.44 78.61 -27.29
C ILE KA 85 120.50 77.28 -28.01
N MET KA 86 119.35 76.59 -28.10
CA MET KA 86 119.28 75.38 -28.91
C MET KA 86 119.43 75.71 -30.39
N ASN KA 87 119.16 76.96 -30.77
CA ASN KA 87 119.26 77.41 -32.15
C ASN KA 87 120.50 78.27 -32.38
N ASP KA 88 121.41 78.34 -31.42
CA ASP KA 88 122.63 79.12 -31.56
C ASP KA 88 123.71 78.23 -32.16
N PRO KA 89 124.21 78.52 -33.36
CA PRO KA 89 125.17 77.61 -34.00
C PRO KA 89 126.58 77.66 -33.43
N ASN KA 90 126.94 78.69 -32.68
CA ASN KA 90 128.30 78.87 -32.21
C ASN KA 90 128.52 78.27 -30.82
N GLU KA 91 127.54 77.56 -30.28
CA GLU KA 91 127.63 76.99 -28.95
C GLU KA 91 128.10 75.54 -29.00
N LYS KA 92 128.65 75.09 -27.88
CA LYS KA 92 129.17 73.74 -27.77
C LYS KA 92 128.05 72.71 -27.99
N GLY KA 93 128.41 71.59 -28.60
CA GLY KA 93 127.40 70.62 -29.01
C GLY KA 93 126.60 70.05 -27.85
N GLY KA 94 127.26 69.85 -26.71
CA GLY KA 94 126.56 69.30 -25.56
C GLY KA 94 125.42 70.18 -25.09
N ILE KA 95 125.61 71.50 -25.17
CA ILE KA 95 124.58 72.43 -24.72
C ILE KA 95 123.35 72.31 -25.60
N ARG KA 96 123.55 72.26 -26.93
CA ARG KA 96 122.43 72.10 -27.84
C ARG KA 96 121.74 70.75 -27.65
N LEU KA 97 122.52 69.69 -27.42
CA LEU KA 97 121.91 68.38 -27.20
C LEU KA 97 121.03 68.37 -25.95
N LYS KA 98 121.54 68.95 -24.86
CA LYS KA 98 120.75 69.00 -23.63
C LYS KA 98 119.54 69.90 -23.77
N ALA KA 99 119.67 71.01 -24.51
CA ALA KA 99 118.51 71.87 -24.75
C ALA KA 99 117.44 71.15 -25.55
N ALA KA 100 117.85 70.39 -26.57
CA ALA KA 100 116.89 69.61 -27.34
C ALA KA 100 116.22 68.58 -26.46
N GLN KA 101 116.99 67.92 -25.58
CA GLN KA 101 116.39 66.96 -24.65
C GLN KA 101 115.34 67.63 -23.77
N ASP KA 102 115.66 68.82 -23.25
CA ASP KA 102 114.75 69.51 -22.35
C ASP KA 102 113.44 69.90 -23.05
N ILE KA 103 113.55 70.52 -24.23
CA ILE KA 103 112.33 70.95 -24.89
C ILE KA 103 111.53 69.75 -25.42
N LEU KA 104 112.20 68.67 -25.83
CA LEU KA 104 111.44 67.47 -26.22
C LEU KA 104 110.73 66.85 -25.03
N ASP KA 105 111.36 66.85 -23.85
CA ASP KA 105 110.68 66.37 -22.65
C ASP KA 105 109.46 67.22 -22.34
N ARG KA 106 109.56 68.53 -22.61
CA ARG KA 106 108.38 69.39 -22.47
C ARG KA 106 107.34 69.15 -23.56
N ALA KA 107 107.76 68.69 -24.74
CA ALA KA 107 106.80 68.45 -25.82
C ALA KA 107 105.77 67.38 -25.43
N GLY KA 108 106.16 66.43 -24.59
CA GLY KA 108 105.24 65.43 -24.06
C GLY KA 108 105.57 63.99 -24.39
N PHE KA 109 106.83 63.72 -24.69
CA PHE KA 109 107.31 62.36 -24.92
C PHE KA 109 108.49 62.10 -24.01
N GLY KA 110 108.33 61.16 -23.08
CA GLY KA 110 109.25 60.92 -22.01
C GLY KA 110 109.95 59.58 -22.12
N ALA KA 111 110.44 59.09 -20.98
CA ALA KA 111 111.14 57.83 -20.95
C ALA KA 111 110.13 56.67 -20.95
N LYS KA 112 110.64 55.45 -20.89
CA LYS KA 112 109.83 54.28 -21.20
C LYS KA 112 109.80 53.30 -20.03
N GLN KA 113 109.31 52.10 -20.31
CA GLN KA 113 108.85 51.17 -19.29
C GLN KA 113 110.00 50.59 -18.46
N LYS KA 114 109.66 50.23 -17.22
CA LYS KA 114 110.56 49.52 -16.32
C LYS KA 114 109.69 48.64 -15.44
N ILE KA 115 110.08 47.38 -15.25
CA ILE KA 115 109.22 46.39 -14.61
C ILE KA 115 109.66 46.18 -13.17
N GLU KA 116 108.68 45.87 -12.31
CA GLU KA 116 108.89 45.71 -10.87
C GLU KA 116 108.50 44.31 -10.43
N LEU KA 117 109.33 43.73 -9.55
CA LEU KA 117 109.08 42.42 -8.97
C LEU KA 117 108.94 42.56 -7.46
N THR KA 118 107.87 42.00 -6.90
CA THR KA 118 107.57 42.11 -5.48
C THR KA 118 107.63 40.74 -4.81
N THR KA 119 108.16 40.72 -3.59
CA THR KA 119 108.28 39.51 -2.79
C THR KA 119 107.77 39.80 -1.38
N LYS KA 120 107.18 38.78 -0.76
CA LYS KA 120 106.58 38.90 0.57
C LYS KA 120 107.48 39.62 1.58
N LEU LA 15 86.91 89.92 -36.78
CA LEU LA 15 87.67 90.10 -35.55
C LEU LA 15 86.97 89.41 -34.38
N THR LA 16 87.52 88.26 -33.99
CA THR LA 16 86.94 87.40 -32.97
C THR LA 16 87.96 87.15 -31.85
N PRO LA 17 87.50 86.76 -30.66
CA PRO LA 17 88.45 86.45 -29.58
C PRO LA 17 89.18 85.14 -29.83
N LYS LA 18 89.94 84.69 -28.81
CA LYS LA 18 90.77 83.49 -28.82
C LYS LA 18 92.05 83.73 -29.63
N GLU LA 19 92.05 84.75 -30.47
CA GLU LA 19 93.23 85.20 -31.20
C GLU LA 19 93.99 86.29 -30.44
N LYS LA 20 93.25 87.18 -29.81
CA LYS LA 20 93.86 88.28 -29.08
C LYS LA 20 94.63 87.79 -27.86
N LEU LA 21 94.11 86.79 -27.16
CA LEU LA 21 94.83 86.27 -26.01
C LEU LA 21 96.13 85.58 -26.42
N ASP LA 22 96.11 84.83 -27.54
CA ASP LA 22 97.33 84.19 -28.01
C ASP LA 22 98.38 85.21 -28.44
N LEU LA 23 97.95 86.26 -29.17
CA LEU LA 23 98.89 87.31 -29.54
C LEU LA 23 99.42 88.06 -28.32
N TYR LA 24 98.55 88.31 -27.34
CA TYR LA 24 99.00 88.97 -26.12
C TYR LA 24 100.00 88.11 -25.35
N CYS LA 25 99.76 86.81 -25.28
CA CYS LA 25 100.70 85.92 -24.62
C CYS LA 25 102.05 85.93 -25.31
N GLU LA 26 102.05 85.91 -26.64
CA GLU LA 26 103.32 85.96 -27.37
C GLU LA 26 104.02 87.30 -27.16
N ALA LA 27 103.27 88.40 -27.10
CA ALA LA 27 103.89 89.69 -26.84
C ALA LA 27 104.51 89.74 -25.45
N LEU LA 28 103.82 89.16 -24.46
CA LEU LA 28 104.39 89.05 -23.12
C LEU LA 28 105.63 88.17 -23.11
N CYS LA 29 105.62 87.12 -23.93
CA CYS LA 29 106.78 86.24 -24.07
C CYS LA 29 107.94 86.96 -24.72
N ASP LA 30 107.65 87.94 -25.56
CA ASP LA 30 108.70 88.60 -26.32
C ASP LA 30 109.31 89.79 -25.59
N GLY LA 31 108.51 90.63 -24.93
CA GLY LA 31 109.13 91.76 -24.27
C GLY LA 31 109.19 91.70 -22.76
N PHE LA 32 109.00 90.49 -22.19
CA PHE LA 32 109.16 90.18 -20.77
C PHE LA 32 108.78 91.34 -19.86
N ASN LA 33 107.66 91.98 -20.16
CA ASN LA 33 107.17 93.11 -19.36
C ASN LA 33 105.66 93.15 -19.53
N LYS LA 34 104.94 93.30 -18.42
CA LYS LA 34 103.49 93.33 -18.49
C LYS LA 34 102.98 94.64 -19.06
N THR LA 35 103.57 95.77 -18.67
CA THR LA 35 103.04 97.07 -19.08
C THR LA 35 103.26 97.31 -20.57
N GLN LA 36 104.46 97.01 -21.08
CA GLN LA 36 104.73 97.22 -22.50
C GLN LA 36 103.86 96.33 -23.37
N ALA LA 37 103.73 95.06 -23.00
CA ALA LA 37 102.89 94.14 -23.77
C ALA LA 37 101.44 94.58 -23.72
N TYR LA 38 100.95 95.03 -22.56
CA TYR LA 38 99.56 95.42 -22.46
C TYR LA 38 99.27 96.68 -23.27
N ILE LA 39 100.17 97.67 -23.22
CA ILE LA 39 99.92 98.88 -24.00
C ILE LA 39 100.03 98.59 -25.50
N LYS LA 40 100.90 97.64 -25.88
CA LYS LA 40 100.98 97.24 -27.28
C LYS LA 40 99.82 96.36 -27.72
N ALA LA 41 99.07 95.77 -26.77
CA ALA LA 41 98.00 94.88 -27.19
C ALA LA 41 96.87 95.59 -27.93
N GLY LA 42 95.96 96.26 -27.22
CA GLY LA 42 94.96 97.03 -27.93
C GLY LA 42 94.22 98.12 -27.17
N PHE LA 43 94.61 98.39 -25.93
CA PHE LA 43 93.81 99.26 -25.07
C PHE LA 43 94.58 100.51 -24.64
N SER LA 44 93.90 101.30 -23.82
CA SER LA 44 94.42 102.57 -23.33
C SER LA 44 95.52 102.36 -22.31
N ALA LA 45 96.57 103.18 -22.39
CA ALA LA 45 97.73 103.08 -21.52
C ALA LA 45 97.37 103.41 -20.08
N PRO LA 46 96.38 104.29 -19.84
CA PRO LA 46 96.12 104.77 -18.48
C PRO LA 46 95.77 103.65 -17.49
N HIS LA 47 94.76 102.85 -17.81
CA HIS LA 47 94.36 101.75 -16.93
C HIS LA 47 95.04 100.46 -17.40
N ALA LA 48 96.36 100.42 -17.19
CA ALA LA 48 97.16 99.30 -17.66
C ALA LA 48 97.59 98.35 -16.54
N GLN LA 49 98.31 98.85 -15.54
CA GLN LA 49 98.78 97.98 -14.46
C GLN LA 49 97.63 97.41 -13.65
N ARG LA 50 96.46 98.05 -13.67
CA ARG LA 50 95.32 97.61 -12.89
C ARG LA 50 94.39 96.73 -13.71
N ASN LA 51 94.75 96.45 -14.96
CA ASN LA 51 94.00 95.57 -15.84
C ASN LA 51 94.84 94.42 -16.39
N VAL LA 52 96.17 94.56 -16.38
CA VAL LA 52 97.01 93.49 -16.92
C VAL LA 52 97.07 92.33 -15.95
N ALA LA 53 97.13 92.63 -14.65
CA ALA LA 53 97.04 91.59 -13.64
C ALA LA 53 95.71 90.87 -13.72
N PRO LA 54 94.56 91.57 -13.81
CA PRO LA 54 93.28 90.84 -13.94
C PRO LA 54 93.19 90.01 -15.22
N TYR LA 55 93.65 90.53 -16.36
CA TYR LA 55 93.58 89.73 -17.59
C TYR LA 55 94.50 88.52 -17.52
N HIS LA 56 95.67 88.67 -16.88
CA HIS LA 56 96.59 87.54 -16.78
C HIS LA 56 96.08 86.50 -15.78
N ARG LA 57 95.46 86.95 -14.69
CA ARG LA 57 94.97 86.03 -13.66
C ARG LA 57 93.69 85.32 -14.08
N LYS LA 58 92.87 85.94 -14.92
CA LYS LA 58 91.62 85.33 -15.34
C LYS LA 58 91.76 84.42 -16.55
N ASN LA 59 92.91 84.41 -17.22
CA ASN LA 59 93.11 83.61 -18.43
C ASN LA 59 94.39 82.80 -18.36
N ALA LA 60 94.75 82.31 -17.16
CA ALA LA 60 96.01 81.58 -17.01
C ALA LA 60 96.00 80.27 -17.79
N GLU LA 61 94.86 79.58 -17.84
CA GLU LA 61 94.78 78.31 -18.53
C GLU LA 61 95.08 78.45 -20.01
N TYR LA 62 94.52 79.48 -20.65
CA TYR LA 62 94.80 79.69 -22.06
C TYR LA 62 96.25 80.11 -22.28
N ILE LA 63 96.83 80.86 -21.34
CA ILE LA 63 98.23 81.23 -21.45
C ILE LA 63 99.10 79.98 -21.44
N GLN LA 64 98.80 79.04 -20.54
CA GLN LA 64 99.55 77.79 -20.51
C GLN LA 64 99.35 77.01 -21.81
N ALA LA 65 98.13 76.98 -22.33
CA ALA LA 65 97.89 76.28 -23.58
C ALA LA 65 98.66 76.90 -24.73
N TYR LA 66 98.71 78.23 -24.78
CA TYR LA 66 99.43 78.91 -25.86
C TYR LA 66 100.93 78.66 -25.77
N ILE LA 67 101.50 78.72 -24.57
CA ILE LA 67 102.93 78.47 -24.45
C ILE LA 67 103.23 77.01 -24.81
N SER LA 68 102.35 76.09 -24.42
CA SER LA 68 102.53 74.69 -24.80
C SER LA 68 102.48 74.51 -26.31
N GLU LA 69 101.57 75.22 -26.98
CA GLU LA 69 101.48 75.11 -28.44
C GLU LA 69 102.72 75.67 -29.11
N ARG LA 70 103.26 76.77 -28.58
CA ARG LA 70 104.50 77.33 -29.14
C ARG LA 70 105.67 76.37 -28.95
N ILE LA 71 105.77 75.75 -27.77
CA ILE LA 71 106.84 74.79 -27.53
C ILE LA 71 106.68 73.57 -28.43
N GLY LA 72 105.44 73.11 -28.63
CA GLY LA 72 105.24 71.97 -29.49
C GLY LA 72 105.48 72.27 -30.96
N SER LA 73 105.22 73.51 -31.39
CA SER LA 73 105.48 73.87 -32.77
C SER LA 73 106.97 74.08 -33.03
N ASP LA 74 107.74 74.38 -31.99
CA ASP LA 74 109.20 74.46 -32.18
C ASP LA 74 109.91 73.16 -31.81
N ALA LA 75 109.19 72.18 -31.26
CA ALA LA 75 109.79 70.88 -30.95
C ALA LA 75 110.38 70.15 -32.15
N PRO LA 76 109.71 70.09 -33.32
CA PRO LA 76 110.34 69.37 -34.46
C PRO LA 76 111.68 69.93 -34.86
N ALA LA 77 111.91 71.23 -34.71
CA ALA LA 77 113.23 71.79 -34.99
C ALA LA 77 114.28 71.17 -34.08
N ALA LA 78 113.96 71.03 -32.79
CA ALA LA 78 114.90 70.39 -31.88
C ALA LA 78 115.06 68.90 -32.17
N ARG LA 79 114.00 68.23 -32.60
CA ARG LA 79 114.13 66.83 -32.99
C ARG LA 79 115.12 66.70 -34.15
N LYS LA 80 114.99 67.58 -35.14
CA LYS LA 80 115.94 67.59 -36.25
C LYS LA 80 117.34 67.91 -35.76
N VAL LA 81 117.46 68.84 -34.81
CA VAL LA 81 118.77 69.24 -34.29
C VAL LA 81 119.44 68.07 -33.59
N VAL LA 82 118.70 67.36 -32.74
CA VAL LA 82 119.31 66.26 -32.01
C VAL LA 82 119.68 65.12 -32.95
N LEU LA 83 118.84 64.85 -33.96
CA LEU LA 83 119.19 63.80 -34.92
C LEU LA 83 120.42 64.19 -35.73
N GLU LA 84 120.50 65.44 -36.19
CA GLU LA 84 121.63 65.86 -37.02
C GLU LA 84 122.93 65.88 -36.20
N ILE LA 85 122.85 66.27 -34.93
CA ILE LA 85 124.04 66.22 -34.08
C ILE LA 85 124.43 64.77 -33.84
N MET LA 86 123.44 63.87 -33.76
CA MET LA 86 123.75 62.46 -33.67
C MET LA 86 124.38 61.95 -34.96
N ASN LA 87 124.19 62.66 -36.07
CA ASN LA 87 124.76 62.23 -37.35
C ASN LA 87 125.96 63.05 -37.79
N ASP LA 88 126.45 63.99 -36.97
CA ASP LA 88 127.62 64.78 -37.33
C ASP LA 88 128.83 64.09 -36.72
N PRO LA 89 129.76 63.55 -37.53
CA PRO LA 89 130.87 62.76 -36.96
C PRO LA 89 132.00 63.54 -36.31
N ASN LA 90 132.13 64.85 -36.54
CA ASN LA 90 133.31 65.58 -36.09
C ASN LA 90 133.16 66.15 -34.68
N GLU LA 91 132.07 65.84 -34.00
CA GLU LA 91 131.83 66.31 -32.64
C GLU LA 91 132.32 65.26 -31.65
N LYS LA 92 132.49 65.69 -30.39
CA LYS LA 92 133.06 64.81 -29.38
C LYS LA 92 132.23 63.54 -29.23
N GLY LA 93 132.93 62.43 -28.96
CA GLY LA 93 132.29 61.13 -28.96
C GLY LA 93 131.20 61.01 -27.91
N GLY LA 94 131.40 61.63 -26.75
CA GLY LA 94 130.39 61.57 -25.71
C GLY LA 94 129.09 62.19 -26.15
N ILE LA 95 129.17 63.28 -26.92
CA ILE LA 95 127.96 63.93 -27.41
C ILE LA 95 127.24 63.04 -28.41
N ARG LA 96 127.99 62.38 -29.30
CA ARG LA 96 127.40 61.46 -30.26
C ARG LA 96 126.70 60.31 -29.55
N LEU LA 97 127.35 59.76 -28.51
CA LEU LA 97 126.77 58.67 -27.74
C LEU LA 97 125.51 59.12 -27.01
N LYS LA 98 125.54 60.30 -26.39
CA LYS LA 98 124.37 60.80 -25.68
C LYS LA 98 123.22 61.07 -26.63
N ALA LA 99 123.51 61.60 -27.82
CA ALA LA 99 122.45 61.82 -28.81
C ALA LA 99 121.84 60.50 -29.24
N ALA LA 100 122.67 59.48 -29.48
CA ALA LA 100 122.15 58.17 -29.84
C ALA LA 100 121.31 57.57 -28.72
N GLN LA 101 121.78 57.72 -27.47
CA GLN LA 101 121.03 57.23 -26.32
C GLN LA 101 119.66 57.90 -26.22
N ASP LA 102 119.62 59.22 -26.37
CA ASP LA 102 118.36 59.94 -26.26
C ASP LA 102 117.41 59.58 -27.40
N ILE LA 103 117.92 59.49 -28.63
CA ILE LA 103 117.05 59.18 -29.75
C ILE LA 103 116.50 57.76 -29.63
N LEU LA 104 117.33 56.83 -29.12
CA LEU LA 104 116.85 55.48 -28.90
C LEU LA 104 115.82 55.43 -27.78
N ASP LA 105 116.02 56.23 -26.73
CA ASP LA 105 115.03 56.32 -25.66
C ASP LA 105 113.72 56.88 -26.18
N ARG LA 106 113.78 57.81 -27.14
CA ARG LA 106 112.56 58.31 -27.78
C ARG LA 106 111.92 57.24 -28.65
N ALA LA 107 112.73 56.34 -29.22
CA ALA LA 107 112.17 55.27 -30.05
C ALA LA 107 111.25 54.36 -29.25
N GLY LA 108 111.51 54.21 -27.95
CA GLY LA 108 110.63 53.42 -27.10
C GLY LA 108 111.31 52.25 -26.41
N PHE LA 109 112.61 52.35 -26.18
CA PHE LA 109 113.38 51.32 -25.49
C PHE LA 109 114.03 51.92 -24.25
N GLY LA 110 113.61 51.45 -23.08
CA GLY LA 110 113.99 52.02 -21.80
C GLY LA 110 114.84 51.11 -20.95
N ALA LA 111 114.85 51.35 -19.64
CA ALA LA 111 115.65 50.55 -18.72
C ALA LA 111 114.90 49.25 -18.37
N LYS LA 112 115.49 48.46 -17.47
CA LYS LA 112 115.08 47.08 -17.26
C LYS LA 112 114.63 46.84 -15.83
N GLN LA 113 114.53 45.56 -15.44
CA GLN LA 113 113.77 45.17 -14.26
C GLN LA 113 114.42 45.70 -12.99
N LYS LA 114 113.59 45.90 -11.96
CA LYS LA 114 114.03 46.31 -10.64
C LYS LA 114 113.12 45.63 -9.62
N ILE LA 115 113.70 44.96 -8.62
CA ILE LA 115 112.95 44.15 -7.67
C ILE LA 115 112.91 44.82 -6.31
N GLU LA 116 111.74 44.80 -5.67
CA GLU LA 116 111.54 45.34 -4.32
C GLU LA 116 110.82 44.30 -3.47
N LEU LA 117 111.28 44.10 -2.25
CA LEU LA 117 110.57 43.24 -1.29
C LEU LA 117 110.24 44.05 -0.04
N THR LA 118 109.25 43.57 0.70
CA THR LA 118 108.79 44.26 1.90
C THR LA 118 109.03 43.40 3.13
N THR LA 119 109.47 44.05 4.20
CA THR LA 119 109.73 43.39 5.48
C THR LA 119 109.11 44.23 6.59
N LYS LA 120 108.33 43.58 7.46
CA LYS LA 120 107.64 44.29 8.52
C LYS LA 120 108.08 43.80 9.90
N LYS MA 18 93.34 62.37 -44.44
CA LYS MA 18 94.15 62.25 -43.24
C LYS MA 18 95.63 62.26 -43.57
N GLU MA 19 95.96 61.97 -44.84
CA GLU MA 19 97.35 61.96 -45.29
C GLU MA 19 97.87 63.36 -45.57
N LYS MA 20 97.00 64.29 -45.97
CA LYS MA 20 97.43 65.66 -46.17
C LYS MA 20 97.91 66.27 -44.86
N LEU MA 21 97.27 65.90 -43.75
CA LEU MA 21 97.74 66.37 -42.46
C LEU MA 21 99.12 65.82 -42.15
N ASP MA 22 99.38 64.56 -42.53
CA ASP MA 22 100.70 63.98 -42.33
C ASP MA 22 101.76 64.68 -43.16
N LEU MA 23 101.41 65.02 -44.41
CA LEU MA 23 102.36 65.78 -45.24
C LEU MA 23 102.62 67.16 -44.65
N TYR MA 24 101.59 67.82 -44.12
CA TYR MA 24 101.80 69.10 -43.46
C TYR MA 24 102.70 68.96 -42.24
N CYS MA 25 102.50 67.88 -41.47
CA CYS MA 25 103.34 67.63 -40.31
C CYS MA 25 104.79 67.41 -40.69
N GLU MA 26 105.02 66.62 -41.75
CA GLU MA 26 106.40 66.37 -42.17
C GLU MA 26 107.05 67.65 -42.69
N ALA MA 27 106.30 68.48 -43.41
CA ALA MA 27 106.87 69.74 -43.89
C ALA MA 27 107.22 70.66 -42.72
N LEU MA 28 106.35 70.72 -41.70
CA LEU MA 28 106.66 71.51 -40.52
C LEU MA 28 107.85 70.93 -39.76
N CYS MA 29 107.97 69.60 -39.71
CA CYS MA 29 109.08 68.96 -39.02
C CYS MA 29 110.40 69.19 -39.75
N ASP MA 30 110.36 69.35 -41.07
CA ASP MA 30 111.60 69.44 -41.82
C ASP MA 30 112.05 70.89 -41.99
N GLY MA 31 111.13 71.81 -42.26
CA GLY MA 31 111.59 73.17 -42.46
C GLY MA 31 111.31 74.10 -41.29
N PHE MA 32 111.04 73.51 -40.12
CA PHE MA 32 110.90 74.21 -38.83
C PHE MA 32 110.28 75.60 -38.95
N ASN MA 33 109.21 75.73 -39.72
CA ASN MA 33 108.56 77.04 -39.88
C ASN MA 33 107.09 76.81 -40.19
N LYS MA 34 106.21 77.59 -39.53
CA LYS MA 34 104.80 77.43 -39.77
C LYS MA 34 104.40 77.98 -41.14
N THR MA 35 104.95 79.13 -41.52
CA THR MA 35 104.53 79.75 -42.77
C THR MA 35 104.99 78.97 -44.00
N GLN MA 36 106.24 78.49 -44.00
CA GLN MA 36 106.72 77.74 -45.17
C GLN MA 36 105.95 76.43 -45.34
N ALA MA 37 105.73 75.70 -44.24
CA ALA MA 37 104.94 74.48 -44.32
C ALA MA 37 103.51 74.77 -44.72
N TYR MA 38 102.95 75.86 -44.21
CA TYR MA 38 101.56 76.21 -44.50
C TYR MA 38 101.38 76.56 -45.98
N ILE MA 39 102.32 77.31 -46.55
CA ILE MA 39 102.25 77.61 -47.98
C ILE MA 39 102.54 76.37 -48.81
N LYS MA 40 103.35 75.44 -48.28
CA LYS MA 40 103.57 74.20 -49.00
C LYS MA 40 102.37 73.27 -48.92
N ALA MA 41 101.46 73.51 -47.98
CA ALA MA 41 100.24 72.70 -47.93
C ALA MA 41 99.36 72.98 -49.13
N GLY MA 42 99.27 74.25 -49.56
CA GLY MA 42 98.51 74.59 -50.75
C GLY MA 42 97.48 75.66 -50.47
N PHE MA 43 97.69 76.48 -49.44
CA PHE MA 43 96.68 77.38 -48.93
C PHE MA 43 97.07 78.84 -49.16
N SER MA 44 96.18 79.73 -48.70
CA SER MA 44 96.39 81.16 -48.85
C SER MA 44 97.45 81.64 -47.87
N ALA MA 45 98.36 82.48 -48.36
CA ALA MA 45 99.47 82.96 -47.54
C ALA MA 45 99.00 83.85 -46.40
N PRO MA 46 98.05 84.75 -46.64
CA PRO MA 46 97.68 85.74 -45.60
C PRO MA 46 97.10 85.13 -44.33
N HIS MA 47 96.53 83.92 -44.37
CA HIS MA 47 95.91 83.33 -43.19
C HIS MA 47 96.95 82.57 -42.38
N ALA MA 48 97.88 83.31 -41.79
CA ALA MA 48 98.96 82.70 -41.04
C ALA MA 48 98.88 82.90 -39.52
N GLN MA 49 97.88 83.62 -39.02
CA GLN MA 49 97.82 83.83 -37.57
C GLN MA 49 96.76 83.04 -36.84
N ARG MA 50 95.57 82.85 -37.41
CA ARG MA 50 94.48 82.17 -36.71
C ARG MA 50 94.19 80.79 -37.30
N ASN MA 51 93.62 80.74 -38.52
CA ASN MA 51 93.23 79.52 -39.21
C ASN MA 51 94.22 78.37 -39.03
N VAL MA 52 95.51 78.67 -39.09
CA VAL MA 52 96.51 77.60 -39.00
C VAL MA 52 96.64 77.14 -37.56
N ALA MA 53 96.56 78.08 -36.60
CA ALA MA 53 96.52 77.69 -35.19
C ALA MA 53 95.30 76.84 -34.89
N PRO MA 54 94.09 77.22 -35.33
CA PRO MA 54 92.93 76.33 -35.11
C PRO MA 54 93.08 74.96 -35.77
N TYR MA 55 93.64 74.91 -36.99
CA TYR MA 55 93.82 73.60 -37.63
C TYR MA 55 94.82 72.75 -36.86
N HIS MA 56 95.86 73.39 -36.30
CA HIS MA 56 96.85 72.67 -35.52
C HIS MA 56 96.27 72.22 -34.18
N ARG MA 57 95.36 73.00 -33.61
CA ARG MA 57 94.80 72.70 -32.30
C ARG MA 57 93.80 71.55 -32.34
N LYS MA 58 93.13 71.33 -33.48
CA LYS MA 58 92.12 70.28 -33.56
C LYS MA 58 92.71 68.91 -33.89
N ASN MA 59 93.97 68.83 -34.30
CA ASN MA 59 94.58 67.55 -34.66
C ASN MA 59 95.97 67.41 -34.03
N ALA MA 60 96.15 67.95 -32.82
CA ALA MA 60 97.46 67.94 -32.17
C ALA MA 60 97.95 66.54 -31.86
N GLU MA 61 97.05 65.65 -31.43
CA GLU MA 61 97.47 64.30 -31.03
C GLU MA 61 98.07 63.53 -32.20
N TYR MA 62 97.42 63.58 -33.36
CA TYR MA 62 97.97 62.85 -34.51
C TYR MA 62 99.26 63.49 -35.00
N ILE MA 63 99.37 64.82 -34.91
CA ILE MA 63 100.60 65.50 -35.28
C ILE MA 63 101.73 65.03 -34.38
N GLN MA 64 101.47 64.93 -33.08
CA GLN MA 64 102.47 64.45 -32.14
C GLN MA 64 102.86 63.02 -32.45
N ALA MA 65 101.88 62.17 -32.77
CA ALA MA 65 102.19 60.79 -33.11
C ALA MA 65 103.06 60.71 -34.37
N TYR MA 66 102.75 61.53 -35.38
CA TYR MA 66 103.54 61.52 -36.61
C TYR MA 66 104.96 62.00 -36.38
N ILE MA 67 105.13 63.07 -35.60
CA ILE MA 67 106.49 63.55 -35.33
C ILE MA 67 107.25 62.53 -34.50
N SER MA 68 106.57 61.85 -33.57
CA SER MA 68 107.23 60.82 -32.78
C SER MA 68 107.69 59.66 -33.67
N GLU MA 69 106.86 59.23 -34.61
CA GLU MA 69 107.29 58.15 -35.48
C GLU MA 69 108.44 58.58 -36.38
N ARG MA 70 108.41 59.84 -36.85
CA ARG MA 70 109.52 60.33 -37.67
C ARG MA 70 110.81 60.39 -36.87
N ILE MA 71 110.76 60.87 -35.62
CA ILE MA 71 111.96 60.93 -34.80
C ILE MA 71 112.45 59.52 -34.46
N GLY MA 72 111.52 58.58 -34.24
CA GLY MA 72 111.86 57.19 -33.97
C GLY MA 72 112.43 56.43 -35.15
N SER MA 73 112.14 56.89 -36.38
CA SER MA 73 112.58 56.18 -37.58
C SER MA 73 114.09 56.20 -37.79
N ASP MA 74 114.83 57.06 -37.08
CA ASP MA 74 116.28 57.07 -37.18
C ASP MA 74 116.95 56.17 -36.13
N ALA MA 75 116.18 55.48 -35.29
CA ALA MA 75 116.78 54.61 -34.29
C ALA MA 75 117.74 53.55 -34.85
N PRO MA 76 117.44 52.84 -35.95
CA PRO MA 76 118.45 51.88 -36.45
C PRO MA 76 119.76 52.54 -36.85
N ALA MA 77 119.69 53.75 -37.41
CA ALA MA 77 120.90 54.49 -37.77
C ALA MA 77 121.72 54.81 -36.52
N ALA MA 78 121.06 55.26 -35.46
CA ALA MA 78 121.78 55.55 -34.22
C ALA MA 78 122.35 54.29 -33.59
N ARG MA 79 121.63 53.17 -33.70
CA ARG MA 79 122.17 51.90 -33.20
C ARG MA 79 123.43 51.51 -33.94
N LYS MA 80 123.44 51.64 -35.27
CA LYS MA 80 124.66 51.37 -36.02
C LYS MA 80 125.77 52.35 -35.64
N VAL MA 81 125.42 53.62 -35.42
CA VAL MA 81 126.43 54.62 -35.07
C VAL MA 81 127.07 54.28 -33.73
N VAL MA 82 126.25 53.90 -32.74
CA VAL MA 82 126.81 53.57 -31.43
C VAL MA 82 127.64 52.29 -31.51
N LEU MA 83 127.21 51.32 -32.31
CA LEU MA 83 128.01 50.11 -32.44
C LEU MA 83 129.37 50.41 -33.10
N GLU MA 84 129.38 51.23 -34.15
CA GLU MA 84 130.64 51.51 -34.83
C GLU MA 84 131.56 52.36 -33.95
N ILE MA 85 130.99 53.29 -33.16
CA ILE MA 85 131.83 54.05 -32.25
C ILE MA 85 132.35 53.15 -31.13
N MET MA 86 131.56 52.14 -30.73
CA MET MA 86 132.01 51.15 -29.77
C MET MA 86 133.08 50.25 -30.36
N ASN MA 87 133.19 50.21 -31.70
CA ASN MA 87 134.16 49.36 -32.37
C ASN MA 87 135.40 50.13 -32.81
N ASP MA 88 135.54 51.40 -32.40
CA ASP MA 88 136.71 52.18 -32.72
C ASP MA 88 137.69 52.03 -31.56
N PRO MA 89 138.86 51.41 -31.76
CA PRO MA 89 139.76 51.16 -30.62
C PRO MA 89 140.52 52.38 -30.12
N ASN MA 90 140.62 53.45 -30.90
CA ASN MA 90 141.44 54.60 -30.54
C ASN MA 90 140.67 55.65 -29.75
N GLU MA 91 139.42 55.36 -29.39
CA GLU MA 91 138.55 56.28 -28.68
C GLU MA 91 138.70 56.11 -27.18
N LYS MA 92 138.33 57.15 -26.45
CA LYS MA 92 138.45 57.14 -25.00
C LYS MA 92 137.63 56.00 -24.41
N GLY MA 93 138.15 55.42 -23.31
CA GLY MA 93 137.52 54.25 -22.74
C GLY MA 93 136.10 54.51 -22.28
N GLY MA 94 135.83 55.74 -21.83
CA GLY MA 94 134.49 56.07 -21.37
C GLY MA 94 133.44 55.92 -22.45
N ILE MA 95 133.79 56.25 -23.69
CA ILE MA 95 132.80 56.19 -24.76
C ILE MA 95 132.40 54.74 -25.01
N ARG MA 96 133.39 53.85 -25.08
CA ARG MA 96 133.10 52.43 -25.27
C ARG MA 96 132.36 51.85 -24.08
N LEU MA 97 132.74 52.24 -22.85
CA LEU MA 97 132.04 51.73 -21.68
C LEU MA 97 130.58 52.16 -21.63
N LYS MA 98 130.30 53.43 -21.93
CA LYS MA 98 128.91 53.89 -21.93
C LYS MA 98 128.11 53.24 -23.05
N ALA MA 99 128.73 53.06 -24.22
CA ALA MA 99 128.04 52.36 -25.31
C ALA MA 99 127.72 50.93 -24.93
N ALA MA 100 128.68 50.23 -24.29
CA ALA MA 100 128.43 48.88 -23.83
C ALA MA 100 127.34 48.84 -22.77
N GLN MA 101 127.34 49.81 -21.86
CA GLN MA 101 126.28 49.87 -20.85
C GLN MA 101 124.92 50.02 -21.49
N ASP MA 102 124.82 50.89 -22.50
CA ASP MA 102 123.54 51.09 -23.19
C ASP MA 102 123.11 49.82 -23.91
N ILE MA 103 124.03 49.17 -24.62
CA ILE MA 103 123.67 47.99 -25.39
C ILE MA 103 123.30 46.83 -24.47
N LEU MA 104 123.98 46.70 -23.32
CA LEU MA 104 123.62 45.66 -22.37
C LEU MA 104 122.27 45.94 -21.73
N ASP MA 105 121.97 47.22 -21.44
CA ASP MA 105 120.64 47.56 -20.94
C ASP MA 105 119.57 47.25 -21.96
N ARG MA 106 119.89 47.43 -23.26
CA ARG MA 106 118.94 47.07 -24.30
C ARG MA 106 118.79 45.55 -24.42
N ALA MA 107 119.86 44.81 -24.14
CA ALA MA 107 119.79 43.35 -24.23
C ALA MA 107 118.84 42.77 -23.18
N GLY MA 108 118.68 43.46 -22.06
CA GLY MA 108 117.76 43.00 -21.03
C GLY MA 108 118.46 42.76 -19.70
N PHE MA 109 119.54 43.48 -19.46
CA PHE MA 109 120.31 43.35 -18.23
C PHE MA 109 120.34 44.70 -17.52
N GLY MA 110 119.66 44.78 -16.37
CA GLY MA 110 119.48 46.03 -15.66
C GLY MA 110 120.12 46.02 -14.29
N ALA MA 111 119.70 46.94 -13.42
CA ALA MA 111 120.23 47.00 -12.07
C ALA MA 111 119.46 46.02 -11.19
N LYS MA 112 119.79 46.01 -9.90
CA LYS MA 112 119.37 44.92 -9.01
C LYS MA 112 118.57 45.38 -7.80
N GLN MA 113 118.44 44.47 -6.83
CA GLN MA 113 117.40 44.52 -5.82
C GLN MA 113 117.55 45.73 -4.90
N LYS MA 114 116.42 46.09 -4.29
CA LYS MA 114 116.34 47.16 -3.29
C LYS MA 114 115.37 46.68 -2.22
N ILE MA 115 115.78 46.78 -0.96
CA ILE MA 115 115.03 46.26 0.17
C ILE MA 115 114.42 47.43 0.94
N GLU MA 116 113.24 47.21 1.50
CA GLU MA 116 112.52 48.25 2.24
C GLU MA 116 112.29 47.82 3.68
N LEU MA 117 112.62 48.73 4.61
CA LEU MA 117 112.38 48.57 6.03
C LEU MA 117 111.58 49.77 6.49
N THR MA 118 110.46 49.54 7.16
CA THR MA 118 109.59 50.62 7.59
C THR MA 118 109.54 50.69 9.12
N THR MA 119 109.55 51.91 9.65
CA THR MA 119 109.51 52.18 11.08
C THR MA 119 108.49 53.26 11.39
N LYS MA 120 107.32 53.18 10.76
CA LYS MA 120 106.26 54.17 10.98
C LYS MA 120 105.78 54.15 12.42
N LEU NA 15 112.66 36.05 -52.98
CA LEU NA 15 111.73 35.13 -53.61
C LEU NA 15 110.45 35.00 -52.78
N THR NA 16 110.53 35.39 -51.52
CA THR NA 16 109.40 35.37 -50.60
C THR NA 16 109.39 36.67 -49.81
N PRO NA 17 108.22 37.12 -49.36
CA PRO NA 17 108.17 38.44 -48.69
C PRO NA 17 108.96 38.54 -47.41
N LYS NA 18 109.20 37.42 -46.71
CA LYS NA 18 109.91 37.49 -45.43
C LYS NA 18 111.35 37.94 -45.62
N GLU NA 19 111.95 37.61 -46.76
CA GLU NA 19 113.32 38.05 -47.01
C GLU NA 19 113.36 39.50 -47.47
N LYS NA 20 112.34 39.92 -48.20
CA LYS NA 20 112.26 41.32 -48.60
C LYS NA 20 112.05 42.22 -47.38
N LEU NA 21 111.22 41.79 -46.43
CA LEU NA 21 111.04 42.58 -45.21
C LEU NA 21 112.27 42.56 -44.31
N ASP NA 22 112.94 41.40 -44.20
CA ASP NA 22 114.16 41.36 -43.39
C ASP NA 22 115.26 42.22 -44.02
N LEU NA 23 115.39 42.18 -45.34
CA LEU NA 23 116.35 43.05 -46.02
C LEU NA 23 115.97 44.52 -45.84
N TYR NA 24 114.67 44.83 -45.85
CA TYR NA 24 114.21 46.19 -45.61
C TYR NA 24 114.63 46.69 -44.22
N CYS NA 25 114.44 45.84 -43.20
CA CYS NA 25 114.85 46.21 -41.84
C CYS NA 25 116.36 46.38 -41.74
N GLU NA 26 117.12 45.44 -42.33
CA GLU NA 26 118.59 45.53 -42.25
C GLU NA 26 119.12 46.72 -43.04
N ALA NA 27 118.53 47.02 -44.20
CA ALA NA 27 118.95 48.17 -44.98
C ALA NA 27 118.66 49.47 -44.23
N LEU NA 28 117.51 49.56 -43.56
CA LEU NA 28 117.25 50.72 -42.73
C LEU NA 28 118.26 50.80 -41.60
N CYS NA 29 118.67 49.65 -41.07
CA CYS NA 29 119.67 49.66 -39.99
C CYS NA 29 121.04 50.11 -40.48
N ASP NA 30 121.40 49.78 -41.71
CA ASP NA 30 122.77 50.02 -42.17
C ASP NA 30 122.96 51.32 -42.94
N GLY NA 31 122.06 51.68 -43.86
CA GLY NA 31 122.32 52.85 -44.66
C GLY NA 31 121.50 54.08 -44.33
N PHE NA 32 120.99 54.16 -43.09
CA PHE NA 32 120.29 55.33 -42.55
C PHE NA 32 119.44 56.07 -43.58
N ASN NA 33 118.67 55.33 -44.38
CA ASN NA 33 117.80 55.96 -45.36
C ASN NA 33 116.61 55.05 -45.61
N LYS NA 34 115.42 55.61 -45.56
CA LYS NA 34 114.20 54.85 -45.80
C LYS NA 34 113.99 54.60 -47.29
N THR NA 35 114.26 55.62 -48.12
CA THR NA 35 114.05 55.49 -49.56
C THR NA 35 115.03 54.51 -50.18
N GLN NA 36 116.30 54.58 -49.75
CA GLN NA 36 117.29 53.62 -50.25
C GLN NA 36 116.92 52.21 -49.85
N ALA NA 37 116.44 52.03 -48.62
CA ALA NA 37 115.97 50.71 -48.19
C ALA NA 37 114.80 50.25 -49.07
N TYR NA 38 113.93 51.20 -49.44
CA TYR NA 38 112.80 50.86 -50.30
C TYR NA 38 113.28 50.40 -51.67
N ILE NA 39 114.30 51.07 -52.20
CA ILE NA 39 114.85 50.67 -53.50
C ILE NA 39 115.54 49.32 -53.37
N LYS NA 40 116.09 49.01 -52.20
CA LYS NA 40 116.67 47.71 -51.95
C LYS NA 40 115.62 46.63 -51.71
N ALA NA 41 114.38 47.03 -51.41
CA ALA NA 41 113.32 46.04 -51.22
C ALA NA 41 112.95 45.38 -52.53
N GLY NA 42 112.91 46.15 -53.63
CA GLY NA 42 112.63 45.59 -54.93
C GLY NA 42 111.54 46.26 -55.75
N PHE NA 43 111.23 47.51 -55.46
CA PHE NA 43 110.15 48.21 -56.16
C PHE NA 43 110.74 49.39 -56.94
N SER NA 44 109.87 50.13 -57.61
CA SER NA 44 110.30 51.23 -58.47
C SER NA 44 110.78 52.41 -57.63
N ALA NA 45 111.92 52.98 -58.03
CA ALA NA 45 112.51 54.11 -57.34
C ALA NA 45 111.65 55.34 -57.56
N PRO NA 46 111.10 55.53 -58.76
CA PRO NA 46 110.36 56.78 -59.05
C PRO NA 46 109.15 56.98 -58.15
N HIS NA 47 108.39 55.93 -57.86
CA HIS NA 47 107.20 56.06 -57.01
C HIS NA 47 107.56 55.64 -55.58
N ALA NA 48 108.45 56.42 -54.98
CA ALA NA 48 108.96 56.17 -53.64
C ALA NA 48 108.49 57.18 -52.59
N GLN NA 49 107.61 58.11 -52.94
CA GLN NA 49 107.21 59.14 -51.99
C GLN NA 49 105.87 58.89 -51.32
N ARG NA 50 104.96 58.15 -51.95
CA ARG NA 50 103.61 57.96 -51.42
C ARG NA 50 103.41 56.62 -50.74
N ASN NA 51 103.67 55.52 -51.47
CA ASN NA 51 103.40 54.18 -50.94
C ASN NA 51 104.40 53.74 -49.86
N VAL NA 52 105.56 54.38 -49.76
CA VAL NA 52 106.58 53.88 -48.82
C VAL NA 52 106.18 54.20 -47.39
N ALA NA 53 105.63 55.38 -47.16
CA ALA NA 53 105.13 55.70 -45.82
C ALA NA 53 103.99 54.78 -45.42
N PRO NA 54 102.98 54.53 -46.26
CA PRO NA 54 101.93 53.57 -45.87
C PRO NA 54 102.46 52.17 -45.61
N TYR NA 55 103.41 51.70 -46.42
CA TYR NA 55 103.98 50.38 -46.17
C TYR NA 55 104.78 50.35 -44.87
N HIS NA 56 105.46 51.46 -44.55
CA HIS NA 56 106.28 51.53 -43.34
C HIS NA 56 105.43 51.58 -42.09
N ARG NA 57 104.28 52.25 -42.14
CA ARG NA 57 103.45 52.38 -40.94
C ARG NA 57 102.74 51.07 -40.57
N LYS NA 58 102.56 50.16 -41.52
CA LYS NA 58 101.82 48.93 -41.25
C LYS NA 58 102.65 47.83 -40.60
N ASN NA 59 103.98 47.97 -40.52
CA ASN NA 59 104.83 46.91 -39.97
C ASN NA 59 105.84 47.45 -38.96
N ALA NA 60 105.45 48.46 -38.17
CA ALA NA 60 106.37 49.05 -37.20
C ALA NA 60 106.75 48.06 -36.10
N GLU NA 61 105.80 47.24 -35.66
CA GLU NA 61 106.06 46.30 -34.55
C GLU NA 61 107.16 45.32 -34.92
N TYR NA 62 107.13 44.80 -36.15
CA TYR NA 62 108.17 43.88 -36.59
C TYR NA 62 109.52 44.58 -36.68
N ILE NA 63 109.52 45.86 -37.06
CA ILE NA 63 110.76 46.63 -37.08
C ILE NA 63 111.35 46.71 -35.69
N GLN NA 64 110.52 47.01 -34.69
CA GLN NA 64 111.01 47.10 -33.32
C GLN NA 64 111.54 45.75 -32.83
N ALA NA 65 110.82 44.67 -33.13
CA ALA NA 65 111.27 43.34 -32.71
C ALA NA 65 112.61 42.98 -33.36
N TYR NA 66 112.74 43.28 -34.65
CA TYR NA 66 113.98 42.97 -35.36
C TYR NA 66 115.15 43.78 -34.82
N ILE NA 67 114.91 45.06 -34.52
CA ILE NA 67 115.99 45.88 -33.97
C ILE NA 67 116.42 45.37 -32.62
N SER NA 68 115.45 44.97 -31.78
CA SER NA 68 115.79 44.44 -30.47
C SER NA 68 116.58 43.14 -30.58
N GLU NA 69 116.17 42.25 -31.49
CA GLU NA 69 116.89 40.99 -31.63
C GLU NA 69 118.30 41.20 -32.18
N ARG NA 70 118.46 42.13 -33.13
CA ARG NA 70 119.78 42.40 -33.68
C ARG NA 70 120.72 43.00 -32.64
N ILE NA 71 120.23 43.98 -31.86
CA ILE NA 71 121.10 44.58 -30.86
C ILE NA 71 121.43 43.58 -29.75
N GLY NA 72 120.46 42.74 -29.36
CA GLY NA 72 120.76 41.75 -28.35
C GLY NA 72 121.71 40.68 -28.84
N SER NA 73 121.65 40.34 -30.13
CA SER NA 73 122.58 39.36 -30.66
C SER NA 73 123.97 39.93 -30.89
N ASP NA 74 124.10 41.26 -31.02
CA ASP NA 74 125.41 41.89 -31.11
C ASP NA 74 125.93 42.37 -29.76
N ALA NA 75 125.13 42.22 -28.71
CA ALA NA 75 125.58 42.58 -27.36
C ALA NA 75 126.87 41.91 -26.91
N PRO NA 76 127.11 40.61 -27.16
CA PRO NA 76 128.36 40.00 -26.69
C PRO NA 76 129.63 40.67 -27.20
N ALA NA 77 129.63 41.22 -28.42
CA ALA NA 77 130.83 41.93 -28.88
C ALA NA 77 131.12 43.15 -28.00
N ALA NA 78 130.09 43.92 -27.66
CA ALA NA 78 130.29 45.07 -26.77
C ALA NA 78 130.67 44.61 -25.37
N ARG NA 79 130.12 43.48 -24.91
CA ARG NA 79 130.54 42.92 -23.63
C ARG NA 79 132.03 42.56 -23.65
N LYS NA 80 132.49 41.99 -24.76
CA LYS NA 80 133.93 41.72 -24.91
C LYS NA 80 134.72 43.02 -24.85
N VAL NA 81 134.18 44.08 -25.47
CA VAL NA 81 134.86 45.36 -25.47
C VAL NA 81 134.99 45.91 -24.05
N VAL NA 82 133.90 45.83 -23.27
CA VAL NA 82 133.93 46.37 -21.91
C VAL NA 82 134.85 45.53 -21.04
N LEU NA 83 134.87 44.20 -21.22
CA LEU NA 83 135.79 43.37 -20.45
C LEU NA 83 137.24 43.70 -20.80
N GLU NA 84 137.54 43.89 -22.09
CA GLU NA 84 138.91 44.17 -22.50
C GLU NA 84 139.37 45.54 -21.99
N ILE NA 85 138.48 46.53 -22.01
CA ILE NA 85 138.86 47.82 -21.46
C ILE NA 85 139.00 47.75 -19.94
N MET NA 86 138.18 46.90 -19.29
CA MET NA 86 138.34 46.68 -17.85
C MET NA 86 139.63 45.95 -17.53
N ASN NA 87 140.22 45.28 -18.51
CA ASN NA 87 141.48 44.56 -18.33
C ASN NA 87 142.66 45.33 -18.90
N ASP NA 88 142.47 46.60 -19.26
CA ASP NA 88 143.53 47.43 -19.81
C ASP NA 88 144.26 48.10 -18.65
N PRO NA 89 145.53 47.77 -18.40
CA PRO NA 89 146.20 48.35 -17.22
C PRO NA 89 146.66 49.79 -17.40
N ASN NA 90 146.82 50.26 -18.63
CA ASN NA 90 147.32 51.61 -18.88
C ASN NA 90 146.17 52.59 -19.08
N GLU NA 91 144.94 52.15 -18.88
CA GLU NA 91 143.75 52.94 -19.12
C GLU NA 91 143.31 53.64 -17.83
N LYS NA 92 142.51 54.70 -18.00
CA LYS NA 92 142.10 55.52 -16.87
C LYS NA 92 141.34 54.71 -15.83
N GLY NA 93 141.58 55.05 -14.55
CA GLY NA 93 141.02 54.25 -13.46
C GLY NA 93 139.51 54.29 -13.37
N GLY NA 94 138.91 55.43 -13.72
CA GLY NA 94 137.47 55.54 -13.61
C GLY NA 94 136.74 54.51 -14.45
N ILE NA 95 137.26 54.23 -15.64
CA ILE NA 95 136.66 53.22 -16.49
C ILE NA 95 136.84 51.83 -15.89
N ARG NA 96 138.00 51.55 -15.29
CA ARG NA 96 138.19 50.26 -14.65
C ARG NA 96 137.17 50.05 -13.54
N LEU NA 97 136.97 51.07 -12.72
CA LEU NA 97 135.99 50.95 -11.64
C LEU NA 97 134.56 50.84 -12.18
N LYS NA 98 134.21 51.67 -13.17
CA LYS NA 98 132.84 51.63 -13.70
C LYS NA 98 132.56 50.31 -14.39
N ALA NA 99 133.53 49.75 -15.12
CA ALA NA 99 133.37 48.45 -15.73
C ALA NA 99 133.20 47.36 -14.68
N ALA NA 100 134.01 47.40 -13.62
CA ALA NA 100 133.83 46.42 -12.55
C ALA NA 100 132.46 46.55 -11.91
N GLN NA 101 132.01 47.79 -11.68
CA GLN NA 101 130.68 48.02 -11.12
C GLN NA 101 129.61 47.46 -12.05
N ASP NA 102 129.77 47.68 -13.36
CA ASP NA 102 128.78 47.20 -14.32
C ASP NA 102 128.70 45.67 -14.31
N ILE NA 103 129.85 45.01 -14.34
CA ILE NA 103 129.84 43.55 -14.41
C ILE NA 103 129.35 42.93 -13.10
N LEU NA 104 129.69 43.54 -11.95
CA LEU NA 104 129.16 43.03 -10.69
C LEU NA 104 127.66 43.25 -10.60
N ASP NA 105 127.17 44.39 -11.09
CA ASP NA 105 125.73 44.60 -11.18
C ASP NA 105 125.08 43.60 -12.12
N ARG NA 106 125.82 43.17 -13.15
CA ARG NA 106 125.33 42.15 -14.06
C ARG NA 106 125.24 40.78 -13.40
N ALA NA 107 126.14 40.49 -12.46
CA ALA NA 107 126.16 39.16 -11.85
C ALA NA 107 124.91 38.87 -11.02
N GLY NA 108 124.33 39.88 -10.39
CA GLY NA 108 123.11 39.67 -9.64
C GLY NA 108 123.29 39.96 -8.17
N PHE NA 109 124.25 40.84 -7.86
CA PHE NA 109 124.53 41.26 -6.49
C PHE NA 109 124.34 42.77 -6.46
N GLY NA 110 123.31 43.21 -5.73
CA GLY NA 110 122.89 44.60 -5.79
C GLY NA 110 123.05 45.37 -4.49
N ALA NA 111 122.34 46.50 -4.39
CA ALA NA 111 122.43 47.33 -3.21
C ALA NA 111 121.47 46.83 -2.13
N LYS NA 112 121.43 47.53 -1.02
CA LYS NA 112 120.77 47.06 0.19
C LYS NA 112 119.74 48.10 0.64
N GLN NA 113 119.32 47.99 1.91
CA GLN NA 113 118.07 48.57 2.37
C GLN NA 113 118.02 50.09 2.26
N LYS NA 114 116.80 50.59 2.12
CA LYS NA 114 116.47 52.01 2.10
C LYS NA 114 115.12 52.13 2.79
N ILE NA 115 115.00 53.09 3.71
CA ILE NA 115 113.82 53.17 4.57
C ILE NA 115 112.90 54.28 4.10
N GLU NA 116 111.59 54.03 4.25
CA GLU NA 116 110.53 54.94 3.85
C GLU NA 116 109.70 55.28 5.07
N LEU NA 117 109.34 56.56 5.21
CA LEU NA 117 108.53 57.05 6.31
C LEU NA 117 107.24 57.66 5.77
N THR NA 118 106.12 57.26 6.35
CA THR NA 118 104.80 57.69 5.91
C THR NA 118 104.14 58.54 6.99
N THR NA 119 103.44 59.60 6.54
CA THR NA 119 102.75 60.52 7.41
C THR NA 119 101.33 60.73 6.91
N LYS NA 120 100.53 61.44 7.70
CA LYS NA 120 99.15 61.71 7.35
C LYS NA 120 98.98 63.12 6.78
N LEU OA 15 126.17 10.80 -28.31
CA LEU OA 15 126.26 12.24 -28.13
C LEU OA 15 124.89 12.83 -27.79
N THR OA 16 124.86 14.06 -27.31
CA THR OA 16 123.67 14.70 -26.79
C THR OA 16 123.52 16.09 -27.38
N PRO OA 17 122.29 16.64 -27.40
CA PRO OA 17 122.10 17.97 -27.97
C PRO OA 17 122.34 19.12 -26.99
N LYS OA 18 122.25 18.86 -25.68
CA LYS OA 18 122.29 19.97 -24.73
C LYS OA 18 123.70 20.53 -24.59
N GLU OA 19 124.72 19.69 -24.76
CA GLU OA 19 126.09 20.19 -24.69
C GLU OA 19 126.47 20.88 -25.98
N LYS OA 20 125.94 20.40 -27.10
CA LYS OA 20 126.18 21.07 -28.38
C LYS OA 20 125.51 22.44 -28.39
N LEU OA 21 124.31 22.55 -27.80
CA LEU OA 21 123.66 23.84 -27.73
C LEU OA 21 124.40 24.79 -26.80
N ASP OA 22 124.92 24.30 -25.67
CA ASP OA 22 125.71 25.16 -24.79
C ASP OA 22 127.00 25.62 -25.49
N LEU OA 23 127.64 24.72 -26.24
CA LEU OA 23 128.81 25.11 -27.02
C LEU OA 23 128.43 26.13 -28.09
N TYR OA 24 127.23 26.00 -28.68
CA TYR OA 24 126.74 26.98 -29.62
C TYR OA 24 126.58 28.34 -28.95
N CYS OA 25 126.08 28.35 -27.71
CA CYS OA 25 125.99 29.59 -26.94
C CYS OA 25 127.37 30.17 -26.72
N GLU OA 26 128.36 29.31 -26.43
CA GLU OA 26 129.73 29.78 -26.24
C GLU OA 26 130.26 30.41 -27.52
N ALA OA 27 129.97 29.80 -28.66
CA ALA OA 27 130.40 30.33 -29.94
C ALA OA 27 129.75 31.68 -30.23
N LEU OA 28 128.46 31.82 -29.92
CA LEU OA 28 127.80 33.11 -30.10
C LEU OA 28 128.38 34.17 -29.17
N CYS OA 29 128.71 33.78 -27.93
CA CYS OA 29 129.26 34.75 -26.98
C CYS OA 29 130.69 35.16 -27.34
N ASP OA 30 131.49 34.26 -27.91
CA ASP OA 30 132.90 34.57 -28.14
C ASP OA 30 133.22 35.00 -29.56
N GLY OA 31 132.66 34.37 -30.59
CA GLY OA 31 133.05 34.72 -31.94
C GLY OA 31 132.05 35.53 -32.75
N PHE OA 32 131.16 36.25 -32.07
CA PHE OA 32 130.27 37.25 -32.66
C PHE OA 32 129.77 36.89 -34.07
N ASN OA 33 129.27 35.67 -34.27
CA ASN OA 33 128.80 35.31 -35.60
C ASN OA 33 127.70 34.26 -35.50
N LYS OA 34 126.61 34.48 -36.26
CA LYS OA 34 125.55 33.49 -36.33
C LYS OA 34 125.98 32.32 -37.20
N THR OA 35 126.64 32.62 -38.32
CA THR OA 35 127.01 31.58 -39.28
C THR OA 35 128.11 30.68 -38.71
N GLN OA 36 129.12 31.27 -38.07
CA GLN OA 36 130.20 30.46 -37.50
C GLN OA 36 129.68 29.57 -36.38
N ALA OA 37 128.82 30.11 -35.51
CA ALA OA 37 128.24 29.30 -34.47
C ALA OA 37 127.37 28.19 -35.05
N TYR OA 38 126.62 28.50 -36.11
CA TYR OA 38 125.74 27.50 -36.71
C TYR OA 38 126.53 26.38 -37.37
N ILE OA 39 127.63 26.70 -38.07
CA ILE OA 39 128.44 25.63 -38.66
C ILE OA 39 129.12 24.85 -37.54
N LYS OA 40 129.40 25.50 -36.40
CA LYS OA 40 129.93 24.74 -35.28
C LYS OA 40 128.87 23.88 -34.63
N ALA OA 41 127.58 24.17 -34.88
CA ALA OA 41 126.53 23.31 -34.36
C ALA OA 41 126.53 21.97 -35.09
N GLY OA 42 126.76 21.97 -36.40
CA GLY OA 42 126.90 20.74 -37.16
C GLY OA 42 126.03 20.58 -38.40
N PHE OA 43 125.52 21.67 -38.96
CA PHE OA 43 124.59 21.59 -40.08
C PHE OA 43 125.21 22.23 -41.33
N SER OA 44 124.43 22.22 -42.42
CA SER OA 44 124.91 22.71 -43.70
C SER OA 44 124.97 24.23 -43.70
N ALA OA 45 126.09 24.77 -44.18
CA ALA OA 45 126.32 26.21 -44.21
C ALA OA 45 125.47 26.89 -45.27
N PRO OA 46 125.31 26.30 -46.45
CA PRO OA 46 124.64 27.02 -47.55
C PRO OA 46 123.19 27.38 -47.27
N HIS OA 47 122.36 26.39 -46.98
CA HIS OA 47 120.94 26.66 -46.74
C HIS OA 47 120.69 26.80 -45.23
N ALA OA 48 121.25 27.89 -44.69
CA ALA OA 48 121.20 28.21 -43.27
C ALA OA 48 120.29 29.38 -42.95
N GLN OA 49 119.52 29.89 -43.92
CA GLN OA 49 118.70 31.06 -43.67
C GLN OA 49 117.24 30.75 -43.35
N ARG OA 50 116.75 29.58 -43.73
CA ARG OA 50 115.35 29.24 -43.50
C ARG OA 50 115.15 28.36 -42.26
N ASN OA 51 116.23 28.01 -41.57
CA ASN OA 51 116.14 27.14 -40.41
C ASN OA 51 116.78 27.68 -39.14
N VAL OA 52 117.67 28.67 -39.24
CA VAL OA 52 118.33 29.17 -38.04
C VAL OA 52 117.41 30.12 -37.28
N ALA OA 53 116.61 30.89 -37.99
CA ALA OA 53 115.64 31.77 -37.33
C ALA OA 53 114.65 30.98 -36.49
N PRO OA 54 114.04 29.90 -36.97
CA PRO OA 54 113.14 29.13 -36.09
C PRO OA 54 113.84 28.52 -34.88
N TYR OA 55 115.06 28.00 -35.05
CA TYR OA 55 115.77 27.42 -33.92
C TYR OA 55 116.15 28.47 -32.88
N HIS OA 56 116.56 29.65 -33.34
CA HIS OA 56 116.94 30.72 -32.42
C HIS OA 56 115.71 31.34 -31.74
N ARG OA 57 114.61 31.46 -32.48
CA ARG OA 57 113.42 32.09 -31.91
C ARG OA 57 112.72 31.17 -30.92
N LYS OA 58 112.84 29.85 -31.11
CA LYS OA 58 112.21 28.90 -30.22
C LYS OA 58 113.09 28.55 -29.01
N ASN OA 59 114.38 28.92 -29.05
CA ASN OA 59 115.30 28.62 -27.95
C ASN OA 59 116.10 29.85 -27.55
N ALA OA 60 115.51 31.04 -27.72
CA ALA OA 60 116.19 32.28 -27.34
C ALA OA 60 116.37 32.40 -25.83
N GLU OA 61 115.40 31.89 -25.06
CA GLU OA 61 115.41 32.07 -23.62
C GLU OA 61 116.64 31.43 -22.98
N TYR OA 62 116.97 30.21 -23.39
CA TYR OA 62 118.14 29.55 -22.82
C TYR OA 62 119.43 30.22 -23.23
N ILE OA 63 119.50 30.74 -24.46
CA ILE OA 63 120.68 31.49 -24.88
C ILE OA 63 120.88 32.73 -24.01
N GLN OA 64 119.79 33.45 -23.75
CA GLN OA 64 119.88 34.63 -22.90
C GLN OA 64 120.29 34.25 -21.48
N ALA OA 65 119.74 33.16 -20.96
CA ALA OA 65 120.11 32.70 -19.62
C ALA OA 65 121.59 32.32 -19.57
N TYR OA 66 122.09 31.63 -20.60
CA TYR OA 66 123.48 31.22 -20.63
C TYR OA 66 124.42 32.42 -20.70
N ILE OA 67 124.07 33.42 -21.52
CA ILE OA 67 124.91 34.61 -21.62
C ILE OA 67 124.93 35.36 -20.29
N SER OA 68 123.77 35.46 -19.64
CA SER OA 68 123.71 36.10 -18.33
C SER OA 68 124.57 35.34 -17.32
N GLU OA 69 124.51 34.00 -17.35
CA GLU OA 69 125.28 33.19 -16.42
C GLU OA 69 126.78 33.35 -16.65
N ARG OA 70 127.21 33.42 -17.92
CA ARG OA 70 128.64 33.61 -18.18
C ARG OA 70 129.12 34.98 -17.74
N ILE OA 71 128.34 36.03 -18.01
CA ILE OA 71 128.75 37.37 -17.61
C ILE OA 71 128.79 37.47 -16.08
N GLY OA 72 127.83 36.83 -15.41
CA GLY OA 72 127.87 36.82 -13.95
C GLY OA 72 129.00 35.96 -13.39
N SER OA 73 129.39 34.91 -14.13
CA SER OA 73 130.48 34.04 -13.73
C SER OA 73 131.84 34.68 -13.93
N ASP OA 74 131.91 35.76 -14.69
CA ASP OA 74 133.15 36.51 -14.85
C ASP OA 74 133.36 37.54 -13.74
N ALA OA 75 132.42 37.62 -12.80
CA ALA OA 75 132.52 38.55 -11.67
C ALA OA 75 133.80 38.45 -10.83
N PRO OA 76 134.34 37.27 -10.48
CA PRO OA 76 135.51 37.25 -9.59
C PRO OA 76 136.71 38.04 -10.05
N ALA OA 77 136.99 38.13 -11.36
CA ALA OA 77 138.11 38.94 -11.80
C ALA OA 77 137.89 40.41 -11.46
N ALA OA 78 136.69 40.92 -11.71
CA ALA OA 78 136.40 42.31 -11.36
C ALA OA 78 136.34 42.52 -9.85
N ARG OA 79 135.89 41.52 -9.10
CA ARG OA 79 135.93 41.60 -7.64
C ARG OA 79 137.37 41.75 -7.17
N LYS OA 80 138.28 40.98 -7.77
CA LYS OA 80 139.70 41.12 -7.45
C LYS OA 80 140.20 42.51 -7.85
N VAL OA 81 139.72 43.02 -8.99
CA VAL OA 81 140.16 44.34 -9.45
C VAL OA 81 139.74 45.42 -8.45
N VAL OA 82 138.48 45.38 -8.02
CA VAL OA 82 137.99 46.41 -7.11
C VAL OA 82 138.64 46.28 -5.73
N LEU OA 83 138.88 45.05 -5.27
CA LEU OA 83 139.54 44.89 -3.97
C LEU OA 83 141.00 45.36 -4.02
N GLU OA 84 141.73 44.98 -5.07
CA GLU OA 84 143.14 45.33 -5.18
C GLU OA 84 143.35 46.82 -5.47
N ILE OA 85 142.44 47.43 -6.24
CA ILE OA 85 142.58 48.85 -6.56
C ILE OA 85 142.41 49.71 -5.31
N MET OA 86 141.64 49.22 -4.34
CA MET OA 86 141.48 49.96 -3.09
C MET OA 86 142.77 50.08 -2.30
N ASN OA 87 143.76 49.24 -2.56
CA ASN OA 87 145.02 49.30 -1.84
C ASN OA 87 146.16 49.88 -2.65
N ASP OA 88 145.90 50.35 -3.88
CA ASP OA 88 146.94 50.95 -4.69
C ASP OA 88 146.90 52.46 -4.52
N PRO OA 89 147.92 53.09 -3.94
CA PRO OA 89 147.89 54.55 -3.73
C PRO OA 89 148.13 55.37 -4.98
N ASN OA 90 148.60 54.76 -6.07
CA ASN OA 90 148.94 55.56 -7.24
C ASN OA 90 147.71 55.84 -8.09
N GLU OA 91 146.54 55.41 -7.63
CA GLU OA 91 145.28 55.67 -8.28
C GLU OA 91 144.63 56.88 -7.62
N LYS OA 92 143.78 57.58 -8.37
CA LYS OA 92 143.14 58.78 -7.86
C LYS OA 92 142.26 58.45 -6.66
N GLY OA 93 142.20 59.40 -5.72
CA GLY OA 93 141.49 59.14 -4.46
C GLY OA 93 140.01 58.88 -4.66
N GLY OA 94 139.40 59.58 -5.63
CA GLY OA 94 137.99 59.37 -5.90
C GLY OA 94 137.69 57.94 -6.30
N ILE OA 95 138.60 57.32 -7.05
CA ILE OA 95 138.39 55.93 -7.47
C ILE OA 95 138.42 55.01 -6.26
N ARG OA 96 139.36 55.25 -5.35
CA ARG OA 96 139.43 54.47 -4.12
C ARG OA 96 138.17 54.64 -3.29
N LEU OA 97 137.64 55.87 -3.22
CA LEU OA 97 136.40 56.11 -2.50
C LEU OA 97 135.23 55.37 -3.14
N LYS OA 98 135.13 55.40 -4.47
CA LYS OA 98 134.04 54.71 -5.14
C LYS OA 98 134.15 53.21 -4.95
N ALA OA 99 135.37 52.67 -4.95
CA ALA OA 99 135.55 51.26 -4.69
C ALA OA 99 135.10 50.91 -3.28
N ALA OA 100 135.43 51.75 -2.30
CA ALA OA 100 134.97 51.53 -0.93
C ALA OA 100 133.45 51.58 -0.83
N GLN OA 101 132.82 52.54 -1.51
CA GLN OA 101 131.36 52.63 -1.48
C GLN OA 101 130.73 51.38 -2.06
N ASP OA 102 131.24 50.91 -3.20
CA ASP OA 102 130.68 49.72 -3.83
C ASP OA 102 130.89 48.50 -2.94
N ILE OA 103 132.08 48.37 -2.34
CA ILE OA 103 132.39 47.19 -1.55
C ILE OA 103 131.53 47.15 -0.28
N LEU OA 104 131.28 48.31 0.33
CA LEU OA 104 130.39 48.33 1.49
C LEU OA 104 128.93 48.09 1.10
N ASP OA 105 128.49 48.63 -0.05
CA ASP OA 105 127.11 48.39 -0.48
C ASP OA 105 126.87 46.91 -0.73
N ARG OA 106 127.87 46.20 -1.26
CA ARG OA 106 127.75 44.75 -1.35
C ARG OA 106 127.90 44.09 0.02
N ALA OA 107 128.67 44.71 0.92
CA ALA OA 107 128.90 44.15 2.25
C ALA OA 107 127.62 44.07 3.10
N GLY OA 108 126.67 44.97 2.88
CA GLY OA 108 125.43 44.89 3.63
C GLY OA 108 125.04 46.10 4.46
N PHE OA 109 125.47 47.29 4.04
CA PHE OA 109 125.10 48.55 4.68
C PHE OA 109 124.40 49.41 3.64
N GLY OA 110 123.13 49.73 3.90
CA GLY OA 110 122.27 50.36 2.92
C GLY OA 110 121.96 51.80 3.25
N ALA OA 111 120.90 52.31 2.61
CA ALA OA 111 120.54 53.71 2.73
C ALA OA 111 119.67 53.97 3.96
N LYS OA 112 119.29 55.25 4.12
CA LYS OA 112 118.69 55.77 5.34
C LYS OA 112 117.33 56.41 5.05
N GLN OA 113 116.82 57.19 6.00
CA GLN OA 113 115.41 57.53 6.04
C GLN OA 113 115.00 58.43 4.88
N LYS OA 114 113.72 58.34 4.52
CA LYS OA 114 113.08 59.26 3.60
C LYS OA 114 111.62 59.38 4.06
N ILE OA 115 111.15 60.61 4.22
CA ILE OA 115 109.83 60.86 4.80
C ILE OA 115 108.87 61.30 3.70
N GLU OA 116 107.61 60.89 3.83
CA GLU OA 116 106.58 61.18 2.85
C GLU OA 116 105.41 61.91 3.50
N LEU OA 117 104.89 62.90 2.78
CA LEU OA 117 103.69 63.63 3.15
C LEU OA 117 102.67 63.33 2.07
N THR OA 118 101.48 62.88 2.46
CA THR OA 118 100.47 62.43 1.51
C THR OA 118 99.26 63.35 1.53
N THR OA 119 98.50 63.29 0.44
CA THR OA 119 97.33 64.13 0.24
C THR OA 119 96.14 63.27 -0.12
N LYS OA 120 94.95 63.73 0.26
CA LYS OA 120 93.71 63.00 0.04
C LYS OA 120 93.46 62.72 -1.44
N THR PA 16 129.12 14.90 -3.25
CA THR PA 16 129.35 16.34 -3.23
C THR PA 16 129.79 16.81 -1.84
N PRO PA 17 131.10 16.79 -1.61
CA PRO PA 17 131.62 17.21 -0.30
C PRO PA 17 131.48 18.70 -0.09
N LYS PA 18 131.43 19.09 1.19
CA LYS PA 18 131.29 20.49 1.58
C LYS PA 18 132.61 21.14 1.96
N GLU PA 19 133.63 20.34 2.30
CA GLU PA 19 134.93 20.89 2.65
C GLU PA 19 135.73 21.26 1.41
N LYS PA 20 135.59 20.46 0.35
CA LYS PA 20 136.27 20.72 -0.92
C LYS PA 20 135.69 21.92 -1.66
N LEU PA 21 134.39 22.20 -1.49
CA LEU PA 21 133.75 23.29 -2.23
C LEU PA 21 134.35 24.66 -1.88
N ASP PA 22 134.70 24.90 -0.62
CA ASP PA 22 135.31 26.19 -0.29
C ASP PA 22 136.67 26.37 -0.95
N LEU PA 23 137.48 25.30 -0.97
CA LEU PA 23 138.76 25.37 -1.68
C LEU PA 23 138.53 25.58 -3.17
N TYR PA 24 137.51 24.93 -3.73
CA TYR PA 24 137.16 25.12 -5.13
C TYR PA 24 136.76 26.57 -5.41
N CYS PA 25 135.99 27.17 -4.50
CA CYS PA 25 135.58 28.56 -4.64
C CYS PA 25 136.79 29.48 -4.64
N GLU PA 26 137.72 29.25 -3.70
CA GLU PA 26 138.90 30.10 -3.61
C GLU PA 26 139.77 29.98 -4.86
N ALA PA 27 139.97 28.75 -5.35
CA ALA PA 27 140.78 28.55 -6.55
C ALA PA 27 140.12 29.13 -7.79
N LEU PA 28 138.81 28.94 -7.95
CA LEU PA 28 138.12 29.49 -9.10
C LEU PA 28 138.10 31.01 -9.08
N CYS PA 29 137.89 31.62 -7.91
CA CYS PA 29 137.85 33.08 -7.85
C CYS PA 29 139.24 33.70 -8.00
N ASP PA 30 140.28 33.04 -7.49
CA ASP PA 30 141.61 33.64 -7.44
C ASP PA 30 142.54 33.20 -8.57
N GLY PA 31 142.52 31.93 -8.97
CA GLY PA 31 143.50 31.53 -9.96
C GLY PA 31 142.97 31.40 -11.38
N PHE PA 32 141.84 32.08 -11.65
CA PHE PA 32 141.27 32.25 -12.99
C PHE PA 32 141.43 31.08 -13.93
N ASN PA 33 141.20 29.85 -13.47
CA ASN PA 33 141.31 28.70 -14.36
C ASN PA 33 140.41 27.58 -13.87
N LYS PA 34 139.64 26.98 -14.77
CA LYS PA 34 138.82 25.85 -14.39
C LYS PA 34 139.66 24.57 -14.32
N THR PA 35 140.57 24.37 -15.27
CA THR PA 35 141.35 23.13 -15.32
C THR PA 35 142.34 23.07 -14.17
N GLN PA 36 143.03 24.18 -13.89
CA GLN PA 36 143.95 24.22 -12.76
C GLN PA 36 143.17 24.06 -11.45
N ALA PA 37 142.02 24.72 -11.35
CA ALA PA 37 141.17 24.56 -10.18
C ALA PA 37 140.68 23.12 -10.07
N TYR PA 38 140.36 22.50 -11.19
CA TYR PA 38 139.88 21.11 -11.14
C TYR PA 38 140.96 20.17 -10.67
N ILE PA 39 142.20 20.35 -11.13
CA ILE PA 39 143.28 19.49 -10.67
C ILE PA 39 143.61 19.80 -9.20
N LYS PA 40 143.44 21.05 -8.77
CA LYS PA 40 143.65 21.38 -7.36
C LYS PA 40 142.50 20.92 -6.47
N ALA PA 41 141.34 20.63 -7.05
CA ALA PA 41 140.21 20.15 -6.26
C ALA PA 41 140.46 18.75 -5.73
N GLY PA 42 141.12 17.91 -6.52
CA GLY PA 42 141.45 16.57 -6.10
C GLY PA 42 141.01 15.50 -7.08
N PHE PA 43 140.84 15.87 -8.34
CA PHE PA 43 140.30 14.96 -9.33
C PHE PA 43 141.34 14.63 -10.38
N SER PA 44 140.93 13.79 -11.34
CA SER PA 44 141.81 13.31 -12.40
C SER PA 44 142.05 14.41 -13.42
N ALA PA 45 143.30 14.56 -13.85
CA ALA PA 45 143.66 15.59 -14.81
C ALA PA 45 143.04 15.27 -16.16
N PRO PA 46 143.02 13.99 -16.57
CA PRO PA 46 142.56 13.64 -17.91
C PRO PA 46 141.10 13.98 -18.19
N HIS PA 47 140.19 13.48 -17.37
CA HIS PA 47 138.75 13.69 -17.57
C HIS PA 47 138.28 14.93 -16.79
N ALA PA 48 138.70 16.08 -17.28
CA ALA PA 48 138.35 17.36 -16.68
C ALA PA 48 137.31 18.15 -17.47
N GLN PA 49 136.78 17.57 -18.54
CA GLN PA 49 135.83 18.29 -19.39
C GLN PA 49 134.37 17.88 -19.18
N ARG PA 50 134.11 16.65 -18.74
CA ARG PA 50 132.76 16.11 -18.70
C ARG PA 50 132.14 16.08 -17.29
N ASN PA 51 132.79 16.69 -16.30
CA ASN PA 51 132.26 16.68 -14.94
C ASN PA 51 132.20 18.05 -14.29
N VAL PA 52 132.91 19.05 -14.80
CA VAL PA 52 132.96 20.34 -14.13
C VAL PA 52 131.69 21.15 -14.37
N ALA PA 53 131.09 21.06 -15.55
CA ALA PA 53 129.84 21.77 -15.80
C ALA PA 53 128.70 21.32 -14.90
N PRO PA 54 128.41 20.02 -14.75
CA PRO PA 54 127.34 19.63 -13.82
C PRO PA 54 127.62 20.02 -12.38
N TYR PA 55 128.86 19.88 -11.92
CA TYR PA 55 129.20 20.24 -10.55
C TYR PA 55 129.07 21.73 -10.34
N HIS PA 56 129.40 22.54 -11.35
CA HIS PA 56 129.32 23.98 -11.23
C HIS PA 56 127.86 24.45 -11.24
N ARG PA 57 127.02 23.81 -12.06
CA ARG PA 57 125.62 24.25 -12.14
C ARG PA 57 124.80 23.77 -10.94
N LYS PA 58 125.20 22.67 -10.30
CA LYS PA 58 124.44 22.08 -9.19
C LYS PA 58 124.72 22.72 -7.84
N ASN PA 59 125.72 23.60 -7.73
CA ASN PA 59 126.08 24.21 -6.46
C ASN PA 59 126.21 25.71 -6.59
N ALA PA 60 125.36 26.33 -7.42
CA ALA PA 60 125.48 27.76 -7.67
C ALA PA 60 125.25 28.59 -6.41
N GLU PA 61 124.29 28.18 -5.56
CA GLU PA 61 123.99 28.95 -4.37
C GLU PA 61 125.18 29.01 -3.41
N TYR PA 62 125.84 27.88 -3.17
CA TYR PA 62 126.97 27.89 -2.25
C TYR PA 62 128.17 28.63 -2.84
N ILE PA 63 128.40 28.50 -4.15
CA ILE PA 63 129.49 29.22 -4.79
C ILE PA 63 129.26 30.72 -4.67
N GLN PA 64 128.04 31.17 -4.94
CA GLN PA 64 127.69 32.58 -4.84
C GLN PA 64 127.81 33.08 -3.40
N ALA PA 65 127.35 32.28 -2.44
CA ALA PA 65 127.46 32.69 -1.04
C ALA PA 65 128.91 32.82 -0.61
N TYR PA 66 129.76 31.88 -1.03
CA TYR PA 66 131.17 31.94 -0.66
C TYR PA 66 131.85 33.15 -1.28
N ILE PA 67 131.60 33.42 -2.56
CA ILE PA 67 132.22 34.59 -3.19
C ILE PA 67 131.71 35.89 -2.56
N SER PA 68 130.42 35.95 -2.24
CA SER PA 68 129.89 37.15 -1.59
C SER PA 68 130.51 37.35 -0.21
N GLU PA 69 130.66 36.28 0.56
CA GLU PA 69 131.27 36.44 1.88
C GLU PA 69 132.74 36.83 1.77
N ARG PA 70 133.45 36.27 0.78
CA ARG PA 70 134.85 36.66 0.61
C ARG PA 70 134.98 38.13 0.22
N ILE PA 71 134.12 38.61 -0.68
CA ILE PA 71 134.18 40.02 -1.04
C ILE PA 71 133.80 40.90 0.14
N GLY PA 72 132.86 40.44 0.97
CA GLY PA 72 132.46 41.15 2.18
C GLY PA 72 133.52 41.17 3.26
N SER PA 73 134.43 40.20 3.26
CA SER PA 73 135.41 40.10 4.34
C SER PA 73 136.41 41.26 4.37
N ASP PA 74 136.51 42.05 3.31
CA ASP PA 74 137.37 43.23 3.31
C ASP PA 74 136.67 44.52 3.70
N ALA PA 75 135.37 44.45 4.03
CA ALA PA 75 134.64 45.68 4.41
C ALA PA 75 135.29 46.46 5.55
N PRO PA 76 135.70 45.85 6.67
CA PRO PA 76 136.39 46.65 7.69
C PRO PA 76 137.67 47.30 7.18
N ALA PA 77 138.38 46.60 6.28
CA ALA PA 77 139.55 47.21 5.64
C ALA PA 77 139.15 48.43 4.84
N ALA PA 78 138.03 48.36 4.13
CA ALA PA 78 137.55 49.52 3.39
C ALA PA 78 137.15 50.66 4.34
N ARG PA 79 136.64 50.32 5.53
CA ARG PA 79 136.38 51.34 6.53
C ARG PA 79 137.67 52.06 6.93
N LYS PA 80 138.74 51.28 7.13
CA LYS PA 80 140.04 51.87 7.41
C LYS PA 80 140.50 52.74 6.25
N VAL PA 81 140.26 52.26 5.02
CA VAL PA 81 140.68 52.99 3.83
C VAL PA 81 139.97 54.34 3.72
N VAL PA 82 138.65 54.34 3.93
CA VAL PA 82 137.91 55.59 3.81
C VAL PA 82 138.31 56.56 4.91
N LEU PA 83 138.55 56.05 6.13
CA LEU PA 83 139.01 56.94 7.19
C LEU PA 83 140.38 57.52 6.86
N GLU PA 84 141.27 56.68 6.32
CA GLU PA 84 142.63 57.15 5.99
C GLU PA 84 142.59 58.17 4.87
N ILE PA 85 141.70 57.99 3.88
CA ILE PA 85 141.58 58.98 2.82
C ILE PA 85 141.01 60.27 3.38
N MET PA 86 140.09 60.16 4.35
CA MET PA 86 139.55 61.33 5.03
C MET PA 86 140.57 62.02 5.91
N ASN PA 87 141.67 61.35 6.28
CA ASN PA 87 142.64 61.92 7.21
C ASN PA 87 143.90 62.48 6.54
N ASP PA 88 143.94 62.55 5.21
CA ASP PA 88 145.09 63.15 4.54
C ASP PA 88 144.76 64.62 4.30
N PRO PA 89 145.48 65.56 4.93
CA PRO PA 89 145.11 66.97 4.79
C PRO PA 89 145.49 67.58 3.45
N ASN PA 90 146.39 66.96 2.70
CA ASN PA 90 146.91 67.52 1.46
C ASN PA 90 146.14 67.06 0.23
N GLU PA 91 145.06 66.32 0.41
CA GLU PA 91 144.30 65.81 -0.72
C GLU PA 91 143.17 66.78 -1.03
N LYS PA 92 142.67 66.72 -2.27
CA LYS PA 92 141.67 67.68 -2.72
C LYS PA 92 140.42 67.61 -1.84
N GLY PA 93 139.82 68.78 -1.60
CA GLY PA 93 138.75 68.87 -0.62
C GLY PA 93 137.50 68.08 -0.97
N GLY PA 94 137.15 68.03 -2.25
CA GLY PA 94 135.91 67.36 -2.65
C GLY PA 94 135.88 65.89 -2.30
N ILE PA 95 137.00 65.19 -2.49
CA ILE PA 95 137.04 63.75 -2.20
C ILE PA 95 136.92 63.50 -0.70
N ARG PA 96 137.62 64.30 0.10
CA ARG PA 96 137.52 64.17 1.55
C ARG PA 96 136.10 64.46 2.03
N LEU PA 97 135.47 65.48 1.45
CA LEU PA 97 134.09 65.81 1.81
C LEU PA 97 133.15 64.66 1.45
N LYS PA 98 133.34 64.06 0.27
CA LYS PA 98 132.50 62.94 -0.12
C LYS PA 98 132.72 61.74 0.80
N ALA PA 99 133.97 61.51 1.24
CA ALA PA 99 134.23 60.45 2.20
C ALA PA 99 133.49 60.71 3.51
N ALA PA 100 133.51 61.96 3.98
CA ALA PA 100 132.75 62.30 5.18
C ALA PA 100 131.25 62.09 4.96
N GLN PA 101 130.76 62.44 3.76
CA GLN PA 101 129.36 62.19 3.42
C GLN PA 101 129.05 60.70 3.54
N ASP PA 102 129.95 59.86 3.04
CA ASP PA 102 129.75 58.42 3.09
C ASP PA 102 129.69 57.95 4.53
N ILE PA 103 130.60 58.46 5.37
CA ILE PA 103 130.67 58.01 6.76
C ILE PA 103 129.41 58.41 7.51
N LEU PA 104 128.88 59.60 7.24
CA LEU PA 104 127.62 59.99 7.87
C LEU PA 104 126.44 59.18 7.34
N ASP PA 105 126.44 58.88 6.03
CA ASP PA 105 125.33 58.09 5.48
C ASP PA 105 125.28 56.70 6.09
N ARG PA 106 126.44 56.10 6.35
CA ARG PA 106 126.43 54.83 7.09
C ARG PA 106 126.14 55.03 8.57
N ALA PA 107 126.52 56.18 9.14
CA ALA PA 107 126.32 56.41 10.57
C ALA PA 107 124.85 56.46 10.96
N GLY PA 108 123.98 56.90 10.06
CA GLY PA 108 122.56 56.90 10.36
C GLY PA 108 121.89 58.25 10.31
N PHE PA 109 122.44 59.16 9.50
CA PHE PA 109 121.86 60.48 9.30
C PHE PA 109 121.57 60.59 7.81
N GLY PA 110 120.29 60.62 7.45
CA GLY PA 110 119.90 60.52 6.06
C GLY PA 110 119.21 61.73 5.48
N ALA PA 111 118.53 61.53 4.35
CA ALA PA 111 117.84 62.61 3.68
C ALA PA 111 116.45 62.81 4.29
N LYS PA 112 115.71 63.76 3.75
CA LYS PA 112 114.47 64.23 4.36
C LYS PA 112 113.34 64.24 3.34
N GLN PA 113 112.27 64.96 3.68
CA GLN PA 113 110.96 64.79 3.10
C GLN PA 113 110.90 65.15 1.61
N LYS PA 114 109.92 64.54 0.96
CA LYS PA 114 109.54 64.79 -0.43
C LYS PA 114 108.03 64.66 -0.45
N ILE PA 115 107.34 65.63 -1.05
CA ILE PA 115 105.88 65.71 -0.93
C ILE PA 115 105.25 65.18 -2.20
N GLU PA 116 104.10 64.51 -2.05
CA GLU PA 116 103.41 63.88 -3.16
C GLU PA 116 101.98 64.41 -3.28
N LEU PA 117 101.59 64.76 -4.50
CA LEU PA 117 100.25 65.20 -4.85
C LEU PA 117 99.71 64.30 -5.95
N THR PA 118 98.50 63.78 -5.77
CA THR PA 118 97.93 62.88 -6.77
C THR PA 118 96.69 63.52 -7.40
N THR PA 119 96.58 63.38 -8.73
CA THR PA 119 95.49 63.95 -9.48
C THR PA 119 94.95 62.93 -10.48
N LYS PA 120 93.63 62.94 -10.68
CA LYS PA 120 93.02 62.25 -11.81
C LYS PA 120 91.60 62.80 -12.04
N LEU QA 15 138.41 37.15 29.95
CA LEU QA 15 138.97 35.90 29.48
C LEU QA 15 137.93 35.12 28.67
N THR QA 16 136.71 35.65 28.63
CA THR QA 16 135.64 35.03 27.88
C THR QA 16 135.89 35.14 26.39
N PRO QA 17 135.33 34.23 25.58
CA PRO QA 17 135.59 34.27 24.13
C PRO QA 17 135.06 35.51 23.43
N LYS QA 18 134.10 36.24 24.01
CA LYS QA 18 133.55 37.38 23.28
C LYS QA 18 134.52 38.55 23.23
N GLU QA 19 135.42 38.65 24.21
CA GLU QA 19 136.40 39.73 24.18
C GLU QA 19 137.50 39.39 23.19
N LYS QA 20 137.87 38.12 23.11
CA LYS QA 20 138.83 37.69 22.11
C LYS QA 20 138.27 37.86 20.71
N LEU QA 21 136.97 37.57 20.54
CA LEU QA 21 136.34 37.71 19.24
C LEU QA 21 136.20 39.16 18.80
N ASP QA 22 135.82 40.08 19.71
CA ASP QA 22 135.75 41.47 19.29
C ASP QA 22 137.15 42.03 19.00
N LEU QA 23 138.15 41.59 19.78
CA LEU QA 23 139.53 41.97 19.46
C LEU QA 23 139.93 41.43 18.09
N TYR QA 24 139.48 40.22 17.75
CA TYR QA 24 139.71 39.67 16.42
C TYR QA 24 139.05 40.52 15.34
N CYS QA 25 137.83 40.99 15.59
CA CYS QA 25 137.13 41.82 14.63
C CYS QA 25 137.87 43.14 14.39
N GLU QA 26 138.32 43.79 15.47
CA GLU QA 26 139.05 45.05 15.30
C GLU QA 26 140.39 44.82 14.62
N ALA QA 27 141.06 43.71 14.94
CA ALA QA 27 142.34 43.40 14.30
C ALA QA 27 142.14 43.18 12.81
N LEU QA 28 141.06 42.50 12.42
CA LEU QA 28 140.75 42.38 11.00
C LEU QA 28 140.45 43.74 10.38
N CYS QA 29 139.82 44.63 11.16
CA CYS QA 29 139.53 45.96 10.65
C CYS QA 29 140.79 46.77 10.40
N ASP QA 30 141.84 46.54 11.16
CA ASP QA 30 143.05 47.35 11.04
C ASP QA 30 144.10 46.71 10.13
N GLY QA 31 144.28 45.39 10.16
CA GLY QA 31 145.33 44.77 9.40
C GLY QA 31 144.91 44.08 8.12
N PHE QA 32 143.61 43.80 7.99
CA PHE QA 32 143.04 43.25 6.75
C PHE QA 32 143.73 41.94 6.33
N ASN QA 33 143.90 41.03 7.28
CA ASN QA 33 144.49 39.74 6.98
C ASN QA 33 143.88 38.73 7.94
N LYS QA 34 143.43 37.59 7.41
CA LYS QA 34 142.83 36.58 8.26
C LYS QA 34 143.88 35.85 9.08
N THR QA 35 145.03 35.54 8.47
CA THR QA 35 146.08 34.85 9.20
C THR QA 35 146.69 35.74 10.27
N GLN QA 36 146.96 37.01 9.92
CA GLN QA 36 147.51 37.95 10.89
C GLN QA 36 146.52 38.22 12.01
N ALA QA 37 145.24 38.39 11.67
CA ALA QA 37 144.22 38.59 12.69
C ALA QA 37 144.11 37.35 13.58
N TYR QA 38 144.21 36.17 12.99
CA TYR QA 38 144.10 34.94 13.77
C TYR QA 38 145.26 34.80 14.75
N ILE QA 39 146.48 35.11 14.32
CA ILE QA 39 147.60 35.04 15.25
C ILE QA 39 147.53 36.17 16.28
N LYS QA 40 146.94 37.32 15.91
CA LYS QA 40 146.76 38.42 16.85
C LYS QA 40 145.60 38.17 17.83
N ALA QA 41 144.71 37.23 17.52
CA ALA QA 41 143.63 36.92 18.44
C ALA QA 41 144.15 36.21 19.69
N GLY QA 42 145.12 35.32 19.51
CA GLY QA 42 145.72 34.62 20.63
C GLY QA 42 145.70 33.11 20.44
N PHE QA 43 145.63 32.66 19.18
CA PHE QA 43 145.42 31.25 18.86
C PHE QA 43 146.66 30.67 18.18
N SER QA 44 146.58 29.40 17.81
CA SER QA 44 147.71 28.69 17.24
C SER QA 44 147.97 29.16 15.81
N ALA QA 45 149.24 29.45 15.52
CA ALA QA 45 149.70 29.93 14.22
C ALA QA 45 149.67 28.85 13.16
N PRO QA 46 150.00 27.60 13.52
CA PRO QA 46 150.21 26.56 12.50
C PRO QA 46 149.02 26.27 11.60
N HIS QA 47 147.78 26.42 12.08
CA HIS QA 47 146.60 26.10 11.28
C HIS QA 47 145.80 27.36 10.96
N ALA QA 48 146.07 27.95 9.79
CA ALA QA 48 145.38 29.15 9.35
C ALA QA 48 144.35 28.87 8.25
N GLN QA 49 144.19 27.61 7.86
CA GLN QA 49 143.27 27.18 6.80
C GLN QA 49 142.00 26.54 7.34
N ARG QA 50 142.03 26.01 8.56
CA ARG QA 50 141.03 25.07 9.04
C ARG QA 50 139.89 25.67 9.85
N ASN QA 51 140.21 26.20 11.03
CA ASN QA 51 139.19 26.66 11.97
C ASN QA 51 138.81 28.12 11.82
N VAL QA 52 139.61 28.93 11.13
CA VAL QA 52 139.34 30.36 11.09
C VAL QA 52 138.17 30.69 10.17
N ALA QA 53 138.02 29.97 9.06
CA ALA QA 53 136.83 30.18 8.22
C ALA QA 53 135.56 29.86 8.98
N PRO QA 54 135.45 28.72 9.67
CA PRO QA 54 134.27 28.47 10.51
C PRO QA 54 134.11 29.51 11.61
N TYR QA 55 135.23 29.99 12.16
CA TYR QA 55 135.17 30.97 13.24
C TYR QA 55 134.53 32.26 12.75
N HIS QA 56 134.86 32.69 11.53
CA HIS QA 56 134.23 33.89 10.99
C HIS QA 56 132.80 33.64 10.50
N ARG QA 57 132.54 32.46 9.92
CA ARG QA 57 131.25 32.22 9.30
C ARG QA 57 130.12 32.00 10.29
N LYS QA 58 130.42 31.52 11.50
CA LYS QA 58 129.36 31.24 12.46
C LYS QA 58 128.95 32.48 13.26
N ASN QA 59 129.70 33.58 13.16
CA ASN QA 59 129.44 34.81 13.89
C ASN QA 59 129.43 36.03 12.97
N ALA QA 60 128.84 35.88 11.78
CA ALA QA 60 128.83 36.97 10.81
C ALA QA 60 128.08 38.19 11.35
N GLU QA 61 127.02 37.95 12.14
CA GLU QA 61 126.28 39.07 12.69
C GLU QA 61 127.17 39.91 13.61
N TYR QA 62 128.01 39.25 14.41
CA TYR QA 62 128.88 39.99 15.33
C TYR QA 62 129.95 40.79 14.60
N ILE QA 63 130.55 40.24 13.53
CA ILE QA 63 131.51 41.01 12.75
C ILE QA 63 130.83 42.21 12.10
N GLN QA 64 129.61 42.02 11.58
CA GLN QA 64 128.87 43.14 11.01
C GLN QA 64 128.59 44.19 12.08
N ALA QA 65 128.24 43.76 13.29
CA ALA QA 65 128.00 44.70 14.38
C ALA QA 65 129.25 45.47 14.73
N TYR QA 66 130.41 44.79 14.75
CA TYR QA 66 131.66 45.47 15.09
C TYR QA 66 132.01 46.53 14.04
N ILE QA 67 131.88 46.19 12.75
CA ILE QA 67 132.20 47.18 11.73
C ILE QA 67 131.20 48.33 11.80
N SER QA 68 129.92 48.04 12.04
CA SER QA 68 128.92 49.09 12.13
C SER QA 68 129.18 50.04 13.30
N GLU QA 69 129.51 49.50 14.47
CA GLU QA 69 129.78 50.37 15.61
C GLU QA 69 131.07 51.17 15.41
N ARG QA 70 132.09 50.58 14.80
CA ARG QA 70 133.30 51.35 14.51
C ARG QA 70 133.00 52.48 13.54
N ILE QA 71 132.17 52.23 12.53
CA ILE QA 71 131.77 53.29 11.60
C ILE QA 71 130.98 54.37 12.31
N GLY QA 72 130.08 53.97 13.21
CA GLY QA 72 129.28 54.95 13.92
C GLY QA 72 130.06 55.78 14.92
N SER QA 73 131.10 55.20 15.52
CA SER QA 73 131.91 55.93 16.49
C SER QA 73 132.83 56.94 15.83
N ASP QA 74 133.07 56.83 14.53
CA ASP QA 74 133.88 57.78 13.79
C ASP QA 74 133.04 58.91 13.17
N ALA QA 75 131.73 58.86 13.36
CA ALA QA 75 130.86 59.92 12.85
C ALA QA 75 131.21 61.31 13.38
N PRO QA 76 131.51 61.52 14.67
CA PRO QA 76 131.84 62.90 15.12
C PRO QA 76 133.04 63.51 14.41
N ALA QA 77 134.05 62.73 14.06
CA ALA QA 77 135.18 63.29 13.32
C ALA QA 77 134.73 63.80 11.96
N ALA QA 78 133.90 63.03 11.26
CA ALA QA 78 133.38 63.48 9.97
C ALA QA 78 132.45 64.68 10.12
N ARG QA 79 131.67 64.75 11.19
CA ARG QA 79 130.84 65.92 11.44
C ARG QA 79 131.71 67.16 11.62
N LYS QA 80 132.80 67.04 12.38
CA LYS QA 80 133.72 68.16 12.53
C LYS QA 80 134.33 68.52 11.18
N VAL QA 81 134.66 67.51 10.38
CA VAL QA 81 135.29 67.75 9.07
C VAL QA 81 134.34 68.50 8.15
N VAL QA 82 133.07 68.08 8.10
CA VAL QA 82 132.12 68.75 7.20
C VAL QA 82 131.85 70.17 7.68
N LEU QA 83 131.77 70.38 9.00
CA LEU QA 83 131.59 71.73 9.50
C LEU QA 83 132.78 72.62 9.17
N GLU QA 84 134.01 72.10 9.33
CA GLU QA 84 135.19 72.91 9.06
C GLU QA 84 135.32 73.20 7.56
N ILE QA 85 134.96 72.25 6.70
CA ILE QA 85 135.03 72.50 5.26
C ILE QA 85 133.97 73.52 4.85
N MET QA 86 132.78 73.46 5.47
CA MET QA 86 131.76 74.46 5.19
C MET QA 86 132.13 75.83 5.77
N ASN QA 87 132.98 75.86 6.79
CA ASN QA 87 133.38 77.11 7.44
C ASN QA 87 134.78 77.57 7.07
N ASP QA 88 135.41 76.92 6.10
CA ASP QA 88 136.76 77.32 5.69
C ASP QA 88 136.63 78.37 4.60
N PRO QA 89 137.09 79.62 4.82
CA PRO QA 89 136.80 80.69 3.87
C PRO QA 89 137.58 80.61 2.56
N ASN QA 90 138.67 79.85 2.50
CA ASN QA 90 139.52 79.83 1.30
C ASN QA 90 139.15 78.69 0.34
N GLU QA 91 138.05 78.00 0.57
CA GLU QA 91 137.70 76.84 -0.24
C GLU QA 91 136.84 77.22 -1.44
N LYS QA 92 136.90 76.37 -2.46
CA LYS QA 92 136.17 76.60 -3.71
C LYS QA 92 134.67 76.58 -3.47
N GLY QA 93 133.95 77.39 -4.26
CA GLY QA 93 132.53 77.59 -4.01
C GLY QA 93 131.70 76.32 -4.13
N GLY QA 94 132.06 75.44 -5.06
CA GLY QA 94 131.30 74.20 -5.21
C GLY QA 94 131.37 73.34 -3.97
N ILE QA 95 132.54 73.27 -3.35
CA ILE QA 95 132.71 72.47 -2.15
C ILE QA 95 131.93 73.08 -0.99
N ARG QA 96 131.98 74.42 -0.86
CA ARG QA 96 131.23 75.08 0.19
C ARG QA 96 129.73 74.87 0.03
N LEU QA 97 129.23 75.00 -1.21
CA LEU QA 97 127.81 74.82 -1.46
C LEU QA 97 127.37 73.39 -1.20
N LYS QA 98 128.14 72.40 -1.64
CA LYS QA 98 127.77 71.01 -1.40
C LYS QA 98 127.79 70.69 0.09
N ALA QA 99 128.77 71.23 0.82
CA ALA QA 99 128.81 71.05 2.26
C ALA QA 99 127.59 71.68 2.93
N ALA QA 100 127.22 72.88 2.49
CA ALA QA 100 126.04 73.55 3.04
C ALA QA 100 124.78 72.74 2.76
N GLN QA 101 124.64 72.22 1.54
CA GLN QA 101 123.48 71.38 1.23
C GLN QA 101 123.44 70.16 2.14
N ASP QA 102 124.59 69.52 2.35
CA ASP QA 102 124.63 68.32 3.18
C ASP QA 102 124.22 68.62 4.61
N ILE QA 103 124.81 69.67 5.20
CA ILE QA 103 124.53 69.97 6.59
C ILE QA 103 123.10 70.45 6.78
N LEU QA 104 122.56 71.22 5.83
CA LEU QA 104 121.16 71.64 5.94
C LEU QA 104 120.21 70.46 5.78
N ASP QA 105 120.51 69.53 4.86
CA ASP QA 105 119.66 68.36 4.71
C ASP QA 105 119.68 67.49 5.96
N ARG QA 106 120.83 67.38 6.62
CA ARG QA 106 120.86 66.66 7.89
C ARG QA 106 120.17 67.45 9.01
N ALA QA 107 120.17 68.78 8.93
CA ALA QA 107 119.58 69.59 9.99
C ALA QA 107 118.08 69.36 10.13
N GLY QA 108 117.39 69.01 9.05
CA GLY QA 108 115.97 68.74 9.16
C GLY QA 108 115.13 69.66 8.31
N PHE QA 109 115.68 70.11 7.18
CA PHE QA 109 115.01 71.02 6.27
C PHE QA 109 114.81 70.30 4.94
N GLY QA 110 113.54 70.06 4.58
CA GLY QA 110 113.21 69.16 3.50
C GLY QA 110 113.37 69.70 2.09
N ALA QA 111 113.27 68.76 1.16
CA ALA QA 111 113.40 68.95 -0.28
C ALA QA 111 112.07 69.35 -0.91
N LYS QA 112 112.03 69.32 -2.23
CA LYS QA 112 110.96 69.88 -3.06
C LYS QA 112 109.73 68.98 -3.04
N GLN QA 113 108.82 69.24 -3.99
CA GLN QA 113 107.48 68.68 -4.04
C GLN QA 113 107.34 67.88 -5.32
N LYS QA 114 106.43 66.92 -5.33
CA LYS QA 114 106.18 66.14 -6.54
C LYS QA 114 104.71 65.79 -6.67
N ILE QA 115 104.13 66.06 -7.83
CA ILE QA 115 102.73 65.79 -8.09
C ILE QA 115 102.68 64.60 -9.03
N GLU QA 116 101.68 63.73 -8.85
CA GLU QA 116 101.59 62.50 -9.61
C GLU QA 116 100.26 62.39 -10.33
N LEU QA 117 100.31 61.87 -11.55
CA LEU QA 117 99.13 61.61 -12.37
C LEU QA 117 99.00 60.11 -12.55
N THR QA 118 97.81 59.57 -12.26
CA THR QA 118 97.57 58.14 -12.19
C THR QA 118 96.66 57.70 -13.32
N THR QA 119 96.91 56.49 -13.82
CA THR QA 119 96.16 55.89 -14.91
C THR QA 119 95.65 54.52 -14.46
N LYS QA 120 94.95 53.85 -15.35
CA LYS QA 120 94.26 52.62 -15.00
C LYS QA 120 94.38 51.57 -16.10
N LEU RA 15 123.89 68.02 38.49
CA LEU RA 15 125.27 67.59 38.36
C LEU RA 15 125.36 66.06 38.25
N THR RA 16 124.60 65.37 39.11
CA THR RA 16 124.64 63.92 39.12
C THR RA 16 123.86 63.27 37.97
N PRO RA 17 122.53 63.48 37.84
CA PRO RA 17 121.72 62.55 37.03
C PRO RA 17 122.00 62.55 35.53
N LYS RA 18 121.80 63.68 34.85
CA LYS RA 18 121.76 63.66 33.38
C LYS RA 18 122.47 64.80 32.67
N GLU RA 19 122.74 65.94 33.30
CA GLU RA 19 123.36 67.04 32.57
C GLU RA 19 124.86 66.84 32.35
N LYS RA 20 125.55 66.21 33.30
CA LYS RA 20 126.94 65.89 33.07
C LYS RA 20 127.07 64.85 31.96
N LEU RA 21 126.09 63.97 31.84
CA LEU RA 21 126.06 63.00 30.74
C LEU RA 21 125.89 63.71 29.40
N ASP RA 22 125.08 64.76 29.36
CA ASP RA 22 124.96 65.55 28.14
C ASP RA 22 126.28 66.23 27.82
N LEU RA 23 126.99 66.71 28.85
CA LEU RA 23 128.33 67.24 28.61
C LEU RA 23 129.25 66.16 28.05
N TYR RA 24 129.09 64.92 28.53
CA TYR RA 24 129.83 63.79 28.00
C TYR RA 24 129.55 63.58 26.52
N CYS RA 25 128.27 63.66 26.13
CA CYS RA 25 127.90 63.50 24.73
C CYS RA 25 128.51 64.59 23.87
N GLU RA 26 128.42 65.84 24.33
CA GLU RA 26 128.95 66.96 23.54
C GLU RA 26 130.47 66.90 23.43
N ALA RA 27 131.15 66.51 24.51
CA ALA RA 27 132.60 66.36 24.47
C ALA RA 27 133.00 65.24 23.52
N LEU RA 28 132.25 64.14 23.52
CA LEU RA 28 132.52 63.06 22.58
C LEU RA 28 132.31 63.53 21.14
N CYS RA 29 131.39 64.48 20.92
CA CYS RA 29 131.16 64.96 19.57
C CYS RA 29 132.39 65.64 18.99
N ASP RA 30 133.20 66.29 19.82
CA ASP RA 30 134.37 67.01 19.32
C ASP RA 30 135.68 66.24 19.47
N GLY RA 31 135.91 65.54 20.57
CA GLY RA 31 137.23 64.93 20.72
C GLY RA 31 137.35 63.44 20.49
N PHE RA 32 136.40 62.85 19.77
CA PHE RA 32 136.45 61.46 19.30
C PHE RA 32 137.17 60.51 20.25
N ASN RA 33 136.87 60.56 21.55
CA ASN RA 33 137.56 59.69 22.49
C ASN RA 33 136.64 59.33 23.64
N LYS RA 34 136.57 58.04 23.96
CA LYS RA 34 135.77 57.57 25.07
C LYS RA 34 136.47 57.83 26.41
N THR RA 35 137.79 57.67 26.45
CA THR RA 35 138.50 57.76 27.73
C THR RA 35 138.52 59.18 28.27
N GLN RA 36 138.85 60.17 27.43
CA GLN RA 36 138.89 61.55 27.91
C GLN RA 36 137.50 62.04 28.30
N ALA RA 37 136.50 61.74 27.48
CA ALA RA 37 135.13 62.12 27.80
C ALA RA 37 134.67 61.45 29.08
N TYR RA 38 135.04 60.18 29.27
CA TYR RA 38 134.64 59.45 30.46
C TYR RA 38 135.30 60.01 31.72
N ILE RA 39 136.60 60.35 31.65
CA ILE RA 39 137.24 60.92 32.83
C ILE RA 39 136.67 62.30 33.12
N LYS RA 40 136.25 63.04 32.10
CA LYS RA 40 135.58 64.31 32.34
C LYS RA 40 134.14 64.13 32.79
N ALA RA 41 133.57 62.94 32.58
CA ALA RA 41 132.18 62.70 32.96
C ALA RA 41 131.99 62.67 34.47
N GLY RA 42 132.95 62.12 35.20
CA GLY RA 42 132.85 62.04 36.64
C GLY RA 42 132.63 60.65 37.20
N PHE RA 43 133.03 59.59 36.49
CA PHE RA 43 132.70 58.22 36.85
C PHE RA 43 133.96 57.49 37.30
N SER RA 44 133.81 56.20 37.58
CA SER RA 44 134.93 55.44 38.13
C SER RA 44 135.99 55.22 37.06
N ALA RA 45 137.24 55.48 37.42
CA ALA RA 45 138.37 55.39 36.49
C ALA RA 45 138.59 53.93 36.10
N PRO RA 46 138.43 52.99 37.03
CA PRO RA 46 138.79 51.59 36.74
C PRO RA 46 137.97 50.96 35.62
N HIS RA 47 136.65 50.98 35.73
CA HIS RA 47 135.77 50.35 34.74
C HIS RA 47 135.30 51.39 33.71
N ALA RA 48 136.24 51.81 32.87
CA ALA RA 48 135.94 52.81 31.85
C ALA RA 48 135.84 52.23 30.45
N GLN RA 49 136.05 50.92 30.28
CA GLN RA 49 135.93 50.27 28.99
C GLN RA 49 134.66 49.44 28.84
N ARG RA 50 134.15 48.90 29.93
CA ARG RA 50 133.00 47.98 29.84
C ARG RA 50 131.70 48.68 30.21
N ASN RA 51 131.60 49.18 31.45
CA ASN RA 51 130.42 49.84 31.98
C ASN RA 51 129.88 50.87 30.99
N VAL RA 52 130.77 51.38 30.14
CA VAL RA 52 130.35 52.42 29.21
C VAL RA 52 129.57 51.80 28.07
N ALA RA 53 129.96 50.61 27.62
CA ALA RA 53 129.15 49.91 26.62
C ALA RA 53 127.78 49.56 27.15
N PRO RA 54 127.64 48.98 28.36
CA PRO RA 54 126.29 48.71 28.88
C PRO RA 54 125.46 49.98 29.09
N TYR RA 55 126.05 51.05 29.61
CA TYR RA 55 125.28 52.27 29.79
C TYR RA 55 124.90 52.91 28.45
N HIS RA 56 125.80 52.82 27.46
CA HIS RA 56 125.53 53.41 26.16
C HIS RA 56 124.47 52.64 25.39
N ARG RA 57 124.41 51.32 25.59
CA ARG RA 57 123.42 50.53 24.87
C ARG RA 57 122.01 50.83 25.38
N LYS RA 58 121.90 51.28 26.63
CA LYS RA 58 120.59 51.61 27.19
C LYS RA 58 120.13 53.00 26.80
N ASN RA 59 121.02 53.84 26.24
CA ASN RA 59 120.69 55.19 25.83
C ASN RA 59 121.22 55.50 24.43
N ALA RA 60 121.29 54.50 23.55
CA ALA RA 60 121.84 54.75 22.22
C ALA RA 60 120.96 55.72 21.43
N GLU RA 61 119.64 55.60 21.57
CA GLU RA 61 118.74 56.48 20.85
C GLU RA 61 118.93 57.92 21.30
N TYR RA 62 119.08 58.14 22.61
CA TYR RA 62 119.29 59.49 23.12
C TYR RA 62 120.65 60.03 22.70
N ILE RA 63 121.66 59.17 22.60
CA ILE RA 63 122.96 59.59 22.10
C ILE RA 63 122.83 60.09 20.67
N GLN RA 64 122.09 59.34 19.85
CA GLN RA 64 121.85 59.76 18.47
C GLN RA 64 121.07 61.06 18.42
N ALA RA 65 120.07 61.22 19.29
CA ALA RA 65 119.30 62.46 19.31
C ALA RA 65 120.17 63.65 19.70
N TYR RA 66 121.05 63.47 20.68
CA TYR RA 66 121.92 64.57 21.10
C TYR RA 66 122.91 64.96 20.00
N ILE RA 67 123.53 63.97 19.35
CA ILE RA 67 124.46 64.29 18.27
C ILE RA 67 123.73 64.93 17.09
N SER RA 68 122.52 64.45 16.78
CA SER RA 68 121.73 65.04 15.70
C SER RA 68 121.37 66.48 16.02
N GLU RA 69 120.98 66.76 17.26
CA GLU RA 69 120.65 68.13 17.63
C GLU RA 69 121.88 69.02 17.56
N ARG RA 70 123.04 68.51 17.97
CA ARG RA 70 124.26 69.32 17.90
C ARG RA 70 124.63 69.63 16.45
N ILE RA 71 124.54 68.63 15.56
CA ILE RA 71 124.87 68.89 14.15
C ILE RA 71 123.85 69.85 13.54
N GLY RA 72 122.58 69.74 13.94
CA GLY RA 72 121.57 70.66 13.45
C GLY RA 72 121.73 72.07 13.98
N SER RA 73 122.37 72.24 15.14
CA SER RA 73 122.52 73.55 15.74
C SER RA 73 123.49 74.45 14.97
N ASP RA 74 124.32 73.89 14.10
CA ASP RA 74 125.20 74.69 13.26
C ASP RA 74 124.58 75.04 11.92
N ALA RA 75 123.35 74.62 11.67
CA ALA RA 75 122.66 74.91 10.43
C ALA RA 75 122.60 76.39 10.05
N PRO RA 76 122.32 77.33 10.97
CA PRO RA 76 122.27 78.75 10.54
C PRO RA 76 123.57 79.27 9.93
N ALA RA 77 124.73 78.82 10.42
CA ALA RA 77 125.99 79.25 9.81
C ALA RA 77 126.08 78.79 8.36
N ALA RA 78 125.72 77.54 8.10
CA ALA RA 78 125.73 77.03 6.72
C ALA RA 78 124.67 77.71 5.87
N ARG RA 79 123.51 78.03 6.46
CA ARG RA 79 122.52 78.80 5.72
C ARG RA 79 123.09 80.15 5.32
N LYS RA 80 123.82 80.79 6.22
CA LYS RA 80 124.46 82.06 5.88
C LYS RA 80 125.48 81.89 4.77
N VAL RA 81 126.29 80.81 4.82
CA VAL RA 81 127.31 80.63 3.80
C VAL RA 81 126.65 80.39 2.43
N VAL RA 82 125.62 79.56 2.38
CA VAL RA 82 124.99 79.28 1.08
C VAL RA 82 124.27 80.52 0.56
N LEU RA 83 123.64 81.31 1.46
CA LEU RA 83 122.99 82.54 1.00
C LEU RA 83 124.01 83.55 0.49
N GLU RA 84 125.13 83.71 1.20
CA GLU RA 84 126.12 84.69 0.77
C GLU RA 84 126.78 84.25 -0.53
N ILE RA 85 127.00 82.95 -0.72
CA ILE RA 85 127.56 82.50 -1.98
C ILE RA 85 126.52 82.68 -3.09
N MET RA 86 125.22 82.57 -2.75
CA MET RA 86 124.17 82.85 -3.72
C MET RA 86 124.11 84.32 -4.10
N ASN RA 87 124.59 85.20 -3.23
CA ASN RA 87 124.55 86.63 -3.51
C ASN RA 87 125.91 87.21 -3.87
N ASP RA 88 126.94 86.37 -4.02
CA ASP RA 88 128.27 86.85 -4.36
C ASP RA 88 128.43 86.82 -5.88
N PRO RA 89 128.59 87.97 -6.54
CA PRO RA 89 128.67 87.96 -8.01
C PRO RA 89 130.00 87.50 -8.59
N ASN RA 90 131.06 87.45 -7.79
CA ASN RA 90 132.39 87.10 -8.29
C ASN RA 90 132.61 85.59 -8.27
N GLU RA 91 131.59 84.83 -7.92
CA GLU RA 91 131.63 83.37 -7.87
C GLU RA 91 131.12 82.82 -9.20
N LYS RA 92 131.50 81.59 -9.49
CA LYS RA 92 131.11 80.98 -10.76
C LYS RA 92 129.59 80.91 -10.88
N GLY RA 93 129.10 81.07 -12.11
CA GLY RA 93 127.66 81.16 -12.32
C GLY RA 93 126.94 79.91 -11.87
N GLY RA 94 127.57 78.74 -12.06
CA GLY RA 94 126.94 77.51 -11.63
C GLY RA 94 126.70 77.47 -10.14
N ILE RA 95 127.63 78.00 -9.35
CA ILE RA 95 127.49 78.01 -7.91
C ILE RA 95 126.35 78.92 -7.49
N ARG RA 96 126.27 80.10 -8.13
CA ARG RA 96 125.18 81.04 -7.86
C ARG RA 96 123.85 80.41 -8.20
N LEU RA 97 123.80 79.70 -9.33
CA LEU RA 97 122.58 79.00 -9.75
C LEU RA 97 122.18 77.91 -8.78
N LYS RA 98 123.14 77.10 -8.33
CA LYS RA 98 122.83 76.00 -7.41
C LYS RA 98 122.35 76.52 -6.07
N ALA RA 99 122.98 77.58 -5.55
CA ALA RA 99 122.53 78.16 -4.29
C ALA RA 99 121.14 78.76 -4.41
N ALA RA 100 120.88 79.49 -5.51
CA ALA RA 100 119.55 80.05 -5.71
C ALA RA 100 118.51 78.95 -5.85
N GLN RA 101 118.83 77.88 -6.59
CA GLN RA 101 117.91 76.77 -6.75
C GLN RA 101 117.59 76.12 -5.42
N ASP RA 102 118.60 75.87 -4.59
CA ASP RA 102 118.36 75.23 -3.30
C ASP RA 102 117.53 76.12 -2.38
N ILE RA 103 117.86 77.41 -2.31
CA ILE RA 103 117.16 78.29 -1.39
C ILE RA 103 115.71 78.48 -1.85
N LEU RA 104 115.48 78.55 -3.16
CA LEU RA 104 114.11 78.66 -3.66
C LEU RA 104 113.33 77.36 -3.42
N ASP RA 105 114.00 76.21 -3.58
CA ASP RA 105 113.34 74.94 -3.28
C ASP RA 105 112.95 74.86 -1.82
N ARG RA 106 113.75 75.45 -0.92
CA ARG RA 106 113.28 75.52 0.46
C ARG RA 106 112.13 76.51 0.58
N ALA RA 107 112.10 77.56 -0.25
CA ALA RA 107 111.00 78.52 -0.17
C ALA RA 107 109.66 77.86 -0.45
N GLY RA 108 109.65 76.82 -1.26
CA GLY RA 108 108.44 76.06 -1.50
C GLY RA 108 107.97 75.99 -2.93
N PHE RA 109 108.89 76.17 -3.88
CA PHE RA 109 108.57 76.03 -5.30
C PHE RA 109 109.53 75.01 -5.90
N GLY RA 110 108.99 73.85 -6.29
CA GLY RA 110 109.80 72.72 -6.71
C GLY RA 110 109.60 72.32 -8.15
N ALA RA 111 109.99 71.09 -8.48
CA ALA RA 111 109.80 70.57 -9.82
C ALA RA 111 108.38 70.07 -9.96
N LYS RA 112 108.05 69.51 -11.12
CA LYS RA 112 106.66 69.32 -11.49
C LYS RA 112 106.32 67.84 -11.69
N GLN RA 113 105.17 67.63 -12.31
CA GLN RA 113 104.40 66.39 -12.25
C GLN RA 113 105.11 65.23 -12.95
N LYS RA 114 104.74 64.02 -12.52
CA LYS RA 114 105.23 62.78 -13.09
C LYS RA 114 104.07 61.79 -13.10
N ILE RA 115 103.82 61.18 -14.25
CA ILE RA 115 102.67 60.31 -14.42
C ILE RA 115 103.18 58.88 -14.47
N GLU RA 116 102.38 57.97 -13.95
CA GLU RA 116 102.72 56.56 -13.91
C GLU RA 116 101.63 55.79 -14.67
N LEU RA 117 102.05 54.81 -15.45
CA LEU RA 117 101.15 53.98 -16.23
C LEU RA 117 101.24 52.56 -15.71
N THR RA 118 100.09 51.96 -15.44
CA THR RA 118 100.04 50.63 -14.84
C THR RA 118 99.48 49.63 -15.84
N THR RA 119 100.11 48.45 -15.87
CA THR RA 119 99.74 47.36 -16.74
C THR RA 119 99.71 46.07 -15.92
N LYS RA 120 98.67 45.27 -16.12
CA LYS RA 120 98.44 44.09 -15.30
C LYS RA 120 98.00 42.90 -16.16
N LYS SA 18 107.16 86.83 24.44
CA LYS SA 18 107.21 86.04 23.21
C LYS SA 18 108.05 86.74 22.14
N GLU SA 19 108.19 88.06 22.28
CA GLU SA 19 108.98 88.82 21.32
C GLU SA 19 110.47 88.75 21.64
N LYS SA 20 110.84 88.72 22.92
CA LYS SA 20 112.25 88.62 23.29
C LYS SA 20 112.81 87.25 22.89
N LEU SA 21 112.02 86.20 23.07
CA LEU SA 21 112.44 84.87 22.64
C LEU SA 21 112.53 84.77 21.12
N ASP SA 22 111.63 85.46 20.41
CA ASP SA 22 111.75 85.50 18.95
C ASP SA 22 113.02 86.22 18.53
N LEU SA 23 113.39 87.28 19.26
CA LEU SA 23 114.68 87.92 19.01
C LEU SA 23 115.82 86.95 19.28
N TYR SA 24 115.67 86.10 20.30
CA TYR SA 24 116.66 85.05 20.54
C TYR SA 24 116.77 84.11 19.35
N CYS SA 25 115.62 83.76 18.75
CA CYS SA 25 115.63 82.90 17.57
C CYS SA 25 116.36 83.58 16.41
N GLU SA 26 116.10 84.89 16.22
CA GLU SA 26 116.77 85.62 15.14
C GLU SA 26 118.28 85.70 15.39
N ALA SA 27 118.66 85.89 16.65
CA ALA SA 27 120.08 85.90 17.01
C ALA SA 27 120.72 84.55 16.75
N LEU SA 28 120.00 83.47 17.03
CA LEU SA 28 120.51 82.15 16.66
C LEU SA 28 120.66 82.02 15.16
N CYS SA 29 119.76 82.63 14.40
CA CYS SA 29 119.85 82.53 12.95
C CYS SA 29 121.05 83.30 12.41
N ASP SA 30 121.38 84.45 13.00
CA ASP SA 30 122.43 85.28 12.40
C ASP SA 30 123.80 85.20 13.09
N GLY SA 31 123.87 85.26 14.43
CA GLY SA 31 125.16 85.38 15.07
C GLY SA 31 125.78 84.17 15.74
N PHE SA 32 125.38 82.96 15.35
CA PHE SA 32 126.04 81.72 15.74
C PHE SA 32 126.57 81.68 17.18
N ASN SA 33 125.75 82.05 18.16
CA ASN SA 33 126.20 82.01 19.55
C ASN SA 33 125.02 81.66 20.43
N LYS SA 34 125.20 80.63 21.25
CA LYS SA 34 124.14 80.24 22.18
C LYS SA 34 124.17 81.12 23.42
N THR SA 35 125.36 81.30 24.01
CA THR SA 35 125.51 82.06 25.24
C THR SA 35 125.46 83.57 25.01
N GLN SA 36 126.15 84.06 23.97
CA GLN SA 36 126.19 85.49 23.73
C GLN SA 36 124.80 86.04 23.38
N ALA SA 37 124.05 85.32 22.55
CA ALA SA 37 122.69 85.73 22.24
C ALA SA 37 121.81 85.66 23.48
N TYR SA 38 122.00 84.62 24.30
CA TYR SA 38 121.15 84.45 25.47
C TYR SA 38 121.39 85.56 26.49
N ILE SA 39 122.65 85.92 26.72
CA ILE SA 39 122.95 87.02 27.63
C ILE SA 39 122.58 88.36 27.01
N LYS SA 40 122.64 88.47 25.68
CA LYS SA 40 122.24 89.70 24.99
C LYS SA 40 120.74 89.87 24.99
N ALA SA 41 120.00 88.81 25.27
CA ALA SA 41 118.55 88.93 25.38
C ALA SA 41 118.15 89.80 26.56
N GLY SA 42 118.93 89.77 27.64
CA GLY SA 42 118.62 90.59 28.80
C GLY SA 42 118.60 89.77 30.06
N PHE SA 43 119.35 88.68 30.07
CA PHE SA 43 119.26 87.66 31.10
C PHE SA 43 120.51 87.67 31.98
N SER SA 44 120.53 86.75 32.94
CA SER SA 44 121.59 86.67 33.93
C SER SA 44 122.88 86.13 33.35
N ALA SA 45 123.98 86.79 33.67
CA ALA SA 45 125.32 86.47 33.21
C ALA SA 45 125.88 85.19 33.82
N PRO SA 46 125.61 84.92 35.10
CA PRO SA 46 126.32 83.84 35.80
C PRO SA 46 126.18 82.44 35.21
N HIS SA 47 124.96 81.92 35.09
CA HIS SA 47 124.78 80.56 34.58
C HIS SA 47 123.92 80.50 33.32
N ALA SA 48 124.27 81.32 32.31
CA ALA SA 48 123.52 81.31 31.07
C ALA SA 48 123.64 79.97 30.36
N GLN SA 49 124.83 79.34 30.44
CA GLN SA 49 125.11 78.08 29.76
C GLN SA 49 124.13 76.98 30.13
N ARG SA 50 123.51 77.05 31.31
CA ARG SA 50 122.57 76.04 31.76
C ARG SA 50 121.15 76.48 31.51
N ASN SA 51 120.75 77.61 32.11
CA ASN SA 51 119.42 78.19 31.94
C ASN SA 51 118.98 78.26 30.47
N VAL SA 52 119.94 78.26 29.55
CA VAL SA 52 119.58 78.38 28.13
C VAL SA 52 119.09 77.04 27.57
N ALA SA 53 119.63 75.92 28.05
CA ALA SA 53 119.22 74.60 27.56
C ALA SA 53 117.73 74.30 27.73
N PRO SA 54 117.12 74.58 28.89
CA PRO SA 54 115.67 74.31 29.00
C PRO SA 54 114.84 75.05 27.97
N TYR SA 55 115.19 76.32 27.68
CA TYR SA 55 114.45 77.04 26.66
C TYR SA 55 114.66 76.44 25.28
N HIS SA 56 115.87 75.95 24.99
CA HIS SA 56 116.10 75.38 23.67
C HIS SA 56 115.35 74.08 23.49
N ARG SA 57 115.26 73.25 24.55
CA ARG SA 57 114.52 72.02 24.40
C ARG SA 57 113.01 72.25 24.43
N LYS SA 58 112.55 73.33 25.06
CA LYS SA 58 111.13 73.60 25.19
C LYS SA 58 110.54 74.32 23.97
N ASN SA 59 111.36 74.83 23.06
CA ASN SA 59 110.87 75.59 21.90
C ASN SA 59 111.48 75.10 20.60
N ALA SA 60 111.66 73.79 20.46
CA ALA SA 60 112.27 73.26 19.24
C ALA SA 60 111.41 73.54 18.01
N GLU SA 61 110.10 73.40 18.14
CA GLU SA 61 109.23 73.64 16.98
C GLU SA 61 109.30 75.09 16.52
N TYR SA 62 109.25 76.04 17.46
CA TYR SA 62 109.29 77.44 17.07
C TYR SA 62 110.67 77.85 16.55
N ILE SA 63 111.75 77.30 17.13
CA ILE SA 63 113.07 77.62 16.59
C ILE SA 63 113.20 77.09 15.17
N GLN SA 64 112.71 75.88 14.91
CA GLN SA 64 112.76 75.35 13.55
C GLN SA 64 111.93 76.21 12.59
N ALA SA 65 110.73 76.62 13.02
CA ALA SA 65 109.90 77.45 12.16
C ALA SA 65 110.55 78.81 11.89
N TYR SA 66 111.13 79.43 12.91
CA TYR SA 66 111.75 80.74 12.74
C TYR SA 66 112.98 80.68 11.85
N ILE SA 67 113.83 79.66 12.05
CA ILE SA 67 115.00 79.52 11.19
C ILE SA 67 114.57 79.25 9.77
N SER SA 68 113.52 78.43 9.59
CA SER SA 68 113.03 78.15 8.25
C SER SA 68 112.49 79.39 7.57
N GLU SA 69 111.72 80.22 8.29
CA GLU SA 69 111.17 81.42 7.68
C GLU SA 69 112.26 82.42 7.34
N ARG SA 70 113.27 82.57 8.20
CA ARG SA 70 114.37 83.47 7.87
C ARG SA 70 115.14 82.97 6.65
N ILE SA 71 115.37 81.66 6.57
CA ILE SA 71 116.06 81.10 5.41
C ILE SA 71 115.24 81.31 4.14
N GLY SA 72 113.91 81.13 4.24
CA GLY SA 72 113.04 81.31 3.09
C GLY SA 72 112.81 82.74 2.63
N SER SA 73 112.96 83.71 3.53
CA SER SA 73 112.60 85.09 3.20
C SER SA 73 113.50 85.75 2.18
N ASP SA 74 114.67 85.20 1.87
CA ASP SA 74 115.54 85.75 0.85
C ASP SA 74 115.32 85.15 -0.53
N ALA SA 75 114.35 84.24 -0.67
CA ALA SA 75 114.07 83.61 -1.96
C ALA SA 75 113.82 84.57 -3.12
N PRO SA 76 113.07 85.67 -2.99
CA PRO SA 76 112.89 86.56 -4.14
C PRO SA 76 114.19 87.09 -4.72
N ALA SA 77 115.20 87.31 -3.88
CA ALA SA 77 116.51 87.72 -4.37
C ALA SA 77 117.12 86.64 -5.26
N ALA SA 78 116.98 85.38 -4.84
CA ALA SA 78 117.50 84.28 -5.66
C ALA SA 78 116.72 84.15 -6.97
N ARG SA 79 115.42 84.38 -6.94
CA ARG SA 79 114.65 84.36 -8.18
C ARG SA 79 115.12 85.46 -9.13
N LYS SA 80 115.37 86.66 -8.59
CA LYS SA 80 115.88 87.74 -9.41
C LYS SA 80 117.26 87.43 -9.97
N VAL SA 81 118.14 86.85 -9.16
CA VAL SA 81 119.49 86.54 -9.65
C VAL SA 81 119.45 85.47 -10.73
N VAL SA 82 118.63 84.42 -10.54
CA VAL SA 82 118.56 83.37 -11.55
C VAL SA 82 117.95 83.91 -12.84
N LEU SA 83 116.99 84.83 -12.73
CA LEU SA 83 116.47 85.47 -13.94
C LEU SA 83 117.54 86.31 -14.62
N GLU SA 84 118.33 87.04 -13.85
CA GLU SA 84 119.36 87.93 -14.41
C GLU SA 84 120.49 87.15 -15.09
N ILE SA 85 120.89 86.02 -14.52
CA ILE SA 85 121.98 85.25 -15.12
C ILE SA 85 121.57 84.67 -16.47
N MET SA 86 120.28 84.36 -16.66
CA MET SA 86 119.83 83.86 -17.96
C MET SA 86 119.96 84.90 -19.07
N ASN SA 87 120.02 86.19 -18.74
CA ASN SA 87 120.13 87.24 -19.74
C ASN SA 87 121.52 87.87 -19.81
N ASP SA 88 122.50 87.31 -19.09
CA ASP SA 88 123.86 87.85 -19.14
C ASP SA 88 124.63 87.12 -20.23
N PRO SA 89 125.06 87.80 -21.30
CA PRO SA 89 125.70 87.10 -22.42
C PRO SA 89 127.13 86.64 -22.18
N ASN SA 90 127.83 87.14 -21.16
CA ASN SA 90 129.24 86.84 -20.99
C ASN SA 90 129.49 85.59 -20.16
N GLU SA 91 128.44 84.86 -19.79
CA GLU SA 91 128.52 83.66 -18.98
C GLU SA 91 128.54 82.42 -19.87
N LYS SA 92 129.04 81.32 -19.31
CA LYS SA 92 129.10 80.07 -20.05
C LYS SA 92 127.70 79.60 -20.42
N GLY SA 93 127.58 78.97 -21.60
CA GLY SA 93 126.27 78.60 -22.11
C GLY SA 93 125.54 77.60 -21.22
N GLY SA 94 126.29 76.66 -20.63
CA GLY SA 94 125.69 75.66 -19.77
C GLY SA 94 124.98 76.29 -18.58
N ILE SA 95 125.53 77.39 -18.06
CA ILE SA 95 124.92 78.03 -16.90
C ILE SA 95 123.55 78.60 -17.28
N ARG SA 96 123.45 79.24 -18.45
CA ARG SA 96 122.14 79.72 -18.91
C ARG SA 96 121.20 78.56 -19.15
N LEU SA 97 121.71 77.45 -19.70
CA LEU SA 97 120.85 76.30 -19.93
C LEU SA 97 120.27 75.78 -18.62
N LYS SA 98 121.10 75.66 -17.59
CA LYS SA 98 120.61 75.20 -16.29
C LYS SA 98 119.66 76.22 -15.67
N ALA SA 99 119.94 77.51 -15.83
CA ALA SA 99 119.03 78.54 -15.30
C ALA SA 99 117.67 78.45 -15.98
N ALA SA 100 117.65 78.28 -17.30
CA ALA SA 100 116.40 78.11 -18.02
C ALA SA 100 115.70 76.84 -17.57
N GLN SA 101 116.46 75.76 -17.34
CA GLN SA 101 115.87 74.52 -16.86
C GLN SA 101 115.18 74.73 -15.51
N ASP SA 102 115.85 75.43 -14.59
CA ASP SA 102 115.27 75.66 -13.27
C ASP SA 102 114.04 76.54 -13.35
N ILE SA 103 114.12 77.64 -14.10
CA ILE SA 103 113.01 78.59 -14.14
C ILE SA 103 111.80 77.98 -14.84
N LEU SA 104 112.03 77.19 -15.91
CA LEU SA 104 110.93 76.50 -16.58
C LEU SA 104 110.36 75.37 -15.72
N ASP SA 105 111.22 74.66 -14.99
CA ASP SA 105 110.71 73.64 -14.07
C ASP SA 105 109.85 74.28 -13.00
N ARG SA 106 110.17 75.52 -12.62
CA ARG SA 106 109.27 76.26 -11.74
C ARG SA 106 108.01 76.67 -12.48
N ALA SA 107 108.12 76.89 -13.80
CA ALA SA 107 106.98 77.32 -14.59
C ALA SA 107 105.86 76.28 -14.65
N GLY SA 108 106.21 75.00 -14.57
CA GLY SA 108 105.15 74.00 -14.54
C GLY SA 108 105.15 72.91 -15.62
N PHE SA 109 106.32 72.57 -16.17
CA PHE SA 109 106.43 71.50 -17.15
C PHE SA 109 107.42 70.45 -16.64
N GLY SA 110 106.90 69.25 -16.38
CA GLY SA 110 107.65 68.19 -15.75
C GLY SA 110 107.85 66.98 -16.65
N ALA SA 111 108.17 65.83 -16.07
CA ALA SA 111 108.41 64.63 -16.85
C ALA SA 111 107.09 63.91 -17.16
N LYS SA 112 107.20 62.78 -17.85
CA LYS SA 112 106.05 62.11 -18.46
C LYS SA 112 106.09 60.62 -18.09
N GLN SA 113 105.36 59.81 -18.85
CA GLN SA 113 104.91 58.48 -18.41
C GLN SA 113 106.06 57.61 -17.92
N LYS SA 114 105.69 56.68 -17.02
CA LYS SA 114 106.55 55.65 -16.48
C LYS SA 114 105.66 54.43 -16.23
N ILE SA 115 106.12 53.26 -16.62
CA ILE SA 115 105.30 52.05 -16.60
C ILE SA 115 105.72 51.15 -15.44
N GLU SA 116 104.74 50.46 -14.85
CA GLU SA 116 104.94 49.53 -13.75
C GLU SA 116 104.40 48.16 -14.10
N LEU SA 117 105.16 47.11 -13.78
CA LEU SA 117 104.77 45.73 -13.94
C LEU SA 117 104.81 45.01 -12.60
N THR SA 118 103.92 44.02 -12.44
CA THR SA 118 103.84 43.26 -11.20
C THR SA 118 103.19 41.91 -11.49
N THR SA 119 103.67 40.87 -10.81
CA THR SA 119 103.14 39.52 -10.98
C THR SA 119 102.84 38.85 -9.65
N LYS SA 120 102.79 39.61 -8.55
CA LYS SA 120 102.44 39.09 -7.23
C LYS SA 120 103.31 37.91 -6.82
N PRO TA 14 -3.86 97.97 -30.52
CA PRO TA 14 -4.36 98.68 -29.33
C PRO TA 14 -5.04 97.74 -28.33
N LEU TA 15 -5.66 96.69 -28.84
CA LEU TA 15 -6.48 95.75 -28.06
C LEU TA 15 -6.35 94.37 -28.70
N THR TA 16 -7.34 93.49 -28.44
CA THR TA 16 -7.39 92.14 -29.00
C THR TA 16 -6.19 91.32 -28.55
N PRO TA 17 -6.19 90.85 -27.29
CA PRO TA 17 -5.00 90.17 -26.75
C PRO TA 17 -4.55 88.95 -27.56
N LYS TA 18 -5.44 88.27 -28.28
CA LYS TA 18 -4.99 87.12 -29.04
C LYS TA 18 -4.17 87.53 -30.27
N GLU TA 19 -4.39 88.73 -30.78
CA GLU TA 19 -3.58 89.18 -31.90
C GLU TA 19 -2.22 89.64 -31.42
N LYS TA 20 -2.17 90.23 -30.24
CA LYS TA 20 -0.91 90.60 -29.62
C LYS TA 20 -0.12 89.34 -29.24
N LEU TA 21 -0.82 88.29 -28.81
CA LEU TA 21 -0.16 87.02 -28.52
C LEU TA 21 0.38 86.37 -29.80
N ASP TA 22 -0.35 86.48 -30.91
CA ASP TA 22 0.19 86.00 -32.17
C ASP TA 22 1.41 86.79 -32.59
N LEU TA 23 1.40 88.11 -32.34
CA LEU TA 23 2.60 88.91 -32.58
C LEU TA 23 3.75 88.42 -31.71
N TYR TA 24 3.44 88.03 -30.47
CA TYR TA 24 4.45 87.44 -29.59
C TYR TA 24 5.00 86.15 -30.17
N CYS TA 25 4.13 85.31 -30.73
CA CYS TA 25 4.58 84.07 -31.35
C CYS TA 25 5.51 84.34 -32.53
N GLU TA 26 5.15 85.30 -33.37
CA GLU TA 26 6.00 85.62 -34.51
C GLU TA 26 7.35 86.17 -34.07
N ALA TA 27 7.34 87.06 -33.06
CA ALA TA 27 8.59 87.61 -32.54
C ALA TA 27 9.44 86.53 -31.88
N LEU TA 28 8.82 85.62 -31.14
CA LEU TA 28 9.57 84.52 -30.53
C LEU TA 28 10.18 83.62 -31.59
N CYS TA 29 9.46 83.40 -32.70
CA CYS TA 29 10.03 82.61 -33.78
C CYS TA 29 11.17 83.34 -34.46
N ASP TA 30 11.11 84.67 -34.52
CA ASP TA 30 12.10 85.49 -35.21
C ASP TA 30 13.17 86.06 -34.30
N GLY TA 31 12.81 86.45 -33.07
CA GLY TA 31 13.75 87.07 -32.15
C GLY TA 31 14.22 86.05 -31.15
N PHE TA 32 15.53 85.83 -31.11
CA PHE TA 32 16.13 84.86 -30.20
C PHE TA 32 16.31 85.41 -28.79
N ASN TA 33 15.27 86.00 -28.22
CA ASN TA 33 15.32 86.44 -26.83
C ASN TA 33 13.90 86.44 -26.28
N LYS TA 34 13.74 85.84 -25.09
CA LYS TA 34 12.43 85.84 -24.46
C LYS TA 34 12.11 87.22 -23.88
N THR TA 35 13.12 87.89 -23.30
CA THR TA 35 12.88 89.20 -22.73
C THR TA 35 12.56 90.21 -23.82
N GLN TA 36 13.29 90.15 -24.94
CA GLN TA 36 12.99 91.03 -26.08
C GLN TA 36 11.62 90.71 -26.66
N ALA TA 37 11.26 89.43 -26.74
CA ALA TA 37 9.94 89.08 -27.23
C ALA TA 37 8.85 89.64 -26.32
N TYR TA 38 9.06 89.58 -25.01
CA TYR TA 38 8.08 90.11 -24.07
C TYR TA 38 7.97 91.63 -24.20
N ILE TA 39 9.10 92.31 -24.36
CA ILE TA 39 9.07 93.75 -24.53
C ILE TA 39 8.45 94.15 -25.88
N LYS TA 40 8.65 93.32 -26.91
CA LYS TA 40 8.06 93.57 -28.21
C LYS TA 40 6.57 93.21 -28.26
N ALA TA 41 6.08 92.43 -27.29
CA ALA TA 41 4.67 92.11 -27.29
C ALA TA 41 3.84 93.36 -27.00
N GLY TA 42 4.31 94.22 -26.10
CA GLY TA 42 3.63 95.45 -25.80
C GLY TA 42 3.37 95.60 -24.31
N PHE TA 43 4.16 94.91 -23.52
CA PHE TA 43 3.95 94.78 -22.08
C PHE TA 43 5.07 95.49 -21.33
N SER TA 44 5.03 95.39 -20.00
CA SER TA 44 5.98 96.14 -19.18
C SER TA 44 7.38 95.54 -19.31
N ALA TA 45 8.32 96.34 -19.81
CA ALA TA 45 9.70 95.95 -20.04
C ALA TA 45 10.51 95.89 -18.75
N PRO TA 46 10.33 96.85 -17.84
CA PRO TA 46 11.21 96.94 -16.68
C PRO TA 46 11.12 95.72 -15.78
N HIS TA 47 12.26 95.38 -15.17
CA HIS TA 47 12.38 94.26 -14.25
C HIS TA 47 11.93 92.96 -14.92
N ALA TA 48 12.72 92.52 -15.90
CA ALA TA 48 12.35 91.33 -16.65
C ALA TA 48 12.78 90.06 -15.94
N GLN TA 49 12.47 89.96 -14.65
CA GLN TA 49 12.75 88.78 -13.86
C GLN TA 49 11.51 87.93 -13.62
N ARG TA 50 10.32 88.55 -13.66
CA ARG TA 50 9.07 87.88 -13.38
C ARG TA 50 8.03 88.26 -14.43
N ASN TA 51 6.85 87.65 -14.30
CA ASN TA 51 5.66 87.85 -15.14
C ASN TA 51 5.76 87.23 -16.53
N VAL TA 52 6.95 86.86 -16.98
CA VAL TA 52 7.06 86.30 -18.33
C VAL TA 52 6.75 84.80 -18.32
N ALA TA 53 7.19 84.10 -17.27
CA ALA TA 53 6.90 82.67 -17.14
C ALA TA 53 5.42 82.37 -17.09
N PRO TA 54 4.60 83.07 -16.29
CA PRO TA 54 3.16 82.81 -16.33
C PRO TA 54 2.53 83.06 -17.70
N TYR TA 55 2.97 84.11 -18.40
CA TYR TA 55 2.40 84.39 -19.71
C TYR TA 55 2.73 83.30 -20.72
N HIS TA 56 3.96 82.77 -20.68
CA HIS TA 56 4.32 81.69 -21.59
C HIS TA 56 3.70 80.35 -21.18
N ARG TA 57 3.55 80.11 -19.89
CA ARG TA 57 3.13 78.82 -19.36
C ARG TA 57 1.64 78.50 -19.53
N LYS TA 58 0.76 79.50 -19.56
CA LYS TA 58 -0.66 79.19 -19.61
C LYS TA 58 -1.23 79.01 -21.02
N ASN TA 59 -0.52 79.41 -22.08
CA ASN TA 59 -1.04 79.32 -23.44
C ASN TA 59 -0.01 78.76 -24.41
N ALA TA 60 0.82 77.82 -23.94
CA ALA TA 60 1.87 77.23 -24.78
C ALA TA 60 1.29 76.43 -25.95
N GLU TA 61 0.12 75.82 -25.76
CA GLU TA 61 -0.46 74.94 -26.77
C GLU TA 61 -0.70 75.67 -28.09
N TYR TA 62 -1.24 76.88 -28.05
CA TYR TA 62 -1.45 77.62 -29.29
C TYR TA 62 -0.12 78.02 -29.91
N ILE TA 63 0.89 78.30 -29.10
CA ILE TA 63 2.21 78.62 -29.64
C ILE TA 63 2.75 77.43 -30.43
N GLN TA 64 2.62 76.22 -29.86
CA GLN TA 64 3.09 75.04 -30.58
C GLN TA 64 2.30 74.81 -31.87
N ALA TA 65 0.98 74.98 -31.82
CA ALA TA 65 0.17 74.80 -33.02
C ALA TA 65 0.55 75.81 -34.11
N TYR TA 66 0.77 77.07 -33.71
CA TYR TA 66 1.13 78.10 -34.67
C TYR TA 66 2.50 77.82 -35.29
N ILE TA 67 3.44 77.36 -34.47
CA ILE TA 67 4.77 77.04 -35.00
C ILE TA 67 4.68 75.90 -36.00
N SER TA 68 3.86 74.90 -35.69
CA SER TA 68 3.68 73.79 -36.63
C SER TA 68 3.05 74.28 -37.93
N GLU TA 69 2.07 75.17 -37.85
CA GLU TA 69 1.43 75.68 -39.07
C GLU TA 69 2.40 76.51 -39.90
N ARG TA 70 3.24 77.33 -39.26
CA ARG TA 70 4.22 78.10 -40.02
C ARG TA 70 5.23 77.20 -40.70
N ILE TA 71 5.70 76.16 -40.00
CA ILE TA 71 6.65 75.23 -40.60
C ILE TA 71 6.01 74.50 -41.77
N GLY TA 72 4.73 74.11 -41.63
CA GLY TA 72 4.07 73.45 -42.73
C GLY TA 72 3.80 74.38 -43.90
N SER TA 73 3.59 75.67 -43.62
CA SER TA 73 3.38 76.63 -44.70
C SER TA 73 4.68 76.96 -45.42
N ASP TA 74 5.83 76.75 -44.77
CA ASP TA 74 7.10 76.93 -45.46
C ASP TA 74 7.64 75.63 -46.04
N ALA TA 75 6.99 74.51 -45.75
CA ALA TA 75 7.42 73.23 -46.31
C ALA TA 75 7.42 73.18 -47.84
N PRO TA 76 6.43 73.70 -48.57
CA PRO TA 76 6.48 73.64 -50.04
C PRO TA 76 7.71 74.32 -50.65
N ALA TA 77 8.23 75.37 -50.02
CA ALA TA 77 9.47 75.97 -50.51
C ALA TA 77 10.61 74.96 -50.45
N ALA TA 78 10.68 74.20 -49.35
CA ALA TA 78 11.68 73.15 -49.25
C ALA TA 78 11.42 72.03 -50.26
N ARG TA 79 10.15 71.74 -50.56
CA ARG TA 79 9.87 70.79 -51.62
C ARG TA 79 10.42 71.29 -52.95
N LYS TA 80 10.27 72.57 -53.22
CA LYS TA 80 10.84 73.15 -54.44
C LYS TA 80 12.36 73.05 -54.44
N VAL TA 81 13.00 73.32 -53.30
CA VAL TA 81 14.46 73.27 -53.27
C VAL TA 81 14.95 71.84 -53.49
N VAL TA 82 14.31 70.84 -52.87
CA VAL TA 82 14.78 69.48 -53.04
C VAL TA 82 14.52 69.00 -54.47
N LEU TA 83 13.40 69.42 -55.07
CA LEU TA 83 13.13 69.05 -56.46
C LEU TA 83 14.16 69.70 -57.40
N GLU TA 84 14.51 70.97 -57.16
CA GLU TA 84 15.49 71.62 -58.02
C GLU TA 84 16.86 70.98 -57.86
N ILE TA 85 17.19 70.53 -56.64
CA ILE TA 85 18.44 69.80 -56.46
C ILE TA 85 18.37 68.47 -57.20
N MET TA 86 17.19 67.86 -57.25
CA MET TA 86 17.00 66.63 -58.02
C MET TA 86 17.09 66.86 -59.52
N ASN TA 87 16.84 68.08 -60.01
CA ASN TA 87 16.89 68.33 -61.45
C ASN TA 87 18.10 69.16 -61.89
N ASP TA 88 19.01 69.54 -60.99
CA ASP TA 88 20.18 70.31 -61.39
C ASP TA 88 21.35 69.37 -61.62
N PRO TA 89 21.85 69.23 -62.85
CA PRO TA 89 22.90 68.22 -63.13
C PRO TA 89 24.26 68.54 -62.51
N ASN TA 90 24.43 69.68 -61.85
CA ASN TA 90 25.73 70.09 -61.36
C ASN TA 90 26.03 69.58 -59.95
N GLU TA 91 25.13 68.81 -59.35
CA GLU TA 91 25.31 68.25 -58.02
C GLU TA 91 25.75 66.79 -58.06
N LYS TA 92 26.33 66.34 -56.95
CA LYS TA 92 26.84 64.99 -56.82
C LYS TA 92 25.72 63.97 -56.99
N GLY TA 93 26.07 62.82 -57.57
CA GLY TA 93 25.07 61.82 -57.94
C GLY TA 93 24.31 61.26 -56.75
N GLY TA 94 25.00 61.07 -55.61
CA GLY TA 94 24.31 60.56 -54.44
C GLY TA 94 23.20 61.48 -53.98
N ILE TA 95 23.44 62.79 -54.09
CA ILE TA 95 22.43 63.77 -53.73
C ILE TA 95 21.24 63.66 -54.68
N ARG TA 96 21.53 63.42 -55.96
CA ARG TA 96 20.48 63.22 -56.95
C ARG TA 96 19.62 62.01 -56.61
N LEU TA 97 20.28 60.91 -56.23
CA LEU TA 97 19.56 59.70 -55.89
C LEU TA 97 18.70 59.90 -54.66
N LYS TA 98 19.24 60.56 -53.64
CA LYS TA 98 18.46 60.78 -52.42
C LYS TA 98 17.27 61.70 -52.66
N ALA TA 99 17.45 62.76 -53.48
CA ALA TA 99 16.34 63.64 -53.80
C ALA TA 99 15.25 62.93 -54.59
N ALA TA 100 15.65 62.12 -55.59
CA ALA TA 100 14.66 61.37 -56.35
C ALA TA 100 13.92 60.40 -55.46
N GLN TA 101 14.64 59.71 -54.57
CA GLN TA 101 14.00 58.80 -53.63
C GLN TA 101 13.00 59.54 -52.74
N ASP TA 102 13.38 60.72 -52.25
CA ASP TA 102 12.50 61.46 -51.35
C ASP TA 102 11.20 61.87 -52.05
N ILE TA 103 11.31 62.48 -53.23
CA ILE TA 103 10.07 62.92 -53.86
C ILE TA 103 9.25 61.73 -54.36
N LEU TA 104 9.89 60.65 -54.79
CA LEU TA 104 9.14 59.46 -55.18
C LEU TA 104 8.44 58.85 -53.97
N ASP TA 105 9.08 58.88 -52.81
CA ASP TA 105 8.42 58.43 -51.58
C ASP TA 105 7.22 59.33 -51.27
N ARG TA 106 7.31 60.61 -51.64
CA ARG TA 106 6.12 61.46 -51.53
C ARG TA 106 5.04 61.01 -52.51
N ALA TA 107 5.44 60.45 -53.66
CA ALA TA 107 4.44 59.97 -54.61
C ALA TA 107 3.61 58.83 -54.03
N GLY TA 108 4.21 57.99 -53.19
CA GLY TA 108 3.45 56.98 -52.47
C GLY TA 108 3.76 55.50 -52.66
N PHE TA 109 4.98 55.14 -53.07
CA PHE TA 109 5.38 53.75 -53.21
C PHE TA 109 6.64 53.48 -52.41
N GLY TA 110 6.53 52.60 -51.41
CA GLY TA 110 7.56 52.34 -50.43
C GLY TA 110 8.16 50.95 -50.51
N ALA TA 111 8.71 50.46 -49.39
CA ALA TA 111 9.36 49.16 -49.37
C ALA TA 111 8.32 48.05 -49.30
N LYS TA 112 8.80 46.80 -49.23
CA LYS TA 112 7.96 45.64 -49.50
C LYS TA 112 7.89 44.69 -48.30
N GLN TA 113 7.35 43.49 -48.55
CA GLN TA 113 6.85 42.61 -47.51
C GLN TA 113 7.96 42.00 -46.65
N LYS TA 114 7.61 41.69 -45.41
CA LYS TA 114 8.47 40.97 -44.49
C LYS TA 114 7.57 40.14 -43.57
N ILE TA 115 7.89 38.86 -43.41
CA ILE TA 115 7.02 37.92 -42.72
C ILE TA 115 7.59 37.58 -41.35
N GLU TA 116 6.68 37.29 -40.42
CA GLU TA 116 7.01 36.97 -39.03
C GLU TA 116 6.52 35.58 -38.67
N LEU TA 117 7.35 34.83 -37.95
CA LEU TA 117 7.02 33.51 -37.44
C LEU TA 117 7.01 33.58 -35.93
N THR TA 118 5.95 33.06 -35.31
CA THR TA 118 5.73 33.19 -33.88
C THR TA 118 5.85 31.84 -33.19
N THR TA 119 6.37 31.88 -31.97
CA THR TA 119 6.61 30.69 -31.16
C THR TA 119 5.96 30.89 -29.79
N LYS TA 120 5.31 29.84 -29.31
CA LYS TA 120 4.55 29.88 -28.06
C LYS TA 120 5.35 30.42 -26.88
N LEU UA 15 -15.89 80.82 -65.84
CA LEU UA 15 -14.93 80.69 -64.75
C LEU UA 15 -15.16 79.42 -63.95
N THR UA 16 -14.31 78.44 -64.14
CA THR UA 16 -14.36 77.24 -63.33
C THR UA 16 -13.77 77.53 -61.96
N PRO UA 17 -14.52 77.33 -60.86
CA PRO UA 17 -13.95 77.57 -59.53
C PRO UA 17 -12.91 76.52 -59.17
N LYS UA 18 -12.37 76.62 -57.95
CA LYS UA 18 -11.34 75.71 -57.43
C LYS UA 18 -10.01 75.97 -58.12
N GLU UA 19 -10.02 76.77 -59.19
CA GLU UA 19 -8.79 77.12 -59.87
C GLU UA 19 -8.05 78.22 -59.13
N LYS UA 20 -8.79 79.16 -58.51
CA LYS UA 20 -8.16 80.20 -57.72
C LYS UA 20 -7.50 79.63 -56.46
N LEU UA 21 -8.14 78.65 -55.84
CA LEU UA 21 -7.53 78.05 -54.64
C LEU UA 21 -6.28 77.25 -55.00
N ASP UA 22 -6.31 76.52 -56.12
CA ASP UA 22 -5.11 75.79 -56.54
C ASP UA 22 -3.99 76.75 -56.92
N LEU UA 23 -4.33 77.84 -57.60
CA LEU UA 23 -3.33 78.86 -57.92
C LEU UA 23 -2.75 79.49 -56.66
N TYR UA 24 -3.60 79.74 -55.66
CA TYR UA 24 -3.12 80.29 -54.40
C TYR UA 24 -2.19 79.32 -53.68
N CYS UA 25 -2.54 78.03 -53.68
CA CYS UA 25 -1.68 77.03 -53.04
C CYS UA 25 -0.32 76.98 -53.74
N GLU UA 26 -0.32 76.97 -55.07
CA GLU UA 26 0.95 76.95 -55.80
C GLU UA 26 1.74 78.25 -55.57
N ALA UA 27 1.05 79.38 -55.50
CA ALA UA 27 1.74 80.64 -55.25
C ALA UA 27 2.39 80.65 -53.87
N LEU UA 28 1.71 80.09 -52.87
CA LEU UA 28 2.32 79.93 -51.55
C LEU UA 28 3.51 78.98 -51.63
N CYS UA 29 3.39 77.95 -52.47
CA CYS UA 29 4.50 77.02 -52.65
C CYS UA 29 5.70 77.69 -53.33
N ASP UA 30 5.45 78.71 -54.14
CA ASP UA 30 6.52 79.30 -54.94
C ASP UA 30 7.18 80.51 -54.28
N GLY UA 31 6.40 81.43 -53.70
CA GLY UA 31 7.02 82.60 -53.11
C GLY UA 31 7.05 82.66 -51.60
N PHE UA 32 6.88 81.50 -50.96
CA PHE UA 32 7.01 81.31 -49.51
C PHE UA 32 6.54 82.49 -48.67
N ASN UA 33 5.38 83.06 -49.00
CA ASN UA 33 4.80 84.15 -48.24
C ASN UA 33 3.29 84.11 -48.44
N LYS UA 34 2.55 84.17 -47.33
CA LYS UA 34 1.10 84.15 -47.44
C LYS UA 34 0.56 85.48 -47.93
N THR UA 35 1.13 86.59 -47.46
CA THR UA 35 0.58 87.89 -47.81
C THR UA 35 0.74 88.21 -49.29
N GLN UA 36 1.92 87.92 -49.85
CA GLN UA 36 2.13 88.23 -51.27
C GLN UA 36 1.19 87.44 -52.17
N ALA UA 37 1.10 86.13 -51.93
CA ALA UA 37 0.21 85.30 -52.74
C ALA UA 37 -1.25 85.67 -52.54
N TYR UA 38 -1.67 85.94 -51.30
CA TYR UA 38 -3.08 86.22 -51.06
C TYR UA 38 -3.49 87.57 -51.64
N ILE UA 39 -2.66 88.60 -51.48
CA ILE UA 39 -3.02 89.89 -52.05
C ILE UA 39 -2.93 89.84 -53.57
N LYS UA 40 -2.05 89.00 -54.12
CA LYS UA 40 -1.98 88.86 -55.56
C LYS UA 40 -3.09 87.99 -56.14
N ALA UA 41 -3.78 87.19 -55.31
CA ALA UA 41 -4.82 86.34 -55.89
C ALA UA 41 -6.01 87.12 -56.45
N GLY UA 42 -6.91 87.60 -55.59
CA GLY UA 42 -7.99 88.42 -56.11
C GLY UA 42 -8.73 89.35 -55.16
N PHE UA 43 -8.22 89.60 -53.97
CA PHE UA 43 -8.99 90.34 -52.97
C PHE UA 43 -8.32 91.66 -52.58
N SER UA 44 -8.98 92.34 -51.65
CA SER UA 44 -8.54 93.66 -51.20
C SER UA 44 -7.33 93.54 -50.29
N ALA UA 45 -6.36 94.43 -50.50
CA ALA UA 45 -5.11 94.48 -49.77
C ALA UA 45 -5.35 94.91 -48.32
N PRO UA 46 -6.34 95.78 -48.07
CA PRO UA 46 -6.48 96.35 -46.72
C PRO UA 46 -6.66 95.32 -45.62
N HIS UA 47 -7.64 94.44 -45.74
CA HIS UA 47 -7.88 93.41 -44.72
C HIS UA 47 -7.16 92.12 -45.14
N ALA UA 48 -5.84 92.16 -45.07
CA ALA UA 48 -5.01 91.04 -45.49
C ALA UA 48 -4.42 90.22 -44.36
N GLN UA 49 -4.73 90.54 -43.10
CA GLN UA 49 -4.21 89.74 -42.00
C GLN UA 49 -5.24 88.78 -41.45
N ARG UA 50 -6.53 89.09 -41.60
CA ARG UA 50 -7.60 88.24 -41.09
C ARG UA 50 -8.22 87.40 -42.21
N ASN UA 51 -8.75 88.06 -43.26
CA ASN UA 51 -9.37 87.38 -44.39
C ASN UA 51 -8.52 86.22 -44.91
N VAL UA 52 -7.20 86.28 -44.67
CA VAL UA 52 -6.33 85.20 -45.13
C VAL UA 52 -6.44 84.01 -44.19
N ALA UA 53 -6.62 84.27 -42.90
CA ALA UA 53 -6.85 83.19 -41.95
C ALA UA 53 -8.11 82.40 -42.27
N PRO UA 54 -9.25 83.03 -42.58
CA PRO UA 54 -10.43 82.23 -42.94
C PRO UA 54 -10.25 81.37 -44.18
N TYR UA 55 -9.63 81.90 -45.25
CA TYR UA 55 -9.44 81.09 -46.44
C TYR UA 55 -8.40 80.00 -46.24
N HIS UA 56 -7.30 80.30 -45.54
CA HIS UA 56 -6.24 79.31 -45.36
C HIS UA 56 -6.61 78.24 -44.34
N ARG UA 57 -7.31 78.61 -43.26
CA ARG UA 57 -7.64 77.67 -42.20
C ARG UA 57 -8.77 76.73 -42.61
N LYS UA 58 -9.65 77.18 -43.50
CA LYS UA 58 -10.78 76.39 -43.97
C LYS UA 58 -10.46 75.49 -45.14
N ASN UA 59 -9.26 75.58 -45.71
CA ASN UA 59 -8.92 74.85 -46.93
C ASN UA 59 -7.64 74.02 -46.77
N ALA UA 60 -7.41 73.46 -45.58
CA ALA UA 60 -6.22 72.65 -45.36
C ALA UA 60 -6.24 71.39 -46.21
N GLU UA 61 -7.41 70.77 -46.36
CA GLU UA 61 -7.50 69.52 -47.11
C GLU UA 61 -7.13 69.72 -48.57
N TYR UA 62 -7.64 70.79 -49.18
CA TYR UA 62 -7.36 71.04 -50.59
C TYR UA 62 -5.91 71.43 -50.81
N ILE UA 63 -5.33 72.22 -49.92
CA ILE UA 63 -3.92 72.57 -50.08
C ILE UA 63 -3.04 71.32 -49.97
N GLN UA 64 -3.35 70.43 -49.01
CA GLN UA 64 -2.57 69.21 -48.90
C GLN UA 64 -2.69 68.35 -50.15
N ALA UA 65 -3.92 68.23 -50.68
CA ALA UA 65 -4.10 67.45 -51.91
C ALA UA 65 -3.37 68.08 -53.07
N TYR UA 66 -3.41 69.41 -53.21
CA TYR UA 66 -2.76 70.09 -54.32
C TYR UA 66 -1.24 69.95 -54.25
N ILE UA 67 -0.65 70.14 -53.07
CA ILE UA 67 0.79 70.00 -52.97
C ILE UA 67 1.19 68.57 -53.27
N SER UA 68 0.36 67.60 -52.85
CA SER UA 68 0.63 66.21 -53.20
C SER UA 68 0.54 65.97 -54.69
N GLU UA 69 -0.48 66.50 -55.37
CA GLU UA 69 -0.52 66.24 -56.81
C GLU UA 69 0.66 66.91 -57.54
N ARG UA 70 1.08 68.11 -57.12
CA ARG UA 70 2.22 68.77 -57.77
C ARG UA 70 3.52 68.00 -57.55
N ILE UA 71 3.79 67.56 -56.33
CA ILE UA 71 5.02 66.82 -56.10
C ILE UA 71 4.98 65.48 -56.83
N GLY UA 72 3.81 64.84 -56.89
CA GLY UA 72 3.71 63.59 -57.63
C GLY UA 72 3.83 63.80 -59.12
N SER UA 73 3.39 64.96 -59.63
CA SER UA 73 3.54 65.25 -61.05
C SER UA 73 4.96 65.60 -61.41
N ASP UA 74 5.77 66.02 -60.45
CA ASP UA 74 7.20 66.20 -60.73
C ASP UA 74 8.00 64.95 -60.38
N ALA UA 75 7.37 63.97 -59.74
CA ALA UA 75 8.03 62.69 -59.46
C ALA UA 75 8.53 61.93 -60.69
N PRO UA 76 7.79 61.84 -61.81
CA PRO UA 76 8.31 61.08 -62.97
C PRO UA 76 9.64 61.59 -63.48
N ALA UA 77 9.91 62.89 -63.38
CA ALA UA 77 11.23 63.39 -63.75
C ALA UA 77 12.29 62.75 -62.88
N ALA UA 78 12.03 62.61 -61.59
CA ALA UA 78 12.98 61.95 -60.69
C ALA UA 78 13.11 60.48 -61.01
N ARG UA 79 12.01 59.82 -61.40
CA ARG UA 79 12.11 58.41 -61.80
C ARG UA 79 13.02 58.25 -63.01
N LYS UA 80 12.84 59.11 -64.02
CA LYS UA 80 13.72 59.07 -65.18
C LYS UA 80 15.15 59.38 -64.79
N VAL UA 81 15.34 60.34 -63.88
CA VAL UA 81 16.67 60.73 -63.45
C VAL UA 81 17.38 59.59 -62.73
N VAL UA 82 16.67 58.90 -61.82
CA VAL UA 82 17.32 57.83 -61.08
C VAL UA 82 17.66 56.68 -62.02
N LEU UA 83 16.78 56.38 -62.98
CA LEU UA 83 17.11 55.33 -63.94
C LEU UA 83 18.32 55.71 -64.79
N GLU UA 84 18.38 56.96 -65.25
CA GLU UA 84 19.48 57.39 -66.12
C GLU UA 84 20.80 57.42 -65.34
N ILE UA 85 20.76 57.81 -64.07
CA ILE UA 85 21.97 57.77 -63.25
C ILE UA 85 22.37 56.33 -63.00
N MET UA 86 21.40 55.43 -62.88
CA MET UA 86 21.69 54.00 -62.77
C MET UA 86 22.31 53.44 -64.04
N ASN UA 87 22.09 54.11 -65.18
CA ASN UA 87 22.61 53.60 -66.43
C ASN UA 87 23.84 54.35 -66.94
N ASP UA 88 24.36 55.31 -66.18
CA ASP UA 88 25.56 56.03 -66.59
C ASP UA 88 26.78 55.35 -65.97
N PRO UA 89 27.68 54.78 -66.77
CA PRO UA 89 28.83 54.04 -66.20
C PRO UA 89 29.90 54.91 -65.58
N ASN UA 90 29.90 56.22 -65.81
CA ASN UA 90 30.96 57.08 -65.31
C ASN UA 90 30.66 57.58 -63.91
N GLU UA 91 29.61 57.07 -63.28
CA GLU UA 91 29.22 57.46 -61.94
C GLU UA 91 29.85 56.51 -60.93
N LYS UA 92 29.99 56.99 -59.69
CA LYS UA 92 30.63 56.20 -58.65
C LYS UA 92 29.84 54.92 -58.39
N GLY UA 93 30.56 53.85 -58.06
CA GLY UA 93 29.93 52.54 -57.94
C GLY UA 93 28.87 52.50 -56.86
N GLY UA 94 29.09 53.19 -55.74
CA GLY UA 94 28.11 53.21 -54.69
C GLY UA 94 26.80 53.83 -55.13
N ILE UA 95 26.89 54.89 -55.95
CA ILE UA 95 25.69 55.56 -56.43
C ILE UA 95 24.90 54.65 -57.37
N ARG UA 96 25.61 53.95 -58.26
CA ARG UA 96 24.97 53.01 -59.17
C ARG UA 96 24.31 51.86 -58.40
N LEU UA 97 24.99 51.36 -57.37
CA LEU UA 97 24.43 50.30 -56.54
C LEU UA 97 23.18 50.77 -55.81
N LYS UA 98 23.22 51.98 -55.24
CA LYS UA 98 22.04 52.50 -54.55
C LYS UA 98 20.88 52.71 -55.51
N ALA UA 99 21.17 53.16 -56.73
CA ALA UA 99 20.12 53.31 -57.74
C ALA UA 99 19.50 51.96 -58.08
N ALA UA 100 20.33 50.93 -58.25
CA ALA UA 100 19.81 49.59 -58.52
C ALA UA 100 18.97 49.10 -57.35
N GLN UA 101 19.42 49.35 -56.12
CA GLN UA 101 18.66 48.95 -54.94
C GLN UA 101 17.30 49.61 -54.91
N ASP UA 102 17.25 50.92 -55.16
CA ASP UA 102 15.98 51.63 -55.14
C ASP UA 102 15.04 51.16 -56.25
N ILE UA 103 15.58 51.01 -57.46
CA ILE UA 103 14.73 50.64 -58.58
C ILE UA 103 14.20 49.23 -58.41
N LEU UA 104 15.02 48.33 -57.84
CA LEU UA 104 14.54 46.97 -57.57
C LEU UA 104 13.50 46.96 -56.47
N ASP UA 105 13.69 47.78 -55.43
CA ASP UA 105 12.70 47.85 -54.35
C ASP UA 105 11.37 48.41 -54.84
N ARG UA 106 11.40 49.38 -55.77
CA ARG UA 106 10.15 49.82 -56.37
C ARG UA 106 9.57 48.76 -57.29
N ALA UA 107 10.43 47.94 -57.91
CA ALA UA 107 9.92 46.89 -58.78
C ALA UA 107 9.08 45.88 -58.01
N GLY UA 108 9.37 45.69 -56.72
CA GLY UA 108 8.55 44.81 -55.91
C GLY UA 108 9.29 43.64 -55.28
N PHE UA 109 10.58 43.78 -55.03
CA PHE UA 109 11.39 42.73 -54.42
C PHE UA 109 11.98 43.24 -53.12
N GLY UA 110 11.54 42.67 -52.01
CA GLY UA 110 11.87 43.16 -50.68
C GLY UA 110 12.69 42.21 -49.83
N ALA UA 111 12.66 42.40 -48.51
CA ALA UA 111 13.41 41.57 -47.60
C ALA UA 111 12.63 40.29 -47.26
N LYS UA 112 13.20 39.48 -46.37
CA LYS UA 112 12.73 38.12 -46.11
C LYS UA 112 12.38 37.91 -44.65
N GLN UA 113 12.25 36.65 -44.24
CA GLN UA 113 11.56 36.31 -43.01
C GLN UA 113 12.29 36.85 -41.78
N LYS UA 114 11.53 37.10 -40.72
CA LYS UA 114 12.03 37.56 -39.43
C LYS UA 114 11.24 36.77 -38.40
N ILE UA 115 11.91 36.18 -37.42
CA ILE UA 115 11.25 35.29 -36.48
C ILE UA 115 11.10 35.96 -35.12
N GLU UA 116 9.94 35.76 -34.49
CA GLU UA 116 9.63 36.30 -33.17
C GLU UA 116 9.15 35.18 -32.25
N LEU UA 117 9.63 35.17 -31.01
CA LEU UA 117 9.16 34.23 -30.01
C LEU UA 117 8.61 35.00 -28.82
N THR UA 118 7.79 34.33 -28.01
CA THR UA 118 7.18 34.98 -26.86
C THR UA 118 7.15 34.06 -25.65
N THR UA 119 7.37 34.66 -24.48
CA THR UA 119 7.30 33.97 -23.20
C THR UA 119 6.44 34.80 -22.26
N LYS UA 120 6.38 34.45 -20.98
CA LYS UA 120 5.52 35.17 -20.05
C LYS UA 120 5.91 34.94 -18.60
N LYS VA 18 -9.13 53.53 -73.37
CA LYS VA 18 -8.34 53.34 -72.16
C LYS VA 18 -6.85 53.34 -72.48
N GLU VA 19 -6.52 53.09 -73.75
CA GLU VA 19 -5.13 53.09 -74.19
C GLU VA 19 -4.61 54.50 -74.47
N LYS VA 20 -5.48 55.42 -74.91
CA LYS VA 20 -5.05 56.78 -75.15
C LYS VA 20 -4.58 57.44 -73.85
N LEU VA 21 -5.24 57.12 -72.74
CA LEU VA 21 -4.80 57.64 -71.45
C LEU VA 21 -3.43 57.07 -71.09
N ASP VA 22 -3.18 55.80 -71.43
CA ASP VA 22 -1.88 55.21 -71.18
C ASP VA 22 -0.80 55.89 -72.02
N LEU VA 23 -1.10 56.21 -73.28
CA LEU VA 23 -0.16 56.97 -74.09
C LEU VA 23 0.09 58.36 -73.51
N TYR VA 24 -0.95 59.00 -72.99
CA TYR VA 24 -0.79 60.29 -72.32
C TYR VA 24 0.14 60.14 -71.12
N CYS VA 25 -0.03 59.06 -70.35
CA CYS VA 25 0.84 58.80 -69.21
C CYS VA 25 2.28 58.62 -69.65
N GLU VA 26 2.49 57.89 -70.75
CA GLU VA 26 3.86 57.68 -71.24
C GLU VA 26 4.48 59.01 -71.69
N ALA VA 27 3.70 59.85 -72.36
CA ALA VA 27 4.23 61.15 -72.79
C ALA VA 27 4.55 62.03 -71.58
N LEU VA 28 3.69 62.01 -70.57
CA LEU VA 28 3.96 62.76 -69.34
C LEU VA 28 5.20 62.22 -68.62
N CYS VA 29 5.39 60.91 -68.65
CA CYS VA 29 6.56 60.30 -68.02
C CYS VA 29 7.84 60.63 -68.77
N ASP VA 30 7.75 60.84 -70.09
CA ASP VA 30 8.96 61.03 -70.87
C ASP VA 30 9.34 62.50 -71.01
N GLY VA 31 8.37 63.40 -71.23
CA GLY VA 31 8.76 64.78 -71.39
C GLY VA 31 8.44 65.63 -70.18
N PHE VA 32 8.25 64.97 -69.02
CA PHE VA 32 8.09 65.59 -67.71
C PHE VA 32 7.38 66.93 -67.73
N ASN VA 33 6.26 67.04 -68.46
CA ASN VA 33 5.52 68.29 -68.51
C ASN VA 33 4.06 67.99 -68.77
N LYS VA 34 3.18 68.67 -68.04
CA LYS VA 34 1.74 68.47 -68.26
C LYS VA 34 1.31 69.11 -69.56
N THR VA 35 1.84 70.30 -69.87
CA THR VA 35 1.42 71.02 -71.06
C THR VA 35 1.88 70.32 -72.33
N GLN VA 36 3.13 69.86 -72.38
CA GLN VA 36 3.62 69.17 -73.58
C GLN VA 36 2.87 67.87 -73.81
N ALA VA 37 2.65 67.09 -72.74
CA ALA VA 37 1.91 65.85 -72.90
C ALA VA 37 0.46 66.12 -73.32
N TYR VA 38 -0.16 67.15 -72.75
CA TYR VA 38 -1.55 67.43 -73.08
C TYR VA 38 -1.70 67.88 -74.53
N ILE VA 39 -0.79 68.74 -75.00
CA ILE VA 39 -0.86 69.16 -76.40
C ILE VA 39 -0.47 68.02 -77.33
N LYS VA 40 0.40 67.11 -76.88
CA LYS VA 40 0.76 65.95 -77.68
C LYS VA 40 -0.35 64.92 -77.72
N ALA VA 41 -1.31 64.99 -76.80
CA ALA VA 41 -2.43 64.07 -76.85
C ALA VA 41 -3.29 64.34 -78.07
N GLY VA 42 -3.46 65.62 -78.43
CA GLY VA 42 -4.22 65.98 -79.61
C GLY VA 42 -5.30 66.99 -79.29
N PHE VA 43 -5.12 67.76 -78.23
CA PHE VA 43 -6.18 68.59 -77.69
C PHE VA 43 -5.86 70.08 -77.86
N SER VA 44 -6.78 70.91 -77.39
CA SER VA 44 -6.68 72.36 -77.52
C SER VA 44 -5.68 72.91 -76.51
N ALA VA 45 -4.80 73.80 -76.97
CA ALA VA 45 -3.75 74.38 -76.14
C ALA VA 45 -4.26 75.37 -75.11
N PRO VA 46 -5.22 76.23 -75.45
CA PRO VA 46 -5.60 77.31 -74.53
C PRO VA 46 -6.15 76.86 -73.19
N HIS VA 47 -6.77 75.69 -73.12
CA HIS VA 47 -7.35 75.19 -71.87
C HIS VA 47 -6.33 74.29 -71.16
N ALA VA 48 -5.26 74.92 -70.68
CA ALA VA 48 -4.16 74.19 -70.06
C ALA VA 48 -4.08 74.30 -68.54
N GLN VA 49 -5.01 74.99 -67.88
CA GLN VA 49 -4.88 75.12 -66.43
C GLN VA 49 -5.83 74.23 -65.63
N ARG VA 50 -7.06 74.00 -66.07
CA ARG VA 50 -8.00 73.21 -65.28
C ARG VA 50 -8.30 71.85 -65.89
N ASN VA 51 -8.96 71.80 -67.05
CA ASN VA 51 -9.39 70.55 -67.68
C ASN VA 51 -8.35 69.44 -67.62
N VAL VA 52 -7.06 69.82 -67.60
CA VAL VA 52 -6.02 68.81 -67.55
C VAL VA 52 -5.87 68.29 -66.12
N ALA VA 53 -6.01 69.19 -65.14
CA ALA VA 53 -6.07 68.76 -63.75
C ALA VA 53 -7.27 67.85 -63.52
N PRO VA 54 -8.47 68.18 -64.00
CA PRO VA 54 -9.59 67.23 -63.84
C PRO VA 54 -9.36 65.90 -64.53
N TYR VA 55 -8.78 65.90 -65.74
CA TYR VA 55 -8.55 64.63 -66.42
C TYR VA 55 -7.51 63.78 -65.69
N HIS VA 56 -6.47 64.41 -65.14
CA HIS VA 56 -5.45 63.68 -64.40
C HIS VA 56 -5.97 63.23 -63.04
N ARG VA 57 -6.83 64.03 -62.42
CA ARG VA 57 -7.33 63.75 -61.08
C ARG VA 57 -8.35 62.62 -61.06
N LYS VA 58 -9.06 62.40 -62.16
CA LYS VA 58 -10.09 61.37 -62.18
C LYS VA 58 -9.55 59.98 -62.48
N ASN VA 59 -8.30 59.88 -62.94
CA ASN VA 59 -7.67 58.61 -63.26
C ASN VA 59 -6.27 58.55 -62.67
N ALA VA 60 -6.11 59.14 -61.48
CA ALA VA 60 -4.78 59.22 -60.87
C ALA VA 60 -4.24 57.84 -60.52
N GLU VA 61 -5.10 56.93 -60.08
CA GLU VA 61 -4.62 55.61 -59.66
C GLU VA 61 -3.96 54.87 -60.82
N TYR VA 62 -4.60 54.87 -61.99
CA TYR VA 62 -4.01 54.18 -63.13
C TYR VA 62 -2.77 54.88 -63.64
N ILE VA 63 -2.73 56.21 -63.58
CA ILE VA 63 -1.54 56.95 -63.98
C ILE VA 63 -0.35 56.58 -63.10
N GLN VA 64 -0.59 56.53 -61.78
CA GLN VA 64 0.45 56.13 -60.85
C GLN VA 64 0.87 54.68 -61.09
N ALA VA 65 -0.09 53.80 -61.34
CA ALA VA 65 0.25 52.41 -61.62
C ALA VA 65 1.10 52.30 -62.88
N TYR VA 66 0.75 53.07 -63.91
CA TYR VA 66 1.51 53.02 -65.16
C TYR VA 66 2.93 53.53 -64.98
N ILE VA 67 3.11 54.64 -64.25
CA ILE VA 67 4.46 55.13 -64.04
C ILE VA 67 5.26 54.16 -63.18
N SER VA 68 4.63 53.56 -62.17
CA SER VA 68 5.32 52.59 -61.33
C SER VA 68 5.74 51.36 -62.13
N GLU VA 69 4.85 50.85 -62.98
CA GLU VA 69 5.22 49.69 -63.79
C GLU VA 69 6.30 50.07 -64.81
N ARG VA 70 6.26 51.30 -65.33
CA ARG VA 70 7.29 51.74 -66.27
C ARG VA 70 8.66 51.79 -65.60
N ILE VA 71 8.72 52.34 -64.37
CA ILE VA 71 10.01 52.36 -63.66
C ILE VA 71 10.44 50.93 -63.30
N GLY VA 72 9.48 50.06 -62.99
CA GLY VA 72 9.79 48.67 -62.70
C GLY VA 72 10.25 47.87 -63.90
N SER VA 73 9.90 48.30 -65.11
CA SER VA 73 10.24 47.55 -66.32
C SER VA 73 11.72 47.53 -66.63
N ASP VA 74 12.52 48.40 -66.01
CA ASP VA 74 13.97 48.39 -66.19
C ASP VA 74 14.68 47.55 -65.13
N ALA VA 75 13.94 46.88 -64.24
CA ALA VA 75 14.56 46.06 -63.21
C ALA VA 75 15.53 45.00 -63.71
N PRO VA 76 15.26 44.24 -64.79
CA PRO VA 76 16.28 43.28 -65.24
C PRO VA 76 17.61 43.93 -65.59
N ALA VA 77 17.56 45.14 -66.17
CA ALA VA 77 18.78 45.87 -66.47
C ALA VA 77 19.55 46.20 -65.20
N ALA VA 78 18.85 46.64 -64.15
CA ALA VA 78 19.52 46.93 -62.89
C ALA VA 78 20.08 45.68 -62.24
N ARG VA 79 19.38 44.56 -62.37
CA ARG VA 79 19.92 43.29 -61.87
C ARG VA 79 21.21 42.93 -62.59
N LYS VA 80 21.23 43.10 -63.92
CA LYS VA 80 22.46 42.85 -64.66
C LYS VA 80 23.56 43.80 -64.24
N VAL VA 81 23.21 45.08 -63.99
CA VAL VA 81 24.21 46.07 -63.60
C VAL VA 81 24.83 45.71 -62.26
N VAL VA 82 24.00 45.34 -61.29
CA VAL VA 82 24.53 45.00 -59.96
C VAL VA 82 25.36 43.73 -60.03
N LEU VA 83 24.93 42.74 -60.81
CA LEU VA 83 25.72 41.52 -60.93
C LEU VA 83 27.07 41.79 -61.62
N GLU VA 84 27.08 42.60 -62.68
CA GLU VA 84 28.32 42.85 -63.40
C GLU VA 84 29.29 43.70 -62.56
N ILE VA 85 28.78 44.68 -61.80
CA ILE VA 85 29.67 45.46 -60.96
C ILE VA 85 30.20 44.61 -59.82
N MET VA 86 29.41 43.64 -59.33
CA MET VA 86 29.89 42.74 -58.29
C MET VA 86 31.02 41.83 -58.75
N ASN VA 87 31.16 41.60 -60.06
CA ASN VA 87 32.20 40.71 -60.57
C ASN VA 87 33.35 41.43 -61.26
N ASP VA 88 33.39 42.75 -61.19
CA ASP VA 88 34.46 43.51 -61.83
C ASP VA 88 35.58 43.71 -60.83
N PRO VA 89 36.79 43.19 -61.08
CA PRO VA 89 37.83 43.15 -60.04
C PRO VA 89 38.47 44.49 -59.69
N ASN VA 90 38.36 45.53 -60.52
CA ASN VA 90 39.10 46.75 -60.22
C ASN VA 90 38.33 47.73 -59.36
N GLU VA 91 37.15 47.36 -58.89
CA GLU VA 91 36.33 48.23 -58.04
C GLU VA 91 36.56 47.91 -56.57
N LYS VA 92 36.28 48.89 -55.73
CA LYS VA 92 36.50 48.75 -54.29
C LYS VA 92 35.67 47.60 -53.71
N GLY VA 93 36.23 46.93 -52.71
CA GLY VA 93 35.61 45.74 -52.16
C GLY VA 93 34.23 45.99 -51.57
N GLY VA 94 34.03 47.18 -50.99
CA GLY VA 94 32.74 47.50 -50.38
C GLY VA 94 31.59 47.41 -51.37
N ILE VA 95 31.84 47.78 -52.63
CA ILE VA 95 30.78 47.72 -53.62
C ILE VA 95 30.37 46.28 -53.85
N ARG VA 96 31.35 45.38 -53.97
CA ARG VA 96 31.03 43.96 -54.12
C ARG VA 96 30.31 43.41 -52.90
N LEU VA 97 30.74 43.81 -51.70
CA LEU VA 97 30.08 43.31 -50.49
C LEU VA 97 28.62 43.76 -50.42
N LYS VA 98 28.36 45.04 -50.68
CA LYS VA 98 26.99 45.54 -50.61
C LYS VA 98 26.13 44.94 -51.72
N ALA VA 99 26.69 44.80 -52.92
CA ALA VA 99 25.95 44.16 -54.01
C ALA VA 99 25.62 42.71 -53.70
N ALA VA 100 26.58 41.97 -53.13
CA ALA VA 100 26.34 40.60 -52.73
C ALA VA 100 25.26 40.52 -51.66
N GLN VA 101 25.29 41.44 -50.70
CA GLN VA 101 24.25 41.46 -49.67
C GLN VA 101 22.88 41.66 -50.30
N ASP VA 102 22.77 42.61 -51.24
CA ASP VA 102 21.48 42.87 -51.88
C ASP VA 102 21.01 41.67 -52.69
N ILE VA 103 21.90 41.07 -53.48
CA ILE VA 103 21.49 39.95 -54.33
C ILE VA 103 21.14 38.73 -53.49
N LEU VA 104 21.83 38.52 -52.37
CA LEU VA 104 21.47 37.43 -51.47
C LEU VA 104 20.12 37.71 -50.81
N ASP VA 105 19.85 38.96 -50.46
CA ASP VA 105 18.54 39.32 -49.94
C ASP VA 105 17.45 39.06 -50.96
N ARG VA 106 17.77 39.26 -52.24
CA ARG VA 106 16.82 38.93 -53.29
C ARG VA 106 16.66 37.43 -53.43
N ALA VA 107 17.73 36.67 -53.19
CA ALA VA 107 17.65 35.22 -53.28
C ALA VA 107 16.76 34.63 -52.19
N GLY VA 108 16.68 35.28 -51.03
CA GLY VA 108 15.81 34.81 -49.97
C GLY VA 108 16.55 34.50 -48.69
N PHE VA 109 17.67 35.19 -48.43
CA PHE VA 109 18.45 34.97 -47.23
C PHE VA 109 18.54 36.28 -46.45
N GLY VA 110 17.89 36.31 -45.28
CA GLY VA 110 17.78 37.53 -44.50
C GLY VA 110 18.43 37.43 -43.13
N ALA VA 111 18.08 38.36 -42.24
CA ALA VA 111 18.59 38.38 -40.88
C ALA VA 111 17.74 37.46 -40.01
N LYS VA 112 18.03 37.45 -38.71
CA LYS VA 112 17.53 36.40 -37.81
C LYS VA 112 16.70 36.94 -36.65
N GLN VA 113 16.50 36.09 -35.64
CA GLN VA 113 15.43 36.20 -34.66
C GLN VA 113 15.59 37.41 -33.75
N LYS VA 114 14.47 37.81 -33.16
CA LYS VA 114 14.38 38.87 -32.17
C LYS VA 114 13.37 38.44 -31.12
N ILE VA 115 13.73 38.54 -29.86
CA ILE VA 115 12.93 38.01 -28.75
C ILE VA 115 12.25 39.14 -28.00
N GLU VA 116 11.08 38.84 -27.44
CA GLU VA 116 10.27 39.82 -26.71
C GLU VA 116 10.17 39.39 -25.26
N LEU VA 117 10.65 40.24 -24.36
CA LEU VA 117 10.55 40.06 -22.92
C LEU VA 117 9.86 41.29 -22.36
N THR VA 118 8.79 41.09 -21.60
CA THR VA 118 7.99 42.20 -21.09
C THR VA 118 8.03 42.27 -19.57
N THR VA 119 8.07 43.49 -19.05
CA THR VA 119 8.09 43.77 -17.62
C THR VA 119 7.05 44.82 -17.27
N LYS VA 120 5.90 44.77 -17.94
CA LYS VA 120 4.81 45.72 -17.70
C LYS VA 120 4.24 45.54 -16.29
N LEU WA 15 10.84 25.42 -79.12
CA LEU WA 15 9.92 25.32 -80.23
C LEU WA 15 8.47 25.48 -79.77
N THR WA 16 8.23 26.49 -78.95
CA THR WA 16 6.92 26.74 -78.38
C THR WA 16 6.89 28.18 -77.85
N PRO WA 17 5.71 28.74 -77.57
CA PRO WA 17 5.67 30.11 -77.03
C PRO WA 17 6.39 30.27 -75.71
N LYS WA 18 6.55 29.21 -74.90
CA LYS WA 18 7.30 29.36 -73.66
C LYS WA 18 8.77 29.64 -73.93
N GLU WA 19 9.29 29.18 -75.07
CA GLU WA 19 10.67 29.49 -75.39
C GLU WA 19 10.79 30.91 -75.94
N LYS WA 20 9.78 31.38 -76.68
CA LYS WA 20 9.82 32.76 -77.11
C LYS WA 20 9.74 33.69 -75.91
N LEU WA 21 8.93 33.34 -74.91
CA LEU WA 21 8.85 34.15 -73.70
C LEU WA 21 10.15 34.09 -72.90
N ASP WA 22 10.78 32.91 -72.80
CA ASP WA 22 12.04 32.82 -72.08
C ASP WA 22 13.15 33.60 -72.77
N LEU WA 23 13.26 33.49 -74.09
CA LEU WA 23 14.25 34.27 -74.83
C LEU WA 23 13.94 35.76 -74.75
N TYR WA 24 12.66 36.13 -74.78
CA TYR WA 24 12.27 37.52 -74.64
C TYR WA 24 12.68 38.07 -73.28
N CYS WA 25 12.47 37.29 -72.22
CA CYS WA 25 12.92 37.70 -70.89
C CYS WA 25 14.44 37.82 -70.84
N GLU WA 26 15.16 36.88 -71.46
CA GLU WA 26 16.62 36.96 -71.47
C GLU WA 26 17.10 38.20 -72.21
N ALA WA 27 16.46 38.52 -73.33
CA ALA WA 27 16.82 39.71 -74.09
C ALA WA 27 16.53 40.99 -73.31
N LEU WA 28 15.40 41.03 -72.59
CA LEU WA 28 15.12 42.17 -71.73
C LEU WA 28 16.14 42.29 -70.61
N CYS WA 29 16.59 41.14 -70.09
CA CYS WA 29 17.61 41.14 -69.06
C CYS WA 29 18.96 41.60 -69.58
N ASP WA 30 19.27 41.34 -70.85
CA ASP WA 30 20.61 41.61 -71.37
C ASP WA 30 20.76 42.97 -72.06
N GLY WA 31 19.82 43.37 -72.92
CA GLY WA 31 20.04 44.61 -73.63
C GLY WA 31 19.18 45.81 -73.25
N PHE WA 32 18.64 45.81 -72.03
CA PHE WA 32 17.88 46.92 -71.45
C PHE WA 32 17.04 47.69 -72.49
N ASN WA 33 16.34 46.96 -73.34
CA ASN WA 33 15.49 47.59 -74.34
C ASN WA 33 14.36 46.63 -74.68
N LYS WA 34 13.13 47.12 -74.67
CA LYS WA 34 11.98 46.29 -74.97
C LYS WA 34 11.83 46.03 -76.47
N THR WA 35 12.11 47.05 -77.30
CA THR WA 35 11.86 46.92 -78.73
C THR WA 35 12.79 45.89 -79.38
N GLN WA 36 14.10 45.94 -79.05
CA GLN WA 36 15.01 44.96 -79.62
C GLN WA 36 14.67 43.56 -79.13
N ALA WA 37 14.27 43.44 -77.86
CA ALA WA 37 13.86 42.14 -77.33
C ALA WA 37 12.66 41.61 -78.12
N TYR WA 38 11.72 42.48 -78.46
CA TYR WA 38 10.58 42.05 -79.26
C TYR WA 38 11.02 41.65 -80.66
N ILE WA 39 12.02 42.35 -81.21
CA ILE WA 39 12.52 41.99 -82.53
C ILE WA 39 13.13 40.60 -82.50
N LYS WA 40 13.68 40.20 -81.36
CA LYS WA 40 14.17 38.84 -81.19
C LYS WA 40 13.04 37.83 -81.00
N ALA WA 41 11.84 38.30 -80.64
CA ALA WA 41 10.72 37.36 -80.47
C ALA WA 41 10.29 36.76 -81.81
N GLY WA 42 10.27 37.57 -82.87
CA GLY WA 42 9.98 37.03 -84.19
C GLY WA 42 8.89 37.70 -85.00
N PHE WA 43 8.54 38.95 -84.69
CA PHE WA 43 7.45 39.63 -85.37
C PHE WA 43 7.99 40.85 -86.11
N SER WA 44 7.09 41.58 -86.76
CA SER WA 44 7.49 42.72 -87.57
C SER WA 44 7.91 43.88 -86.67
N ALA WA 45 9.03 44.50 -87.02
CA ALA WA 45 9.61 45.59 -86.25
C ALA WA 45 8.74 46.85 -86.34
N PRO WA 46 8.15 47.12 -87.51
CA PRO WA 46 7.44 48.41 -87.68
C PRO WA 46 6.29 48.62 -86.72
N HIS WA 47 5.55 47.57 -86.36
CA HIS WA 47 4.40 47.70 -85.45
C HIS WA 47 4.82 47.32 -84.03
N ALA WA 48 5.69 48.15 -83.46
CA ALA WA 48 6.25 47.91 -82.13
C ALA WA 48 5.73 48.86 -81.05
N GLN WA 49 4.81 49.76 -81.38
CA GLN WA 49 4.31 50.71 -80.39
C GLN WA 49 2.95 50.33 -79.83
N ARG WA 50 2.17 49.53 -80.55
CA ARG WA 50 0.78 49.30 -80.16
C ARG WA 50 0.58 48.01 -79.38
N ASN WA 51 0.89 46.88 -80.02
CA ASN WA 51 0.61 45.56 -79.46
C ASN WA 51 1.70 45.02 -78.54
N VAL WA 52 2.91 45.57 -78.56
CA VAL WA 52 3.98 44.97 -77.77
C VAL WA 52 3.81 45.26 -76.29
N ALA WA 53 3.36 46.47 -75.96
CA ALA WA 53 3.06 46.80 -74.57
C ALA WA 53 1.99 45.90 -73.98
N PRO WA 54 0.86 45.64 -74.66
CA PRO WA 54 -0.13 44.73 -74.07
C PRO WA 54 0.40 43.33 -73.79
N TYR WA 55 1.18 42.75 -74.70
CA TYR WA 55 1.72 41.42 -74.40
C TYR WA 55 2.72 41.48 -73.26
N HIS WA 56 3.47 42.58 -73.14
CA HIS WA 56 4.41 42.67 -72.02
C HIS WA 56 3.65 42.78 -70.70
N ARG WA 57 2.50 43.47 -70.72
CA ARG WA 57 1.69 43.61 -69.52
C ARG WA 57 0.93 42.33 -69.19
N LYS WA 58 0.70 41.46 -70.18
CA LYS WA 58 -0.09 40.25 -69.91
C LYS WA 58 0.70 39.15 -69.19
N ASN WA 59 2.02 39.26 -69.09
CA ASN WA 59 2.84 38.24 -68.43
C ASN WA 59 3.82 38.86 -67.45
N ALA WA 60 3.39 39.94 -66.77
CA ALA WA 60 4.28 40.63 -65.83
C ALA WA 60 4.64 39.73 -64.65
N GLU WA 61 3.67 38.93 -64.18
CA GLU WA 61 3.95 38.04 -63.05
C GLU WA 61 5.02 37.04 -63.41
N TYR WA 62 4.94 36.46 -64.62
CA TYR WA 62 5.96 35.51 -65.06
C TYR WA 62 7.29 36.22 -65.28
N ILE WA 63 7.26 37.48 -65.71
CA ILE WA 63 8.50 38.24 -65.86
C ILE WA 63 9.19 38.38 -64.50
N GLN WA 64 8.42 38.72 -63.46
CA GLN WA 64 8.98 38.83 -62.12
C GLN WA 64 9.50 37.50 -61.62
N ALA WA 65 8.77 36.41 -61.88
CA ALA WA 65 9.22 35.09 -61.46
C ALA WA 65 10.51 34.71 -62.15
N TYR WA 66 10.63 35.00 -63.44
CA TYR WA 66 11.85 34.68 -64.19
C TYR WA 66 13.03 35.50 -63.67
N ILE WA 67 12.82 36.78 -63.39
CA ILE WA 67 13.91 37.61 -62.89
C ILE WA 67 14.38 37.10 -61.54
N SER WA 68 13.43 36.76 -60.66
CA SER WA 68 13.80 36.24 -59.34
C SER WA 68 14.52 34.91 -59.44
N GLU WA 69 14.06 34.03 -60.33
CA GLU WA 69 14.71 32.72 -60.48
C GLU WA 69 16.12 32.86 -61.04
N ARG WA 70 16.32 33.76 -62.01
CA ARG WA 70 17.66 33.93 -62.57
C ARG WA 70 18.61 34.53 -61.54
N ILE WA 71 18.17 35.54 -60.79
CA ILE WA 71 19.06 36.12 -59.79
C ILE WA 71 19.34 35.12 -58.67
N GLY WA 72 18.35 34.32 -58.28
CA GLY WA 72 18.61 33.32 -57.26
C GLY WA 72 19.51 32.21 -57.73
N SER WA 73 19.45 31.86 -59.02
CA SER WA 73 20.34 30.84 -59.54
C SER WA 73 21.75 31.37 -59.76
N ASP WA 74 21.91 32.69 -59.88
CA ASP WA 74 23.24 33.28 -59.95
C ASP WA 74 23.75 33.72 -58.58
N ALA WA 75 22.93 33.58 -57.54
CA ALA WA 75 23.32 33.92 -56.19
C ALA WA 75 24.61 33.23 -55.71
N PRO WA 76 24.85 31.93 -55.98
CA PRO WA 76 26.10 31.32 -55.49
C PRO WA 76 27.37 32.02 -55.95
N ALA WA 77 27.40 32.61 -57.16
CA ALA WA 77 28.58 33.35 -57.56
C ALA WA 77 28.84 34.55 -56.66
N ALA WA 78 27.79 35.31 -56.33
CA ALA WA 78 27.95 36.44 -55.43
C ALA WA 78 28.28 36.00 -54.01
N ARG WA 79 27.72 34.87 -53.57
CA ARG WA 79 28.09 34.31 -52.28
C ARG WA 79 29.56 33.93 -52.26
N LYS WA 80 30.06 33.37 -53.36
CA LYS WA 80 31.49 33.08 -53.48
C LYS WA 80 32.29 34.36 -53.41
N VAL WA 81 31.79 35.44 -54.03
CA VAL WA 81 32.50 36.71 -54.02
C VAL WA 81 32.62 37.24 -52.60
N VAL WA 82 31.52 37.22 -51.84
CA VAL WA 82 31.57 37.77 -50.48
C VAL WA 82 32.43 36.90 -49.57
N LEU WA 83 32.35 35.56 -49.74
CA LEU WA 83 33.19 34.69 -48.94
C LEU WA 83 34.67 34.89 -49.26
N GLU WA 84 35.01 35.03 -50.54
CA GLU WA 84 36.41 35.19 -50.92
C GLU WA 84 36.96 36.55 -50.48
N ILE WA 85 36.15 37.61 -50.57
CA ILE WA 85 36.61 38.91 -50.12
C ILE WA 85 36.75 38.90 -48.60
N MET WA 86 35.94 38.09 -47.90
CA MET WA 86 36.10 37.96 -46.46
C MET WA 86 37.45 37.34 -46.09
N ASN WA 87 38.08 36.64 -47.04
CA ASN WA 87 39.38 36.01 -46.85
C ASN WA 87 40.50 36.77 -47.54
N ASP WA 88 40.20 37.97 -48.04
CA ASP WA 88 41.19 38.78 -48.73
C ASP WA 88 41.95 39.65 -47.73
N PRO WA 89 43.26 39.45 -47.57
CA PRO WA 89 44.00 40.23 -46.56
C PRO WA 89 44.24 41.68 -46.94
N ASN WA 90 44.05 42.04 -48.21
CA ASN WA 90 44.35 43.38 -48.69
C ASN WA 90 43.15 44.30 -48.59
N GLU WA 91 42.04 43.84 -48.01
CA GLU WA 91 40.85 44.67 -47.89
C GLU WA 91 40.82 45.36 -46.54
N LYS WA 92 40.14 46.49 -46.49
CA LYS WA 92 40.01 47.25 -45.25
C LYS WA 92 39.26 46.42 -44.22
N GLY WA 93 39.59 46.63 -42.94
CA GLY WA 93 39.05 45.79 -41.90
C GLY WA 93 37.54 45.80 -41.86
N GLY WA 94 36.93 46.93 -42.21
CA GLY WA 94 35.48 47.01 -42.23
C GLY WA 94 34.87 46.01 -43.21
N ILE WA 95 35.53 45.80 -44.35
CA ILE WA 95 34.98 44.89 -45.34
C ILE WA 95 35.01 43.45 -44.83
N ARG WA 96 36.13 43.03 -44.23
CA ARG WA 96 36.18 41.68 -43.68
C ARG WA 96 35.19 41.51 -42.53
N LEU WA 97 35.09 42.51 -41.66
CA LEU WA 97 34.16 42.41 -40.53
C LEU WA 97 32.71 42.33 -41.00
N LYS WA 98 32.33 43.19 -41.96
CA LYS WA 98 30.95 43.17 -42.44
C LYS WA 98 30.64 41.88 -43.19
N ALA WA 99 31.62 41.36 -43.95
CA ALA WA 99 31.43 40.07 -44.60
C ALA WA 99 31.24 38.95 -43.58
N ALA WA 100 32.05 38.97 -42.52
CA ALA WA 100 31.91 37.98 -41.45
C ALA WA 100 30.54 38.10 -40.78
N GLN WA 101 30.08 39.34 -40.54
CA GLN WA 101 28.76 39.55 -39.97
C GLN WA 101 27.67 38.97 -40.86
N ASP WA 102 27.78 39.21 -42.18
CA ASP WA 102 26.78 38.71 -43.10
C ASP WA 102 26.77 37.18 -43.14
N ILE WA 103 27.96 36.58 -43.21
CA ILE WA 103 28.05 35.12 -43.32
C ILE WA 103 27.58 34.46 -42.02
N LEU WA 104 27.90 35.07 -40.87
CA LEU WA 104 27.43 34.52 -39.60
C LEU WA 104 25.92 34.66 -39.46
N ASP WA 105 25.37 35.78 -39.95
CA ASP WA 105 23.92 35.94 -39.97
C ASP WA 105 23.27 34.91 -40.87
N ARG WA 106 23.96 34.53 -41.96
CA ARG WA 106 23.47 33.49 -42.85
C ARG WA 106 23.55 32.11 -42.22
N ALA WA 107 24.54 31.89 -41.34
CA ALA WA 107 24.73 30.56 -40.76
C ALA WA 107 23.55 30.13 -39.88
N GLY WA 108 22.88 31.07 -39.23
CA GLY WA 108 21.72 30.71 -38.43
C GLY WA 108 21.90 31.07 -36.97
N PHE WA 109 22.71 32.10 -36.71
CA PHE WA 109 22.99 32.59 -35.37
C PHE WA 109 22.52 34.03 -35.28
N GLY WA 110 21.54 34.29 -34.43
CA GLY WA 110 20.91 35.60 -34.41
C GLY WA 110 21.10 36.42 -33.15
N ALA WA 111 20.28 37.47 -32.99
CA ALA WA 111 20.37 38.37 -31.86
C ALA WA 111 19.55 37.88 -30.68
N LYS WA 112 19.52 38.67 -29.62
CA LYS WA 112 18.97 38.28 -28.33
C LYS WA 112 17.91 39.29 -27.92
N GLN WA 113 17.58 39.30 -26.62
CA GLN WA 113 16.31 39.82 -26.14
C GLN WA 113 16.10 41.30 -26.48
N LYS WA 114 14.82 41.66 -26.56
CA LYS WA 114 14.34 43.02 -26.82
C LYS WA 114 13.09 43.22 -25.98
N ILE WA 115 13.04 44.31 -25.23
CA ILE WA 115 11.94 44.55 -24.30
C ILE WA 115 11.06 45.66 -24.82
N GLU WA 116 9.75 45.48 -24.67
CA GLU WA 116 8.73 46.43 -25.07
C GLU WA 116 7.87 46.74 -23.86
N LEU WA 117 7.47 48.00 -23.72
CA LEU WA 117 6.60 48.40 -22.63
C LEU WA 117 5.25 48.78 -23.20
N THR WA 118 4.31 49.07 -22.30
CA THR WA 118 2.94 49.37 -22.72
C THR WA 118 2.29 50.31 -21.72
N THR WA 119 1.49 51.24 -22.26
CA THR WA 119 0.77 52.22 -21.47
C THR WA 119 -0.69 52.22 -21.92
N LYS WA 120 -1.50 53.03 -21.23
CA LYS WA 120 -2.92 53.12 -21.56
C LYS WA 120 -3.32 54.57 -21.78
N LEU XA 15 25.02 3.31 -56.83
CA LEU XA 15 24.66 4.68 -57.16
C LEU XA 15 23.20 4.95 -56.85
N THR XA 16 22.92 6.15 -56.36
CA THR XA 16 21.57 6.58 -56.03
C THR XA 16 21.40 8.03 -56.46
N PRO XA 17 20.16 8.44 -56.79
CA PRO XA 17 19.93 9.84 -57.17
C PRO XA 17 20.07 10.83 -56.03
N LYS XA 18 20.08 10.39 -54.77
CA LYS XA 18 20.21 11.33 -53.67
C LYS XA 18 21.64 11.85 -53.54
N GLU XA 19 22.62 10.98 -53.76
CA GLU XA 19 24.01 11.42 -53.70
C GLU XA 19 24.39 12.15 -54.98
N LYS XA 20 23.84 11.71 -56.11
CA LYS XA 20 24.07 12.44 -57.35
C LYS XA 20 23.43 13.82 -57.29
N LEU XA 21 22.27 13.93 -56.65
CA LEU XA 21 21.63 15.24 -56.48
C LEU XA 21 22.44 16.13 -55.54
N ASP XA 22 23.00 15.56 -54.47
CA ASP XA 22 23.86 16.37 -53.60
C ASP XA 22 25.11 16.84 -54.35
N LEU XA 23 25.69 15.96 -55.17
CA LEU XA 23 26.82 16.38 -56.00
C LEU XA 23 26.41 17.43 -57.02
N TYR XA 24 25.18 17.31 -57.55
CA TYR XA 24 24.64 18.33 -58.45
C TYR XA 24 24.54 19.67 -57.74
N CYS XA 25 24.10 19.66 -56.48
CA CYS XA 25 24.06 20.86 -55.68
C CYS XA 25 25.47 21.44 -55.50
N GLU XA 26 26.45 20.56 -55.27
CA GLU XA 26 27.83 21.01 -55.11
C GLU XA 26 28.34 21.67 -56.39
N ALA XA 27 28.02 21.07 -57.55
CA ALA XA 27 28.45 21.63 -58.82
C ALA XA 27 27.77 22.96 -59.11
N LEU XA 28 26.47 23.07 -58.82
CA LEU XA 28 25.79 24.34 -59.01
C LEU XA 28 26.32 25.41 -58.07
N CYS XA 29 26.64 25.04 -56.82
CA CYS XA 29 27.15 26.01 -55.87
C CYS XA 29 28.55 26.48 -56.21
N ASP XA 30 29.40 25.60 -56.76
CA ASP XA 30 30.78 25.99 -56.97
C ASP XA 30 31.10 26.45 -58.39
N GLY XA 31 30.59 25.76 -59.42
CA GLY XA 31 30.98 26.14 -60.76
C GLY XA 31 29.93 26.87 -61.59
N PHE XA 32 28.95 27.47 -60.93
CA PHE XA 32 27.99 28.40 -61.54
C PHE XA 32 27.61 28.10 -62.99
N ASN XA 33 27.23 26.86 -63.30
CA ASN XA 33 26.85 26.54 -64.67
C ASN XA 33 25.79 25.45 -64.67
N LYS XA 34 24.71 25.68 -65.43
CA LYS XA 34 23.63 24.70 -65.50
C LYS XA 34 24.02 23.51 -66.38
N THR XA 35 24.63 23.79 -67.54
CA THR XA 35 24.98 22.72 -68.46
C THR XA 35 26.11 21.87 -67.89
N GLN XA 36 27.08 22.52 -67.25
CA GLN XA 36 28.18 21.79 -66.64
C GLN XA 36 27.68 20.89 -65.52
N ALA XA 37 26.76 21.40 -64.69
CA ALA XA 37 26.21 20.57 -63.63
C ALA XA 37 25.42 19.40 -64.19
N TYR XA 38 24.64 19.64 -65.26
CA TYR XA 38 23.85 18.55 -65.83
C TYR XA 38 24.72 17.50 -66.48
N ILE XA 39 25.76 17.91 -67.20
CA ILE XA 39 26.65 16.92 -67.82
C ILE XA 39 27.46 16.19 -66.76
N LYS XA 40 27.77 16.86 -65.65
CA LYS XA 40 28.44 16.15 -64.56
C LYS XA 40 27.49 15.23 -63.83
N ALA XA 41 26.17 15.44 -63.97
CA ALA XA 41 25.22 14.51 -63.39
C ALA XA 41 25.25 13.17 -64.15
N GLY XA 42 25.42 13.22 -65.47
CA GLY XA 42 25.58 12.03 -66.26
C GLY XA 42 24.69 11.85 -67.47
N PHE XA 43 24.09 12.91 -67.99
CA PHE XA 43 23.13 12.81 -69.07
C PHE XA 43 23.64 13.53 -70.33
N SER XA 44 22.81 13.51 -71.37
CA SER XA 44 23.18 14.04 -72.68
C SER XA 44 23.22 15.57 -72.67
N ALA XA 45 24.28 16.13 -73.23
CA ALA XA 45 24.52 17.56 -73.31
C ALA XA 45 23.59 18.27 -74.28
N PRO XA 46 23.27 17.66 -75.43
CA PRO XA 46 22.52 18.39 -76.47
C PRO XA 46 21.15 18.89 -76.02
N HIS XA 47 20.27 17.98 -75.62
CA HIS XA 47 18.93 18.36 -75.18
C HIS XA 47 18.93 18.62 -73.68
N ALA XA 48 19.56 19.73 -73.31
CA ALA XA 48 19.69 20.13 -71.91
C ALA XA 48 18.76 21.28 -71.54
N GLN XA 49 17.93 21.73 -72.48
CA GLN XA 49 16.98 22.81 -72.22
C GLN XA 49 15.54 22.34 -72.08
N ARG XA 50 15.26 21.03 -72.25
CA ARG XA 50 13.89 20.56 -72.26
C ARG XA 50 13.43 19.90 -70.97
N ASN XA 51 14.32 19.25 -70.22
CA ASN XA 51 13.92 18.54 -69.01
C ASN XA 51 14.53 19.07 -67.72
N VAL XA 52 15.61 19.86 -67.79
CA VAL XA 52 16.24 20.31 -66.56
C VAL XA 52 15.41 21.42 -65.92
N ALA XA 53 14.70 22.20 -66.73
CA ALA XA 53 13.81 23.22 -66.17
C ALA XA 53 12.77 22.60 -65.25
N PRO XA 54 12.10 21.51 -65.61
CA PRO XA 54 11.21 20.84 -64.64
C PRO XA 54 11.95 20.34 -63.41
N TYR XA 55 13.18 19.86 -63.61
CA TYR XA 55 13.99 19.33 -62.51
C TYR XA 55 14.29 20.42 -61.48
N HIS XA 56 14.60 21.63 -61.96
CA HIS XA 56 14.83 22.74 -61.03
C HIS XA 56 13.54 23.30 -60.48
N ARG XA 57 12.47 23.32 -61.28
CA ARG XA 57 11.23 23.97 -60.84
C ARG XA 57 10.51 23.15 -59.80
N LYS XA 58 10.59 21.82 -59.86
CA LYS XA 58 9.93 21.01 -58.84
C LYS XA 58 10.85 20.63 -57.69
N ASN XA 59 12.17 20.84 -57.83
CA ASN XA 59 13.10 20.45 -56.77
C ASN XA 59 14.07 21.58 -56.42
N ALA XA 60 13.62 22.83 -56.55
CA ALA XA 60 14.47 23.97 -56.20
C ALA XA 60 14.70 24.04 -54.70
N GLU XA 61 13.69 23.67 -53.91
CA GLU XA 61 13.73 23.84 -52.47
C GLU XA 61 14.85 23.05 -51.82
N TYR XA 62 15.05 21.79 -52.23
CA TYR XA 62 16.13 21.02 -51.63
C TYR XA 62 17.49 21.58 -52.03
N ILE XA 63 17.61 22.04 -53.27
CA ILE XA 63 18.84 22.68 -53.73
C ILE XA 63 19.08 23.97 -52.94
N GLN XA 64 18.02 24.76 -52.73
CA GLN XA 64 18.15 25.99 -51.96
C GLN XA 64 18.59 25.71 -50.53
N ALA XA 65 18.01 24.67 -49.91
CA ALA XA 65 18.42 24.29 -48.56
C ALA XA 65 19.88 23.87 -48.52
N TYR XA 66 20.31 23.09 -49.52
CA TYR XA 66 21.70 22.65 -49.56
C TYR XA 66 22.65 23.84 -49.73
N ILE XA 67 22.29 24.80 -50.59
CA ILE XA 67 23.13 25.97 -50.79
C ILE XA 67 23.20 26.80 -49.52
N SER XA 68 22.06 26.93 -48.82
CA SER XA 68 22.05 27.66 -47.55
C SER XA 68 22.94 26.98 -46.51
N GLU XA 69 22.87 25.64 -46.43
CA GLU XA 69 23.70 24.94 -45.47
C GLU XA 69 25.19 25.06 -45.82
N ARG XA 70 25.52 25.00 -47.11
CA ARG XA 70 26.91 25.14 -47.51
C ARG XA 70 27.45 26.53 -47.21
N ILE XA 71 26.66 27.57 -47.48
CA ILE XA 71 27.12 28.92 -47.18
C ILE XA 71 27.23 29.14 -45.66
N GLY XA 72 26.30 28.56 -44.89
CA GLY XA 72 26.34 28.70 -43.44
C GLY XA 72 27.45 27.92 -42.75
N SER XA 73 27.88 26.81 -43.35
CA SER XA 73 28.90 25.94 -42.75
C SER XA 73 30.30 26.54 -42.71
N ASP XA 74 30.52 27.67 -43.40
CA ASP XA 74 31.81 28.34 -43.40
C ASP XA 74 31.99 29.24 -42.19
N ALA XA 75 31.08 29.17 -41.21
CA ALA XA 75 31.15 29.99 -40.01
C ALA XA 75 32.47 29.95 -39.24
N PRO XA 76 33.15 28.80 -39.06
CA PRO XA 76 34.41 28.85 -38.27
C PRO XA 76 35.47 29.77 -38.84
N ALA XA 77 35.59 29.88 -40.17
CA ALA XA 77 36.56 30.81 -40.75
C ALA XA 77 36.21 32.25 -40.38
N ALA XA 78 34.94 32.61 -40.48
CA ALA XA 78 34.53 33.96 -40.13
C ALA XA 78 34.68 34.22 -38.63
N ARG XA 79 34.42 33.21 -37.80
CA ARG XA 79 34.61 33.36 -36.36
C ARG XA 79 36.08 33.62 -36.05
N LYS XA 80 36.98 32.88 -36.69
CA LYS XA 80 38.41 33.12 -36.47
C LYS XA 80 38.80 34.50 -36.95
N VAL XA 81 38.28 34.94 -38.10
CA VAL XA 81 38.63 36.24 -38.64
C VAL XA 81 38.15 37.35 -37.72
N VAL XA 82 36.89 37.27 -37.27
CA VAL XA 82 36.34 38.34 -36.44
C VAL XA 82 37.01 38.37 -35.07
N LEU XA 83 37.32 37.20 -34.49
CA LEU XA 83 38.02 37.20 -33.21
C LEU XA 83 39.42 37.77 -33.34
N GLU XA 84 40.16 37.38 -34.38
CA GLU XA 84 41.51 37.87 -34.53
C GLU XA 84 41.54 39.36 -34.83
N ILE XA 85 40.58 39.85 -35.62
CA ILE XA 85 40.52 41.29 -35.88
C ILE XA 85 40.09 42.02 -34.61
N MET XA 86 39.26 41.41 -33.77
CA MET XA 86 38.92 42.00 -32.49
C MET XA 86 40.10 42.05 -31.54
N ASN XA 87 41.10 41.19 -31.75
CA ASN XA 87 42.28 41.20 -30.89
C ASN XA 87 43.50 41.76 -31.58
N ASP XA 88 43.34 42.28 -32.81
CA ASP XA 88 44.45 42.86 -33.56
C ASP XA 88 44.50 44.36 -33.33
N PRO XA 89 45.56 44.91 -32.74
CA PRO XA 89 45.60 46.36 -32.47
C PRO XA 89 45.81 47.22 -33.71
N ASN XA 90 46.22 46.64 -34.84
CA ASN XA 90 46.56 47.44 -36.00
C ASN XA 90 45.37 47.77 -36.88
N GLU XA 91 44.17 47.36 -36.46
CA GLU XA 91 42.95 47.70 -37.18
C GLU XA 91 42.31 48.92 -36.54
N LYS XA 92 41.51 49.62 -37.33
CA LYS XA 92 40.88 50.85 -36.85
C LYS XA 92 39.97 50.55 -35.66
N GLY XA 93 39.89 51.51 -34.73
CA GLY XA 93 39.20 51.26 -33.48
C GLY XA 93 37.74 50.91 -33.67
N GLY XA 94 37.09 51.55 -34.64
CA GLY XA 94 35.70 51.23 -34.91
C GLY XA 94 35.51 49.78 -35.30
N ILE XA 95 36.48 49.23 -36.04
CA ILE XA 95 36.39 47.85 -36.47
C ILE XA 95 36.50 46.90 -35.27
N ARG XA 96 37.44 47.18 -34.37
CA ARG XA 96 37.59 46.37 -33.18
C ARG XA 96 36.34 46.44 -32.31
N LEU XA 97 35.77 47.64 -32.18
CA LEU XA 97 34.54 47.79 -31.40
C LEU XA 97 33.37 47.03 -32.04
N LYS XA 98 33.24 47.10 -33.37
CA LYS XA 98 32.18 46.38 -34.06
C LYS XA 98 32.36 44.87 -33.94
N ALA XA 99 33.60 44.39 -34.00
CA ALA XA 99 33.84 42.95 -33.80
C ALA XA 99 33.40 42.53 -32.40
N ALA XA 100 33.74 43.34 -31.39
CA ALA XA 100 33.28 43.05 -30.05
C ALA XA 100 31.76 43.07 -29.98
N GLN XA 101 31.12 44.03 -30.65
CA GLN XA 101 29.67 44.09 -30.67
C GLN XA 101 29.06 42.83 -31.26
N ASP XA 102 29.62 42.35 -32.38
CA ASP XA 102 29.06 41.16 -33.02
C ASP XA 102 29.22 39.93 -32.15
N ILE XA 103 30.42 39.72 -31.58
CA ILE XA 103 30.63 38.51 -30.78
C ILE XA 103 29.81 38.56 -29.50
N LEU XA 104 29.66 39.75 -28.90
CA LEU XA 104 28.82 39.87 -27.71
C LEU XA 104 27.35 39.67 -28.05
N ASP XA 105 26.90 40.17 -29.20
CA ASP XA 105 25.52 39.94 -29.62
C ASP XA 105 25.25 38.47 -29.83
N ARG XA 106 26.26 37.73 -30.30
CA ARG XA 106 26.11 36.28 -30.38
C ARG XA 106 26.14 35.65 -28.99
N ALA XA 107 26.93 36.24 -28.07
CA ALA XA 107 27.05 35.73 -26.72
C ALA XA 107 25.76 35.84 -25.93
N GLY XA 108 24.91 36.81 -26.24
CA GLY XA 108 23.65 36.94 -25.53
C GLY XA 108 23.39 38.26 -24.83
N PHE XA 109 23.96 39.35 -25.34
CA PHE XA 109 23.70 40.69 -24.81
C PHE XA 109 23.10 41.51 -25.94
N GLY XA 110 21.83 41.86 -25.81
CA GLY XA 110 21.09 42.50 -26.88
C GLY XA 110 20.62 43.90 -26.54
N ALA XA 111 19.63 44.40 -27.28
CA ALA XA 111 19.11 45.73 -27.02
C ALA XA 111 18.09 45.66 -25.90
N LYS XA 112 17.48 46.79 -25.57
CA LYS XA 112 16.75 46.92 -24.32
C LYS XA 112 15.53 47.83 -24.49
N GLN XA 113 15.05 48.33 -23.35
CA GLN XA 113 13.69 48.84 -23.15
C GLN XA 113 13.16 49.71 -24.27
N LYS XA 114 11.86 49.61 -24.50
CA LYS XA 114 11.16 50.47 -25.45
C LYS XA 114 9.76 50.64 -24.89
N ILE XA 115 9.31 51.89 -24.75
CA ILE XA 115 8.02 52.17 -24.14
C ILE XA 115 7.09 52.65 -25.24
N GLU XA 116 5.82 52.26 -25.15
CA GLU XA 116 4.84 52.59 -26.17
C GLU XA 116 3.66 53.34 -25.59
N LEU XA 117 3.24 54.38 -26.28
CA LEU XA 117 2.00 55.10 -26.00
C LEU XA 117 1.18 54.97 -27.28
N THR XA 118 -0.03 54.46 -27.15
CA THR XA 118 -0.85 54.18 -28.31
C THR XA 118 -2.08 55.08 -28.33
N THR XA 119 -2.94 54.84 -29.33
CA THR XA 119 -4.15 55.60 -29.51
C THR XA 119 -5.31 54.64 -29.71
N LYS XA 120 -6.40 54.88 -28.99
CA LYS XA 120 -7.58 54.02 -29.05
C LYS XA 120 -8.22 54.06 -30.43
N PRO YA 17 29.20 8.22 -29.07
CA PRO YA 17 30.43 8.96 -28.73
C PRO YA 17 30.18 10.46 -28.55
N LYS YA 18 30.45 10.98 -27.35
CA LYS YA 18 30.27 12.40 -27.07
C LYS YA 18 31.57 13.16 -26.91
N GLU YA 19 32.68 12.48 -26.58
CA GLU YA 19 33.97 13.16 -26.54
C GLU YA 19 34.55 13.29 -27.94
N LYS YA 20 34.28 12.29 -28.79
CA LYS YA 20 34.73 12.33 -30.17
C LYS YA 20 34.03 13.44 -30.93
N LEU YA 21 32.75 13.69 -30.63
CA LEU YA 21 32.05 14.80 -31.26
C LEU YA 21 32.63 16.14 -30.84
N ASP YA 22 32.99 16.27 -29.56
CA ASP YA 22 33.61 17.52 -29.10
C ASP YA 22 34.97 17.74 -29.75
N LEU YA 23 35.78 16.69 -29.86
CA LEU YA 23 37.06 16.81 -30.56
C LEU YA 23 36.86 17.14 -32.03
N TYR YA 24 35.86 16.53 -32.67
CA TYR YA 24 35.56 16.83 -34.06
C TYR YA 24 35.14 18.29 -34.23
N CYS YA 25 34.32 18.80 -33.31
CA CYS YA 25 33.91 20.20 -33.34
C CYS YA 25 35.11 21.12 -33.14
N GLU YA 26 36.02 20.76 -32.23
CA GLU YA 26 37.20 21.58 -32.00
C GLU YA 26 38.08 21.64 -33.25
N ALA YA 27 38.26 20.49 -33.91
CA ALA YA 27 39.05 20.47 -35.14
C ALA YA 27 38.38 21.26 -36.25
N LEU YA 28 37.06 21.14 -36.37
CA LEU YA 28 36.34 21.92 -37.38
C LEU YA 28 36.40 23.42 -37.09
N CYS YA 29 36.35 23.81 -35.82
CA CYS YA 29 36.41 25.22 -35.47
C CYS YA 29 37.79 25.82 -35.70
N ASP YA 30 38.86 25.06 -35.45
CA ASP YA 30 40.18 25.65 -35.53
C ASP YA 30 40.93 25.37 -36.83
N GLY YA 31 40.88 24.15 -37.38
CA GLY YA 31 41.69 23.89 -38.55
C GLY YA 31 40.97 23.85 -39.87
N PHE YA 32 39.80 24.49 -39.95
CA PHE YA 32 39.06 24.72 -41.19
C PHE YA 32 39.19 23.62 -42.24
N ASN YA 33 39.02 22.35 -41.86
CA ASN YA 33 39.13 21.26 -42.84
C ASN YA 33 38.23 20.11 -42.42
N LYS YA 34 37.49 19.57 -43.39
CA LYS YA 34 36.57 18.47 -43.10
C LYS YA 34 37.32 17.16 -42.92
N THR YA 35 38.31 16.90 -43.78
CA THR YA 35 39.02 15.62 -43.73
C THR YA 35 39.91 15.51 -42.50
N GLN YA 36 40.62 16.59 -42.15
CA GLN YA 36 41.48 16.55 -40.97
C GLN YA 36 40.67 16.34 -39.70
N ALA YA 37 39.50 16.99 -39.60
CA ALA YA 37 38.65 16.77 -38.43
C ALA YA 37 38.20 15.33 -38.35
N TYR YA 38 37.84 14.72 -39.49
CA TYR YA 38 37.40 13.33 -39.49
C TYR YA 38 38.52 12.39 -39.09
N ILE YA 39 39.73 12.65 -39.59
CA ILE YA 39 40.86 11.81 -39.20
C ILE YA 39 41.23 12.04 -37.74
N LYS YA 40 40.98 13.24 -37.21
CA LYS YA 40 41.20 13.49 -35.80
C LYS YA 40 40.13 12.87 -34.95
N ALA YA 41 38.98 12.51 -35.53
CA ALA YA 41 37.96 11.81 -34.77
C ALA YA 41 38.43 10.41 -34.41
N GLY YA 42 39.16 9.75 -35.31
CA GLY YA 42 39.70 8.44 -35.01
C GLY YA 42 39.37 7.37 -36.05
N PHE YA 43 39.10 7.77 -37.28
CA PHE YA 43 38.60 6.83 -38.28
C PHE YA 43 39.62 6.60 -39.39
N SER YA 44 39.24 5.77 -40.34
CA SER YA 44 40.13 5.32 -41.40
C SER YA 44 40.37 6.40 -42.45
N ALA YA 45 41.64 6.58 -42.81
CA ALA YA 45 42.08 7.53 -43.83
C ALA YA 45 41.68 7.03 -45.21
N PRO YA 46 41.77 5.71 -45.45
CA PRO YA 46 41.58 5.20 -46.82
C PRO YA 46 40.22 5.50 -47.43
N HIS YA 47 39.15 5.43 -46.63
CA HIS YA 47 37.79 5.71 -47.13
C HIS YA 47 37.15 6.72 -46.19
N ALA YA 48 37.57 7.98 -46.32
CA ALA YA 48 37.07 9.07 -45.50
C ALA YA 48 36.15 10.03 -46.25
N GLN YA 49 35.83 9.75 -47.51
CA GLN YA 49 35.02 10.65 -48.33
C GLN YA 49 33.57 10.26 -48.44
N ARG YA 50 33.23 8.97 -48.29
CA ARG YA 50 31.86 8.52 -48.46
C ARG YA 50 31.15 8.26 -47.13
N ASN YA 51 31.73 8.74 -46.01
CA ASN YA 51 31.13 8.51 -44.70
C ASN YA 51 31.09 9.74 -43.82
N VAL YA 52 31.87 10.78 -44.07
CA VAL YA 52 31.93 11.93 -43.19
C VAL YA 52 30.73 12.86 -43.37
N ALA YA 53 30.24 12.99 -44.60
CA ALA YA 53 29.06 13.82 -44.84
C ALA YA 53 27.83 13.32 -44.08
N PRO YA 54 27.50 12.03 -44.08
CA PRO YA 54 26.36 11.57 -43.28
C PRO YA 54 26.50 11.88 -41.81
N TYR YA 55 27.71 11.72 -41.25
CA TYR YA 55 27.90 12.05 -39.83
C TYR YA 55 27.77 13.54 -39.59
N HIS YA 56 28.22 14.38 -40.53
CA HIS YA 56 28.14 15.81 -40.31
C HIS YA 56 26.70 16.30 -40.37
N ARG YA 57 25.89 15.75 -41.28
CA ARG YA 57 24.50 16.17 -41.33
C ARG YA 57 23.67 15.59 -40.19
N LYS YA 58 24.14 14.49 -39.59
CA LYS YA 58 23.43 13.78 -38.52
C LYS YA 58 23.62 14.38 -37.13
N ASN YA 59 24.55 15.33 -36.95
CA ASN YA 59 24.84 15.89 -35.64
C ASN YA 59 24.85 17.40 -35.67
N ALA YA 60 23.95 18.00 -36.45
CA ALA YA 60 23.96 19.46 -36.62
C ALA YA 60 23.66 20.20 -35.33
N GLU YA 61 22.72 19.72 -34.52
CA GLU YA 61 22.31 20.48 -33.33
C GLU YA 61 23.43 20.61 -32.31
N TYR YA 62 24.10 19.51 -31.97
CA TYR YA 62 25.14 19.58 -30.96
C TYR YA 62 26.37 20.32 -31.46
N ILE YA 63 26.73 20.12 -32.72
CA ILE YA 63 27.87 20.84 -33.30
C ILE YA 63 27.58 22.34 -33.35
N GLN YA 64 26.37 22.72 -33.74
CA GLN YA 64 26.00 24.13 -33.78
C GLN YA 64 26.02 24.74 -32.38
N ALA YA 65 25.49 24.03 -31.39
CA ALA YA 65 25.52 24.55 -30.02
C ALA YA 65 26.95 24.71 -29.52
N TYR YA 66 27.81 23.74 -29.82
CA TYR YA 66 29.20 23.82 -29.38
C TYR YA 66 29.93 24.97 -30.05
N ILE YA 67 29.73 25.17 -31.35
CA ILE YA 67 30.38 26.29 -32.04
C ILE YA 67 29.86 27.63 -31.53
N SER YA 68 28.56 27.70 -31.21
CA SER YA 68 28.04 28.93 -30.63
C SER YA 68 28.69 29.22 -29.28
N GLU YA 69 28.88 28.19 -28.46
CA GLU YA 69 29.56 28.38 -27.19
C GLU YA 69 31.01 28.79 -27.40
N ARG YA 70 31.67 28.22 -28.41
CA ARG YA 70 33.05 28.56 -28.70
C ARG YA 70 33.20 30.02 -29.11
N ILE YA 71 32.32 30.51 -29.99
CA ILE YA 71 32.40 31.92 -30.38
C ILE YA 71 32.04 32.83 -29.21
N GLY YA 72 31.05 32.42 -28.39
CA GLY YA 72 30.65 33.21 -27.24
C GLY YA 72 31.65 33.26 -26.11
N SER YA 73 32.54 32.27 -26.01
CA SER YA 73 33.45 32.18 -24.87
C SER YA 73 34.50 33.28 -24.81
N ASP YA 74 34.71 34.03 -25.88
CA ASP YA 74 35.66 35.14 -25.89
C ASP YA 74 35.03 36.48 -25.52
N ALA YA 75 33.73 36.50 -25.21
CA ALA YA 75 33.05 37.75 -24.85
C ALA YA 75 33.70 38.51 -23.71
N PRO YA 76 34.12 37.90 -22.59
CA PRO YA 76 34.81 38.70 -21.56
C PRO YA 76 36.08 39.37 -22.06
N ALA YA 77 36.80 38.70 -22.97
CA ALA YA 77 37.97 39.33 -23.59
C ALA YA 77 37.58 40.56 -24.37
N ALA YA 78 36.47 40.50 -25.11
CA ALA YA 78 36.00 41.67 -25.82
C ALA YA 78 35.56 42.77 -24.87
N ARG YA 79 35.00 42.41 -23.72
CA ARG YA 79 34.70 43.43 -22.71
C ARG YA 79 35.97 44.13 -22.25
N LYS YA 80 37.04 43.35 -22.05
CA LYS YA 80 38.33 43.95 -21.71
C LYS YA 80 38.83 44.84 -22.84
N VAL YA 81 38.63 44.41 -24.09
CA VAL YA 81 39.08 45.18 -25.25
C VAL YA 81 38.35 46.51 -25.33
N VAL YA 82 37.03 46.48 -25.17
CA VAL YA 82 36.25 47.71 -25.27
C VAL YA 82 36.58 48.65 -24.12
N LEU YA 83 36.81 48.10 -22.91
CA LEU YA 83 37.21 48.96 -21.81
C LEU YA 83 38.57 49.59 -22.06
N GLU YA 84 39.51 48.82 -22.60
CA GLU YA 84 40.85 49.35 -22.86
C GLU YA 84 40.80 50.42 -23.95
N ILE YA 85 39.96 50.23 -24.97
CA ILE YA 85 39.82 51.24 -26.00
C ILE YA 85 39.14 52.48 -25.44
N MET YA 86 38.20 52.29 -24.51
CA MET YA 86 37.55 53.42 -23.86
C MET YA 86 38.48 54.18 -22.92
N ASN YA 87 39.56 53.55 -22.46
CA ASN YA 87 40.48 54.20 -21.53
C ASN YA 87 41.78 54.67 -22.19
N ASP YA 88 41.90 54.56 -23.51
CA ASP YA 88 43.10 55.01 -24.21
C ASP YA 88 42.88 56.45 -24.68
N PRO YA 89 43.61 57.43 -24.14
CA PRO YA 89 43.36 58.83 -24.53
C PRO YA 89 43.89 59.23 -25.90
N ASN YA 90 44.78 58.45 -26.50
CA ASN YA 90 45.42 58.87 -27.74
C ASN YA 90 44.66 58.39 -28.97
N GLU YA 91 43.52 57.74 -28.77
CA GLU YA 91 42.68 57.23 -29.85
C GLU YA 91 41.54 58.22 -30.09
N LYS YA 92 40.93 58.13 -31.28
CA LYS YA 92 39.89 59.07 -31.67
C LYS YA 92 38.70 59.06 -30.70
N GLY YA 93 38.14 60.25 -30.46
CA GLY YA 93 37.10 60.41 -29.45
C GLY YA 93 35.81 59.68 -29.77
N GLY YA 94 35.45 59.62 -31.06
CA GLY YA 94 34.19 58.99 -31.44
C GLY YA 94 34.11 57.54 -30.99
N ILE YA 95 35.23 56.83 -31.06
CA ILE YA 95 35.25 55.45 -30.62
C ILE YA 95 35.06 55.36 -29.12
N ARG YA 96 35.63 56.31 -28.37
CA ARG YA 96 35.40 56.32 -26.92
C ARG YA 96 33.92 56.52 -26.61
N LEU YA 97 33.25 57.43 -27.34
CA LEU YA 97 31.83 57.62 -27.11
C LEU YA 97 31.03 56.38 -27.46
N LYS YA 98 31.35 55.74 -28.59
CA LYS YA 98 30.61 54.54 -28.98
C LYS YA 98 30.84 53.41 -27.98
N ALA YA 99 32.06 53.29 -27.46
CA ALA YA 99 32.34 52.31 -26.42
C ALA YA 99 31.52 52.60 -25.17
N ALA YA 100 31.43 53.88 -24.78
CA ALA YA 100 30.59 54.24 -23.65
C ALA YA 100 29.13 53.89 -23.90
N GLN YA 101 28.65 54.13 -25.13
CA GLN YA 101 27.28 53.76 -25.48
C GLN YA 101 27.07 52.26 -25.31
N ASP YA 102 28.02 51.46 -25.77
CA ASP YA 102 27.90 50.00 -25.66
C ASP YA 102 27.90 49.57 -24.19
N ILE YA 103 28.80 50.15 -23.39
CA ILE YA 103 28.91 49.73 -22.00
C ILE YA 103 27.67 50.12 -21.21
N LEU YA 104 27.10 51.30 -21.49
CA LEU YA 104 25.85 51.67 -20.83
C LEU YA 104 24.69 50.82 -21.31
N ASP YA 105 24.65 50.47 -22.60
CA ASP YA 105 23.59 49.62 -23.09
C ASP YA 105 23.63 48.25 -22.43
N ARG YA 106 24.82 47.72 -22.16
CA ARG YA 106 24.89 46.47 -21.40
C ARG YA 106 24.61 46.68 -19.91
N ALA YA 107 24.92 47.86 -19.37
CA ALA YA 107 24.76 48.12 -17.94
C ALA YA 107 23.31 48.06 -17.47
N GLY YA 108 22.35 48.41 -18.33
CA GLY YA 108 20.95 48.33 -17.96
C GLY YA 108 20.18 49.63 -18.06
N PHE YA 109 20.64 50.54 -18.92
CA PHE YA 109 19.97 51.80 -19.21
C PHE YA 109 19.72 51.87 -20.71
N GLY YA 110 18.46 51.89 -21.11
CA GLY YA 110 18.09 51.78 -22.49
C GLY YA 110 17.46 53.03 -23.05
N ALA YA 111 16.79 52.88 -24.21
CA ALA YA 111 16.16 53.98 -24.92
C ALA YA 111 14.76 54.27 -24.36
N LYS YA 112 14.07 55.22 -24.98
CA LYS YA 112 12.85 55.76 -24.41
C LYS YA 112 11.67 55.64 -25.40
N GLN YA 113 10.60 56.37 -25.08
CA GLN YA 113 9.26 56.11 -25.61
C GLN YA 113 9.14 56.41 -27.09
N LYS YA 114 8.15 55.76 -27.69
CA LYS YA 114 7.74 55.98 -29.08
C LYS YA 114 6.23 55.85 -29.09
N ILE YA 115 5.54 56.82 -29.68
CA ILE YA 115 4.09 56.93 -29.59
C ILE YA 115 3.47 56.46 -30.89
N GLU YA 116 2.31 55.78 -30.80
CA GLU YA 116 1.65 55.22 -31.96
C GLU YA 116 0.22 55.74 -32.09
N LEU YA 117 -0.15 56.07 -33.32
CA LEU YA 117 -1.48 56.53 -33.72
C LEU YA 117 -2.03 55.56 -34.76
N THR YA 118 -3.27 55.09 -34.57
CA THR YA 118 -3.85 54.11 -35.47
C THR YA 118 -5.00 54.73 -36.26
N THR YA 119 -5.07 54.38 -37.55
CA THR YA 119 -6.08 54.92 -38.46
C THR YA 119 -6.69 53.80 -39.29
N LYS YA 120 -7.96 53.98 -39.66
CA LYS YA 120 -8.56 53.25 -40.77
C LYS YA 120 -9.67 54.09 -41.42
N LEU ZA 15 37.74 28.56 1.07
CA LEU ZA 15 38.29 27.47 0.26
C LEU ZA 15 37.16 26.71 -0.45
N THR ZA 16 35.97 27.30 -0.43
CA THR ZA 16 34.82 26.69 -1.07
C THR ZA 16 34.97 26.71 -2.59
N PRO ZA 17 34.33 25.79 -3.30
CA PRO ZA 17 34.41 25.80 -4.77
C PRO ZA 17 33.84 27.05 -5.42
N LYS ZA 18 32.95 27.79 -4.74
CA LYS ZA 18 32.35 28.94 -5.38
C LYS ZA 18 33.29 30.15 -5.42
N GLU ZA 19 34.23 30.23 -4.48
CA GLU ZA 19 35.20 31.32 -4.54
C GLU ZA 19 36.28 31.00 -5.57
N LYS ZA 20 36.64 29.72 -5.68
CA LYS ZA 20 37.56 29.33 -6.73
C LYS ZA 20 36.90 29.53 -8.09
N LEU ZA 21 35.60 29.29 -8.17
CA LEU ZA 21 34.87 29.47 -9.42
C LEU ZA 21 34.76 30.93 -9.80
N ASP ZA 22 34.49 31.83 -8.85
CA ASP ZA 22 34.45 33.25 -9.22
C ASP ZA 22 35.83 33.75 -9.61
N LEU ZA 23 36.87 33.26 -8.92
CA LEU ZA 23 38.24 33.60 -9.31
C LEU ZA 23 38.53 33.07 -10.71
N TYR ZA 24 38.03 31.88 -11.04
CA TYR ZA 24 38.17 31.35 -12.39
C TYR ZA 24 37.46 32.25 -13.42
N CYS ZA 25 36.27 32.71 -13.07
CA CYS ZA 25 35.52 33.59 -13.98
C CYS ZA 25 36.28 34.88 -14.23
N GLU ZA 26 36.81 35.50 -13.17
CA GLU ZA 26 37.57 36.73 -13.36
C GLU ZA 26 38.85 36.48 -14.12
N ALA ZA 27 39.52 35.35 -13.86
CA ALA ZA 27 40.74 35.02 -14.60
C ALA ZA 27 40.46 34.81 -16.08
N LEU ZA 28 39.35 34.14 -16.40
CA LEU ZA 28 38.97 33.99 -17.80
C LEU ZA 28 38.63 35.34 -18.42
N CYS ZA 29 38.00 36.23 -17.64
CA CYS ZA 29 37.66 37.55 -18.15
C CYS ZA 29 38.89 38.43 -18.37
N ASP ZA 30 39.94 38.24 -17.56
CA ASP ZA 30 41.09 39.13 -17.62
C ASP ZA 30 42.22 38.60 -18.49
N GLY ZA 31 42.53 37.31 -18.40
CA GLY ZA 31 43.61 36.71 -19.16
C GLY ZA 31 43.19 35.86 -20.33
N PHE ZA 32 41.89 35.79 -20.64
CA PHE ZA 32 41.32 35.15 -21.82
C PHE ZA 32 42.04 33.88 -22.26
N ASN ZA 33 42.26 32.95 -21.35
CA ASN ZA 33 42.89 31.70 -21.72
C ASN ZA 33 42.30 30.63 -20.82
N LYS ZA 34 41.82 29.55 -21.42
CA LYS ZA 34 41.20 28.49 -20.62
C LYS ZA 34 42.25 27.69 -19.87
N THR ZA 35 43.39 27.41 -20.49
CA THR ZA 35 44.42 26.66 -19.77
C THR ZA 35 45.01 27.50 -18.65
N GLN ZA 36 45.31 28.77 -18.94
CA GLN ZA 36 45.84 29.67 -17.92
C GLN ZA 36 44.81 29.93 -16.82
N ALA ZA 37 43.55 30.15 -17.19
CA ALA ZA 37 42.52 30.36 -16.17
C ALA ZA 37 42.32 29.11 -15.32
N TYR ZA 38 42.37 27.93 -15.94
CA TYR ZA 38 42.16 26.70 -15.18
C TYR ZA 38 43.32 26.45 -14.22
N ILE ZA 39 44.56 26.69 -14.66
CA ILE ZA 39 45.68 26.53 -13.73
C ILE ZA 39 45.63 27.61 -12.66
N LYS ZA 40 45.08 28.78 -12.99
CA LYS ZA 40 44.89 29.83 -11.99
C LYS ZA 40 43.71 29.54 -11.07
N ALA ZA 41 42.85 28.59 -11.43
CA ALA ZA 41 41.75 28.20 -10.54
C ALA ZA 41 42.27 27.47 -9.31
N GLY ZA 42 43.31 26.66 -9.48
CA GLY ZA 42 43.89 25.95 -8.36
C GLY ZA 42 44.01 24.45 -8.58
N PHE ZA 43 44.06 24.03 -9.85
CA PHE ZA 43 44.04 22.61 -10.21
C PHE ZA 43 45.38 22.21 -10.83
N SER ZA 44 45.45 20.93 -11.21
CA SER ZA 44 46.66 20.40 -11.80
C SER ZA 44 46.80 20.89 -13.23
N ALA ZA 45 48.01 21.30 -13.60
CA ALA ZA 45 48.28 21.84 -14.92
C ALA ZA 45 48.13 20.71 -15.95
N PRO ZA 46 48.51 19.48 -15.59
CA PRO ZA 46 48.52 18.40 -16.60
C PRO ZA 46 47.16 18.14 -17.23
N HIS ZA 47 46.07 18.25 -16.49
CA HIS ZA 47 44.74 18.01 -17.03
C HIS ZA 47 44.07 19.34 -17.38
N ALA ZA 48 44.59 19.97 -18.44
CA ALA ZA 48 44.09 21.26 -18.88
C ALA ZA 48 43.23 21.15 -20.14
N GLN ZA 49 43.02 19.95 -20.67
CA GLN ZA 49 42.19 19.75 -21.85
C GLN ZA 49 40.82 19.15 -21.56
N ARG ZA 50 40.69 18.40 -20.46
CA ARG ZA 50 39.45 17.66 -20.21
C ARG ZA 50 38.50 18.28 -19.20
N ASN ZA 51 38.93 18.39 -17.95
CA ASN ZA 51 38.03 18.84 -16.88
C ASN ZA 51 37.54 20.26 -17.06
N VAL ZA 52 38.22 21.07 -17.86
CA VAL ZA 52 37.81 22.46 -17.96
C VAL ZA 52 36.58 22.61 -18.85
N ALA ZA 53 36.48 21.81 -19.93
CA ALA ZA 53 35.26 21.84 -20.73
C ALA ZA 53 34.04 21.38 -19.95
N PRO ZA 54 34.07 20.24 -19.25
CA PRO ZA 54 32.92 19.87 -18.41
C PRO ZA 54 32.65 20.87 -17.30
N TYR ZA 55 33.70 21.44 -16.71
CA TYR ZA 55 33.54 22.42 -15.65
C TYR ZA 55 32.84 23.67 -16.16
N HIS ZA 56 33.15 24.07 -17.40
CA HIS ZA 56 32.51 25.22 -18.02
C HIS ZA 56 31.08 24.90 -18.44
N ARG ZA 57 30.81 23.66 -18.85
CA ARG ZA 57 29.49 23.31 -19.37
C ARG ZA 57 28.43 23.20 -18.28
N LYS ZA 58 28.82 22.85 -17.05
CA LYS ZA 58 27.82 22.69 -15.99
C LYS ZA 58 27.44 23.99 -15.30
N ASN ZA 59 28.21 25.06 -15.48
CA ASN ZA 59 27.93 26.34 -14.82
C ASN ZA 59 28.05 27.50 -15.80
N ALA ZA 60 27.63 27.30 -17.05
CA ALA ZA 60 27.73 28.37 -18.04
C ALA ZA 60 26.89 29.57 -17.65
N GLU ZA 61 25.72 29.31 -17.05
CA GLU ZA 61 24.85 30.39 -16.61
C GLU ZA 61 25.56 31.27 -15.59
N TYR ZA 62 26.34 30.65 -14.70
CA TYR ZA 62 27.10 31.40 -13.71
C TYR ZA 62 28.19 32.22 -14.38
N ILE ZA 63 28.79 31.70 -15.46
CA ILE ZA 63 29.79 32.45 -16.21
C ILE ZA 63 29.17 33.72 -16.79
N GLN ZA 64 27.98 33.56 -17.40
CA GLN ZA 64 27.29 34.72 -17.95
C GLN ZA 64 26.93 35.72 -16.88
N ALA ZA 65 26.45 35.23 -15.73
CA ALA ZA 65 26.10 36.14 -14.64
C ALA ZA 65 27.30 36.93 -14.15
N TYR ZA 66 28.46 36.25 -14.00
CA TYR ZA 66 29.64 36.95 -13.51
C TYR ZA 66 30.13 38.00 -14.51
N ILE ZA 67 30.16 37.66 -15.81
CA ILE ZA 67 30.64 38.65 -16.78
C ILE ZA 67 29.67 39.82 -16.88
N SER ZA 68 28.36 39.55 -16.82
CA SER ZA 68 27.39 40.65 -16.83
C SER ZA 68 27.54 41.53 -15.60
N GLU ZA 69 27.79 40.92 -14.45
CA GLU ZA 69 27.96 41.69 -13.22
C GLU ZA 69 29.20 42.58 -13.29
N ARG ZA 70 30.29 42.07 -13.87
CA ARG ZA 70 31.49 42.90 -14.03
C ARG ZA 70 31.24 44.06 -14.99
N ILE ZA 71 30.56 43.78 -16.11
CA ILE ZA 71 30.28 44.86 -17.07
C ILE ZA 71 29.38 45.91 -16.44
N GLY ZA 72 28.40 45.48 -15.63
CA GLY ZA 72 27.56 46.45 -14.96
C GLY ZA 72 28.31 47.22 -13.89
N SER ZA 73 29.32 46.61 -13.28
CA SER ZA 73 30.14 47.30 -12.30
C SER ZA 73 31.08 48.31 -12.94
N ASP ZA 74 31.28 48.21 -14.25
CA ASP ZA 74 32.12 49.18 -14.96
C ASP ZA 74 31.34 50.38 -15.49
N ALA ZA 75 30.03 50.45 -15.26
CA ALA ZA 75 29.22 51.57 -15.72
C ALA ZA 75 29.62 52.96 -15.23
N PRO ZA 76 29.95 53.20 -13.95
CA PRO ZA 76 30.26 54.58 -13.53
C PRO ZA 76 31.41 55.25 -14.26
N ALA ZA 77 32.46 54.50 -14.62
CA ALA ZA 77 33.53 55.09 -15.41
C ALA ZA 77 33.04 55.57 -16.76
N ALA ZA 78 32.16 54.78 -17.38
CA ALA ZA 78 31.58 55.18 -18.66
C ALA ZA 78 30.66 56.38 -18.50
N ARG ZA 79 29.95 56.47 -17.38
CA ARG ZA 79 29.15 57.66 -17.12
C ARG ZA 79 30.02 58.90 -17.01
N LYS ZA 80 31.15 58.80 -16.31
CA LYS ZA 80 32.05 59.94 -16.21
C LYS ZA 80 32.62 60.31 -17.57
N VAL ZA 81 33.01 59.31 -18.37
CA VAL ZA 81 33.62 59.62 -19.68
C VAL ZA 81 32.59 60.26 -20.60
N VAL ZA 82 31.36 59.75 -20.62
CA VAL ZA 82 30.36 60.34 -21.52
C VAL ZA 82 30.02 61.76 -21.08
N LEU ZA 83 29.97 62.00 -19.77
CA LEU ZA 83 29.73 63.37 -19.30
C LEU ZA 83 30.86 64.30 -19.70
N GLU ZA 84 32.12 63.84 -19.55
CA GLU ZA 84 33.25 64.69 -19.90
C GLU ZA 84 33.32 64.96 -21.40
N ILE ZA 85 32.95 63.96 -22.22
CA ILE ZA 85 32.95 64.17 -23.66
C ILE ZA 85 31.85 65.14 -24.05
N MET ZA 86 30.69 65.07 -23.39
CA MET ZA 86 29.65 66.04 -23.65
C MET ZA 86 29.99 67.43 -23.12
N ASN ZA 87 30.89 67.52 -22.14
CA ASN ZA 87 31.25 68.80 -21.54
C ASN ZA 87 32.64 69.29 -21.93
N ASP ZA 88 33.30 68.63 -22.88
CA ASP ZA 88 34.64 69.06 -23.29
C ASP ZA 88 34.51 70.01 -24.48
N PRO ZA 89 34.90 71.28 -24.34
CA PRO ZA 89 34.67 72.24 -25.44
C PRO ZA 89 35.63 72.11 -26.61
N ASN ZA 90 36.80 71.49 -26.45
CA ASN ZA 90 37.81 71.44 -27.51
C ASN ZA 90 37.73 70.15 -28.35
N GLU ZA 91 36.56 69.53 -28.43
CA GLU ZA 91 36.34 68.29 -29.16
C GLU ZA 91 35.38 68.55 -30.32
N LYS ZA 92 35.38 67.64 -31.29
CA LYS ZA 92 34.55 67.80 -32.49
C LYS ZA 92 33.07 67.91 -32.13
N GLY ZA 93 32.35 68.73 -32.90
CA GLY ZA 93 30.97 69.03 -32.57
C GLY ZA 93 30.03 67.84 -32.66
N GLY ZA 94 30.24 66.98 -33.66
CA GLY ZA 94 29.36 65.84 -33.84
C GLY ZA 94 29.37 64.91 -32.64
N ILE ZA 95 30.55 64.69 -32.06
CA ILE ZA 95 30.65 63.77 -30.94
C ILE ZA 95 29.95 64.33 -29.71
N ARG ZA 96 30.11 65.63 -29.43
CA ARG ZA 96 29.40 66.23 -28.31
C ARG ZA 96 27.89 66.21 -28.52
N LEU ZA 97 27.44 66.46 -29.76
CA LEU ZA 97 26.01 66.39 -30.02
C LEU ZA 97 25.47 64.99 -29.78
N LYS ZA 98 26.20 63.96 -30.24
CA LYS ZA 98 25.77 62.59 -30.01
C LYS ZA 98 25.80 62.24 -28.53
N ALA ZA 99 26.80 62.73 -27.80
CA ALA ZA 99 26.86 62.52 -26.35
C ALA ZA 99 25.66 63.14 -25.65
N ALA ZA 100 25.31 64.35 -26.04
CA ALA ZA 100 24.14 65.01 -25.46
C ALA ZA 100 22.86 64.23 -25.78
N GLN ZA 101 22.75 63.73 -27.01
CA GLN ZA 101 21.60 62.90 -27.35
C GLN ZA 101 21.55 61.66 -26.45
N ASP ZA 102 22.70 61.03 -26.24
CA ASP ZA 102 22.75 59.84 -25.40
C ASP ZA 102 22.32 60.16 -23.97
N ILE ZA 103 22.86 61.25 -23.42
CA ILE ZA 103 22.56 61.59 -22.03
C ILE ZA 103 21.09 62.01 -21.87
N LEU ZA 104 20.54 62.70 -22.88
CA LEU ZA 104 19.13 63.07 -22.82
C LEU ZA 104 18.23 61.85 -22.90
N ASP ZA 105 18.58 60.89 -23.76
CA ASP ZA 105 17.82 59.64 -23.81
C ASP ZA 105 17.95 58.87 -22.50
N ARG ZA 106 19.11 58.99 -21.83
CA ARG ZA 106 19.25 58.35 -20.52
C ARG ZA 106 18.40 59.04 -19.46
N ALA ZA 107 18.23 60.35 -19.55
CA ALA ZA 107 17.44 61.07 -18.57
C ALA ZA 107 15.97 60.70 -18.63
N GLY ZA 108 15.44 60.42 -19.82
CA GLY ZA 108 14.06 59.99 -19.95
C GLY ZA 108 13.19 60.92 -20.77
N PHE ZA 109 13.80 61.66 -21.69
CA PHE ZA 109 13.06 62.54 -22.59
C PHE ZA 109 12.70 61.76 -23.83
N GLY ZA 110 11.41 61.57 -24.04
CA GLY ZA 110 10.94 60.61 -25.02
C GLY ZA 110 11.25 60.98 -26.46
N ALA ZA 111 11.29 59.92 -27.27
CA ALA ZA 111 11.56 59.96 -28.69
C ALA ZA 111 10.26 60.23 -29.47
N LYS ZA 112 10.34 60.14 -30.80
CA LYS ZA 112 9.31 60.61 -31.71
C LYS ZA 112 8.11 59.67 -31.74
N GLN ZA 113 7.25 59.85 -32.74
CA GLN ZA 113 5.94 59.25 -32.82
C GLN ZA 113 5.78 58.58 -34.18
N LYS ZA 114 4.88 57.61 -34.25
CA LYS ZA 114 4.60 56.91 -35.50
C LYS ZA 114 3.11 56.60 -35.59
N ILE ZA 115 2.50 56.92 -36.73
CA ILE ZA 115 1.07 56.73 -36.91
C ILE ZA 115 0.89 55.52 -37.81
N GLU ZA 116 -0.16 54.74 -37.54
CA GLU ZA 116 -0.38 53.47 -38.21
C GLU ZA 116 -1.74 53.42 -38.89
N LEU ZA 117 -1.76 52.84 -40.09
CA LEU ZA 117 -2.97 52.60 -40.87
C LEU ZA 117 -3.10 51.09 -41.03
N THR ZA 118 -4.29 50.57 -40.75
CA THR ZA 118 -4.52 49.13 -40.69
C THR ZA 118 -5.36 48.68 -41.88
N THR ZA 119 -5.02 47.50 -42.40
CA THR ZA 119 -5.69 46.91 -43.54
C THR ZA 119 -6.07 45.48 -43.21
N LYS ZA 120 -7.24 45.06 -43.69
CA LYS ZA 120 -7.75 43.73 -43.40
C LYS ZA 120 -7.15 42.69 -44.35
N LEU AB 15 21.68 58.80 10.86
CA LEU AB 15 23.06 58.70 10.42
C LEU AB 15 23.37 57.26 10.04
N THR AB 16 22.82 56.31 10.79
CA THR AB 16 23.20 54.93 10.56
C THR AB 16 22.52 54.34 9.32
N PRO AB 17 21.16 54.33 9.21
CA PRO AB 17 20.53 53.44 8.21
C PRO AB 17 20.76 53.76 6.73
N LYS AB 18 20.47 54.98 6.26
CA LYS AB 18 20.19 55.17 4.84
C LYS AB 18 20.90 56.35 4.17
N GLU AB 19 21.38 57.37 4.89
CA GLU AB 19 22.07 58.45 4.20
C GLU AB 19 23.50 58.07 3.84
N LYS AB 20 24.13 57.23 4.66
CA LYS AB 20 25.45 56.75 4.31
C LYS AB 20 25.41 55.94 3.03
N LEU AB 21 24.29 55.25 2.79
CA LEU AB 21 24.12 54.50 1.54
C LEU AB 21 24.02 55.43 0.33
N ASP AB 22 23.37 56.58 0.49
CA ASP AB 22 23.36 57.56 -0.59
C ASP AB 22 24.76 58.06 -0.85
N LEU AB 23 25.54 58.28 0.22
CA LEU AB 23 26.95 58.63 0.06
C LEU AB 23 27.71 57.51 -0.63
N TYR AB 24 27.36 56.25 -0.33
CA TYR AB 24 27.99 55.10 -0.96
C TYR AB 24 27.76 55.11 -2.47
N CYS AB 25 26.52 55.36 -2.89
CA CYS AB 25 26.24 55.43 -4.33
C CYS AB 25 26.97 56.60 -4.97
N GLU AB 26 26.98 57.76 -4.31
CA GLU AB 26 27.66 58.92 -4.88
C GLU AB 26 29.16 58.67 -5.02
N ALA AB 27 29.77 58.03 -4.01
CA ALA AB 27 31.19 57.69 -4.09
C ALA AB 27 31.46 56.65 -5.16
N LEU AB 28 30.58 55.65 -5.28
CA LEU AB 28 30.73 54.63 -6.31
C LEU AB 28 30.63 55.22 -7.72
N CYS AB 29 29.89 56.33 -7.87
CA CYS AB 29 29.76 56.94 -9.19
C CYS AB 29 31.11 57.38 -9.75
N ASP AB 30 32.06 57.76 -8.88
CA ASP AB 30 33.36 58.23 -9.34
C ASP AB 30 34.53 57.47 -8.71
N GLY AB 31 34.28 56.33 -8.05
CA GLY AB 31 35.34 55.63 -7.37
C GLY AB 31 35.83 54.36 -8.05
N PHE AB 32 34.95 53.70 -8.81
CA PHE AB 32 35.27 52.51 -9.59
C PHE AB 32 35.81 51.37 -8.73
N ASN AB 33 35.67 51.48 -7.41
CA ASN AB 33 36.10 50.44 -6.48
C ASN AB 33 35.19 50.48 -5.26
N LYS AB 34 34.70 49.31 -4.85
CA LYS AB 34 33.84 49.28 -3.68
C LYS AB 34 34.64 49.42 -2.39
N THR AB 35 35.97 49.32 -2.45
CA THR AB 35 36.78 49.38 -1.24
C THR AB 35 36.80 50.79 -0.65
N GLN AB 36 37.00 51.80 -1.50
CA GLN AB 36 37.05 53.18 -1.01
C GLN AB 36 35.69 53.62 -0.47
N ALA AB 37 34.62 53.33 -1.22
CA ALA AB 37 33.28 53.68 -0.75
C ALA AB 37 32.93 52.91 0.51
N TYR AB 38 33.29 51.62 0.57
CA TYR AB 38 32.95 50.80 1.72
C TYR AB 38 33.68 51.26 2.97
N ILE AB 39 34.96 51.61 2.87
CA ILE AB 39 35.64 52.11 4.05
C ILE AB 39 35.08 53.48 4.40
N LYS AB 40 34.63 54.25 3.41
CA LYS AB 40 33.93 55.49 3.68
C LYS AB 40 32.50 55.27 4.13
N ALA AB 41 31.94 54.08 3.89
CA ALA AB 41 30.58 53.71 4.29
C ALA AB 41 30.39 53.56 5.79
N GLY AB 42 31.35 53.87 6.65
CA GLY AB 42 31.13 53.76 8.07
C GLY AB 42 30.90 52.35 8.57
N PHE AB 43 31.39 51.34 7.85
CA PHE AB 43 31.13 49.95 8.14
C PHE AB 43 32.42 49.25 8.58
N SER AB 44 32.32 47.94 8.80
CA SER AB 44 33.46 47.18 9.31
C SER AB 44 34.52 47.03 8.22
N ALA AB 45 35.78 47.30 8.57
CA ALA AB 45 36.87 47.25 7.62
C ALA AB 45 37.17 45.82 7.17
N PRO AB 46 37.14 44.84 8.08
CA PRO AB 46 37.55 43.49 7.70
C PRO AB 46 36.67 42.85 6.63
N HIS AB 47 35.36 42.83 6.83
CA HIS AB 47 34.43 42.21 5.89
C HIS AB 47 34.15 43.18 4.73
N ALA AB 48 35.19 43.38 3.91
CA ALA AB 48 35.07 44.32 2.80
C ALA AB 48 34.95 43.65 1.44
N GLN AB 49 35.02 42.32 1.36
CA GLN AB 49 34.84 41.64 0.10
C GLN AB 49 33.52 40.89 -0.02
N ARG AB 50 32.94 40.46 1.11
CA ARG AB 50 31.74 39.64 1.07
C ARG AB 50 30.47 40.42 1.37
N ASN AB 51 30.35 40.93 2.60
CA ASN AB 51 29.18 41.68 3.08
C ASN AB 51 28.70 42.70 2.06
N VAL AB 52 29.63 43.17 1.22
CA VAL AB 52 29.26 44.20 0.26
C VAL AB 52 28.47 43.55 -0.87
N ALA AB 53 28.84 42.33 -1.26
CA ALA AB 53 28.03 41.59 -2.22
C ALA AB 53 26.62 41.33 -1.68
N PRO AB 54 26.44 40.89 -0.43
CA PRO AB 54 25.07 40.73 0.07
C PRO AB 54 24.27 42.02 0.12
N TYR AB 55 24.88 43.13 0.57
CA TYR AB 55 24.11 44.37 0.57
C TYR AB 55 23.81 44.84 -0.86
N HIS AB 56 24.73 44.59 -1.79
CA HIS AB 56 24.51 44.98 -3.17
C HIS AB 56 23.40 44.14 -3.80
N ARG AB 57 23.31 42.87 -3.40
CA ARG AB 57 22.25 42.02 -3.94
C ARG AB 57 20.90 42.38 -3.33
N LYS AB 58 20.90 42.88 -2.10
CA LYS AB 58 19.61 43.23 -1.50
C LYS AB 58 19.13 44.61 -1.90
N ASN AB 59 19.98 45.44 -2.49
CA ASN AB 59 19.60 46.78 -2.92
C ASN AB 59 20.11 47.08 -4.32
N ALA AB 60 20.25 46.06 -5.18
CA ALA AB 60 20.80 46.30 -6.51
C ALA AB 60 19.88 47.18 -7.35
N GLU AB 61 18.56 46.94 -7.26
CA GLU AB 61 17.62 47.71 -8.06
C GLU AB 61 17.63 49.17 -7.67
N TYR AB 62 17.67 49.44 -6.36
CA TYR AB 62 17.73 50.83 -5.89
C TYR AB 62 19.07 51.48 -6.20
N ILE AB 63 20.17 50.72 -6.15
CA ILE AB 63 21.46 51.27 -6.55
C ILE AB 63 21.43 51.68 -8.01
N GLN AB 64 20.84 50.84 -8.87
CA GLN AB 64 20.70 51.19 -10.28
C GLN AB 64 19.83 52.44 -10.44
N ALA AB 65 18.75 52.54 -9.65
CA ALA AB 65 17.90 53.72 -9.73
C ALA AB 65 18.65 54.99 -9.31
N TYR AB 66 19.45 54.91 -8.24
CA TYR AB 66 20.18 56.09 -7.78
C TYR AB 66 21.25 56.51 -8.78
N ILE AB 67 21.98 55.55 -9.35
CA ILE AB 67 22.99 55.92 -10.35
C ILE AB 67 22.31 56.50 -11.59
N SER AB 68 21.13 55.98 -11.94
CA SER AB 68 20.36 56.55 -13.04
C SER AB 68 19.96 57.99 -12.72
N GLU AB 69 19.58 58.26 -11.47
CA GLU AB 69 19.22 59.62 -11.10
C GLU AB 69 20.42 60.55 -11.23
N ARG AB 70 21.60 60.08 -10.82
CA ARG AB 70 22.80 60.91 -10.96
C ARG AB 70 23.13 61.18 -12.43
N ILE AB 71 23.03 60.16 -13.28
CA ILE AB 71 23.32 60.36 -14.70
C ILE AB 71 22.30 61.29 -15.34
N GLY AB 72 21.03 61.18 -14.93
CA GLY AB 72 19.99 62.05 -15.47
C GLY AB 72 20.05 63.49 -14.98
N SER AB 73 20.62 63.71 -13.79
CA SER AB 73 20.64 65.04 -13.19
C SER AB 73 21.56 66.03 -13.90
N ASP AB 74 22.46 65.58 -14.76
CA ASP AB 74 23.35 66.46 -15.51
C ASP AB 74 22.79 66.87 -16.88
N ALA AB 75 21.56 66.49 -17.18
CA ALA AB 75 20.94 66.83 -18.47
C ALA AB 75 20.96 68.31 -18.86
N PRO AB 76 20.74 69.28 -17.96
CA PRO AB 76 20.73 70.69 -18.42
C PRO AB 76 22.01 71.15 -19.10
N ALA AB 77 23.18 70.66 -18.70
CA ALA AB 77 24.42 71.07 -19.38
C ALA AB 77 24.43 70.63 -20.84
N ALA AB 78 24.04 69.38 -21.10
CA ALA AB 78 23.99 68.90 -22.48
C ALA AB 78 22.89 69.59 -23.27
N ARG AB 79 21.75 69.87 -22.62
CA ARG AB 79 20.70 70.62 -23.29
C ARG AB 79 21.18 72.00 -23.70
N LYS AB 80 21.92 72.67 -22.81
CA LYS AB 80 22.49 73.98 -23.14
C LYS AB 80 23.47 73.86 -24.29
N VAL AB 81 24.30 72.81 -24.29
CA VAL AB 81 25.28 72.65 -25.35
C VAL AB 81 24.58 72.47 -26.71
N VAL AB 82 23.55 71.62 -26.74
CA VAL AB 82 22.85 71.38 -28.01
C VAL AB 82 22.11 72.63 -28.47
N LEU AB 83 21.49 73.36 -27.54
CA LEU AB 83 20.79 74.59 -27.92
C LEU AB 83 21.76 75.64 -28.46
N GLU AB 84 22.91 75.81 -27.79
CA GLU AB 84 23.86 76.82 -28.24
C GLU AB 84 24.46 76.44 -29.59
N ILE AB 85 24.70 75.14 -29.81
CA ILE AB 85 25.19 74.72 -31.13
C ILE AB 85 24.12 74.91 -32.19
N MET AB 86 22.84 74.70 -31.82
CA MET AB 86 21.77 74.97 -32.77
C MET AB 86 21.65 76.46 -33.08
N ASN AB 87 22.12 77.33 -32.18
CA ASN AB 87 22.07 78.76 -32.43
C ASN AB 87 23.45 79.35 -32.71
N ASP AB 88 24.50 78.52 -32.80
CA ASP AB 88 25.84 79.01 -33.10
C ASP AB 88 26.09 78.90 -34.60
N PRO AB 89 26.30 80.01 -35.30
CA PRO AB 89 26.45 79.95 -36.77
C PRO AB 89 27.80 79.44 -37.28
N ASN AB 90 28.84 79.34 -36.45
CA ASN AB 90 30.16 79.01 -36.96
C ASN AB 90 30.45 77.51 -36.99
N GLU AB 91 29.47 76.67 -36.66
CA GLU AB 91 29.65 75.22 -36.70
C GLU AB 91 29.14 74.67 -38.03
N LYS AB 92 29.61 73.46 -38.37
CA LYS AB 92 29.25 72.85 -39.65
C LYS AB 92 27.75 72.65 -39.73
N GLY AB 93 27.21 72.77 -40.95
CA GLY AB 93 25.78 72.77 -41.14
C GLY AB 93 25.12 71.48 -40.67
N GLY AB 94 25.79 70.35 -40.84
CA GLY AB 94 25.23 69.08 -40.40
C GLY AB 94 24.99 69.07 -38.90
N ILE AB 95 25.90 69.70 -38.15
CA ILE AB 95 25.77 69.74 -36.70
C ILE AB 95 24.55 70.60 -36.32
N ARG AB 96 24.37 71.72 -37.01
CA ARG AB 96 23.20 72.56 -36.78
C ARG AB 96 21.93 71.79 -37.06
N LEU AB 97 21.94 71.03 -38.16
CA LEU AB 97 20.76 70.24 -38.55
C LEU AB 97 20.44 69.19 -37.51
N LYS AB 98 21.46 68.49 -37.01
CA LYS AB 98 21.20 67.45 -36.01
C LYS AB 98 20.67 68.04 -34.72
N ALA AB 99 21.24 69.19 -34.28
CA ALA AB 99 20.76 69.82 -33.06
C ALA AB 99 19.32 70.30 -33.21
N ALA AB 100 19.01 70.95 -34.33
CA ALA AB 100 17.65 71.42 -34.58
C ALA AB 100 16.67 70.27 -34.67
N GLN AB 101 17.05 69.19 -35.36
CA GLN AB 101 16.18 68.03 -35.49
C GLN AB 101 15.87 67.43 -34.13
N ASP AB 102 16.91 67.25 -33.30
CA ASP AB 102 16.69 66.64 -31.99
C ASP AB 102 15.81 67.53 -31.11
N ILE AB 103 16.11 68.83 -31.07
CA ILE AB 103 15.36 69.72 -30.17
C ILE AB 103 13.90 69.85 -30.64
N LEU AB 104 13.67 69.90 -31.96
CA LEU AB 104 12.30 69.98 -32.45
C LEU AB 104 11.55 68.67 -32.22
N ASP AB 105 12.23 67.53 -32.39
CA ASP AB 105 11.58 66.26 -32.08
C ASP AB 105 11.21 66.16 -30.61
N ARG AB 106 12.03 66.74 -29.72
CA ARG AB 106 11.62 66.77 -28.32
C ARG AB 106 10.48 67.74 -28.10
N ALA AB 107 10.41 68.81 -28.91
CA ALA AB 107 9.34 69.78 -28.76
C ALA AB 107 7.97 69.16 -29.04
N GLY AB 108 7.93 68.14 -29.90
CA GLY AB 108 6.70 67.42 -30.16
C GLY AB 108 6.25 67.40 -31.61
N PHE AB 109 7.18 67.57 -32.53
CA PHE AB 109 6.89 67.44 -33.96
C PHE AB 109 7.81 66.35 -34.48
N GLY AB 110 7.22 65.19 -34.76
CA GLY AB 110 7.97 63.98 -35.06
C GLY AB 110 7.74 63.46 -36.46
N ALA AB 111 8.04 62.18 -36.67
CA ALA AB 111 7.82 61.60 -37.98
C ALA AB 111 6.35 61.16 -38.10
N LYS AB 112 6.01 60.64 -39.27
CA LYS AB 112 4.63 60.41 -39.68
C LYS AB 112 4.29 58.98 -40.05
N GLN AB 113 3.18 58.81 -40.77
CA GLN AB 113 2.45 57.55 -40.84
C GLN AB 113 3.24 56.41 -41.47
N LYS AB 114 2.85 55.20 -41.08
CA LYS AB 114 3.36 53.94 -41.63
C LYS AB 114 2.19 52.97 -41.62
N ILE AB 115 1.90 52.37 -42.77
CA ILE AB 115 0.70 51.55 -42.94
C ILE AB 115 1.07 50.07 -43.04
N GLU AB 116 0.16 49.22 -42.54
CA GLU AB 116 0.34 47.78 -42.54
C GLU AB 116 -0.82 47.10 -43.27
N LEU AB 117 -0.49 46.12 -44.11
CA LEU AB 117 -1.45 45.29 -44.81
C LEU AB 117 -1.19 43.84 -44.43
N THR AB 118 -2.24 43.12 -44.03
CA THR AB 118 -2.09 41.75 -43.57
C THR AB 118 -2.78 40.76 -44.49
N THR AB 119 -2.14 39.63 -44.70
CA THR AB 119 -2.65 38.54 -45.52
C THR AB 119 -2.48 37.23 -44.75
N LYS AB 120 -3.11 36.17 -45.27
CA LYS AB 120 -3.17 34.91 -44.53
C LYS AB 120 -3.54 33.75 -45.44
N LYS BB 18 5.38 78.68 -4.18
CA LYS BB 18 5.53 77.89 -5.41
C LYS BB 18 6.35 78.67 -6.44
N GLU BB 19 6.44 80.00 -6.26
CA GLU BB 19 7.23 80.81 -7.17
C GLU BB 19 8.72 80.76 -6.84
N LYS BB 20 9.06 80.67 -5.55
CA LYS BB 20 10.47 80.56 -5.18
C LYS BB 20 11.05 79.24 -5.67
N LEU BB 21 10.27 78.16 -5.57
CA LEU BB 21 10.70 76.87 -6.08
C LEU BB 21 10.75 76.88 -7.61
N ASP BB 22 9.86 77.61 -8.26
CA ASP BB 22 9.93 77.72 -9.72
C ASP BB 22 11.22 78.40 -10.16
N LEU BB 23 11.62 79.46 -9.44
CA LEU BB 23 12.92 80.08 -9.72
C LEU BB 23 14.05 79.10 -9.41
N TYR BB 24 13.89 78.30 -8.36
CA TYR BB 24 14.88 77.27 -8.04
C TYR BB 24 15.04 76.28 -9.19
N CYS BB 25 13.93 75.83 -9.76
CA CYS BB 25 14.01 74.90 -10.89
C CYS BB 25 14.66 75.55 -12.10
N GLU BB 26 14.31 76.81 -12.40
CA GLU BB 26 14.92 77.49 -13.54
C GLU BB 26 16.42 77.65 -13.32
N ALA BB 27 16.82 77.97 -12.07
CA ALA BB 27 18.24 78.08 -11.75
C ALA BB 27 18.94 76.74 -11.87
N LEU BB 28 18.28 75.66 -11.46
CA LEU BB 28 18.86 74.32 -11.64
C LEU BB 28 19.05 74.01 -13.12
N CYS BB 29 18.10 74.42 -13.95
CA CYS BB 29 18.22 74.18 -15.39
C CYS BB 29 19.32 75.03 -16.03
N ASP BB 30 19.54 76.25 -15.55
CA ASP BB 30 20.47 77.15 -16.23
C ASP BB 30 21.87 77.22 -15.64
N GLY BB 31 22.02 77.25 -14.32
CA GLY BB 31 23.34 77.47 -13.75
C GLY BB 31 24.07 76.27 -13.19
N PHE BB 32 23.72 75.07 -13.66
CA PHE BB 32 24.42 73.82 -13.39
C PHE BB 32 25.02 73.66 -11.99
N ASN BB 33 24.26 73.98 -10.94
CA ASN BB 33 24.74 73.76 -9.58
C ASN BB 33 23.56 73.46 -8.68
N LYS BB 34 23.62 72.33 -7.97
CA LYS BB 34 22.54 72.00 -7.05
C LYS BB 34 22.71 72.71 -5.71
N THR BB 35 23.92 72.74 -5.18
CA THR BB 35 24.16 73.35 -3.87
C THR BB 35 24.05 74.87 -3.95
N GLN BB 36 24.63 75.46 -5.00
CA GLN BB 36 24.60 76.92 -5.17
C GLN BB 36 23.17 77.41 -5.37
N ALA BB 37 22.38 76.69 -6.17
CA ALA BB 37 21.00 77.09 -6.43
C ALA BB 37 20.16 77.08 -5.17
N TYR BB 38 20.35 76.08 -4.30
CA TYR BB 38 19.51 75.98 -3.11
C TYR BB 38 19.74 77.16 -2.16
N ILE BB 39 21.01 77.52 -1.93
CA ILE BB 39 21.30 78.67 -1.07
C ILE BB 39 20.94 79.97 -1.78
N LYS BB 40 21.03 80.01 -3.11
CA LYS BB 40 20.66 81.23 -3.84
C LYS BB 40 19.15 81.40 -3.90
N ALA BB 41 18.39 80.35 -3.62
CA ALA BB 41 16.94 80.47 -3.59
C ALA BB 41 16.47 81.33 -2.43
N GLY BB 42 17.16 81.27 -1.29
CA GLY BB 42 16.77 82.05 -0.15
C GLY BB 42 16.64 81.18 1.09
N PHE BB 43 17.38 80.08 1.11
CA PHE BB 43 17.18 79.02 2.09
C PHE BB 43 18.36 78.97 3.07
N SER BB 44 18.29 78.01 3.99
CA SER BB 44 19.26 77.90 5.08
C SER BB 44 20.61 77.40 4.58
N ALA BB 45 21.67 78.06 5.04
CA ALA BB 45 23.06 77.80 4.71
C ALA BB 45 23.61 76.53 5.33
N PRO BB 46 23.20 76.18 6.55
CA PRO BB 46 23.90 75.12 7.29
C PRO BB 46 23.95 73.74 6.63
N HIS BB 47 22.80 73.14 6.29
CA HIS BB 47 22.78 71.79 5.72
C HIS BB 47 21.91 71.76 4.46
N ALA BB 48 22.27 72.61 3.49
CA ALA BB 48 21.54 72.64 2.22
C ALA BB 48 21.69 71.31 1.49
N GLN BB 49 22.90 70.73 1.53
CA GLN BB 49 23.21 69.48 0.85
C GLN BB 49 22.29 68.35 1.29
N ARG BB 50 21.70 68.43 2.48
CA ARG BB 50 20.82 67.38 2.98
C ARG BB 50 19.37 67.73 2.68
N ASN BB 51 18.89 68.85 3.23
CA ASN BB 51 17.53 69.35 3.01
C ASN BB 51 17.13 69.32 1.53
N VAL BB 52 18.12 69.32 0.63
CA VAL BB 52 17.79 69.35 -0.79
C VAL BB 52 17.38 67.97 -1.31
N ALA BB 53 17.97 66.89 -0.80
CA ALA BB 53 17.62 65.55 -1.27
C ALA BB 53 16.16 65.19 -1.05
N PRO BB 54 15.58 65.37 0.14
CA PRO BB 54 14.13 65.08 0.29
C PRO BB 54 13.28 65.93 -0.63
N TYR BB 55 13.65 67.20 -0.78
CA TYR BB 55 12.91 68.09 -1.68
C TYR BB 55 13.06 67.66 -3.14
N HIS BB 56 14.24 67.17 -3.52
CA HIS BB 56 14.43 66.75 -4.91
C HIS BB 56 13.66 65.47 -5.20
N ARG BB 57 13.61 64.53 -4.25
CA ARG BB 57 12.86 63.31 -4.51
C ARG BB 57 11.35 63.55 -4.42
N LYS BB 58 10.93 64.54 -3.64
CA LYS BB 58 9.52 64.84 -3.44
C LYS BB 58 8.93 65.77 -4.49
N ASN BB 59 9.75 66.41 -5.32
CA ASN BB 59 9.27 67.36 -6.32
C ASN BB 59 9.89 67.10 -7.69
N ALA BB 60 10.14 65.84 -8.02
CA ALA BB 60 10.78 65.52 -9.30
C ALA BB 60 9.90 65.89 -10.48
N GLU BB 61 8.59 65.67 -10.37
CA GLU BB 61 7.69 65.89 -11.51
C GLU BB 61 7.69 67.35 -11.96
N TYR BB 62 7.60 68.31 -11.03
CA TYR BB 62 7.58 69.70 -11.45
C TYR BB 62 8.93 70.14 -12.00
N ILE BB 63 10.02 69.62 -11.44
CA ILE BB 63 11.34 69.96 -11.96
C ILE BB 63 11.45 69.49 -13.40
N GLN BB 64 11.00 68.26 -13.66
CA GLN BB 64 11.03 67.73 -15.02
C GLN BB 64 10.12 68.53 -15.95
N ALA BB 65 8.94 68.92 -15.49
CA ALA BB 65 8.04 69.70 -16.33
C ALA BB 65 8.65 71.05 -16.70
N TYR BB 66 9.24 71.74 -15.72
CA TYR BB 66 9.84 73.04 -16.00
C TYR BB 66 11.05 72.92 -16.92
N ILE BB 67 11.90 71.91 -16.71
CA ILE BB 67 13.03 71.75 -17.61
C ILE BB 67 12.55 71.42 -19.02
N SER BB 68 11.48 70.61 -19.12
CA SER BB 68 10.91 70.29 -20.43
C SER BB 68 10.37 71.52 -21.13
N GLU BB 69 9.66 72.40 -20.40
CA GLU BB 69 9.14 73.61 -21.04
C GLU BB 69 10.27 74.53 -21.46
N ARG BB 70 11.33 74.63 -20.65
CA ARG BB 70 12.48 75.45 -21.05
C ARG BB 70 13.15 74.88 -22.30
N ILE BB 71 13.29 73.56 -22.36
CA ILE BB 71 13.91 72.93 -23.53
C ILE BB 71 13.04 73.15 -24.77
N GLY BB 72 11.71 73.07 -24.60
CA GLY BB 72 10.81 73.28 -25.72
C GLY BB 72 10.69 74.72 -26.18
N SER BB 73 10.97 75.68 -25.29
CA SER BB 73 10.80 77.09 -25.65
C SER BB 73 11.83 77.59 -26.66
N ASP BB 74 12.92 76.88 -26.87
CA ASP BB 74 13.89 77.27 -27.89
C ASP BB 74 13.64 76.60 -29.23
N ALA BB 75 12.61 75.77 -29.34
CA ALA BB 75 12.29 75.13 -30.61
C ALA BB 75 12.05 76.09 -31.78
N PRO BB 76 11.36 77.21 -31.63
CA PRO BB 76 11.18 78.12 -32.79
C PRO BB 76 12.48 78.61 -33.38
N ALA BB 77 13.51 78.83 -32.54
CA ALA BB 77 14.81 79.23 -33.06
C ALA BB 77 15.39 78.15 -33.95
N ALA BB 78 15.27 76.88 -33.54
CA ALA BB 78 15.78 75.78 -34.37
C ALA BB 78 14.97 75.63 -35.65
N ARG BB 79 13.66 75.88 -35.59
CA ARG BB 79 12.85 75.86 -36.80
C ARG BB 79 13.32 76.94 -37.78
N LYS BB 80 13.60 78.14 -37.25
CA LYS BB 80 14.13 79.20 -38.08
C LYS BB 80 15.49 78.81 -38.66
N VAL BB 81 16.31 78.14 -37.86
CA VAL BB 81 17.65 77.75 -38.32
C VAL BB 81 17.54 76.74 -39.46
N VAL BB 82 16.68 75.73 -39.31
CA VAL BB 82 16.55 74.72 -40.35
C VAL BB 82 15.95 75.32 -41.61
N LEU BB 83 15.02 76.27 -41.47
CA LEU BB 83 14.49 76.94 -42.65
C LEU BB 83 15.58 77.76 -43.34
N GLU BB 84 16.41 78.48 -42.56
CA GLU BB 84 17.43 79.35 -43.12
C GLU BB 84 18.55 78.58 -43.81
N ILE BB 85 18.95 77.43 -43.25
CA ILE BB 85 20.04 76.67 -43.86
C ILE BB 85 19.66 76.11 -45.22
N MET BB 86 18.37 75.80 -45.43
CA MET BB 86 17.92 75.30 -46.72
C MET BB 86 18.03 76.32 -47.85
N ASN BB 87 18.08 77.61 -47.54
CA ASN BB 87 18.12 78.63 -48.59
C ASN BB 87 19.49 79.29 -48.77
N ASP BB 88 20.53 78.81 -48.10
CA ASP BB 88 21.86 79.39 -48.26
C ASP BB 88 22.63 78.63 -49.35
N PRO BB 89 23.00 79.28 -50.45
CA PRO BB 89 23.67 78.55 -51.55
C PRO BB 89 25.12 78.16 -51.26
N ASN BB 90 25.76 78.74 -50.25
CA ASN BB 90 27.18 78.50 -50.02
C ASN BB 90 27.44 77.30 -49.13
N GLU BB 91 26.40 76.60 -48.70
CA GLU BB 91 26.53 75.40 -47.89
C GLU BB 91 26.43 74.18 -48.79
N LYS BB 92 26.97 73.05 -48.34
CA LYS BB 92 26.96 71.84 -49.14
C LYS BB 92 25.53 71.38 -49.39
N GLY BB 93 25.31 70.82 -50.58
CA GLY BB 93 23.96 70.49 -51.01
C GLY BB 93 23.27 69.47 -50.14
N GLY BB 94 24.03 68.50 -49.61
CA GLY BB 94 23.45 67.46 -48.78
C GLY BB 94 22.76 68.02 -47.55
N ILE BB 95 23.33 69.08 -46.98
CA ILE BB 95 22.73 69.66 -45.78
C ILE BB 95 21.36 70.24 -46.09
N ARG BB 96 21.25 70.97 -47.20
CA ARG BB 96 19.94 71.49 -47.61
C ARG BB 96 18.97 70.38 -47.94
N LEU BB 97 19.45 69.31 -48.58
CA LEU BB 97 18.55 68.22 -48.92
C LEU BB 97 17.99 67.56 -47.65
N LYS BB 98 18.85 67.28 -46.67
CA LYS BB 98 18.36 66.65 -45.45
C LYS BB 98 17.48 67.60 -44.64
N ALA BB 99 17.81 68.90 -44.62
CA ALA BB 99 16.96 69.86 -43.93
C ALA BB 99 15.58 69.94 -44.55
N ALA BB 100 15.51 69.97 -45.88
CA ALA BB 100 14.23 69.96 -46.57
C ALA BB 100 13.47 68.68 -46.27
N GLN BB 101 14.17 67.55 -46.26
CA GLN BB 101 13.53 66.29 -45.91
C GLN BB 101 12.93 66.34 -44.51
N ASP BB 102 13.67 66.91 -43.56
CA ASP BB 102 13.18 67.00 -42.18
C ASP BB 102 11.94 67.89 -42.10
N ILE BB 103 12.00 69.06 -42.73
CA ILE BB 103 10.88 69.99 -42.62
C ILE BB 103 9.64 69.41 -43.30
N LEU BB 104 9.83 68.69 -44.41
CA LEU BB 104 8.71 68.01 -45.05
C LEU BB 104 8.19 66.87 -44.16
N ASP BB 105 9.08 66.19 -43.43
CA ASP BB 105 8.62 65.19 -42.47
C ASP BB 105 7.74 65.83 -41.41
N ARG BB 106 8.04 67.07 -41.04
CA ARG BB 106 7.12 67.82 -40.17
C ARG BB 106 5.84 68.19 -40.91
N ALA BB 107 5.93 68.37 -42.24
CA ALA BB 107 4.75 68.72 -43.02
C ALA BB 107 3.69 67.62 -42.98
N GLY BB 108 4.10 66.36 -42.83
CA GLY BB 108 3.13 65.29 -42.70
C GLY BB 108 3.20 64.16 -43.72
N PHE BB 109 4.39 63.88 -44.26
CA PHE BB 109 4.58 62.80 -45.23
C PHE BB 109 5.58 61.79 -44.71
N GLY BB 110 5.12 60.55 -44.52
CA GLY BB 110 5.88 59.50 -43.90
C GLY BB 110 6.21 58.38 -44.86
N ALA BB 111 6.54 57.22 -44.29
CA ALA BB 111 6.91 56.05 -45.08
C ALA BB 111 5.65 55.30 -45.54
N LYS BB 112 5.86 54.17 -46.22
CA LYS BB 112 4.79 53.48 -46.95
C LYS BB 112 4.62 52.02 -46.53
N GLN BB 113 3.92 51.24 -47.36
CA GLN BB 113 3.28 50.00 -46.94
C GLN BB 113 4.26 48.92 -46.52
N LYS BB 114 3.76 48.03 -45.65
CA LYS BB 114 4.39 46.82 -45.09
C LYS BB 114 3.39 45.70 -44.94
N ILE BB 115 3.78 44.49 -45.38
CA ILE BB 115 2.94 43.31 -45.34
C ILE BB 115 3.50 42.34 -44.31
N GLU BB 116 2.62 41.66 -43.57
CA GLU BB 116 2.99 40.68 -42.55
C GLU BB 116 2.30 39.35 -42.81
N LEU BB 117 3.05 38.25 -42.63
CA LEU BB 117 2.50 36.91 -42.74
C LEU BB 117 2.68 36.19 -41.41
N THR BB 118 1.57 35.73 -40.83
CA THR BB 118 1.58 34.97 -39.58
C THR BB 118 0.92 33.62 -39.82
N THR BB 119 1.50 32.57 -39.25
CA THR BB 119 0.91 31.25 -39.43
C THR BB 119 0.74 30.49 -38.13
N LYS BB 120 1.69 30.62 -37.20
CA LYS BB 120 1.69 29.87 -35.93
C LYS BB 120 1.59 28.37 -36.17
N PRO CB 14 139.67 67.69 -34.51
CA PRO CB 14 139.95 66.64 -35.49
C PRO CB 14 139.75 67.10 -36.93
N LEU CB 15 140.86 67.31 -37.62
CA LEU CB 15 140.94 67.83 -38.98
C LEU CB 15 142.10 67.13 -39.67
N THR CB 16 142.69 67.77 -40.70
CA THR CB 16 143.54 67.13 -41.70
C THR CB 16 142.67 66.14 -42.48
N PRO CB 17 141.84 66.66 -43.39
CA PRO CB 17 140.68 65.89 -43.88
C PRO CB 17 140.98 64.62 -44.64
N LYS CB 18 142.25 64.18 -44.69
CA LYS CB 18 142.51 62.83 -45.21
C LYS CB 18 141.74 61.80 -44.40
N GLU CB 19 141.43 62.12 -43.14
CA GLU CB 19 140.59 61.26 -42.32
C GLU CB 19 139.13 61.47 -42.68
N LYS CB 20 138.77 62.71 -43.00
CA LYS CB 20 137.41 63.01 -43.46
C LYS CB 20 137.17 62.40 -44.83
N LEU CB 21 138.18 62.42 -45.70
CA LEU CB 21 138.04 61.76 -47.00
C LEU CB 21 137.97 60.25 -46.85
N ASP CB 22 138.71 59.69 -45.89
CA ASP CB 22 138.59 58.26 -45.63
C ASP CB 22 137.18 57.91 -45.16
N LEU CB 23 136.61 58.75 -44.30
CA LEU CB 23 135.21 58.54 -43.88
C LEU CB 23 134.24 58.68 -45.05
N TYR CB 24 134.50 59.63 -45.95
CA TYR CB 24 133.65 59.77 -47.13
C TYR CB 24 133.69 58.54 -48.01
N CYS CB 25 134.89 58.00 -48.24
CA CYS CB 25 135.02 56.79 -49.04
C CYS CB 25 134.33 55.60 -48.36
N GLU CB 26 134.49 55.47 -47.05
CA GLU CB 26 133.84 54.37 -46.34
C GLU CB 26 132.33 54.49 -46.40
N ALA CB 27 131.81 55.71 -46.28
CA ALA CB 27 130.37 55.93 -46.39
C ALA CB 27 129.88 55.58 -47.79
N LEU CB 28 130.67 55.92 -48.82
CA LEU CB 28 130.33 55.52 -50.18
C LEU CB 28 130.34 54.01 -50.32
N CYS CB 29 131.26 53.34 -49.61
CA CYS CB 29 131.33 51.88 -49.67
C CYS CB 29 130.13 51.24 -48.99
N ASP CB 30 129.60 51.87 -47.94
CA ASP CB 30 128.48 51.31 -47.18
C ASP CB 30 127.14 51.86 -47.63
N GLY CB 31 127.08 53.15 -47.94
CA GLY CB 31 125.84 53.79 -48.33
C GLY CB 31 125.82 54.00 -49.84
N PHE CB 32 124.87 53.34 -50.50
CA PHE CB 32 124.71 53.46 -51.94
C PHE CB 32 123.92 54.72 -52.30
N ASN CB 33 124.33 55.86 -51.74
CA ASN CB 33 123.72 57.13 -52.06
C ASN CB 33 124.82 58.17 -51.94
N LYS CB 34 124.97 58.99 -52.97
CA LYS CB 34 126.03 59.99 -52.98
C LYS CB 34 125.69 61.17 -52.09
N THR CB 35 124.43 61.64 -52.13
CA THR CB 35 124.05 62.81 -51.37
C THR CB 35 124.04 62.52 -49.88
N GLN CB 36 123.50 61.37 -49.48
CA GLN CB 36 123.47 61.00 -48.07
C GLN CB 36 124.87 60.80 -47.53
N ALA CB 37 125.74 60.13 -48.29
CA ALA CB 37 127.11 59.93 -47.86
C ALA CB 37 127.83 61.25 -47.71
N TYR CB 38 127.59 62.19 -48.64
CA TYR CB 38 128.21 63.50 -48.54
C TYR CB 38 127.68 64.27 -47.34
N ILE CB 39 126.38 64.15 -47.05
CA ILE CB 39 125.78 64.85 -45.93
C ILE CB 39 126.32 64.31 -44.62
N LYS CB 40 126.68 63.03 -44.58
CA LYS CB 40 127.25 62.49 -43.35
C LYS CB 40 128.70 62.92 -43.12
N ALA CB 41 129.39 63.45 -44.14
CA ALA CB 41 130.80 63.79 -43.96
C ALA CB 41 131.03 64.97 -43.01
N GLY CB 42 130.18 66.00 -43.08
CA GLY CB 42 130.37 67.14 -42.19
C GLY CB 42 130.41 68.47 -42.90
N PHE CB 43 129.83 68.52 -44.10
CA PHE CB 43 129.86 69.66 -44.99
C PHE CB 43 128.46 70.26 -45.08
N SER CB 44 128.28 71.25 -45.96
CA SER CB 44 127.02 71.96 -46.00
C SER CB 44 125.90 71.08 -46.52
N ALA CB 45 124.82 70.98 -45.76
CA ALA CB 45 123.67 70.15 -46.09
C ALA CB 45 122.78 70.79 -47.15
N PRO CB 46 122.46 72.09 -47.02
CA PRO CB 46 121.51 72.71 -47.95
C PRO CB 46 122.06 72.77 -49.36
N HIS CB 47 121.18 73.01 -50.31
CA HIS CB 47 121.55 73.09 -51.73
C HIS CB 47 122.22 71.78 -52.15
N ALA CB 48 121.41 70.73 -52.17
CA ALA CB 48 121.90 69.37 -52.39
C ALA CB 48 121.73 68.90 -53.84
N GLN CB 49 122.22 69.71 -54.77
CA GLN CB 49 122.22 69.37 -56.19
C GLN CB 49 123.60 69.65 -56.76
N ARG CB 50 124.33 70.59 -56.13
CA ARG CB 50 125.65 71.02 -56.61
C ARG CB 50 126.64 71.05 -55.45
N ASN CB 51 127.88 71.44 -55.79
CA ASN CB 51 129.03 71.55 -54.91
C ASN CB 51 129.58 70.18 -54.52
N VAL CB 52 128.80 69.12 -54.74
CA VAL CB 52 129.27 67.79 -54.36
C VAL CB 52 130.14 67.20 -55.47
N ALA CB 53 129.76 67.43 -56.73
CA ALA CB 53 130.55 66.96 -57.86
C ALA CB 53 131.95 67.54 -57.92
N PRO CB 54 132.18 68.84 -57.71
CA PRO CB 54 133.56 69.35 -57.76
C PRO CB 54 134.47 68.68 -56.75
N TYR CB 55 133.96 68.39 -55.54
CA TYR CB 55 134.78 67.69 -54.56
C TYR CB 55 135.08 66.27 -55.00
N HIS CB 56 134.12 65.62 -55.67
CA HIS CB 56 134.30 64.24 -56.08
C HIS CB 56 135.28 64.10 -57.25
N ARG CB 57 135.24 65.02 -58.21
CA ARG CB 57 136.11 64.87 -59.38
C ARG CB 57 137.55 65.26 -59.11
N LYS CB 58 137.82 66.10 -58.12
CA LYS CB 58 139.18 66.56 -57.85
C LYS CB 58 139.99 65.57 -57.03
N ASN CB 59 139.37 64.54 -56.45
CA ASN CB 59 140.09 63.55 -55.65
C ASN CB 59 139.71 62.14 -56.07
N ALA CB 60 139.47 61.94 -57.36
CA ALA CB 60 139.07 60.63 -57.87
C ALA CB 60 140.18 59.60 -57.70
N GLU CB 61 141.44 60.01 -57.83
CA GLU CB 61 142.55 59.07 -57.76
C GLU CB 61 142.60 58.38 -56.40
N TYR CB 62 142.41 59.14 -55.31
CA TYR CB 62 142.40 58.51 -54.00
C TYR CB 62 141.19 57.60 -53.82
N ILE CB 63 140.05 57.95 -54.43
CA ILE CB 63 138.88 57.09 -54.39
C ILE CB 63 139.19 55.74 -55.05
N GLN CB 64 139.85 55.79 -56.22
CA GLN CB 64 140.23 54.56 -56.90
C GLN CB 64 141.21 53.74 -56.07
N ALA CB 65 142.19 54.42 -55.44
CA ALA CB 65 143.14 53.71 -54.59
C ALA CB 65 142.44 53.03 -53.42
N TYR CB 66 141.47 53.73 -52.81
CA TYR CB 66 140.74 53.15 -51.69
C TYR CB 66 139.89 51.96 -52.13
N ILE CB 67 139.26 52.05 -53.30
CA ILE CB 67 138.47 50.93 -53.80
C ILE CB 67 139.36 49.72 -54.06
N SER CB 68 140.56 49.97 -54.62
CA SER CB 68 141.51 48.89 -54.84
C SER CB 68 141.94 48.27 -53.52
N GLU CB 69 142.19 49.10 -52.51
CA GLU CB 69 142.60 48.59 -51.21
C GLU CB 69 141.50 47.76 -50.56
N ARG CB 70 140.24 48.19 -50.68
CA ARG CB 70 139.15 47.40 -50.13
C ARG CB 70 139.02 46.06 -50.84
N ILE CB 71 139.15 46.04 -52.16
CA ILE CB 71 139.07 44.78 -52.90
C ILE CB 71 140.22 43.86 -52.51
N GLY CB 72 141.42 44.41 -52.34
CA GLY CB 72 142.54 43.58 -51.94
C GLY CB 72 142.42 43.07 -50.52
N SER CB 73 141.80 43.86 -49.63
CA SER CB 73 141.59 43.40 -48.27
C SER CB 73 140.44 42.40 -48.19
N ASP CB 74 139.56 42.37 -49.18
CA ASP CB 74 138.50 41.35 -49.21
C ASP CB 74 138.91 40.13 -50.00
N ALA CB 75 140.08 40.16 -50.64
CA ALA CB 75 140.58 38.96 -51.33
C ALA CB 75 140.68 37.72 -50.43
N PRO CB 76 141.15 37.81 -49.18
CA PRO CB 76 141.18 36.59 -48.35
C PRO CB 76 139.83 35.95 -48.17
N ALA CB 77 138.75 36.73 -48.16
CA ALA CB 77 137.41 36.15 -48.14
C ALA CB 77 137.19 35.27 -49.36
N ALA CB 78 137.64 35.74 -50.53
CA ALA CB 78 137.52 34.93 -51.74
C ALA CB 78 138.36 33.68 -51.67
N ARG CB 79 139.56 33.77 -51.07
CA ARG CB 79 140.37 32.56 -50.92
C ARG CB 79 139.68 31.54 -50.00
N LYS CB 80 139.12 32.00 -48.89
CA LYS CB 80 138.42 31.10 -47.98
C LYS CB 80 137.18 30.49 -48.64
N VAL CB 81 136.40 31.30 -49.35
CA VAL CB 81 135.19 30.77 -49.96
C VAL CB 81 135.54 29.77 -51.07
N VAL CB 82 136.54 30.06 -51.90
CA VAL CB 82 136.88 29.12 -52.97
C VAL CB 82 137.44 27.83 -52.39
N LEU CB 83 138.22 27.91 -51.31
CA LEU CB 83 138.70 26.69 -50.67
C LEU CB 83 137.52 25.91 -50.09
N GLU CB 84 136.53 26.61 -49.51
CA GLU CB 84 135.36 25.94 -48.97
C GLU CB 84 134.55 25.28 -50.09
N ILE CB 85 134.50 25.89 -51.27
CA ILE CB 85 133.84 25.26 -52.40
C ILE CB 85 134.59 24.01 -52.80
N MET CB 86 135.92 24.04 -52.69
CA MET CB 86 136.70 22.82 -52.86
C MET CB 86 136.46 21.84 -51.72
N ASN CB 87 135.97 22.32 -50.58
CA ASN CB 87 135.73 21.50 -49.40
C ASN CB 87 134.25 21.22 -49.15
N ASP CB 88 133.37 21.58 -50.08
CA ASP CB 88 131.94 21.36 -49.90
C ASP CB 88 131.56 19.99 -50.45
N PRO CB 89 131.15 19.02 -49.62
CA PRO CB 89 130.78 17.71 -50.15
C PRO CB 89 129.40 17.69 -50.79
N ASN CB 90 128.56 18.68 -50.50
CA ASN CB 90 127.17 18.70 -50.95
C ASN CB 90 126.98 19.44 -52.28
N GLU CB 91 128.05 19.91 -52.89
CA GLU CB 91 127.93 20.66 -54.14
C GLU CB 91 128.17 19.76 -55.34
N LYS CB 92 127.61 20.17 -56.48
CA LYS CB 92 127.72 19.40 -57.71
C LYS CB 92 129.18 19.31 -58.15
N GLY CB 93 129.54 18.18 -58.76
CA GLY CB 93 130.93 17.91 -59.07
C GLY CB 93 131.56 18.92 -60.01
N GLY CB 94 130.78 19.43 -60.97
CA GLY CB 94 131.32 20.40 -61.91
C GLY CB 94 131.80 21.67 -61.24
N ILE CB 95 131.07 22.12 -60.22
CA ILE CB 95 131.45 23.34 -59.51
C ILE CB 95 132.78 23.12 -58.79
N ARG CB 96 132.94 21.97 -58.14
CA ARG CB 96 134.20 21.64 -57.49
C ARG CB 96 135.32 21.56 -58.51
N LEU CB 97 135.04 21.02 -59.70
CA LEU CB 97 136.04 20.94 -60.75
C LEU CB 97 136.50 22.33 -61.16
N LYS CB 98 135.55 23.25 -61.34
CA LYS CB 98 135.92 24.62 -61.73
C LYS CB 98 136.69 25.32 -60.63
N ALA CB 99 136.32 25.10 -59.37
CA ALA CB 99 137.06 25.69 -58.26
C ALA CB 99 138.49 25.16 -58.22
N ALA CB 100 138.67 23.86 -58.40
CA ALA CB 100 140.00 23.27 -58.43
C ALA CB 100 140.81 23.84 -59.59
N GLN CB 101 140.18 23.98 -60.75
CA GLN CB 101 140.86 24.55 -61.91
C GLN CB 101 141.35 25.95 -61.61
N ASP CB 102 140.49 26.78 -61.00
CA ASP CB 102 140.88 28.15 -60.70
C ASP CB 102 142.01 28.22 -59.69
N ILE CB 103 141.92 27.45 -58.61
CA ILE CB 103 142.96 27.55 -57.58
C ILE CB 103 144.29 27.00 -58.09
N LEU CB 104 144.25 25.93 -58.90
CA LEU CB 104 145.51 25.43 -59.47
C LEU CB 104 146.09 26.44 -60.45
N ASP CB 105 145.22 27.12 -61.21
CA ASP CB 105 145.69 28.20 -62.07
C ASP CB 105 146.31 29.32 -61.24
N ARG CB 106 145.79 29.53 -60.03
CA ARG CB 106 146.38 30.50 -59.11
C ARG CB 106 147.74 30.05 -58.61
N ALA CB 107 147.96 28.73 -58.49
CA ALA CB 107 149.25 28.27 -58.00
C ALA CB 107 150.39 28.65 -58.96
N GLY CB 108 150.10 28.70 -60.26
CA GLY CB 108 151.07 29.18 -61.22
C GLY CB 108 151.47 28.14 -62.26
N PHE CB 109 150.61 27.16 -62.51
CA PHE CB 109 150.89 26.12 -63.49
C PHE CB 109 149.74 26.03 -64.48
N GLY CB 110 150.03 26.39 -65.73
CA GLY CB 110 149.02 26.53 -66.77
C GLY CB 110 149.15 25.54 -67.90
N ALA CB 111 148.54 25.87 -69.04
CA ALA CB 111 148.57 25.04 -70.23
C ALA CB 111 149.87 25.32 -70.99
N LYS CB 112 150.04 24.71 -72.17
CA LYS CB 112 151.34 24.70 -72.83
C LYS CB 112 151.32 25.29 -74.23
N GLN CB 113 152.38 25.02 -75.00
CA GLN CB 113 152.78 25.84 -76.14
C GLN CB 113 151.78 25.81 -77.30
N LYS CB 114 151.80 26.88 -78.09
CA LYS CB 114 151.06 27.03 -79.33
C LYS CB 114 151.91 27.87 -80.28
N ILE CB 115 152.05 27.41 -81.53
CA ILE CB 115 152.97 28.02 -82.48
C ILE CB 115 152.21 28.82 -83.53
N GLU CB 116 152.82 29.91 -83.98
CA GLU CB 116 152.26 30.81 -84.97
C GLU CB 116 153.20 30.93 -86.16
N LEU CB 117 152.63 30.97 -87.38
CA LEU CB 117 153.40 31.10 -88.61
C LEU CB 117 153.02 32.39 -89.32
N THR CB 118 154.02 33.18 -89.68
CA THR CB 118 153.85 34.48 -90.31
C THR CB 118 154.41 34.52 -91.73
N THR CB 119 153.72 35.23 -92.61
CA THR CB 119 154.13 35.40 -93.99
C THR CB 119 154.09 36.89 -94.34
N LYS CB 120 154.93 37.29 -95.30
CA LYS CB 120 155.09 38.70 -95.62
C LYS CB 120 153.80 39.29 -96.18
N LEU DB 15 162.02 38.10 -29.36
CA LEU DB 15 161.41 36.82 -29.73
C LEU DB 15 161.98 36.31 -31.03
N THR DB 16 161.30 36.64 -32.14
CA THR DB 16 161.71 36.25 -33.48
C THR DB 16 160.88 37.01 -34.52
N PRO DB 17 161.47 37.40 -35.64
CA PRO DB 17 160.68 38.06 -36.69
C PRO DB 17 160.02 37.06 -37.62
N LYS DB 18 159.34 37.57 -38.65
CA LYS DB 18 158.77 36.76 -39.72
C LYS DB 18 157.71 35.78 -39.22
N GLU DB 19 157.12 36.05 -38.05
CA GLU DB 19 156.07 35.21 -37.48
C GLU DB 19 154.79 35.97 -37.18
N LYS DB 20 154.88 37.24 -36.77
CA LYS DB 20 153.69 38.04 -36.50
C LYS DB 20 152.92 38.33 -37.79
N LEU DB 21 153.63 38.58 -38.88
CA LEU DB 21 152.97 38.84 -40.16
C LEU DB 21 152.30 37.59 -40.72
N ASP DB 22 152.88 36.41 -40.50
CA ASP DB 22 152.23 35.18 -40.96
C ASP DB 22 150.90 34.96 -40.23
N LEU DB 23 150.89 35.19 -38.92
CA LEU DB 23 149.64 35.14 -38.18
C LEU DB 23 148.68 36.22 -38.67
N TYR DB 24 149.22 37.38 -39.03
CA TYR DB 24 148.42 38.48 -39.57
C TYR DB 24 147.71 38.07 -40.86
N CYS DB 25 148.43 37.44 -41.78
CA CYS DB 25 147.81 36.98 -43.02
C CYS DB 25 146.77 35.89 -42.74
N GLU DB 26 147.09 34.96 -41.83
CA GLU DB 26 146.12 33.91 -41.51
C GLU DB 26 144.85 34.49 -40.91
N ALA DB 27 145.00 35.50 -40.05
CA ALA DB 27 143.83 36.16 -39.47
C ALA DB 27 143.02 36.88 -40.53
N LEU DB 28 143.69 37.51 -41.50
CA LEU DB 28 142.97 38.11 -42.63
C LEU DB 28 142.21 37.05 -43.41
N CYS DB 29 142.81 35.86 -43.53
CA CYS DB 29 142.14 34.76 -44.22
C CYS DB 29 140.94 34.25 -43.44
N ASP DB 30 140.96 34.34 -42.12
CA ASP DB 30 139.90 33.71 -41.34
C ASP DB 30 138.74 34.64 -40.99
N GLY DB 31 139.02 35.86 -40.51
CA GLY DB 31 137.89 36.66 -40.09
C GLY DB 31 137.53 37.86 -40.95
N PHE DB 32 137.98 37.88 -42.20
CA PHE DB 32 137.67 38.90 -43.20
C PHE DB 32 137.56 40.31 -42.61
N ASN DB 33 138.47 40.63 -41.68
CA ASN DB 33 138.56 41.95 -41.08
C ASN DB 33 140.00 42.10 -40.58
N LYS DB 34 140.65 43.18 -40.98
CA LYS DB 34 142.02 43.41 -40.55
C LYS DB 34 142.10 44.00 -39.14
N THR DB 35 141.17 44.91 -38.79
CA THR DB 35 141.33 45.69 -37.58
C THR DB 35 141.17 44.85 -36.31
N GLN DB 36 140.15 44.00 -36.23
CA GLN DB 36 139.99 43.21 -35.00
C GLN DB 36 141.15 42.24 -34.83
N ALA DB 37 141.58 41.60 -35.92
CA ALA DB 37 142.69 40.66 -35.85
C ALA DB 37 143.98 41.36 -35.42
N TYR DB 38 144.26 42.55 -35.96
CA TYR DB 38 145.49 43.23 -35.59
C TYR DB 38 145.43 43.72 -34.15
N ILE DB 39 144.30 44.27 -33.71
CA ILE DB 39 144.24 44.78 -32.34
C ILE DB 39 144.28 43.65 -31.32
N LYS DB 40 143.69 42.49 -31.64
CA LYS DB 40 143.78 41.36 -30.73
C LYS DB 40 145.09 40.59 -30.82
N ALA DB 41 145.84 40.76 -31.91
CA ALA DB 41 147.06 39.99 -32.07
C ALA DB 41 148.20 40.40 -31.13
N GLY DB 42 148.74 41.60 -31.27
CA GLY DB 42 149.81 41.96 -30.37
C GLY DB 42 150.12 43.41 -30.06
N PHE DB 43 149.18 44.34 -30.24
CA PHE DB 43 149.52 45.75 -30.06
C PHE DB 43 148.41 46.47 -29.32
N SER DB 44 148.66 47.76 -29.10
CA SER DB 44 147.80 48.63 -28.30
C SER DB 44 146.53 49.04 -29.05
N ALA DB 45 145.40 48.97 -28.36
CA ALA DB 45 144.09 49.36 -28.89
C ALA DB 45 144.03 50.87 -29.06
N PRO DB 46 144.63 51.64 -28.15
CA PRO DB 46 144.44 53.11 -28.18
C PRO DB 46 144.92 53.77 -29.46
N HIS DB 47 145.84 53.16 -30.20
CA HIS DB 47 146.28 53.68 -31.49
C HIS DB 47 146.22 52.52 -32.48
N ALA DB 48 144.99 52.17 -32.87
CA ALA DB 48 144.76 51.03 -33.75
C ALA DB 48 144.23 51.39 -35.13
N GLN DB 49 144.00 52.66 -35.44
CA GLN DB 49 143.47 53.03 -36.75
C GLN DB 49 144.50 53.61 -37.69
N ARG DB 50 145.57 54.21 -37.17
CA ARG DB 50 146.54 54.89 -38.01
C ARG DB 50 147.72 53.99 -38.33
N ASN DB 51 148.48 53.62 -37.29
CA ASN DB 51 149.65 52.76 -37.50
C ASN DB 51 149.30 51.45 -38.20
N VAL DB 52 148.02 51.04 -38.20
CA VAL DB 52 147.65 49.79 -38.83
C VAL DB 52 147.64 49.93 -40.35
N ALA DB 53 147.26 51.10 -40.86
CA ALA DB 53 147.38 51.34 -42.29
C ALA DB 53 148.83 51.24 -42.74
N PRO DB 54 149.80 51.82 -42.03
CA PRO DB 54 151.20 51.66 -42.45
C PRO DB 54 151.68 50.22 -42.49
N TYR DB 55 151.27 49.38 -41.54
CA TYR DB 55 151.74 47.99 -41.58
C TYR DB 55 151.20 47.26 -42.80
N HIS DB 56 149.93 47.46 -43.12
CA HIS DB 56 149.35 46.76 -44.27
C HIS DB 56 149.89 47.31 -45.58
N ARG DB 57 150.10 48.63 -45.65
CA ARG DB 57 150.60 49.18 -46.90
C ARG DB 57 152.08 48.88 -47.09
N LYS DB 58 152.84 48.72 -46.00
CA LYS DB 58 154.26 48.44 -46.06
C LYS DB 58 154.58 46.94 -46.11
N ASN DB 59 153.58 46.06 -45.93
CA ASN DB 59 153.85 44.63 -45.98
C ASN DB 59 153.00 43.95 -47.03
N ALA DB 60 152.70 44.67 -48.12
CA ALA DB 60 151.90 44.10 -49.19
C ALA DB 60 152.62 42.96 -49.88
N GLU DB 61 153.94 43.08 -50.03
CA GLU DB 61 154.70 42.03 -50.71
C GLU DB 61 154.63 40.72 -49.94
N TYR DB 62 154.82 40.77 -48.62
CA TYR DB 62 154.74 39.56 -47.82
C TYR DB 62 153.29 39.06 -47.73
N ILE DB 63 152.31 39.95 -47.71
CA ILE DB 63 150.92 39.49 -47.70
C ILE DB 63 150.62 38.71 -48.98
N GLN DB 64 151.08 39.23 -50.13
CA GLN DB 64 150.88 38.53 -51.39
C GLN DB 64 151.60 37.19 -51.39
N ALA DB 65 152.83 37.15 -50.87
CA ALA DB 65 153.56 35.89 -50.79
C ALA DB 65 152.84 34.89 -49.90
N TYR DB 66 152.31 35.36 -48.76
CA TYR DB 66 151.62 34.47 -47.82
C TYR DB 66 150.33 33.91 -48.42
N ILE DB 67 149.53 34.74 -49.09
CA ILE DB 67 148.32 34.21 -49.70
C ILE DB 67 148.66 33.27 -50.83
N SER DB 68 149.74 33.56 -51.59
CA SER DB 68 150.16 32.65 -52.64
C SER DB 68 150.58 31.28 -52.06
N GLU DB 69 151.33 31.29 -50.96
CA GLU DB 69 151.73 30.03 -50.35
C GLU DB 69 150.53 29.28 -49.78
N ARG DB 70 149.55 30.00 -49.23
CA ARG DB 70 148.33 29.35 -48.76
C ARG DB 70 147.57 28.69 -49.91
N ILE DB 71 147.49 29.39 -51.06
CA ILE DB 71 146.83 28.79 -52.22
C ILE DB 71 147.60 27.57 -52.70
N GLY DB 72 148.93 27.62 -52.65
CA GLY DB 72 149.70 26.46 -53.02
C GLY DB 72 149.54 25.33 -52.03
N SER DB 73 149.29 25.66 -50.77
CA SER DB 73 149.04 24.65 -49.75
C SER DB 73 147.65 24.05 -49.90
N ASP DB 74 146.73 24.75 -50.56
CA ASP DB 74 145.42 24.19 -50.86
C ASP DB 74 145.38 23.52 -52.23
N ALA DB 75 146.46 23.65 -53.00
CA ALA DB 75 146.55 22.97 -54.30
C ALA DB 75 146.38 21.45 -54.21
N PRO DB 76 146.97 20.73 -53.24
CA PRO DB 76 146.76 19.27 -53.21
C PRO DB 76 145.30 18.86 -53.12
N ALA DB 77 144.47 19.67 -52.46
CA ALA DB 77 143.04 19.39 -52.46
C ALA DB 77 142.48 19.43 -53.87
N ALA DB 78 142.91 20.42 -54.67
CA ALA DB 78 142.45 20.50 -56.05
C ALA DB 78 142.94 19.33 -56.88
N ARG DB 79 144.19 18.89 -56.67
CA ARG DB 79 144.68 17.73 -57.39
C ARG DB 79 143.88 16.48 -57.03
N LYS DB 80 143.60 16.29 -55.74
CA LYS DB 80 142.83 15.14 -55.30
C LYS DB 80 141.41 15.17 -55.86
N VAL DB 81 140.77 16.34 -55.85
CA VAL DB 81 139.39 16.41 -56.36
C VAL DB 81 139.35 16.16 -57.86
N VAL DB 82 140.29 16.72 -58.62
CA VAL DB 82 140.23 16.50 -60.07
C VAL DB 82 140.51 15.04 -60.38
N LEU DB 83 141.44 14.41 -59.66
CA LEU DB 83 141.69 12.99 -59.89
C LEU DB 83 140.47 12.14 -59.51
N GLU DB 84 139.84 12.45 -58.37
CA GLU DB 84 138.69 11.67 -57.93
C GLU DB 84 137.50 11.86 -58.86
N ILE DB 85 137.32 13.06 -59.40
CA ILE DB 85 136.24 13.27 -60.37
C ILE DB 85 136.55 12.48 -61.63
N MET DB 86 137.82 12.37 -61.99
CA MET DB 86 138.18 11.49 -63.09
C MET DB 86 137.94 10.03 -62.74
N ASN DB 87 137.92 9.68 -61.45
CA ASN DB 87 137.72 8.31 -61.03
C ASN DB 87 136.35 8.04 -60.39
N ASP DB 88 135.46 9.02 -60.33
CA ASP DB 88 134.13 8.80 -59.77
C ASP DB 88 133.15 8.47 -60.89
N PRO DB 89 132.56 7.27 -60.91
CA PRO DB 89 131.68 6.92 -62.03
C PRO DB 89 130.32 7.60 -62.02
N ASN DB 90 129.92 8.22 -60.91
CA ASN DB 90 128.58 8.78 -60.77
C ASN DB 90 128.48 10.22 -61.24
N GLU DB 91 129.55 10.77 -61.82
CA GLU DB 91 129.52 12.16 -62.28
C GLU DB 91 129.13 12.22 -63.76
N LYS DB 92 128.61 13.37 -64.16
CA LYS DB 92 128.16 13.56 -65.53
C LYS DB 92 129.33 13.41 -66.49
N GLY DB 93 129.05 12.84 -67.66
CA GLY DB 93 130.13 12.51 -68.59
C GLY DB 93 130.90 13.73 -69.06
N GLY DB 94 130.20 14.84 -69.29
CA GLY DB 94 130.88 16.05 -69.72
C GLY DB 94 131.86 16.56 -68.68
N ILE DB 95 131.49 16.47 -67.40
CA ILE DB 95 132.35 16.96 -66.34
C ILE DB 95 133.61 16.09 -66.25
N ARG DB 96 133.44 14.77 -66.34
CA ARG DB 96 134.60 13.88 -66.34
C ARG DB 96 135.49 14.13 -67.55
N LEU DB 97 134.88 14.35 -68.72
CA LEU DB 97 135.64 14.64 -69.92
C LEU DB 97 136.46 15.91 -69.77
N LYS DB 98 135.84 16.96 -69.24
CA LYS DB 98 136.54 18.22 -69.03
C LYS DB 98 137.63 18.09 -67.97
N ALA DB 99 137.38 17.27 -66.94
CA ALA DB 99 138.43 17.02 -65.93
C ALA DB 99 139.64 16.34 -66.56
N ALA DB 100 139.39 15.33 -67.40
CA ALA DB 100 140.49 14.66 -68.09
C ALA DB 100 141.23 15.62 -69.02
N GLN DB 101 140.48 16.46 -69.73
CA GLN DB 101 141.08 17.45 -70.62
C GLN DB 101 141.97 18.42 -69.86
N ASP DB 102 141.47 18.94 -68.73
CA ASP DB 102 142.25 19.89 -67.94
C ASP DB 102 143.49 19.24 -67.35
N ILE DB 103 143.35 18.03 -66.81
CA ILE DB 103 144.50 17.38 -66.19
C ILE DB 103 145.54 17.03 -67.24
N LEU DB 104 145.11 16.67 -68.46
CA LEU DB 104 146.06 16.41 -69.54
C LEU DB 104 146.75 17.71 -69.97
N ASP DB 105 146.00 18.82 -70.00
CA ASP DB 105 146.61 20.11 -70.30
C ASP DB 105 147.64 20.48 -69.24
N ARG DB 106 147.39 20.10 -67.99
CA ARG DB 106 148.41 20.29 -66.96
C ARG DB 106 149.58 19.34 -67.16
N ALA DB 107 149.31 18.15 -67.71
CA ALA DB 107 150.37 17.20 -68.00
C ALA DB 107 151.32 17.75 -69.06
N GLY DB 108 150.81 18.58 -69.97
CA GLY DB 108 151.71 19.22 -70.91
C GLY DB 108 151.48 19.00 -72.39
N PHE DB 109 150.23 18.77 -72.79
CA PHE DB 109 149.88 18.60 -74.19
C PHE DB 109 148.87 19.66 -74.59
N GLY DB 110 149.26 20.52 -75.54
CA GLY DB 110 148.46 21.68 -75.89
C GLY DB 110 147.94 21.60 -77.31
N ALA DB 111 147.52 22.73 -77.87
CA ALA DB 111 146.99 22.78 -79.23
C ALA DB 111 148.13 22.86 -80.24
N LYS DB 112 147.76 22.98 -81.51
CA LYS DB 112 148.71 22.84 -82.60
C LYS DB 112 148.73 24.08 -83.48
N GLN DB 113 149.31 23.97 -84.68
CA GLN DB 113 149.79 25.14 -85.40
C GLN DB 113 148.65 26.07 -85.81
N LYS DB 114 148.99 27.35 -85.93
CA LYS DB 114 148.09 28.38 -86.41
C LYS DB 114 148.94 29.37 -87.20
N ILE DB 115 148.50 29.71 -88.42
CA ILE DB 115 149.28 30.55 -89.32
C ILE DB 115 148.64 31.92 -89.40
N GLU DB 116 149.46 32.97 -89.47
CA GLU DB 116 148.99 34.34 -89.58
C GLU DB 116 149.63 34.99 -90.80
N LEU DB 117 148.82 35.70 -91.58
CA LEU DB 117 149.31 36.44 -92.74
C LEU DB 117 148.94 37.92 -92.59
N THR DB 118 149.93 38.79 -92.76
CA THR DB 118 149.74 40.22 -92.60
C THR DB 118 149.99 40.95 -93.92
N THR DB 119 149.18 41.98 -94.19
CA THR DB 119 149.29 42.76 -95.41
C THR DB 119 149.27 44.25 -95.08
N LYS DB 120 149.27 45.10 -96.11
CA LYS DB 120 149.16 46.54 -95.93
C LYS DB 120 148.67 47.21 -97.21
N LYS EB 18 167.52 14.78 -50.21
CA LYS EB 18 166.63 15.03 -51.35
C LYS EB 18 165.55 13.97 -51.48
N GLU EB 19 165.77 12.81 -50.86
CA GLU EB 19 164.75 11.77 -50.85
C GLU EB 19 163.66 12.08 -49.82
N LYS EB 20 164.05 12.68 -48.70
CA LYS EB 20 163.06 13.08 -47.71
C LYS EB 20 162.15 14.16 -48.26
N LEU EB 21 162.66 15.02 -49.15
CA LEU EB 21 161.80 16.02 -49.77
C LEU EB 21 160.71 15.36 -50.61
N ASP EB 22 161.06 14.30 -51.36
CA ASP EB 22 160.05 13.57 -52.13
C ASP EB 22 159.06 12.86 -51.22
N LEU EB 23 159.53 12.27 -50.12
CA LEU EB 23 158.59 11.67 -49.16
C LEU EB 23 157.67 12.71 -48.57
N TYR EB 24 158.18 13.90 -48.29
CA TYR EB 24 157.36 15.00 -47.81
C TYR EB 24 156.34 15.41 -48.85
N CYS EB 25 156.74 15.44 -50.13
CA CYS EB 25 155.81 15.79 -51.20
C CYS EB 25 154.67 14.80 -51.27
N GLU EB 26 154.99 13.50 -51.23
CA GLU EB 26 153.93 12.50 -51.32
C GLU EB 26 153.03 12.53 -50.09
N ALA EB 27 153.60 12.70 -48.90
CA ALA EB 27 152.78 12.74 -47.69
C ALA EB 27 151.86 13.96 -47.68
N LEU EB 28 152.37 15.13 -48.06
CA LEU EB 28 151.52 16.31 -48.13
C LEU EB 28 150.46 16.17 -49.23
N CYS EB 29 150.81 15.53 -50.34
CA CYS EB 29 149.84 15.33 -51.43
C CYS EB 29 148.75 14.34 -51.01
N ASP EB 30 149.06 13.39 -50.14
CA ASP EB 30 148.08 12.36 -49.84
C ASP EB 30 147.24 12.67 -48.61
N GLY EB 31 147.84 13.20 -47.54
CA GLY EB 31 147.04 13.42 -46.35
C GLY EB 31 146.67 14.86 -46.07
N PHE EB 32 146.74 15.70 -47.10
CA PHE EB 32 146.29 17.09 -47.11
C PHE EB 32 146.45 17.83 -45.80
N ASN EB 33 147.60 17.70 -45.13
CA ASN EB 33 147.84 18.44 -43.90
C ASN EB 33 149.34 18.63 -43.76
N LYS EB 34 149.78 19.85 -43.47
CA LYS EB 34 151.21 20.08 -43.30
C LYS EB 34 151.70 19.52 -41.97
N THR EB 35 150.92 19.70 -40.89
CA THR EB 35 151.37 19.25 -39.59
C THR EB 35 151.41 17.73 -39.53
N GLN EB 36 150.38 17.06 -40.04
CA GLN EB 36 150.36 15.60 -40.02
C GLN EB 36 151.47 15.01 -40.90
N ALA EB 37 151.65 15.56 -42.11
CA ALA EB 37 152.70 15.06 -42.99
C ALA EB 37 154.07 15.31 -42.40
N TYR EB 38 154.28 16.49 -41.81
CA TYR EB 38 155.59 16.80 -41.25
C TYR EB 38 155.91 15.94 -40.04
N ILE EB 39 154.92 15.71 -39.16
CA ILE EB 39 155.18 14.85 -38.01
C ILE EB 39 155.37 13.41 -38.47
N LYS EB 40 154.73 13.02 -39.58
CA LYS EB 40 154.98 11.69 -40.12
C LYS EB 40 156.33 11.63 -40.83
N ALA EB 41 156.93 12.78 -41.16
CA ALA EB 41 158.25 12.79 -41.78
C ALA EB 41 159.32 12.32 -40.80
N GLY EB 42 159.18 12.63 -39.51
CA GLY EB 42 160.12 12.17 -38.52
C GLY EB 42 160.70 13.25 -37.62
N PHE EB 43 159.98 14.36 -37.46
CA PHE EB 43 160.48 15.51 -36.73
C PHE EB 43 159.66 15.73 -35.47
N SER EB 44 160.02 16.79 -34.74
CA SER EB 44 159.36 17.11 -33.48
C SER EB 44 157.97 17.65 -33.74
N ALA EB 45 157.00 17.19 -32.93
CA ALA EB 45 155.62 17.62 -33.16
C ALA EB 45 155.43 19.11 -32.93
N PRO EB 46 156.01 19.72 -31.89
CA PRO EB 46 155.74 21.15 -31.67
C PRO EB 46 156.26 22.03 -32.80
N HIS EB 47 157.30 21.60 -33.50
CA HIS EB 47 157.87 22.40 -34.60
C HIS EB 47 157.09 22.13 -35.88
N ALA EB 48 155.83 22.58 -35.88
CA ALA EB 48 154.95 22.39 -37.01
C ALA EB 48 154.29 23.68 -37.48
N GLN EB 49 154.62 24.82 -36.88
CA GLN EB 49 153.99 26.08 -37.24
C GLN EB 49 154.88 26.91 -38.17
N ARG EB 50 156.08 27.26 -37.72
CA ARG EB 50 156.97 28.12 -38.51
C ARG EB 50 158.13 27.35 -39.15
N ASN EB 51 158.99 26.75 -38.31
CA ASN EB 51 160.15 25.97 -38.76
C ASN EB 51 159.86 25.23 -40.07
N VAL EB 52 158.69 24.59 -40.14
CA VAL EB 52 158.35 23.82 -41.32
C VAL EB 52 157.97 24.76 -42.46
N ALA EB 53 157.35 25.90 -42.17
CA ALA EB 53 157.12 26.90 -43.22
C ALA EB 53 158.45 27.36 -43.82
N PRO EB 54 159.47 27.69 -43.03
CA PRO EB 54 160.78 28.00 -43.65
C PRO EB 54 161.33 26.82 -44.44
N TYR EB 55 161.13 25.59 -43.96
CA TYR EB 55 161.62 24.44 -44.70
C TYR EB 55 160.92 24.31 -46.06
N HIS EB 56 159.62 24.59 -46.10
CA HIS EB 56 158.84 24.50 -47.34
C HIS EB 56 159.12 25.67 -48.28
N ARG EB 57 159.34 26.86 -47.75
CA ARG EB 57 159.55 28.03 -48.60
C ARG EB 57 160.93 28.01 -49.27
N LYS EB 58 161.90 27.32 -48.68
CA LYS EB 58 163.24 27.26 -49.25
C LYS EB 58 163.36 26.20 -50.35
N ASN EB 59 162.35 25.35 -50.51
CA ASN EB 59 162.36 24.26 -51.49
C ASN EB 59 161.08 24.26 -52.31
N ALA EB 60 160.55 25.45 -52.61
CA ALA EB 60 159.27 25.54 -53.32
C ALA EB 60 159.34 24.97 -54.72
N GLU EB 61 160.45 25.21 -55.43
CA GLU EB 61 160.55 24.77 -56.83
C GLU EB 61 160.50 23.24 -56.94
N TYR EB 62 161.20 22.53 -56.05
CA TYR EB 62 161.18 21.08 -56.12
C TYR EB 62 159.80 20.53 -55.72
N ILE EB 63 159.12 21.19 -54.79
CA ILE EB 63 157.76 20.80 -54.43
C ILE EB 63 156.85 20.93 -55.65
N GLN EB 64 157.01 22.04 -56.38
CA GLN EB 64 156.22 22.26 -57.60
C GLN EB 64 156.53 21.20 -58.65
N ALA EB 65 157.80 20.84 -58.80
CA ALA EB 65 158.15 19.80 -59.77
C ALA EB 65 157.52 18.46 -59.39
N TYR EB 66 157.53 18.13 -58.10
CA TYR EB 66 156.95 16.86 -57.67
C TYR EB 66 155.44 16.84 -57.89
N ILE EB 67 154.75 17.93 -57.56
CA ILE EB 67 153.30 17.95 -57.78
C ILE EB 67 152.98 17.90 -59.28
N SER EB 68 153.80 18.58 -60.10
CA SER EB 68 153.59 18.55 -61.53
C SER EB 68 153.76 17.14 -62.10
N GLU EB 69 154.79 16.42 -61.66
CA GLU EB 69 154.96 15.06 -62.16
C GLU EB 69 153.85 14.15 -61.65
N ARG EB 70 153.40 14.36 -60.41
CA ARG EB 70 152.31 13.56 -59.87
C ARG EB 70 151.02 13.76 -60.65
N ILE EB 71 150.69 15.02 -60.98
CA ILE EB 71 149.50 15.28 -61.78
C ILE EB 71 149.68 14.76 -63.21
N GLY EB 72 150.90 14.84 -63.75
CA GLY EB 72 151.18 14.34 -65.09
C GLY EB 72 151.09 12.84 -65.21
N SER EB 73 151.26 12.11 -64.11
CA SER EB 73 151.17 10.66 -64.12
C SER EB 73 149.75 10.17 -64.40
N ASP EB 74 148.74 11.05 -64.34
CA ASP EB 74 147.37 10.70 -64.65
C ASP EB 74 147.02 10.90 -66.12
N ALA EB 75 147.97 11.34 -66.95
CA ALA EB 75 147.69 11.50 -68.38
C ALA EB 75 147.18 10.21 -69.03
N PRO EB 76 147.76 9.03 -68.78
CA PRO EB 76 147.16 7.81 -69.36
C PRO EB 76 145.73 7.59 -68.90
N ALA EB 77 145.43 7.98 -67.65
CA ALA EB 77 144.06 7.91 -67.15
C ALA EB 77 143.15 8.81 -67.96
N ALA EB 78 143.62 10.01 -68.31
CA ALA EB 78 142.81 10.91 -69.13
C ALA EB 78 142.58 10.34 -70.53
N ARG EB 79 143.59 9.67 -71.09
CA ARG EB 79 143.41 9.02 -72.39
C ARG EB 79 142.34 7.93 -72.28
N LYS EB 80 142.40 7.12 -71.22
CA LYS EB 80 141.38 6.09 -71.03
C LYS EB 80 140.00 6.70 -70.83
N VAL EB 81 139.91 7.81 -70.10
CA VAL EB 81 138.62 8.46 -69.86
C VAL EB 81 138.04 8.95 -71.17
N VAL EB 82 138.86 9.59 -72.00
CA VAL EB 82 138.35 10.12 -73.26
C VAL EB 82 137.91 8.98 -74.18
N LEU EB 83 138.68 7.88 -74.20
CA LEU EB 83 138.27 6.75 -75.04
C LEU EB 83 136.97 6.12 -74.54
N GLU EB 84 136.84 5.92 -73.22
CA GLU EB 84 135.66 5.26 -72.70
C GLU EB 84 134.41 6.12 -72.88
N ILE EB 85 134.54 7.44 -72.71
CA ILE EB 85 133.39 8.31 -72.95
C ILE EB 85 133.07 8.35 -74.45
N MET EB 86 134.09 8.27 -75.30
CA MET EB 86 133.86 8.20 -76.73
C MET EB 86 133.19 6.90 -77.15
N ASN EB 87 133.25 5.87 -76.30
CA ASN EB 87 132.67 4.57 -76.62
C ASN EB 87 131.34 4.31 -75.89
N ASP EB 88 130.77 5.31 -75.23
CA ASP EB 88 129.50 5.12 -74.53
C ASP EB 88 128.35 5.47 -75.46
N PRO EB 89 127.53 4.50 -75.88
CA PRO EB 89 126.44 4.81 -76.83
C PRO EB 89 125.19 5.43 -76.24
N ASN EB 90 124.92 5.28 -74.94
CA ASN EB 90 123.65 5.74 -74.40
C ASN EB 90 123.72 7.15 -73.85
N GLU EB 91 124.84 7.82 -73.99
CA GLU EB 91 125.03 9.17 -73.46
C GLU EB 91 124.76 10.20 -74.56
N LYS EB 92 124.44 11.42 -74.12
CA LYS EB 92 124.07 12.49 -75.04
C LYS EB 92 125.20 12.81 -76.01
N GLY EB 93 124.82 13.17 -77.24
CA GLY EB 93 125.77 13.32 -78.32
C GLY EB 93 126.81 14.42 -78.14
N GLY EB 94 126.43 15.52 -77.51
CA GLY EB 94 127.36 16.64 -77.39
C GLY EB 94 128.64 16.30 -76.66
N ILE EB 95 128.55 15.49 -75.60
CA ILE EB 95 129.73 15.11 -74.85
C ILE EB 95 130.62 14.19 -75.69
N ARG EB 96 130.02 13.26 -76.45
CA ARG EB 96 130.80 12.44 -77.36
C ARG EB 96 131.51 13.30 -78.40
N LEU EB 97 130.81 14.33 -78.91
CA LEU EB 97 131.44 15.25 -79.86
C LEU EB 97 132.61 15.97 -79.22
N LYS EB 98 132.46 16.42 -77.98
CA LYS EB 98 133.55 17.12 -77.32
C LYS EB 98 134.73 16.19 -77.07
N ALA EB 99 134.46 14.93 -76.71
CA ALA EB 99 135.54 13.97 -76.50
C ALA EB 99 136.31 13.69 -77.79
N ALA EB 100 135.57 13.45 -78.89
CA ALA EB 100 136.23 13.21 -80.16
C ALA EB 100 137.00 14.43 -80.63
N GLN EB 101 136.42 15.62 -80.48
CA GLN EB 101 137.10 16.84 -80.89
C GLN EB 101 138.37 17.05 -80.08
N ASP EB 102 138.31 16.86 -78.76
CA ASP EB 102 139.50 17.07 -77.94
C ASP EB 102 140.58 16.06 -78.26
N ILE EB 103 140.22 14.78 -78.40
CA ILE EB 103 141.25 13.77 -78.63
C ILE EB 103 141.86 13.95 -80.02
N LEU EB 104 141.05 14.35 -81.01
CA LEU EB 104 141.60 14.60 -82.33
C LEU EB 104 142.49 15.85 -82.34
N ASP EB 105 142.11 16.88 -81.57
CA ASP EB 105 142.99 18.04 -81.40
C ASP EB 105 144.29 17.64 -80.71
N ARG EB 106 144.21 16.60 -79.90
CA ARG EB 106 145.39 16.07 -79.22
C ARG EB 106 146.27 15.37 -80.24
N ALA EB 107 145.63 14.76 -81.25
CA ALA EB 107 146.38 14.08 -82.30
C ALA EB 107 147.19 15.06 -83.13
N GLY EB 108 146.71 16.30 -83.27
CA GLY EB 108 147.47 17.31 -83.98
C GLY EB 108 146.74 17.88 -85.19
N PHE EB 109 145.42 17.88 -85.17
CA PHE EB 109 144.62 18.41 -86.26
C PHE EB 109 143.82 19.59 -85.71
N GLY EB 110 144.22 20.81 -86.09
CA GLY EB 110 143.68 22.01 -85.49
C GLY EB 110 142.95 22.97 -86.39
N ALA EB 111 142.78 24.21 -85.90
CA ALA EB 111 142.13 25.27 -86.65
C ALA EB 111 143.13 25.97 -87.56
N LYS EB 112 142.66 26.99 -88.28
CA LYS EB 112 143.44 27.58 -89.36
C LYS EB 112 143.62 29.09 -89.19
N GLN EB 113 144.03 29.74 -90.27
CA GLN EB 113 144.66 31.06 -90.27
C GLN EB 113 143.70 32.18 -89.87
N LYS EB 114 144.30 33.28 -89.42
CA LYS EB 114 143.65 34.53 -89.09
C LYS EB 114 144.57 35.66 -89.53
N ILE EB 115 144.03 36.61 -90.30
CA ILE EB 115 144.83 37.64 -90.95
C ILE EB 115 144.61 38.99 -90.27
N GLU EB 116 145.65 39.83 -90.31
CA GLU EB 116 145.63 41.14 -89.69
C GLU EB 116 145.86 42.23 -90.73
N LEU EB 117 145.02 43.26 -90.69
CA LEU EB 117 145.12 44.44 -91.55
C LEU EB 117 145.14 45.67 -90.64
N THR EB 118 146.08 46.58 -90.88
CA THR EB 118 146.22 47.76 -90.02
C THR EB 118 145.85 49.02 -90.80
N THR EB 119 145.15 49.94 -90.13
CA THR EB 119 144.67 51.19 -90.73
C THR EB 119 144.99 52.38 -89.83
N LYS EB 120 146.23 52.47 -89.36
CA LYS EB 120 146.62 53.60 -88.54
C LYS EB 120 146.93 54.82 -89.41
N LEU FB 15 164.55 -10.65 -73.10
CA LEU FB 15 163.93 -9.55 -73.83
C LEU FB 15 164.66 -8.24 -73.54
N THR FB 16 164.72 -7.38 -74.56
CA THR FB 16 165.34 -6.07 -74.39
C THR FB 16 164.50 -5.24 -73.44
N PRO FB 17 165.10 -4.23 -72.80
CA PRO FB 17 164.31 -3.36 -71.92
C PRO FB 17 163.20 -2.63 -72.62
N LYS FB 18 163.22 -2.56 -73.95
CA LYS FB 18 162.15 -1.90 -74.69
C LYS FB 18 160.82 -2.61 -74.53
N GLU FB 19 160.84 -3.94 -74.33
CA GLU FB 19 159.58 -4.65 -74.15
C GLU FB 19 159.06 -4.50 -72.72
N LYS FB 20 159.96 -4.47 -71.75
CA LYS FB 20 159.53 -4.24 -70.37
C LYS FB 20 158.98 -2.83 -70.21
N LEU FB 21 159.61 -1.85 -70.87
CA LEU FB 21 159.10 -0.48 -70.82
C LEU FB 21 157.78 -0.35 -71.56
N ASP FB 22 157.62 -1.04 -72.69
CA ASP FB 22 156.33 -0.99 -73.40
C ASP FB 22 155.23 -1.64 -72.56
N LEU FB 23 155.54 -2.75 -71.88
CA LEU FB 23 154.55 -3.34 -70.98
C LEU FB 23 154.23 -2.41 -69.82
N TYR FB 24 155.24 -1.69 -69.31
CA TYR FB 24 155.01 -0.73 -68.24
C TYR FB 24 154.08 0.38 -68.71
N CYS FB 25 154.28 0.88 -69.94
CA CYS FB 25 153.41 1.88 -70.51
C CYS FB 25 152.00 1.35 -70.70
N GLU FB 26 151.88 0.12 -71.19
CA GLU FB 26 150.55 -0.46 -71.41
C GLU FB 26 149.81 -0.63 -70.09
N ALA FB 27 150.51 -1.07 -69.05
CA ALA FB 27 149.88 -1.22 -67.73
C ALA FB 27 149.49 0.14 -67.15
N LEU FB 28 150.35 1.15 -67.31
CA LEU FB 28 149.99 2.48 -66.83
C LEU FB 28 148.78 3.04 -67.54
N CYS FB 29 148.68 2.81 -68.86
CA CYS FB 29 147.52 3.27 -69.60
C CYS FB 29 146.28 2.45 -69.28
N ASP FB 30 146.43 1.15 -69.00
CA ASP FB 30 145.30 0.25 -68.85
C ASP FB 30 144.90 -0.01 -67.41
N GLY FB 31 145.86 -0.21 -66.51
CA GLY FB 31 145.46 -0.54 -65.15
C GLY FB 31 145.62 0.58 -64.16
N PHE FB 32 145.68 1.83 -64.65
CA PHE FB 32 145.67 3.05 -63.85
C PHE FB 32 146.39 2.95 -62.51
N ASN FB 33 147.57 2.34 -62.48
CA ASN FB 33 148.31 2.22 -61.24
C ASN FB 33 149.80 2.12 -61.54
N LYS FB 34 150.61 2.93 -60.84
CA LYS FB 34 152.04 2.84 -61.03
C LYS FB 34 152.60 1.62 -60.32
N THR FB 35 152.10 1.33 -59.12
CA THR FB 35 152.60 0.18 -58.36
C THR FB 35 152.23 -1.12 -59.05
N GLN FB 36 150.98 -1.22 -59.53
CA GLN FB 36 150.56 -2.42 -60.24
C GLN FB 36 151.33 -2.56 -61.55
N ALA FB 37 151.56 -1.46 -62.26
CA ALA FB 37 152.32 -1.52 -63.50
C ALA FB 37 153.74 -2.00 -63.26
N TYR FB 38 154.38 -1.50 -62.20
CA TYR FB 38 155.75 -1.94 -61.91
C TYR FB 38 155.76 -3.39 -61.44
N ILE FB 39 154.75 -3.81 -60.68
CA ILE FB 39 154.69 -5.19 -60.22
C ILE FB 39 154.51 -6.12 -61.41
N LYS FB 40 153.80 -5.66 -62.44
CA LYS FB 40 153.71 -6.41 -63.68
C LYS FB 40 154.98 -6.28 -64.51
N ALA FB 41 155.80 -5.27 -64.23
CA ALA FB 41 157.07 -5.10 -64.94
C ALA FB 41 158.06 -6.20 -64.59
N GLY FB 42 158.05 -6.65 -63.33
CA GLY FB 42 158.91 -7.76 -62.94
C GLY FB 42 159.77 -7.61 -61.72
N PHE FB 43 159.42 -6.69 -60.82
CA PHE FB 43 160.22 -6.43 -59.63
C PHE FB 43 159.39 -6.79 -58.39
N SER FB 44 159.99 -6.60 -57.22
CA SER FB 44 159.35 -7.01 -55.98
C SER FB 44 158.22 -6.05 -55.62
N ALA FB 45 157.07 -6.60 -55.24
CA ALA FB 45 155.96 -5.71 -54.91
C ALA FB 45 156.19 -4.99 -53.59
N PRO FB 46 156.70 -5.63 -52.54
CA PRO FB 46 156.86 -4.90 -51.27
C PRO FB 46 157.88 -3.77 -51.36
N HIS FB 47 158.93 -3.95 -52.16
CA HIS FB 47 159.99 -2.97 -52.33
C HIS FB 47 159.73 -2.19 -53.62
N ALA FB 48 158.67 -1.38 -53.57
CA ALA FB 48 158.21 -0.62 -54.73
C ALA FB 48 157.94 0.85 -54.43
N GLN FB 49 158.26 1.32 -53.23
CA GLN FB 49 157.96 2.70 -52.84
C GLN FB 49 159.16 3.64 -52.99
N ARG FB 50 160.38 3.10 -53.00
CA ARG FB 50 161.60 3.92 -53.01
C ARG FB 50 162.23 4.05 -54.39
N ASN FB 51 162.61 2.93 -55.00
CA ASN FB 51 163.36 2.93 -56.25
C ASN FB 51 162.53 3.12 -57.51
N VAL FB 52 161.21 2.92 -57.47
CA VAL FB 52 160.43 2.96 -58.71
C VAL FB 52 160.21 4.39 -59.20
N ALA FB 53 160.00 5.32 -58.28
CA ALA FB 53 159.82 6.73 -58.66
C ALA FB 53 161.04 7.28 -59.40
N PRO FB 54 162.27 7.06 -58.94
CA PRO FB 54 163.42 7.54 -59.72
C PRO FB 54 163.48 6.94 -61.11
N TYR FB 55 163.12 5.67 -61.26
CA TYR FB 55 163.11 5.05 -62.59
C TYR FB 55 162.06 5.70 -63.47
N HIS FB 56 160.91 6.09 -62.91
CA HIS FB 56 159.89 6.73 -63.70
C HIS FB 56 160.30 8.14 -64.11
N ARG FB 57 161.01 8.86 -63.23
CA ARG FB 57 161.40 10.22 -63.54
C ARG FB 57 162.52 10.30 -64.58
N LYS FB 58 163.32 9.24 -64.72
CA LYS FB 58 164.44 9.27 -65.66
C LYS FB 58 164.03 8.96 -67.10
N ASN FB 59 162.80 8.50 -67.33
CA ASN FB 59 162.32 8.13 -68.66
C ASN FB 59 160.97 8.77 -68.95
N ALA FB 60 160.75 9.98 -68.45
CA ALA FB 60 159.46 10.65 -68.63
C ALA FB 60 159.18 10.99 -70.09
N GLU FB 61 160.21 11.38 -70.85
CA GLU FB 61 160.00 11.81 -72.23
C GLU FB 61 159.41 10.68 -73.07
N TYR FB 62 159.90 9.46 -72.89
CA TYR FB 62 159.35 8.35 -73.65
C TYR FB 62 157.90 8.07 -73.23
N ILE FB 63 157.58 8.26 -71.96
CA ILE FB 63 156.19 8.09 -71.51
C ILE FB 63 155.27 9.09 -72.20
N GLN FB 64 155.71 10.34 -72.27
CA GLN FB 64 154.91 11.36 -72.94
C GLN FB 64 154.75 11.05 -74.43
N ALA FB 65 155.84 10.61 -75.07
CA ALA FB 65 155.77 10.24 -76.48
C ALA FB 65 154.81 9.08 -76.69
N TYR FB 66 154.83 8.11 -75.77
CA TYR FB 66 153.93 6.97 -75.86
C TYR FB 66 152.48 7.40 -75.72
N ILE FB 67 152.20 8.33 -74.81
CA ILE FB 67 150.81 8.79 -74.65
C ILE FB 67 150.34 9.51 -75.91
N SER FB 68 151.20 10.36 -76.48
CA SER FB 68 150.81 11.05 -77.72
C SER FB 68 150.59 10.07 -78.86
N GLU FB 69 151.47 9.07 -78.98
CA GLU FB 69 151.34 8.09 -80.05
C GLU FB 69 150.09 7.22 -79.85
N ARG FB 70 149.76 6.87 -78.61
CA ARG FB 70 148.57 6.06 -78.36
C ARG FB 70 147.29 6.84 -78.69
N ILE FB 71 147.21 8.11 -78.30
CA ILE FB 71 146.01 8.87 -78.66
C ILE FB 71 145.93 9.04 -80.17
N GLY FB 72 147.08 9.23 -80.83
CA GLY FB 72 147.04 9.31 -82.28
C GLY FB 72 146.68 7.98 -82.93
N SER FB 73 147.01 6.87 -82.28
CA SER FB 73 146.62 5.56 -82.81
C SER FB 73 145.15 5.26 -82.58
N ASP FB 74 144.52 5.95 -81.62
CA ASP FB 74 143.09 5.83 -81.42
C ASP FB 74 142.33 6.91 -82.19
N ALA FB 75 143.04 7.81 -82.85
CA ALA FB 75 142.41 8.85 -83.67
C ALA FB 75 141.43 8.34 -84.74
N PRO FB 76 141.69 7.25 -85.47
CA PRO FB 76 140.68 6.81 -86.46
C PRO FB 76 139.32 6.53 -85.85
N ALA FB 77 139.28 6.03 -84.61
CA ALA FB 77 138.00 5.86 -83.92
C ALA FB 77 137.29 7.19 -83.73
N ALA FB 78 138.05 8.23 -83.38
CA ALA FB 78 137.44 9.56 -83.23
C ALA FB 78 136.96 10.11 -84.57
N ARG FB 79 137.69 9.82 -85.65
CA ARG FB 79 137.22 10.22 -86.98
C ARG FB 79 135.90 9.54 -87.30
N LYS FB 80 135.80 8.24 -86.97
CA LYS FB 80 134.55 7.53 -87.16
C LYS FB 80 133.43 8.14 -86.31
N VAL FB 81 133.78 8.55 -85.08
CA VAL FB 81 132.77 9.12 -84.18
C VAL FB 81 132.23 10.42 -84.75
N VAL FB 82 133.12 11.31 -85.22
CA VAL FB 82 132.66 12.59 -85.74
C VAL FB 82 131.87 12.38 -87.02
N LEU FB 83 132.28 11.43 -87.85
CA LEU FB 83 131.52 11.14 -89.06
C LEU FB 83 130.13 10.61 -88.73
N GLU FB 84 130.04 9.72 -87.74
CA GLU FB 84 128.74 9.12 -87.40
C GLU FB 84 127.79 10.13 -86.76
N ILE FB 85 128.29 10.97 -85.85
CA ILE FB 85 127.38 11.96 -85.25
C ILE FB 85 127.03 13.06 -86.24
N MET FB 86 127.95 13.43 -87.14
CA MET FB 86 127.61 14.42 -88.16
C MET FB 86 126.58 13.88 -89.13
N ASN FB 87 126.45 12.55 -89.22
CA ASN FB 87 125.50 11.87 -90.08
C ASN FB 87 124.34 11.27 -89.28
N ASP FB 88 124.20 11.68 -88.02
CA ASP FB 88 123.18 11.10 -87.14
C ASP FB 88 121.86 11.83 -87.33
N PRO FB 89 120.81 11.16 -87.80
CA PRO FB 89 119.54 11.86 -88.04
C PRO FB 89 118.75 12.14 -86.77
N ASN FB 90 119.01 11.42 -85.68
CA ASN FB 90 118.26 11.56 -84.45
C ASN FB 90 118.93 12.51 -83.46
N GLU FB 91 120.01 13.16 -83.85
CA GLU FB 91 120.74 14.02 -82.91
C GLU FB 91 120.28 15.47 -83.04
N LYS FB 92 120.47 16.21 -81.96
CA LYS FB 92 120.05 17.61 -81.93
C LYS FB 92 120.82 18.43 -82.97
N GLY FB 93 120.13 19.42 -83.54
CA GLY FB 93 120.70 20.15 -84.67
C GLY FB 93 121.96 20.91 -84.33
N GLY FB 94 122.02 21.50 -83.13
CA GLY FB 94 123.20 22.26 -82.76
C GLY FB 94 124.46 21.41 -82.73
N ILE FB 95 124.33 20.18 -82.24
CA ILE FB 95 125.48 19.28 -82.18
C ILE FB 95 125.93 18.91 -83.59
N ARG FB 96 124.98 18.68 -84.49
CA ARG FB 96 125.32 18.41 -85.88
C ARG FB 96 126.05 19.60 -86.50
N LEU FB 97 125.57 20.81 -86.20
CA LEU FB 97 126.22 22.01 -86.73
C LEU FB 97 127.64 22.15 -86.22
N LYS FB 98 127.85 21.92 -84.92
CA LYS FB 98 129.21 22.03 -84.38
C LYS FB 98 130.12 20.94 -84.93
N ALA FB 99 129.60 19.72 -85.11
CA ALA FB 99 130.41 18.66 -85.69
C ALA FB 99 130.82 19.01 -87.12
N ALA FB 100 129.87 19.50 -87.92
CA ALA FB 100 130.20 19.91 -89.28
C ALA FB 100 131.20 21.06 -89.28
N GLN FB 101 131.01 22.03 -88.39
CA GLN FB 101 131.93 23.16 -88.29
C GLN FB 101 133.35 22.69 -87.95
N ASP FB 102 133.46 21.78 -86.99
CA ASP FB 102 134.77 21.30 -86.55
C ASP FB 102 135.46 20.51 -87.66
N ILE FB 103 134.73 19.60 -88.31
CA ILE FB 103 135.36 18.78 -89.35
C ILE FB 103 135.71 19.64 -90.57
N LEU FB 104 134.88 20.65 -90.88
CA LEU FB 104 135.17 21.55 -91.98
C LEU FB 104 136.38 22.42 -91.66
N ASP FB 105 136.52 22.84 -90.39
CA ASP FB 105 137.72 23.58 -89.99
C ASP FB 105 138.97 22.72 -90.14
N ARG FB 106 138.84 21.42 -89.88
CA ARG FB 106 139.99 20.55 -90.14
C ARG FB 106 140.23 20.37 -91.63
N ALA FB 107 139.19 20.51 -92.46
CA ALA FB 107 139.37 20.38 -93.89
C ALA FB 107 140.35 21.42 -94.43
N GLY FB 108 140.46 22.56 -93.75
CA GLY FB 108 141.42 23.59 -94.13
C GLY FB 108 140.79 24.92 -94.45
N PHE FB 109 139.63 25.21 -93.86
CA PHE FB 109 138.91 26.45 -94.09
C PHE FB 109 138.71 27.19 -92.76
N GLY FB 110 139.34 28.35 -92.64
CA GLY FB 110 139.32 29.08 -91.38
C GLY FB 110 138.60 30.42 -91.47
N ALA FB 111 138.81 31.27 -90.47
CA ALA FB 111 138.17 32.58 -90.42
C ALA FB 111 139.00 33.64 -91.16
N LYS FB 112 138.52 34.87 -91.14
CA LYS FB 112 139.07 35.95 -91.96
C LYS FB 112 139.45 37.14 -91.07
N GLN FB 113 139.66 38.29 -91.70
CA GLN FB 113 140.48 39.36 -91.15
C GLN FB 113 139.96 39.95 -89.84
N LYS FB 114 140.90 40.50 -89.06
CA LYS FB 114 140.67 41.24 -87.84
C LYS FB 114 141.73 42.34 -87.78
N ILE FB 115 141.32 43.57 -87.48
CA ILE FB 115 142.20 44.74 -87.59
C ILE FB 115 142.63 45.23 -86.21
N GLU FB 116 143.87 45.70 -86.14
CA GLU FB 116 144.50 46.24 -84.93
C GLU FB 116 145.00 47.67 -85.17
N LEU FB 117 144.82 48.52 -84.17
CA LEU FB 117 145.30 49.89 -84.18
C LEU FB 117 146.35 50.04 -83.09
N THR FB 118 147.51 50.59 -83.45
CA THR FB 118 148.65 50.69 -82.54
C THR FB 118 148.94 52.15 -82.19
N THR FB 119 149.33 52.37 -80.94
CA THR FB 119 149.63 53.70 -80.43
C THR FB 119 150.99 53.69 -79.73
N LYS FB 120 151.30 54.78 -79.04
CA LYS FB 120 152.62 54.94 -78.42
C LYS FB 120 152.50 54.95 -76.89
N LEU GB 15 153.90 -5.35 -107.67
CA LEU GB 15 153.20 -4.16 -107.17
C LEU GB 15 154.18 -3.02 -106.95
N THR GB 16 153.74 -2.02 -106.19
CA THR GB 16 154.55 -0.87 -105.82
C THR GB 16 154.37 -0.58 -104.34
N PRO GB 17 155.39 -0.05 -103.67
CA PRO GB 17 155.22 0.29 -102.25
C PRO GB 17 154.32 1.48 -102.00
N LYS GB 18 154.20 2.40 -102.97
CA LYS GB 18 153.36 3.57 -102.75
C LYS GB 18 151.88 3.20 -102.72
N GLU GB 19 151.49 2.18 -103.48
CA GLU GB 19 150.10 1.74 -103.44
C GLU GB 19 149.84 0.84 -102.24
N LYS GB 20 150.86 0.07 -101.82
CA LYS GB 20 150.71 -0.72 -100.61
C LYS GB 20 150.54 0.20 -99.40
N LEU GB 21 151.29 1.30 -99.39
CA LEU GB 21 151.15 2.30 -98.33
C LEU GB 21 149.81 3.02 -98.41
N ASP GB 22 149.31 3.28 -99.62
CA ASP GB 22 147.99 3.89 -99.76
C ASP GB 22 146.91 2.96 -99.21
N LEU GB 23 147.00 1.66 -99.50
CA LEU GB 23 146.08 0.69 -98.92
C LEU GB 23 146.24 0.60 -97.41
N TYR GB 24 147.48 0.71 -96.92
CA TYR GB 24 147.73 0.72 -95.48
C TYR GB 24 147.02 1.90 -94.83
N CYS GB 25 147.12 3.07 -95.46
CA CYS GB 25 146.40 4.25 -94.98
C CYS GB 25 144.90 4.04 -95.04
N GLU GB 26 144.40 3.41 -96.10
CA GLU GB 26 142.97 3.16 -96.20
C GLU GB 26 142.47 2.26 -95.08
N ALA GB 27 143.23 1.20 -94.79
CA ALA GB 27 142.85 0.31 -93.70
C ALA GB 27 142.93 1.00 -92.34
N LEU GB 28 143.96 1.81 -92.12
CA LEU GB 28 144.08 2.55 -90.87
C LEU GB 28 142.96 3.56 -90.71
N CYS GB 29 142.58 4.24 -91.80
CA CYS GB 29 141.51 5.22 -91.74
C CYS GB 29 140.13 4.58 -91.58
N ASP GB 30 139.94 3.37 -92.13
CA ASP GB 30 138.60 2.79 -92.15
C ASP GB 30 138.34 1.82 -91.01
N GLY GB 31 139.27 0.92 -90.70
CA GLY GB 31 138.99 -0.05 -89.66
C GLY GB 31 139.71 0.13 -88.35
N PHE GB 32 140.21 1.34 -88.07
CA PHE GB 32 140.78 1.71 -86.79
C PHE GB 32 141.59 0.61 -86.09
N ASN GB 33 142.49 -0.04 -86.80
CA ASN GB 33 143.29 -1.10 -86.18
C ASN GB 33 144.65 -1.14 -86.86
N LYS GB 34 145.71 -1.13 -86.07
CA LYS GB 34 147.06 -1.18 -86.62
C LYS GB 34 147.44 -2.58 -87.06
N THR GB 35 147.10 -3.60 -86.27
CA THR GB 35 147.51 -4.95 -86.63
C THR GB 35 146.75 -5.44 -87.86
N GLN GB 36 145.45 -5.14 -87.94
CA GLN GB 36 144.68 -5.54 -89.10
C GLN GB 36 145.17 -4.85 -90.36
N ALA GB 37 145.47 -3.55 -90.26
CA ALA GB 37 146.02 -2.83 -91.41
C ALA GB 37 147.38 -3.37 -91.81
N TYR GB 38 148.22 -3.69 -90.83
CA TYR GB 38 149.57 -4.19 -91.13
C TYR GB 38 149.51 -5.55 -91.79
N ILE GB 39 148.63 -6.44 -91.32
CA ILE GB 39 148.47 -7.74 -91.99
C ILE GB 39 147.80 -7.57 -93.34
N LYS GB 40 146.98 -6.52 -93.50
CA LYS GB 40 146.38 -6.24 -94.80
C LYS GB 40 147.40 -5.66 -95.78
N ALA GB 41 148.54 -5.17 -95.29
CA ALA GB 41 149.57 -4.70 -96.19
C ALA GB 41 150.17 -5.86 -96.99
N GLY GB 42 150.35 -7.01 -96.35
CA GLY GB 42 150.82 -8.19 -97.04
C GLY GB 42 152.04 -8.86 -96.44
N PHE GB 43 152.28 -8.63 -95.15
CA PHE GB 43 153.51 -9.08 -94.50
C PHE GB 43 153.19 -10.13 -93.43
N SER GB 44 154.24 -10.56 -92.74
CA SER GB 44 154.11 -11.67 -91.79
C SER GB 44 153.35 -11.22 -90.54
N ALA GB 45 152.35 -12.02 -90.16
CA ALA GB 45 151.51 -11.75 -89.01
C ALA GB 45 152.24 -12.01 -87.69
N PRO GB 46 153.04 -13.09 -87.60
CA PRO GB 46 153.59 -13.48 -86.30
C PRO GB 46 154.53 -12.46 -85.66
N HIS GB 47 155.62 -12.10 -86.33
CA HIS GB 47 156.56 -11.15 -85.75
C HIS GB 47 156.25 -9.75 -86.28
N ALA GB 48 155.09 -9.27 -85.86
CA ALA GB 48 154.53 -7.98 -86.25
C ALA GB 48 154.56 -6.96 -85.13
N GLN GB 49 155.22 -7.27 -84.00
CA GLN GB 49 155.19 -6.41 -82.83
C GLN GB 49 156.37 -5.46 -82.74
N ARG GB 50 157.50 -5.78 -83.36
CA ARG GB 50 158.65 -4.89 -83.19
C ARG GB 50 158.86 -3.97 -84.39
N ASN GB 51 159.07 -4.54 -85.59
CA ASN GB 51 159.32 -3.75 -86.80
C ASN GB 51 158.26 -2.69 -87.06
N VAL GB 52 157.07 -2.82 -86.46
CA VAL GB 52 155.99 -1.89 -86.74
C VAL GB 52 156.24 -0.54 -86.07
N ALA GB 53 156.85 -0.53 -84.88
CA ALA GB 53 157.22 0.75 -84.29
C ALA GB 53 158.22 1.50 -85.17
N PRO GB 54 159.28 0.85 -85.68
CA PRO GB 54 160.16 1.54 -86.63
C PRO GB 54 159.43 1.97 -87.89
N TYR GB 55 158.48 1.17 -88.37
CA TYR GB 55 157.73 1.55 -89.56
C TYR GB 55 156.88 2.78 -89.31
N HIS GB 56 156.29 2.90 -88.12
CA HIS GB 56 155.46 4.05 -87.82
C HIS GB 56 156.31 5.30 -87.60
N ARG GB 57 157.47 5.16 -86.96
CA ARG GB 57 158.30 6.34 -86.72
C ARG GB 57 158.99 6.82 -87.99
N LYS GB 58 159.25 5.92 -88.93
CA LYS GB 58 159.95 6.27 -90.16
C LYS GB 58 159.02 6.77 -91.27
N ASN GB 59 157.70 6.59 -91.14
CA ASN GB 59 156.76 7.00 -92.18
C ASN GB 59 155.57 7.78 -91.61
N ALA GB 60 155.79 8.55 -90.56
CA ALA GB 60 154.69 9.26 -89.90
C ALA GB 60 154.10 10.36 -90.77
N GLU GB 61 154.93 11.08 -91.53
CA GLU GB 61 154.45 12.26 -92.25
C GLU GB 61 153.41 11.91 -93.32
N TYR GB 62 153.64 10.86 -94.11
CA TYR GB 62 152.69 10.54 -95.18
C TYR GB 62 151.38 10.04 -94.60
N ILE GB 63 151.44 9.28 -93.50
CA ILE GB 63 150.21 8.81 -92.85
C ILE GB 63 149.39 9.99 -92.34
N GLN GB 64 150.06 10.97 -91.72
CA GLN GB 64 149.35 12.16 -91.24
C GLN GB 64 148.74 12.95 -92.40
N ALA GB 65 149.48 13.08 -93.50
CA ALA GB 65 148.93 13.79 -94.66
C ALA GB 65 147.71 13.06 -95.20
N TYR GB 66 147.77 11.73 -95.27
CA TYR GB 66 146.64 10.96 -95.75
C TYR GB 66 145.43 11.11 -94.82
N ILE GB 67 145.67 11.12 -93.51
CA ILE GB 67 144.57 11.29 -92.56
C ILE GB 67 143.93 12.66 -92.73
N SER GB 68 144.76 13.70 -92.95
CA SER GB 68 144.21 15.03 -93.18
C SER GB 68 143.37 15.05 -94.46
N GLU GB 69 143.87 14.41 -95.52
CA GLU GB 69 143.13 14.38 -96.78
C GLU GB 69 141.82 13.62 -96.64
N ARG GB 70 141.84 12.51 -95.90
CA ARG GB 70 140.60 11.74 -95.67
C ARG GB 70 139.60 12.54 -94.85
N ILE GB 71 140.07 13.25 -93.81
CA ILE GB 71 139.15 14.06 -93.02
C ILE GB 71 138.56 15.16 -93.89
N GLY GB 72 139.36 15.72 -94.79
CA GLY GB 72 138.86 16.71 -95.73
C GLY GB 72 137.92 16.13 -96.78
N SER GB 73 138.02 14.83 -97.05
CA SER GB 73 137.20 14.17 -98.07
C SER GB 73 135.73 14.07 -97.69
N ASP GB 74 135.39 14.28 -96.42
CA ASP GB 74 134.01 14.30 -95.95
C ASP GB 74 133.40 15.70 -95.98
N ALA GB 75 134.13 16.69 -96.49
CA ALA GB 75 133.64 18.06 -96.57
C ALA GB 75 132.28 18.23 -97.23
N PRO GB 76 131.95 17.54 -98.34
CA PRO GB 76 130.59 17.72 -98.90
C PRO GB 76 129.49 17.35 -97.90
N ALA GB 77 129.74 16.38 -97.03
CA ALA GB 77 128.77 16.07 -95.99
C ALA GB 77 128.56 17.25 -95.04
N ALA GB 78 129.65 17.92 -94.65
CA ALA GB 78 129.51 19.08 -93.77
C ALA GB 78 128.81 20.24 -94.48
N ARG GB 79 129.11 20.42 -95.76
CA ARG GB 79 128.40 21.45 -96.54
C ARG GB 79 126.91 21.16 -96.60
N LYS GB 80 126.55 19.89 -96.84
CA LYS GB 80 125.15 19.51 -96.86
C LYS GB 80 124.50 19.72 -95.50
N VAL GB 81 125.21 19.40 -94.43
CA VAL GB 81 124.64 19.54 -93.09
C VAL GB 81 124.36 21.01 -92.79
N VAL GB 82 125.34 21.89 -93.06
CA VAL GB 82 125.16 23.29 -92.73
C VAL GB 82 124.10 23.93 -93.63
N LEU GB 83 124.07 23.56 -94.91
CA LEU GB 83 123.05 24.12 -95.81
C LEU GB 83 121.65 23.65 -95.42
N GLU GB 84 121.48 22.37 -95.11
CA GLU GB 84 120.16 21.86 -94.78
C GLU GB 84 119.67 22.39 -93.43
N ILE GB 85 120.57 22.50 -92.44
CA ILE GB 85 120.15 23.04 -91.16
C ILE GB 85 119.86 24.54 -91.25
N MET GB 86 120.59 25.26 -92.11
CA MET GB 86 120.31 26.68 -92.29
C MET GB 86 118.96 26.92 -92.95
N ASN GB 87 118.44 25.94 -93.68
CA ASN GB 87 117.15 26.08 -94.35
C ASN GB 87 116.05 25.27 -93.66
N ASP GB 88 116.36 24.69 -92.49
CA ASP GB 88 115.37 23.91 -91.75
C ASP GB 88 114.66 24.83 -90.77
N PRO GB 89 113.35 25.07 -90.93
CA PRO GB 89 112.66 26.03 -90.05
C PRO GB 89 112.38 25.54 -88.65
N ASN GB 90 112.47 24.23 -88.39
CA ASN GB 90 112.09 23.66 -87.11
C ASN GB 90 113.23 23.60 -86.11
N GLU GB 91 114.38 24.19 -86.43
CA GLU GB 91 115.52 24.16 -85.54
C GLU GB 91 115.53 25.41 -84.66
N LYS GB 92 116.19 25.30 -83.51
CA LYS GB 92 116.22 26.40 -82.57
C LYS GB 92 116.87 27.64 -83.20
N GLY GB 93 116.37 28.82 -82.83
CA GLY GB 93 116.80 30.04 -83.50
C GLY GB 93 118.28 30.33 -83.31
N GLY GB 94 118.82 30.05 -82.13
CA GLY GB 94 120.23 30.28 -81.90
C GLY GB 94 121.10 29.46 -82.82
N ILE GB 95 120.69 28.22 -83.09
CA ILE GB 95 121.45 27.35 -83.98
C ILE GB 95 121.39 27.87 -85.41
N ARG GB 96 120.23 28.36 -85.83
CA ARG GB 96 120.13 28.97 -87.17
C ARG GB 96 121.05 30.17 -87.26
N LEU GB 97 121.10 30.98 -86.20
CA LEU GB 97 122.02 32.11 -86.17
C LEU GB 97 123.46 31.65 -86.28
N LYS GB 98 123.82 30.60 -85.55
CA LYS GB 98 125.19 30.10 -85.60
C LYS GB 98 125.53 29.58 -86.98
N ALA GB 99 124.59 28.91 -87.64
CA ALA GB 99 124.82 28.42 -89.00
C ALA GB 99 125.05 29.58 -89.97
N ALA GB 100 124.21 30.62 -89.88
CA ALA GB 100 124.40 31.78 -90.75
C ALA GB 100 125.72 32.47 -90.45
N GLN GB 101 126.06 32.60 -89.16
CA GLN GB 101 127.31 33.23 -88.76
C GLN GB 101 128.51 32.49 -89.32
N ASP GB 102 128.50 31.17 -89.18
CA ASP GB 102 129.62 30.36 -89.65
C ASP GB 102 129.74 30.41 -91.16
N ILE GB 103 128.61 30.28 -91.87
CA ILE GB 103 128.68 30.24 -93.33
C ILE GB 103 129.16 31.59 -93.86
N LEU GB 104 128.76 32.69 -93.23
CA LEU GB 104 129.29 33.99 -93.62
C LEU GB 104 130.76 34.13 -93.26
N ASP GB 105 131.18 33.57 -92.13
CA ASP GB 105 132.58 33.62 -91.74
C ASP GB 105 133.46 32.87 -92.75
N ARG GB 106 132.96 31.76 -93.30
CA ARG GB 106 133.68 31.12 -94.39
C ARG GB 106 133.57 31.95 -95.66
N ALA GB 107 132.46 32.66 -95.84
CA ALA GB 107 132.28 33.50 -97.02
C ALA GB 107 133.30 34.64 -97.06
N GLY GB 108 133.76 35.09 -95.89
CA GLY GB 108 134.78 36.13 -95.84
C GLY GB 108 134.42 37.39 -95.09
N PHE GB 109 133.52 37.30 -94.10
CA PHE GB 109 133.15 38.44 -93.27
C PHE GB 109 133.47 38.10 -91.82
N GLY GB 110 134.45 38.82 -91.25
CA GLY GB 110 135.00 38.48 -89.96
C GLY GB 110 134.75 39.51 -88.87
N ALA GB 111 135.56 39.46 -87.80
CA ALA GB 111 135.40 40.38 -86.69
C ALA GB 111 136.13 41.69 -86.98
N LYS GB 112 136.08 42.61 -86.02
CA LYS GB 112 136.46 44.00 -86.26
C LYS GB 112 137.53 44.46 -85.25
N GLN GB 113 137.69 45.78 -85.18
CA GLN GB 113 138.90 46.41 -84.67
C GLN GB 113 139.15 46.15 -83.19
N LYS GB 114 140.43 46.19 -82.84
CA LYS GB 114 140.90 46.18 -81.45
C LYS GB 114 142.16 47.04 -81.42
N ILE GB 115 142.19 48.01 -80.51
CA ILE GB 115 143.26 49.01 -80.49
C ILE GB 115 144.15 48.73 -79.28
N GLU GB 116 145.41 49.16 -79.39
CA GLU GB 116 146.41 48.91 -78.35
C GLU GB 116 146.85 50.20 -77.68
N LEU GB 117 146.88 50.18 -76.35
CA LEU GB 117 147.43 51.25 -75.53
C LEU GB 117 148.53 50.60 -74.69
N THR GB 118 149.77 50.93 -74.97
CA THR GB 118 150.87 50.30 -74.26
C THR GB 118 151.65 51.35 -73.46
N THR GB 119 152.71 50.89 -72.80
CA THR GB 119 153.56 51.74 -71.99
C THR GB 119 155.02 51.50 -72.37
N LYS GB 120 155.82 52.56 -72.24
CA LYS GB 120 157.25 52.45 -72.51
C LYS GB 120 157.95 51.73 -71.37
N PRO HB 17 141.72 21.20 -119.88
CA PRO HB 17 140.54 20.55 -119.31
C PRO HB 17 139.99 21.30 -118.10
N LYS HB 18 139.00 22.17 -118.33
CA LYS HB 18 138.42 22.98 -117.26
C LYS HB 18 136.92 22.79 -117.08
N GLU HB 19 136.21 22.32 -118.10
CA GLU HB 19 134.78 22.06 -117.92
C GLU HB 19 134.55 20.70 -117.25
N LYS HB 20 135.38 19.71 -117.59
CA LYS HB 20 135.27 18.41 -116.95
C LYS HB 20 135.61 18.49 -115.47
N LEU HB 21 136.56 19.36 -115.11
CA LEU HB 21 136.89 19.54 -113.69
C LEU HB 21 135.72 20.14 -112.94
N ASP HB 22 135.01 21.11 -113.55
CA ASP HB 22 133.84 21.69 -112.91
C ASP HB 22 132.71 20.67 -112.77
N LEU HB 23 132.48 19.86 -113.80
CA LEU HB 23 131.46 18.80 -113.69
C LEU HB 23 131.83 17.79 -112.61
N TYR HB 24 133.11 17.44 -112.52
CA TYR HB 24 133.58 16.52 -111.48
C TYR HB 24 133.39 17.13 -110.10
N CYS HB 25 133.69 18.42 -109.95
CA CYS HB 25 133.49 19.08 -108.66
C CYS HB 25 132.02 19.09 -108.26
N GLU HB 26 131.14 19.39 -109.22
CA GLU HB 26 129.71 19.41 -108.89
C GLU HB 26 129.22 18.02 -108.52
N ALA HB 27 129.67 16.98 -109.24
CA ALA HB 27 129.26 15.62 -108.92
C ALA HB 27 129.78 15.18 -107.55
N LEU HB 28 131.03 15.54 -107.23
CA LEU HB 28 131.58 15.22 -105.92
C LEU HB 28 130.84 15.94 -104.81
N CYS HB 29 130.45 17.19 -105.06
CA CYS HB 29 129.71 17.95 -104.05
C CYS HB 29 128.28 17.42 -103.88
N ASP HB 30 127.69 16.87 -104.94
CA ASP HB 30 126.28 16.50 -104.87
C ASP HB 30 126.02 15.06 -104.49
N GLY HB 31 126.77 14.09 -105.04
CA GLY HB 31 126.44 12.72 -104.72
C GLY HB 31 127.39 12.03 -103.75
N PHE HB 32 128.16 12.83 -103.00
CA PHE HB 32 129.05 12.38 -101.91
C PHE HB 32 129.68 11.00 -102.15
N ASN HB 33 130.19 10.77 -103.36
CA ASN HB 33 130.87 9.52 -103.68
C ASN HB 33 131.87 9.83 -104.80
N LYS HB 34 133.11 9.40 -104.65
CA LYS HB 34 134.11 9.70 -105.66
C LYS HB 34 133.97 8.80 -106.89
N THR HB 35 133.70 7.50 -106.70
CA THR HB 35 133.67 6.60 -107.84
C THR HB 35 132.51 6.90 -108.78
N GLN HB 36 131.32 7.14 -108.23
CA GLN HB 36 130.17 7.46 -109.07
C GLN HB 36 130.38 8.80 -109.76
N ALA HB 37 130.93 9.78 -109.05
CA ALA HB 37 131.18 11.08 -109.65
C ALA HB 37 132.19 10.98 -110.79
N TYR HB 38 133.24 10.18 -110.62
CA TYR HB 38 134.23 10.04 -111.69
C TYR HB 38 133.63 9.29 -112.87
N ILE HB 39 132.81 8.27 -112.62
CA ILE HB 39 132.18 7.56 -113.72
C ILE HB 39 131.20 8.46 -114.45
N LYS HB 40 130.58 9.40 -113.74
CA LYS HB 40 129.72 10.39 -114.36
C LYS HB 40 130.49 11.50 -115.06
N ALA HB 41 131.78 11.64 -114.75
CA ALA HB 41 132.60 12.66 -115.37
C ALA HB 41 132.79 12.41 -116.87
N GLY HB 42 132.89 11.15 -117.28
CA GLY HB 42 133.03 10.84 -118.70
C GLY HB 42 134.19 9.92 -119.00
N PHE HB 43 134.60 9.14 -118.02
CA PHE HB 43 135.79 8.30 -118.10
C PHE HB 43 135.40 6.83 -118.07
N SER HB 44 136.42 5.97 -118.07
CA SER HB 44 136.18 4.53 -118.20
C SER HB 44 135.56 3.98 -116.92
N ALA HB 45 134.50 3.18 -117.09
CA ALA HB 45 133.75 2.60 -115.99
C ALA HB 45 134.53 1.49 -115.28
N PRO HB 46 135.21 0.61 -116.03
CA PRO HB 46 135.84 -0.55 -115.39
C PRO HB 46 136.91 -0.18 -114.39
N HIS HB 47 137.96 0.51 -114.84
CA HIS HB 47 139.05 0.92 -113.96
C HIS HB 47 138.92 2.40 -113.61
N ALA HB 48 137.92 2.70 -112.78
CA ALA HB 48 137.64 4.04 -112.32
C ALA HB 48 138.06 4.24 -110.87
N GLN HB 49 138.70 3.24 -110.27
CA GLN HB 49 139.09 3.24 -108.86
C GLN HB 49 140.56 3.55 -108.63
N ARG HB 50 141.42 3.41 -109.65
CA ARG HB 50 142.87 3.54 -109.46
C ARG HB 50 143.36 4.95 -109.78
N ASN HB 51 143.22 5.37 -111.03
CA ASN HB 51 143.69 6.69 -111.46
C ASN HB 51 142.96 7.83 -110.76
N VAL HB 52 141.82 7.54 -110.12
CA VAL HB 52 140.98 8.61 -109.59
C VAL HB 52 141.63 9.27 -108.38
N ALA HB 53 142.34 8.51 -107.54
CA ALA HB 53 143.04 9.15 -106.44
C ALA HB 53 144.09 10.15 -106.91
N PRO HB 54 144.98 9.81 -107.85
CA PRO HB 54 145.91 10.83 -108.36
C PRO HB 54 145.21 11.97 -109.06
N TYR HB 55 144.14 11.67 -109.81
CA TYR HB 55 143.42 12.71 -110.53
C TYR HB 55 142.78 13.70 -109.55
N HIS HB 56 142.29 13.20 -108.42
CA HIS HB 56 141.70 14.07 -107.41
C HIS HB 56 142.75 14.85 -106.65
N ARG HB 57 143.90 14.24 -106.35
CA ARG HB 57 144.92 14.93 -105.56
C ARG HB 57 145.71 15.94 -106.36
N LYS HB 58 145.75 15.83 -107.69
CA LYS HB 58 146.56 16.75 -108.48
C LYS HB 58 145.88 18.10 -108.71
N ASN HB 59 144.62 18.26 -108.34
CA ASN HB 59 143.87 19.50 -108.56
C ASN HB 59 143.24 20.00 -107.27
N ALA HB 60 143.98 19.85 -106.16
CA ALA HB 60 143.45 20.24 -104.85
C ALA HB 60 143.15 21.73 -104.77
N GLU HB 61 143.99 22.56 -105.38
CA GLU HB 61 143.74 24.00 -105.31
C GLU HB 61 142.42 24.36 -105.97
N TYR HB 62 142.15 23.80 -107.16
CA TYR HB 62 140.89 24.08 -107.84
C TYR HB 62 139.72 23.46 -107.10
N ILE HB 63 139.91 22.29 -106.50
CA ILE HB 63 138.85 21.67 -105.72
C ILE HB 63 138.46 22.56 -104.54
N GLN HB 64 139.47 23.06 -103.82
CA GLN HB 64 139.21 23.94 -102.69
C GLN HB 64 138.56 25.24 -103.12
N ALA HB 65 139.03 25.85 -104.22
CA ALA HB 65 138.42 27.09 -104.68
C ALA HB 65 136.97 26.88 -105.09
N TYR HB 66 136.69 25.78 -105.80
CA TYR HB 66 135.33 25.51 -106.23
C TYR HB 66 134.41 25.25 -105.04
N ILE HB 67 134.88 24.50 -104.05
CA ILE HB 67 134.07 24.24 -102.86
C ILE HB 67 133.81 25.53 -102.09
N SER HB 68 134.83 26.40 -102.01
CA SER HB 68 134.65 27.68 -101.35
C SER HB 68 133.61 28.54 -102.06
N GLU HB 69 133.65 28.58 -103.39
CA GLU HB 69 132.65 29.34 -104.12
C GLU HB 69 131.25 28.74 -103.96
N ARG HB 70 131.17 27.41 -103.94
CA ARG HB 70 129.88 26.75 -103.78
C ARG HB 70 129.27 27.05 -102.42
N ILE HB 71 130.07 26.99 -101.35
CA ILE HB 71 129.54 27.33 -100.03
C ILE HB 71 129.24 28.83 -99.95
N GLY HB 72 130.05 29.66 -100.59
CA GLY HB 72 129.84 31.11 -100.59
C GLY HB 72 128.58 31.54 -101.30
N SER HB 73 128.09 30.73 -102.24
CA SER HB 73 126.85 31.07 -102.93
C SER HB 73 125.64 31.00 -102.02
N ASP HB 74 125.77 30.41 -100.84
CA ASP HB 74 124.69 30.34 -99.87
C ASP HB 74 124.66 31.53 -98.93
N ALA HB 75 125.56 32.50 -99.09
CA ALA HB 75 125.53 33.71 -98.27
C ALA HB 75 124.18 34.43 -98.33
N PRO HB 76 123.52 34.59 -99.49
CA PRO HB 76 122.18 35.20 -99.47
C PRO HB 76 121.19 34.43 -98.63
N ALA HB 77 121.33 33.10 -98.55
CA ALA HB 77 120.47 32.32 -97.66
C ALA HB 77 120.67 32.73 -96.21
N ALA HB 78 121.93 32.94 -95.80
CA ALA HB 78 122.20 33.39 -94.43
C ALA HB 78 121.68 34.80 -94.19
N ARG HB 79 121.79 35.67 -95.19
CA ARG HB 79 121.22 37.01 -95.06
C ARG HB 79 119.71 36.95 -94.88
N LYS HB 80 119.04 36.11 -95.66
CA LYS HB 80 117.59 35.93 -95.51
C LYS HB 80 117.27 35.35 -94.14
N VAL HB 81 118.09 34.42 -93.66
CA VAL HB 81 117.85 33.81 -92.36
C VAL HB 81 117.95 34.85 -91.25
N VAL HB 82 118.99 35.68 -91.29
CA VAL HB 82 119.16 36.68 -90.23
C VAL HB 82 118.05 37.73 -90.30
N LEU HB 83 117.64 38.12 -91.52
CA LEU HB 83 116.54 39.08 -91.63
C LEU HB 83 115.23 38.49 -91.09
N GLU HB 84 114.96 37.23 -91.41
CA GLU HB 84 113.73 36.60 -90.94
C GLU HB 84 113.74 36.42 -89.44
N ILE HB 85 114.91 36.13 -88.86
CA ILE HB 85 115.02 36.04 -87.41
C ILE HB 85 114.79 37.42 -86.80
N MET HB 86 115.27 38.47 -87.47
CA MET HB 86 115.01 39.82 -87.00
C MET HB 86 113.55 40.21 -87.13
N ASN HB 87 112.77 39.53 -87.98
CA ASN HB 87 111.38 39.91 -88.21
C ASN HB 87 110.35 38.99 -87.55
N ASP HB 88 110.78 38.03 -86.72
CA ASP HB 88 109.83 37.15 -86.04
C ASP HB 88 109.46 37.74 -84.69
N PRO HB 89 108.22 38.18 -84.47
CA PRO HB 89 107.89 38.83 -83.19
C PRO HB 89 107.68 37.89 -82.02
N ASN HB 90 107.35 36.62 -82.26
CA ASN HB 90 107.05 35.70 -81.18
C ASN HB 90 108.24 34.86 -80.76
N GLU HB 91 109.42 35.11 -81.33
CA GLU HB 91 110.59 34.31 -81.00
C GLU HB 91 111.37 35.01 -79.89
N LYS HB 92 112.19 34.24 -79.18
CA LYS HB 92 112.87 34.77 -78.01
C LYS HB 92 113.76 35.95 -78.38
N GLY HB 93 113.76 36.97 -77.51
CA GLY HB 93 114.43 38.22 -77.82
C GLY HB 93 115.94 38.11 -77.94
N GLY HB 94 116.56 37.28 -77.09
CA GLY HB 94 118.01 37.22 -77.07
C GLY HB 94 118.63 36.77 -78.37
N ILE HB 95 118.02 35.80 -79.05
CA ILE HB 95 118.58 35.29 -80.29
C ILE HB 95 118.52 36.36 -81.39
N ARG HB 96 117.37 37.05 -81.48
CA ARG HB 96 117.24 38.13 -82.46
C ARG HB 96 118.22 39.25 -82.16
N LEU HB 97 118.39 39.57 -80.88
CA LEU HB 97 119.34 40.60 -80.49
C LEU HB 97 120.77 40.23 -80.88
N LYS HB 98 121.15 38.97 -80.65
CA LYS HB 98 122.50 38.54 -81.02
C LYS HB 98 122.69 38.55 -82.53
N ALA HB 99 121.64 38.20 -83.29
CA ALA HB 99 121.72 38.31 -84.75
C ALA HB 99 121.94 39.75 -85.18
N ALA HB 100 121.20 40.68 -84.55
CA ALA HB 100 121.39 42.10 -84.82
C ALA HB 100 122.80 42.54 -84.45
N GLN HB 101 123.31 42.02 -83.33
CA GLN HB 101 124.68 42.32 -82.92
C GLN HB 101 125.67 41.92 -84.00
N ASP HB 102 125.51 40.72 -84.56
CA ASP HB 102 126.43 40.26 -85.59
C ASP HB 102 126.32 41.13 -86.83
N ILE HB 103 125.08 41.49 -87.22
CA ILE HB 103 124.91 42.29 -88.42
C ILE HB 103 125.56 43.66 -88.24
N LEU HB 104 125.48 44.20 -87.03
CA LEU HB 104 126.15 45.46 -86.74
C LEU HB 104 127.67 45.30 -86.76
N ASP HB 105 128.18 44.17 -86.25
CA ASP HB 105 129.61 43.93 -86.26
C ASP HB 105 130.17 43.83 -87.67
N ARG HB 106 129.44 43.17 -88.58
CA ARG HB 106 129.87 43.15 -89.98
C ARG HB 106 129.63 44.49 -90.68
N ALA HB 107 128.66 45.27 -90.22
CA ALA HB 107 128.40 46.56 -90.86
C ALA HB 107 129.60 47.48 -90.77
N GLY HB 108 130.44 47.29 -89.76
CA GLY HB 108 131.65 48.08 -89.63
C GLY HB 108 131.69 48.84 -88.33
N PHE HB 109 131.01 48.30 -87.31
CA PHE HB 109 130.96 48.90 -85.98
C PHE HB 109 131.58 47.89 -85.03
N GLY HB 110 132.77 48.22 -84.51
CA GLY HB 110 133.51 47.23 -83.74
C GLY HB 110 133.77 47.56 -82.28
N ALA HB 111 134.71 46.84 -81.68
CA ALA HB 111 135.08 47.02 -80.29
C ALA HB 111 136.17 48.08 -80.15
N LYS HB 112 136.60 48.30 -78.91
CA LYS HB 112 137.48 49.42 -78.57
C LYS HB 112 138.73 48.90 -77.86
N GLN HB 113 139.45 49.80 -77.21
CA GLN HB 113 140.83 49.58 -76.82
C GLN HB 113 140.99 48.52 -75.75
N LYS HB 114 142.16 47.89 -75.76
CA LYS HB 114 142.61 46.95 -74.74
C LYS HB 114 144.13 47.12 -74.64
N ILE HB 115 144.63 47.19 -73.41
CA ILE HB 115 146.01 47.58 -73.16
C ILE HB 115 146.87 46.38 -72.80
N GLU HB 116 148.14 46.43 -73.22
CA GLU HB 116 149.12 45.40 -72.91
C GLU HB 116 150.28 46.07 -72.17
N LEU HB 117 150.69 45.47 -71.06
CA LEU HB 117 151.77 45.97 -70.22
C LEU HB 117 152.85 44.91 -70.04
N THR HB 118 154.10 45.27 -70.30
CA THR HB 118 155.21 44.33 -70.17
C THR HB 118 156.17 44.80 -69.08
N THR HB 119 156.63 43.86 -68.25
CA THR HB 119 157.54 44.14 -67.16
C THR HB 119 158.65 43.10 -67.14
N LYS HB 120 159.64 43.34 -66.28
CA LYS HB 120 160.65 42.34 -65.91
C LYS HB 120 161.46 42.84 -64.72
N LEU IB 15 119.58 48.77 -119.59
CA LEU IB 15 120.58 49.62 -120.21
C LEU IB 15 121.95 48.93 -120.22
N THR IB 16 122.91 49.55 -119.56
CA THR IB 16 124.25 49.00 -119.44
C THR IB 16 124.22 47.73 -118.59
N PRO IB 17 125.23 46.86 -118.72
CA PRO IB 17 125.23 45.63 -117.90
C PRO IB 17 125.31 45.90 -116.42
N LYS IB 18 125.65 47.12 -116.00
CA LYS IB 18 125.73 47.42 -114.57
C LYS IB 18 124.37 47.32 -113.90
N GLU IB 19 123.30 47.72 -114.58
CA GLU IB 19 121.98 47.65 -113.97
C GLU IB 19 121.40 46.24 -114.05
N LYS IB 20 121.69 45.51 -115.11
CA LYS IB 20 121.22 44.12 -115.17
C LYS IB 20 121.93 43.27 -114.13
N LEU IB 21 123.23 43.51 -113.94
CA LEU IB 21 123.96 42.75 -112.93
C LEU IB 21 123.52 43.15 -111.52
N ASP IB 22 123.21 44.43 -111.30
CA ASP IB 22 122.68 44.84 -110.00
C ASP IB 22 121.31 44.21 -109.74
N LEU IB 23 120.48 44.10 -110.78
CA LEU IB 23 119.21 43.39 -110.66
C LEU IB 23 119.44 41.93 -110.32
N TYR IB 24 120.46 41.32 -110.93
CA TYR IB 24 120.80 39.94 -110.58
C TYR IB 24 121.23 39.84 -109.12
N CYS IB 25 122.02 40.80 -108.64
CA CYS IB 25 122.47 40.79 -107.26
C CYS IB 25 121.30 40.91 -106.29
N GLU IB 26 120.37 41.83 -106.56
CA GLU IB 26 119.21 41.98 -105.68
C GLU IB 26 118.32 40.75 -105.74
N ALA IB 27 118.16 40.14 -106.92
CA ALA IB 27 117.37 38.93 -107.04
C ALA IB 27 118.00 37.78 -106.26
N LEU IB 28 119.33 37.67 -106.31
CA LEU IB 28 120.01 36.67 -105.50
C LEU IB 28 119.86 36.96 -104.02
N CYS IB 29 119.84 38.24 -103.65
CA CYS IB 29 119.67 38.61 -102.25
C CYS IB 29 118.27 38.28 -101.75
N ASP IB 30 117.26 38.34 -102.62
CA ASP IB 30 115.89 38.15 -102.16
C ASP IB 30 115.40 36.71 -102.32
N GLY IB 31 115.65 36.09 -103.48
CA GLY IB 31 115.14 34.75 -103.67
C GLY IB 31 116.17 33.64 -103.65
N PHE IB 32 117.35 33.91 -103.08
CA PHE IB 32 118.40 32.93 -102.81
C PHE IB 32 118.50 31.79 -103.83
N ASN IB 33 118.51 32.11 -105.12
CA ASN IB 33 118.61 31.07 -106.13
C ASN IB 33 119.32 31.63 -107.36
N LYS IB 34 120.30 30.88 -107.85
CA LYS IB 34 121.01 31.31 -109.04
C LYS IB 34 120.18 31.11 -110.30
N THR IB 35 119.46 29.98 -110.40
CA THR IB 35 118.69 29.71 -111.60
C THR IB 35 117.51 30.67 -111.71
N GLN IB 36 116.79 30.87 -110.60
CA GLN IB 36 115.67 31.80 -110.60
C GLN IB 36 116.14 33.23 -110.83
N ALA IB 37 117.25 33.62 -110.20
CA ALA IB 37 117.77 34.97 -110.41
C ALA IB 37 118.21 35.17 -111.85
N TYR IB 38 118.83 34.16 -112.46
CA TYR IB 38 119.28 34.31 -113.84
C TYR IB 38 118.10 34.39 -114.81
N ILE IB 39 117.08 33.54 -114.61
CA ILE IB 39 115.91 33.60 -115.49
C ILE IB 39 115.13 34.90 -115.24
N LYS IB 40 115.15 35.41 -114.01
CA LYS IB 40 114.55 36.68 -113.68
C LYS IB 40 115.40 37.86 -114.15
N ALA IB 41 116.66 37.63 -114.49
CA ALA IB 41 117.49 38.71 -115.01
C ALA IB 41 117.06 39.12 -116.41
N GLY IB 42 116.66 38.16 -117.24
CA GLY IB 42 116.21 38.46 -118.59
C GLY IB 42 116.92 37.65 -119.65
N PHE IB 43 117.42 36.48 -119.28
CA PHE IB 43 118.28 35.68 -120.12
C PHE IB 43 117.59 34.40 -120.56
N SER IB 44 118.33 33.56 -121.29
CA SER IB 44 117.77 32.35 -121.84
C SER IB 44 117.49 31.34 -120.74
N ALA IB 45 116.29 30.74 -120.75
CA ALA IB 45 115.94 29.82 -119.67
C ALA IB 45 116.76 28.54 -119.72
N PRO IB 46 116.95 27.88 -120.87
CA PRO IB 46 117.70 26.62 -120.85
C PRO IB 46 119.17 26.81 -120.52
N HIS IB 47 119.82 27.82 -121.11
CA HIS IB 47 121.24 28.05 -120.86
C HIS IB 47 121.43 28.86 -119.58
N ALA IB 48 121.01 28.26 -118.47
CA ALA IB 48 121.14 28.86 -117.15
C ALA IB 48 122.13 28.13 -116.26
N GLN IB 49 122.77 27.08 -116.76
CA GLN IB 49 123.70 26.29 -115.96
C GLN IB 49 125.16 26.52 -116.29
N ARG IB 50 125.48 26.93 -117.51
CA ARG IB 50 126.88 27.07 -117.90
C ARG IB 50 127.35 28.52 -117.78
N ASN IB 51 126.77 29.41 -118.59
CA ASN IB 51 127.13 30.82 -118.56
C ASN IB 51 127.04 31.42 -117.17
N VAL IB 52 126.28 30.80 -116.26
CA VAL IB 52 126.07 31.39 -114.95
C VAL IB 52 127.31 31.24 -114.07
N ALA IB 53 128.02 30.12 -114.19
CA ALA IB 53 129.26 29.98 -113.43
C ALA IB 53 130.29 31.03 -113.82
N PRO IB 54 130.61 31.23 -115.10
CA PRO IB 54 131.53 32.31 -115.46
C PRO IB 54 131.01 33.70 -115.09
N TYR IB 55 129.70 33.91 -115.28
CA TYR IB 55 129.11 35.22 -114.99
C TYR IB 55 129.24 35.57 -113.52
N HIS IB 56 129.05 34.59 -112.63
CA HIS IB 56 129.19 34.83 -111.21
C HIS IB 56 130.65 34.89 -110.78
N ARG IB 57 131.51 34.06 -111.40
CA ARG IB 57 132.90 33.97 -110.97
C ARG IB 57 133.76 35.15 -111.38
N LYS IB 58 133.42 35.82 -112.49
CA LYS IB 58 134.28 36.92 -112.92
C LYS IB 58 133.94 38.25 -112.25
N ASN IB 59 132.88 38.33 -111.46
CA ASN IB 59 132.46 39.58 -110.82
C ASN IB 59 132.29 39.39 -109.32
N ALA IB 60 133.16 38.58 -108.71
CA ALA IB 60 133.06 38.29 -107.29
C ALA IB 60 133.25 39.55 -106.44
N GLU IB 61 134.13 40.45 -106.87
CA GLU IB 61 134.36 41.68 -106.11
C GLU IB 61 133.09 42.51 -106.02
N TYR IB 62 132.39 42.67 -107.14
CA TYR IB 62 131.16 43.44 -107.13
C TYR IB 62 130.04 42.70 -106.40
N ILE IB 63 130.02 41.37 -106.48
CA ILE IB 63 129.03 40.59 -105.73
C ILE IB 63 129.23 40.81 -104.23
N GLN IB 64 130.48 40.79 -103.78
CA GLN IB 64 130.78 41.05 -102.38
C GLN IB 64 130.36 42.47 -102.01
N ALA IB 65 130.60 43.43 -102.90
CA ALA IB 65 130.18 44.80 -102.62
C ALA IB 65 128.66 44.89 -102.46
N TYR IB 66 127.91 44.19 -103.33
CA TYR IB 66 126.46 44.24 -103.26
C TYR IB 66 125.94 43.62 -101.97
N ILE IB 67 126.46 42.46 -101.59
CA ILE IB 67 125.99 41.83 -100.36
C ILE IB 67 126.39 42.65 -99.14
N SER IB 68 127.58 43.26 -99.16
CA SER IB 68 127.99 44.12 -98.07
C SER IB 68 127.05 45.33 -97.95
N GLU IB 69 126.68 45.91 -99.09
CA GLU IB 69 125.75 47.04 -99.07
C GLU IB 69 124.38 46.61 -98.54
N ARG IB 70 123.93 45.42 -98.93
CA ARG IB 70 122.64 44.93 -98.44
C ARG IB 70 122.64 44.73 -96.93
N ILE IB 71 123.71 44.13 -96.40
CA ILE IB 71 123.79 43.93 -94.96
C ILE IB 71 123.95 45.27 -94.22
N GLY IB 72 124.73 46.20 -94.80
CA GLY IB 72 124.91 47.48 -94.15
C GLY IB 72 123.67 48.35 -94.15
N SER IB 73 122.80 48.18 -95.14
CA SER IB 73 121.57 48.96 -95.18
C SER IB 73 120.56 48.51 -94.12
N ASP IB 74 120.76 47.35 -93.51
CA ASP IB 74 119.90 46.84 -92.46
C ASP IB 74 120.34 47.25 -91.05
N ALA IB 75 121.41 48.03 -90.93
CA ALA IB 75 121.87 48.50 -89.63
C ALA IB 75 120.81 49.21 -88.80
N PRO IB 76 119.97 50.11 -89.36
CA PRO IB 76 118.93 50.74 -88.52
C PRO IB 76 117.99 49.73 -87.87
N ALA IB 77 117.71 48.61 -88.53
CA ALA IB 77 116.88 47.58 -87.91
C ALA IB 77 117.55 47.03 -86.64
N ALA IB 78 118.85 46.76 -86.71
CA ALA IB 78 119.56 46.27 -85.54
C ALA IB 78 119.64 47.32 -84.44
N ARG IB 79 119.80 48.59 -84.82
CA ARG IB 79 119.78 49.67 -83.84
C ARG IB 79 118.41 49.75 -83.16
N LYS IB 80 117.34 49.61 -83.93
CA LYS IB 80 116.00 49.60 -83.35
C LYS IB 80 115.82 48.41 -82.41
N VAL IB 81 116.36 47.25 -82.79
CA VAL IB 81 116.21 46.07 -81.95
C VAL IB 81 116.90 46.27 -80.60
N VAL IB 82 118.14 46.77 -80.63
CA VAL IB 82 118.87 46.93 -79.38
C VAL IB 82 118.25 48.04 -78.53
N LEU IB 83 117.80 49.14 -79.16
CA LEU IB 83 117.17 50.21 -78.38
C LEU IB 83 115.85 49.75 -77.76
N GLU IB 84 115.02 49.04 -78.52
CA GLU IB 84 113.72 48.63 -78.00
C GLU IB 84 113.89 47.59 -76.90
N ILE IB 85 114.87 46.70 -77.03
CA ILE IB 85 115.12 45.74 -75.95
C ILE IB 85 115.72 46.45 -74.74
N MET IB 86 116.52 47.49 -74.95
CA MET IB 86 117.04 48.26 -73.83
C MET IB 86 115.94 49.05 -73.12
N ASN IB 87 114.83 49.34 -73.80
CA ASN IB 87 113.71 50.05 -73.19
C ASN IB 87 112.54 49.13 -72.91
N ASP IB 88 112.72 47.81 -73.08
CA ASP IB 88 111.67 46.84 -72.84
C ASP IB 88 111.77 46.33 -71.42
N PRO IB 89 110.81 46.63 -70.54
CA PRO IB 89 110.94 46.20 -69.13
C PRO IB 89 110.60 44.74 -68.86
N ASN IB 90 109.86 44.07 -69.75
CA ASN IB 90 109.43 42.71 -69.49
C ASN IB 90 110.38 41.66 -70.06
N GLU IB 91 111.56 42.06 -70.52
CA GLU IB 91 112.52 41.13 -71.09
C GLU IB 91 113.45 40.64 -70.00
N LYS IB 92 114.04 39.47 -70.22
CA LYS IB 92 114.85 38.83 -69.19
C LYS IB 92 116.06 39.69 -68.83
N GLY IB 93 116.43 39.66 -67.55
CA GLY IB 93 117.45 40.57 -67.05
C GLY IB 93 118.81 40.37 -67.70
N GLY IB 94 119.19 39.13 -67.95
CA GLY IB 94 120.45 38.88 -68.61
C GLY IB 94 120.49 39.47 -70.00
N ILE IB 95 119.36 39.39 -70.71
CA ILE IB 95 119.29 39.91 -72.08
C ILE IB 95 119.40 41.43 -72.09
N ARG IB 96 118.67 42.10 -71.18
CA ARG IB 96 118.78 43.56 -71.11
C ARG IB 96 120.18 43.99 -70.70
N LEU IB 97 120.79 43.26 -69.76
CA LEU IB 97 122.14 43.60 -69.32
C LEU IB 97 123.13 43.47 -70.46
N LYS IB 98 123.05 42.37 -71.21
CA LYS IB 98 123.97 42.19 -72.33
C LYS IB 98 123.73 43.21 -73.43
N ALA IB 99 122.46 43.56 -73.68
CA ALA IB 99 122.16 44.57 -74.69
C ALA IB 99 122.74 45.93 -74.30
N ALA IB 100 122.55 46.35 -73.05
CA ALA IB 100 123.09 47.63 -72.61
C ALA IB 100 124.62 47.61 -72.63
N GLN IB 101 125.22 46.51 -72.17
CA GLN IB 101 126.67 46.40 -72.17
C GLN IB 101 127.23 46.49 -73.59
N ASP IB 102 126.62 45.77 -74.53
CA ASP IB 102 127.11 45.79 -75.89
C ASP IB 102 126.93 47.15 -76.53
N ILE IB 103 125.78 47.80 -76.32
CA ILE IB 103 125.56 49.09 -76.97
C ILE IB 103 126.51 50.13 -76.40
N LEU IB 104 126.82 50.06 -75.10
CA LEU IB 104 127.82 50.96 -74.53
C LEU IB 104 129.20 50.65 -75.10
N ASP IB 105 129.52 49.37 -75.28
CA ASP IB 105 130.79 49.00 -75.91
C ASP IB 105 130.86 49.51 -77.35
N ARG IB 106 129.71 49.58 -78.01
CA ARG IB 106 129.63 50.16 -79.35
C ARG IB 106 129.86 51.67 -79.29
N ALA IB 107 129.44 52.30 -78.19
CA ALA IB 107 129.61 53.75 -78.05
C ALA IB 107 131.08 54.16 -77.99
N GLY IB 108 131.96 53.29 -77.49
CA GLY IB 108 133.37 53.61 -77.44
C GLY IB 108 133.99 53.55 -76.06
N PHE IB 109 133.42 52.76 -75.16
CA PHE IB 109 133.93 52.53 -73.83
C PHE IB 109 134.22 51.03 -73.73
N GLY IB 110 135.49 50.67 -73.55
CA GLY IB 110 135.95 49.34 -73.84
C GLY IB 110 136.31 48.49 -72.63
N ALA IB 111 137.08 47.43 -72.90
CA ALA IB 111 137.42 46.39 -71.95
C ALA IB 111 138.61 46.76 -71.06
N LYS IB 112 139.02 45.78 -70.24
CA LYS IB 112 139.95 45.90 -69.13
C LYS IB 112 141.41 45.82 -69.56
N GLN IB 113 142.28 46.29 -68.68
CA GLN IB 113 143.72 46.30 -68.92
C GLN IB 113 144.28 44.89 -68.84
N LYS IB 114 145.42 44.69 -69.49
CA LYS IB 114 146.11 43.41 -69.45
C LYS IB 114 147.61 43.60 -69.45
N ILE IB 115 148.30 42.94 -68.53
CA ILE IB 115 149.74 43.04 -68.38
C ILE IB 115 150.34 41.72 -68.82
N GLU IB 116 151.50 41.77 -69.47
CA GLU IB 116 152.18 40.59 -69.98
C GLU IB 116 153.60 40.55 -69.43
N LEU IB 117 154.10 39.36 -69.15
CA LEU IB 117 155.46 39.18 -68.66
C LEU IB 117 156.28 38.46 -69.72
N THR IB 118 157.05 39.22 -70.49
CA THR IB 118 157.87 38.67 -71.55
C THR IB 118 159.16 38.11 -70.97
N THR IB 119 159.59 36.96 -71.47
CA THR IB 119 160.78 36.30 -71.00
C THR IB 119 161.66 35.90 -72.17
N LYS IB 120 162.97 36.02 -71.99
CA LYS IB 120 163.92 35.68 -73.04
C LYS IB 120 163.91 34.19 -73.35
N LEU JB 15 120.84 76.51 -96.36
CA LEU JB 15 119.62 75.75 -96.14
C LEU JB 15 119.79 74.31 -96.65
N THR JB 16 120.32 74.19 -97.86
CA THR JB 16 120.42 72.90 -98.54
C THR JB 16 121.52 71.99 -98.02
N PRO JB 17 122.81 72.42 -98.01
CA PRO JB 17 123.90 71.42 -97.94
C PRO JB 17 123.99 70.58 -96.66
N LYS JB 18 124.17 71.18 -95.49
CA LYS JB 18 124.67 70.41 -94.36
C LYS JB 18 123.63 70.08 -93.30
N GLU JB 19 122.63 70.94 -93.10
CA GLU JB 19 121.61 70.60 -92.12
C GLU JB 19 120.62 69.61 -92.71
N LYS JB 20 120.36 69.72 -94.01
CA LYS JB 20 119.53 68.73 -94.67
C LYS JB 20 120.22 67.37 -94.68
N LEU JB 21 121.55 67.36 -94.83
CA LEU JB 21 122.28 66.09 -94.75
C LEU JB 21 122.25 65.49 -93.35
N ASP JB 22 122.38 66.33 -92.32
CA ASP JB 22 122.26 65.80 -90.97
C ASP JB 22 120.86 65.25 -90.71
N LEU JB 23 119.84 65.97 -91.19
CA LEU JB 23 118.47 65.48 -91.10
C LEU JB 23 118.31 64.20 -91.90
N TYR JB 24 118.99 64.09 -93.05
CA TYR JB 24 118.95 62.86 -93.84
C TYR JB 24 119.51 61.68 -93.06
N CYS JB 25 120.63 61.90 -92.35
CA CYS JB 25 121.17 60.83 -91.52
C CYS JB 25 120.20 60.45 -90.41
N GLU JB 26 119.59 61.46 -89.76
CA GLU JB 26 118.65 61.18 -88.68
C GLU JB 26 117.42 60.44 -89.20
N ALA JB 27 116.93 60.82 -90.38
CA ALA JB 27 115.79 60.15 -90.99
C ALA JB 27 116.13 58.73 -91.41
N LEU JB 28 117.34 58.52 -91.93
CA LEU JB 28 117.78 57.17 -92.27
C LEU JB 28 117.86 56.29 -91.04
N CYS JB 29 118.20 56.86 -89.88
CA CYS JB 29 118.31 56.04 -88.69
C CYS JB 29 116.96 55.45 -88.28
N ASP JB 30 115.87 56.16 -88.49
CA ASP JB 30 114.54 55.70 -88.08
C ASP JB 30 113.62 55.32 -89.24
N GLY JB 31 114.08 55.40 -90.49
CA GLY JB 31 113.19 55.17 -91.61
C GLY JB 31 113.35 53.84 -92.33
N PHE JB 32 114.52 53.22 -92.17
CA PHE JB 32 114.79 51.89 -92.71
C PHE JB 32 114.72 51.84 -94.24
N ASN JB 33 114.52 52.99 -94.89
CA ASN JB 33 114.49 53.06 -96.35
C ASN JB 33 115.00 54.43 -96.77
N LYS JB 34 115.93 54.42 -97.74
CA LYS JB 34 116.57 55.64 -98.21
C LYS JB 34 115.68 56.47 -99.14
N THR JB 35 114.87 55.82 -99.98
CA THR JB 35 114.17 56.55 -101.04
C THR JB 35 113.14 57.54 -100.49
N GLN JB 36 112.36 57.15 -99.48
CA GLN JB 36 111.35 58.08 -98.95
C GLN JB 36 111.99 59.30 -98.31
N ALA JB 37 113.05 59.09 -97.52
CA ALA JB 37 113.76 60.20 -96.91
C ALA JB 37 114.42 61.07 -97.98
N TYR JB 38 114.96 60.44 -99.02
CA TYR JB 38 115.64 61.19 -100.07
C TYR JB 38 114.67 62.05 -100.86
N ILE JB 39 113.49 61.52 -101.20
CA ILE JB 39 112.51 62.34 -101.90
C ILE JB 39 111.97 63.42 -100.98
N LYS JB 40 111.91 63.17 -99.68
CA LYS JB 40 111.51 64.21 -98.75
C LYS JB 40 112.61 65.25 -98.53
N ALA JB 41 113.85 64.92 -98.89
CA ALA JB 41 114.99 65.83 -98.76
C ALA JB 41 114.93 67.02 -99.73
N GLY JB 42 113.89 67.16 -100.54
CA GLY JB 42 113.77 68.30 -101.42
C GLY JB 42 114.46 68.17 -102.76
N PHE JB 43 114.67 66.96 -103.26
CA PHE JB 43 115.45 66.73 -104.47
C PHE JB 43 114.55 66.21 -105.58
N SER JB 44 115.16 65.90 -106.73
CA SER JB 44 114.42 65.46 -107.90
C SER JB 44 113.91 64.04 -107.68
N ALA JB 45 112.63 63.83 -108.00
CA ALA JB 45 112.00 62.54 -107.75
C ALA JB 45 112.53 61.43 -108.66
N PRO JB 46 112.74 61.68 -109.95
CA PRO JB 46 113.11 60.59 -110.86
C PRO JB 46 114.47 59.96 -110.55
N HIS JB 47 115.54 60.73 -110.57
CA HIS JB 47 116.88 60.19 -110.33
C HIS JB 47 117.08 59.95 -108.84
N ALA JB 48 116.34 58.98 -108.31
CA ALA JB 48 116.40 58.64 -106.90
C ALA JB 48 117.11 57.32 -106.60
N GLN JB 49 117.59 56.62 -107.61
CA GLN JB 49 118.30 55.36 -107.37
C GLN JB 49 119.81 55.47 -107.53
N ARG JB 50 120.29 56.37 -108.38
CA ARG JB 50 121.72 56.45 -108.62
C ARG JB 50 122.35 57.63 -107.89
N ASN JB 51 121.95 58.85 -108.29
CA ASN JB 51 122.48 60.12 -107.76
C ASN JB 51 122.64 60.10 -106.25
N VAL JB 52 121.83 59.30 -105.57
CA VAL JB 52 121.92 59.25 -104.11
C VAL JB 52 123.06 58.34 -103.69
N ALA JB 53 123.29 57.26 -104.44
CA ALA JB 53 124.41 56.37 -104.15
C ALA JB 53 125.77 57.04 -104.25
N PRO JB 54 126.07 57.81 -105.30
CA PRO JB 54 127.40 58.47 -105.33
C PRO JB 54 127.64 59.46 -104.21
N TYR JB 55 126.65 60.28 -103.86
CA TYR JB 55 126.82 61.23 -102.77
C TYR JB 55 126.97 60.48 -101.46
N HIS JB 56 126.28 59.35 -101.32
CA HIS JB 56 126.40 58.51 -100.13
C HIS JB 56 127.78 57.88 -100.07
N ARG JB 57 128.35 57.57 -101.23
CA ARG JB 57 129.69 57.00 -101.33
C ARG JB 57 130.77 58.04 -101.03
N LYS JB 58 130.45 59.32 -101.22
CA LYS JB 58 131.42 60.39 -100.98
C LYS JB 58 131.53 60.78 -99.52
N ASN JB 59 130.65 60.29 -98.65
CA ASN JB 59 130.63 60.67 -97.24
C ASN JB 59 130.54 59.44 -96.34
N ALA JB 60 131.24 58.35 -96.69
CA ALA JB 60 131.12 57.13 -95.88
C ALA JB 60 131.62 57.37 -94.46
N GLU JB 61 132.72 58.11 -94.30
CA GLU JB 61 133.20 58.40 -92.95
C GLU JB 61 132.20 59.26 -92.19
N TYR JB 62 131.60 60.25 -92.86
CA TYR JB 62 130.61 61.10 -92.21
C TYR JB 62 129.36 60.30 -91.85
N ILE JB 63 128.97 59.36 -92.71
CA ILE JB 63 127.84 58.48 -92.40
C ILE JB 63 128.14 57.63 -91.18
N GLN JB 64 129.36 57.09 -91.12
CA GLN JB 64 129.76 56.30 -89.95
C GLN JB 64 129.75 57.15 -88.69
N ALA JB 65 130.23 58.39 -88.79
CA ALA JB 65 130.22 59.28 -87.63
C ALA JB 65 128.80 59.58 -87.18
N TYR JB 66 127.89 59.82 -88.13
CA TYR JB 66 126.51 60.12 -87.76
C TYR JB 66 125.83 58.92 -87.12
N ILE JB 67 126.03 57.72 -87.67
CA ILE JB 67 125.44 56.52 -87.08
C ILE JB 67 126.06 56.25 -85.72
N SER JB 68 127.36 56.52 -85.57
CA SER JB 68 128.01 56.37 -84.27
C SER JB 68 127.41 57.33 -83.26
N GLU JB 69 127.11 58.56 -83.67
CA GLU JB 69 126.47 59.50 -82.76
C GLU JB 69 125.08 59.01 -82.38
N ARG JB 70 124.36 58.43 -83.34
CA ARG JB 70 123.03 57.89 -83.07
C ARG JB 70 123.08 56.75 -82.05
N ILE JB 71 124.02 55.83 -82.22
CA ILE JB 71 124.15 54.72 -81.28
C ILE JB 71 124.65 55.22 -79.92
N GLY JB 72 125.56 56.20 -79.92
CA GLY JB 72 126.13 56.78 -78.71
C GLY JB 72 125.19 57.61 -77.87
N SER JB 73 124.15 58.19 -78.49
CA SER JB 73 123.23 59.03 -77.74
C SER JB 73 122.41 58.24 -76.73
N ASP JB 74 122.40 56.92 -76.83
CA ASP JB 74 121.72 56.05 -75.87
C ASP JB 74 122.63 55.60 -74.74
N ALA JB 75 123.88 56.06 -74.70
CA ALA JB 75 124.81 55.67 -73.65
C ALA JB 75 124.29 55.90 -72.24
N PRO JB 76 123.68 57.04 -71.90
CA PRO JB 76 123.12 57.16 -70.54
C PRO JB 76 122.05 56.14 -70.21
N ALA JB 77 121.23 55.75 -71.19
CA ALA JB 77 120.21 54.72 -70.95
C ALA JB 77 120.84 53.39 -70.58
N ALA JB 78 121.87 52.97 -71.31
CA ALA JB 78 122.54 51.71 -70.99
C ALA JB 78 123.30 51.81 -69.67
N ARG JB 79 123.85 52.99 -69.37
CA ARG JB 79 124.50 53.21 -68.07
C ARG JB 79 123.49 53.04 -66.94
N LYS JB 80 122.30 53.60 -67.10
CA LYS JB 80 121.25 53.44 -66.10
C LYS JB 80 120.85 51.98 -65.98
N VAL JB 81 120.78 51.27 -67.11
CA VAL JB 81 120.37 49.87 -67.09
C VAL JB 81 121.39 49.03 -66.31
N VAL JB 82 122.69 49.24 -66.59
CA VAL JB 82 123.69 48.44 -65.90
C VAL JB 82 123.74 48.78 -64.41
N LEU JB 83 123.58 50.07 -64.07
CA LEU JB 83 123.56 50.42 -62.65
C LEU JB 83 122.37 49.81 -61.92
N GLU JB 84 121.18 49.88 -62.53
CA GLU JB 84 119.99 49.36 -61.89
C GLU JB 84 120.04 47.84 -61.77
N ILE JB 85 120.58 47.15 -62.78
CA ILE JB 85 120.69 45.70 -62.71
C ILE JB 85 121.74 45.30 -61.68
N MET JB 86 122.82 46.08 -61.55
CA MET JB 86 123.81 45.79 -60.52
C MET JB 86 123.24 46.03 -59.13
N ASN JB 87 122.22 46.89 -59.01
CA ASN JB 87 121.58 47.18 -57.73
C ASN JB 87 120.20 46.56 -57.60
N ASP JB 88 119.81 45.66 -58.52
CA ASP JB 88 118.48 45.07 -58.52
C ASP JB 88 118.44 43.84 -57.63
N PRO JB 89 117.68 43.85 -56.54
CA PRO JB 89 117.71 42.71 -55.59
C PRO JB 89 116.92 41.48 -56.03
N ASN JB 90 116.01 41.59 -56.99
CA ASN JB 90 115.13 40.46 -57.31
C ASN JB 90 115.67 39.55 -58.40
N GLU JB 91 116.86 39.81 -58.92
CA GLU JB 91 117.41 39.00 -60.00
C GLU JB 91 118.40 37.96 -59.46
N LYS JB 92 118.60 36.92 -60.26
CA LYS JB 92 119.53 35.85 -59.91
C LYS JB 92 120.94 36.41 -59.76
N GLY JB 93 121.71 35.81 -58.85
CA GLY JB 93 123.01 36.35 -58.49
C GLY JB 93 123.98 36.44 -59.64
N GLY JB 94 123.91 35.49 -60.57
CA GLY JB 94 124.85 35.49 -61.69
C GLY JB 94 124.75 36.73 -62.57
N ILE JB 95 123.53 37.19 -62.85
CA ILE JB 95 123.36 38.36 -63.72
C ILE JB 95 123.86 39.63 -63.04
N ARG JB 96 123.52 39.82 -61.76
CA ARG JB 96 124.03 40.98 -61.04
C ARG JB 96 125.55 40.90 -60.95
N LEU JB 97 126.08 39.68 -60.80
CA LEU JB 97 127.52 39.48 -60.77
C LEU JB 97 128.15 39.92 -62.07
N LYS JB 98 127.52 39.57 -63.21
CA LYS JB 98 128.06 39.96 -64.51
C LYS JB 98 128.02 41.48 -64.67
N ALA JB 99 126.94 42.11 -64.20
CA ALA JB 99 126.85 43.58 -64.25
C ALA JB 99 127.93 44.23 -63.40
N ALA JB 100 128.12 43.74 -62.19
CA ALA JB 100 129.17 44.28 -61.31
C ALA JB 100 130.55 44.07 -61.91
N GLN JB 101 130.79 42.89 -62.49
CA GLN JB 101 132.07 42.61 -63.13
C GLN JB 101 132.32 43.59 -64.28
N ASP JB 102 131.30 43.83 -65.10
CA ASP JB 102 131.46 44.75 -66.22
C ASP JB 102 131.72 46.17 -65.73
N ILE JB 103 130.97 46.63 -64.73
CA ILE JB 103 131.12 48.01 -64.28
C ILE JB 103 132.47 48.20 -63.60
N LEU JB 104 132.95 47.19 -62.86
CA LEU JB 104 134.28 47.29 -62.26
C LEU JB 104 135.38 47.25 -63.31
N ASP JB 105 135.21 46.41 -64.35
CA ASP JB 105 136.18 46.39 -65.43
C ASP JB 105 136.22 47.72 -66.18
N ARG JB 106 135.08 48.38 -66.30
CA ARG JB 106 135.08 49.72 -66.89
C ARG JB 106 135.72 50.73 -65.95
N ALA JB 107 135.61 50.53 -64.63
CA ALA JB 107 136.26 51.44 -63.71
C ALA JB 107 137.77 51.38 -63.89
N GLY JB 108 138.27 50.22 -64.30
CA GLY JB 108 139.67 50.04 -64.64
C GLY JB 108 140.37 49.00 -63.80
N PHE JB 109 139.60 48.08 -63.21
CA PHE JB 109 140.16 46.97 -62.45
C PHE JB 109 139.66 45.68 -63.06
N GLY JB 110 140.56 44.97 -63.75
CA GLY JB 110 140.23 43.79 -64.52
C GLY JB 110 140.98 42.59 -64.01
N ALA JB 111 141.12 41.56 -64.85
CA ALA JB 111 141.90 40.41 -64.45
C ALA JB 111 143.37 40.73 -64.72
N LYS JB 112 144.26 39.77 -64.44
CA LYS JB 112 145.68 40.12 -64.42
C LYS JB 112 146.55 39.30 -65.34
N GLN JB 113 147.86 39.38 -65.09
CA GLN JB 113 148.89 39.06 -66.06
C GLN JB 113 148.91 37.60 -66.46
N LYS JB 114 149.44 37.38 -67.66
CA LYS JB 114 149.69 36.07 -68.25
C LYS JB 114 151.00 36.20 -69.02
N ILE JB 115 151.91 35.25 -68.83
CA ILE JB 115 153.28 35.41 -69.33
C ILE JB 115 153.47 34.55 -70.58
N GLU JB 116 154.29 35.06 -71.48
CA GLU JB 116 154.60 34.41 -72.76
C GLU JB 116 156.10 34.20 -72.86
N LEU JB 117 156.49 33.02 -73.33
CA LEU JB 117 157.90 32.69 -73.55
C LEU JB 117 158.14 32.39 -75.03
N THR JB 118 159.12 33.07 -75.61
CA THR JB 118 159.48 32.90 -77.01
C THR JB 118 160.91 32.38 -77.11
N THR JB 119 161.12 31.46 -78.04
CA THR JB 119 162.45 30.87 -78.29
C THR JB 119 162.64 30.92 -79.81
N LYS JB 120 163.26 32.00 -80.28
CA LYS JB 120 163.46 32.24 -81.70
C LYS JB 120 164.19 31.10 -82.39
N LYS KB 18 132.02 76.83 -67.58
CA LYS KB 18 132.27 75.41 -67.40
C LYS KB 18 131.23 74.79 -66.46
N GLU KB 19 130.59 75.62 -65.64
CA GLU KB 19 129.58 75.11 -64.73
C GLU KB 19 128.22 74.91 -65.39
N LYS KB 20 127.86 75.79 -66.35
CA LYS KB 20 126.59 75.60 -67.05
C LYS KB 20 126.61 74.34 -67.92
N LEU KB 21 127.74 74.08 -68.58
CA LEU KB 21 127.88 72.85 -69.36
C LEU KB 21 127.89 71.63 -68.47
N ASP KB 22 128.47 71.74 -67.28
CA ASP KB 22 128.50 70.60 -66.35
C ASP KB 22 127.10 70.18 -65.94
N LEU KB 23 126.22 71.14 -65.65
CA LEU KB 23 124.83 70.80 -65.35
C LEU KB 23 124.15 70.16 -66.55
N TYR KB 24 124.41 70.68 -67.76
CA TYR KB 24 123.84 70.08 -68.95
C TYR KB 24 124.34 68.65 -69.14
N CYS KB 25 125.64 68.43 -68.94
CA CYS KB 25 126.17 67.07 -69.00
C CYS KB 25 125.57 66.20 -67.90
N GLU KB 26 125.46 66.76 -66.69
CA GLU KB 26 124.86 66.03 -65.58
C GLU KB 26 123.38 65.75 -65.83
N ALA KB 27 122.68 66.75 -66.40
CA ALA KB 27 121.26 66.57 -66.73
C ALA KB 27 121.07 65.51 -67.80
N LEU KB 28 121.98 65.44 -68.77
CA LEU KB 28 121.89 64.42 -69.81
C LEU KB 28 121.96 63.02 -69.21
N CYS KB 29 122.75 62.85 -68.15
CA CYS KB 29 122.83 61.55 -67.51
C CYS KB 29 121.54 61.19 -66.80
N ASP KB 30 120.79 62.19 -66.31
CA ASP KB 30 119.61 61.93 -65.49
C ASP KB 30 118.29 61.95 -66.25
N GLY KB 31 118.08 62.90 -67.16
CA GLY KB 31 116.76 62.96 -67.78
C GLY KB 31 116.65 62.43 -69.20
N PHE KB 32 117.60 61.59 -69.62
CA PHE KB 32 117.59 60.87 -70.89
C PHE KB 32 116.94 61.62 -72.05
N ASN KB 33 117.26 62.90 -72.22
CA ASN KB 33 116.75 63.69 -73.33
C ASN KB 33 117.80 64.74 -73.66
N LYS KB 34 118.16 64.85 -74.95
CA LYS KB 34 119.17 65.82 -75.32
C LYS KB 34 118.61 67.23 -75.39
N THR KB 35 117.44 67.39 -76.01
CA THR KB 35 116.87 68.72 -76.20
C THR KB 35 116.32 69.31 -74.91
N GLN KB 36 115.62 68.49 -74.10
CA GLN KB 36 114.98 68.98 -72.89
C GLN KB 36 115.99 69.53 -71.89
N ALA KB 37 117.12 68.83 -71.71
CA ALA KB 37 118.15 69.33 -70.79
C ALA KB 37 118.70 70.66 -71.26
N TYR KB 38 118.90 70.82 -72.57
CA TYR KB 38 119.45 72.05 -73.12
C TYR KB 38 118.49 73.22 -72.93
N ILE KB 39 117.19 72.99 -73.16
CA ILE KB 39 116.19 74.04 -72.98
C ILE KB 39 115.98 74.37 -71.51
N LYS KB 40 116.22 73.41 -70.60
CA LYS KB 40 116.06 73.63 -69.17
C LYS KB 40 117.16 74.51 -68.57
N ALA KB 41 118.25 74.74 -69.30
CA ALA KB 41 119.33 75.57 -68.77
C ALA KB 41 118.90 77.02 -68.61
N GLY KB 42 118.06 77.53 -69.52
CA GLY KB 42 117.63 78.91 -69.40
C GLY KB 42 117.85 79.68 -70.68
N PHE KB 43 117.84 78.97 -71.80
CA PHE KB 43 118.24 79.50 -73.10
C PHE KB 43 117.00 79.65 -73.98
N SER KB 44 117.23 80.02 -75.24
CA SER KB 44 116.12 80.33 -76.13
C SER KB 44 115.36 79.07 -76.48
N ALA KB 45 114.03 79.13 -76.34
CA ALA KB 45 113.12 78.01 -76.54
C ALA KB 45 112.98 77.60 -78.00
N PRO KB 46 112.88 78.56 -78.93
CA PRO KB 46 112.54 78.19 -80.33
C PRO KB 46 113.56 77.30 -81.02
N HIS KB 47 114.80 77.76 -81.14
CA HIS KB 47 115.83 76.98 -81.82
C HIS KB 47 116.77 76.31 -80.81
N ALA KB 48 116.22 75.29 -80.16
CA ALA KB 48 116.97 74.49 -79.18
C ALA KB 48 117.35 73.14 -79.74
N GLN KB 49 117.04 72.88 -81.01
CA GLN KB 49 117.33 71.60 -81.66
C GLN KB 49 118.55 71.65 -82.57
N ARG KB 50 118.93 72.82 -83.09
CA ARG KB 50 120.03 72.91 -84.04
C ARG KB 50 121.32 73.30 -83.32
N ASN KB 51 121.35 74.53 -82.78
CA ASN KB 51 122.52 75.04 -82.07
C ASN KB 51 123.06 74.06 -81.03
N VAL KB 52 122.25 73.11 -80.59
CA VAL KB 52 122.68 72.19 -79.55
C VAL KB 52 123.60 71.12 -80.12
N ALA KB 53 123.36 70.69 -81.36
CA ALA KB 53 124.28 69.74 -82.01
C ALA KB 53 125.68 70.32 -82.12
N PRO KB 54 125.87 71.56 -82.55
CA PRO KB 54 127.23 72.14 -82.54
C PRO KB 54 127.83 72.21 -81.15
N TYR KB 55 127.01 72.51 -80.14
CA TYR KB 55 127.51 72.57 -78.77
C TYR KB 55 127.99 71.20 -78.29
N HIS KB 56 127.33 70.13 -78.75
CA HIS KB 56 127.75 68.79 -78.38
C HIS KB 56 129.09 68.43 -79.03
N ARG KB 57 129.32 68.93 -80.24
CA ARG KB 57 130.57 68.62 -80.93
C ARG KB 57 131.75 69.38 -80.33
N LYS KB 58 131.48 70.51 -79.68
CA LYS KB 58 132.52 71.36 -79.10
C LYS KB 58 132.96 70.91 -77.71
N ASN KB 59 132.25 69.96 -77.09
CA ASN KB 59 132.54 69.54 -75.72
C ASN KB 59 132.67 68.02 -75.64
N ALA KB 60 133.26 67.40 -76.67
CA ALA KB 60 133.38 65.94 -76.67
C ALA KB 60 134.29 65.45 -75.55
N GLU KB 61 135.38 66.16 -75.29
CA GLU KB 61 136.29 65.74 -74.22
C GLU KB 61 135.64 65.80 -72.85
N TYR KB 62 134.92 66.88 -72.56
CA TYR KB 62 134.30 67.00 -71.23
C TYR KB 62 133.16 66.01 -71.05
N ILE KB 63 132.37 65.77 -72.09
CA ILE KB 63 131.28 64.79 -71.98
C ILE KB 63 131.84 63.40 -71.75
N GLN KB 64 132.95 63.06 -72.42
CA GLN KB 64 133.58 61.77 -72.19
C GLN KB 64 134.02 61.63 -70.75
N ALA KB 65 134.57 62.70 -70.16
CA ALA KB 65 134.93 62.69 -68.75
C ALA KB 65 133.68 62.52 -67.88
N TYR KB 66 132.59 63.19 -68.26
CA TYR KB 66 131.36 63.10 -67.47
C TYR KB 66 130.80 61.68 -67.49
N ILE KB 67 130.82 61.03 -68.65
CA ILE KB 67 130.36 59.65 -68.71
C ILE KB 67 131.29 58.74 -67.90
N SER KB 68 132.59 59.00 -67.96
CA SER KB 68 133.55 58.19 -67.21
C SER KB 68 133.36 58.32 -65.70
N GLU KB 69 133.14 59.55 -65.20
CA GLU KB 69 133.00 59.72 -63.76
C GLU KB 69 131.72 59.09 -63.23
N ARG KB 70 130.61 59.19 -63.98
CA ARG KB 70 129.37 58.56 -63.53
C ARG KB 70 129.49 57.04 -63.53
N ILE KB 71 130.07 56.47 -64.60
CA ILE KB 71 130.27 55.03 -64.67
C ILE KB 71 131.31 54.57 -63.64
N GLY KB 72 132.38 55.34 -63.47
CA GLY KB 72 133.39 54.97 -62.49
C GLY KB 72 132.94 55.11 -61.06
N SER KB 73 132.01 56.02 -60.79
CA SER KB 73 131.54 56.25 -59.43
C SER KB 73 130.64 55.12 -58.93
N ASP KB 74 130.17 54.22 -59.80
CA ASP KB 74 129.39 53.09 -59.36
C ASP KB 74 130.26 51.89 -59.01
N ALA KB 75 131.57 52.00 -59.16
CA ALA KB 75 132.46 50.93 -58.75
C ALA KB 75 132.29 50.55 -57.28
N PRO KB 76 132.17 51.48 -56.32
CA PRO KB 76 131.94 51.06 -54.93
C PRO KB 76 130.68 50.23 -54.75
N ALA KB 77 129.64 50.51 -55.54
CA ALA KB 77 128.43 49.68 -55.47
C ALA KB 77 128.72 48.24 -55.89
N ALA KB 78 129.51 48.06 -56.95
CA ALA KB 78 129.87 46.71 -57.38
C ALA KB 78 130.77 46.02 -56.38
N ARG KB 79 131.68 46.77 -55.75
CA ARG KB 79 132.51 46.19 -54.70
C ARG KB 79 131.65 45.69 -53.55
N LYS KB 80 130.64 46.48 -53.17
CA LYS KB 80 129.68 46.01 -52.17
C LYS KB 80 128.90 44.81 -52.67
N VAL KB 81 128.53 44.83 -53.96
CA VAL KB 81 127.73 43.75 -54.54
C VAL KB 81 128.50 42.43 -54.54
N VAL KB 82 129.78 42.47 -54.97
CA VAL KB 82 130.55 41.23 -55.06
C VAL KB 82 130.76 40.61 -53.69
N LEU KB 83 130.95 41.45 -52.66
CA LEU KB 83 131.07 40.92 -51.31
C LEU KB 83 129.76 40.29 -50.85
N GLU KB 84 128.63 40.94 -51.15
CA GLU KB 84 127.34 40.43 -50.68
C GLU KB 84 126.98 39.11 -51.35
N ILE KB 85 127.26 38.96 -52.65
CA ILE KB 85 126.98 37.69 -53.32
C ILE KB 85 127.96 36.63 -52.83
N MET KB 86 129.19 37.03 -52.53
CA MET KB 86 130.15 36.09 -51.95
C MET KB 86 129.76 35.68 -50.53
N ASN KB 87 128.92 36.48 -49.87
CA ASN KB 87 128.49 36.19 -48.51
C ASN KB 87 127.04 35.70 -48.44
N ASP KB 88 126.41 35.45 -49.60
CA ASP KB 88 125.04 34.94 -49.60
C ASP KB 88 125.10 33.43 -49.61
N PRO KB 89 124.66 32.76 -48.54
CA PRO KB 89 124.77 31.30 -48.51
C PRO KB 89 123.69 30.58 -49.30
N ASN KB 90 122.60 31.25 -49.66
CA ASN KB 90 121.45 30.61 -50.29
C ASN KB 90 121.53 30.60 -51.80
N GLU KB 91 122.63 31.07 -52.39
CA GLU KB 91 122.79 31.09 -53.82
C GLU KB 91 123.55 29.85 -54.26
N LYS KB 92 123.39 29.49 -55.54
CA LYS KB 92 124.03 28.29 -56.06
C LYS KB 92 125.54 28.42 -55.94
N GLY KB 93 126.19 27.28 -55.67
CA GLY KB 93 127.62 27.31 -55.38
C GLY KB 93 128.44 27.85 -56.52
N GLY KB 94 128.05 27.51 -57.76
CA GLY KB 94 128.77 28.01 -58.92
C GLY KB 94 128.72 29.53 -59.02
N ILE KB 95 127.56 30.12 -58.72
CA ILE KB 95 127.41 31.56 -58.83
C ILE KB 95 128.28 32.28 -57.79
N ARG KB 96 128.23 31.80 -56.54
CA ARG KB 96 129.10 32.36 -55.51
C ARG KB 96 130.56 32.07 -55.82
N LEU KB 97 130.86 30.90 -56.38
CA LEU KB 97 132.22 30.56 -56.76
C LEU KB 97 132.76 31.55 -57.79
N LYS KB 98 131.93 31.91 -58.78
CA LYS KB 98 132.38 32.87 -59.78
C LYS KB 98 132.63 34.24 -59.14
N ALA KB 99 131.85 34.59 -58.13
CA ALA KB 99 132.09 35.84 -57.40
C ALA KB 99 133.47 35.82 -56.77
N ALA KB 100 133.85 34.68 -56.17
CA ALA KB 100 135.19 34.55 -55.60
C ALA KB 100 136.27 34.69 -56.68
N GLN KB 101 136.05 34.09 -57.84
CA GLN KB 101 137.02 34.17 -58.93
C GLN KB 101 137.24 35.62 -59.36
N ASP KB 102 136.15 36.38 -59.54
CA ASP KB 102 136.29 37.75 -60.01
C ASP KB 102 136.97 38.64 -58.97
N ILE KB 103 136.54 38.57 -57.72
CA ILE KB 103 137.09 39.46 -56.71
C ILE KB 103 138.55 39.13 -56.45
N LEU KB 104 138.93 37.85 -56.52
CA LEU KB 104 140.33 37.48 -56.39
C LEU KB 104 141.14 37.97 -57.59
N ASP KB 105 140.55 37.94 -58.78
CA ASP KB 105 141.24 38.43 -59.98
C ASP KB 105 141.60 39.91 -59.88
N ARG KB 106 140.78 40.73 -59.22
CA ARG KB 106 141.15 42.13 -59.03
C ARG KB 106 142.33 42.29 -58.07
N ALA KB 107 142.52 41.34 -57.15
CA ALA KB 107 143.62 41.44 -56.21
C ALA KB 107 144.97 41.44 -56.90
N GLY KB 108 145.08 40.80 -58.07
CA GLY KB 108 146.32 40.86 -58.81
C GLY KB 108 146.99 39.52 -59.08
N PHE KB 109 146.22 38.45 -59.18
CA PHE KB 109 146.77 37.11 -59.43
C PHE KB 109 146.15 36.56 -60.70
N GLY KB 110 147.00 36.39 -61.72
CA GLY KB 110 146.57 36.07 -63.07
C GLY KB 110 147.03 34.73 -63.61
N ALA KB 111 147.02 34.59 -64.93
CA ALA KB 111 147.40 33.34 -65.59
C ALA KB 111 148.91 33.25 -65.77
N LYS KB 112 149.34 32.16 -66.41
CA LYS KB 112 150.73 31.75 -66.42
C LYS KB 112 151.19 31.47 -67.85
N GLN KB 113 152.29 30.71 -67.97
CA GLN KB 113 153.10 30.72 -69.19
C GLN KB 113 152.34 30.19 -70.40
N LYS KB 114 152.73 30.69 -71.56
CA LYS KB 114 152.27 30.27 -72.88
C LYS KB 114 153.43 30.48 -73.83
N ILE KB 115 153.73 29.49 -74.67
CA ILE KB 115 154.89 29.57 -75.55
C ILE KB 115 154.43 29.77 -76.98
N GLU KB 116 155.14 30.64 -77.72
CA GLU KB 116 154.90 30.94 -79.12
C GLU KB 116 156.19 30.76 -79.90
N LEU KB 117 156.09 30.13 -81.07
CA LEU KB 117 157.23 29.98 -81.98
C LEU KB 117 156.87 30.63 -83.30
N THR KB 118 157.69 31.59 -83.73
CA THR KB 118 157.46 32.33 -84.99
C THR KB 118 158.82 32.58 -85.65
N THR KB 119 159.26 31.62 -86.48
CA THR KB 119 160.54 31.79 -87.17
C THR KB 119 160.41 31.47 -88.65
N LYS KB 120 159.52 30.55 -89.00
CA LYS KB 120 159.37 30.05 -90.37
C LYS KB 120 160.71 29.58 -90.93
N PRO LB 14 75.20 70.29 48.80
CA PRO LB 14 73.98 70.10 48.01
C PRO LB 14 74.00 70.89 46.71
N LEU LB 15 75.19 71.01 46.14
CA LEU LB 15 75.41 71.79 44.93
C LEU LB 15 76.58 71.17 44.17
N THR LB 16 77.30 71.96 43.34
CA THR LB 16 78.35 71.47 42.45
C THR LB 16 77.72 70.56 41.39
N PRO LB 17 77.10 71.18 40.37
CA PRO LB 17 76.15 70.45 39.50
C PRO LB 17 76.63 69.14 38.90
N LYS LB 18 77.92 68.81 38.98
CA LYS LB 18 78.33 67.47 38.56
C LYS LB 18 77.66 66.39 39.41
N GLU LB 19 77.25 66.75 40.63
CA GLU LB 19 76.42 65.88 41.45
C GLU LB 19 74.95 66.04 41.09
N LYS LB 20 74.56 67.24 40.68
CA LYS LB 20 73.18 67.54 40.32
C LYS LB 20 72.75 66.79 39.07
N LEU LB 21 73.64 66.71 38.07
CA LEU LB 21 73.31 66.00 36.84
C LEU LB 21 73.24 64.49 37.05
N ASP LB 22 74.08 63.94 37.94
CA ASP LB 22 74.06 62.50 38.17
C ASP LB 22 72.70 62.03 38.64
N LEU LB 23 72.00 62.84 39.45
CA LEU LB 23 70.63 62.50 39.83
C LEU LB 23 69.72 62.43 38.61
N TYR LB 24 69.91 63.34 37.65
CA TYR LB 24 69.09 63.35 36.44
C TYR LB 24 69.27 62.07 35.61
N CYS LB 25 70.51 61.62 35.44
CA CYS LB 25 70.73 60.39 34.68
C CYS LB 25 70.09 59.19 35.35
N GLU LB 26 70.26 59.06 36.67
CA GLU LB 26 69.67 57.96 37.40
C GLU LB 26 68.15 58.06 37.43
N ALA LB 27 67.62 59.27 37.60
CA ALA LB 27 66.17 59.45 37.64
C ALA LB 27 65.51 59.11 36.31
N LEU LB 28 66.13 59.49 35.20
CA LEU LB 28 65.57 59.15 33.88
C LEU LB 28 65.55 57.64 33.68
N CYS LB 29 66.53 56.91 34.23
CA CYS LB 29 66.52 55.46 34.12
C CYS LB 29 65.34 54.86 34.89
N ASP LB 30 64.91 55.51 35.97
CA ASP LB 30 63.82 55.04 36.81
C ASP LB 30 62.48 55.64 36.43
N GLY LB 31 62.46 56.93 36.09
CA GLY LB 31 61.24 57.62 35.74
C GLY LB 31 61.17 57.83 34.24
N PHE LB 32 60.08 57.35 33.64
CA PHE LB 32 59.83 57.53 32.21
C PHE LB 32 59.12 58.85 31.93
N ASN LB 33 59.65 59.93 32.50
CA ASN LB 33 59.10 61.26 32.26
C ASN LB 33 60.24 62.26 32.36
N LYS LB 34 60.39 63.09 31.33
CA LYS LB 34 61.44 64.11 31.34
C LYS LB 34 61.03 65.30 32.20
N THR LB 35 59.76 65.70 32.13
CA THR LB 35 59.31 66.87 32.88
C THR LB 35 59.37 66.58 34.38
N GLN LB 36 58.95 65.39 34.79
CA GLN LB 36 59.02 65.00 36.20
C GLN LB 36 60.47 64.90 36.66
N ALA LB 37 61.34 64.33 35.82
CA ALA LB 37 62.75 64.18 36.19
C ALA LB 37 63.44 65.52 36.38
N TYR LB 38 63.16 66.50 35.51
CA TYR LB 38 63.84 67.79 35.63
C TYR LB 38 63.41 68.51 36.90
N ILE LB 39 62.12 68.46 37.24
CA ILE LB 39 61.66 69.08 38.48
C ILE LB 39 62.17 68.30 39.68
N LYS LB 40 62.36 66.99 39.52
CA LYS LB 40 62.94 66.18 40.58
C LYS LB 40 64.44 66.41 40.72
N ALA LB 41 65.08 67.00 39.71
CA ALA LB 41 66.49 67.30 39.84
C ALA LB 41 66.72 68.41 40.86
N GLY LB 42 65.85 69.41 40.90
CA GLY LB 42 66.02 70.49 41.85
C GLY LB 42 65.98 71.88 41.23
N PHE LB 43 65.30 72.02 40.09
CA PHE LB 43 65.31 73.23 39.31
C PHE LB 43 63.94 73.91 39.41
N SER LB 44 63.77 75.00 38.67
CA SER LB 44 62.57 75.82 38.82
C SER LB 44 61.36 75.09 38.23
N ALA LB 45 60.30 74.99 39.04
CA ALA LB 45 59.05 74.34 38.68
C ALA LB 45 58.19 75.19 37.75
N PRO LB 46 58.09 76.49 38.00
CA PRO LB 46 57.14 77.32 37.25
C PRO LB 46 57.44 77.36 35.77
N HIS LB 47 56.39 77.36 34.97
CA HIS LB 47 56.46 77.39 33.50
C HIS LB 47 57.38 76.29 32.98
N ALA LB 48 56.93 75.05 33.19
CA ALA LB 48 57.70 73.87 32.81
C ALA LB 48 57.21 73.25 31.51
N GLN LB 49 57.12 74.03 30.44
CA GLN LB 49 56.75 73.51 29.14
C GLN LB 49 57.94 73.36 28.23
N ARG LB 50 58.96 74.17 28.47
CA ARG LB 50 60.22 74.20 27.73
C ARG LB 50 61.27 74.72 28.71
N ASN LB 51 62.40 75.22 28.20
CA ASN LB 51 63.52 75.72 28.98
C ASN LB 51 64.23 74.59 29.71
N VAL LB 52 64.01 73.36 29.27
CA VAL LB 52 64.60 72.16 29.86
C VAL LB 52 65.41 71.49 28.75
N ALA LB 53 64.94 71.65 27.51
CA ALA LB 53 65.69 71.14 26.37
C ALA LB 53 67.09 71.74 26.25
N PRO LB 54 67.28 73.05 26.40
CA PRO LB 54 68.66 73.58 26.34
C PRO LB 54 69.58 72.96 27.36
N TYR LB 55 69.08 72.69 28.57
CA TYR LB 55 69.90 72.03 29.58
C TYR LB 55 70.24 70.60 29.16
N HIS LB 56 69.30 69.93 28.48
CA HIS LB 56 69.52 68.56 28.05
C HIS LB 56 70.52 68.46 26.89
N ARG LB 57 70.50 69.42 25.97
CA ARG LB 57 71.37 69.35 24.80
C ARG LB 57 72.83 69.66 25.13
N LYS LB 58 73.10 70.37 26.23
CA LYS LB 58 74.46 70.75 26.56
C LYS LB 58 75.25 69.63 27.23
N ASN LB 59 74.59 68.54 27.61
CA ASN LB 59 75.28 67.43 28.27
C ASN LB 59 74.91 66.10 27.61
N ALA LB 60 74.70 66.11 26.29
CA ALA LB 60 74.33 64.89 25.59
C ALA LB 60 75.46 63.85 25.65
N GLU LB 61 76.71 64.32 25.56
CA GLU LB 61 77.85 63.40 25.60
C GLU LB 61 77.92 62.67 26.93
N TYR LB 62 77.71 63.38 28.04
CA TYR LB 62 77.76 62.76 29.36
C TYR LB 62 76.60 61.79 29.55
N ILE LB 63 75.44 62.11 29.00
CA ILE LB 63 74.29 61.21 29.10
C ILE LB 63 74.57 59.89 28.40
N GLN LB 64 75.15 59.94 27.19
CA GLN LB 64 75.47 58.70 26.48
C GLN LB 64 76.50 57.87 27.23
N ALA LB 65 77.54 58.50 27.76
CA ALA LB 65 78.55 57.77 28.53
C ALA LB 65 77.98 57.22 29.83
N TYR LB 66 77.16 58.00 30.53
CA TYR LB 66 76.61 57.57 31.81
C TYR LB 66 75.66 56.40 31.66
N ILE LB 67 74.83 56.40 30.62
CA ILE LB 67 73.88 55.31 30.40
C ILE LB 67 74.62 54.00 30.16
N SER LB 68 75.75 54.06 29.46
CA SER LB 68 76.53 52.85 29.20
C SER LB 68 77.00 52.20 30.49
N GLU LB 69 77.44 52.99 31.47
CA GLU LB 69 77.92 52.41 32.71
C GLU LB 69 76.82 51.69 33.48
N ARG LB 70 75.61 52.27 33.53
CA ARG LB 70 74.52 51.57 34.20
C ARG LB 70 74.16 50.29 33.47
N ILE LB 71 74.12 50.34 32.13
CA ILE LB 71 73.86 49.14 31.35
C ILE LB 71 75.00 48.14 31.52
N GLY LB 72 76.24 48.63 31.57
CA GLY LB 72 77.36 47.74 31.79
C GLY LB 72 77.39 47.17 33.19
N SER LB 73 76.86 47.92 34.16
CA SER LB 73 76.79 47.42 35.54
C SER LB 73 75.72 46.35 35.69
N ASP LB 74 74.82 46.25 34.72
CA ASP LB 74 73.78 45.21 34.70
C ASP LB 74 74.25 43.98 33.94
N ALA LB 75 75.46 43.98 33.40
CA ALA LB 75 76.01 42.80 32.76
C ALA LB 75 75.99 41.57 33.66
N PRO LB 76 76.33 41.64 34.96
CA PRO LB 76 76.24 40.44 35.79
C PRO LB 76 74.85 39.83 35.84
N ALA LB 77 73.80 40.63 35.71
CA ALA LB 77 72.44 40.07 35.65
C ALA LB 77 72.29 39.14 34.46
N ALA LB 78 72.83 39.54 33.31
CA ALA LB 78 72.78 38.68 32.13
C ALA LB 78 73.63 37.42 32.31
N ARG LB 79 74.75 37.53 33.03
CA ARG LB 79 75.59 36.36 33.29
C ARG LB 79 74.84 35.29 34.06
N LYS LB 80 74.09 35.67 35.09
CA LYS LB 80 73.30 34.70 35.83
C LYS LB 80 72.21 34.10 34.96
N VAL LB 81 71.54 34.93 34.15
CA VAL LB 81 70.43 34.45 33.32
C VAL LB 81 70.92 33.47 32.27
N VAL LB 82 72.00 33.79 31.57
CA VAL LB 82 72.49 32.90 30.53
C VAL LB 82 72.99 31.59 31.15
N LEU LB 83 73.65 31.68 32.30
CA LEU LB 83 74.08 30.48 33.02
C LEU LB 83 72.88 29.69 33.54
N GLU LB 84 71.84 30.40 34.00
CA GLU LB 84 70.67 29.73 34.58
C GLU LB 84 69.91 28.91 33.55
N ILE LB 85 69.86 29.35 32.29
CA ILE LB 85 69.17 28.56 31.28
C ILE LB 85 69.93 27.26 31.03
N MET LB 86 71.26 27.29 31.11
CA MET LB 86 72.02 26.06 31.02
C MET LB 86 71.80 25.17 32.24
N ASN LB 87 71.36 25.75 33.36
CA ASN LB 87 71.13 25.01 34.60
C ASN LB 87 69.65 24.82 34.92
N ASP LB 88 68.75 25.16 34.00
CA ASP LB 88 67.32 25.02 34.26
C ASP LB 88 66.82 23.65 33.84
N PRO LB 89 66.35 22.82 34.77
CA PRO LB 89 65.91 21.47 34.38
C PRO LB 89 64.56 21.43 33.68
N ASN LB 90 63.75 22.49 33.78
CA ASN LB 90 62.39 22.47 33.24
C ASN LB 90 62.27 23.03 31.83
N GLU LB 91 63.07 24.03 31.47
CA GLU LB 91 62.92 24.67 30.16
C GLU LB 91 63.18 23.69 29.03
N LYS LB 92 62.56 23.99 27.88
CA LYS LB 92 62.70 23.17 26.69
C LYS LB 92 64.14 23.18 26.20
N GLY LB 93 64.57 22.06 25.63
CA GLY LB 93 65.95 21.91 25.22
C GLY LB 93 66.37 22.92 24.17
N GLY LB 94 65.45 23.28 23.27
CA GLY LB 94 65.79 24.23 22.21
C GLY LB 94 66.21 25.58 22.75
N ILE LB 95 65.54 26.06 23.80
CA ILE LB 95 65.92 27.34 24.40
C ILE LB 95 67.29 27.23 25.05
N ARG LB 96 67.54 26.11 25.73
CA ARG LB 96 68.84 25.86 26.34
C ARG LB 96 69.95 25.84 25.29
N LEU LB 97 69.66 25.25 24.13
CA LEU LB 97 70.66 25.17 23.07
C LEU LB 97 71.13 26.56 22.63
N LYS LB 98 70.19 27.49 22.46
CA LYS LB 98 70.57 28.83 22.05
C LYS LB 98 71.41 29.53 23.12
N ALA LB 99 71.06 29.32 24.40
CA ALA LB 99 71.86 29.88 25.48
C ALA LB 99 73.25 29.25 25.53
N ALA LB 100 73.31 27.92 25.40
CA ALA LB 100 74.61 27.24 25.37
C ALA LB 100 75.42 27.68 24.16
N GLN LB 101 74.78 27.82 23.02
CA GLN LB 101 75.46 28.32 21.82
C GLN LB 101 76.00 29.72 22.06
N ASP LB 102 75.20 30.58 22.68
CA ASP LB 102 75.61 31.96 22.95
C ASP LB 102 76.77 32.03 23.96
N ILE LB 103 76.70 31.25 25.03
CA ILE LB 103 77.67 31.39 26.12
C ILE LB 103 79.07 30.97 25.67
N LEU LB 104 79.18 29.94 24.83
CA LEU LB 104 80.50 29.56 24.31
C LEU LB 104 81.07 30.62 23.39
N ASP LB 105 80.21 31.30 22.63
CA ASP LB 105 80.67 32.40 21.79
C ASP LB 105 81.31 33.50 22.63
N ARG LB 106 80.87 33.65 23.88
CA ARG LB 106 81.49 34.62 24.78
C ARG LB 106 82.90 34.20 25.18
N ALA LB 107 83.18 32.90 25.27
CA ALA LB 107 84.53 32.47 25.63
C ALA LB 107 85.55 32.86 24.59
N GLY LB 108 85.16 32.88 23.31
CA GLY LB 108 86.03 33.36 22.27
C GLY LB 108 86.42 32.36 21.21
N PHE LB 109 85.63 31.32 21.01
CA PHE LB 109 85.91 30.32 19.97
C PHE LB 109 84.69 30.14 19.08
N GLY LB 110 84.83 30.57 17.82
CA GLY LB 110 83.73 30.65 16.87
C GLY LB 110 83.87 29.75 15.66
N ALA LB 111 83.15 30.07 14.59
CA ALA LB 111 83.21 29.28 13.37
C ALA LB 111 84.42 29.71 12.53
N LYS LB 112 84.59 29.09 11.37
CA LYS LB 112 85.85 29.17 10.65
C LYS LB 112 85.71 29.67 9.20
N GLN LB 113 86.75 29.45 8.42
CA GLN LB 113 87.09 30.20 7.22
C GLN LB 113 86.10 30.02 6.08
N LYS LB 114 86.08 31.03 5.20
CA LYS LB 114 85.35 31.05 3.93
C LYS LB 114 86.21 31.84 2.94
N ILE LB 115 86.36 31.32 1.72
CA ILE LB 115 87.27 31.90 0.75
C ILE LB 115 86.46 32.64 -0.32
N GLU LB 116 87.04 33.73 -0.81
CA GLU LB 116 86.43 34.62 -1.79
C GLU LB 116 87.32 34.73 -3.02
N LEU LB 117 86.71 34.75 -4.20
CA LEU LB 117 87.42 34.87 -5.46
C LEU LB 117 87.01 36.17 -6.16
N THR LB 118 87.99 36.94 -6.61
CA THR LB 118 87.76 38.24 -7.22
C THR LB 118 88.12 38.20 -8.70
N THR LB 119 87.33 38.92 -9.50
CA THR LB 119 87.51 38.98 -10.94
C THR LB 119 87.53 40.43 -11.37
N LYS LB 120 88.63 40.85 -11.98
CA LYS LB 120 88.81 42.22 -12.45
C LYS LB 120 87.92 42.50 -13.67
N LEU MB 15 97.76 42.68 52.95
CA LEU MB 15 97.26 41.46 52.30
C LEU MB 15 98.02 41.16 51.01
N THR MB 16 97.28 40.83 49.97
CA THR MB 16 97.82 40.51 48.65
C THR MB 16 96.96 41.18 47.59
N PRO MB 17 97.55 41.51 46.44
CA PRO MB 17 96.79 42.19 45.38
C PRO MB 17 95.88 41.26 44.59
N LYS MB 18 94.95 41.88 43.85
CA LYS MB 18 94.12 41.18 42.87
C LYS MB 18 93.10 40.25 43.52
N GLU MB 19 93.23 40.03 44.83
CA GLU MB 19 92.27 39.18 45.53
C GLU MB 19 90.99 39.92 45.92
N LYS MB 20 91.10 41.18 46.33
CA LYS MB 20 89.90 41.92 46.73
C LYS MB 20 88.99 42.25 45.56
N LEU MB 21 89.58 42.63 44.42
CA LEU MB 21 88.77 42.95 43.24
C LEU MB 21 88.13 41.71 42.63
N ASP MB 22 88.83 40.57 42.64
CA ASP MB 22 88.26 39.35 42.08
C ASP MB 22 87.02 38.91 42.84
N LEU MB 23 87.04 38.99 44.17
CA LEU MB 23 85.83 38.75 44.94
C LEU MB 23 84.79 39.83 44.67
N TYR MB 24 85.24 41.05 44.43
CA TYR MB 24 84.33 42.16 44.15
C TYR MB 24 83.49 41.91 42.89
N CYS MB 25 84.11 41.40 41.82
CA CYS MB 25 83.32 41.09 40.62
C CYS MB 25 82.31 39.99 40.91
N GLU MB 26 82.72 38.96 41.66
CA GLU MB 26 81.81 37.88 42.00
C GLU MB 26 80.65 38.40 42.84
N ALA MB 27 80.93 39.35 43.74
CA ALA MB 27 79.86 39.97 44.51
C ALA MB 27 78.93 40.75 43.60
N LEU MB 28 79.48 41.41 42.58
CA LEU MB 28 78.67 42.08 41.57
C LEU MB 28 77.83 41.07 40.79
N CYS MB 29 78.36 39.86 40.58
CA CYS MB 29 77.63 38.84 39.83
C CYS MB 29 76.39 38.34 40.58
N ASP MB 30 76.40 38.36 41.90
CA ASP MB 30 75.31 37.73 42.65
C ASP MB 30 74.21 38.69 43.10
N GLY MB 31 74.54 39.89 43.60
CA GLY MB 31 73.47 40.73 44.12
C GLY MB 31 73.11 41.93 43.27
N PHE MB 32 73.44 41.88 41.98
CA PHE MB 32 73.07 42.87 40.97
C PHE MB 32 73.00 44.31 41.49
N ASN MB 33 74.00 44.72 42.28
CA ASN MB 33 74.09 46.08 42.78
C ASN MB 33 75.55 46.37 43.06
N LYS MB 34 76.04 47.51 42.57
CA LYS MB 34 77.43 47.88 42.82
C LYS MB 34 77.62 48.37 44.25
N THR MB 35 76.64 49.13 44.77
CA THR MB 35 76.78 49.72 46.10
C THR MB 35 76.77 48.66 47.18
N GLN MB 36 75.91 47.64 47.04
CA GLN MB 36 75.83 46.59 48.05
C GLN MB 36 77.12 45.80 48.16
N ALA MB 37 77.73 45.46 47.02
CA ALA MB 37 78.94 44.65 47.05
C ALA MB 37 80.11 45.37 47.73
N TYR MB 38 80.30 46.65 47.42
CA TYR MB 38 81.45 47.36 47.98
C TYR MB 38 81.29 47.66 49.47
N ILE MB 39 80.10 48.09 49.90
CA ILE MB 39 79.93 48.48 51.30
C ILE MB 39 80.01 47.29 52.24
N LYS MB 40 79.54 46.11 51.83
CA LYS MB 40 79.65 44.94 52.67
C LYS MB 40 81.04 44.34 52.68
N ALA MB 41 81.88 44.66 51.69
CA ALA MB 41 83.21 44.06 51.64
C ALA MB 41 84.19 44.56 52.70
N GLY MB 42 84.67 45.80 52.60
CA GLY MB 42 85.60 46.26 53.61
C GLY MB 42 85.80 47.72 53.96
N PHE MB 43 84.87 48.64 53.66
CA PHE MB 43 85.18 50.04 53.85
C PHE MB 43 84.01 50.81 54.43
N SER MB 44 84.23 52.12 54.59
CA SER MB 44 83.29 53.00 55.28
C SER MB 44 82.04 53.28 54.43
N ALA MB 45 80.88 53.20 55.09
CA ALA MB 45 79.56 53.43 54.52
C ALA MB 45 79.35 54.91 54.24
N PRO MB 46 79.88 55.81 55.08
CA PRO MB 46 79.52 57.24 54.94
C PRO MB 46 79.88 57.85 53.59
N HIS MB 47 80.86 57.29 52.88
CA HIS MB 47 81.23 57.76 51.54
C HIS MB 47 81.22 56.51 50.67
N ALA MB 48 80.02 56.08 50.31
CA ALA MB 48 79.80 54.87 49.54
C ALA MB 48 79.40 55.13 48.09
N GLN MB 49 79.35 56.40 47.67
CA GLN MB 49 79.01 56.72 46.28
C GLN MB 49 80.23 57.07 45.46
N ARG MB 50 81.10 57.94 45.97
CA ARG MB 50 82.28 58.34 45.22
C ARG MB 50 83.32 57.24 45.23
N ASN MB 51 83.84 56.90 46.42
CA ASN MB 51 84.80 55.83 46.62
C ASN MB 51 84.55 54.63 45.72
N VAL MB 52 83.28 54.22 45.58
CA VAL MB 52 83.00 53.05 44.76
C VAL MB 52 83.05 53.40 43.28
N ALA MB 53 82.63 54.62 42.93
CA ALA MB 53 82.77 55.07 41.55
C ALA MB 53 84.22 55.12 41.11
N PRO MB 54 85.15 55.68 41.90
CA PRO MB 54 86.57 55.64 41.49
C PRO MB 54 87.11 54.23 41.34
N TYR MB 55 86.73 53.31 42.23
CA TYR MB 55 87.19 51.93 42.11
C TYR MB 55 86.61 51.26 40.88
N HIS MB 56 85.36 51.56 40.54
CA HIS MB 56 84.72 50.87 39.42
C HIS MB 56 85.26 51.36 38.07
N ARG MB 57 85.50 52.66 37.91
CA ARG MB 57 85.96 53.13 36.61
C ARG MB 57 87.44 52.84 36.38
N LYS MB 58 88.23 52.74 37.45
CA LYS MB 58 89.65 52.49 37.35
C LYS MB 58 89.99 51.02 37.21
N ASN MB 59 89.01 50.13 37.32
CA ASN MB 59 89.23 48.69 37.22
C ASN MB 59 88.33 48.08 36.17
N ALA MB 60 88.05 48.83 35.10
CA ALA MB 60 87.19 48.32 34.04
C ALA MB 60 87.81 47.14 33.32
N GLU MB 61 89.13 47.19 33.10
CA GLU MB 61 89.80 46.10 32.41
C GLU MB 61 89.73 44.81 33.23
N TYR MB 62 89.94 44.90 34.54
CA TYR MB 62 89.93 43.70 35.37
C TYR MB 62 88.53 43.11 35.49
N ILE MB 63 87.50 43.95 35.62
CA ILE MB 63 86.13 43.42 35.71
C ILE MB 63 85.74 42.75 34.40
N GLN MB 64 86.09 43.35 33.26
CA GLN MB 64 85.77 42.73 31.98
C GLN MB 64 86.47 41.38 31.87
N ALA MB 65 87.74 41.31 32.28
CA ALA MB 65 88.45 40.04 32.34
C ALA MB 65 87.83 39.11 33.38
N TYR MB 66 87.42 39.67 34.53
CA TYR MB 66 86.89 38.85 35.61
C TYR MB 66 85.60 38.15 35.22
N ILE MB 67 84.67 38.86 34.59
CA ILE MB 67 83.44 38.21 34.17
C ILE MB 67 83.70 37.19 33.07
N SER MB 68 84.61 37.52 32.15
CA SER MB 68 84.92 36.60 31.06
C SER MB 68 85.49 35.29 31.58
N GLU MB 69 86.39 35.36 32.56
CA GLU MB 69 86.93 34.13 33.14
C GLU MB 69 85.84 33.36 33.88
N ARG MB 70 84.96 34.09 34.57
CA ARG MB 70 83.79 33.45 35.19
C ARG MB 70 82.85 32.90 34.12
N ILE MB 71 82.64 33.66 33.04
CA ILE MB 71 81.86 33.16 31.91
C ILE MB 71 82.56 31.96 31.29
N GLY MB 72 83.89 32.00 31.23
CA GLY MB 72 84.62 30.86 30.71
C GLY MB 72 84.54 29.65 31.62
N SER MB 73 84.32 29.86 32.92
CA SER MB 73 84.20 28.74 33.83
C SER MB 73 82.89 28.00 33.67
N ASP MB 74 81.89 28.62 33.05
CA ASP MB 74 80.63 27.95 32.75
C ASP MB 74 80.62 27.33 31.36
N ALA MB 75 81.66 27.54 30.58
CA ALA MB 75 81.76 26.90 29.27
C ALA MB 75 81.69 25.37 29.36
N PRO MB 76 82.39 24.70 30.28
CA PRO MB 76 82.26 23.23 30.35
C PRO MB 76 80.85 22.75 30.63
N ALA MB 77 80.05 23.50 31.39
CA ALA MB 77 78.66 23.11 31.62
C ALA MB 77 77.87 23.07 30.32
N ALA MB 78 78.03 24.09 29.48
CA ALA MB 78 77.36 24.11 28.19
C ALA MB 78 77.92 23.05 27.25
N ARG MB 79 79.22 22.75 27.36
CA ARG MB 79 79.80 21.69 26.54
C ARG MB 79 79.12 20.36 26.79
N LYS MB 80 78.85 20.04 28.06
CA LYS MB 80 78.08 18.84 28.37
C LYS MB 80 76.66 18.95 27.83
N VAL MB 81 76.06 20.13 27.93
CA VAL MB 81 74.68 20.34 27.50
C VAL MB 81 74.56 20.13 26.00
N VAL MB 82 75.47 20.73 25.22
CA VAL MB 82 75.41 20.56 23.77
C VAL MB 82 75.70 19.11 23.41
N LEU MB 83 76.60 18.47 24.15
CA LEU MB 83 76.88 17.05 23.96
C LEU MB 83 75.67 16.20 24.31
N GLU MB 84 74.99 16.53 25.41
CA GLU MB 84 73.85 15.74 25.87
C GLU MB 84 72.67 15.84 24.91
N ILE MB 85 72.48 17.01 24.29
CA ILE MB 85 71.37 17.16 23.34
C ILE MB 85 71.61 16.30 22.11
N MET MB 86 72.88 16.09 21.73
CA MET MB 86 73.17 15.23 20.60
C MET MB 86 72.82 13.77 20.84
N ASN MB 87 72.73 13.34 22.10
CA ASN MB 87 72.43 11.94 22.39
C ASN MB 87 71.03 11.70 22.96
N ASP MB 88 70.19 12.73 23.07
CA ASP MB 88 68.84 12.54 23.60
C ASP MB 88 67.87 12.39 22.43
N PRO MB 89 67.23 11.23 22.25
CA PRO MB 89 66.31 11.06 21.11
C PRO MB 89 64.96 11.74 21.28
N ASN MB 90 64.59 12.16 22.49
CA ASN MB 90 63.25 12.66 22.76
C ASN MB 90 63.10 14.15 22.53
N GLU MB 91 64.12 14.82 22.03
CA GLU MB 91 64.04 16.26 21.75
C GLU MB 91 63.67 16.47 20.30
N LYS MB 92 63.14 17.66 20.00
CA LYS MB 92 62.67 17.95 18.65
C LYS MB 92 63.82 17.83 17.65
N GLY MB 93 63.50 17.33 16.46
CA GLY MB 93 64.54 17.02 15.49
C GLY MB 93 65.31 18.24 15.03
N GLY MB 94 64.61 19.37 14.87
CA GLY MB 94 65.28 20.59 14.45
C GLY MB 94 66.34 21.04 15.43
N ILE MB 95 66.05 20.91 16.72
CA ILE MB 95 66.99 21.30 17.76
C ILE MB 95 68.21 20.38 17.76
N ARG MB 96 67.99 19.07 17.61
CA ARG MB 96 69.10 18.12 17.57
C ARG MB 96 70.02 18.40 16.38
N LEU MB 97 69.43 18.69 15.22
CA LEU MB 97 70.25 19.01 14.05
C LEU MB 97 71.04 20.28 14.28
N LYS MB 98 70.40 21.31 14.82
CA LYS MB 98 71.09 22.57 15.11
C LYS MB 98 72.14 22.36 16.20
N ALA MB 99 71.85 21.52 17.19
CA ALA MB 99 72.86 21.18 18.18
C ALA MB 99 74.03 20.47 17.53
N ALA MB 100 73.75 19.51 16.65
CA ALA MB 100 74.82 18.82 15.93
C ALA MB 100 75.58 19.76 15.01
N GLN MB 101 74.86 20.65 14.31
CA GLN MB 101 75.52 21.61 13.43
C GLN MB 101 76.45 22.53 14.22
N ASP MB 102 75.98 23.04 15.37
CA ASP MB 102 76.81 23.93 16.16
C ASP MB 102 78.03 23.20 16.71
N ILE MB 103 77.82 22.00 17.25
CA ILE MB 103 78.94 21.26 17.85
C ILE MB 103 79.95 20.85 16.78
N LEU MB 104 79.46 20.51 15.58
CA LEU MB 104 80.34 20.18 14.47
C LEU MB 104 81.11 21.42 13.98
N ASP MB 105 80.45 22.58 13.96
CA ASP MB 105 81.10 23.81 13.58
C ASP MB 105 82.22 24.19 14.54
N ARG MB 106 82.11 23.82 15.82
CA ARG MB 106 83.18 24.10 16.76
C ARG MB 106 84.43 23.28 16.46
N ALA MB 107 84.27 22.10 15.88
CA ALA MB 107 85.42 21.24 15.57
C ALA MB 107 86.36 21.89 14.58
N GLY MB 108 85.86 22.74 13.68
CA GLY MB 108 86.73 23.40 12.73
C GLY MB 108 86.39 23.13 11.29
N PHE MB 109 85.11 22.89 11.00
CA PHE MB 109 84.63 22.65 9.64
C PHE MB 109 83.64 23.75 9.30
N GLY MB 110 84.00 24.58 8.33
CA GLY MB 110 83.25 25.79 8.03
C GLY MB 110 82.60 25.78 6.65
N ALA MB 111 82.27 26.96 6.14
CA ALA MB 111 81.63 27.06 4.85
C ALA MB 111 82.70 27.03 3.75
N LYS MB 112 82.26 27.15 2.50
CA LYS MB 112 83.07 26.87 1.32
C LYS MB 112 83.12 28.09 0.39
N GLN MB 113 83.57 27.86 -0.84
CA GLN MB 113 84.07 28.95 -1.68
C GLN MB 113 82.98 29.94 -2.06
N LYS MB 114 83.41 31.17 -2.32
CA LYS MB 114 82.56 32.24 -2.80
C LYS MB 114 83.37 33.10 -3.77
N ILE MB 115 82.68 33.90 -4.57
CA ILE MB 115 83.37 34.70 -5.58
C ILE MB 115 82.59 36.00 -5.82
N GLU MB 116 83.32 37.11 -5.91
CA GLU MB 116 82.75 38.42 -6.19
C GLU MB 116 83.54 39.10 -7.30
N LEU MB 117 82.85 39.73 -8.24
CA LEU MB 117 83.51 40.49 -9.31
C LEU MB 117 83.04 41.94 -9.23
N THR MB 118 84.00 42.86 -9.23
CA THR MB 118 83.73 44.28 -9.08
C THR MB 118 84.13 45.03 -10.34
N THR MB 119 83.34 46.04 -10.70
CA THR MB 119 83.58 46.85 -11.88
C THR MB 119 83.53 48.33 -11.52
N LYS MB 120 84.26 49.12 -12.29
CA LYS MB 120 84.35 50.56 -12.05
C LYS MB 120 83.74 51.35 -13.21
N LYS NB 18 102.52 19.39 32.47
CA LYS NB 18 101.87 19.23 31.17
C LYS NB 18 100.89 18.05 31.17
N GLU NB 19 101.13 17.09 32.07
CA GLU NB 19 100.23 15.96 32.23
C GLU NB 19 99.11 16.24 33.24
N LYS NB 20 99.43 16.96 34.32
CA LYS NB 20 98.43 17.27 35.35
C LYS NB 20 97.40 18.29 34.86
N LEU NB 21 97.80 19.24 34.01
CA LEU NB 21 96.84 20.24 33.52
C LEU NB 21 95.72 19.59 32.73
N ASP NB 22 96.04 18.54 31.95
CA ASP NB 22 95.01 17.83 31.22
C ASP NB 22 94.02 17.15 32.15
N LEU NB 23 94.52 16.58 33.26
CA LEU NB 23 93.62 16.00 34.24
C LEU NB 23 92.71 17.06 34.86
N TYR NB 24 93.26 18.25 35.12
CA TYR NB 24 92.41 19.34 35.61
C TYR NB 24 91.36 19.72 34.56
N CYS NB 25 91.77 19.80 33.29
CA CYS NB 25 90.84 20.14 32.22
C CYS NB 25 89.78 19.06 32.02
N GLU NB 26 90.18 17.78 32.03
CA GLU NB 26 89.22 16.71 31.80
C GLU NB 26 88.18 16.63 32.92
N ALA NB 27 88.61 16.81 34.17
CA ALA NB 27 87.67 16.83 35.28
C ALA NB 27 86.73 18.02 35.19
N LEU NB 28 87.26 19.17 34.76
CA LEU NB 28 86.44 20.36 34.57
C LEU NB 28 85.41 20.16 33.48
N CYS NB 29 85.74 19.40 32.44
CA CYS NB 29 84.78 19.16 31.36
C CYS NB 29 83.59 18.33 31.83
N ASP NB 30 83.80 17.42 32.79
CA ASP NB 30 82.73 16.53 33.22
C ASP NB 30 82.01 17.01 34.47
N GLY NB 31 82.73 17.52 35.47
CA GLY NB 31 82.09 17.92 36.71
C GLY NB 31 81.91 19.41 36.93
N PHE NB 32 82.15 20.24 35.92
CA PHE NB 32 81.86 21.67 35.91
C PHE NB 32 82.00 22.36 37.26
N ASN NB 33 83.11 22.12 37.97
CA ASN NB 33 83.31 22.76 39.26
C ASN NB 33 84.79 22.94 39.50
N LYS NB 34 85.19 24.16 39.90
CA LYS NB 34 86.60 24.41 40.13
C LYS NB 34 87.07 23.79 41.43
N THR NB 35 86.27 23.89 42.50
CA THR NB 35 86.70 23.35 43.78
C THR NB 35 86.71 21.82 43.76
N GLN NB 36 85.68 21.21 43.15
CA GLN NB 36 85.63 19.75 43.06
C GLN NB 36 86.76 19.21 42.18
N ALA NB 37 87.02 19.86 41.05
CA ALA NB 37 88.12 19.42 40.19
C ALA NB 37 89.47 19.62 40.86
N TYR NB 38 89.63 20.74 41.56
CA TYR NB 38 90.92 21.04 42.20
C TYR NB 38 91.23 20.08 43.33
N ILE NB 39 90.23 19.73 44.15
CA ILE NB 39 90.48 18.79 45.24
C ILE NB 39 90.73 17.38 44.71
N LYS NB 40 90.14 17.02 43.57
CA LYS NB 40 90.43 15.72 42.99
C LYS NB 40 91.80 15.68 42.33
N ALA NB 41 92.39 16.84 42.04
CA ALA NB 41 93.73 16.87 41.48
C ALA NB 41 94.77 16.44 42.52
N GLY NB 42 94.56 16.78 43.78
CA GLY NB 42 95.48 16.39 44.83
C GLY NB 42 95.96 17.51 45.72
N PHE NB 43 95.19 18.59 45.84
CA PHE NB 43 95.64 19.77 46.55
C PHE NB 43 94.82 20.00 47.82
N SER NB 44 95.18 21.07 48.53
CA SER NB 44 94.56 21.43 49.80
C SER NB 44 93.18 22.03 49.59
N ALA NB 45 92.22 21.62 50.42
CA ALA NB 45 90.86 22.09 50.31
C ALA NB 45 90.75 23.57 50.66
N PRO NB 46 91.45 24.05 51.69
CA PRO NB 46 91.27 25.44 52.12
C PRO NB 46 91.67 26.48 51.08
N HIS NB 47 92.68 26.20 50.25
CA HIS NB 47 93.12 27.16 49.24
C HIS NB 47 92.29 27.00 47.98
N ALA NB 48 91.00 27.33 48.11
CA ALA NB 48 90.05 27.20 47.02
C ALA NB 48 89.57 28.51 46.42
N GLN NB 49 90.07 29.66 46.87
CA GLN NB 49 89.54 30.93 46.36
C GLN NB 49 90.42 31.57 45.30
N ARG NB 50 91.65 31.95 45.62
CA ARG NB 50 92.49 32.65 44.66
C ARG NB 50 93.61 31.79 44.09
N ASN NB 51 94.51 31.28 44.93
CA ASN NB 51 95.71 30.55 44.51
C ASN NB 51 95.43 29.55 43.39
N VAL NB 52 94.19 29.07 43.29
CA VAL NB 52 93.86 28.13 42.23
C VAL NB 52 93.62 28.88 40.93
N ALA NB 53 93.04 30.07 41.01
CA ALA NB 53 92.91 30.92 39.82
C ALA NB 53 94.26 31.26 39.22
N PRO NB 54 95.30 31.60 39.99
CA PRO NB 54 96.61 31.84 39.36
C PRO NB 54 97.09 30.64 38.57
N TYR NB 55 96.85 29.43 39.07
CA TYR NB 55 97.19 28.25 38.29
C TYR NB 55 96.34 28.19 37.02
N HIS NB 56 95.07 28.60 37.13
CA HIS NB 56 94.18 28.61 35.98
C HIS NB 56 94.50 29.75 35.02
N ARG NB 57 94.91 30.91 35.57
CA ARG NB 57 95.17 32.07 34.72
C ARG NB 57 96.49 31.95 33.96
N LYS NB 58 97.46 31.20 34.48
CA LYS NB 58 98.74 31.10 33.82
C LYS NB 58 98.76 30.07 32.70
N ASN NB 59 97.71 29.26 32.56
CA ASN NB 59 97.60 28.23 31.54
C ASN NB 59 96.27 28.34 30.81
N ALA NB 60 95.78 29.57 30.61
CA ALA NB 60 94.46 29.76 30.02
C ALA NB 60 94.39 29.25 28.58
N GLU NB 61 95.42 29.50 27.77
CA GLU NB 61 95.35 29.07 26.37
C GLU NB 61 95.30 27.56 26.23
N TYR NB 62 96.12 26.83 26.99
CA TYR NB 62 96.09 25.37 26.89
C TYR NB 62 94.79 24.81 27.45
N ILE NB 63 94.25 25.43 28.50
CA ILE NB 63 92.95 25.01 29.02
C ILE NB 63 91.87 25.26 27.96
N GLN NB 64 91.95 26.40 27.29
CA GLN NB 64 91.02 26.70 26.21
C GLN NB 64 91.18 25.70 25.07
N ALA NB 65 92.43 25.32 24.76
CA ALA NB 65 92.67 24.31 23.74
C ALA NB 65 92.08 22.96 24.15
N TYR NB 66 92.19 22.61 25.43
CA TYR NB 66 91.70 21.32 25.90
C TYR NB 66 90.19 21.18 25.74
N ILE NB 67 89.43 22.22 26.08
CA ILE NB 67 87.98 22.13 25.93
C ILE NB 67 87.61 22.06 24.45
N SER NB 68 88.33 22.79 23.59
CA SER NB 68 88.04 22.74 22.16
C SER NB 68 88.26 21.35 21.57
N GLU NB 69 89.36 20.69 21.95
CA GLU NB 69 89.59 19.34 21.48
C GLU NB 69 88.60 18.37 22.09
N ARG NB 70 88.21 18.61 23.35
CA ARG NB 70 87.25 17.73 24.02
C ARG NB 70 85.89 17.73 23.32
N ILE NB 71 85.42 18.90 22.90
CA ILE NB 71 84.16 18.95 22.16
C ILE NB 71 84.32 18.24 20.81
N GLY NB 72 85.54 18.24 20.27
CA GLY NB 72 85.83 17.56 19.02
C GLY NB 72 85.65 16.07 19.08
N SER NB 73 85.68 15.48 20.29
CA SER NB 73 85.48 14.04 20.40
C SER NB 73 84.05 13.63 20.05
N ASP NB 74 83.13 14.60 20.04
CA ASP NB 74 81.76 14.38 19.62
C ASP NB 74 81.51 14.73 18.15
N ALA NB 75 82.55 15.16 17.43
CA ALA NB 75 82.36 15.49 16.00
C ALA NB 75 81.77 14.34 15.20
N PRO NB 76 82.22 13.08 15.34
CA PRO NB 76 81.53 12.00 14.64
C PRO NB 76 80.08 11.84 15.05
N ALA NB 77 79.76 12.14 16.32
CA ALA NB 77 78.36 12.09 16.76
C ALA NB 77 77.51 13.07 15.98
N ALA NB 78 78.04 14.28 15.72
CA ALA NB 78 77.30 15.24 14.91
C ALA NB 78 77.10 14.71 13.50
N ARG NB 79 78.11 13.99 12.98
CA ARG NB 79 77.94 13.31 11.70
C ARG NB 79 76.84 12.26 11.79
N LYS NB 80 76.79 11.51 12.89
CA LYS NB 80 75.73 10.52 13.08
C LYS NB 80 74.36 11.20 13.19
N VAL NB 81 74.28 12.31 13.91
CA VAL NB 81 72.99 12.97 14.12
C VAL NB 81 72.42 13.47 12.80
N VAL NB 82 73.26 14.11 11.99
CA VAL NB 82 72.78 14.64 10.71
C VAL NB 82 72.41 13.51 9.76
N LEU NB 83 73.18 12.41 9.77
CA LEU NB 83 72.88 11.28 8.91
C LEU NB 83 71.57 10.59 9.29
N GLU NB 84 71.34 10.38 10.59
CA GLU NB 84 70.15 9.65 11.02
C GLU NB 84 68.87 10.46 10.76
N ILE NB 85 68.93 11.78 10.93
CA ILE NB 85 67.75 12.60 10.67
C ILE NB 85 67.42 12.60 9.18
N MET NB 86 68.44 12.57 8.32
CA MET NB 86 68.20 12.47 6.89
C MET NB 86 67.61 11.13 6.49
N ASN NB 87 67.78 10.10 7.33
CA ASN NB 87 67.30 8.75 7.04
C ASN NB 87 66.07 8.36 7.84
N ASP NB 88 65.45 9.29 8.56
CA ASP NB 88 64.27 8.97 9.35
C ASP NB 88 63.04 9.20 8.48
N PRO NB 89 62.29 8.15 8.11
CA PRO NB 89 61.17 8.35 7.18
C PRO NB 89 59.90 8.91 7.79
N ASN NB 90 59.70 8.81 9.10
CA ASN NB 90 58.43 9.22 9.67
C ASN NB 90 58.42 10.66 10.19
N GLU NB 91 59.51 11.39 10.01
CA GLU NB 91 59.61 12.76 10.51
C GLU NB 91 59.25 13.75 9.41
N LYS NB 92 58.85 14.95 9.81
CA LYS NB 92 58.40 15.95 8.86
C LYS NB 92 59.51 16.32 7.88
N GLY NB 93 59.10 16.59 6.63
CA GLY NB 93 60.08 16.76 5.56
C GLY NB 93 61.00 17.95 5.73
N GLY NB 94 60.51 19.05 6.29
CA GLY NB 94 61.32 20.26 6.38
C GLY NB 94 62.60 20.11 7.20
N ILE NB 95 62.52 19.41 8.32
CA ILE NB 95 63.69 19.29 9.19
C ILE NB 95 64.78 18.42 8.56
N ARG NB 96 64.39 17.29 7.95
CA ARG NB 96 65.35 16.38 7.34
C ARG NB 96 66.12 17.04 6.19
N LEU NB 97 65.49 17.94 5.44
CA LEU NB 97 66.21 18.62 4.36
C LEU NB 97 67.42 19.38 4.90
N LYS NB 98 67.26 20.02 6.05
CA LYS NB 98 68.39 20.77 6.62
C LYS NB 98 69.56 19.83 6.90
N ALA NB 99 69.27 18.58 7.26
CA ALA NB 99 70.35 17.61 7.42
C ALA NB 99 71.07 17.38 6.09
N ALA NB 100 70.31 17.25 5.00
CA ALA NB 100 70.94 17.12 3.68
C ALA NB 100 71.73 18.37 3.33
N GLN NB 101 71.16 19.55 3.61
CA GLN NB 101 71.90 20.79 3.38
C GLN NB 101 73.16 20.83 4.22
N ASP NB 102 73.06 20.44 5.49
CA ASP NB 102 74.21 20.45 6.37
C ASP NB 102 75.28 19.48 5.87
N ILE NB 103 74.89 18.26 5.52
CA ILE NB 103 75.85 17.25 5.10
C ILE NB 103 76.43 17.60 3.72
N LEU NB 104 75.61 18.13 2.81
CA LEU NB 104 76.11 18.52 1.49
C LEU NB 104 77.01 19.74 1.54
N ASP NB 105 76.67 20.72 2.39
CA ASP NB 105 77.54 21.89 2.54
C ASP NB 105 78.91 21.49 3.07
N ARG NB 106 78.98 20.43 3.87
CA ARG NB 106 80.27 19.95 4.32
C ARG NB 106 81.06 19.33 3.18
N ALA NB 107 80.37 18.72 2.21
CA ALA NB 107 81.05 18.12 1.07
C ALA NB 107 81.75 19.16 0.20
N GLY NB 108 81.22 20.37 0.15
CA GLY NB 108 81.85 21.42 -0.62
C GLY NB 108 81.00 22.02 -1.71
N PHE NB 109 79.68 22.02 -1.52
CA PHE NB 109 78.76 22.61 -2.50
C PHE NB 109 78.00 23.73 -1.80
N GLY NB 110 78.35 24.98 -2.13
CA GLY NB 110 77.84 26.15 -1.45
C GLY NB 110 77.06 27.08 -2.35
N ALA NB 111 76.88 28.33 -1.91
CA ALA NB 111 76.20 29.32 -2.71
C ALA NB 111 77.20 29.97 -3.67
N LYS NB 112 76.71 30.93 -4.47
CA LYS NB 112 77.47 31.45 -5.60
C LYS NB 112 77.64 32.96 -5.56
N GLN NB 113 78.03 33.54 -6.70
CA GLN NB 113 78.64 34.86 -6.78
C GLN NB 113 77.69 35.98 -6.39
N LYS NB 114 78.28 37.09 -5.96
CA LYS NB 114 77.57 38.33 -5.63
C LYS NB 114 78.44 39.50 -6.06
N ILE NB 115 77.87 40.44 -6.82
CA ILE NB 115 78.64 41.52 -7.44
C ILE NB 115 78.34 42.86 -6.76
N GLU NB 116 79.35 43.74 -6.72
CA GLU NB 116 79.23 45.07 -6.12
C GLU NB 116 79.63 46.16 -7.11
N LEU NB 117 78.83 47.22 -7.16
CA LEU NB 117 79.15 48.44 -7.93
C LEU NB 117 79.05 49.62 -7.00
N THR NB 118 80.08 50.49 -7.00
CA THR NB 118 80.16 51.60 -6.06
C THR NB 118 80.06 52.95 -6.76
N THR NB 119 79.41 53.91 -6.09
CA THR NB 119 79.17 55.25 -6.61
C THR NB 119 79.58 56.32 -5.60
N LYS NB 120 80.81 56.22 -5.10
CA LYS NB 120 81.33 57.20 -4.14
C LYS NB 120 81.29 58.62 -4.71
N LEU OB 15 96.81 -5.68 8.68
CA LEU OB 15 97.15 -5.70 10.09
C LEU OB 15 98.31 -4.75 10.38
N THR OB 16 98.05 -3.46 10.20
CA THR OB 16 99.06 -2.42 10.36
C THR OB 16 98.35 -1.20 10.92
N PRO OB 17 99.11 -0.15 11.29
CA PRO OB 17 98.43 1.05 11.82
C PRO OB 17 97.44 1.67 10.85
N LYS OB 18 97.60 1.48 9.55
CA LYS OB 18 96.60 2.03 8.62
C LYS OB 18 95.29 1.26 8.67
N GLU OB 19 95.33 -0.02 9.06
CA GLU OB 19 94.07 -0.76 9.20
C GLU OB 19 93.45 -0.54 10.58
N LYS OB 20 94.29 -0.41 11.61
CA LYS OB 20 93.76 -0.16 12.95
C LYS OB 20 93.20 1.25 13.07
N LEU OB 21 93.87 2.24 12.47
CA LEU OB 21 93.36 3.62 12.54
C LEU OB 21 92.06 3.78 11.77
N ASP OB 22 91.94 3.12 10.61
CA ASP OB 22 90.67 3.19 9.88
C ASP OB 22 89.54 2.57 10.70
N LEU OB 23 89.81 1.43 11.34
CA LEU OB 23 88.85 0.87 12.28
C LEU OB 23 88.66 1.80 13.47
N TYR OB 24 89.75 2.41 13.94
CA TYR OB 24 89.67 3.37 15.02
C TYR OB 24 88.82 4.57 14.61
N CYS OB 25 89.03 5.07 13.39
CA CYS OB 25 88.20 6.16 12.89
C CYS OB 25 86.75 5.74 12.74
N GLU OB 26 86.53 4.53 12.20
CA GLU OB 26 85.17 4.03 12.02
C GLU OB 26 84.48 3.80 13.36
N ALA OB 27 85.20 3.28 14.35
CA ALA OB 27 84.61 3.06 15.66
C ALA OB 27 84.25 4.38 16.32
N LEU OB 28 85.11 5.40 16.17
CA LEU OB 28 84.77 6.72 16.68
C LEU OB 28 83.55 7.28 15.96
N CYS OB 29 83.44 7.01 14.65
CA CYS OB 29 82.29 7.49 13.90
C CYS OB 29 81.00 6.75 14.28
N ASP OB 30 81.09 5.47 14.61
CA ASP OB 30 79.89 4.68 14.87
C ASP OB 30 79.57 4.46 16.34
N GLY OB 31 80.55 4.18 17.20
CA GLY OB 31 80.20 3.86 18.57
C GLY OB 31 80.47 4.92 19.63
N PHE OB 32 80.60 6.18 19.19
CA PHE OB 32 80.68 7.36 20.05
C PHE OB 32 81.37 7.14 21.40
N ASN OB 33 82.51 6.46 21.40
CA ASN OB 33 83.24 6.26 22.65
C ASN OB 33 84.72 6.07 22.34
N LYS OB 34 85.57 6.78 23.09
CA LYS OB 34 87.00 6.61 22.92
C LYS OB 34 87.49 5.32 23.56
N THR OB 35 86.94 4.96 24.72
CA THR OB 35 87.46 3.81 25.44
C THR OB 35 87.15 2.50 24.72
N GLN OB 36 85.91 2.31 24.28
CA GLN OB 36 85.57 1.09 23.55
C GLN OB 36 86.24 1.05 22.17
N ALA OB 37 86.31 2.20 21.49
CA ALA OB 37 86.97 2.24 20.19
C ALA OB 37 88.43 1.84 20.30
N TYR OB 38 89.12 2.33 21.34
CA TYR OB 38 90.51 1.94 21.54
C TYR OB 38 90.61 0.48 21.90
N ILE OB 39 89.62 -0.03 22.66
CA ILE OB 39 89.62 -1.44 23.02
C ILE OB 39 89.43 -2.30 21.77
N LYS OB 40 88.72 -1.77 20.78
CA LYS OB 40 88.62 -2.46 19.49
C LYS OB 40 89.89 -2.33 18.67
N ALA OB 41 90.77 -1.38 18.99
CA ALA OB 41 92.01 -1.25 18.25
C ALA OB 41 92.92 -2.44 18.50
N GLY OB 42 92.96 -2.94 19.73
CA GLY OB 42 93.73 -4.14 20.02
C GLY OB 42 94.71 -4.10 21.17
N PHE OB 43 94.55 -3.16 22.10
CA PHE OB 43 95.50 -3.01 23.19
C PHE OB 43 94.78 -3.30 24.51
N SER OB 44 95.51 -3.14 25.62
CA SER OB 44 94.99 -3.50 26.92
C SER OB 44 93.90 -2.51 27.35
N ALA OB 45 92.79 -3.05 27.84
CA ALA OB 45 91.63 -2.26 28.27
C ALA OB 45 91.96 -1.51 29.55
N PRO OB 46 92.65 -2.14 30.51
CA PRO OB 46 92.88 -1.47 31.80
C PRO OB 46 93.69 -0.20 31.66
N HIS OB 47 94.76 -0.22 30.89
CA HIS OB 47 95.58 0.97 30.69
C HIS OB 47 95.19 1.65 29.36
N ALA OB 48 93.93 2.08 29.30
CA ALA OB 48 93.40 2.75 28.11
C ALA OB 48 93.05 4.21 28.34
N GLN OB 49 93.27 4.73 29.53
CA GLN OB 49 92.93 6.11 29.86
C GLN OB 49 94.15 7.03 29.89
N ARG OB 50 95.35 6.50 29.66
CA ARG OB 50 96.57 7.27 29.81
C ARG OB 50 97.16 7.77 28.49
N ASN OB 51 97.51 6.87 27.58
CA ASN OB 51 98.22 7.26 26.37
C ASN OB 51 97.33 7.47 25.14
N VAL OB 52 96.08 7.01 25.15
CA VAL OB 52 95.30 7.10 23.92
C VAL OB 52 94.88 8.53 23.66
N ALA OB 53 94.60 9.31 24.70
CA ALA OB 53 94.31 10.73 24.48
C ALA OB 53 95.47 11.42 23.79
N PRO OB 54 96.72 11.25 24.23
CA PRO OB 54 97.84 11.80 23.44
C PRO OB 54 97.92 11.21 22.04
N TYR OB 55 97.61 9.92 21.89
CA TYR OB 55 97.64 9.29 20.57
C TYR OB 55 96.57 9.88 19.65
N HIS OB 56 95.39 10.20 20.21
CA HIS OB 56 94.34 10.78 19.39
C HIS OB 56 94.69 12.20 18.99
N ARG OB 57 95.38 12.93 19.86
CA ARG OB 57 95.75 14.32 19.59
C ARG OB 57 96.87 14.43 18.57
N LYS OB 58 97.69 13.38 18.42
CA LYS OB 58 98.81 13.40 17.49
C LYS OB 58 98.40 13.11 16.06
N ASN OB 59 97.16 12.65 15.84
CA ASN OB 59 96.67 12.33 14.50
C ASN OB 59 95.33 13.01 14.24
N ALA OB 60 95.14 14.21 14.79
CA ALA OB 60 93.88 14.93 14.63
C ALA OB 60 93.64 15.31 13.18
N GLU OB 61 94.70 15.67 12.45
CA GLU OB 61 94.55 16.09 11.06
C GLU OB 61 93.95 14.97 10.21
N TYR OB 62 94.42 13.74 10.41
CA TYR OB 62 93.84 12.60 9.69
C TYR OB 62 92.43 12.30 10.20
N ILE OB 63 92.19 12.49 11.49
CA ILE OB 63 90.85 12.28 12.05
C ILE OB 63 89.85 13.23 11.41
N GLN OB 64 90.24 14.49 11.26
CA GLN OB 64 89.37 15.46 10.59
C GLN OB 64 89.11 15.06 9.15
N ALA OB 65 90.15 14.55 8.47
CA ALA OB 65 89.99 14.09 7.10
C ALA OB 65 89.02 12.92 7.01
N TYR OB 66 89.08 12.00 7.98
CA TYR OB 66 88.20 10.84 7.96
C TYR OB 66 86.74 11.24 8.09
N ILE OB 67 86.43 12.18 8.99
CA ILE OB 67 85.06 12.64 9.11
C ILE OB 67 84.63 13.35 7.83
N SER OB 68 85.54 14.14 7.25
CA SER OB 68 85.22 14.82 5.98
C SER OB 68 84.96 13.82 4.87
N GLU OB 69 85.77 12.75 4.81
CA GLU OB 69 85.55 11.73 3.79
C GLU OB 69 84.23 10.99 4.02
N ARG OB 70 83.89 10.70 5.28
CA ARG OB 70 82.63 10.03 5.57
C ARG OB 70 81.42 10.91 5.23
N ILE OB 71 81.47 12.19 5.59
CA ILE OB 71 80.36 13.08 5.29
C ILE OB 71 80.24 13.32 3.79
N GLY OB 72 81.39 13.45 3.10
CA GLY OB 72 81.36 13.65 1.66
C GLY OB 72 80.93 12.42 0.88
N SER OB 73 81.23 11.22 1.40
CA SER OB 73 80.87 9.99 0.70
C SER OB 73 79.38 9.68 0.80
N ASP OB 74 78.67 10.31 1.74
CA ASP OB 74 77.24 10.14 1.88
C ASP OB 74 76.45 11.17 1.09
N ALA OB 75 77.12 12.05 0.36
CA ALA OB 75 76.45 13.06 -0.46
C ALA OB 75 75.40 12.51 -1.42
N PRO OB 76 75.61 11.38 -2.12
CA PRO OB 76 74.52 10.88 -2.99
C PRO OB 76 73.23 10.59 -2.24
N ALA OB 77 73.31 10.14 -1.00
CA ALA OB 77 72.11 9.98 -0.18
C ALA OB 77 71.43 11.32 0.06
N ALA OB 78 72.21 12.35 0.35
CA ALA OB 78 71.67 13.69 0.55
C ALA OB 78 71.09 14.27 -0.73
N ARG OB 79 71.68 13.96 -1.88
CA ARG OB 79 71.11 14.39 -3.15
C ARG OB 79 69.70 13.86 -3.32
N LYS OB 80 69.47 12.62 -2.91
CA LYS OB 80 68.14 12.05 -2.95
C LYS OB 80 67.16 12.83 -2.08
N VAL OB 81 67.62 13.31 -0.92
CA VAL OB 81 66.72 13.99 0.01
C VAL OB 81 66.17 15.27 -0.61
N VAL OB 82 67.04 16.10 -1.19
CA VAL OB 82 66.58 17.36 -1.75
C VAL OB 82 65.72 17.14 -2.98
N LEU OB 83 66.09 16.17 -3.83
CA LEU OB 83 65.28 15.88 -5.02
C LEU OB 83 63.94 15.24 -4.66
N GLU OB 84 63.94 14.31 -3.72
CA GLU OB 84 62.70 13.58 -3.41
C GLU OB 84 61.65 14.49 -2.77
N ILE OB 85 62.06 15.37 -1.86
CA ILE OB 85 61.06 16.27 -1.28
C ILE OB 85 60.62 17.30 -2.33
N MET OB 86 61.52 17.70 -3.23
CA MET OB 86 61.11 18.57 -4.33
C MET OB 86 60.18 17.85 -5.28
N ASN OB 87 60.21 16.52 -5.28
CA ASN OB 87 59.34 15.68 -6.08
C ASN OB 87 58.27 15.02 -5.24
N ASP OB 88 58.11 15.44 -3.98
CA ASP OB 88 57.15 14.84 -3.07
C ASP OB 88 55.81 15.55 -3.22
N PRO OB 89 54.76 14.88 -3.70
CA PRO OB 89 53.49 15.58 -3.92
C PRO OB 89 52.68 15.83 -2.66
N ASN OB 90 52.89 15.05 -1.59
CA ASN OB 90 52.09 15.17 -0.38
C ASN OB 90 52.74 16.02 0.71
N GLU OB 91 53.89 16.62 0.46
CA GLU OB 91 54.55 17.40 1.49
C GLU OB 91 54.16 18.87 1.36
N LYS OB 92 54.33 19.62 2.45
CA LYS OB 92 53.87 21.00 2.50
C LYS OB 92 54.54 21.87 1.44
N GLY OB 93 53.75 22.82 0.91
CA GLY OB 93 54.21 23.63 -0.22
C GLY OB 93 55.38 24.54 0.11
N GLY OB 94 55.41 25.09 1.32
CA GLY OB 94 56.50 26.00 1.67
C GLY OB 94 57.86 25.34 1.59
N ILE OB 95 57.95 24.07 1.98
CA ILE OB 95 59.20 23.35 2.00
C ILE OB 95 59.74 23.09 0.60
N ARG OB 96 58.86 22.76 -0.37
CA ARG OB 96 59.31 22.44 -1.72
C ARG OB 96 60.07 23.60 -2.36
N LEU OB 97 59.62 24.84 -2.12
CA LEU OB 97 60.31 25.99 -2.69
C LEU OB 97 61.74 26.11 -2.18
N LYS OB 98 61.95 25.89 -0.87
CA LYS OB 98 63.28 26.02 -0.30
C LYS OB 98 64.26 24.99 -0.86
N ALA OB 99 63.79 23.75 -1.09
CA ALA OB 99 64.66 22.75 -1.69
C ALA OB 99 65.06 23.14 -3.11
N ALA OB 100 64.08 23.60 -3.91
CA ALA OB 100 64.39 24.07 -5.25
C ALA OB 100 65.29 25.29 -5.21
N GLN OB 101 65.04 26.19 -4.26
CA GLN OB 101 65.88 27.38 -4.13
C GLN OB 101 67.33 27.01 -3.87
N ASP OB 102 67.56 26.05 -2.97
CA ASP OB 102 68.92 25.63 -2.66
C ASP OB 102 69.56 24.94 -3.86
N ILE OB 103 68.83 24.03 -4.52
CA ILE OB 103 69.42 23.26 -5.62
C ILE OB 103 69.72 24.16 -6.81
N LEU OB 104 68.88 25.17 -7.04
CA LEU OB 104 69.18 26.14 -8.11
C LEU OB 104 70.41 26.95 -7.76
N ASP OB 105 70.56 27.29 -6.47
CA ASP OB 105 71.76 27.98 -6.01
C ASP OB 105 72.99 27.09 -6.21
N ARG OB 106 72.82 25.77 -6.11
CA ARG OB 106 73.92 24.85 -6.35
C ARG OB 106 74.32 24.80 -7.81
N ALA OB 107 73.35 25.00 -8.72
CA ALA OB 107 73.66 24.96 -10.15
C ALA OB 107 74.62 26.07 -10.55
N GLY OB 108 74.59 27.19 -9.83
CA GLY OB 108 75.49 28.29 -10.13
C GLY OB 108 74.76 29.58 -10.44
N PHE OB 109 73.56 29.74 -9.89
CA PHE OB 109 72.75 30.94 -10.09
C PHE OB 109 72.53 31.61 -8.75
N GLY OB 110 73.15 32.78 -8.57
CA GLY OB 110 73.13 33.48 -7.31
C GLY OB 110 72.45 34.82 -7.41
N ALA OB 111 72.67 35.69 -6.43
CA ALA OB 111 72.07 37.01 -6.48
C ALA OB 111 72.96 37.97 -7.29
N LYS OB 112 72.52 39.21 -7.39
CA LYS OB 112 73.12 40.18 -8.30
C LYS OB 112 73.54 41.41 -7.48
N GLN OB 113 73.76 42.54 -8.17
CA GLN OB 113 74.57 43.61 -7.64
C GLN OB 113 74.04 44.18 -6.33
N LYS OB 114 74.97 44.73 -5.55
CA LYS OB 114 74.75 45.39 -4.27
C LYS OB 114 75.74 46.54 -4.22
N ILE OB 115 75.28 47.72 -3.86
CA ILE OB 115 76.14 48.90 -3.95
C ILE OB 115 76.64 49.29 -2.57
N GLU OB 116 77.91 49.69 -2.52
CA GLU OB 116 78.60 50.10 -1.30
C GLU OB 116 79.19 51.49 -1.48
N LEU OB 117 79.07 52.30 -0.45
CA LEU OB 117 79.63 53.64 -0.41
C LEU OB 117 80.66 53.71 0.70
N THR OB 118 81.85 54.20 0.37
CA THR OB 118 82.95 54.29 1.31
C THR OB 118 83.22 55.77 1.58
N THR OB 119 83.48 56.08 2.85
CA THR OB 119 83.67 57.46 3.28
C THR OB 119 84.93 57.58 4.13
N LYS OB 120 85.61 58.70 3.97
CA LYS OB 120 86.82 59.01 4.74
C LYS OB 120 86.48 59.19 6.22
N LEU PB 15 86.97 -1.47 -24.05
CA LEU PB 15 86.34 -0.16 -24.09
C LEU PB 15 87.37 0.94 -23.85
N THR PB 16 86.99 1.92 -23.03
CA THR PB 16 87.88 3.02 -22.67
C THR PB 16 87.65 3.35 -21.20
N PRO PB 17 88.69 3.82 -20.50
CA PRO PB 17 88.54 4.09 -19.07
C PRO PB 17 87.66 5.29 -18.76
N LYS PB 18 87.58 6.28 -19.67
CA LYS PB 18 86.86 7.50 -19.34
C LYS PB 18 85.35 7.27 -19.24
N GLU PB 19 84.84 6.26 -19.95
CA GLU PB 19 83.42 5.93 -19.82
C GLU PB 19 83.16 5.00 -18.64
N LYS PB 20 84.11 4.13 -18.31
CA LYS PB 20 83.95 3.27 -17.14
C LYS PB 20 83.92 4.10 -15.87
N LEU PB 21 84.74 5.14 -15.82
CA LEU PB 21 84.72 6.06 -14.69
C LEU PB 21 83.43 6.86 -14.66
N ASP PB 22 82.89 7.19 -15.84
CA ASP PB 22 81.59 7.86 -15.89
C ASP PB 22 80.49 6.97 -15.32
N LEU PB 23 80.53 5.68 -15.63
CA LEU PB 23 79.61 4.74 -15.01
C LEU PB 23 79.87 4.65 -13.50
N TYR PB 24 81.14 4.73 -13.10
CA TYR PB 24 81.48 4.73 -11.68
C TYR PB 24 80.82 5.92 -10.98
N CYS PB 25 80.86 7.09 -11.62
CA CYS PB 25 80.16 8.25 -11.08
C CYS PB 25 78.66 8.01 -11.06
N GLU PB 26 78.11 7.43 -12.14
CA GLU PB 26 76.68 7.16 -12.20
C GLU PB 26 76.25 6.18 -11.12
N ALA PB 27 77.04 5.13 -10.90
CA ALA PB 27 76.72 4.19 -9.84
C ALA PB 27 76.84 4.86 -8.48
N LEU PB 28 77.87 5.68 -8.28
CA LEU PB 28 77.99 6.44 -7.04
C LEU PB 28 76.88 7.47 -6.91
N CYS PB 29 76.52 8.12 -8.01
CA CYS PB 29 75.44 9.10 -7.96
C CYS PB 29 74.08 8.44 -7.74
N ASP PB 30 73.89 7.23 -8.25
CA ASP PB 30 72.58 6.59 -8.18
C ASP PB 30 72.45 5.60 -7.03
N GLY PB 31 73.45 4.75 -6.78
CA GLY PB 31 73.30 3.76 -5.74
C GLY PB 31 74.08 3.96 -4.46
N PHE PB 32 74.52 5.19 -4.21
CA PHE PB 32 75.15 5.62 -2.96
C PHE PB 32 76.00 4.55 -2.27
N ASN PB 33 76.89 3.88 -3.00
CA ASN PB 33 77.76 2.88 -2.39
C ASN PB 33 79.04 2.80 -3.20
N LYS PB 34 80.18 2.88 -2.51
CA LYS PB 34 81.47 2.82 -3.19
C LYS PB 34 81.83 1.40 -3.61
N THR PB 35 81.61 0.41 -2.73
CA THR PB 35 81.98 -0.96 -3.08
C THR PB 35 81.07 -1.49 -4.19
N GLN PB 36 79.77 -1.19 -4.12
CA GLN PB 36 78.84 -1.61 -5.14
C GLN PB 36 79.16 -0.95 -6.48
N ALA PB 37 79.50 0.35 -6.44
CA ALA PB 37 79.90 1.07 -7.65
C ALA PB 37 81.19 0.51 -8.24
N TYR PB 38 82.14 0.12 -7.38
CA TYR PB 38 83.45 -0.32 -7.85
C TYR PB 38 83.35 -1.60 -8.66
N ILE PB 39 82.47 -2.53 -8.26
CA ILE PB 39 82.29 -3.77 -9.01
C ILE PB 39 81.72 -3.51 -10.39
N LYS PB 40 81.01 -2.40 -10.59
CA LYS PB 40 80.50 -2.10 -11.92
C LYS PB 40 81.62 -1.71 -12.89
N ALA PB 41 82.79 -1.35 -12.38
CA ALA PB 41 83.92 -1.09 -13.26
C ALA PB 41 84.42 -2.38 -13.90
N GLY PB 42 84.42 -3.47 -13.14
CA GLY PB 42 84.80 -4.76 -13.67
C GLY PB 42 85.90 -5.44 -12.87
N PHE PB 43 86.04 -5.09 -11.59
CA PHE PB 43 87.20 -5.51 -10.81
C PHE PB 43 86.81 -6.51 -9.71
N SER PB 44 87.82 -6.94 -8.97
CA SER PB 44 87.65 -7.97 -7.96
C SER PB 44 86.93 -7.44 -6.73
N ALA PB 45 85.94 -8.18 -6.26
CA ALA PB 45 85.19 -7.78 -5.07
C ALA PB 45 86.06 -7.97 -3.83
N PRO PB 46 86.80 -9.09 -3.73
CA PRO PB 46 87.54 -9.38 -2.49
C PRO PB 46 88.63 -8.36 -2.18
N HIS PB 47 89.55 -8.16 -3.12
CA HIS PB 47 90.66 -7.24 -2.93
C HIS PB 47 90.28 -5.87 -3.51
N ALA PB 48 89.33 -5.23 -2.83
CA ALA PB 48 88.79 -3.95 -3.28
C ALA PB 48 88.61 -2.93 -2.16
N GLN PB 49 89.05 -3.22 -0.94
CA GLN PB 49 88.87 -2.31 0.18
C GLN PB 49 90.09 -1.47 0.47
N ARG PB 50 91.28 -1.90 0.05
CA ARG PB 50 92.52 -1.19 0.34
C ARG PB 50 92.94 -0.28 -0.80
N ASN PB 51 93.12 -0.82 -2.01
CA ASN PB 51 93.52 -0.01 -3.15
C ASN PB 51 92.46 1.02 -3.53
N VAL PB 52 91.23 0.88 -3.04
CA VAL PB 52 90.16 1.78 -3.46
C VAL PB 52 90.34 3.16 -2.84
N ALA PB 53 90.87 3.24 -1.63
CA ALA PB 53 91.19 4.56 -1.07
C ALA PB 53 92.17 5.29 -1.98
N PRO PB 54 93.26 4.67 -2.43
CA PRO PB 54 94.10 5.33 -3.44
C PRO PB 54 93.33 5.63 -4.71
N TYR PB 55 92.43 4.73 -5.12
CA TYR PB 55 91.62 4.97 -6.31
C TYR PB 55 90.73 6.19 -6.11
N HIS PB 56 90.22 6.37 -4.89
CA HIS PB 56 89.46 7.58 -4.59
C HIS PB 56 90.39 8.77 -4.48
N ARG PB 57 91.59 8.55 -3.94
CA ARG PB 57 92.54 9.65 -3.77
C ARG PB 57 93.19 10.06 -5.08
N LYS PB 58 93.41 9.13 -6.01
CA LYS PB 58 94.06 9.46 -7.27
C LYS PB 58 93.09 9.92 -8.35
N ASN PB 59 91.79 9.70 -8.16
CA ASN PB 59 90.81 10.11 -9.15
C ASN PB 59 89.65 10.86 -8.49
N ALA PB 60 89.91 11.58 -7.41
CA ALA PB 60 88.86 12.29 -6.69
C ALA PB 60 88.25 13.42 -7.53
N GLU PB 61 89.09 14.09 -8.32
CA GLU PB 61 88.67 15.31 -9.00
C GLU PB 61 87.50 15.08 -9.96
N TYR PB 62 87.53 14.01 -10.75
CA TYR PB 62 86.49 13.83 -11.76
C TYR PB 62 85.13 13.52 -11.15
N ILE PB 63 85.08 12.73 -10.07
CA ILE PB 63 83.79 12.45 -9.42
C ILE PB 63 83.20 13.72 -8.81
N GLN PB 64 84.03 14.54 -8.16
CA GLN PB 64 83.50 15.78 -7.57
C GLN PB 64 82.91 16.69 -8.63
N ALA PB 65 83.58 16.80 -9.78
CA ALA PB 65 83.03 17.59 -10.87
C ALA PB 65 81.71 17.01 -11.37
N TYR PB 66 81.61 15.68 -11.41
CA TYR PB 66 80.39 15.03 -11.87
C TYR PB 66 79.21 15.34 -10.95
N ILE PB 67 79.44 15.35 -9.64
CA ILE PB 67 78.34 15.64 -8.71
C ILE PB 67 77.85 17.06 -8.90
N SER PB 68 78.76 18.01 -9.12
CA SER PB 68 78.35 19.39 -9.38
C SER PB 68 77.54 19.45 -10.67
N GLU PB 69 77.98 18.73 -11.70
CA GLU PB 69 77.23 18.68 -12.94
C GLU PB 69 75.90 17.96 -12.75
N ARG PB 70 75.90 16.89 -11.93
CA ARG PB 70 74.66 16.16 -11.65
C ARG PB 70 73.69 17.00 -10.84
N ILE PB 71 74.17 17.71 -9.82
CA ILE PB 71 73.28 18.55 -9.01
C ILE PB 71 72.71 19.68 -9.85
N GLY PB 72 73.53 20.25 -10.74
CA GLY PB 72 73.04 21.31 -11.62
C GLY PB 72 72.05 20.81 -12.67
N SER PB 73 72.13 19.52 -13.00
CA SER PB 73 71.26 18.91 -14.01
C SER PB 73 69.81 18.78 -13.57
N ASP PB 74 69.51 18.98 -12.30
CA ASP PB 74 68.15 18.92 -11.78
C ASP PB 74 67.42 20.26 -11.87
N ALA PB 75 68.04 21.28 -12.46
CA ALA PB 75 67.40 22.58 -12.61
C ALA PB 75 66.01 22.52 -13.26
N PRO PB 76 65.75 21.74 -14.31
CA PRO PB 76 64.38 21.70 -14.84
C PRO PB 76 63.34 21.27 -13.82
N ALA PB 77 63.69 20.36 -12.91
CA ALA PB 77 62.78 20.01 -11.83
C ALA PB 77 62.53 21.21 -10.94
N ALA PB 78 63.58 21.94 -10.59
CA ALA PB 78 63.42 23.16 -9.80
C ALA PB 78 62.70 24.24 -10.60
N ARG PB 79 62.93 24.30 -11.91
CA ARG PB 79 62.20 25.23 -12.75
C ARG PB 79 60.70 24.94 -12.74
N LYS PB 80 60.33 23.67 -12.78
CA LYS PB 80 58.92 23.30 -12.78
C LYS PB 80 58.22 23.71 -11.48
N VAL PB 81 58.84 23.49 -10.34
CA VAL PB 81 58.20 23.82 -9.07
C VAL PB 81 58.08 25.33 -8.87
N VAL PB 82 59.16 26.07 -9.14
CA VAL PB 82 59.14 27.51 -8.87
C VAL PB 82 58.16 28.23 -9.80
N LEU PB 83 58.08 27.79 -11.05
CA LEU PB 83 57.10 28.39 -11.97
C LEU PB 83 55.68 28.10 -11.51
N GLU PB 84 55.41 26.86 -11.08
CA GLU PB 84 54.07 26.51 -10.65
C GLU PB 84 53.69 27.22 -9.35
N ILE PB 85 54.65 27.43 -8.45
CA ILE PB 85 54.34 28.17 -7.22
C ILE PB 85 54.00 29.61 -7.54
N MET PB 86 54.65 30.19 -8.55
CA MET PB 86 54.24 31.52 -8.99
C MET PB 86 52.86 31.50 -9.61
N ASN PB 87 52.42 30.33 -10.09
CA ASN PB 87 51.09 30.16 -10.68
C ASN PB 87 50.17 29.35 -9.76
N ASP PB 88 50.60 29.05 -8.53
CA ASP PB 88 49.77 28.28 -7.60
C ASP PB 88 48.94 29.25 -6.79
N PRO PB 89 47.61 29.27 -6.94
CA PRO PB 89 46.80 30.28 -6.25
C PRO PB 89 46.44 29.94 -4.81
N ASN PB 90 46.45 28.68 -4.40
CA ASN PB 90 45.94 28.30 -3.10
C ASN PB 90 46.98 28.15 -2.01
N GLU PB 91 48.25 28.46 -2.27
CA GLU PB 91 49.24 28.24 -1.23
C GLU PB 91 49.46 29.54 -0.46
N LYS PB 92 50.10 29.41 0.71
CA LYS PB 92 50.24 30.53 1.64
C LYS PB 92 50.93 31.72 0.98
N GLY PB 93 50.47 32.92 1.36
CA GLY PB 93 50.91 34.13 0.68
C GLY PB 93 52.40 34.42 0.85
N GLY PB 94 52.94 34.12 2.03
CA GLY PB 94 54.35 34.40 2.27
C GLY PB 94 55.27 33.65 1.32
N ILE PB 95 54.91 32.41 1.00
CA ILE PB 95 55.73 31.61 0.09
C ILE PB 95 55.70 32.20 -1.32
N ARG PB 96 54.53 32.69 -1.76
CA ARG PB 96 54.47 33.35 -3.07
C ARG PB 96 55.43 34.52 -3.11
N LEU PB 97 55.55 35.25 -2.01
CA LEU PB 97 56.46 36.38 -1.92
C LEU PB 97 57.89 35.93 -2.14
N LYS PB 98 58.29 34.83 -1.48
CA LYS PB 98 59.64 34.29 -1.70
C LYS PB 98 59.80 33.73 -3.10
N ALA PB 99 58.76 33.07 -3.63
CA ALA PB 99 58.83 32.52 -4.98
C ALA PB 99 58.99 33.62 -6.02
N ALA PB 100 58.20 34.69 -5.91
CA ALA PB 100 58.36 35.82 -6.83
C ALA PB 100 59.72 36.48 -6.64
N GLN PB 101 60.15 36.63 -5.38
CA GLN PB 101 61.46 37.16 -5.08
C GLN PB 101 62.56 36.28 -5.66
N ASP PB 102 62.38 34.96 -5.57
CA ASP PB 102 63.43 34.03 -6.01
C ASP PB 102 63.71 34.16 -7.50
N ILE PB 103 62.68 34.21 -8.33
CA ILE PB 103 62.90 34.25 -9.77
C ILE PB 103 63.50 35.58 -10.20
N LEU PB 104 63.09 36.68 -9.55
CA LEU PB 104 63.63 38.00 -9.90
C LEU PB 104 65.11 38.14 -9.52
N ASP PB 105 65.52 37.59 -8.37
CA ASP PB 105 66.91 37.73 -7.94
C ASP PB 105 67.87 37.06 -8.92
N ARG PB 106 67.48 35.94 -9.52
CA ARG PB 106 68.32 35.34 -10.54
C ARG PB 106 68.28 36.15 -11.83
N ALA PB 107 67.15 36.82 -12.11
CA ALA PB 107 67.02 37.64 -13.31
C ALA PB 107 67.96 38.84 -13.27
N GLY PB 108 68.30 39.34 -12.09
CA GLY PB 108 69.24 40.45 -12.01
C GLY PB 108 68.74 41.69 -11.30
N PHE PB 109 67.82 41.54 -10.35
CA PHE PB 109 67.34 42.67 -9.56
C PHE PB 109 67.67 42.39 -8.10
N GLY PB 110 68.61 43.15 -7.55
CA GLY PB 110 69.14 42.88 -6.23
C GLY PB 110 68.88 43.99 -5.22
N ALA PB 111 69.65 44.01 -4.14
CA ALA PB 111 69.48 45.01 -3.11
C ALA PB 111 70.26 46.28 -3.49
N LYS PB 112 70.21 47.27 -2.61
CA LYS PB 112 70.62 48.63 -2.91
C LYS PB 112 71.71 49.14 -1.96
N GLN PB 113 71.87 50.47 -1.93
CA GLN PB 113 73.08 51.12 -1.45
C GLN PB 113 73.42 50.73 -0.01
N LYS PB 114 74.71 50.82 0.30
CA LYS PB 114 75.23 50.62 1.65
C LYS PB 114 76.40 51.55 1.83
N ILE PB 115 76.40 52.35 2.89
CA ILE PB 115 77.42 53.36 3.10
C ILE PB 115 78.32 52.91 4.24
N GLU PB 116 79.61 53.21 4.14
CA GLU PB 116 80.61 52.77 5.10
C GLU PB 116 81.30 53.97 5.72
N LEU PB 117 81.46 53.93 7.04
CA LEU PB 117 82.19 54.94 7.81
C LEU PB 117 83.34 54.24 8.53
N THR PB 118 84.54 54.77 8.39
CA THR PB 118 85.72 54.17 8.99
C THR PB 118 86.30 55.12 10.05
N THR PB 119 87.35 54.67 10.71
CA THR PB 119 88.00 55.43 11.77
C THR PB 119 89.49 55.49 11.52
N LYS PB 120 90.07 56.66 11.72
CA LYS PB 120 91.50 56.87 11.52
C LYS PB 120 92.30 56.34 12.70
N PRO QB 17 74.85 24.88 -36.32
CA PRO QB 17 73.69 24.44 -35.54
C PRO QB 17 73.36 25.39 -34.38
N LYS QB 18 72.45 26.32 -34.61
CA LYS QB 18 72.07 27.29 -33.58
C LYS QB 18 70.60 27.26 -33.20
N GLU QB 19 69.71 26.83 -34.11
CA GLU QB 19 68.29 26.69 -33.82
C GLU QB 19 67.93 25.36 -33.17
N LYS QB 20 68.64 24.28 -33.51
CA LYS QB 20 68.36 22.98 -32.93
C LYS QB 20 68.66 22.93 -31.44
N LEU QB 21 69.72 23.63 -31.01
CA LEU QB 21 70.06 23.64 -29.58
C LEU QB 21 68.97 24.32 -28.76
N ASP QB 22 68.38 25.39 -29.29
CA ASP QB 22 67.30 26.06 -28.57
C ASP QB 22 66.10 25.14 -28.39
N LEU QB 23 65.75 24.38 -29.43
CA LEU QB 23 64.68 23.39 -29.27
C LEU QB 23 65.06 22.32 -28.25
N TYR QB 24 66.34 21.90 -28.27
CA TYR QB 24 66.81 20.97 -27.24
C TYR QB 24 66.73 21.61 -25.86
N CYS QB 25 67.11 22.88 -25.75
CA CYS QB 25 66.97 23.58 -24.48
C CYS QB 25 65.52 23.65 -24.04
N GLU QB 26 64.61 23.95 -24.98
CA GLU QB 26 63.20 23.99 -24.65
C GLU QB 26 62.68 22.60 -24.27
N ALA QB 27 63.11 21.57 -25.01
CA ALA QB 27 62.67 20.21 -24.70
C ALA QB 27 63.21 19.74 -23.36
N LEU QB 28 64.46 20.05 -23.05
CA LEU QB 28 65.02 19.70 -21.74
C LEU QB 28 64.29 20.38 -20.61
N CYS QB 29 63.83 21.63 -20.82
CA CYS QB 29 63.10 22.34 -19.78
C CYS QB 29 61.72 21.75 -19.52
N ASP QB 30 61.07 21.19 -20.55
CA ASP QB 30 59.68 20.74 -20.39
C ASP QB 30 59.51 19.26 -20.11
N GLY QB 31 60.24 18.37 -20.79
CA GLY QB 31 59.95 16.96 -20.57
C GLY QB 31 60.95 16.20 -19.73
N PHE QB 32 61.73 16.91 -18.91
CA PHE QB 32 62.64 16.35 -17.90
C PHE QB 32 63.29 15.03 -18.30
N ASN QB 33 63.79 14.93 -19.54
CA ASN QB 33 64.50 13.75 -20.00
C ASN QB 33 65.48 14.20 -21.08
N LYS QB 34 66.74 13.79 -20.95
CA LYS QB 34 67.74 14.19 -21.93
C LYS QB 34 67.63 13.40 -23.23
N THR QB 35 67.39 12.09 -23.14
CA THR QB 35 67.33 11.28 -24.34
C THR QB 35 66.10 11.61 -25.18
N GLN QB 36 64.95 11.82 -24.53
CA GLN QB 36 63.74 12.20 -25.25
C GLN QB 36 63.92 13.56 -25.90
N ALA QB 37 64.55 14.50 -25.19
CA ALA QB 37 64.83 15.81 -25.77
C ALA QB 37 65.78 15.67 -26.96
N TYR QB 38 66.80 14.82 -26.84
CA TYR QB 38 67.73 14.62 -27.94
C TYR QB 38 67.05 13.93 -29.11
N ILE QB 39 66.20 12.94 -28.84
CA ILE QB 39 65.48 12.27 -29.90
C ILE QB 39 64.46 13.22 -30.54
N LYS QB 40 63.96 14.20 -29.77
CA LYS QB 40 63.05 15.19 -30.33
C LYS QB 40 63.79 16.22 -31.18
N ALA QB 41 65.12 16.28 -31.05
CA ALA QB 41 65.91 17.21 -31.87
C ALA QB 41 65.89 16.80 -33.34
N GLY QB 42 65.87 15.50 -33.63
CA GLY QB 42 65.84 15.06 -35.01
C GLY QB 42 66.91 14.03 -35.36
N PHE QB 43 67.38 13.29 -34.36
CA PHE QB 43 68.49 12.36 -34.53
C PHE QB 43 68.00 10.93 -34.41
N SER QB 44 68.95 9.99 -34.50
CA SER QB 44 68.61 8.58 -34.49
C SER QB 44 68.19 8.13 -33.09
N ALA QB 45 67.08 7.40 -33.02
CA ALA QB 45 66.54 6.91 -31.76
C ALA QB 45 67.43 5.81 -31.18
N PRO QB 46 67.96 4.91 -32.02
CA PRO QB 46 68.68 3.75 -31.48
C PRO QB 46 69.93 4.13 -30.69
N HIS QB 47 70.86 4.84 -31.30
CA HIS QB 47 72.09 5.26 -30.62
C HIS QB 47 71.96 6.71 -30.18
N ALA QB 48 71.06 6.93 -29.22
CA ALA QB 48 70.78 8.26 -28.70
C ALA QB 48 71.29 8.46 -27.28
N GLN QB 49 71.98 7.48 -26.72
CA GLN QB 49 72.45 7.55 -25.33
C GLN QB 49 73.91 7.92 -25.20
N ARG QB 50 74.74 7.72 -26.22
CA ARG QB 50 76.14 8.01 -26.00
C ARG QB 50 76.50 9.40 -26.52
N ASN QB 51 76.32 9.62 -27.83
CA ASN QB 51 76.64 10.88 -28.51
C ASN QB 51 76.11 12.11 -27.76
N VAL QB 52 75.09 11.91 -26.93
CA VAL QB 52 74.44 13.04 -26.27
C VAL QB 52 75.27 13.57 -25.11
N ALA QB 53 75.96 12.69 -24.38
CA ALA QB 53 76.82 13.17 -23.30
C ALA QB 53 77.92 14.09 -23.81
N PRO QB 54 78.69 13.74 -24.85
CA PRO QB 54 79.65 14.70 -25.40
C PRO QB 54 78.97 15.95 -25.94
N TYR QB 55 77.79 15.78 -26.54
CA TYR QB 55 77.05 16.89 -27.12
C TYR QB 55 76.61 17.89 -26.05
N HIS QB 56 76.25 17.40 -24.86
CA HIS QB 56 75.78 18.28 -23.80
C HIS QB 56 76.91 19.10 -23.19
N ARG QB 57 78.11 18.53 -23.09
CA ARG QB 57 79.20 19.23 -22.40
C ARG QB 57 79.78 20.37 -23.24
N LYS QB 58 79.67 20.30 -24.56
CA LYS QB 58 80.31 21.30 -25.41
C LYS QB 58 79.48 22.57 -25.61
N ASN QB 59 78.20 22.58 -25.22
CA ASN QB 59 77.37 23.76 -25.42
C ASN QB 59 76.66 24.17 -24.14
N ALA QB 60 77.31 23.96 -22.99
CA ALA QB 60 76.71 24.31 -21.71
C ALA QB 60 76.53 25.82 -21.57
N GLU QB 61 77.48 26.60 -22.08
CA GLU QB 61 77.44 28.05 -21.91
C GLU QB 61 76.18 28.65 -22.54
N TYR QB 62 75.84 28.22 -23.76
CA TYR QB 62 74.63 28.71 -24.39
C TYR QB 62 73.38 28.16 -23.69
N ILE QB 63 73.45 26.91 -23.24
CA ILE QB 63 72.35 26.32 -22.48
C ILE QB 63 72.13 27.07 -21.18
N GLN QB 64 73.23 27.39 -20.47
CA GLN QB 64 73.11 28.15 -19.23
C GLN QB 64 72.54 29.54 -19.48
N ALA QB 65 72.99 30.21 -20.54
CA ALA QB 65 72.43 31.52 -20.87
C ALA QB 65 70.97 31.41 -21.27
N TYR QB 66 70.61 30.39 -22.05
CA TYR QB 66 69.23 30.24 -22.52
C TYR QB 66 68.27 29.97 -21.37
N ILE QB 67 68.65 29.11 -20.42
CA ILE QB 67 67.76 28.81 -19.30
C ILE QB 67 67.55 30.05 -18.45
N SER QB 68 68.59 30.88 -18.29
CA SER QB 68 68.43 32.14 -17.58
C SER QB 68 67.46 33.05 -18.31
N GLU QB 69 67.53 33.07 -19.65
CA GLU QB 69 66.59 33.87 -20.42
C GLU QB 69 65.17 33.31 -20.27
N ARG QB 70 65.04 31.99 -20.21
CA ARG QB 70 63.73 31.38 -20.02
C ARG QB 70 63.14 31.73 -18.65
N ILE QB 71 63.96 31.66 -17.59
CA ILE QB 71 63.49 32.06 -16.28
C ILE QB 71 63.26 33.58 -16.25
N GLY QB 72 64.03 34.33 -17.02
CA GLY QB 72 63.84 35.77 -17.11
C GLY QB 72 62.49 36.13 -17.69
N SER QB 73 61.90 35.24 -18.48
CA SER QB 73 60.57 35.44 -19.03
C SER QB 73 59.50 35.35 -17.97
N ASP QB 74 59.83 34.85 -16.78
CA ASP QB 74 58.90 34.77 -15.67
C ASP QB 74 58.90 36.02 -14.80
N ALA QB 75 59.73 37.01 -15.13
CA ALA QB 75 59.70 38.26 -14.37
C ALA QB 75 58.31 38.89 -14.35
N PRO QB 76 57.54 38.95 -15.45
CA PRO QB 76 56.18 39.47 -15.33
C PRO QB 76 55.30 38.66 -14.39
N ALA QB 77 55.54 37.36 -14.28
CA ALA QB 77 54.80 36.54 -13.32
C ALA QB 77 55.07 37.03 -11.90
N ALA QB 78 56.32 37.35 -11.58
CA ALA QB 78 56.64 37.90 -10.27
C ALA QB 78 56.02 39.28 -10.10
N ARG QB 79 56.00 40.08 -11.18
CA ARG QB 79 55.36 41.39 -11.13
C ARG QB 79 53.87 41.26 -10.84
N LYS QB 80 53.20 40.31 -11.49
CA LYS QB 80 51.79 40.08 -11.21
C LYS QB 80 51.57 39.56 -9.79
N VAL QB 81 52.44 38.66 -9.34
CA VAL QB 81 52.28 38.08 -8.00
C VAL QB 81 52.45 39.14 -6.92
N VAL QB 82 53.48 39.98 -7.03
CA VAL QB 82 53.69 41.01 -6.02
C VAL QB 82 52.56 42.03 -6.06
N LEU QB 83 52.04 42.32 -7.25
CA LEU QB 83 50.88 43.20 -7.38
C LEU QB 83 49.66 42.59 -6.72
N GLU QB 84 49.49 41.27 -6.86
CA GLU QB 84 48.32 40.59 -6.30
C GLU QB 84 48.30 40.67 -4.77
N ILE QB 85 49.47 40.60 -4.14
CA ILE QB 85 49.51 40.68 -2.68
C ILE QB 85 49.13 42.07 -2.19
N MET QB 86 49.53 43.11 -2.94
CA MET QB 86 49.19 44.47 -2.55
C MET QB 86 47.72 44.82 -2.68
N ASN QB 87 46.95 44.11 -3.51
CA ASN QB 87 45.55 44.46 -3.73
C ASN QB 87 44.55 43.49 -3.08
N ASP QB 88 45.00 42.53 -2.28
CA ASP QB 88 44.08 41.60 -1.64
C ASP QB 88 43.71 42.12 -0.25
N PRO QB 89 42.45 42.50 0.00
CA PRO QB 89 42.10 43.00 1.34
C PRO QB 89 41.91 41.90 2.36
N ASN QB 90 41.70 40.65 1.94
CA ASN QB 90 41.40 39.54 2.83
C ASN QB 90 42.64 38.73 3.22
N GLU QB 91 43.83 39.14 2.78
CA GLU QB 91 45.04 38.39 3.06
C GLU QB 91 45.72 38.98 4.30
N LYS QB 92 46.57 38.17 4.93
CA LYS QB 92 47.20 38.58 6.18
C LYS QB 92 48.02 39.85 5.98
N GLY QB 93 47.97 40.74 6.99
CA GLY QB 93 48.59 42.05 6.84
C GLY QB 93 50.10 42.00 6.74
N GLY QB 94 50.74 41.11 7.50
CA GLY QB 94 52.19 41.06 7.53
C GLY QB 94 52.81 40.72 6.18
N ILE QB 95 52.20 39.81 5.43
CA ILE QB 95 52.77 39.39 4.16
C ILE QB 95 52.75 40.53 3.15
N ARG QB 96 51.64 41.29 3.11
CA ARG QB 96 51.57 42.43 2.21
C ARG QB 96 52.63 43.47 2.55
N LEU QB 97 52.88 43.67 3.85
CA LEU QB 97 53.93 44.59 4.26
C LEU QB 97 55.29 44.13 3.74
N LYS QB 98 55.58 42.84 3.86
CA LYS QB 98 56.83 42.31 3.34
C LYS QB 98 56.86 42.41 1.81
N ALA QB 99 55.71 42.16 1.17
CA ALA QB 99 55.60 42.36 -0.27
C ALA QB 99 55.82 43.81 -0.64
N ALA QB 100 55.21 44.73 0.12
CA ALA QB 100 55.44 46.15 -0.10
C ALA QB 100 56.91 46.50 0.15
N GLN QB 101 57.51 45.89 1.17
CA GLN QB 101 58.93 46.10 1.42
C GLN QB 101 59.77 45.69 0.23
N ASP QB 102 59.44 44.57 -0.39
CA ASP QB 102 60.24 44.04 -1.49
C ASP QB 102 60.27 44.97 -2.69
N ILE QB 103 59.12 45.51 -3.09
CA ILE QB 103 59.07 46.33 -4.29
C ILE QB 103 59.85 47.62 -4.08
N LEU QB 104 59.81 48.17 -2.87
CA LEU QB 104 60.57 49.40 -2.59
C LEU QB 104 62.07 49.17 -2.64
N ASP QB 105 62.55 48.03 -2.13
CA ASP QB 105 63.98 47.75 -2.15
C ASP QB 105 64.51 47.61 -3.57
N ARG QB 106 63.75 46.98 -4.46
CA ARG QB 106 64.18 46.89 -5.86
C ARG QB 106 64.02 48.21 -6.59
N ALA QB 107 63.05 49.04 -6.19
CA ALA QB 107 62.87 50.34 -6.85
C ALA QB 107 64.08 51.24 -6.68
N GLY QB 108 64.81 51.08 -5.58
CA GLY QB 108 66.02 51.86 -5.39
C GLY QB 108 66.02 52.71 -4.14
N PHE QB 109 65.26 52.30 -3.12
CA PHE QB 109 65.22 53.01 -1.85
C PHE QB 109 65.67 52.03 -0.76
N GLY QB 110 66.86 52.25 -0.23
CA GLY QB 110 67.46 51.28 0.67
C GLY QB 110 67.74 51.74 2.08
N ALA QB 111 68.60 50.98 2.76
CA ALA QB 111 69.01 51.26 4.13
C ALA QB 111 70.21 52.21 4.13
N LYS QB 112 70.73 52.49 5.32
CA LYS QB 112 71.74 53.53 5.51
C LYS QB 112 73.01 53.01 6.17
N GLN QB 113 73.82 53.93 6.70
CA GLN QB 113 75.23 53.68 6.96
C GLN QB 113 75.48 52.62 8.02
N LYS QB 114 76.66 52.00 7.91
CA LYS QB 114 77.21 51.04 8.86
C LYS QB 114 78.71 51.28 8.92
N ILE QB 115 79.25 51.38 10.14
CA ILE QB 115 80.63 51.82 10.34
C ILE QB 115 81.52 50.65 10.73
N GLU QB 116 82.77 50.71 10.26
CA GLU QB 116 83.78 49.70 10.55
C GLU QB 116 84.97 50.38 11.20
N LEU QB 117 85.47 49.81 12.30
CA LEU QB 117 86.61 50.33 13.05
C LEU QB 117 87.70 49.28 13.16
N THR QB 118 88.95 49.66 12.87
CA THR QB 118 90.07 48.73 12.92
C THR QB 118 91.06 49.12 14.02
N THR QB 119 91.54 48.12 14.74
CA THR QB 119 92.50 48.31 15.82
C THR QB 119 93.61 47.26 15.72
N LYS QB 120 94.75 47.58 16.35
CA LYS QB 120 95.82 46.61 16.57
C LYS QB 120 96.83 47.17 17.56
N LEU RB 15 52.15 52.05 -35.03
CA LEU RB 15 53.03 53.15 -35.41
C LEU RB 15 54.50 52.73 -35.37
N THR RB 16 55.31 53.51 -34.68
CA THR RB 16 56.75 53.26 -34.64
C THR RB 16 57.04 51.97 -33.88
N PRO RB 17 58.17 51.31 -34.18
CA PRO RB 17 58.51 50.06 -33.47
C PRO RB 17 58.70 50.24 -31.98
N LYS RB 18 59.12 51.42 -31.50
CA LYS RB 18 59.24 51.61 -30.06
C LYS RB 18 57.89 51.62 -29.37
N GLU RB 19 56.82 51.92 -30.11
CA GLU RB 19 55.48 51.88 -29.53
C GLU RB 19 54.94 50.45 -29.48
N LYS RB 20 55.32 49.63 -30.46
CA LYS RB 20 54.90 48.23 -30.43
C LYS RB 20 55.62 47.46 -29.32
N LEU RB 21 56.91 47.77 -29.09
CA LEU RB 21 57.66 47.01 -28.10
C LEU RB 21 57.18 47.27 -26.67
N ASP RB 22 56.89 48.53 -26.32
CA ASP RB 22 56.32 48.77 -24.99
C ASP RB 22 54.94 48.13 -24.91
N LEU RB 23 54.19 48.18 -26.02
CA LEU RB 23 52.93 47.46 -26.10
C LEU RB 23 53.16 45.97 -25.94
N TYR RB 24 54.25 45.46 -26.54
CA TYR RB 24 54.64 44.07 -26.29
C TYR RB 24 55.04 43.88 -24.84
N CYS RB 25 55.81 44.84 -24.29
CA CYS RB 25 56.22 44.75 -22.89
C CYS RB 25 55.02 44.81 -21.95
N GLU RB 26 54.07 45.71 -22.20
CA GLU RB 26 52.89 45.78 -21.34
C GLU RB 26 52.06 44.52 -21.46
N ALA RB 27 51.93 43.97 -22.66
CA ALA RB 27 51.19 42.73 -22.83
C ALA RB 27 51.88 41.59 -22.09
N LEU RB 28 53.21 41.53 -22.16
CA LEU RB 28 53.93 40.54 -21.37
C LEU RB 28 53.77 40.80 -19.88
N CYS RB 29 53.78 42.08 -19.49
CA CYS RB 29 53.56 42.43 -18.08
C CYS RB 29 52.12 42.19 -17.66
N ASP RB 30 51.16 42.35 -18.58
CA ASP RB 30 49.75 42.25 -18.22
C ASP RB 30 49.16 40.87 -18.48
N GLY RB 31 49.46 40.25 -19.62
CA GLY RB 31 48.88 38.96 -19.88
C GLY RB 31 49.87 37.81 -19.78
N PHE RB 32 51.02 38.08 -19.15
CA PHE RB 32 52.03 37.08 -18.82
C PHE RB 32 52.16 35.95 -19.84
N ASN RB 33 52.23 36.28 -21.12
CA ASN RB 33 52.34 35.26 -22.14
C ASN RB 33 53.07 35.81 -23.35
N LYS RB 34 54.07 35.07 -23.84
CA LYS RB 34 54.80 35.50 -25.01
C LYS RB 34 54.01 35.25 -26.30
N THR RB 35 53.34 34.10 -26.39
CA THR RB 35 52.62 33.77 -27.62
C THR RB 35 51.42 34.68 -27.81
N GLN RB 36 50.66 34.92 -26.74
CA GLN RB 36 49.51 35.82 -26.83
C GLN RB 36 49.95 37.25 -27.11
N ALA RB 37 51.03 37.71 -26.47
CA ALA RB 37 51.50 39.07 -26.67
C ALA RB 37 51.94 39.30 -28.12
N TYR RB 38 52.65 38.34 -28.71
CA TYR RB 38 53.12 38.54 -30.09
C TYR RB 38 51.95 38.57 -31.07
N ILE RB 39 50.97 37.67 -30.88
CA ILE RB 39 49.78 37.74 -31.72
C ILE RB 39 48.98 38.98 -31.37
N LYS RB 40 49.05 39.41 -30.10
CA LYS RB 40 48.45 40.68 -29.71
C LYS RB 40 49.30 41.86 -30.17
N ALA RB 41 50.55 41.61 -30.54
CA ALA RB 41 51.39 42.69 -31.08
C ALA RB 41 50.89 43.13 -32.44
N GLY RB 42 50.40 42.19 -33.25
CA GLY RB 42 49.87 42.53 -34.56
C GLY RB 42 50.45 41.69 -35.69
N PHE RB 43 50.93 40.49 -35.38
CA PHE RB 43 51.65 39.66 -36.33
C PHE RB 43 50.87 38.40 -36.66
N SER RB 44 51.50 37.54 -37.46
CA SER RB 44 50.86 36.32 -37.93
C SER RB 44 50.73 35.31 -36.80
N ALA RB 45 49.57 34.69 -36.69
CA ALA RB 45 49.33 33.73 -35.62
C ALA RB 45 50.21 32.50 -35.81
N PRO RB 46 50.36 32.00 -37.04
CA PRO RB 46 51.14 30.76 -37.21
C PRO RB 46 52.61 30.93 -36.83
N HIS RB 47 53.23 32.05 -37.18
CA HIS RB 47 54.64 32.27 -36.84
C HIS RB 47 54.75 32.97 -35.48
N ALA RB 48 54.29 32.26 -34.45
CA ALA RB 48 54.32 32.80 -33.09
C ALA RB 48 55.29 32.09 -32.16
N GLN RB 49 56.01 31.06 -32.64
CA GLN RB 49 56.97 30.36 -31.79
C GLN RB 49 58.41 30.65 -32.18
N ARG RB 50 58.79 30.38 -33.43
CA ARG RB 50 60.17 30.55 -33.87
C ARG RB 50 60.58 32.01 -33.74
N ASN RB 51 60.01 32.85 -34.60
CA ASN RB 51 60.27 34.28 -34.71
C ASN RB 51 60.36 34.99 -33.36
N VAL RB 52 59.76 34.41 -32.32
CA VAL RB 52 59.69 35.06 -31.02
C VAL RB 52 61.03 35.00 -30.29
N ALA RB 53 61.76 33.89 -30.44
CA ALA RB 53 63.08 33.81 -29.80
C ALA RB 53 64.03 34.88 -30.30
N PRO RB 54 64.19 35.12 -31.61
CA PRO RB 54 65.06 36.21 -32.05
C PRO RB 54 64.59 37.59 -31.61
N TYR RB 55 63.29 37.84 -31.62
CA TYR RB 55 62.77 39.16 -31.26
C TYR RB 55 63.00 39.49 -29.79
N HIS RB 56 62.83 38.52 -28.90
CA HIS RB 56 62.98 38.76 -27.47
C HIS RB 56 64.44 38.86 -27.03
N ARG RB 57 65.33 38.06 -27.64
CA ARG RB 57 66.71 37.96 -27.16
C ARG RB 57 67.58 39.17 -27.51
N LYS RB 58 67.29 39.87 -28.61
CA LYS RB 58 68.14 40.97 -29.02
C LYS RB 58 67.78 42.30 -28.36
N ASN RB 59 66.68 42.37 -27.63
CA ASN RB 59 66.24 43.61 -27.00
C ASN RB 59 65.98 43.39 -25.51
N ALA RB 60 66.81 42.54 -24.89
CA ALA RB 60 66.64 42.23 -23.47
C ALA RB 60 66.84 43.46 -22.59
N GLU RB 61 67.78 44.34 -22.97
CA GLU RB 61 68.07 45.52 -22.16
C GLU RB 61 66.85 46.42 -22.03
N TYR RB 62 66.13 46.64 -23.14
CA TYR RB 62 64.93 47.46 -23.09
C TYR RB 62 63.82 46.77 -22.31
N ILE RB 63 63.75 45.44 -22.37
CA ILE RB 63 62.75 44.69 -21.62
C ILE RB 63 62.94 44.90 -20.12
N GLN RB 64 64.18 44.87 -19.66
CA GLN RB 64 64.45 45.11 -18.24
C GLN RB 64 64.07 46.52 -17.83
N ALA RB 65 64.33 47.50 -18.70
CA ALA RB 65 63.98 48.89 -18.39
C ALA RB 65 62.47 49.07 -18.25
N TYR RB 66 61.68 48.45 -19.13
CA TYR RB 66 60.24 48.65 -19.08
C TYR RB 66 59.63 48.08 -17.81
N ILE RB 67 60.03 46.88 -17.42
CA ILE RB 67 59.49 46.28 -16.20
C ILE RB 67 59.94 47.07 -14.97
N SER RB 68 61.16 47.61 -14.99
CA SER RB 68 61.65 48.40 -13.87
C SER RB 68 60.80 49.65 -13.66
N GLU RB 69 60.42 50.33 -14.75
CA GLU RB 69 59.59 51.52 -14.61
C GLU RB 69 58.22 51.17 -14.04
N ARG RB 70 57.67 50.02 -14.43
CA ARG RB 70 56.41 49.58 -13.88
C ARG RB 70 56.55 49.34 -12.38
N ILE RB 71 57.66 48.73 -11.97
CA ILE RB 71 57.93 48.54 -10.55
C ILE RB 71 58.15 49.89 -9.86
N GLY RB 72 58.84 50.81 -10.54
CA GLY RB 72 59.07 52.12 -9.95
C GLY RB 72 57.80 52.95 -9.87
N SER RB 73 56.88 52.78 -10.82
CA SER RB 73 55.61 53.48 -10.76
C SER RB 73 54.68 52.86 -9.73
N ASP RB 74 54.96 51.64 -9.29
CA ASP RB 74 54.21 50.96 -8.25
C ASP RB 74 54.80 51.21 -6.86
N ALA RB 75 55.92 51.94 -6.78
CA ALA RB 75 56.48 52.30 -5.48
C ALA RB 75 55.48 53.02 -4.59
N PRO RB 76 54.67 53.98 -5.08
CA PRO RB 76 53.68 54.61 -4.20
C PRO RB 76 52.68 53.61 -3.60
N ALA RB 77 52.36 52.53 -4.32
CA ALA RB 77 51.48 51.51 -3.75
C ALA RB 77 52.09 50.91 -2.49
N ALA RB 78 53.39 50.61 -2.52
CA ALA RB 78 54.07 50.13 -1.32
C ALA RB 78 54.14 51.22 -0.26
N ARG RB 79 54.30 52.48 -0.69
CA ARG RB 79 54.26 53.60 0.25
C ARG RB 79 52.91 53.70 0.94
N LYS RB 80 51.82 53.47 0.19
CA LYS RB 80 50.50 53.47 0.80
C LYS RB 80 50.38 52.36 1.84
N VAL RB 81 50.95 51.19 1.54
CA VAL RB 81 50.86 50.06 2.48
C VAL RB 81 51.61 50.37 3.78
N VAL RB 82 52.84 50.90 3.66
CA VAL RB 82 53.63 51.16 4.85
C VAL RB 82 53.04 52.33 5.65
N LEU RB 83 52.53 53.35 4.95
CA LEU RB 83 51.91 54.48 5.66
C LEU RB 83 50.65 54.08 6.40
N GLU RB 84 49.80 53.26 5.77
CA GLU RB 84 48.53 52.89 6.39
C GLU RB 84 48.74 51.99 7.61
N ILE RB 85 49.74 51.11 7.56
CA ILE RB 85 50.01 50.21 8.68
C ILE RB 85 50.53 50.99 9.89
N MET RB 86 51.29 52.07 9.67
CA MET RB 86 51.75 52.88 10.79
C MET RB 86 50.59 53.57 11.51
N ASN RB 87 49.46 53.77 10.84
CA ASN RB 87 48.29 54.39 11.44
C ASN RB 87 47.17 53.41 11.74
N ASP RB 88 47.43 52.11 11.58
CA ASP RB 88 46.41 51.10 11.81
C ASP RB 88 46.50 50.58 13.25
N PRO RB 89 45.50 50.84 14.11
CA PRO RB 89 45.60 50.38 15.50
C PRO RB 89 45.27 48.91 15.71
N ASN RB 90 44.58 48.25 14.78
CA ASN RB 90 44.09 46.90 15.02
C ASN RB 90 45.04 45.80 14.56
N GLU RB 91 46.24 46.14 14.10
CA GLU RB 91 47.15 45.10 13.63
C GLU RB 91 48.05 44.64 14.77
N LYS RB 92 48.53 43.40 14.64
CA LYS RB 92 49.36 42.82 15.70
C LYS RB 92 50.63 43.63 15.86
N GLY RB 93 51.12 43.71 17.10
CA GLY RB 93 52.20 44.62 17.42
C GLY RB 93 53.49 44.33 16.67
N GLY RB 94 53.79 43.06 16.45
CA GLY RB 94 55.02 42.72 15.75
C GLY RB 94 55.05 43.24 14.32
N ILE RB 95 53.91 43.17 13.63
CA ILE RB 95 53.85 43.61 12.24
C ILE RB 95 53.97 45.13 12.14
N ARG RB 96 53.27 45.88 13.00
CA ARG RB 96 53.34 47.34 12.95
C ARG RB 96 54.75 47.85 13.27
N LEU RB 97 55.44 47.20 14.22
CA LEU RB 97 56.74 47.67 14.66
C LEU RB 97 57.77 47.64 13.52
N LYS RB 98 57.79 46.57 12.73
CA LYS RB 98 58.74 46.49 11.64
C LYS RB 98 58.47 47.54 10.56
N ALA RB 99 57.20 47.88 10.33
CA ALA RB 99 56.88 48.93 9.38
C ALA RB 99 57.49 50.26 9.81
N ALA RB 100 57.36 50.59 11.10
CA ALA RB 100 57.98 51.81 11.61
C ALA RB 100 59.50 51.76 11.47
N GLN RB 101 60.10 50.61 11.77
CA GLN RB 101 61.54 50.47 11.61
C GLN RB 101 61.96 50.69 10.16
N ASP RB 102 61.24 50.07 9.22
CA ASP RB 102 61.62 50.18 7.81
C ASP RB 102 61.44 51.61 7.30
N ILE RB 103 60.31 52.24 7.62
CA ILE RB 103 60.05 53.57 7.10
C ILE RB 103 61.04 54.57 7.67
N LEU RB 104 61.44 54.40 8.94
CA LEU RB 104 62.51 55.23 9.49
C LEU RB 104 63.84 54.89 8.85
N ASP RB 105 64.08 53.60 8.60
CA ASP RB 105 65.30 53.20 7.89
C ASP RB 105 65.33 53.77 6.48
N ARG RB 106 64.16 53.92 5.84
CA ARG RB 106 64.12 54.58 4.55
C ARG RB 106 64.38 56.08 4.68
N ALA RB 107 63.96 56.67 5.79
CA ALA RB 107 64.16 58.10 6.02
C ALA RB 107 65.63 58.47 6.17
N GLY RB 108 66.44 57.56 6.69
CA GLY RB 108 67.86 57.83 6.83
C GLY RB 108 68.41 57.71 8.24
N PHE RB 109 67.78 56.87 9.06
CA PHE RB 109 68.27 56.56 10.41
C PHE RB 109 68.53 55.06 10.39
N GLY RB 110 69.81 54.68 10.46
CA GLY RB 110 70.17 53.32 10.14
C GLY RB 110 70.77 52.37 11.15
N ALA RB 111 71.90 51.78 10.75
CA ALA RB 111 72.60 50.73 11.48
C ALA RB 111 73.52 51.29 12.55
N LYS RB 112 74.32 50.39 13.12
CA LYS RB 112 75.10 50.59 14.34
C LYS RB 112 76.58 50.45 14.05
N GLN RB 113 77.40 50.97 14.95
CA GLN RB 113 78.84 50.96 14.76
C GLN RB 113 79.38 49.54 14.90
N LYS RB 114 80.49 49.27 14.24
CA LYS RB 114 81.11 47.95 14.32
C LYS RB 114 82.62 48.07 14.23
N ILE RB 115 83.34 47.36 15.11
CA ILE RB 115 84.79 47.38 15.14
C ILE RB 115 85.29 46.04 14.63
N GLU RB 116 86.36 46.07 13.84
CA GLU RB 116 86.98 44.88 13.26
C GLU RB 116 88.47 44.91 13.57
N LEU RB 117 89.05 43.73 13.80
CA LEU RB 117 90.48 43.63 14.05
C LEU RB 117 91.12 42.81 12.95
N THR RB 118 92.20 43.34 12.38
CA THR RB 118 92.91 42.68 11.28
C THR RB 118 94.14 41.99 11.83
N THR RB 119 94.42 40.80 11.30
CA THR RB 119 95.54 39.99 11.76
C THR RB 119 96.35 39.57 10.55
N LYS RB 120 97.67 39.75 10.65
CA LYS RB 120 98.57 39.53 9.53
C LYS RB 120 98.49 38.12 8.96
N LEU SB 15 54.94 80.17 -11.94
CA LEU SB 15 53.85 79.20 -11.94
C LEU SB 15 54.37 77.84 -12.43
N THR SB 16 54.63 77.77 -13.73
CA THR SB 16 55.10 76.52 -14.33
C THR SB 16 56.42 76.02 -13.76
N PRO SB 17 57.48 76.85 -13.59
CA PRO SB 17 58.82 76.27 -13.37
C PRO SB 17 58.99 75.37 -12.15
N LYS SB 18 58.78 75.89 -10.93
CA LYS SB 18 59.25 75.17 -9.75
C LYS SB 18 58.19 74.77 -8.74
N GLU SB 19 57.04 75.46 -8.69
CA GLU SB 19 56.02 75.03 -7.75
C GLU SB 19 55.15 73.91 -8.34
N LYS SB 20 54.96 73.92 -9.65
CA LYS SB 20 54.17 72.86 -10.29
C LYS SB 20 54.87 71.50 -10.21
N LEU SB 21 56.20 71.49 -10.29
CA LEU SB 21 56.93 70.22 -10.22
C LEU SB 21 56.78 69.56 -8.85
N ASP SB 22 56.82 70.34 -7.77
CA ASP SB 22 56.59 69.74 -6.46
C ASP SB 22 55.16 69.21 -6.36
N LEU SB 23 54.20 69.95 -6.91
CA LEU SB 23 52.82 69.44 -6.94
C LEU SB 23 52.73 68.17 -7.77
N TYR SB 24 53.46 68.11 -8.89
CA TYR SB 24 53.51 66.89 -9.69
C TYR SB 24 54.14 65.75 -8.91
N CYS SB 25 55.23 66.03 -8.19
CA CYS SB 25 55.88 64.99 -7.38
C CYS SB 25 54.96 64.51 -6.25
N GLU SB 26 54.27 65.44 -5.57
CA GLU SB 26 53.37 65.06 -4.49
C GLU SB 26 52.20 64.24 -5.00
N ALA SB 27 51.69 64.59 -6.19
CA ALA SB 27 50.55 63.89 -6.77
C ALA SB 27 50.87 62.44 -7.10
N LEU SB 28 52.08 62.18 -7.59
CA LEU SB 28 52.48 60.79 -7.90
C LEU SB 28 52.49 59.89 -6.68
N CYS SB 29 52.83 60.44 -5.50
CA CYS SB 29 53.01 59.60 -4.33
C CYS SB 29 51.72 58.97 -3.82
N ASP SB 30 50.58 59.67 -3.89
CA ASP SB 30 49.38 59.14 -3.25
C ASP SB 30 48.35 58.49 -4.18
N GLY SB 31 48.06 59.07 -5.34
CA GLY SB 31 46.95 58.50 -6.09
C GLY SB 31 47.30 57.61 -7.26
N PHE SB 32 48.50 57.00 -7.21
CA PHE SB 32 48.97 55.99 -8.15
C PHE SB 32 48.50 56.21 -9.59
N ASN SB 33 48.54 57.46 -10.06
CA ASN SB 33 48.20 57.77 -11.44
C ASN SB 33 48.97 59.02 -11.83
N LYS SB 34 49.71 58.93 -12.94
CA LYS SB 34 50.46 60.08 -13.41
C LYS SB 34 49.59 61.03 -14.23
N THR SB 35 48.73 60.49 -15.08
CA THR SB 35 47.98 61.30 -16.03
C THR SB 35 46.90 62.16 -15.37
N GLN SB 36 46.15 61.61 -14.39
CA GLN SB 36 45.06 62.37 -13.81
C GLN SB 36 45.54 63.65 -13.16
N ALA SB 37 46.62 63.57 -12.39
CA ALA SB 37 47.22 64.78 -11.82
C ALA SB 37 47.83 65.66 -12.90
N TYR SB 38 48.49 65.03 -13.88
CA TYR SB 38 49.19 65.77 -14.93
C TYR SB 38 48.22 66.55 -15.82
N ILE SB 39 47.08 65.94 -16.17
CA ILE SB 39 46.12 66.67 -16.98
C ILE SB 39 45.49 67.81 -16.19
N LYS SB 40 45.39 67.67 -14.87
CA LYS SB 40 44.89 68.72 -14.01
C LYS SB 40 45.88 69.86 -13.80
N ALA SB 41 47.15 69.66 -14.14
CA ALA SB 41 48.14 70.72 -13.93
C ALA SB 41 47.90 71.93 -14.83
N GLY SB 42 47.51 71.70 -16.08
CA GLY SB 42 47.23 72.83 -16.95
C GLY SB 42 47.97 72.81 -18.28
N PHE SB 43 48.35 71.61 -18.75
CA PHE SB 43 49.20 71.43 -19.91
C PHE SB 43 48.40 70.81 -21.05
N SER SB 44 49.07 70.49 -22.15
CA SER SB 44 48.36 70.06 -23.35
C SER SB 44 47.75 68.68 -23.14
N ALA SB 45 46.46 68.56 -23.47
CA ALA SB 45 45.80 67.28 -23.21
C ALA SB 45 46.19 66.21 -24.22
N PRO SB 46 46.31 66.48 -25.53
CA PRO SB 46 46.56 65.36 -26.47
C PRO SB 46 47.90 64.66 -26.25
N HIS SB 47 49.00 65.41 -26.27
CA HIS SB 47 50.33 64.85 -26.02
C HIS SB 47 50.66 64.98 -24.54
N ALA SB 48 49.87 64.29 -23.72
CA ALA SB 48 50.04 64.28 -22.28
C ALA SB 48 50.57 62.96 -21.76
N GLN SB 49 50.78 61.98 -22.64
CA GLN SB 49 51.29 60.68 -22.23
C GLN SB 49 52.76 60.50 -22.56
N ARG SB 50 53.27 61.22 -23.56
CA ARG SB 50 54.67 61.03 -23.96
C ARG SB 50 55.58 62.10 -23.38
N ASN SB 51 55.34 63.37 -23.73
CA ASN SB 51 56.14 64.51 -23.31
C ASN SB 51 56.44 64.50 -21.81
N VAL SB 52 55.60 63.83 -21.04
CA VAL SB 52 55.81 63.82 -19.59
C VAL SB 52 56.88 62.81 -19.23
N ALA SB 53 56.94 61.68 -19.94
CA ALA SB 53 58.02 60.74 -19.72
C ALA SB 53 59.38 61.37 -20.01
N PRO SB 54 59.58 62.07 -21.14
CA PRO SB 54 60.86 62.77 -21.32
C PRO SB 54 61.12 63.81 -20.26
N TYR SB 55 60.09 64.56 -19.86
CA TYR SB 55 60.26 65.55 -18.80
C TYR SB 55 60.54 64.87 -17.47
N HIS SB 56 59.92 63.71 -17.23
CA HIS SB 56 60.17 62.97 -16.01
C HIS SB 56 61.58 62.42 -16.00
N ARG SB 57 62.10 62.06 -17.17
CA ARG SB 57 63.47 61.59 -17.29
C ARG SB 57 64.45 62.71 -17.08
N LYS SB 58 64.05 63.96 -17.33
CA LYS SB 58 64.90 65.12 -17.14
C LYS SB 58 64.91 65.57 -15.68
N ASN SB 59 64.02 65.03 -14.85
CA ASN SB 59 63.93 65.36 -13.44
C ASN SB 59 63.87 64.09 -12.59
N ALA SB 60 64.56 63.03 -13.05
CA ALA SB 60 64.53 61.77 -12.32
C ALA SB 60 65.15 61.89 -10.94
N GLU SB 61 66.25 62.66 -10.83
CA GLU SB 61 66.91 62.82 -9.55
C GLU SB 61 65.98 63.50 -8.55
N TYR SB 62 65.25 64.52 -9.01
CA TYR SB 62 64.31 65.21 -8.13
C TYR SB 62 63.15 64.31 -7.75
N ILE SB 63 62.72 63.43 -8.65
CA ILE SB 63 61.65 62.49 -8.33
C ILE SB 63 62.08 61.56 -7.20
N GLN SB 64 63.30 61.03 -7.28
CA GLN SB 64 63.80 60.18 -6.21
C GLN SB 64 63.96 60.97 -4.91
N ALA SB 65 64.50 62.18 -5.00
CA ALA SB 65 64.64 63.02 -3.80
C ALA SB 65 63.29 63.44 -3.24
N TYR SB 66 62.34 63.83 -4.10
CA TYR SB 66 61.04 64.28 -3.63
C TYR SB 66 60.26 63.16 -2.96
N ILE SB 67 60.28 61.96 -3.53
CA ILE SB 67 59.57 60.84 -2.93
C ILE SB 67 60.15 60.51 -1.57
N SER SB 68 61.46 60.74 -1.38
CA SER SB 68 62.07 60.53 -0.07
C SER SB 68 61.41 61.42 0.97
N GLU SB 69 61.07 62.66 0.59
CA GLU SB 69 60.35 63.53 1.52
C GLU SB 69 58.97 62.96 1.83
N ARG SB 70 58.33 62.35 0.84
CA ARG SB 70 57.03 61.74 1.07
C ARG SB 70 57.12 60.59 2.07
N ILE SB 71 58.09 59.69 1.88
CA ILE SB 71 58.31 58.62 2.84
C ILE SB 71 58.93 59.17 4.13
N GLY SB 72 59.84 60.14 4.00
CA GLY SB 72 60.51 60.71 5.16
C GLY SB 72 59.66 61.59 6.06
N SER SB 73 58.60 62.18 5.52
CA SER SB 73 57.77 63.09 6.32
C SER SB 73 56.99 62.37 7.40
N ASP SB 74 56.90 61.05 7.35
CA ASP SB 74 56.23 60.25 8.36
C ASP SB 74 57.17 59.83 9.48
N ALA SB 75 58.43 60.26 9.46
CA ALA SB 75 59.37 59.89 10.51
C ALA SB 75 58.88 60.22 11.91
N PRO SB 76 58.30 61.39 12.21
CA PRO SB 76 57.74 61.58 13.55
C PRO SB 76 56.62 60.59 13.88
N ALA SB 77 55.81 60.24 12.88
CA ALA SB 77 54.78 59.23 13.09
C ALA SB 77 55.40 57.87 13.40
N ALA SB 78 56.45 57.50 12.66
CA ALA SB 78 57.15 56.24 12.92
C ALA SB 78 57.85 56.26 14.27
N ARG SB 79 58.34 57.43 14.69
CA ARG SB 79 58.94 57.55 16.01
C ARG SB 79 57.95 57.18 17.10
N LYS SB 80 56.70 57.61 16.96
CA LYS SB 80 55.67 57.27 17.95
C LYS SB 80 55.41 55.76 18.00
N VAL SB 81 55.39 55.09 16.83
CA VAL SB 81 55.03 53.68 16.79
C VAL SB 81 56.03 52.83 17.57
N VAL SB 82 57.33 53.05 17.32
CA VAL SB 82 58.34 52.26 18.02
C VAL SB 82 58.35 52.61 19.51
N LEU SB 83 58.13 53.89 19.83
CA LEU SB 83 58.07 54.33 21.23
C LEU SB 83 56.89 53.70 21.97
N GLU SB 84 55.73 53.63 21.31
CA GLU SB 84 54.52 53.14 21.97
C GLU SB 84 54.61 51.66 22.32
N ILE SB 85 55.23 50.84 21.45
CA ILE SB 85 55.31 49.41 21.71
C ILE SB 85 56.23 49.10 22.89
N MET SB 86 57.30 49.86 23.07
CA MET SB 86 58.20 49.61 24.20
C MET SB 86 57.57 49.92 25.55
N ASN SB 87 56.52 50.73 25.60
CA ASN SB 87 55.92 51.12 26.88
C ASN SB 87 54.57 50.47 27.15
N ASP SB 88 54.14 49.52 26.31
CA ASP SB 88 52.86 48.85 26.54
C ASP SB 88 53.08 47.61 27.39
N PRO SB 89 52.55 47.54 28.61
CA PRO SB 89 52.85 46.37 29.48
C PRO SB 89 52.11 45.10 29.09
N ASN SB 90 51.05 45.17 28.29
CA ASN SB 90 50.22 44.01 27.99
C ASN SB 90 50.66 43.29 26.71
N GLU SB 91 51.77 43.69 26.10
CA GLU SB 91 52.22 43.09 24.86
C GLU SB 91 53.22 41.97 25.13
N LYS SB 92 53.31 41.04 24.17
CA LYS SB 92 54.20 39.91 24.30
C LYS SB 92 55.64 40.40 24.41
N GLY SB 93 56.45 39.66 25.19
CA GLY SB 93 57.80 40.12 25.49
C GLY SB 93 58.66 40.27 24.26
N GLY SB 94 58.48 39.40 23.27
CA GLY SB 94 59.29 39.48 22.08
C GLY SB 94 59.14 40.78 21.32
N ILE SB 95 57.92 41.32 21.28
CA ILE SB 95 57.67 42.52 20.50
C ILE SB 95 58.37 43.73 21.14
N ARG SB 96 58.24 43.88 22.46
CA ARG SB 96 58.92 44.99 23.13
C ARG SB 96 60.44 44.86 23.03
N LEU SB 97 60.95 43.64 23.11
CA LEU SB 97 62.39 43.43 23.01
C LEU SB 97 62.91 43.95 21.68
N LYS SB 98 62.16 43.68 20.61
CA LYS SB 98 62.55 44.18 19.29
C LYS SB 98 62.50 45.70 19.27
N ALA SB 99 61.50 46.29 19.94
CA ALA SB 99 61.41 47.75 20.03
C ALA SB 99 62.57 48.33 20.83
N ALA SB 100 62.89 47.74 21.97
CA ALA SB 100 63.98 48.27 22.79
C ALA SB 100 65.33 48.18 22.09
N GLN SB 101 65.60 47.06 21.41
CA GLN SB 101 66.88 46.91 20.70
C GLN SB 101 67.02 47.96 19.60
N ASP SB 102 65.97 48.16 18.80
CA ASP SB 102 66.04 49.10 17.70
C ASP SB 102 66.20 50.54 18.18
N ILE SB 103 65.42 50.94 19.18
CA ILE SB 103 65.45 52.33 19.64
C ILE SB 103 66.79 52.64 20.30
N LEU SB 104 67.37 51.68 21.02
CA LEU SB 104 68.70 51.85 21.60
C LEU SB 104 69.79 51.89 20.54
N ASP SB 105 69.62 51.12 19.46
CA ASP SB 105 70.62 51.14 18.39
C ASP SB 105 70.79 52.52 17.80
N ARG SB 106 69.72 53.33 17.76
CA ARG SB 106 69.89 54.72 17.33
C ARG SB 106 70.63 55.53 18.39
N ALA SB 107 70.46 55.18 19.66
CA ALA SB 107 71.19 55.90 20.71
C ALA SB 107 72.69 55.67 20.59
N GLY SB 108 73.09 54.50 20.09
CA GLY SB 108 74.49 54.24 19.79
C GLY SB 108 75.15 53.07 20.50
N PHE SB 109 74.39 52.08 20.96
CA PHE SB 109 74.97 50.87 21.52
C PHE SB 109 74.41 49.65 20.81
N GLY SB 110 75.27 49.01 20.02
CA GLY SB 110 74.90 47.91 19.15
C GLY SB 110 75.68 46.66 19.51
N ALA SB 111 75.80 45.71 18.58
CA ALA SB 111 76.59 44.52 18.87
C ALA SB 111 78.06 44.84 18.61
N LYS SB 112 78.94 43.86 18.84
CA LYS SB 112 80.35 44.23 18.87
C LYS SB 112 81.27 43.46 17.93
N GLN SB 113 82.56 43.60 18.21
CA GLN SB 113 83.64 43.35 17.27
C GLN SB 113 83.78 41.88 16.89
N LYS SB 114 84.34 41.68 15.70
CA LYS SB 114 84.69 40.38 15.13
C LYS SB 114 85.97 40.58 14.33
N ILE SB 115 86.96 39.70 14.51
CA ILE SB 115 88.30 39.89 13.95
C ILE SB 115 88.47 38.99 12.73
N GLU SB 116 89.28 39.47 11.79
CA GLU SB 116 89.52 38.79 10.52
C GLU SB 116 91.00 38.49 10.36
N LEU SB 117 91.30 37.30 9.86
CA LEU SB 117 92.66 36.84 9.59
C LEU SB 117 92.84 36.56 8.10
N THR SB 118 93.88 37.15 7.53
CA THR SB 118 94.19 37.00 6.12
C THR SB 118 95.54 36.31 5.96
N THR SB 119 95.63 35.39 5.01
CA THR SB 119 96.86 34.67 4.73
C THR SB 119 97.10 34.66 3.22
N LYS SB 120 98.35 34.42 2.84
CA LYS SB 120 98.73 34.44 1.43
C LYS SB 120 99.55 33.21 1.07
N LYS TB 18 66.10 81.75 15.61
CA LYS TB 18 66.61 80.44 15.97
C LYS TB 18 65.68 79.74 16.94
N GLU TB 19 64.88 80.52 17.66
CA GLU TB 19 63.91 79.96 18.60
C GLU TB 19 62.65 79.48 17.91
N LYS TB 20 62.25 80.15 16.82
CA LYS TB 20 61.04 79.75 16.11
C LYS TB 20 61.19 78.38 15.47
N LEU TB 21 62.38 78.09 14.92
CA LEU TB 21 62.61 76.79 14.31
C LEU TB 21 62.66 75.68 15.36
N ASP TB 22 63.24 75.97 16.53
CA ASP TB 22 63.33 74.94 17.57
C ASP TB 22 61.95 74.51 18.06
N LEU TB 23 61.04 75.47 18.28
CA LEU TB 23 59.67 75.12 18.63
C LEU TB 23 58.99 74.40 17.47
N TYR TB 24 59.25 74.85 16.24
CA TYR TB 24 58.67 74.20 15.06
C TYR TB 24 59.15 72.76 14.93
N CYS TB 25 60.44 72.52 15.14
CA CYS TB 25 60.96 71.15 15.08
C CYS TB 25 60.33 70.28 16.15
N GLU TB 26 60.20 70.80 17.38
CA GLU TB 26 59.59 70.03 18.45
C GLU TB 26 58.11 69.78 18.17
N ALA TB 27 57.42 70.78 17.63
CA ALA TB 27 56.01 70.61 17.29
C ALA TB 27 55.82 69.56 16.19
N LEU TB 28 56.73 69.54 15.21
CA LEU TB 28 56.65 68.52 14.16
C LEU TB 28 56.84 67.13 14.74
N CYS TB 29 57.71 66.99 15.75
CA CYS TB 29 57.89 65.70 16.39
C CYS TB 29 56.68 65.31 17.23
N ASP TB 30 55.98 66.29 17.81
CA ASP TB 30 54.88 66.02 18.73
C ASP TB 30 53.51 66.09 18.08
N GLY TB 31 53.25 67.07 17.22
CA GLY TB 31 51.90 67.18 16.69
C GLY TB 31 51.75 66.72 15.26
N PHE TB 32 52.67 65.88 14.78
CA PHE TB 32 52.62 65.20 13.49
C PHE TB 32 51.96 65.99 12.36
N ASN TB 33 52.33 67.26 12.19
CA ASN TB 33 51.79 68.06 11.09
C ASN TB 33 52.83 69.10 10.70
N LYS TB 34 53.13 69.17 9.39
CA LYS TB 34 54.12 70.13 8.92
C LYS TB 34 53.52 71.53 8.80
N THR TB 35 52.34 71.63 8.16
CA THR TB 35 51.72 72.94 7.93
C THR TB 35 51.10 73.51 9.20
N GLN TB 36 50.43 72.66 9.98
CA GLN TB 36 49.77 73.14 11.20
C GLN TB 36 50.76 73.70 12.20
N ALA TB 37 51.91 73.05 12.36
CA ALA TB 37 52.94 73.57 13.25
C ALA TB 37 53.45 74.92 12.75
N TYR TB 38 53.57 75.09 11.44
CA TYR TB 38 54.10 76.33 10.87
C TYR TB 38 53.18 77.51 11.16
N ILE TB 39 51.86 77.30 11.04
CA ILE TB 39 50.91 78.36 11.37
C ILE TB 39 50.88 78.61 12.87
N LYS TB 40 51.20 77.59 13.68
CA LYS TB 40 51.25 77.77 15.14
C LYS TB 40 52.46 78.55 15.59
N ALA TB 41 53.47 78.71 14.74
CA ALA TB 41 54.65 79.49 15.11
C ALA TB 41 54.32 80.96 15.28
N GLY TB 42 53.41 81.50 14.47
CA GLY TB 42 53.07 82.90 14.58
C GLY TB 42 53.21 83.58 13.23
N PHE TB 43 53.04 82.80 12.17
CA PHE TB 43 53.35 83.22 10.81
C PHE TB 43 52.08 83.46 10.02
N SER TB 44 52.24 83.76 8.73
CA SER TB 44 51.11 84.16 7.90
C SER TB 44 50.20 82.96 7.63
N ALA TB 45 48.91 83.16 7.86
CA ALA TB 45 47.88 82.14 7.70
C ALA TB 45 47.54 81.86 6.25
N PRO TB 46 47.44 82.90 5.40
CA PRO TB 46 46.92 82.68 4.03
C PRO TB 46 47.76 81.77 3.17
N HIS TB 47 49.06 82.02 3.08
CA HIS TB 47 49.93 81.23 2.21
C HIS TB 47 51.10 80.62 2.98
N ALA TB 48 50.78 79.75 3.93
CA ALA TB 48 51.75 79.09 4.80
C ALA TB 48 52.07 77.69 4.32
N GLN TB 49 51.57 77.32 3.14
CA GLN TB 49 51.80 76.00 2.56
C GLN TB 49 52.98 76.03 1.59
N ARG TB 50 53.31 77.22 1.08
CA ARG TB 50 54.40 77.41 0.14
C ARG TB 50 55.64 77.91 0.88
N ASN TB 51 55.52 79.04 1.58
CA ASN TB 51 56.57 79.67 2.38
C ASN TB 51 57.28 78.68 3.30
N VAL TB 52 56.60 77.59 3.63
CA VAL TB 52 57.15 76.63 4.58
C VAL TB 52 58.13 75.67 3.89
N ALA TB 53 57.88 75.31 2.63
CA ALA TB 53 58.81 74.41 1.94
C ALA TB 53 60.21 74.98 1.84
N PRO TB 54 60.43 76.23 1.44
CA PRO TB 54 61.80 76.77 1.46
C PRO TB 54 62.40 76.79 2.85
N TYR TB 55 61.58 77.07 3.87
CA TYR TB 55 62.06 77.09 5.25
C TYR TB 55 62.48 75.71 5.71
N HIS TB 56 61.82 74.65 5.23
CA HIS TB 56 62.16 73.29 5.60
C HIS TB 56 63.50 72.86 5.01
N ARG TB 57 63.81 73.32 3.80
CA ARG TB 57 65.05 72.93 3.14
C ARG TB 57 66.27 73.60 3.74
N LYS TB 58 66.11 74.75 4.39
CA LYS TB 58 67.21 75.52 4.94
C LYS TB 58 67.69 75.03 6.30
N ASN TB 59 66.96 74.12 6.95
CA ASN TB 59 67.31 73.64 8.28
C ASN TB 59 67.32 72.13 8.35
N ALA TB 60 67.76 71.47 7.27
CA ALA TB 60 67.73 70.00 7.24
C ALA TB 60 68.66 69.40 8.28
N GLU TB 61 69.84 69.98 8.47
CA GLU TB 61 70.79 69.43 9.44
C GLU TB 61 70.25 69.51 10.87
N TYR TB 62 69.63 70.63 11.24
CA TYR TB 62 69.07 70.75 12.57
C TYR TB 62 67.88 69.81 12.77
N ILE TB 63 67.09 69.60 11.72
CA ILE TB 63 65.97 68.66 11.81
C ILE TB 63 66.49 67.26 12.11
N GLN TB 64 67.58 66.87 11.47
CA GLN TB 64 68.17 65.56 11.77
C GLN TB 64 68.61 65.49 13.22
N ALA TB 65 69.18 66.57 13.75
CA ALA TB 65 69.55 66.63 15.15
C ALA TB 65 68.31 66.54 16.05
N TYR TB 66 67.21 67.19 15.65
CA TYR TB 66 66.01 67.19 16.46
C TYR TB 66 65.43 65.78 16.60
N ILE TB 67 65.39 65.02 15.51
CA ILE TB 67 64.88 63.65 15.59
C ILE TB 67 65.83 62.80 16.43
N SER TB 68 67.14 62.99 16.26
CA SER TB 68 68.11 62.23 17.03
C SER TB 68 68.01 62.52 18.52
N GLU TB 69 67.88 63.80 18.90
CA GLU TB 69 67.78 64.14 20.32
C GLU TB 69 66.47 63.63 20.92
N ARG TB 70 65.38 63.68 20.15
CA ARG TB 70 64.11 63.16 20.65
C ARG TB 70 64.20 61.65 20.87
N ILE TB 71 64.81 60.93 19.92
CA ILE TB 71 65.03 59.50 20.10
C ILE TB 71 66.01 59.25 21.24
N GLY TB 72 67.00 60.11 21.39
CA GLY TB 72 67.95 59.97 22.48
C GLY TB 72 67.32 60.21 23.83
N SER TB 73 66.24 61.00 23.87
CA SER TB 73 65.56 61.23 25.13
C SER TB 73 64.77 60.00 25.59
N ASP TB 74 64.48 59.07 24.68
CA ASP TB 74 63.83 57.81 25.01
C ASP TB 74 64.80 56.66 25.23
N ALA TB 75 66.11 56.89 25.05
CA ALA TB 75 67.09 55.81 25.24
C ALA TB 75 67.06 55.19 26.63
N PRO TB 76 67.03 55.95 27.73
CA PRO TB 76 66.94 55.32 29.06
C PRO TB 76 65.68 54.49 29.26
N ALA TB 77 64.57 54.86 28.62
CA ALA TB 77 63.35 54.06 28.76
C ALA TB 77 63.56 52.64 28.28
N ALA TB 78 64.27 52.46 27.17
CA ALA TB 78 64.57 51.10 26.69
C ALA TB 78 65.51 50.37 27.66
N ARG TB 79 66.41 51.10 28.30
CA ARG TB 79 67.26 50.49 29.32
C ARG TB 79 66.43 49.91 30.45
N LYS TB 80 65.40 50.64 30.88
CA LYS TB 80 64.48 50.11 31.88
C LYS TB 80 63.72 48.90 31.33
N VAL TB 81 63.33 48.96 30.06
CA VAL TB 81 62.53 47.89 29.46
C VAL TB 81 63.32 46.58 29.41
N VAL TB 82 64.58 46.63 28.95
CA VAL TB 82 65.36 45.40 28.80
C VAL TB 82 65.69 44.79 30.15
N LEU TB 83 65.98 45.63 31.15
CA LEU TB 83 66.28 45.10 32.49
C LEU TB 83 65.05 44.45 33.12
N GLU TB 84 63.87 45.07 32.96
CA GLU TB 84 62.67 44.56 33.61
C GLU TB 84 62.22 43.23 33.04
N ILE TB 85 62.32 43.04 31.72
CA ILE TB 85 61.89 41.78 31.13
C ILE TB 85 62.82 40.63 31.51
N MET TB 86 64.11 40.90 31.69
CA MET TB 86 65.03 39.85 32.13
C MET TB 86 64.72 39.36 33.55
N ASN TB 87 64.04 40.17 34.36
CA ASN TB 87 63.72 39.80 35.74
C ASN TB 87 62.26 39.46 35.95
N ASP TB 88 61.47 39.35 34.88
CA ASP TB 88 60.05 39.05 35.01
C ASP TB 88 59.83 37.54 34.95
N PRO TB 89 59.37 36.90 36.03
CA PRO TB 89 59.15 35.46 35.98
C PRO TB 89 57.90 35.06 35.22
N ASN TB 90 56.97 35.99 34.98
CA ASN TB 90 55.70 35.64 34.37
C ASN TB 90 55.72 35.71 32.85
N GLU TB 91 56.80 36.20 32.25
CA GLU TB 91 56.91 36.24 30.81
C GLU TB 91 57.77 35.03 30.42
N LYS TB 92 57.60 34.57 29.18
CA LYS TB 92 58.27 33.34 28.77
C LYS TB 92 59.79 33.47 28.88
N GLY TB 93 60.43 32.39 29.34
CA GLY TB 93 61.86 32.44 29.62
C GLY TB 93 62.71 32.65 28.38
N GLY TB 94 62.32 32.04 27.27
CA GLY TB 94 63.11 32.16 26.05
C GLY TB 94 63.22 33.57 25.54
N ILE TB 95 62.13 34.35 25.64
CA ILE TB 95 62.16 35.71 25.13
C ILE TB 95 63.07 36.59 25.98
N ARG TB 96 62.95 36.50 27.30
CA ARG TB 96 63.81 37.28 28.18
C ARG TB 96 65.27 36.87 28.03
N LEU TB 97 65.54 35.64 27.60
CA LEU TB 97 66.92 35.22 27.36
C LEU TB 97 67.57 36.11 26.33
N LYS TB 98 66.83 36.46 25.27
CA LYS TB 98 67.37 37.37 24.26
C LYS TB 98 67.62 38.74 24.85
N ALA TB 99 66.76 39.18 25.77
CA ALA TB 99 66.98 40.44 26.47
C ALA TB 99 68.28 40.39 27.28
N ALA TB 100 68.48 39.29 28.01
CA ALA TB 100 69.75 39.12 28.71
C ALA TB 100 70.89 39.02 27.70
N GLN TB 101 70.67 38.30 26.61
CA GLN TB 101 71.64 38.25 25.53
C GLN TB 101 71.88 39.64 24.95
N ASP TB 102 70.81 40.42 24.77
CA ASP TB 102 70.94 41.76 24.21
C ASP TB 102 71.73 42.66 25.16
N ILE TB 103 71.39 42.64 26.45
CA ILE TB 103 72.05 43.54 27.40
C ILE TB 103 73.51 43.16 27.59
N LEU TB 104 73.84 41.86 27.55
CA LEU TB 104 75.21 41.43 27.71
C LEU TB 104 76.08 41.88 26.53
N ASP TB 105 75.52 41.92 25.32
CA ASP TB 105 76.27 42.39 24.16
C ASP TB 105 76.73 43.83 24.33
N ARG TB 106 75.98 44.63 25.09
CA ARG TB 106 76.42 46.00 25.36
C ARG TB 106 77.67 46.03 26.23
N ALA TB 107 77.91 45.00 27.05
CA ALA TB 107 79.09 44.98 27.88
C ALA TB 107 80.37 44.97 27.05
N GLY TB 108 80.34 44.41 25.85
CA GLY TB 108 81.49 44.47 24.98
C GLY TB 108 82.11 43.15 24.56
N PHE TB 109 81.31 42.09 24.47
CA PHE TB 109 81.81 40.77 24.07
C PHE TB 109 81.07 40.29 22.83
N GLY TB 110 81.81 40.17 21.73
CA GLY TB 110 81.25 39.91 20.40
C GLY TB 110 81.67 38.57 19.83
N ALA TB 111 81.57 38.43 18.50
CA ALA TB 111 81.92 37.19 17.84
C ALA TB 111 83.43 37.11 17.60
N LYS TB 112 83.86 36.03 16.98
CA LYS TB 112 85.28 35.69 16.93
C LYS TB 112 85.79 35.50 15.50
N GLN TB 113 86.96 34.87 15.39
CA GLN TB 113 87.81 34.99 14.22
C GLN TB 113 87.16 34.42 12.96
N LYS TB 114 87.55 34.98 11.82
CA LYS TB 114 87.11 34.56 10.50
C LYS TB 114 88.25 34.75 9.51
N ILE TB 115 88.50 33.77 8.67
CA ILE TB 115 89.63 33.80 7.73
C ILE TB 115 89.10 34.00 6.31
N GLU TB 116 89.82 34.81 5.52
CA GLU TB 116 89.48 35.07 4.12
C GLU TB 116 90.69 34.75 3.24
N LEU TB 117 90.42 34.08 2.12
CA LEU TB 117 91.45 33.78 1.13
C LEU TB 117 91.06 34.35 -0.22
N THR TB 118 91.95 35.17 -0.81
CA THR TB 118 91.74 35.81 -2.11
C THR TB 118 93.07 35.75 -2.87
N THR TB 119 93.28 34.70 -3.65
CA THR TB 119 94.54 34.60 -4.37
C THR TB 119 94.38 34.32 -5.86
N LYS TB 120 93.46 33.44 -6.24
CA LYS TB 120 93.24 33.06 -7.64
C LYS TB 120 94.53 32.72 -8.37
N PRO UB 14 -118.22 -61.31 131.29
CA PRO UB 14 -119.32 -61.20 130.33
C PRO UB 14 -119.27 -59.88 129.54
N LEU UB 15 -118.07 -59.43 129.22
CA LEU UB 15 -117.84 -58.18 128.49
C LEU UB 15 -116.81 -58.46 127.41
N THR UB 16 -116.18 -57.39 126.89
CA THR UB 16 -115.36 -57.47 125.68
C THR UB 16 -116.24 -57.96 124.54
N PRO UB 17 -117.08 -57.08 124.00
CA PRO UB 17 -118.31 -57.52 123.33
C PRO UB 17 -118.14 -58.17 121.97
N LYS UB 18 -116.94 -58.64 121.61
CA LYS UB 18 -116.80 -59.35 120.34
C LYS UB 18 -117.74 -60.54 120.27
N GLU UB 19 -118.08 -61.13 121.41
CA GLU UB 19 -119.11 -62.17 121.48
C GLU UB 19 -120.49 -61.58 121.72
N LYS UB 20 -120.56 -60.48 122.46
CA LYS UB 20 -121.85 -59.86 122.77
C LYS UB 20 -122.54 -59.31 121.52
N LEU UB 21 -121.78 -58.69 120.62
CA LEU UB 21 -122.37 -58.18 119.40
C LEU UB 21 -122.81 -59.33 118.49
N ASP UB 22 -122.04 -60.41 118.46
CA ASP UB 22 -122.44 -61.59 117.70
C ASP UB 22 -123.72 -62.20 118.26
N LEU UB 23 -123.85 -62.25 119.58
CA LEU UB 23 -125.08 -62.70 120.21
C LEU UB 23 -126.25 -61.79 119.86
N TYR UB 24 -125.99 -60.48 119.73
CA TYR UB 24 -127.02 -59.54 119.31
C TYR UB 24 -127.57 -59.94 117.95
N CYS UB 25 -126.70 -60.37 117.04
CA CYS UB 25 -127.16 -60.88 115.75
C CYS UB 25 -128.04 -62.10 115.94
N GLU UB 26 -127.68 -63.00 116.87
CA GLU UB 26 -128.48 -64.19 117.11
C GLU UB 26 -129.87 -63.83 117.60
N ALA UB 27 -129.98 -62.85 118.51
CA ALA UB 27 -131.29 -62.44 118.97
C ALA UB 27 -132.09 -61.77 117.86
N LEU UB 28 -131.43 -60.93 117.05
CA LEU UB 28 -132.11 -60.34 115.89
C LEU UB 28 -132.47 -61.42 114.87
N CYS UB 29 -131.60 -62.43 114.72
CA CYS UB 29 -131.90 -63.54 113.82
C CYS UB 29 -133.02 -64.42 114.36
N ASP UB 30 -133.16 -64.51 115.68
CA ASP UB 30 -134.14 -65.41 116.27
C ASP UB 30 -135.44 -64.67 116.57
N GLY UB 31 -135.33 -63.47 117.13
CA GLY UB 31 -136.47 -62.67 117.50
C GLY UB 31 -136.62 -61.48 116.58
N PHE UB 32 -137.73 -61.39 115.86
CA PHE UB 32 -137.96 -60.22 115.01
C PHE UB 32 -138.43 -59.05 115.87
N ASN UB 33 -137.67 -58.72 116.91
CA ASN UB 33 -138.00 -57.58 117.74
C ASN UB 33 -136.68 -56.96 118.19
N LYS UB 34 -136.52 -55.66 117.89
CA LYS UB 34 -135.28 -54.97 118.21
C LYS UB 34 -135.20 -54.59 119.69
N THR UB 35 -136.33 -54.20 120.29
CA THR UB 35 -136.31 -53.79 121.68
C THR UB 35 -135.98 -54.99 122.57
N GLN UB 36 -136.56 -56.15 122.28
CA GLN UB 36 -136.25 -57.36 123.03
C GLN UB 36 -134.81 -57.82 122.80
N ALA UB 37 -134.33 -57.77 121.54
CA ALA UB 37 -132.99 -58.25 121.24
C ALA UB 37 -131.90 -57.44 121.93
N TYR UB 38 -132.03 -56.12 121.96
CA TYR UB 38 -131.00 -55.30 122.58
C TYR UB 38 -130.99 -55.48 124.10
N ILE UB 39 -132.17 -55.61 124.71
CA ILE UB 39 -132.27 -55.77 126.15
C ILE UB 39 -131.69 -57.11 126.60
N LYS UB 40 -131.74 -58.14 125.76
CA LYS UB 40 -131.14 -59.41 126.12
C LYS UB 40 -129.62 -59.37 126.07
N ALA UB 41 -129.04 -58.38 125.41
CA ALA UB 41 -127.58 -58.27 125.38
C ALA UB 41 -127.02 -57.91 126.75
N GLY UB 42 -127.71 -57.06 127.50
CA GLY UB 42 -127.22 -56.70 128.81
C GLY UB 42 -127.15 -55.19 129.04
N PHE UB 43 -127.96 -54.45 128.31
CA PHE UB 43 -127.92 -52.99 128.29
C PHE UB 43 -129.18 -52.45 128.95
N SER UB 44 -129.30 -51.11 128.95
CA SER UB 44 -130.38 -50.48 129.71
C SER UB 44 -131.74 -50.71 129.07
N ALA UB 45 -132.67 -51.23 129.87
CA ALA UB 45 -134.05 -51.49 129.45
C ALA UB 45 -134.89 -50.22 129.48
N PRO UB 46 -134.76 -49.40 130.52
CA PRO UB 46 -135.66 -48.26 130.68
C PRO UB 46 -135.49 -47.24 129.57
N HIS UB 47 -136.62 -46.69 129.12
CA HIS UB 47 -136.64 -45.70 128.05
C HIS UB 47 -135.84 -46.19 126.84
N ALA UB 48 -136.39 -47.24 126.23
CA ALA UB 48 -135.70 -47.92 125.12
C ALA UB 48 -136.18 -47.41 123.77
N GLN UB 49 -136.15 -46.08 123.61
CA GLN UB 49 -136.51 -45.43 122.36
C GLN UB 49 -135.26 -44.98 121.62
N ARG UB 50 -134.35 -44.31 122.33
CA ARG UB 50 -133.09 -43.81 121.85
C ARG UB 50 -131.98 -44.73 122.38
N ASN UB 51 -130.72 -44.35 122.17
CA ASN UB 51 -129.51 -45.07 122.57
C ASN UB 51 -129.27 -46.30 121.71
N VAL UB 52 -130.28 -46.73 120.97
CA VAL UB 52 -130.16 -47.90 120.10
C VAL UB 52 -129.58 -47.51 118.73
N ALA UB 53 -129.95 -46.33 118.23
CA ALA UB 53 -129.44 -45.85 116.95
C ALA UB 53 -127.92 -45.68 116.92
N PRO UB 54 -127.27 -45.07 117.91
CA PRO UB 54 -125.80 -44.96 117.84
C PRO UB 54 -125.10 -46.30 117.79
N TYR UB 55 -125.59 -47.29 118.54
CA TYR UB 55 -124.97 -48.61 118.53
C TYR UB 55 -125.15 -49.31 117.18
N HIS UB 56 -126.32 -49.14 116.56
CA HIS UB 56 -126.58 -49.79 115.28
C HIS UB 56 -125.86 -49.14 114.10
N ARG UB 57 -125.72 -47.82 114.11
CA ARG UB 57 -125.11 -47.15 112.96
C ARG UB 57 -123.60 -47.32 112.91
N LYS UB 58 -122.95 -47.53 114.06
CA LYS UB 58 -121.49 -47.63 114.08
C LYS UB 58 -120.98 -49.03 113.74
N ASN UB 59 -121.85 -50.05 113.71
CA ASN UB 59 -121.43 -51.42 113.45
C ASN UB 59 -122.30 -52.07 112.39
N ALA UB 60 -122.75 -51.30 111.40
CA ALA UB 60 -123.62 -51.86 110.36
C ALA UB 60 -122.88 -52.91 109.54
N GLU UB 61 -121.60 -52.66 109.26
CA GLU UB 61 -120.81 -53.59 108.44
C GLU UB 61 -120.68 -54.95 109.11
N TYR UB 62 -120.46 -54.97 110.43
CA TYR UB 62 -120.23 -56.22 111.15
C TYR UB 62 -121.48 -57.10 111.19
N ILE UB 63 -122.67 -56.49 111.31
CA ILE UB 63 -123.90 -57.27 111.34
C ILE UB 63 -124.12 -58.04 110.04
N GLN UB 64 -123.83 -57.39 108.90
CA GLN UB 64 -124.04 -58.04 107.61
C GLN UB 64 -123.18 -59.29 107.46
N ALA UB 65 -121.95 -59.25 107.95
CA ALA UB 65 -121.09 -60.44 107.88
C ALA UB 65 -121.67 -61.59 108.67
N TYR UB 66 -122.21 -61.31 109.86
CA TYR UB 66 -122.78 -62.36 110.70
C TYR UB 66 -124.01 -62.99 110.04
N ILE UB 67 -124.87 -62.17 109.43
CA ILE UB 67 -126.05 -62.70 108.75
C ILE UB 67 -125.64 -63.55 107.56
N SER UB 68 -124.61 -63.12 106.85
CA SER UB 68 -124.10 -63.90 105.71
C SER UB 68 -123.58 -65.25 106.17
N GLU UB 69 -122.91 -65.30 107.33
CA GLU UB 69 -122.37 -66.55 107.82
C GLU UB 69 -123.47 -67.57 108.12
N ARG UB 70 -124.57 -67.13 108.73
CA ARG UB 70 -125.68 -68.06 108.96
C ARG UB 70 -126.33 -68.50 107.66
N ILE UB 71 -126.52 -67.56 106.73
CA ILE UB 71 -127.11 -67.94 105.44
C ILE UB 71 -126.19 -68.91 104.71
N GLY UB 72 -124.87 -68.69 104.83
CA GLY UB 72 -123.94 -69.67 104.29
C GLY UB 72 -123.97 -70.95 105.08
N SER UB 73 -124.30 -70.87 106.37
CA SER UB 73 -124.40 -72.06 107.22
C SER UB 73 -125.66 -72.85 106.94
N ASP UB 74 -126.66 -72.26 106.29
CA ASP UB 74 -127.87 -72.96 105.92
C ASP UB 74 -127.83 -73.54 104.51
N ALA UB 75 -126.73 -73.34 103.78
CA ALA UB 75 -126.61 -73.92 102.44
C ALA UB 75 -126.82 -75.42 102.41
N PRO UB 76 -126.23 -76.22 103.31
CA PRO UB 76 -126.51 -77.67 103.28
C PRO UB 76 -127.98 -78.03 103.47
N ALA UB 77 -128.73 -77.26 104.27
CA ALA UB 77 -130.15 -77.53 104.42
C ALA UB 77 -130.90 -77.37 103.10
N ALA UB 78 -130.58 -76.31 102.36
CA ALA UB 78 -131.19 -76.13 101.04
C ALA UB 78 -130.72 -77.19 100.07
N ARG UB 79 -129.46 -77.63 100.20
CA ARG UB 79 -128.97 -78.73 99.39
C ARG UB 79 -129.78 -79.99 99.64
N LYS UB 80 -130.09 -80.27 100.91
CA LYS UB 80 -130.96 -81.38 101.24
C LYS UB 80 -132.36 -81.16 100.67
N VAL UB 81 -132.86 -79.93 100.74
CA VAL UB 81 -134.20 -79.64 100.23
C VAL UB 81 -134.28 -79.86 98.73
N VAL UB 82 -133.30 -79.34 97.98
CA VAL UB 82 -133.33 -79.47 96.53
C VAL UB 82 -133.10 -80.93 96.11
N LEU UB 83 -132.22 -81.64 96.82
CA LEU UB 83 -131.98 -83.05 96.50
C LEU UB 83 -133.22 -83.91 96.76
N GLU UB 84 -133.94 -83.64 97.84
CA GLU UB 84 -135.10 -84.46 98.19
C GLU UB 84 -136.23 -84.33 97.18
N ILE UB 85 -136.40 -83.15 96.56
CA ILE UB 85 -137.48 -82.98 95.59
C ILE UB 85 -137.24 -83.86 94.37
N MET UB 86 -135.98 -84.05 93.97
CA MET UB 86 -135.69 -84.99 92.91
C MET UB 86 -135.97 -86.43 93.31
N ASN UB 87 -136.03 -86.70 94.62
CA ASN UB 87 -136.26 -88.03 95.15
C ASN UB 87 -137.67 -88.22 95.71
N ASP UB 88 -138.58 -87.28 95.48
CA ASP UB 88 -139.95 -87.39 95.99
C ASP UB 88 -140.81 -88.09 94.94
N PRO UB 89 -141.30 -89.30 95.21
CA PRO UB 89 -142.05 -90.03 94.17
C PRO UB 89 -143.49 -89.58 93.97
N ASN UB 90 -144.12 -88.93 94.94
CA ASN UB 90 -145.54 -88.63 94.83
C ASN UB 90 -145.85 -87.22 94.34
N GLU UB 91 -144.85 -86.41 94.00
CA GLU UB 91 -145.12 -85.07 93.52
C GLU UB 91 -145.10 -85.05 91.99
N LYS UB 92 -145.80 -84.08 91.41
CA LYS UB 92 -145.92 -83.99 89.96
C LYS UB 92 -144.56 -83.72 89.33
N GLY UB 93 -144.37 -84.29 88.14
CA GLY UB 93 -143.08 -84.25 87.48
C GLY UB 93 -142.60 -82.85 87.12
N GLY UB 94 -143.52 -81.95 86.75
CA GLY UB 94 -143.10 -80.64 86.29
C GLY UB 94 -142.28 -79.85 87.30
N ILE UB 95 -142.67 -79.91 88.57
CA ILE UB 95 -141.89 -79.24 89.60
C ILE UB 95 -140.55 -79.95 89.79
N ARG UB 96 -140.58 -81.28 89.75
CA ARG UB 96 -139.36 -82.08 89.83
C ARG UB 96 -138.42 -81.73 88.68
N LEU UB 97 -139.00 -81.49 87.50
CA LEU UB 97 -138.21 -81.06 86.36
C LEU UB 97 -137.52 -79.74 86.65
N LYS UB 98 -138.25 -78.79 87.22
CA LYS UB 98 -137.68 -77.50 87.57
C LYS UB 98 -136.65 -77.65 88.69
N ALA UB 99 -136.91 -78.55 89.65
CA ALA UB 99 -135.92 -78.83 90.68
C ALA UB 99 -134.67 -79.41 90.07
N ALA UB 100 -134.83 -80.34 89.11
CA ALA UB 100 -133.68 -80.90 88.40
C ALA UB 100 -132.93 -79.83 87.62
N GLN UB 101 -133.68 -78.91 87.00
CA GLN UB 101 -133.06 -77.83 86.22
C GLN UB 101 -132.15 -76.96 87.08
N ASP UB 102 -132.63 -76.55 88.25
CA ASP UB 102 -131.89 -75.61 89.09
C ASP UB 102 -130.59 -76.21 89.63
N ILE UB 103 -130.63 -77.44 90.14
CA ILE UB 103 -129.48 -78.00 90.83
C ILE UB 103 -128.31 -78.21 89.87
N LEU UB 104 -128.59 -78.58 88.62
CA LEU UB 104 -127.53 -78.74 87.63
C LEU UB 104 -126.85 -77.42 87.29
N ASP UB 105 -127.60 -76.33 87.29
CA ASP UB 105 -127.03 -75.02 86.98
C ASP UB 105 -125.92 -74.64 87.95
N ARG UB 106 -125.99 -75.10 89.20
CA ARG UB 106 -124.91 -74.83 90.15
C ARG UB 106 -123.65 -75.61 89.79
N ALA UB 107 -123.80 -76.79 89.18
CA ALA UB 107 -122.62 -77.56 88.79
C ALA UB 107 -121.82 -76.86 87.71
N GLY UB 108 -122.50 -76.09 86.85
CA GLY UB 108 -121.79 -75.31 85.86
C GLY UB 108 -122.09 -75.57 84.40
N PHE UB 109 -123.29 -76.04 84.06
CA PHE UB 109 -123.65 -76.29 82.68
C PHE UB 109 -124.91 -75.52 82.31
N GLY UB 110 -124.76 -74.52 81.45
CA GLY UB 110 -125.81 -73.59 81.08
C GLY UB 110 -126.16 -73.64 79.62
N ALA UB 111 -126.80 -72.59 79.13
CA ALA UB 111 -127.18 -72.47 77.73
C ALA UB 111 -125.98 -71.92 76.95
N LYS UB 112 -126.18 -71.66 75.65
CA LYS UB 112 -125.11 -71.38 74.71
C LYS UB 112 -125.25 -70.01 74.06
N GLN UB 113 -124.47 -69.82 72.99
CA GLN UB 113 -124.11 -68.50 72.48
C GLN UB 113 -125.30 -67.75 71.89
N LYS UB 114 -125.14 -66.43 71.86
CA LYS UB 114 -126.05 -65.50 71.20
C LYS UB 114 -125.15 -64.44 70.58
N ILE UB 115 -125.40 -64.12 69.31
CA ILE UB 115 -124.49 -63.29 68.54
C ILE UB 115 -125.06 -61.89 68.42
N GLU UB 116 -124.18 -60.89 68.47
CA GLU UB 116 -124.55 -59.50 68.42
C GLU UB 116 -123.82 -58.81 67.28
N LEU UB 117 -124.54 -57.97 66.55
CA LEU UB 117 -123.99 -57.16 65.48
C LEU UB 117 -124.17 -55.69 65.84
N THR UB 118 -123.10 -54.91 65.75
CA THR UB 118 -123.12 -53.51 66.15
C THR UB 118 -122.98 -52.60 64.94
N THR UB 119 -123.72 -51.50 64.96
CA THR UB 119 -123.73 -50.54 63.88
C THR UB 119 -123.55 -49.14 64.43
N LYS UB 120 -122.90 -48.29 63.63
CA LYS UB 120 -122.60 -46.92 64.02
C LYS UB 120 -123.86 -46.07 64.18
N LEU VB 15 -105.28 -90.31 112.47
CA LEU VB 15 -105.84 -90.81 111.23
C LEU VB 15 -105.05 -90.29 110.03
N THR VB 16 -105.76 -89.69 109.09
CA THR VB 16 -105.16 -89.10 107.90
C THR VB 16 -105.96 -87.85 107.53
N PRO VB 17 -105.29 -86.78 107.12
CA PRO VB 17 -106.00 -85.55 106.77
C PRO VB 17 -106.90 -85.74 105.55
N LYS VB 18 -107.71 -84.72 105.30
CA LYS VB 18 -108.74 -84.74 104.25
C LYS VB 18 -109.79 -85.82 104.51
N GLU VB 19 -110.06 -86.09 105.78
CA GLU VB 19 -111.10 -87.04 106.20
C GLU VB 19 -112.05 -86.43 107.22
N LYS VB 20 -111.53 -85.61 108.14
CA LYS VB 20 -112.39 -84.96 109.13
C LYS VB 20 -113.22 -83.83 108.53
N LEU VB 21 -112.63 -83.02 107.66
CA LEU VB 21 -113.34 -81.87 107.12
C LEU VB 21 -114.47 -82.27 106.16
N ASP VB 22 -114.24 -83.27 105.32
CA ASP VB 22 -115.31 -83.68 104.40
C ASP VB 22 -116.47 -84.28 105.19
N LEU VB 23 -116.19 -85.09 106.20
CA LEU VB 23 -117.25 -85.60 107.07
C LEU VB 23 -117.91 -84.47 107.83
N TYR VB 24 -117.12 -83.49 108.29
CA TYR VB 24 -117.68 -82.33 108.98
C TYR VB 24 -118.61 -81.53 108.07
N CYS VB 25 -118.19 -81.31 106.82
CA CYS VB 25 -119.05 -80.62 105.87
C CYS VB 25 -120.32 -81.42 105.60
N GLU VB 26 -120.16 -82.73 105.38
CA GLU VB 26 -121.32 -83.59 105.15
C GLU VB 26 -122.18 -83.74 106.40
N ALA VB 27 -121.56 -83.75 107.59
CA ALA VB 27 -122.34 -83.82 108.82
C ALA VB 27 -123.26 -82.61 108.93
N LEU VB 28 -122.75 -81.43 108.55
CA LEU VB 28 -123.61 -80.26 108.46
C LEU VB 28 -124.68 -80.47 107.39
N CYS VB 29 -124.33 -81.18 106.31
CA CYS VB 29 -125.31 -81.49 105.28
C CYS VB 29 -126.37 -82.46 105.77
N ASP VB 30 -126.03 -83.33 106.73
CA ASP VB 30 -126.97 -84.35 107.17
C ASP VB 30 -127.76 -83.94 108.41
N GLY VB 31 -127.11 -83.35 109.42
CA GLY VB 31 -127.85 -82.98 110.61
C GLY VB 31 -128.04 -81.48 110.77
N PHE VB 32 -127.87 -80.74 109.66
CA PHE VB 32 -128.13 -79.31 109.56
C PHE VB 32 -127.83 -78.52 110.82
N ASN VB 33 -126.68 -78.77 111.46
CA ASN VB 33 -126.30 -78.03 112.66
C ASN VB 33 -124.78 -78.01 112.75
N LYS VB 34 -124.22 -76.82 112.99
CA LYS VB 34 -122.78 -76.70 113.10
C LYS VB 34 -122.27 -77.20 114.44
N THR VB 35 -122.99 -76.87 115.52
CA THR VB 35 -122.51 -77.18 116.87
C THR VB 35 -122.61 -78.67 117.18
N GLN VB 36 -123.71 -79.33 116.81
CA GLN VB 36 -123.86 -80.74 117.16
C GLN VB 36 -122.78 -81.59 116.50
N ALA VB 37 -122.45 -81.31 115.24
CA ALA VB 37 -121.36 -82.03 114.59
C ALA VB 37 -120.05 -81.77 115.32
N TYR VB 38 -119.80 -80.52 115.72
CA TYR VB 38 -118.57 -80.17 116.40
C TYR VB 38 -118.47 -80.82 117.78
N ILE VB 39 -119.56 -80.80 118.55
CA ILE VB 39 -119.51 -81.40 119.88
C ILE VB 39 -119.46 -82.92 119.81
N LYS VB 40 -120.10 -83.52 118.80
CA LYS VB 40 -120.11 -84.97 118.66
C LYS VB 40 -118.98 -85.56 117.82
N ALA VB 41 -118.28 -84.78 117.01
CA ALA VB 41 -117.28 -85.42 116.16
C ALA VB 41 -116.11 -86.03 116.94
N GLY VB 42 -115.18 -85.22 117.43
CA GLY VB 42 -114.14 -85.77 118.26
C GLY VB 42 -113.44 -84.82 119.22
N PHE VB 43 -114.04 -83.67 119.52
CA PHE VB 43 -113.34 -82.64 120.28
C PHE VB 43 -114.05 -82.33 121.60
N SER VB 44 -113.47 -81.37 122.33
CA SER VB 44 -113.92 -81.00 123.66
C SER VB 44 -115.23 -80.21 123.58
N ALA VB 45 -116.15 -80.54 124.49
CA ALA VB 45 -117.48 -79.94 124.56
C ALA VB 45 -117.45 -78.47 124.99
N PRO VB 46 -116.60 -78.10 125.96
CA PRO VB 46 -116.67 -76.71 126.48
C PRO VB 46 -116.38 -75.66 125.43
N HIS VB 47 -115.22 -75.78 124.77
CA HIS VB 47 -114.84 -74.88 123.69
C HIS VB 47 -115.65 -75.25 122.46
N ALA VB 48 -116.94 -74.93 122.47
CA ALA VB 48 -117.84 -75.34 121.39
C ALA VB 48 -118.12 -74.26 120.37
N GLN VB 49 -118.21 -72.99 120.77
CA GLN VB 49 -118.43 -71.93 119.79
C GLN VB 49 -117.16 -71.15 119.48
N ARG VB 50 -116.22 -71.09 120.41
CA ARG VB 50 -115.02 -70.28 120.21
C ARG VB 50 -114.01 -70.98 119.30
N ASN VB 51 -113.59 -72.18 119.69
CA ASN VB 51 -112.60 -72.92 118.93
C ASN VB 51 -113.19 -73.62 117.70
N VAL VB 52 -114.36 -73.21 117.23
CA VAL VB 52 -114.99 -73.83 116.08
C VAL VB 52 -115.08 -72.80 114.97
N ALA VB 53 -115.25 -71.52 115.36
CA ALA VB 53 -115.32 -70.44 114.37
C ALA VB 53 -114.07 -70.35 113.52
N PRO VB 54 -112.85 -70.40 114.08
CA PRO VB 54 -111.66 -70.40 113.21
C PRO VB 54 -111.62 -71.59 112.26
N TYR VB 55 -112.05 -72.77 112.73
CA TYR VB 55 -112.04 -73.93 111.85
C TYR VB 55 -113.02 -73.77 110.70
N HIS VB 56 -114.19 -73.20 110.96
CA HIS VB 56 -115.16 -72.99 109.90
C HIS VB 56 -114.78 -71.83 108.99
N ARG VB 57 -114.19 -70.77 109.56
CA ARG VB 57 -113.84 -69.59 108.78
C ARG VB 57 -112.61 -69.83 107.90
N LYS VB 58 -111.71 -70.72 108.33
CA LYS VB 58 -110.49 -70.99 107.57
C LYS VB 58 -110.70 -71.99 106.46
N ASN VB 59 -111.90 -72.57 106.34
CA ASN VB 59 -112.18 -73.57 105.33
C ASN VB 59 -113.38 -73.14 104.48
N ALA VB 60 -113.55 -71.84 104.27
CA ALA VB 60 -114.66 -71.36 103.46
C ALA VB 60 -114.51 -71.82 102.01
N GLU VB 61 -113.28 -71.81 101.49
CA GLU VB 61 -113.06 -72.26 100.12
C GLU VB 61 -113.37 -73.75 99.97
N TYR VB 62 -112.93 -74.57 100.92
CA TYR VB 62 -113.14 -76.01 100.83
C TYR VB 62 -114.60 -76.41 101.05
N ILE VB 63 -115.32 -75.72 101.95
CA ILE VB 63 -116.73 -76.05 102.15
C ILE VB 63 -117.52 -75.78 100.88
N GLN VB 64 -117.24 -74.67 100.20
CA GLN VB 64 -117.92 -74.40 98.93
C GLN VB 64 -117.59 -75.48 97.91
N ALA VB 65 -116.33 -75.90 97.85
CA ALA VB 65 -115.94 -76.99 96.96
C ALA VB 65 -116.63 -78.30 97.35
N TYR VB 66 -116.72 -78.57 98.66
CA TYR VB 66 -117.33 -79.82 99.12
C TYR VB 66 -118.81 -79.88 98.77
N ILE VB 67 -119.53 -78.78 98.94
CA ILE VB 67 -120.95 -78.78 98.59
C ILE VB 67 -121.14 -78.94 97.09
N SER VB 68 -120.26 -78.30 96.30
CA SER VB 68 -120.38 -78.39 94.84
C SER VB 68 -120.19 -79.82 94.34
N GLU VB 69 -119.21 -80.54 94.88
CA GLU VB 69 -119.01 -81.92 94.43
C GLU VB 69 -120.18 -82.80 94.82
N ARG VB 70 -120.76 -82.55 96.00
CA ARG VB 70 -121.96 -83.28 96.40
C ARG VB 70 -123.12 -82.97 95.47
N ILE VB 71 -123.30 -81.69 95.11
CA ILE VB 71 -124.35 -81.32 94.18
C ILE VB 71 -124.05 -81.88 92.79
N GLY VB 72 -122.77 -81.88 92.39
CA GLY VB 72 -122.41 -82.45 91.10
C GLY VB 72 -122.57 -83.94 91.07
N SER VB 73 -122.43 -84.60 92.22
CA SER VB 73 -122.61 -86.05 92.28
C SER VB 73 -124.08 -86.45 92.21
N ASP VB 74 -125.00 -85.50 92.45
CA ASP VB 74 -126.43 -85.74 92.35
C ASP VB 74 -126.98 -85.43 90.97
N ALA VB 75 -126.13 -84.98 90.05
CA ALA VB 75 -126.57 -84.69 88.68
C ALA VB 75 -127.24 -85.88 87.98
N PRO VB 76 -126.74 -87.12 88.06
CA PRO VB 76 -127.41 -88.22 87.35
C PRO VB 76 -128.88 -88.43 87.73
N ALA VB 77 -129.25 -88.20 89.00
CA ALA VB 77 -130.65 -88.32 89.37
C ALA VB 77 -131.52 -87.33 88.60
N ALA VB 78 -131.04 -86.09 88.48
CA ALA VB 78 -131.78 -85.08 87.72
C ALA VB 78 -131.78 -85.40 86.23
N ARG VB 79 -130.68 -85.95 85.71
CA ARG VB 79 -130.63 -86.37 84.32
C ARG VB 79 -131.67 -87.44 84.02
N LYS VB 80 -131.82 -88.41 84.92
CA LYS VB 80 -132.87 -89.42 84.76
C LYS VB 80 -134.25 -88.77 84.82
N VAL VB 81 -134.44 -87.81 85.72
CA VAL VB 81 -135.75 -87.19 85.90
C VAL VB 81 -136.14 -86.41 84.64
N VAL VB 82 -135.21 -85.64 84.08
CA VAL VB 82 -135.55 -84.84 82.89
C VAL VB 82 -135.83 -85.77 81.71
N LEU VB 83 -135.11 -86.89 81.63
CA LEU VB 83 -135.38 -87.86 80.57
C LEU VB 83 -136.76 -88.48 80.75
N GLU VB 84 -137.15 -88.79 81.99
CA GLU VB 84 -138.43 -89.45 82.22
C GLU VB 84 -139.61 -88.54 81.87
N ILE VB 85 -139.52 -87.25 82.19
CA ILE VB 85 -140.61 -86.34 81.84
C ILE VB 85 -140.68 -86.12 80.33
N MET VB 86 -139.54 -86.11 79.65
CA MET VB 86 -139.57 -85.96 78.20
C MET VB 86 -140.21 -87.17 77.52
N ASN VB 87 -140.20 -88.34 78.16
CA ASN VB 87 -140.79 -89.55 77.63
C ASN VB 87 -142.07 -89.97 78.35
N ASP VB 88 -142.59 -89.13 79.25
CA ASP VB 88 -143.79 -89.47 80.01
C ASP VB 88 -145.02 -88.98 79.23
N PRO VB 89 -145.89 -89.87 78.76
CA PRO VB 89 -147.00 -89.42 77.91
C PRO VB 89 -148.19 -88.80 78.64
N ASN VB 90 -148.36 -89.03 79.95
CA ASN VB 90 -149.56 -88.58 80.64
C ASN VB 90 -149.38 -87.22 81.31
N GLU VB 91 -148.24 -86.56 81.11
CA GLU VB 91 -147.98 -85.27 81.72
C GLU VB 91 -148.37 -84.14 80.79
N LYS VB 92 -148.54 -82.94 81.35
CA LYS VB 92 -148.98 -81.81 80.57
C LYS VB 92 -148.01 -81.53 79.43
N GLY VB 93 -148.55 -81.12 78.29
CA GLY VB 93 -147.72 -80.96 77.10
C GLY VB 93 -146.68 -79.87 77.25
N GLY VB 94 -147.03 -78.78 77.93
CA GLY VB 94 -146.09 -77.69 78.11
C GLY VB 94 -144.86 -78.09 78.88
N ILE VB 95 -145.01 -78.97 79.88
CA ILE VB 95 -143.89 -79.39 80.69
C ILE VB 95 -142.89 -80.20 79.85
N ARG VB 96 -143.38 -81.05 78.95
CA ARG VB 96 -142.46 -81.76 78.07
C ARG VB 96 -141.68 -80.76 77.24
N LEU VB 97 -142.36 -79.71 76.78
CA LEU VB 97 -141.69 -78.63 76.06
C LEU VB 97 -140.66 -77.97 76.94
N LYS VB 98 -141.00 -77.75 78.22
CA LYS VB 98 -140.05 -77.17 79.15
C LYS VB 98 -138.85 -78.08 79.31
N ALA VB 99 -139.09 -79.40 79.34
CA ALA VB 99 -137.99 -80.36 79.32
C ALA VB 99 -137.23 -80.25 78.01
N ALA VB 100 -137.96 -80.17 76.89
CA ALA VB 100 -137.33 -80.01 75.59
C ALA VB 100 -136.56 -78.70 75.50
N GLN VB 101 -137.14 -77.63 76.03
CA GLN VB 101 -136.45 -76.34 76.05
C GLN VB 101 -135.16 -76.45 76.84
N ASP VB 102 -135.22 -77.08 78.01
CA ASP VB 102 -134.04 -77.20 78.85
C ASP VB 102 -132.97 -78.10 78.22
N ILE VB 103 -133.38 -79.27 77.72
CA ILE VB 103 -132.42 -80.25 77.22
C ILE VB 103 -131.75 -79.79 75.93
N LEU VB 104 -132.50 -79.12 75.04
CA LEU VB 104 -131.92 -78.68 73.78
C LEU VB 104 -130.87 -77.59 73.97
N ASP VB 105 -131.10 -76.66 74.89
CA ASP VB 105 -130.10 -75.62 75.15
C ASP VB 105 -128.81 -76.21 75.69
N ARG VB 106 -128.88 -77.31 76.47
CA ARG VB 106 -127.67 -77.97 76.92
C ARG VB 106 -126.97 -78.69 75.77
N ALA VB 107 -127.74 -79.17 74.79
CA ALA VB 107 -127.14 -79.86 73.65
C ALA VB 107 -126.24 -78.94 72.85
N GLY VB 108 -126.54 -77.64 72.84
CA GLY VB 108 -125.68 -76.68 72.17
C GLY VB 108 -126.39 -75.90 71.08
N PHE VB 109 -127.71 -75.77 71.20
CA PHE VB 109 -128.50 -75.01 70.24
C PHE VB 109 -129.23 -73.90 70.98
N GLY VB 110 -128.81 -72.65 70.72
CA GLY VB 110 -129.26 -71.48 71.46
C GLY VB 110 -130.01 -70.50 70.57
N ALA VB 111 -130.11 -69.24 71.00
CA ALA VB 111 -130.81 -68.26 70.20
C ALA VB 111 -129.86 -67.69 69.14
N LYS VB 112 -130.37 -66.77 68.33
CA LYS VB 112 -129.68 -66.35 67.12
C LYS VB 112 -129.48 -64.84 67.14
N GLN VB 113 -129.16 -64.27 65.98
CA GLN VB 113 -128.56 -62.94 65.91
C GLN VB 113 -129.51 -61.86 66.40
N LYS VB 114 -128.93 -60.79 66.93
CA LYS VB 114 -129.61 -59.58 67.34
C LYS VB 114 -128.66 -58.43 67.08
N ILE VB 115 -129.14 -57.38 66.46
CA ILE VB 115 -128.28 -56.28 66.01
C ILE VB 115 -128.44 -55.11 66.97
N GLU VB 116 -127.33 -54.40 67.19
CA GLU VB 116 -127.26 -53.27 68.10
C GLU VB 116 -126.79 -52.04 67.33
N LEU VB 117 -127.46 -50.92 67.57
CA LEU VB 117 -127.07 -49.64 66.97
C LEU VB 117 -126.76 -48.65 68.08
N THR VB 118 -125.60 -48.01 67.99
CA THR VB 118 -125.14 -47.08 69.01
C THR VB 118 -125.06 -45.67 68.43
N THR VB 119 -125.44 -44.69 69.24
CA THR VB 119 -125.43 -43.29 68.85
C THR VB 119 -124.76 -42.49 69.95
N LYS VB 120 -124.54 -41.21 69.68
CA LYS VB 120 -123.81 -40.35 70.61
C LYS VB 120 -124.24 -38.89 70.48
N LYS WB 18 -108.41 -95.43 79.96
CA LYS WB 18 -109.42 -94.41 79.75
C LYS WB 18 -110.80 -95.04 79.55
N GLU WB 19 -110.81 -96.32 79.19
CA GLU WB 19 -112.06 -97.01 78.92
C GLU WB 19 -112.77 -97.45 80.19
N LYS WB 20 -112.03 -97.86 81.22
CA LYS WB 20 -112.67 -98.27 82.47
C LYS WB 20 -113.29 -97.07 83.19
N LEU WB 21 -112.64 -95.91 83.13
CA LEU WB 21 -113.19 -94.71 83.77
C LEU WB 21 -114.49 -94.27 83.11
N ASP WB 22 -114.58 -94.40 81.78
CA ASP WB 22 -115.82 -94.05 81.09
C ASP WB 22 -116.97 -94.96 81.53
N LEU WB 23 -116.68 -96.24 81.75
CA LEU WB 23 -117.70 -97.14 82.28
C LEU WB 23 -118.17 -96.67 83.66
N TYR WB 24 -117.25 -96.18 84.48
CA TYR WB 24 -117.65 -95.63 85.77
C TYR WB 24 -118.56 -94.42 85.60
N CYS WB 25 -118.22 -93.53 84.66
CA CYS WB 25 -119.05 -92.35 84.43
C CYS WB 25 -120.43 -92.73 83.88
N GLU WB 26 -120.49 -93.59 82.87
CA GLU WB 26 -121.76 -93.95 82.27
C GLU WB 26 -122.62 -94.82 83.20
N ALA WB 27 -122.01 -95.76 83.91
CA ALA WB 27 -122.76 -96.61 84.83
C ALA WB 27 -123.31 -95.81 86.01
N LEU WB 28 -122.53 -94.85 86.51
CA LEU WB 28 -122.99 -94.00 87.60
C LEU WB 28 -124.24 -93.22 87.22
N CYS WB 29 -124.41 -92.93 85.93
CA CYS WB 29 -125.61 -92.25 85.45
C CYS WB 29 -126.88 -93.07 85.68
N ASP WB 30 -126.75 -94.39 85.81
CA ASP WB 30 -127.91 -95.28 85.91
C ASP WB 30 -128.34 -95.50 87.35
N GLY WB 31 -127.40 -95.65 88.29
CA GLY WB 31 -127.76 -95.95 89.66
C GLY WB 31 -127.68 -94.80 90.63
N PHE WB 32 -127.19 -93.63 90.18
CA PHE WB 32 -127.13 -92.39 90.97
C PHE WB 32 -126.74 -92.63 92.41
N ASN WB 33 -125.73 -93.47 92.62
CA ASN WB 33 -125.22 -93.79 93.94
C ASN WB 33 -123.76 -94.21 93.77
N LYS WB 34 -122.90 -93.71 94.66
CA LYS WB 34 -121.48 -93.98 94.53
C LYS WB 34 -121.12 -95.42 94.91
N THR WB 35 -121.71 -95.93 95.99
CA THR WB 35 -121.26 -97.21 96.53
C THR WB 35 -121.66 -98.40 95.65
N GLN WB 36 -122.91 -98.45 95.18
CA GLN WB 36 -123.36 -99.61 94.41
C GLN WB 36 -122.63 -99.71 93.07
N ALA WB 37 -122.46 -98.59 92.36
CA ALA WB 37 -121.75 -98.63 91.09
C ALA WB 37 -120.30 -99.04 91.29
N TYR WB 38 -119.65 -98.54 92.33
CA TYR WB 38 -118.24 -98.84 92.56
C TYR WB 38 -118.04 -100.32 92.90
N ILE WB 39 -118.92 -100.89 93.73
CA ILE WB 39 -118.81 -102.32 94.02
C ILE WB 39 -119.14 -103.13 92.78
N LYS WB 40 -120.02 -102.60 91.92
CA LYS WB 40 -120.27 -103.28 90.66
C LYS WB 40 -119.12 -103.11 89.68
N ALA WB 41 -118.25 -102.12 89.90
CA ALA WB 41 -117.08 -101.97 89.05
C ALA WB 41 -116.07 -103.09 89.31
N GLY WB 42 -115.90 -103.49 90.57
CA GLY WB 42 -115.02 -104.59 90.90
C GLY WB 42 -113.97 -104.33 91.96
N PHE WB 43 -114.18 -103.32 92.80
CA PHE WB 43 -113.16 -102.90 93.76
C PHE WB 43 -113.65 -103.12 95.20
N SER WB 44 -112.83 -102.69 96.15
CA SER WB 44 -113.08 -102.95 97.56
C SER WB 44 -114.24 -102.11 98.07
N ALA WB 45 -115.15 -102.77 98.79
CA ALA WB 45 -116.36 -102.15 99.34
C ALA WB 45 -116.04 -101.23 100.51
N PRO WB 46 -115.12 -101.60 101.41
CA PRO WB 46 -114.91 -100.79 102.62
C PRO WB 46 -114.48 -99.37 102.35
N HIS WB 47 -113.70 -99.13 101.29
CA HIS WB 47 -113.26 -97.78 100.96
C HIS WB 47 -114.33 -97.12 100.09
N ALA WB 48 -115.49 -96.88 100.69
CA ALA WB 48 -116.62 -96.31 100.00
C ALA WB 48 -116.94 -94.87 100.39
N GLN WB 49 -116.15 -94.27 101.27
CA GLN WB 49 -116.42 -92.89 101.70
C GLN WB 49 -115.45 -91.90 101.04
N ARG WB 50 -114.15 -92.08 101.26
CA ARG WB 50 -113.16 -91.13 100.76
C ARG WB 50 -112.43 -91.61 99.51
N ASN WB 51 -111.75 -92.76 99.61
CA ASN WB 51 -110.90 -93.33 98.57
C ASN WB 51 -111.46 -93.17 97.15
N VAL WB 52 -112.78 -93.22 97.02
CA VAL WB 52 -113.40 -93.08 95.70
C VAL WB 52 -113.52 -91.60 95.33
N ALA WB 53 -113.78 -90.74 96.31
CA ALA WB 53 -113.88 -89.30 96.05
C ALA WB 53 -112.60 -88.71 95.48
N PRO WB 54 -111.39 -89.03 95.97
CA PRO WB 54 -110.19 -88.44 95.37
C PRO WB 54 -110.05 -88.74 93.89
N TYR WB 55 -110.42 -89.94 93.45
CA TYR WB 55 -110.38 -90.25 92.03
C TYR WB 55 -111.35 -89.39 91.25
N HIS WB 56 -112.50 -89.07 91.86
CA HIS WB 56 -113.49 -88.21 91.23
C HIS WB 56 -113.02 -86.75 91.22
N ARG WB 57 -112.29 -86.33 92.25
CA ARG WB 57 -111.89 -84.93 92.36
C ARG WB 57 -110.77 -84.56 91.39
N LYS WB 58 -109.88 -85.51 91.05
CA LYS WB 58 -108.76 -85.19 90.18
C LYS WB 58 -109.07 -85.33 88.69
N ASN WB 59 -110.18 -85.95 88.33
CA ASN WB 59 -110.51 -86.18 86.92
C ASN WB 59 -111.95 -85.75 86.62
N ALA WB 60 -112.40 -84.68 87.27
CA ALA WB 60 -113.77 -84.20 87.08
C ALA WB 60 -114.03 -83.75 85.65
N GLU WB 61 -113.00 -83.19 85.00
CA GLU WB 61 -113.18 -82.64 83.65
C GLU WB 61 -113.64 -83.71 82.66
N TYR WB 62 -113.04 -84.89 82.70
CA TYR WB 62 -113.44 -85.97 81.81
C TYR WB 62 -114.82 -86.52 82.17
N ILE WB 63 -115.13 -86.54 83.47
CA ILE WB 63 -116.44 -86.99 83.93
C ILE WB 63 -117.55 -86.09 83.40
N GLN WB 64 -117.33 -84.78 83.43
CA GLN WB 64 -118.33 -83.83 82.97
C GLN WB 64 -118.65 -84.02 81.48
N ALA WB 65 -117.62 -84.24 80.66
CA ALA WB 65 -117.84 -84.45 79.23
C ALA WB 65 -118.66 -85.71 78.96
N TYR WB 66 -118.39 -86.79 79.70
CA TYR WB 66 -119.09 -88.05 79.46
C TYR WB 66 -120.58 -87.93 79.76
N ILE WB 67 -120.95 -87.27 80.85
CA ILE WB 67 -122.36 -87.10 81.18
C ILE WB 67 -123.05 -86.19 80.16
N SER WB 68 -122.36 -85.14 79.71
CA SER WB 68 -122.93 -84.24 78.72
C SER WB 68 -123.22 -84.96 77.40
N GLU WB 69 -122.33 -85.87 76.99
CA GLU WB 69 -122.55 -86.60 75.75
C GLU WB 69 -123.79 -87.49 75.84
N ARG WB 70 -124.08 -88.04 77.03
CA ARG WB 70 -125.28 -88.85 77.19
C ARG WB 70 -126.53 -88.04 76.89
N ILE WB 71 -126.58 -86.79 77.39
CA ILE WB 71 -127.70 -85.92 77.08
C ILE WB 71 -127.69 -85.55 75.60
N GLY WB 72 -126.50 -85.33 75.03
CA GLY WB 72 -126.43 -85.02 73.61
C GLY WB 72 -126.81 -86.20 72.73
N SER WB 73 -126.57 -87.42 73.21
CA SER WB 73 -126.98 -88.60 72.45
C SER WB 73 -128.47 -88.84 72.53
N ASP WB 74 -129.16 -88.24 73.50
CA ASP WB 74 -130.60 -88.32 73.63
C ASP WB 74 -131.30 -87.13 72.98
N ALA WB 75 -130.54 -86.21 72.38
CA ALA WB 75 -131.12 -85.06 71.69
C ALA WB 75 -132.13 -85.46 70.61
N PRO WB 76 -131.89 -86.47 69.77
CA PRO WB 76 -132.92 -86.86 68.79
C PRO WB 76 -134.24 -87.24 69.44
N ALA WB 77 -134.21 -87.83 70.64
CA ALA WB 77 -135.46 -88.06 71.36
C ALA WB 77 -136.15 -86.74 71.67
N ALA WB 78 -135.38 -85.73 72.07
CA ALA WB 78 -135.92 -84.39 72.28
C ALA WB 78 -136.40 -83.78 70.97
N ARG WB 79 -135.73 -84.11 69.86
CA ARG WB 79 -136.19 -83.67 68.55
C ARG WB 79 -137.60 -84.19 68.27
N LYS WB 80 -137.86 -85.44 68.65
CA LYS WB 80 -139.20 -86.00 68.52
C LYS WB 80 -140.21 -85.23 69.37
N VAL WB 81 -139.79 -84.78 70.56
CA VAL WB 81 -140.69 -84.09 71.48
C VAL WB 81 -141.20 -82.79 70.87
N VAL WB 82 -140.32 -82.02 70.24
CA VAL WB 82 -140.75 -80.74 69.67
C VAL WB 82 -141.68 -80.97 68.49
N LEU WB 83 -141.44 -82.02 67.69
CA LEU WB 83 -142.29 -82.30 66.54
C LEU WB 83 -143.71 -82.67 66.94
N GLU WB 84 -143.87 -83.51 67.97
CA GLU WB 84 -145.20 -84.00 68.32
C GLU WB 84 -146.11 -82.92 68.89
N ILE WB 85 -145.56 -82.01 69.69
CA ILE WB 85 -146.39 -80.96 70.28
C ILE WB 85 -146.91 -80.01 69.21
N MET WB 86 -146.09 -79.73 68.19
CA MET WB 86 -146.55 -78.93 67.07
C MET WB 86 -147.59 -79.67 66.23
N ASN WB 87 -147.63 -80.99 66.31
CA ASN WB 87 -148.54 -81.81 65.51
C ASN WB 87 -149.71 -82.37 66.31
N ASP WB 88 -149.88 -81.97 67.57
CA ASP WB 88 -150.97 -82.47 68.38
C ASP WB 88 -152.17 -81.53 68.24
N PRO WB 89 -153.28 -81.96 67.62
CA PRO WB 89 -154.39 -81.03 67.38
C PRO WB 89 -155.25 -80.71 68.60
N ASN WB 90 -155.25 -81.56 69.62
CA ASN WB 90 -156.12 -81.35 70.77
C ASN WB 90 -155.42 -80.61 71.91
N GLU WB 91 -154.20 -80.11 71.67
CA GLU WB 91 -153.45 -79.42 72.70
C GLU WB 91 -153.77 -77.94 72.63
N LYS WB 92 -153.64 -77.26 73.77
CA LYS WB 92 -153.98 -75.84 73.83
C LYS WB 92 -153.07 -75.01 72.93
N GLY WB 93 -153.66 -73.96 72.34
CA GLY WB 93 -152.93 -73.15 71.38
C GLY WB 93 -151.72 -72.46 72.00
N GLY WB 94 -151.86 -72.02 73.26
CA GLY WB 94 -150.75 -71.34 73.91
C GLY WB 94 -149.53 -72.22 74.04
N ILE WB 95 -149.75 -73.51 74.35
CA ILE WB 95 -148.63 -74.44 74.45
C ILE WB 95 -148.02 -74.67 73.07
N ARG WB 96 -148.87 -74.81 72.04
CA ARG WB 96 -148.37 -74.98 70.68
C ARG WB 96 -147.55 -73.78 70.24
N LEU WB 97 -148.00 -72.57 70.59
CA LEU WB 97 -147.28 -71.36 70.24
C LEU WB 97 -145.89 -71.32 70.90
N LYS WB 98 -145.81 -71.74 72.16
CA LYS WB 98 -144.52 -71.73 72.85
C LYS WB 98 -143.53 -72.67 72.17
N ALA WB 99 -144.01 -73.82 71.69
CA ALA WB 99 -143.15 -74.72 70.94
C ALA WB 99 -142.67 -74.08 69.64
N ALA WB 100 -143.57 -73.41 68.93
CA ALA WB 100 -143.19 -72.72 67.70
C ALA WB 100 -142.18 -71.62 67.97
N GLN WB 101 -142.36 -70.89 69.07
CA GLN WB 101 -141.40 -69.84 69.43
C GLN WB 101 -140.01 -70.40 69.64
N ASP WB 102 -139.90 -71.50 70.39
CA ASP WB 102 -138.59 -72.08 70.68
C ASP WB 102 -137.94 -72.68 69.45
N ILE WB 103 -138.69 -73.48 68.68
CA ILE WB 103 -138.09 -74.23 67.57
C ILE WB 103 -137.65 -73.29 66.44
N LEU WB 104 -138.42 -72.23 66.19
CA LEU WB 104 -138.05 -71.28 65.15
C LEU WB 104 -136.80 -70.48 65.51
N ASP WB 105 -136.59 -70.20 66.79
CA ASP WB 105 -135.42 -69.43 67.21
C ASP WB 105 -134.12 -70.11 66.82
N ARG WB 106 -134.07 -71.43 66.86
CA ARG WB 106 -132.89 -72.17 66.43
C ARG WB 106 -132.72 -72.17 64.91
N ALA WB 107 -133.81 -72.03 64.15
CA ALA WB 107 -133.70 -72.03 62.71
C ALA WB 107 -132.83 -70.88 62.21
N GLY WB 108 -132.76 -69.80 62.96
CA GLY WB 108 -131.89 -68.69 62.64
C GLY WB 108 -132.65 -67.39 62.46
N PHE WB 109 -133.82 -67.29 63.10
CA PHE WB 109 -134.65 -66.10 63.09
C PHE WB 109 -134.86 -65.64 64.52
N GLY WB 110 -134.29 -64.48 64.86
CA GLY WB 110 -134.32 -64.00 66.23
C GLY WB 110 -135.07 -62.71 66.41
N ALA WB 111 -134.86 -62.03 67.54
CA ALA WB 111 -135.50 -60.76 67.81
C ALA WB 111 -134.67 -59.64 67.18
N LYS WB 112 -135.09 -58.39 67.37
CA LYS WB 112 -134.56 -57.28 66.59
C LYS WB 112 -133.93 -56.20 67.47
N GLN WB 113 -133.71 -55.04 66.85
CA GLN WB 113 -132.72 -54.05 67.27
C GLN WB 113 -133.04 -53.43 68.62
N LYS WB 114 -131.99 -52.92 69.26
CA LYS WB 114 -132.05 -52.14 70.49
C LYS WB 114 -130.97 -51.08 70.40
N ILE WB 115 -131.32 -49.83 70.70
CA ILE WB 115 -130.42 -48.70 70.50
C ILE WB 115 -129.89 -48.24 71.85
N GLU WB 116 -128.66 -47.73 71.85
CA GLU WB 116 -127.99 -47.30 73.06
C GLU WB 116 -127.70 -45.81 72.99
N LEU WB 117 -128.20 -45.05 73.96
CA LEU WB 117 -127.94 -43.63 74.11
C LEU WB 117 -127.42 -43.40 75.52
N THR WB 118 -126.27 -42.75 75.66
CA THR WB 118 -125.66 -42.53 76.96
C THR WB 118 -125.57 -41.05 77.27
N THR WB 119 -125.79 -40.71 78.55
CA THR WB 119 -125.74 -39.35 79.05
C THR WB 119 -124.87 -39.28 80.31
N LYS WB 120 -123.70 -39.91 80.25
CA LYS WB 120 -122.77 -39.94 81.37
C LYS WB 120 -122.41 -38.55 81.88
N LEU XB 15 -123.12 -100.21 49.65
CA LEU XB 15 -123.47 -98.86 50.06
C LEU XB 15 -122.23 -98.00 50.24
N THR XB 16 -122.39 -96.89 50.95
CA THR XB 16 -121.31 -95.95 51.22
C THR XB 16 -121.47 -95.41 52.64
N PRO XB 17 -120.37 -94.97 53.26
CA PRO XB 17 -120.48 -94.41 54.62
C PRO XB 17 -121.27 -93.10 54.69
N LYS XB 18 -121.43 -92.38 53.57
CA LYS XB 18 -122.17 -91.12 53.61
C LYS XB 18 -123.64 -91.35 53.91
N GLU XB 19 -124.18 -92.51 53.52
CA GLU XB 19 -125.53 -92.92 53.85
C GLU XB 19 -125.61 -93.60 55.22
N LYS XB 20 -124.52 -94.26 55.62
CA LYS XB 20 -124.49 -94.95 56.90
C LYS XB 20 -124.61 -93.98 58.06
N LEU XB 21 -123.96 -92.81 57.96
CA LEU XB 21 -124.10 -91.83 59.03
C LEU XB 21 -125.51 -91.26 59.08
N ASP XB 22 -126.12 -91.02 57.91
CA ASP XB 22 -127.50 -90.54 57.88
C ASP XB 22 -128.46 -91.58 58.44
N LEU XB 23 -128.25 -92.86 58.08
CA LEU XB 23 -129.06 -93.92 58.68
C LEU XB 23 -128.84 -93.99 60.17
N TYR XB 24 -127.60 -93.79 60.61
CA TYR XB 24 -127.31 -93.75 62.03
C TYR XB 24 -128.04 -92.58 62.70
N CYS XB 25 -128.02 -91.41 62.07
CA CYS XB 25 -128.74 -90.25 62.59
C CYS XB 25 -130.25 -90.47 62.56
N GLU XB 26 -130.77 -90.98 61.44
CA GLU XB 26 -132.21 -91.17 61.31
C GLU XB 26 -132.73 -92.23 62.27
N ALA XB 27 -131.99 -93.34 62.42
CA ALA XB 27 -132.42 -94.37 63.36
C ALA XB 27 -132.38 -93.85 64.79
N LEU XB 28 -131.35 -93.07 65.13
CA LEU XB 28 -131.31 -92.43 66.44
C LEU XB 28 -132.47 -91.45 66.58
N CYS XB 29 -132.82 -90.75 65.50
CA CYS XB 29 -133.96 -89.85 65.52
C CYS XB 29 -135.28 -90.60 65.58
N ASP XB 30 -135.36 -91.79 64.98
CA ASP XB 30 -136.62 -92.52 64.87
C ASP XB 30 -136.82 -93.59 65.93
N GLY XB 31 -135.79 -94.38 66.27
CA GLY XB 31 -136.05 -95.44 67.22
C GLY XB 31 -135.52 -95.15 68.62
N PHE XB 32 -135.25 -93.86 68.89
CA PHE XB 32 -134.89 -93.33 70.19
C PHE XB 32 -134.09 -94.29 71.07
N ASN XB 33 -133.09 -94.95 70.51
CA ASN XB 33 -132.26 -95.85 71.28
C ASN XB 33 -130.89 -95.94 70.63
N LYS XB 34 -129.84 -95.83 71.44
CA LYS XB 34 -128.50 -95.95 70.89
C LYS XB 34 -128.17 -97.40 70.55
N THR XB 35 -128.59 -98.32 71.42
CA THR XB 35 -128.30 -99.73 71.17
C THR XB 35 -129.09 -100.25 69.98
N GLN XB 36 -130.37 -99.91 69.90
CA GLN XB 36 -131.20 -100.35 68.79
C GLN XB 36 -130.74 -99.75 67.46
N ALA XB 37 -130.41 -98.46 67.45
CA ALA XB 37 -129.95 -97.83 66.22
C ALA XB 37 -128.64 -98.44 65.74
N TYR XB 38 -127.71 -98.68 66.65
CA TYR XB 38 -126.45 -99.31 66.25
C TYR XB 38 -126.68 -100.76 65.85
N ILE XB 39 -127.59 -101.45 66.54
CA ILE XB 39 -127.93 -102.81 66.18
C ILE XB 39 -128.61 -102.81 64.81
N LYS XB 40 -129.30 -101.72 64.48
CA LYS XB 40 -129.89 -101.54 63.16
C LYS XB 40 -128.86 -101.22 62.10
N ALA XB 41 -127.62 -100.88 62.49
CA ALA XB 41 -126.60 -100.54 61.51
C ALA XB 41 -126.24 -101.74 60.64
N GLY XB 42 -126.15 -102.93 61.22
CA GLY XB 42 -125.93 -104.13 60.44
C GLY XB 42 -124.78 -105.03 60.86
N PHE XB 43 -124.33 -104.92 62.10
CA PHE XB 43 -123.19 -105.68 62.59
C PHE XB 43 -123.68 -106.59 63.72
N SER XB 44 -122.73 -107.27 64.37
CA SER XB 44 -123.09 -108.23 65.40
C SER XB 44 -123.66 -107.50 66.62
N ALA XB 45 -124.80 -107.99 67.11
CA ALA XB 45 -125.55 -107.38 68.20
C ALA XB 45 -124.88 -107.51 69.56
N PRO XB 46 -124.29 -108.68 69.88
CA PRO XB 46 -123.80 -108.86 71.26
C PRO XB 46 -122.68 -107.91 71.67
N HIS XB 47 -121.61 -107.82 70.89
CA HIS XB 47 -120.47 -106.97 71.23
C HIS XB 47 -120.80 -105.51 70.90
N ALA XB 48 -121.75 -104.96 71.67
CA ALA XB 48 -122.23 -103.60 71.48
C ALA XB 48 -121.82 -102.60 72.55
N GLN XB 49 -120.98 -102.99 73.51
CA GLN XB 49 -120.63 -102.09 74.60
C GLN XB 49 -119.24 -101.46 74.49
N ARG XB 50 -118.30 -102.10 73.79
CA ARG XB 50 -116.91 -101.62 73.83
C ARG XB 50 -116.66 -100.42 72.92
N ASN XB 51 -116.68 -100.63 71.60
CA ASN XB 51 -116.36 -99.58 70.63
C ASN XB 51 -117.51 -98.64 70.31
N VAL XB 52 -118.75 -98.97 70.70
CA VAL XB 52 -119.90 -98.19 70.27
C VAL XB 52 -119.93 -96.83 70.94
N ALA XB 53 -119.52 -96.76 72.21
CA ALA XB 53 -119.42 -95.45 72.86
C ALA XB 53 -118.41 -94.56 72.17
N PRO XB 54 -117.19 -95.02 71.85
CA PRO XB 54 -116.23 -94.15 71.14
C PRO XB 54 -116.67 -93.71 69.75
N TYR XB 55 -117.33 -94.58 68.98
CA TYR XB 55 -117.68 -94.23 67.60
C TYR XB 55 -118.65 -93.05 67.53
N HIS XB 56 -119.59 -92.98 68.48
CA HIS XB 56 -120.51 -91.84 68.47
C HIS XB 56 -119.80 -90.55 68.85
N ARG XB 57 -118.79 -90.65 69.72
CA ARG XB 57 -118.03 -89.49 70.17
C ARG XB 57 -117.10 -88.95 69.10
N LYS XB 58 -116.72 -89.77 68.12
CA LYS XB 58 -115.79 -89.34 67.09
C LYS XB 58 -116.46 -88.55 65.97
N ASN XB 59 -117.79 -88.53 65.92
CA ASN XB 59 -118.54 -87.80 64.90
C ASN XB 59 -119.63 -86.95 65.54
N ALA XB 60 -119.37 -86.43 66.74
CA ALA XB 60 -120.39 -85.68 67.47
C ALA XB 60 -120.80 -84.40 66.74
N GLU XB 61 -119.84 -83.69 66.15
CA GLU XB 61 -120.16 -82.43 65.48
C GLU XB 61 -121.10 -82.65 64.29
N TYR XB 62 -120.85 -83.70 63.49
CA TYR XB 62 -121.71 -83.96 62.34
C TYR XB 62 -123.11 -84.36 62.79
N ILE XB 63 -123.22 -85.03 63.93
CA ILE XB 63 -124.55 -85.36 64.48
C ILE XB 63 -125.33 -84.08 64.74
N GLN XB 64 -124.66 -83.07 65.31
CA GLN XB 64 -125.30 -81.78 65.54
C GLN XB 64 -125.71 -81.13 64.23
N ALA XB 65 -124.87 -81.27 63.19
CA ALA XB 65 -125.21 -80.72 61.88
C ALA XB 65 -126.47 -81.38 61.34
N TYR XB 66 -126.60 -82.70 61.55
CA TYR XB 66 -127.80 -83.41 61.09
C TYR XB 66 -129.04 -82.91 61.80
N ILE XB 67 -128.93 -82.65 63.11
CA ILE XB 67 -130.07 -82.15 63.87
C ILE XB 67 -130.46 -80.75 63.38
N SER XB 68 -129.47 -79.92 63.05
CA SER XB 68 -129.74 -78.58 62.55
C SER XB 68 -130.46 -78.63 61.20
N GLU XB 69 -130.09 -79.56 60.33
CA GLU XB 69 -130.75 -79.64 59.03
C GLU XB 69 -132.22 -80.01 59.18
N ARG XB 70 -132.55 -80.88 60.13
CA ARG XB 70 -133.94 -81.26 60.32
C ARG XB 70 -134.80 -80.08 60.75
N ILE XB 71 -134.32 -79.27 61.70
CA ILE XB 71 -135.09 -78.10 62.10
C ILE XB 71 -135.18 -77.10 60.97
N GLY XB 72 -134.10 -76.97 60.18
CA GLY XB 72 -134.18 -76.11 59.01
C GLY XB 72 -135.10 -76.69 57.95
N SER XB 73 -135.17 -78.02 57.86
CA SER XB 73 -136.12 -78.66 56.95
C SER XB 73 -137.52 -78.73 57.57
N ASP XB 74 -137.63 -78.62 58.89
CA ASP XB 74 -138.91 -78.58 59.59
C ASP XB 74 -139.40 -77.17 59.85
N ALA XB 75 -138.65 -76.16 59.43
CA ALA XB 75 -139.09 -74.77 59.61
C ALA XB 75 -140.48 -74.50 59.03
N PRO XB 76 -140.85 -74.98 57.84
CA PRO XB 76 -142.22 -74.76 57.38
C PRO XB 76 -143.28 -75.35 58.30
N ALA XB 77 -142.98 -76.48 58.96
CA ALA XB 77 -143.92 -77.04 59.92
C ALA XB 77 -144.16 -76.08 61.08
N ALA XB 78 -143.09 -75.48 61.60
CA ALA XB 78 -143.24 -74.49 62.65
C ALA XB 78 -143.93 -73.24 62.13
N ARG XB 79 -143.67 -72.89 60.87
CA ARG XB 79 -144.36 -71.77 60.24
C ARG XB 79 -145.87 -72.03 60.16
N LYS XB 80 -146.26 -73.26 59.82
CA LYS XB 80 -147.67 -73.60 59.74
C LYS XB 80 -148.37 -73.49 61.09
N VAL XB 81 -147.70 -73.93 62.17
CA VAL XB 81 -148.34 -73.94 63.48
C VAL XB 81 -148.68 -72.52 63.93
N VAL XB 82 -147.73 -71.60 63.80
CA VAL XB 82 -147.97 -70.22 64.20
C VAL XB 82 -148.98 -69.56 63.26
N LEU XB 83 -148.93 -69.91 61.97
CA LEU XB 83 -149.86 -69.34 61.00
C LEU XB 83 -151.30 -69.76 61.29
N GLU XB 84 -151.52 -71.02 61.63
CA GLU XB 84 -152.89 -71.50 61.84
C GLU XB 84 -153.55 -70.85 63.05
N ILE XB 85 -152.80 -70.68 64.14
CA ILE XB 85 -153.35 -70.07 65.35
C ILE XB 85 -153.60 -68.57 65.20
N MET XB 86 -152.80 -67.86 64.39
CA MET XB 86 -152.94 -66.41 64.30
C MET XB 86 -154.26 -65.94 63.70
N ASN XB 87 -154.94 -66.76 62.91
CA ASN XB 87 -156.20 -66.37 62.29
C ASN XB 87 -157.41 -67.11 62.86
N ASP XB 88 -157.23 -67.84 63.96
CA ASP XB 88 -158.29 -68.69 64.49
C ASP XB 88 -159.17 -67.92 65.46
N PRO XB 89 -160.47 -67.73 65.16
CA PRO XB 89 -161.35 -67.03 66.10
C PRO XB 89 -161.78 -67.90 67.27
N ASN XB 90 -161.60 -69.22 67.18
CA ASN XB 90 -162.06 -70.14 68.20
C ASN XB 90 -161.02 -70.39 69.28
N GLU XB 91 -159.87 -69.73 69.19
CA GLU XB 91 -158.80 -69.84 70.17
C GLU XB 91 -158.88 -68.67 71.14
N LYS XB 92 -158.28 -68.85 72.32
CA LYS XB 92 -158.34 -67.81 73.33
C LYS XB 92 -157.68 -66.55 72.79
N GLY XB 93 -158.25 -65.39 73.17
CA GLY XB 93 -157.79 -64.14 72.60
C GLY XB 93 -156.35 -63.80 72.96
N GLY XB 94 -155.95 -64.14 74.17
CA GLY XB 94 -154.59 -63.83 74.59
C GLY XB 94 -153.54 -64.55 73.77
N ILE XB 95 -153.80 -65.81 73.42
CA ILE XB 95 -152.82 -66.60 72.68
C ILE XB 95 -152.61 -66.08 71.26
N ARG XB 96 -153.70 -65.71 70.59
CA ARG XB 96 -153.57 -65.18 69.23
C ARG XB 96 -152.76 -63.88 69.21
N LEU XB 97 -152.90 -63.05 70.25
CA LEU XB 97 -152.11 -61.83 70.33
C LEU XB 97 -150.62 -62.12 70.41
N LYS XB 98 -150.23 -63.09 71.25
CA LYS XB 98 -148.80 -63.40 71.38
C LYS XB 98 -148.24 -63.98 70.09
N ALA XB 99 -149.05 -64.74 69.35
CA ALA XB 99 -148.59 -65.22 68.05
C ALA XB 99 -148.29 -64.05 67.14
N ALA XB 100 -149.17 -63.05 67.12
CA ALA XB 100 -148.88 -61.81 66.40
C ALA XB 100 -147.69 -61.09 67.03
N GLN XB 101 -147.63 -61.08 68.35
CA GLN XB 101 -146.50 -60.49 69.06
C GLN XB 101 -145.20 -61.19 68.69
N ASP XB 102 -145.22 -62.52 68.69
CA ASP XB 102 -144.02 -63.31 68.39
C ASP XB 102 -143.60 -63.16 66.94
N ILE XB 103 -144.55 -63.23 66.00
CA ILE XB 103 -144.24 -63.30 64.57
C ILE XB 103 -143.59 -62.01 64.06
N LEU XB 104 -143.98 -60.86 64.58
CA LEU XB 104 -143.41 -59.59 64.11
C LEU XB 104 -141.93 -59.45 64.45
N ASP XB 105 -141.50 -59.97 65.59
CA ASP XB 105 -140.11 -59.85 66.02
C ASP XB 105 -139.10 -60.48 65.06
N ARG XB 106 -139.51 -61.43 64.22
CA ARG XB 106 -138.60 -61.95 63.19
C ARG XB 106 -138.66 -61.22 61.85
N ALA XB 107 -139.80 -60.65 61.47
CA ALA XB 107 -139.90 -59.95 60.19
C ALA XB 107 -138.95 -58.76 60.13
N GLY XB 108 -138.60 -58.20 61.27
CA GLY XB 108 -137.65 -57.11 61.34
C GLY XB 108 -138.14 -55.85 62.04
N PHE XB 109 -139.11 -56.01 62.94
CA PHE XB 109 -139.59 -54.91 63.77
C PHE XB 109 -139.46 -55.31 65.23
N GLY XB 110 -138.53 -54.67 65.94
CA GLY XB 110 -138.17 -55.04 67.29
C GLY XB 110 -138.43 -53.96 68.32
N ALA XB 111 -137.76 -54.06 69.47
CA ALA XB 111 -137.93 -53.06 70.52
C ALA XB 111 -137.00 -51.88 70.26
N LYS XB 112 -137.02 -50.90 71.16
CA LYS XB 112 -136.38 -49.62 70.91
C LYS XB 112 -135.43 -49.26 72.05
N GLN XB 113 -135.07 -47.98 72.13
CA GLN XB 113 -133.89 -47.49 72.81
C GLN XB 113 -133.95 -47.71 74.32
N LYS XB 114 -132.76 -47.77 74.91
CA LYS XB 114 -132.51 -47.87 76.34
C LYS XB 114 -131.28 -47.03 76.66
N ILE XB 115 -131.34 -46.26 77.73
CA ILE XB 115 -130.28 -45.32 78.07
C ILE XB 115 -129.47 -45.92 79.22
N GLU XB 116 -128.14 -45.77 79.14
CA GLU XB 116 -127.23 -46.32 80.13
C GLU XB 116 -126.30 -45.24 80.67
N LEU XB 117 -126.10 -45.25 81.98
CA LEU XB 117 -125.19 -44.35 82.66
C LEU XB 117 -124.13 -45.18 83.39
N THR XB 118 -122.86 -44.83 83.21
CA THR XB 118 -121.76 -45.55 83.83
C THR XB 118 -121.12 -44.65 84.87
N THR XB 119 -120.82 -45.21 86.04
CA THR XB 119 -120.25 -44.46 87.15
C THR XB 119 -119.05 -45.19 87.71
N LYS XB 120 -117.94 -44.46 87.88
CA LYS XB 120 -116.76 -45.02 88.51
C LYS XB 120 -116.95 -45.12 90.02
N LEU YB 15 -136.72 -73.36 31.31
CA LEU YB 15 -137.08 -72.02 31.77
C LEU YB 15 -135.86 -71.25 32.27
N THR YB 16 -135.99 -70.63 33.44
CA THR YB 16 -134.93 -69.82 34.02
C THR YB 16 -134.51 -70.40 35.37
N PRO YB 17 -133.25 -70.20 35.78
CA PRO YB 17 -132.79 -70.85 37.02
C PRO YB 17 -133.37 -70.23 38.29
N LYS YB 18 -133.42 -68.91 38.38
CA LYS YB 18 -133.84 -68.28 39.63
C LYS YB 18 -135.34 -68.41 39.88
N GLU YB 19 -136.14 -68.62 38.83
CA GLU YB 19 -137.57 -68.82 39.04
C GLU YB 19 -137.88 -70.25 39.47
N LYS YB 20 -137.10 -71.23 38.99
CA LYS YB 20 -137.30 -72.60 39.42
C LYS YB 20 -136.95 -72.77 40.89
N LEU YB 21 -135.91 -72.08 41.36
CA LEU YB 21 -135.54 -72.15 42.77
C LEU YB 21 -136.59 -71.48 43.66
N ASP YB 22 -137.19 -70.39 43.20
CA ASP YB 22 -138.25 -69.76 44.00
C ASP YB 22 -139.44 -70.70 44.16
N LEU YB 23 -139.85 -71.35 43.07
CA LEU YB 23 -140.90 -72.36 43.17
C LEU YB 23 -140.44 -73.53 44.04
N TYR YB 24 -139.15 -73.88 43.96
CA TYR YB 24 -138.60 -74.91 44.82
C TYR YB 24 -138.78 -74.55 46.28
N CYS YB 25 -138.50 -73.29 46.63
CA CYS YB 25 -138.77 -72.82 47.99
C CYS YB 25 -140.27 -72.75 48.27
N GLU YB 26 -141.06 -72.29 47.29
CA GLU YB 26 -142.51 -72.16 47.51
C GLU YB 26 -143.15 -73.50 47.79
N ALA YB 27 -142.75 -74.54 47.04
CA ALA YB 27 -143.25 -75.87 47.30
C ALA YB 27 -142.76 -76.38 48.66
N LEU YB 28 -141.51 -76.05 49.00
CA LEU YB 28 -140.95 -76.42 50.30
C LEU YB 28 -141.73 -75.78 51.44
N CYS YB 29 -142.19 -74.54 51.25
CA CYS YB 29 -142.95 -73.84 52.27
C CYS YB 29 -144.34 -74.44 52.47
N ASP YB 30 -144.94 -75.02 51.44
CA ASP YB 30 -146.34 -75.41 51.54
C ASP YB 30 -146.56 -76.86 51.97
N GLY YB 31 -145.83 -77.82 51.42
CA GLY YB 31 -146.12 -79.19 51.81
C GLY YB 31 -145.06 -79.80 52.71
N PHE YB 32 -144.30 -78.94 53.39
CA PHE YB 32 -143.28 -79.31 54.38
C PHE YB 32 -142.58 -80.61 54.02
N ASN YB 33 -142.20 -80.77 52.76
CA ASN YB 33 -141.50 -81.96 52.32
C ASN YB 33 -140.68 -81.62 51.08
N LYS YB 34 -139.41 -82.00 51.08
CA LYS YB 34 -138.58 -81.78 49.90
C LYS YB 34 -138.90 -82.79 48.79
N THR YB 35 -139.18 -84.04 49.18
CA THR YB 35 -139.37 -85.10 48.20
C THR YB 35 -140.60 -84.85 47.34
N GLN YB 36 -141.72 -84.45 47.95
CA GLN YB 36 -142.91 -84.13 47.16
C GLN YB 36 -142.64 -82.93 46.26
N ALA YB 37 -141.98 -81.91 46.80
CA ALA YB 37 -141.61 -80.72 46.03
C ALA YB 37 -140.61 -81.03 44.94
N TYR YB 38 -139.64 -81.90 45.21
CA TYR YB 38 -138.52 -82.13 44.30
C TYR YB 38 -138.97 -82.73 42.96
N ILE YB 39 -139.89 -83.69 42.98
CA ILE YB 39 -140.31 -84.33 41.74
C ILE YB 39 -141.11 -83.40 40.84
N LYS YB 40 -141.85 -82.45 41.40
CA LYS YB 40 -142.63 -81.54 40.57
C LYS YB 40 -141.78 -80.48 39.88
N ALA YB 41 -140.55 -80.26 40.34
CA ALA YB 41 -139.68 -79.29 39.67
C ALA YB 41 -139.28 -79.76 38.28
N GLY YB 42 -139.06 -81.07 38.11
CA GLY YB 42 -138.68 -81.62 36.82
C GLY YB 42 -137.46 -82.49 36.87
N PHE YB 43 -137.18 -83.06 38.05
CA PHE YB 43 -135.97 -83.83 38.28
C PHE YB 43 -136.32 -85.30 38.54
N SER YB 44 -135.30 -86.11 38.81
CA SER YB 44 -135.49 -87.54 38.95
C SER YB 44 -136.18 -87.86 40.27
N ALA YB 45 -137.23 -88.70 40.19
CA ALA YB 45 -138.00 -89.02 41.40
C ALA YB 45 -137.26 -89.94 42.35
N PRO YB 46 -136.92 -91.18 41.97
CA PRO YB 46 -136.37 -92.14 42.95
C PRO YB 46 -135.04 -91.75 43.57
N HIS YB 47 -134.01 -91.54 42.75
CA HIS YB 47 -132.67 -91.21 43.25
C HIS YB 47 -132.63 -89.74 43.65
N ALA YB 48 -133.38 -89.45 44.72
CA ALA YB 48 -133.53 -88.12 45.28
C ALA YB 48 -132.79 -87.95 46.61
N GLN YB 49 -131.98 -88.94 47.01
CA GLN YB 49 -131.33 -88.90 48.30
C GLN YB 49 -129.87 -88.45 48.28
N ARG YB 50 -129.17 -88.56 47.15
CA ARG YB 50 -127.74 -88.27 47.13
C ARG YB 50 -127.41 -86.87 46.61
N ASN YB 51 -127.83 -86.54 45.39
CA ASN YB 51 -127.47 -85.27 44.78
C ASN YB 51 -128.18 -84.08 45.41
N VAL YB 52 -129.28 -84.30 46.14
CA VAL YB 52 -130.03 -83.16 46.65
C VAL YB 52 -129.33 -82.50 47.83
N ALA YB 53 -128.66 -83.28 48.68
CA ALA YB 53 -127.92 -82.68 49.80
C ALA YB 53 -126.87 -81.69 49.33
N PRO YB 54 -126.03 -82.00 48.34
CA PRO YB 54 -125.12 -80.95 47.83
C PRO YB 54 -125.88 -79.76 47.29
N TYR YB 55 -127.01 -80.01 46.63
CA TYR YB 55 -127.86 -78.93 46.15
C TYR YB 55 -128.47 -78.17 47.32
N HIS YB 56 -128.82 -78.90 48.38
CA HIS YB 56 -129.40 -78.30 49.59
C HIS YB 56 -128.37 -77.57 50.44
N ARG YB 57 -127.16 -78.11 50.56
CA ARG YB 57 -126.17 -77.50 51.45
C ARG YB 57 -125.52 -76.25 50.86
N LYS YB 58 -125.38 -76.18 49.54
CA LYS YB 58 -124.71 -75.05 48.92
C LYS YB 58 -125.63 -73.87 48.59
N ASN YB 59 -126.94 -74.04 48.67
CA ASN YB 59 -127.86 -72.96 48.31
C ASN YB 59 -128.90 -72.72 49.40
N ALA YB 60 -128.52 -72.92 50.66
CA ALA YB 60 -129.44 -72.68 51.77
C ALA YB 60 -129.76 -71.20 51.94
N GLU YB 61 -128.79 -70.32 51.65
CA GLU YB 61 -128.93 -68.90 51.95
C GLU YB 61 -130.11 -68.26 51.22
N TYR YB 62 -130.28 -68.55 49.93
CA TYR YB 62 -131.41 -67.93 49.23
C TYR YB 62 -132.75 -68.45 49.73
N ILE YB 63 -132.80 -69.73 50.10
CA ILE YB 63 -134.02 -70.27 50.71
C ILE YB 63 -134.29 -69.55 52.02
N GLN YB 64 -133.25 -69.29 52.80
CA GLN YB 64 -133.40 -68.52 54.02
C GLN YB 64 -133.90 -67.11 53.72
N ALA YB 65 -133.40 -66.50 52.65
CA ALA YB 65 -133.87 -65.18 52.26
C ALA YB 65 -135.34 -65.21 51.86
N TYR YB 66 -135.76 -66.28 51.16
CA TYR YB 66 -137.15 -66.37 50.71
C TYR YB 66 -138.13 -66.50 51.86
N ILE YB 67 -137.81 -67.32 52.87
CA ILE YB 67 -138.72 -67.51 54.00
C ILE YB 67 -138.85 -66.24 54.83
N SER YB 68 -137.76 -65.52 55.04
CA SER YB 68 -137.83 -64.31 55.86
C SER YB 68 -138.72 -63.24 55.23
N GLU YB 69 -138.60 -63.05 53.91
CA GLU YB 69 -139.48 -62.09 53.24
C GLU YB 69 -140.92 -62.58 53.27
N ARG YB 70 -141.11 -63.90 53.16
CA ARG YB 70 -142.44 -64.47 53.24
C ARG YB 70 -143.06 -64.22 54.62
N ILE YB 71 -142.24 -64.36 55.67
CA ILE YB 71 -142.72 -64.04 57.01
C ILE YB 71 -143.04 -62.55 57.10
N GLY YB 72 -142.23 -61.72 56.45
CA GLY YB 72 -142.51 -60.29 56.42
C GLY YB 72 -143.75 -59.94 55.61
N SER YB 73 -144.11 -60.79 54.64
CA SER YB 73 -145.29 -60.57 53.82
C SER YB 73 -146.58 -60.80 54.60
N ASP YB 74 -146.49 -61.38 55.79
CA ASP YB 74 -147.63 -61.59 56.68
C ASP YB 74 -147.87 -60.40 57.60
N ALA YB 75 -147.09 -59.33 57.45
CA ALA YB 75 -147.26 -58.14 58.29
C ALA YB 75 -148.68 -57.58 58.32
N PRO YB 76 -149.43 -57.49 57.21
CA PRO YB 76 -150.81 -56.99 57.35
C PRO YB 76 -151.67 -57.83 58.27
N ALA YB 77 -151.48 -59.15 58.29
CA ALA YB 77 -152.20 -59.98 59.23
C ALA YB 77 -151.80 -59.66 60.66
N ALA YB 78 -150.50 -59.49 60.92
CA ALA YB 78 -150.05 -59.11 62.25
C ALA YB 78 -150.49 -57.71 62.61
N ARG YB 79 -150.45 -56.79 61.63
CA ARG YB 79 -150.97 -55.45 61.87
C ARG YB 79 -152.47 -55.48 62.16
N LYS YB 80 -153.22 -56.26 61.38
CA LYS YB 80 -154.66 -56.38 61.62
C LYS YB 80 -154.97 -57.03 62.96
N VAL YB 81 -154.25 -58.10 63.31
CA VAL YB 81 -154.54 -58.81 64.55
C VAL YB 81 -154.21 -57.94 65.76
N VAL YB 82 -153.05 -57.30 65.76
CA VAL YB 82 -152.67 -56.49 66.91
C VAL YB 82 -153.60 -55.27 67.01
N LEU YB 83 -153.98 -54.69 65.87
CA LEU YB 83 -154.93 -53.59 65.89
C LEU YB 83 -156.33 -54.06 66.32
N GLU YB 84 -156.76 -55.23 65.82
CA GLU YB 84 -158.11 -55.70 66.13
C GLU YB 84 -158.26 -56.10 67.59
N ILE YB 85 -157.22 -56.69 68.20
CA ILE YB 85 -157.33 -57.06 69.60
C ILE YB 85 -157.38 -55.83 70.49
N MET YB 86 -156.71 -54.74 70.08
CA MET YB 86 -156.81 -53.49 70.83
C MET YB 86 -158.22 -52.92 70.77
N ASN YB 87 -159.00 -53.30 69.77
CA ASN YB 87 -160.37 -52.82 69.63
C ASN YB 87 -161.40 -53.90 69.97
N ASP YB 88 -160.97 -55.06 70.47
CA ASP YB 88 -161.91 -56.13 70.83
C ASP YB 88 -162.31 -55.96 72.29
N PRO YB 89 -163.58 -55.66 72.60
CA PRO YB 89 -163.96 -55.40 74.00
C PRO YB 89 -164.04 -56.62 74.90
N ASN YB 90 -164.10 -57.83 74.35
CA ASN YB 90 -164.37 -59.03 75.13
C ASN YB 90 -163.11 -59.70 75.66
N GLU YB 91 -161.94 -59.10 75.51
CA GLU YB 91 -160.71 -59.74 75.96
C GLU YB 91 -160.34 -59.28 77.36
N LYS YB 92 -159.61 -60.15 78.07
CA LYS YB 92 -159.17 -59.88 79.43
C LYS YB 92 -158.24 -58.69 79.48
N GLY YB 93 -158.32 -57.93 80.57
CA GLY YB 93 -157.60 -56.67 80.65
C GLY YB 93 -156.09 -56.83 80.57
N GLY YB 94 -155.56 -57.90 81.17
CA GLY YB 94 -154.11 -58.10 81.17
C GLY YB 94 -153.54 -58.27 79.77
N ILE YB 95 -154.26 -58.98 78.90
CA ILE YB 95 -153.78 -59.22 77.54
C ILE YB 95 -153.78 -57.93 76.73
N ARG YB 96 -154.82 -57.11 76.88
CA ARG YB 96 -154.94 -55.87 76.11
C ARG YB 96 -153.77 -54.92 76.36
N LEU YB 97 -153.32 -54.81 77.61
CA LEU YB 97 -152.22 -53.91 77.93
C LEU YB 97 -150.94 -54.30 77.20
N LYS YB 98 -150.65 -55.60 77.12
CA LYS YB 98 -149.43 -56.06 76.44
C LYS YB 98 -149.44 -55.67 74.98
N ALA YB 99 -150.61 -55.66 74.34
CA ALA YB 99 -150.71 -55.18 72.97
C ALA YB 99 -150.30 -53.73 72.87
N ALA YB 100 -150.72 -52.90 73.85
CA ALA YB 100 -150.32 -51.50 73.87
C ALA YB 100 -148.80 -51.36 74.00
N GLN YB 101 -148.17 -52.21 74.82
CA GLN YB 101 -146.71 -52.20 74.91
C GLN YB 101 -146.07 -52.51 73.57
N ASP YB 102 -146.61 -53.51 72.86
CA ASP YB 102 -146.00 -53.93 71.60
C ASP YB 102 -146.08 -52.84 70.54
N ILE YB 103 -147.26 -52.27 70.32
CA ILE YB 103 -147.41 -51.29 69.23
C ILE YB 103 -146.68 -49.99 69.54
N LEU YB 104 -146.68 -49.56 70.80
CA LEU YB 104 -145.98 -48.33 71.16
C LEU YB 104 -144.48 -48.48 71.01
N ASP YB 105 -143.94 -49.66 71.33
CA ASP YB 105 -142.51 -49.88 71.17
C ASP YB 105 -142.07 -49.76 69.71
N ARG YB 106 -142.93 -50.17 68.76
CA ARG YB 106 -142.63 -49.98 67.35
C ARG YB 106 -142.71 -48.51 66.94
N ALA YB 107 -143.53 -47.72 67.63
CA ALA YB 107 -143.67 -46.30 67.29
C ALA YB 107 -142.34 -45.56 67.43
N GLY YB 108 -141.45 -46.04 68.29
CA GLY YB 108 -140.15 -45.43 68.46
C GLY YB 108 -139.93 -45.00 69.90
N PHE YB 109 -140.60 -45.69 70.82
CA PHE YB 109 -140.51 -45.42 72.25
C PHE YB 109 -140.03 -46.68 72.95
N GLY YB 110 -138.85 -46.61 73.56
CA GLY YB 110 -138.21 -47.76 74.15
C GLY YB 110 -138.13 -47.68 75.65
N ALA YB 111 -137.24 -48.49 76.22
CA ALA YB 111 -137.08 -48.55 77.66
C ALA YB 111 -136.12 -47.45 78.16
N LYS YB 112 -135.89 -47.44 79.46
CA LYS YB 112 -135.23 -46.33 80.13
C LYS YB 112 -134.02 -46.81 80.94
N GLN YB 113 -133.56 -45.96 81.85
CA GLN YB 113 -132.20 -46.02 82.37
C GLN YB 113 -131.93 -47.27 83.20
N LYS YB 114 -130.65 -47.65 83.19
CA LYS YB 114 -130.08 -48.61 84.12
C LYS YB 114 -128.65 -48.13 84.34
N ILE YB 115 -128.26 -47.95 85.60
CA ILE YB 115 -126.99 -47.33 85.93
C ILE YB 115 -126.03 -48.39 86.45
N GLU YB 116 -124.74 -48.18 86.17
CA GLU YB 116 -123.69 -49.12 86.53
C GLU YB 116 -122.68 -48.47 87.45
N LEU YB 117 -122.29 -49.21 88.49
CA LEU YB 117 -121.22 -48.82 89.40
C LEU YB 117 -120.15 -49.89 89.31
N THR YB 118 -118.93 -49.48 89.00
CA THR YB 118 -117.82 -50.40 88.81
C THR YB 118 -116.73 -50.12 89.82
N THR YB 119 -116.09 -51.18 90.31
CA THR YB 119 -115.03 -51.07 91.30
C THR YB 119 -113.83 -51.88 90.85
N LYS YB 120 -112.65 -51.46 91.29
CA LYS YB 120 -111.41 -52.12 90.94
C LYS YB 120 -111.31 -53.48 91.62
N PRO ZB 17 -142.08 -44.95 40.54
CA PRO ZB 17 -143.36 -44.39 40.94
C PRO ZB 17 -143.49 -44.38 42.46
N LYS ZB 18 -144.31 -43.47 42.98
CA LYS ZB 18 -144.49 -43.34 44.42
C LYS ZB 18 -145.94 -43.32 44.85
N GLU ZB 19 -146.87 -42.93 43.97
CA GLU ZB 19 -148.28 -42.97 44.35
C GLU ZB 19 -148.89 -44.35 44.16
N LYS ZB 20 -148.46 -45.08 43.13
CA LYS ZB 20 -148.96 -46.44 42.92
C LYS ZB 20 -148.48 -47.37 44.03
N LEU ZB 21 -147.26 -47.17 44.51
CA LEU ZB 21 -146.77 -47.98 45.62
C LEU ZB 21 -147.56 -47.69 46.89
N ASP ZB 22 -148.00 -46.44 47.07
CA ASP ZB 22 -148.83 -46.13 48.23
C ASP ZB 22 -150.13 -46.91 48.20
N LEU ZB 23 -150.75 -47.00 47.03
CA LEU ZB 23 -151.95 -47.83 46.88
C LEU ZB 23 -151.64 -49.31 47.02
N TYR ZB 24 -150.51 -49.77 46.45
CA TYR ZB 24 -150.16 -51.19 46.53
C TYR ZB 24 -149.91 -51.64 47.96
N CYS ZB 25 -149.20 -50.84 48.75
CA CYS ZB 25 -148.95 -51.21 50.14
C CYS ZB 25 -150.24 -51.28 50.94
N GLU ZB 26 -151.10 -50.27 50.78
CA GLU ZB 26 -152.35 -50.23 51.52
C GLU ZB 26 -153.31 -51.33 51.07
N ALA ZB 27 -153.38 -51.59 49.76
CA ALA ZB 27 -154.26 -52.66 49.27
C ALA ZB 27 -153.80 -54.02 49.79
N LEU ZB 28 -152.49 -54.25 49.81
CA LEU ZB 28 -151.96 -55.46 50.42
C LEU ZB 28 -152.23 -55.49 51.92
N CYS ZB 29 -152.20 -54.32 52.57
CA CYS ZB 29 -152.45 -54.21 53.99
C CYS ZB 29 -153.91 -54.45 54.38
N ASP ZB 30 -154.86 -54.15 53.49
CA ASP ZB 30 -156.26 -54.14 53.95
C ASP ZB 30 -157.01 -55.45 53.74
N GLY ZB 31 -156.87 -56.12 52.60
CA GLY ZB 31 -157.68 -57.32 52.43
C GLY ZB 31 -156.91 -58.61 52.60
N PHE ZB 32 -155.77 -58.52 53.28
CA PHE ZB 32 -154.92 -59.66 53.65
C PHE ZB 32 -154.81 -60.73 52.57
N ASN ZB 33 -154.70 -60.32 51.31
CA ASN ZB 33 -154.44 -61.26 50.22
C ASN ZB 33 -153.79 -60.48 49.08
N LYS ZB 34 -152.71 -61.05 48.54
CA LYS ZB 34 -151.91 -60.36 47.53
C LYS ZB 34 -152.54 -60.34 46.15
N THR ZB 35 -153.20 -61.41 45.73
CA THR ZB 35 -153.32 -61.69 44.29
C THR ZB 35 -154.18 -60.67 43.56
N GLN ZB 36 -155.39 -60.38 44.06
CA GLN ZB 36 -156.24 -59.42 43.38
C GLN ZB 36 -155.75 -57.98 43.52
N ALA ZB 37 -155.12 -57.65 44.65
CA ALA ZB 37 -154.71 -56.27 44.91
C ALA ZB 37 -153.78 -55.74 43.81
N TYR ZB 38 -152.86 -56.57 43.32
CA TYR ZB 38 -151.95 -56.11 42.29
C TYR ZB 38 -152.68 -55.82 40.98
N ILE ZB 39 -153.64 -56.68 40.61
CA ILE ZB 39 -154.38 -56.49 39.37
C ILE ZB 39 -155.30 -55.27 39.43
N LYS ZB 40 -155.75 -54.89 40.63
CA LYS ZB 40 -156.59 -53.71 40.78
C LYS ZB 40 -155.84 -52.41 40.60
N ALA ZB 41 -154.49 -52.45 40.63
CA ALA ZB 41 -153.70 -51.24 40.46
C ALA ZB 41 -153.82 -50.65 39.07
N GLY ZB 42 -153.94 -51.48 38.04
CA GLY ZB 42 -154.08 -50.94 36.70
C GLY ZB 42 -153.14 -51.50 35.65
N PHE ZB 43 -152.67 -52.74 35.84
CA PHE ZB 43 -151.69 -53.38 34.98
C PHE ZB 43 -152.39 -54.50 34.21
N SER ZB 44 -151.61 -55.26 33.44
CA SER ZB 44 -152.21 -56.29 32.62
C SER ZB 44 -152.75 -57.39 33.52
N ALA ZB 45 -154.01 -57.77 33.30
CA ALA ZB 45 -154.68 -58.72 34.18
C ALA ZB 45 -154.16 -60.15 34.04
N PRO ZB 46 -153.95 -60.63 32.82
CA PRO ZB 46 -153.60 -62.05 32.66
C PRO ZB 46 -152.26 -62.44 33.26
N HIS ZB 47 -151.19 -61.76 32.87
CA HIS ZB 47 -149.84 -62.11 33.34
C HIS ZB 47 -149.44 -61.22 34.52
N ALA ZB 48 -150.11 -61.44 35.64
CA ALA ZB 48 -149.87 -60.71 36.87
C ALA ZB 48 -149.16 -61.55 37.93
N GLN ZB 49 -148.79 -62.79 37.61
CA GLN ZB 49 -148.18 -63.71 38.56
C GLN ZB 49 -146.67 -63.86 38.43
N ARG ZB 50 -146.08 -63.55 37.27
CA ARG ZB 50 -144.66 -63.81 37.07
C ARG ZB 50 -143.77 -62.60 37.34
N ASN ZB 51 -144.35 -61.42 37.49
CA ASN ZB 51 -143.59 -60.20 37.70
C ASN ZB 51 -143.88 -59.53 39.03
N VAL ZB 52 -144.97 -59.91 39.71
CA VAL ZB 52 -145.36 -59.21 40.93
C VAL ZB 52 -144.38 -59.55 42.07
N ALA ZB 53 -143.87 -60.77 42.11
CA ALA ZB 53 -142.84 -61.10 43.09
C ALA ZB 53 -141.60 -60.24 42.89
N PRO ZB 54 -141.07 -60.08 41.67
CA PRO ZB 54 -139.94 -59.15 41.49
C PRO ZB 54 -140.29 -57.71 41.87
N TYR ZB 55 -141.50 -57.27 41.56
CA TYR ZB 55 -141.93 -55.93 41.92
C TYR ZB 55 -142.01 -55.77 43.44
N HIS ZB 56 -142.36 -56.85 44.14
CA HIS ZB 56 -142.47 -56.78 45.60
C HIS ZB 56 -141.12 -56.62 46.27
N ARG ZB 57 -140.07 -57.27 45.76
CA ARG ZB 57 -138.75 -57.19 46.37
C ARG ZB 57 -137.98 -55.91 46.07
N LYS ZB 58 -138.29 -55.19 44.98
CA LYS ZB 58 -137.51 -54.00 44.65
C LYS ZB 58 -137.93 -52.75 45.39
N ASN ZB 59 -139.04 -52.75 46.14
CA ASN ZB 59 -139.45 -51.52 46.82
C ASN ZB 59 -139.66 -51.77 48.31
N ALA ZB 60 -138.86 -52.64 48.91
CA ALA ZB 60 -139.04 -52.98 50.32
C ALA ZB 60 -138.83 -51.78 51.23
N GLU ZB 61 -137.87 -50.91 50.90
CA GLU ZB 61 -137.56 -49.78 51.77
C GLU ZB 61 -138.77 -48.87 51.93
N TYR ZB 62 -139.43 -48.52 50.82
CA TYR ZB 62 -140.62 -47.69 50.92
C TYR ZB 62 -141.81 -48.49 51.45
N ILE ZB 63 -141.92 -49.77 51.05
CA ILE ZB 63 -142.99 -50.62 51.57
C ILE ZB 63 -142.85 -50.82 53.07
N GLN ZB 64 -141.62 -51.07 53.55
CA GLN ZB 64 -141.39 -51.20 54.98
C GLN ZB 64 -141.71 -49.89 55.70
N ALA ZB 65 -141.36 -48.76 55.08
CA ALA ZB 65 -141.66 -47.47 55.68
C ALA ZB 65 -143.17 -47.26 55.82
N TYR ZB 66 -143.95 -47.70 54.83
CA TYR ZB 66 -145.39 -47.51 54.88
C TYR ZB 66 -146.03 -48.25 56.05
N ILE ZB 67 -145.62 -49.49 56.29
CA ILE ZB 67 -146.18 -50.23 57.43
C ILE ZB 67 -145.71 -49.60 58.74
N SER ZB 68 -144.48 -49.11 58.79
CA SER ZB 68 -143.99 -48.46 60.01
C SER ZB 68 -144.80 -47.22 60.36
N GLU ZB 69 -145.12 -46.39 59.36
CA GLU ZB 69 -145.97 -45.24 59.63
C GLU ZB 69 -147.39 -45.69 59.97
N ARG ZB 70 -147.88 -46.72 59.29
CA ARG ZB 70 -149.22 -47.23 59.55
C ARG ZB 70 -149.33 -47.83 60.95
N ILE ZB 71 -148.34 -48.63 61.36
CA ILE ZB 71 -148.37 -49.20 62.71
C ILE ZB 71 -148.25 -48.10 63.75
N GLY ZB 72 -147.48 -47.05 63.46
CA GLY ZB 72 -147.35 -45.93 64.36
C GLY ZB 72 -148.62 -45.13 64.53
N SER ZB 73 -149.52 -45.20 63.54
CA SER ZB 73 -150.78 -44.47 63.63
C SER ZB 73 -151.71 -45.06 64.68
N ASP ZB 74 -151.42 -46.25 65.19
CA ASP ZB 74 -152.19 -46.80 66.29
C ASP ZB 74 -151.64 -46.40 67.65
N ALA ZB 75 -150.53 -45.66 67.68
CA ALA ZB 75 -150.06 -45.11 68.94
C ALA ZB 75 -151.11 -44.22 69.58
N PRO ZB 76 -151.79 -43.32 68.86
CA PRO ZB 76 -152.91 -42.59 69.50
C PRO ZB 76 -153.99 -43.55 69.97
N ALA ZB 77 -154.23 -44.63 69.23
CA ALA ZB 77 -155.11 -45.68 69.71
C ALA ZB 77 -154.53 -46.33 70.95
N ALA ZB 78 -153.21 -46.56 70.96
CA ALA ZB 78 -152.56 -47.10 72.14
C ALA ZB 78 -152.63 -46.10 73.29
N ARG ZB 79 -152.55 -44.80 72.96
CA ARG ZB 79 -152.79 -43.78 73.98
C ARG ZB 79 -154.21 -43.90 74.51
N LYS ZB 80 -155.17 -44.14 73.62
CA LYS ZB 80 -156.55 -44.39 74.04
C LYS ZB 80 -156.66 -45.66 74.86
N VAL ZB 81 -155.90 -46.70 74.49
CA VAL ZB 81 -156.01 -48.00 75.15
C VAL ZB 81 -155.67 -47.89 76.63
N VAL ZB 82 -154.58 -47.20 76.97
CA VAL ZB 82 -154.18 -47.09 78.36
C VAL ZB 82 -155.21 -46.26 79.14
N LEU ZB 83 -155.80 -45.25 78.50
CA LEU ZB 83 -156.82 -44.45 79.16
C LEU ZB 83 -158.06 -45.28 79.50
N GLU ZB 84 -158.47 -46.16 78.60
CA GLU ZB 84 -159.67 -46.97 78.84
C GLU ZB 84 -159.48 -47.92 80.01
N ILE ZB 85 -158.28 -48.49 80.14
CA ILE ZB 85 -157.98 -49.36 81.29
C ILE ZB 85 -157.91 -48.53 82.57
N MET ZB 86 -157.42 -47.30 82.46
CA MET ZB 86 -157.33 -46.40 83.61
C MET ZB 86 -158.67 -45.93 84.15
N ASN ZB 87 -159.74 -45.95 83.36
CA ASN ZB 87 -161.02 -45.39 83.81
C ASN ZB 87 -162.07 -46.43 84.20
N ASP ZB 88 -161.76 -47.72 84.18
CA ASP ZB 88 -162.74 -48.72 84.59
C ASP ZB 88 -162.50 -49.14 86.03
N PRO ZB 89 -163.41 -48.82 86.97
CA PRO ZB 89 -163.17 -49.22 88.36
C PRO ZB 89 -163.45 -50.69 88.64
N ASN ZB 90 -164.15 -51.38 87.76
CA ASN ZB 90 -164.59 -52.75 87.98
C ASN ZB 90 -163.59 -53.76 87.45
N GLU ZB 91 -162.43 -53.33 86.98
CA GLU ZB 91 -161.45 -54.23 86.42
C GLU ZB 91 -160.45 -54.65 87.51
N LYS ZB 92 -159.81 -55.80 87.30
CA LYS ZB 92 -158.94 -56.37 88.32
C LYS ZB 92 -157.77 -55.45 88.66
N GLY ZB 93 -157.41 -55.43 89.95
CA GLY ZB 93 -156.41 -54.50 90.43
C GLY ZB 93 -155.02 -54.74 89.87
N GLY ZB 94 -154.66 -56.03 89.68
CA GLY ZB 94 -153.31 -56.34 89.21
C GLY ZB 94 -152.98 -55.76 87.85
N ILE ZB 95 -153.96 -55.77 86.94
CA ILE ZB 95 -153.73 -55.25 85.61
C ILE ZB 95 -153.53 -53.73 85.64
N ARG ZB 96 -154.31 -53.02 86.47
CA ARG ZB 96 -154.11 -51.58 86.60
C ARG ZB 96 -152.70 -51.27 87.07
N LEU ZB 97 -152.16 -52.12 87.96
CA LEU ZB 97 -150.79 -51.94 88.40
C LEU ZB 97 -149.83 -52.05 87.23
N LYS ZB 98 -150.05 -53.01 86.33
CA LYS ZB 98 -149.23 -53.10 85.13
C LYS ZB 98 -149.45 -51.89 84.24
N ALA ZB 99 -150.69 -51.39 84.16
CA ALA ZB 99 -150.99 -50.19 83.40
C ALA ZB 99 -150.26 -48.98 83.98
N ALA ZB 100 -150.28 -48.84 85.30
CA ALA ZB 100 -149.55 -47.75 85.94
C ALA ZB 100 -148.06 -47.86 85.69
N GLN ZB 101 -147.53 -49.09 85.78
CA GLN ZB 101 -146.11 -49.32 85.48
C GLN ZB 101 -145.79 -48.97 84.03
N ASP ZB 102 -146.68 -49.33 83.11
CA ASP ZB 102 -146.42 -49.14 81.69
C ASP ZB 102 -146.25 -47.67 81.33
N ILE ZB 103 -147.18 -46.81 81.75
CA ILE ZB 103 -147.14 -45.41 81.35
C ILE ZB 103 -145.96 -44.70 81.99
N LEU ZB 104 -145.63 -45.06 83.24
CA LEU ZB 104 -144.47 -44.43 83.88
C LEU ZB 104 -143.18 -44.81 83.18
N ASP ZB 105 -143.07 -46.05 82.70
CA ASP ZB 105 -141.92 -46.53 81.94
C ASP ZB 105 -141.76 -45.82 80.59
N ARG ZB 106 -142.60 -44.84 80.28
CA ARG ZB 106 -142.43 -44.07 79.06
C ARG ZB 106 -142.38 -42.56 79.33
N ALA ZB 107 -143.01 -42.11 80.41
CA ALA ZB 107 -143.02 -40.68 80.73
C ALA ZB 107 -141.61 -40.16 81.03
N GLY ZB 108 -140.72 -41.02 81.50
CA GLY ZB 108 -139.34 -40.63 81.75
C GLY ZB 108 -138.83 -40.86 83.16
N PHE ZB 109 -139.43 -41.82 83.86
CA PHE ZB 109 -138.99 -42.26 85.18
C PHE ZB 109 -138.71 -43.75 85.07
N GLY ZB 110 -137.45 -44.15 85.16
CA GLY ZB 110 -137.07 -45.52 84.87
C GLY ZB 110 -136.52 -46.30 86.05
N ALA ZB 111 -135.84 -47.41 85.78
CA ALA ZB 111 -135.27 -48.24 86.82
C ALA ZB 111 -133.89 -47.71 87.21
N LYS ZB 112 -133.25 -48.38 88.17
CA LYS ZB 112 -132.05 -47.86 88.79
C LYS ZB 112 -130.88 -48.85 88.72
N GLN ZB 113 -129.86 -48.59 89.54
CA GLN ZB 113 -128.52 -49.09 89.33
C GLN ZB 113 -128.38 -50.60 89.52
N LYS ZB 114 -127.37 -51.14 88.82
CA LYS ZB 114 -126.91 -52.52 88.94
C LYS ZB 114 -125.41 -52.48 88.69
N ILE ZB 115 -124.63 -53.13 89.55
CA ILE ZB 115 -123.18 -52.98 89.54
C ILE ZB 115 -122.52 -54.19 88.90
N GLU ZB 116 -121.38 -53.95 88.23
CA GLU ZB 116 -120.60 -55.00 87.59
C GLU ZB 116 -119.20 -54.99 88.17
N LEU ZB 117 -118.71 -56.18 88.52
CA LEU ZB 117 -117.38 -56.40 89.06
C LEU ZB 117 -116.65 -57.43 88.20
N THR ZB 118 -115.37 -57.19 87.92
CA THR ZB 118 -114.62 -58.09 87.07
C THR ZB 118 -113.62 -58.90 87.90
N THR ZB 119 -113.53 -60.19 87.60
CA THR ZB 119 -112.66 -61.12 88.34
C THR ZB 119 -111.90 -61.98 87.34
N LYS ZB 120 -110.59 -61.77 87.24
CA LYS ZB 120 -109.71 -62.68 86.52
C LYS ZB 120 -108.25 -62.38 86.84
N LEU AC 15 -155.89 -19.58 63.38
CA LEU AC 15 -154.79 -18.64 63.20
C LEU AC 15 -153.59 -19.33 62.57
N THR AC 16 -152.47 -19.35 63.29
CA THR AC 16 -151.26 -19.98 62.78
C THR AC 16 -151.47 -21.50 62.68
N PRO AC 17 -150.82 -22.15 61.71
CA PRO AC 17 -151.04 -23.59 61.52
C PRO AC 17 -150.58 -24.45 62.69
N LYS AC 18 -149.62 -23.99 63.49
CA LYS AC 18 -149.10 -24.83 64.57
C LYS AC 18 -150.17 -25.15 65.60
N GLU AC 19 -151.22 -24.33 65.69
CA GLU AC 19 -152.32 -24.63 66.59
C GLU AC 19 -153.27 -25.64 65.96
N LYS AC 20 -153.43 -25.60 64.64
CA LYS AC 20 -154.26 -26.59 63.97
C LYS AC 20 -153.64 -27.98 64.09
N LEU AC 21 -152.32 -28.07 64.02
CA LEU AC 21 -151.63 -29.35 64.17
C LEU AC 21 -151.80 -29.90 65.58
N ASP AC 22 -151.77 -29.02 66.58
CA ASP AC 22 -151.98 -29.48 67.96
C ASP AC 22 -153.39 -30.03 68.13
N LEU AC 23 -154.39 -29.35 67.57
CA LEU AC 23 -155.75 -29.89 67.60
C LEU AC 23 -155.88 -31.13 66.73
N TYR AC 24 -155.25 -31.14 65.56
CA TYR AC 24 -155.32 -32.31 64.69
C TYR AC 24 -154.68 -33.54 65.33
N CYS AC 25 -153.49 -33.37 65.93
CA CYS AC 25 -152.84 -34.50 66.59
C CYS AC 25 -153.63 -35.00 67.78
N GLU AC 26 -154.16 -34.09 68.61
CA GLU AC 26 -154.96 -34.52 69.75
C GLU AC 26 -156.25 -35.18 69.29
N ALA AC 27 -156.84 -34.68 68.20
CA ALA AC 27 -158.04 -35.31 67.65
C ALA AC 27 -157.74 -36.73 67.19
N LEU AC 28 -156.55 -36.94 66.62
CA LEU AC 28 -156.14 -38.30 66.27
C LEU AC 28 -156.06 -39.17 67.52
N CYS AC 29 -155.64 -38.59 68.65
CA CYS AC 29 -155.59 -39.33 69.90
C CYS AC 29 -156.99 -39.61 70.43
N ASP AC 30 -157.96 -38.75 70.15
CA ASP AC 30 -159.29 -38.88 70.74
C ASP AC 30 -160.28 -39.61 69.85
N GLY AC 31 -160.32 -39.32 68.55
CA GLY AC 31 -161.31 -39.98 67.72
C GLY AC 31 -160.77 -41.05 66.81
N PHE AC 32 -159.57 -41.55 67.11
CA PHE AC 32 -158.93 -42.71 66.47
C PHE AC 32 -159.25 -42.85 64.99
N ASN AC 33 -159.16 -41.77 64.23
CA ASN AC 33 -159.41 -41.84 62.81
C ASN AC 33 -158.67 -40.69 62.13
N LYS AC 34 -158.00 -41.00 61.01
CA LYS AC 34 -157.30 -39.95 60.28
C LYS AC 34 -158.30 -39.04 59.58
N THR AC 35 -159.36 -39.62 59.01
CA THR AC 35 -160.32 -38.82 58.26
C THR AC 35 -161.12 -37.90 59.19
N GLN AC 36 -161.56 -38.42 60.34
CA GLN AC 36 -162.32 -37.59 61.28
C GLN AC 36 -161.48 -36.45 61.81
N ALA AC 37 -160.22 -36.73 62.17
CA ALA AC 37 -159.33 -35.67 62.63
C ALA AC 37 -159.06 -34.66 61.54
N TYR AC 38 -158.87 -35.13 60.31
CA TYR AC 38 -158.55 -34.23 59.20
C TYR AC 38 -159.73 -33.32 58.86
N ILE AC 39 -160.96 -33.86 58.86
CA ILE AC 39 -162.12 -33.01 58.61
C ILE AC 39 -162.35 -32.06 59.77
N LYS AC 40 -161.95 -32.46 60.99
CA LYS AC 40 -162.07 -31.57 62.13
C LYS AC 40 -160.99 -30.49 62.11
N ALA AC 41 -159.94 -30.67 61.31
CA ALA AC 41 -158.90 -29.64 61.20
C ALA AC 41 -159.44 -28.38 60.52
N GLY AC 42 -160.30 -28.56 59.52
CA GLY AC 42 -160.90 -27.41 58.85
C GLY AC 42 -160.74 -27.43 57.35
N PHE AC 43 -160.56 -28.62 56.77
CA PHE AC 43 -160.23 -28.75 55.35
C PHE AC 43 -161.37 -29.42 54.59
N SER AC 44 -161.13 -29.64 53.30
CA SER AC 44 -162.15 -30.15 52.40
C SER AC 44 -162.48 -31.61 52.69
N ALA AC 45 -163.77 -31.93 52.73
CA ALA AC 45 -164.25 -33.28 53.04
C ALA AC 45 -163.92 -34.24 51.91
N PRO AC 46 -164.08 -33.83 50.64
CA PRO AC 46 -163.84 -34.79 49.54
C PRO AC 46 -162.41 -35.28 49.48
N HIS AC 47 -161.46 -34.45 49.91
CA HIS AC 47 -160.04 -34.81 49.93
C HIS AC 47 -159.71 -35.40 51.30
N ALA AC 48 -160.22 -36.62 51.52
CA ALA AC 48 -160.09 -37.28 52.82
C ALA AC 48 -159.05 -38.39 52.85
N GLN AC 49 -158.85 -39.11 51.74
CA GLN AC 49 -157.90 -40.21 51.70
C GLN AC 49 -156.58 -39.82 51.01
N ARG AC 50 -156.59 -38.72 50.25
CA ARG AC 50 -155.45 -38.31 49.43
C ARG AC 50 -154.55 -37.29 50.12
N ASN AC 51 -155.10 -36.11 50.45
CA ASN AC 51 -154.31 -35.02 51.02
C ASN AC 51 -153.70 -35.34 52.38
N VAL AC 52 -154.17 -36.38 53.07
CA VAL AC 52 -153.75 -36.60 54.44
C VAL AC 52 -152.33 -37.15 54.51
N ALA AC 53 -151.93 -37.98 53.55
CA ALA AC 53 -150.57 -38.52 53.57
C ALA AC 53 -149.49 -37.45 53.51
N PRO AC 54 -149.54 -36.48 52.60
CA PRO AC 54 -148.48 -35.44 52.62
C PRO AC 54 -148.46 -34.61 53.91
N TYR AC 55 -149.63 -34.27 54.45
CA TYR AC 55 -149.68 -33.47 55.67
C TYR AC 55 -149.15 -34.24 56.87
N HIS AC 56 -149.49 -35.53 56.98
CA HIS AC 56 -149.07 -36.35 58.11
C HIS AC 56 -147.61 -36.77 58.06
N ARG AC 57 -147.10 -37.11 56.87
CA ARG AC 57 -145.74 -37.65 56.77
C ARG AC 57 -144.65 -36.60 56.91
N LYS AC 58 -144.93 -35.34 56.56
CA LYS AC 58 -143.91 -34.30 56.61
C LYS AC 58 -143.79 -33.62 57.97
N ASN AC 59 -144.69 -33.91 58.91
CA ASN AC 59 -144.68 -33.26 60.22
C ASN AC 59 -144.70 -34.29 61.33
N ALA AC 60 -144.04 -35.43 61.09
CA ALA AC 60 -143.98 -36.50 62.08
C ALA AC 60 -143.25 -36.06 63.35
N GLU AC 61 -142.26 -35.18 63.21
CA GLU AC 61 -141.43 -34.79 64.36
C GLU AC 61 -142.26 -34.19 65.48
N TYR AC 62 -143.18 -33.26 65.15
CA TYR AC 62 -144.02 -32.71 66.20
C TYR AC 62 -145.05 -33.72 66.70
N ILE AC 63 -145.49 -34.63 65.83
CA ILE AC 63 -146.48 -35.64 66.22
C ILE AC 63 -145.95 -36.46 67.40
N GLN AC 64 -144.67 -36.82 67.37
CA GLN AC 64 -144.09 -37.56 68.49
C GLN AC 64 -144.21 -36.78 69.78
N ALA AC 65 -144.03 -35.45 69.73
CA ALA AC 65 -144.17 -34.61 70.90
C ALA AC 65 -145.60 -34.65 71.46
N TYR AC 66 -146.60 -34.65 70.58
CA TYR AC 66 -147.98 -34.61 71.03
C TYR AC 66 -148.37 -35.84 71.84
N ILE AC 67 -147.99 -37.04 71.37
CA ILE AC 67 -148.28 -38.23 72.16
C ILE AC 67 -147.45 -38.25 73.44
N SER AC 68 -146.18 -37.84 73.34
CA SER AC 68 -145.31 -37.79 74.51
C SER AC 68 -145.82 -36.78 75.53
N GLU AC 69 -146.26 -35.61 75.07
CA GLU AC 69 -146.76 -34.58 75.99
C GLU AC 69 -148.02 -35.07 76.70
N ARG AC 70 -148.87 -35.81 76.00
CA ARG AC 70 -150.05 -36.39 76.64
C ARG AC 70 -149.64 -37.40 77.69
N ILE AC 71 -148.61 -38.21 77.40
CA ILE AC 71 -148.10 -39.15 78.39
C ILE AC 71 -147.55 -38.40 79.60
N GLY AC 72 -146.91 -37.26 79.36
CA GLY AC 72 -146.42 -36.48 80.48
C GLY AC 72 -147.55 -35.87 81.29
N SER AC 73 -148.68 -35.57 80.65
CA SER AC 73 -149.84 -35.07 81.36
C SER AC 73 -150.59 -36.18 82.10
N ASP AC 74 -150.34 -37.44 81.74
CA ASP AC 74 -150.96 -38.56 82.41
C ASP AC 74 -150.11 -39.12 83.55
N ALA AC 75 -148.93 -38.56 83.79
CA ALA AC 75 -148.13 -39.00 84.92
C ALA AC 75 -148.87 -38.89 86.25
N PRO AC 76 -149.59 -37.80 86.57
CA PRO AC 76 -150.36 -37.78 87.82
C PRO AC 76 -151.39 -38.89 87.90
N ALA AC 77 -152.00 -39.28 86.78
CA ALA AC 77 -152.92 -40.40 86.80
C ALA AC 77 -152.21 -41.69 87.22
N ALA AC 78 -151.02 -41.92 86.67
CA ALA AC 78 -150.23 -43.08 87.08
C ALA AC 78 -149.73 -42.91 88.52
N ARG AC 79 -149.40 -41.68 88.91
CA ARG AC 79 -148.99 -41.41 90.28
C ARG AC 79 -150.11 -41.69 91.28
N LYS AC 80 -151.34 -41.25 90.96
CA LYS AC 80 -152.46 -41.46 91.87
C LYS AC 80 -152.81 -42.93 92.07
N VAL AC 81 -152.82 -43.72 90.99
CA VAL AC 81 -153.25 -45.10 91.09
C VAL AC 81 -152.31 -45.94 91.97
N VAL AC 82 -151.00 -45.78 91.79
CA VAL AC 82 -150.05 -46.58 92.58
C VAL AC 82 -150.15 -46.21 94.06
N LEU AC 83 -150.40 -44.94 94.36
CA LEU AC 83 -150.58 -44.54 95.75
C LEU AC 83 -151.81 -45.22 96.35
N GLU AC 84 -152.89 -45.31 95.58
CA GLU AC 84 -154.09 -45.98 96.06
C GLU AC 84 -153.85 -47.47 96.24
N ILE AC 85 -153.07 -48.08 95.34
CA ILE AC 85 -152.75 -49.49 95.49
C ILE AC 85 -151.87 -49.70 96.72
N MET AC 86 -150.99 -48.75 97.01
CA MET AC 86 -150.20 -48.83 98.24
C MET AC 86 -151.05 -48.57 99.48
N ASN AC 87 -152.17 -47.86 99.35
CA ASN AC 87 -153.01 -47.51 100.49
C ASN AC 87 -154.36 -48.22 100.52
N ASP AC 88 -154.62 -49.17 99.62
CA ASP AC 88 -155.91 -49.86 99.62
C ASP AC 88 -155.81 -51.12 100.47
N PRO AC 89 -156.52 -51.21 101.60
CA PRO AC 89 -156.35 -52.38 102.48
C PRO AC 89 -157.04 -53.65 102.00
N ASN AC 90 -158.02 -53.58 101.11
CA ASN AC 90 -158.80 -54.76 100.78
C ASN AC 90 -158.27 -55.57 99.60
N GLU AC 91 -157.12 -55.20 99.03
CA GLU AC 91 -156.58 -55.92 97.89
C GLU AC 91 -155.57 -56.95 98.36
N LYS AC 92 -155.38 -57.98 97.55
CA LYS AC 92 -154.48 -59.08 97.89
C LYS AC 92 -153.05 -58.60 98.04
N GLY AC 93 -152.32 -59.25 98.96
CA GLY AC 93 -150.98 -58.81 99.31
C GLY AC 93 -150.01 -58.83 98.13
N GLY AC 94 -150.18 -59.78 97.22
CA GLY AC 94 -149.28 -59.86 96.08
C GLY AC 94 -149.30 -58.61 95.23
N ILE AC 95 -150.49 -58.02 95.06
CA ILE AC 95 -150.60 -56.81 94.26
C ILE AC 95 -149.92 -55.63 94.95
N ARG AC 96 -150.14 -55.46 96.26
CA ARG AC 96 -149.50 -54.37 96.97
C ARG AC 96 -147.98 -54.55 97.03
N LEU AC 97 -147.50 -55.79 97.17
CA LEU AC 97 -146.07 -56.02 97.28
C LEU AC 97 -145.31 -55.56 96.04
N LYS AC 98 -145.81 -55.89 94.86
CA LYS AC 98 -145.15 -55.43 93.64
C LYS AC 98 -145.26 -53.92 93.50
N ALA AC 99 -146.40 -53.35 93.91
CA ALA AC 99 -146.55 -51.89 93.88
C ALA AC 99 -145.52 -51.24 94.79
N ALA AC 100 -145.32 -51.79 95.99
CA ALA AC 100 -144.30 -51.26 96.90
C ALA AC 100 -142.91 -51.41 96.28
N GLN AC 101 -142.64 -52.56 95.65
CA GLN AC 101 -141.36 -52.76 94.98
C GLN AC 101 -141.17 -51.74 93.85
N ASP AC 102 -142.22 -51.53 93.04
CA ASP AC 102 -142.09 -50.64 91.91
C ASP AC 102 -141.90 -49.19 92.36
N ILE AC 103 -142.72 -48.71 93.29
CA ILE AC 103 -142.66 -47.30 93.67
C ILE AC 103 -141.34 -47.00 94.37
N LEU AC 104 -140.81 -47.95 95.15
CA LEU AC 104 -139.50 -47.77 95.75
C LEU AC 104 -138.41 -47.73 94.68
N ASP AC 105 -138.57 -48.54 93.63
CA ASP AC 105 -137.61 -48.49 92.53
C ASP AC 105 -137.61 -47.12 91.85
N ARG AC 106 -138.78 -46.47 91.77
CA ARG AC 106 -138.80 -45.08 91.32
C ARG AC 106 -138.25 -44.15 92.39
N ALA AC 107 -138.41 -44.52 93.67
CA ALA AC 107 -137.97 -43.67 94.77
C ALA AC 107 -136.46 -43.49 94.82
N GLY AC 108 -135.69 -44.47 94.36
CA GLY AC 108 -134.25 -44.28 94.37
C GLY AC 108 -133.43 -45.27 95.17
N PHE AC 109 -133.89 -46.51 95.27
CA PHE AC 109 -133.15 -47.57 95.96
C PHE AC 109 -132.76 -48.64 94.95
N GLY AC 110 -131.71 -49.39 95.28
CA GLY AC 110 -131.06 -50.26 94.33
C GLY AC 110 -131.20 -51.74 94.65
N ALA AC 111 -131.21 -52.53 93.58
CA ALA AC 111 -131.32 -53.97 93.56
C ALA AC 111 -129.94 -54.62 93.74
N LYS AC 112 -129.87 -55.92 93.53
CA LYS AC 112 -128.71 -56.73 93.87
C LYS AC 112 -127.55 -56.44 92.91
N GLN AC 113 -126.53 -57.31 92.96
CA GLN AC 113 -125.26 -57.05 92.32
C GLN AC 113 -124.87 -58.28 91.51
N LYS AC 114 -124.08 -58.06 90.46
CA LYS AC 114 -123.59 -59.18 89.67
C LYS AC 114 -122.19 -58.87 89.15
N ILE AC 115 -121.29 -59.83 89.28
CA ILE AC 115 -119.91 -59.67 88.88
C ILE AC 115 -119.74 -60.43 87.58
N GLU AC 116 -118.88 -59.94 86.71
CA GLU AC 116 -118.72 -60.52 85.38
C GLU AC 116 -117.29 -61.01 85.20
N LEU AC 117 -117.14 -62.21 84.65
CA LEU AC 117 -115.86 -62.85 84.42
C LEU AC 117 -115.69 -63.11 82.93
N THR AC 118 -114.53 -62.76 82.39
CA THR AC 118 -114.23 -62.90 80.97
C THR AC 118 -113.17 -63.96 80.75
N THR AC 119 -113.33 -64.72 79.68
CA THR AC 119 -112.39 -65.78 79.28
C THR AC 119 -112.07 -65.52 77.82
N LYS AC 120 -110.93 -64.88 77.59
CA LYS AC 120 -110.58 -64.32 76.30
C LYS AC 120 -110.40 -65.39 75.22
N LEU BC 15 -144.63 -13.65 96.76
CA LEU BC 15 -145.59 -14.72 96.53
C LEU BC 15 -145.27 -15.49 95.25
N THR BC 16 -145.28 -14.76 94.14
CA THR BC 16 -145.13 -15.40 92.82
C THR BC 16 -143.81 -16.13 92.61
N PRO BC 17 -142.62 -15.57 92.94
CA PRO BC 17 -141.37 -16.10 92.36
C PRO BC 17 -141.08 -17.57 92.62
N LYS BC 18 -140.98 -18.00 93.87
CA LYS BC 18 -140.50 -19.37 94.10
C LYS BC 18 -141.43 -20.21 94.97
N GLU BC 19 -142.23 -19.58 95.82
CA GLU BC 19 -143.17 -20.37 96.63
C GLU BC 19 -144.44 -20.68 95.88
N LYS BC 20 -144.90 -19.78 95.01
CA LYS BC 20 -146.07 -20.06 94.19
C LYS BC 20 -145.79 -21.16 93.18
N LEU BC 21 -144.56 -21.23 92.67
CA LEU BC 21 -144.18 -22.27 91.72
C LEU BC 21 -144.23 -23.66 92.35
N ASP BC 22 -143.84 -23.76 93.62
CA ASP BC 22 -143.90 -25.06 94.31
C ASP BC 22 -145.33 -25.56 94.41
N LEU BC 23 -146.27 -24.65 94.67
CA LEU BC 23 -147.68 -25.04 94.69
C LEU BC 23 -148.15 -25.51 93.31
N TYR BC 24 -147.73 -24.82 92.24
CA TYR BC 24 -148.15 -25.19 90.90
C TYR BC 24 -147.65 -26.58 90.50
N CYS BC 25 -146.38 -26.89 90.78
CA CYS BC 25 -145.85 -28.20 90.43
C CYS BC 25 -146.58 -29.31 91.19
N GLU BC 26 -146.77 -29.13 92.49
CA GLU BC 26 -147.50 -30.11 93.29
C GLU BC 26 -148.97 -30.15 92.92
N ALA BC 27 -149.56 -29.00 92.60
CA ALA BC 27 -150.97 -28.96 92.19
C ALA BC 27 -151.17 -29.76 90.91
N LEU BC 28 -150.19 -29.73 90.01
CA LEU BC 28 -150.26 -30.55 88.81
C LEU BC 28 -150.33 -32.03 89.17
N CYS BC 29 -149.67 -32.43 90.26
CA CYS BC 29 -149.70 -33.83 90.69
C CYS BC 29 -151.08 -34.25 91.17
N ASP BC 30 -151.88 -33.32 91.71
CA ASP BC 30 -153.15 -33.71 92.32
C ASP BC 30 -154.34 -33.56 91.37
N GLY BC 31 -154.47 -32.45 90.65
CA GLY BC 31 -155.66 -32.31 89.82
C GLY BC 31 -155.43 -32.44 88.33
N PHE BC 32 -154.30 -33.01 87.94
CA PHE BC 32 -153.91 -33.35 86.57
C PHE BC 32 -154.45 -32.37 85.52
N ASN BC 33 -154.35 -31.07 85.79
CA ASN BC 33 -154.77 -30.04 84.83
C ASN BC 33 -153.99 -28.77 85.11
N LYS BC 34 -153.42 -28.19 84.05
CA LYS BC 34 -152.64 -26.97 84.20
C LYS BC 34 -153.52 -25.74 84.37
N THR BC 35 -154.64 -25.67 83.64
CA THR BC 35 -155.44 -24.44 83.59
C THR BC 35 -156.10 -24.10 84.92
N GLN BC 36 -156.65 -25.09 85.63
CA GLN BC 36 -157.32 -24.79 86.91
C GLN BC 36 -156.32 -24.27 87.94
N ALA BC 37 -155.15 -24.91 88.04
CA ALA BC 37 -154.12 -24.44 88.95
C ALA BC 37 -153.54 -23.10 88.51
N TYR BC 38 -153.36 -22.91 87.20
CA TYR BC 38 -152.67 -21.72 86.68
C TYR BC 38 -153.43 -20.42 86.94
N ILE BC 39 -154.75 -20.41 86.74
CA ILE BC 39 -155.49 -19.16 86.92
C ILE BC 39 -155.56 -18.75 88.39
N LYS BC 40 -155.61 -19.72 89.31
CA LYS BC 40 -155.60 -19.41 90.73
C LYS BC 40 -154.22 -19.05 91.26
N ALA BC 41 -153.15 -19.36 90.51
CA ALA BC 41 -151.80 -19.07 90.99
C ALA BC 41 -151.52 -17.58 91.07
N GLY BC 42 -152.03 -16.79 90.12
CA GLY BC 42 -151.81 -15.37 90.17
C GLY BC 42 -151.26 -14.73 88.92
N PHE BC 43 -151.48 -15.35 87.77
CA PHE BC 43 -150.94 -14.88 86.50
C PHE BC 43 -152.08 -14.41 85.61
N SER BC 44 -151.74 -14.02 84.38
CA SER BC 44 -152.74 -13.46 83.48
C SER BC 44 -153.69 -14.55 83.01
N ALA BC 45 -154.99 -14.27 83.08
CA ALA BC 45 -156.04 -15.22 82.75
C ALA BC 45 -156.14 -15.51 81.26
N PRO BC 46 -155.99 -14.52 80.39
CA PRO BC 46 -156.25 -14.75 78.95
C PRO BC 46 -155.32 -15.78 78.32
N HIS BC 47 -154.01 -15.56 78.43
CA HIS BC 47 -153.01 -16.46 77.84
C HIS BC 47 -152.86 -17.71 78.70
N ALA BC 48 -153.90 -18.54 78.67
CA ALA BC 48 -153.90 -19.75 79.47
C ALA BC 48 -153.62 -21.00 78.65
N GLN BC 49 -153.41 -20.87 77.34
CA GLN BC 49 -153.06 -22.00 76.50
C GLN BC 49 -151.62 -22.01 76.06
N ARG BC 50 -150.99 -20.84 75.90
CA ARG BC 50 -149.63 -20.73 75.41
C ARG BC 50 -148.62 -20.39 76.51
N ASN BC 51 -148.82 -19.26 77.21
CA ASN BC 51 -147.90 -18.77 78.24
C ASN BC 51 -147.36 -19.88 79.14
N VAL BC 52 -148.13 -20.96 79.30
CA VAL BC 52 -147.71 -22.06 80.15
C VAL BC 52 -146.75 -22.97 79.40
N ALA BC 53 -146.99 -23.16 78.10
CA ALA BC 53 -146.11 -23.99 77.28
C ALA BC 53 -144.68 -23.44 77.22
N PRO BC 54 -144.45 -22.14 76.96
CA PRO BC 54 -143.07 -21.66 77.01
C PRO BC 54 -142.42 -21.84 78.36
N TYR BC 55 -143.18 -21.61 79.43
CA TYR BC 55 -142.64 -21.81 80.78
C TYR BC 55 -142.39 -23.29 81.06
N HIS BC 56 -143.22 -24.18 80.51
CA HIS BC 56 -143.06 -25.61 80.76
C HIS BC 56 -141.81 -26.17 80.11
N ARG BC 57 -141.40 -25.63 78.97
CA ARG BC 57 -140.21 -26.13 78.28
C ARG BC 57 -138.94 -25.71 79.00
N LYS BC 58 -138.98 -24.63 79.77
CA LYS BC 58 -137.79 -24.14 80.47
C LYS BC 58 -137.53 -24.87 81.77
N ASN BC 59 -138.48 -25.66 82.26
CA ASN BC 59 -138.34 -26.35 83.54
C ASN BC 59 -138.68 -27.83 83.41
N ALA BC 60 -138.35 -28.44 82.26
CA ALA BC 60 -138.66 -29.86 82.08
C ALA BC 60 -137.91 -30.70 83.09
N GLU BC 61 -136.65 -30.36 83.36
CA GLU BC 61 -135.89 -31.08 84.37
C GLU BC 61 -136.51 -30.91 85.75
N TYR BC 62 -136.93 -29.68 86.07
CA TYR BC 62 -137.54 -29.41 87.36
C TYR BC 62 -138.90 -30.07 87.50
N ILE BC 63 -139.67 -30.15 86.41
CA ILE BC 63 -140.96 -30.85 86.48
C ILE BC 63 -140.74 -32.32 86.80
N GLN BC 64 -139.77 -32.95 86.14
CA GLN BC 64 -139.45 -34.34 86.44
C GLN BC 64 -138.91 -34.47 87.87
N ALA BC 65 -138.08 -33.52 88.29
CA ALA BC 65 -137.54 -33.55 89.65
C ALA BC 65 -138.66 -33.39 90.68
N TYR BC 66 -139.62 -32.52 90.40
CA TYR BC 66 -140.73 -32.29 91.34
C TYR BC 66 -141.59 -33.54 91.48
N ILE BC 67 -141.85 -34.24 90.37
CA ILE BC 67 -142.66 -35.45 90.43
C ILE BC 67 -141.97 -36.50 91.30
N SER BC 68 -140.64 -36.58 91.21
CA SER BC 68 -139.88 -37.50 92.05
C SER BC 68 -140.08 -37.18 93.52
N GLU BC 69 -140.15 -35.89 93.85
CA GLU BC 69 -140.31 -35.49 95.26
C GLU BC 69 -141.64 -35.96 95.83
N ARG BC 70 -142.72 -35.88 95.07
CA ARG BC 70 -144.01 -36.38 95.55
C ARG BC 70 -143.99 -37.90 95.67
N ILE BC 71 -143.41 -38.59 94.68
CA ILE BC 71 -143.33 -40.04 94.71
C ILE BC 71 -142.47 -40.50 95.87
N GLY BC 72 -141.42 -39.75 96.20
CA GLY BC 72 -140.56 -40.12 97.31
C GLY BC 72 -141.24 -40.06 98.67
N SER BC 73 -142.29 -39.24 98.80
CA SER BC 73 -142.97 -39.15 100.08
C SER BC 73 -143.79 -40.39 100.40
N ASP BC 74 -144.07 -41.23 99.41
CA ASP BC 74 -144.75 -42.48 99.64
C ASP BC 74 -143.80 -43.66 99.84
N ALA BC 75 -142.49 -43.41 99.78
CA ALA BC 75 -141.53 -44.49 100.04
C ALA BC 75 -141.74 -45.15 101.40
N PRO BC 76 -141.96 -44.42 102.51
CA PRO BC 76 -142.25 -45.11 103.78
C PRO BC 76 -143.51 -45.96 103.72
N ALA BC 77 -144.52 -45.54 102.96
CA ALA BC 77 -145.72 -46.37 102.80
C ALA BC 77 -145.36 -47.70 102.14
N ALA BC 78 -144.53 -47.66 101.10
CA ALA BC 78 -144.07 -48.90 100.48
C ALA BC 78 -143.15 -49.67 101.41
N ARG BC 79 -142.33 -48.95 102.19
CA ARG BC 79 -141.47 -49.59 103.17
C ARG BC 79 -142.27 -50.34 104.22
N LYS BC 80 -143.37 -49.74 104.69
CA LYS BC 80 -144.22 -50.43 105.65
C LYS BC 80 -144.85 -51.68 105.02
N VAL BC 81 -145.25 -51.60 103.75
CA VAL BC 81 -145.91 -52.72 103.10
C VAL BC 81 -144.96 -53.91 102.98
N VAL BC 82 -143.73 -53.67 102.52
CA VAL BC 82 -142.79 -54.77 102.35
C VAL BC 82 -142.40 -55.35 103.70
N LEU BC 83 -142.22 -54.50 104.71
CA LEU BC 83 -141.92 -54.98 106.05
C LEU BC 83 -143.10 -55.75 106.65
N GLU BC 84 -144.32 -55.24 106.48
CA GLU BC 84 -145.49 -55.89 107.07
C GLU BC 84 -145.77 -57.24 106.43
N ILE BC 85 -145.53 -57.39 105.13
CA ILE BC 85 -145.75 -58.68 104.48
C ILE BC 85 -144.73 -59.70 104.98
N MET BC 86 -143.51 -59.26 105.30
CA MET BC 86 -142.53 -60.18 105.86
C MET BC 86 -142.94 -60.70 107.23
N ASN BC 87 -143.80 -59.97 107.94
CA ASN BC 87 -144.30 -60.38 109.24
C ASN BC 87 -145.76 -60.79 109.20
N ASP BC 88 -146.36 -60.91 108.01
CA ASP BC 88 -147.77 -61.26 107.89
C ASP BC 88 -147.94 -62.76 107.80
N PRO BC 89 -148.54 -63.42 108.80
CA PRO BC 89 -148.65 -64.88 108.77
C PRO BC 89 -149.73 -65.42 107.84
N ASN BC 90 -150.70 -64.60 107.45
CA ASN BC 90 -151.86 -65.06 106.69
C ASN BC 90 -151.67 -64.94 105.18
N GLU BC 91 -150.48 -64.58 104.71
CA GLU BC 91 -150.28 -64.41 103.28
C GLU BC 91 -149.74 -65.69 102.64
N LYS BC 92 -149.98 -65.79 101.33
CA LYS BC 92 -149.54 -66.96 100.57
C LYS BC 92 -148.02 -67.06 100.62
N GLY BC 93 -147.52 -68.30 100.65
CA GLY BC 93 -146.09 -68.50 100.86
C GLY BC 93 -145.23 -67.88 99.78
N GLY BC 94 -145.69 -67.96 98.52
CA GLY BC 94 -144.92 -67.39 97.43
C GLY BC 94 -144.74 -65.89 97.54
N ILE BC 95 -145.79 -65.19 97.98
CA ILE BC 95 -145.74 -63.74 98.11
C ILE BC 95 -144.78 -63.34 99.22
N ARG BC 96 -144.79 -64.08 100.34
CA ARG BC 96 -143.85 -63.80 101.42
C ARG BC 96 -142.42 -63.95 100.93
N LEU BC 97 -142.18 -64.92 100.05
CA LEU BC 97 -140.86 -65.09 99.45
C LEU BC 97 -140.47 -63.85 98.65
N LYS BC 98 -141.42 -63.29 97.90
CA LYS BC 98 -141.12 -62.12 97.08
C LYS BC 98 -140.73 -60.94 97.97
N ALA BC 99 -141.42 -60.77 99.10
CA ALA BC 99 -141.03 -59.75 100.06
C ALA BC 99 -139.69 -60.11 100.71
N ALA BC 100 -139.52 -61.37 101.11
CA ALA BC 100 -138.27 -61.80 101.72
C ALA BC 100 -137.11 -61.68 100.76
N GLN BC 101 -137.31 -62.06 99.49
CA GLN BC 101 -136.25 -61.90 98.50
C GLN BC 101 -135.86 -60.45 98.34
N ASP BC 102 -136.85 -59.56 98.26
CA ASP BC 102 -136.58 -58.13 98.08
C ASP BC 102 -135.91 -57.53 99.31
N ILE BC 103 -136.43 -57.80 100.51
CA ILE BC 103 -135.91 -57.16 101.70
C ILE BC 103 -134.49 -57.61 102.00
N LEU BC 104 -134.19 -58.90 101.78
CA LEU BC 104 -132.81 -59.36 101.93
C LEU BC 104 -131.93 -58.80 100.83
N ASP BC 105 -132.49 -58.64 99.63
CA ASP BC 105 -131.75 -58.06 98.51
C ASP BC 105 -131.29 -56.64 98.81
N ARG BC 106 -132.04 -55.89 99.60
CA ARG BC 106 -131.58 -54.57 100.00
C ARG BC 106 -130.40 -54.65 100.95
N ALA BC 107 -130.30 -55.72 101.75
CA ALA BC 107 -129.16 -55.85 102.65
C ALA BC 107 -127.87 -55.95 101.86
N GLY BC 108 -127.93 -56.49 100.64
CA GLY BC 108 -126.78 -56.55 99.76
C GLY BC 108 -126.39 -57.96 99.38
N PHE BC 109 -127.35 -58.88 99.39
CA PHE BC 109 -127.12 -60.27 99.04
C PHE BC 109 -128.04 -60.66 97.90
N GLY BC 110 -127.44 -60.92 96.73
CA GLY BC 110 -128.14 -61.13 95.48
C GLY BC 110 -127.56 -62.29 94.70
N ALA BC 111 -127.80 -62.31 93.38
CA ALA BC 111 -127.27 -63.38 92.56
C ALA BC 111 -125.82 -63.09 92.21
N LYS BC 112 -125.20 -64.00 91.46
CA LYS BC 112 -123.74 -64.00 91.31
C LYS BC 112 -123.34 -64.10 89.84
N GLN BC 113 -122.08 -64.48 89.63
CA GLN BC 113 -121.33 -64.29 88.39
C GLN BC 113 -121.93 -65.05 87.21
N LYS BC 114 -121.56 -64.59 86.00
CA LYS BC 114 -121.98 -65.16 84.72
C LYS BC 114 -120.76 -65.11 83.81
N ILE BC 115 -120.03 -66.22 83.73
CA ILE BC 115 -118.76 -66.26 83.00
C ILE BC 115 -118.99 -66.04 81.51
N GLU BC 116 -118.01 -65.39 80.88
CA GLU BC 116 -118.08 -65.02 79.46
C GLU BC 116 -116.94 -65.62 78.67
N LEU BC 117 -117.25 -66.18 77.50
CA LEU BC 117 -116.28 -66.69 76.55
C LEU BC 117 -116.52 -65.96 75.24
N THR BC 118 -115.71 -64.94 74.96
CA THR BC 118 -115.86 -64.15 73.75
C THR BC 118 -114.62 -64.28 72.88
N THR BC 119 -114.84 -64.38 71.56
CA THR BC 119 -113.77 -64.52 70.59
C THR BC 119 -114.00 -63.54 69.45
N LYS BC 120 -112.92 -63.23 68.74
CA LYS BC 120 -112.99 -62.34 67.58
C LYS BC 120 -112.10 -62.84 66.46
N LYS CC 18 -127.07 -33.25 116.00
CA LYS CC 18 -126.93 -34.35 115.06
C LYS CC 18 -127.88 -35.49 115.44
N GLU CC 19 -128.30 -35.50 116.70
CA GLU CC 19 -129.31 -36.47 117.14
C GLU CC 19 -130.72 -35.97 116.85
N LYS CC 20 -130.94 -34.65 116.88
CA LYS CC 20 -132.26 -34.09 116.59
C LYS CC 20 -132.67 -34.35 115.14
N LEU CC 21 -131.72 -34.28 114.21
CA LEU CC 21 -132.04 -34.54 112.81
C LEU CC 21 -132.50 -35.97 112.59
N ASP CC 22 -131.93 -36.92 113.34
CA ASP CC 22 -132.39 -38.30 113.27
C ASP CC 22 -133.85 -38.42 113.73
N LEU CC 23 -134.24 -37.64 114.74
CA LEU CC 23 -135.61 -37.71 115.23
C LEU CC 23 -136.63 -37.36 114.16
N TYR CC 24 -136.37 -36.31 113.37
CA TYR CC 24 -137.29 -36.01 112.27
C TYR CC 24 -137.27 -37.11 111.21
N CYS CC 25 -136.06 -37.55 110.84
CA CYS CC 25 -135.92 -38.59 109.83
C CYS CC 25 -136.49 -39.92 110.31
N GLU CC 26 -136.19 -40.31 111.56
CA GLU CC 26 -136.70 -41.59 112.07
C GLU CC 26 -138.23 -41.58 112.20
N ALA CC 27 -138.79 -40.47 112.66
CA ALA CC 27 -140.24 -40.35 112.78
C ALA CC 27 -140.91 -40.40 111.40
N LEU CC 28 -140.27 -39.81 110.40
CA LEU CC 28 -140.82 -39.83 109.04
C LEU CC 28 -140.96 -41.25 108.50
N CYS CC 29 -140.07 -42.15 108.88
CA CYS CC 29 -140.16 -43.52 108.38
C CYS CC 29 -141.41 -44.23 108.89
N ASP CC 30 -141.87 -43.91 110.10
CA ASP CC 30 -143.01 -44.59 110.71
C ASP CC 30 -144.32 -43.83 110.51
N GLY CC 31 -144.30 -42.50 110.54
CA GLY CC 31 -145.53 -41.76 110.47
C GLY CC 31 -145.84 -41.23 109.09
N PHE CC 32 -144.82 -41.14 108.23
CA PHE CC 32 -145.00 -40.79 106.81
C PHE CC 32 -145.77 -39.49 106.64
N ASN CC 33 -145.30 -38.45 107.32
CA ASN CC 33 -145.89 -37.12 107.21
C ASN CC 33 -144.80 -36.08 107.32
N LYS CC 34 -144.81 -35.13 106.37
CA LYS CC 34 -143.79 -34.09 106.27
C LYS CC 34 -143.96 -32.97 107.29
N THR CC 35 -145.13 -32.85 107.92
CA THR CC 35 -145.41 -31.74 108.82
C THR CC 35 -145.57 -32.13 110.28
N GLN CC 36 -146.23 -33.26 110.57
CA GLN CC 36 -146.45 -33.66 111.95
C GLN CC 36 -145.15 -33.93 112.68
N ALA CC 37 -144.20 -34.62 112.03
CA ALA CC 37 -142.91 -34.86 112.67
C ALA CC 37 -142.16 -33.56 112.90
N TYR CC 38 -142.21 -32.65 111.92
CA TYR CC 38 -141.49 -31.38 112.04
C TYR CC 38 -142.08 -30.50 113.13
N ILE CC 39 -143.40 -30.47 113.25
CA ILE CC 39 -144.04 -29.66 114.28
C ILE CC 39 -143.76 -30.19 115.68
N LYS CC 40 -143.55 -31.51 115.82
CA LYS CC 40 -143.23 -32.07 117.12
C LYS CC 40 -141.80 -31.83 117.55
N ALA CC 41 -140.91 -31.46 116.63
CA ALA CC 41 -139.50 -31.20 116.93
C ALA CC 41 -139.25 -29.92 117.76
N GLY CC 42 -140.22 -29.18 118.28
CA GLY CC 42 -139.88 -28.00 119.07
C GLY CC 42 -139.53 -26.79 118.24
N PHE CC 43 -140.04 -26.71 117.02
CA PHE CC 43 -139.67 -25.69 116.05
C PHE CC 43 -140.86 -24.76 115.82
N SER CC 44 -140.71 -23.83 114.87
CA SER CC 44 -141.74 -22.81 114.68
C SER CC 44 -143.00 -23.43 114.07
N ALA CC 45 -144.14 -23.15 114.70
CA ALA CC 45 -145.45 -23.68 114.33
C ALA CC 45 -146.06 -23.01 113.10
N PRO CC 46 -145.98 -21.68 112.98
CA PRO CC 46 -146.74 -20.99 111.91
C PRO CC 46 -146.29 -21.41 110.51
N HIS CC 47 -145.02 -21.22 110.20
CA HIS CC 47 -144.48 -21.61 108.90
C HIS CC 47 -143.80 -22.98 109.04
N ALA CC 48 -144.65 -23.99 109.26
CA ALA CC 48 -144.21 -25.37 109.40
C ALA CC 48 -144.49 -26.17 108.15
N GLN CC 49 -145.05 -25.52 107.13
CA GLN CC 49 -145.34 -26.12 105.84
C GLN CC 49 -144.32 -25.69 104.79
N ARG CC 50 -143.66 -24.56 105.00
CA ARG CC 50 -142.71 -23.99 104.05
C ARG CC 50 -141.28 -24.29 104.46
N ASN CC 51 -140.87 -23.86 105.66
CA ASN CC 51 -139.54 -24.08 106.22
C ASN CC 51 -139.08 -25.52 106.07
N VAL CC 52 -140.03 -26.44 105.91
CA VAL CC 52 -139.69 -27.86 105.82
C VAL CC 52 -139.08 -28.18 104.46
N ALA CC 53 -139.52 -27.49 103.40
CA ALA CC 53 -138.91 -27.69 102.09
C ALA CC 53 -137.42 -27.38 102.11
N PRO CC 54 -136.97 -26.27 102.69
CA PRO CC 54 -135.52 -26.04 102.79
C PRO CC 54 -134.80 -27.12 103.60
N TYR CC 55 -135.43 -27.64 104.64
CA TYR CC 55 -134.80 -28.65 105.49
C TYR CC 55 -134.52 -29.94 104.73
N HIS CC 56 -135.42 -30.34 103.83
CA HIS CC 56 -135.20 -31.58 103.08
C HIS CC 56 -134.10 -31.41 102.03
N ARG CC 57 -134.02 -30.24 101.40
CA ARG CC 57 -133.03 -30.05 100.35
C ARG CC 57 -131.63 -29.90 100.93
N LYS CC 58 -131.52 -29.40 102.16
CA LYS CC 58 -130.24 -29.18 102.82
C LYS CC 58 -129.72 -30.41 103.55
N ASN CC 59 -130.55 -31.45 103.73
CA ASN CC 59 -130.18 -32.64 104.47
C ASN CC 59 -130.53 -33.91 103.70
N ALA CC 60 -130.37 -33.87 102.38
CA ALA CC 60 -130.71 -35.02 101.55
C ALA CC 60 -129.83 -36.23 101.87
N GLU CC 61 -128.56 -35.99 102.21
CA GLU CC 61 -127.63 -37.09 102.47
C GLU CC 61 -128.09 -37.95 103.64
N TYR CC 62 -128.53 -37.31 104.73
CA TYR CC 62 -129.00 -38.07 105.89
C TYR CC 62 -130.31 -38.80 105.61
N ILE CC 63 -131.15 -38.25 104.73
CA ILE CC 63 -132.42 -38.88 104.40
C ILE CC 63 -132.19 -40.28 103.84
N GLN CC 64 -131.20 -40.43 102.95
CA GLN CC 64 -130.90 -41.75 102.42
C GLN CC 64 -130.40 -42.69 103.51
N ALA CC 65 -129.53 -42.20 104.40
CA ALA CC 65 -129.00 -43.05 105.47
C ALA CC 65 -130.08 -43.47 106.47
N TYR CC 66 -130.94 -42.54 106.89
CA TYR CC 66 -131.95 -42.88 107.89
C TYR CC 66 -133.00 -43.84 107.35
N ILE CC 67 -133.49 -43.59 106.14
CA ILE CC 67 -134.50 -44.48 105.56
C ILE CC 67 -133.91 -45.84 105.27
N SER CC 68 -132.65 -45.88 104.82
CA SER CC 68 -132.01 -47.16 104.53
C SER CC 68 -131.85 -48.02 105.78
N GLU CC 69 -131.48 -47.41 106.92
CA GLU CC 69 -131.30 -48.21 108.13
C GLU CC 69 -132.63 -48.78 108.62
N ARG CC 70 -133.72 -48.02 108.49
CA ARG CC 70 -135.02 -48.54 108.90
C ARG CC 70 -135.43 -49.74 108.05
N ILE CC 71 -135.29 -49.62 106.73
CA ILE CC 71 -135.56 -50.78 105.87
C ILE CC 71 -134.49 -51.84 106.04
N GLY CC 72 -133.22 -51.42 106.17
CA GLY CC 72 -132.08 -52.30 106.37
C GLY CC 72 -131.89 -52.94 107.73
N SER CC 73 -132.95 -53.06 108.53
CA SER CC 73 -132.82 -53.65 109.85
C SER CC 73 -133.68 -54.89 110.09
N ASP CC 74 -134.67 -55.15 109.25
CA ASP CC 74 -135.52 -56.33 109.38
C ASP CC 74 -135.01 -57.54 108.60
N ALA CC 75 -133.86 -57.43 107.95
CA ALA CC 75 -133.30 -58.55 107.20
C ALA CC 75 -133.15 -59.84 108.01
N PRO CC 76 -132.68 -59.84 109.26
CA PRO CC 76 -132.63 -61.11 110.01
C PRO CC 76 -133.98 -61.77 110.18
N ALA CC 77 -135.06 -60.98 110.25
CA ALA CC 77 -136.40 -61.56 110.30
C ALA CC 77 -136.68 -62.37 109.04
N ALA CC 78 -136.24 -61.87 107.89
CA ALA CC 78 -136.41 -62.60 106.64
C ALA CC 78 -135.60 -63.89 106.64
N ARG CC 79 -134.46 -63.92 107.34
CA ARG CC 79 -133.69 -65.16 107.46
C ARG CC 79 -134.53 -66.26 108.10
N LYS CC 80 -135.28 -65.92 109.16
CA LYS CC 80 -136.22 -66.87 109.73
C LYS CC 80 -137.31 -67.21 108.73
N VAL CC 81 -137.80 -66.21 108.00
CA VAL CC 81 -138.87 -66.43 107.02
C VAL CC 81 -138.39 -67.34 105.90
N VAL CC 82 -137.19 -67.11 105.39
CA VAL CC 82 -136.68 -67.95 104.31
C VAL CC 82 -136.52 -69.38 104.81
N LEU CC 83 -136.07 -69.53 106.06
CA LEU CC 83 -136.05 -70.85 106.68
C LEU CC 83 -137.47 -71.36 106.91
N GLU CC 84 -138.37 -70.47 107.35
CA GLU CC 84 -139.73 -70.89 107.67
C GLU CC 84 -140.50 -71.36 106.44
N ILE CC 85 -140.38 -70.65 105.32
CA ILE CC 85 -141.06 -71.12 104.11
C ILE CC 85 -140.39 -72.36 103.55
N MET CC 86 -139.06 -72.46 103.66
CA MET CC 86 -138.34 -73.64 103.22
C MET CC 86 -138.58 -74.86 104.12
N ASN CC 87 -139.00 -74.66 105.37
CA ASN CC 87 -139.19 -75.76 106.30
C ASN CC 87 -140.65 -76.08 106.57
N ASP CC 88 -141.59 -75.47 105.84
CA ASP CC 88 -143.00 -75.75 106.05
C ASP CC 88 -143.45 -76.87 105.12
N PRO CC 89 -143.84 -78.04 105.64
CA PRO CC 89 -144.27 -79.13 104.74
C PRO CC 89 -145.65 -78.91 104.16
N ASN CC 90 -146.42 -77.98 104.71
CA ASN CC 90 -147.81 -77.78 104.30
C ASN CC 90 -147.94 -76.79 103.16
N GLU CC 91 -146.83 -76.28 102.64
CA GLU CC 91 -146.85 -75.38 101.50
C GLU CC 91 -146.53 -76.20 100.26
N LYS CC 92 -147.01 -75.75 99.11
CA LYS CC 92 -146.79 -76.50 97.88
C LYS CC 92 -145.31 -76.57 97.54
N GLY CC 93 -144.90 -77.72 96.99
CA GLY CC 93 -143.49 -77.98 96.76
C GLY CC 93 -142.86 -77.03 95.75
N GLY CC 94 -143.62 -76.66 94.71
CA GLY CC 94 -143.05 -75.79 93.69
C GLY CC 94 -142.60 -74.44 94.23
N ILE CC 95 -143.38 -73.88 95.16
CA ILE CC 95 -142.99 -72.61 95.77
C ILE CC 95 -141.77 -72.79 96.66
N ARG CC 96 -141.74 -73.91 97.40
CA ARG CC 96 -140.58 -74.21 98.24
C ARG CC 96 -139.30 -74.31 97.43
N LEU CC 97 -139.40 -74.81 96.18
CA LEU CC 97 -138.23 -74.93 95.33
C LEU CC 97 -137.54 -73.60 95.10
N LYS CC 98 -138.33 -72.55 94.82
CA LYS CC 98 -137.72 -71.24 94.62
C LYS CC 98 -137.10 -70.71 95.91
N ALA CC 99 -137.73 -71.00 97.06
CA ALA CC 99 -137.14 -70.62 98.34
C ALA CC 99 -135.80 -71.32 98.53
N ALA CC 100 -135.73 -72.61 98.22
CA ALA CC 100 -134.45 -73.32 98.27
C ALA CC 100 -133.47 -72.73 97.27
N GLN CC 101 -133.97 -72.36 96.09
CA GLN CC 101 -133.14 -71.72 95.08
C GLN CC 101 -132.54 -70.42 95.59
N ASP CC 102 -133.38 -69.58 96.22
CA ASP CC 102 -132.95 -68.26 96.66
C ASP CC 102 -131.91 -68.32 97.77
N ILE CC 103 -132.12 -69.18 98.77
CA ILE CC 103 -131.23 -69.19 99.94
C ILE CC 103 -129.83 -69.66 99.54
N LEU CC 104 -129.74 -70.60 98.60
CA LEU CC 104 -128.43 -71.04 98.12
C LEU CC 104 -127.72 -69.96 97.31
N ASP CC 105 -128.48 -69.15 96.55
CA ASP CC 105 -127.89 -68.10 95.73
C ASP CC 105 -127.11 -67.08 96.56
N ARG CC 106 -127.53 -66.82 97.79
CA ARG CC 106 -126.79 -65.89 98.64
C ARG CC 106 -125.44 -66.47 99.05
N ALA CC 107 -125.31 -67.79 99.09
CA ALA CC 107 -124.03 -68.41 99.42
C ALA CC 107 -122.95 -68.07 98.40
N GLY CC 108 -123.34 -67.76 97.17
CA GLY CC 108 -122.35 -67.38 96.18
C GLY CC 108 -122.30 -68.23 94.91
N PHE CC 109 -123.45 -68.78 94.51
CA PHE CC 109 -123.53 -69.62 93.32
C PHE CC 109 -124.43 -68.96 92.28
N GLY CC 110 -123.84 -68.58 91.15
CA GLY CC 110 -124.53 -67.83 90.10
C GLY CC 110 -124.65 -68.64 88.83
N ALA CC 111 -124.91 -67.99 87.70
CA ALA CC 111 -125.06 -68.74 86.46
C ALA CC 111 -123.70 -68.96 85.80
N LYS CC 112 -123.72 -69.62 84.64
CA LYS CC 112 -122.51 -70.13 84.01
C LYS CC 112 -122.42 -69.68 82.55
N GLN CC 113 -121.54 -70.34 81.80
CA GLN CC 113 -121.00 -69.83 80.54
C GLN CC 113 -122.07 -69.23 79.63
N LYS CC 114 -121.70 -68.15 78.97
CA LYS CC 114 -122.50 -67.50 77.94
C LYS CC 114 -121.52 -66.89 76.95
N ILE CC 115 -121.71 -67.18 75.65
CA ILE CC 115 -120.75 -66.79 74.63
C ILE CC 115 -121.33 -65.66 73.79
N GLU CC 116 -120.48 -64.70 73.43
CA GLU CC 116 -120.85 -63.58 72.58
C GLU CC 116 -119.91 -63.55 71.39
N LEU CC 117 -120.48 -63.37 70.20
CA LEU CC 117 -119.69 -63.25 68.99
C LEU CC 117 -119.96 -61.90 68.31
N THR CC 118 -118.90 -61.17 68.04
CA THR CC 118 -119.00 -59.89 67.36
C THR CC 118 -117.74 -59.69 66.55
N THR CC 119 -117.91 -59.24 65.32
CA THR CC 119 -116.77 -59.00 64.44
C THR CC 119 -116.83 -57.64 63.76
N LYS CC 120 -118.03 -57.20 63.36
CA LYS CC 120 -118.24 -55.92 62.72
C LYS CC 120 -117.31 -55.71 61.52
#